data_9NRN
#
_entry.id   9NRN
#
_cell.length_a   1.00
_cell.length_b   1.00
_cell.length_c   1.00
_cell.angle_alpha   90.00
_cell.angle_beta   90.00
_cell.angle_gamma   90.00
#
_symmetry.space_group_name_H-M   'P 1'
#
_entity_poly.entity_id   1
_entity_poly.type   'polypeptide(L)'
_entity_poly.pdbx_seq_one_letter_code
;DFRDIESKFALRTPEDTAEDTCHLIPGVTESVANCHFNHSSKTFVVIHGWTVTGMYESWVPKLVAALYKREPDSNVIVVD
WLSRAQQHYPVSAGYTKLVGQDVAKFMNWMADEFNYPLGNVHLLGYSLGAHAAGIAGSLTNKKVNRITGLDPAGPNFEYA
EAPSRLSPDDADFVDVLHTFTRGSPGRSIGIQKPVGHVDIYPNGGTFQPGCNIGEALRVIAERGLGDVDQLVKCSHERSV
HLFIDSLLNEENPSKAYRCNSKEAFEKGLCLSCRKNRCNNMGYEINKVRAKRSSKMYLKTRSQMPYKVFHYQVKIHFSGT
ESNTYTNQAFEISLYGTVAESENIPFTLPEVSTNKTYSFLLYTEVDIGELLMLKLKWISDSYFSWSNWWSSPGFDIGKIR
VKAGETQKKVIFCSREKMSYLQKGKSPVIFVKCH
;
_entity_poly.pdbx_strand_id   A,B,C,D,E,F,G,H,I,J,K,L,M,N,O,P,Q,R
#
# COMPACT_ATOMS: atom_id res chain seq x y z
N ASP A 1 13.87 -4.50 142.99
CA ASP A 1 14.51 -5.44 142.07
C ASP A 1 13.48 -6.08 141.16
N PHE A 2 12.45 -5.32 140.80
CA PHE A 2 11.38 -5.78 139.93
C PHE A 2 11.03 -4.72 138.91
N ARG A 3 12.07 -4.07 138.36
CA ARG A 3 11.89 -3.01 137.36
C ARG A 3 12.48 -3.37 136.01
N ASP A 4 13.14 -4.53 135.88
CA ASP A 4 13.71 -4.99 134.63
C ASP A 4 12.92 -6.18 134.07
N ILE A 5 11.60 -6.18 134.30
CA ILE A 5 10.78 -7.31 133.91
C ILE A 5 10.60 -7.35 132.40
N GLU A 6 9.97 -6.31 131.84
CA GLU A 6 9.83 -6.17 130.39
C GLU A 6 9.19 -7.41 129.77
N SER A 7 8.41 -8.14 130.55
CA SER A 7 7.70 -9.32 130.05
C SER A 7 6.45 -9.49 130.91
N LYS A 8 5.32 -9.04 130.40
CA LYS A 8 4.10 -9.04 131.18
C LYS A 8 3.49 -10.44 131.24
N PHE A 9 3.08 -10.84 132.43
CA PHE A 9 2.44 -12.12 132.69
C PHE A 9 0.93 -11.90 132.68
N ALA A 10 0.24 -12.57 131.76
CA ALA A 10 -1.20 -12.44 131.65
C ALA A 10 -1.89 -13.58 132.40
N LEU A 11 -3.21 -13.46 132.54
CA LEU A 11 -4.00 -14.46 133.26
C LEU A 11 -5.38 -14.49 132.62
N ARG A 12 -5.58 -15.42 131.69
CA ARG A 12 -6.87 -15.54 131.02
C ARG A 12 -7.82 -16.38 131.86
N THR A 13 -9.06 -16.45 131.40
CA THR A 13 -10.11 -17.22 132.04
C THR A 13 -10.94 -17.94 130.99
N PRO A 14 -11.69 -18.96 131.37
CA PRO A 14 -12.46 -19.73 130.38
C PRO A 14 -13.37 -18.87 129.52
N GLU A 15 -13.93 -17.81 130.08
CA GLU A 15 -14.81 -16.94 129.31
C GLU A 15 -14.05 -16.09 128.31
N ASP A 16 -12.73 -15.92 128.51
CA ASP A 16 -11.90 -15.13 127.62
C ASP A 16 -10.58 -15.86 127.40
N THR A 17 -10.49 -16.59 126.29
CA THR A 17 -9.29 -17.36 125.96
C THR A 17 -8.53 -16.74 124.79
N ALA A 18 -8.85 -15.50 124.45
CA ALA A 18 -8.26 -14.83 123.30
C ALA A 18 -7.43 -13.62 123.69
N GLU A 19 -8.01 -12.71 124.46
CA GLU A 19 -7.37 -11.44 124.79
C GLU A 19 -6.90 -11.44 126.23
N ASP A 20 -5.66 -10.99 126.44
CA ASP A 20 -5.13 -10.87 127.79
C ASP A 20 -5.80 -9.70 128.50
N THR A 21 -6.41 -9.98 129.65
CA THR A 21 -7.17 -8.99 130.40
C THR A 21 -6.42 -8.48 131.62
N CYS A 22 -5.65 -9.34 132.28
CA CYS A 22 -4.97 -9.00 133.52
C CYS A 22 -3.48 -8.80 133.27
N HIS A 23 -2.79 -8.32 134.30
CA HIS A 23 -1.34 -8.13 134.23
C HIS A 23 -0.78 -8.33 135.63
N LEU A 24 -0.30 -9.54 135.90
CA LEU A 24 0.25 -9.89 137.21
C LEU A 24 1.66 -9.32 137.32
N ILE A 25 1.74 -8.04 137.65
CA ILE A 25 3.04 -7.38 137.73
C ILE A 25 3.81 -7.94 138.91
N PRO A 26 5.04 -8.43 138.73
CA PRO A 26 5.81 -8.93 139.88
C PRO A 26 6.04 -7.84 140.91
N GLY A 27 6.06 -8.24 142.18
CA GLY A 27 6.28 -7.30 143.26
C GLY A 27 5.04 -6.55 143.67
N VAL A 28 4.27 -6.08 142.69
CA VAL A 28 3.03 -5.35 142.96
C VAL A 28 1.96 -6.40 143.25
N THR A 29 1.71 -6.62 144.53
CA THR A 29 0.76 -7.66 144.93
C THR A 29 -0.67 -7.32 144.54
N GLU A 30 -0.93 -6.08 144.13
CA GLU A 30 -2.31 -5.65 143.88
C GLU A 30 -2.94 -6.49 142.78
N SER A 31 -2.15 -6.93 141.80
CA SER A 31 -2.70 -7.65 140.66
C SER A 31 -3.32 -8.98 141.09
N VAL A 32 -2.70 -9.64 142.08
CA VAL A 32 -3.21 -10.94 142.53
C VAL A 32 -4.63 -10.79 143.05
N ALA A 33 -4.86 -9.75 143.86
CA ALA A 33 -6.20 -9.52 144.37
C ALA A 33 -7.12 -9.01 143.26
N ASN A 34 -6.58 -8.23 142.32
CA ASN A 34 -7.40 -7.71 141.24
C ASN A 34 -8.00 -8.82 140.41
N CYS A 35 -7.20 -9.84 140.11
CA CYS A 35 -7.64 -10.96 139.28
C CYS A 35 -7.61 -12.23 140.11
N HIS A 36 -8.74 -12.94 140.17
CA HIS A 36 -8.87 -14.08 141.05
C HIS A 36 -7.79 -15.12 140.74
N PHE A 37 -7.21 -15.67 141.81
CA PHE A 37 -6.10 -16.62 141.70
C PHE A 37 -6.26 -17.63 142.84
N ASN A 38 -6.84 -18.79 142.52
CA ASN A 38 -7.06 -19.81 143.53
C ASN A 38 -5.70 -20.37 143.96
N HIS A 39 -5.24 -19.94 145.14
CA HIS A 39 -3.93 -20.35 145.63
C HIS A 39 -3.87 -21.81 146.02
N SER A 40 -5.01 -22.50 146.08
CA SER A 40 -5.02 -23.90 146.44
C SER A 40 -4.84 -24.80 145.22
N SER A 41 -5.38 -24.40 144.08
CA SER A 41 -5.40 -25.26 142.91
C SER A 41 -4.10 -25.17 142.13
N LYS A 42 -3.98 -26.03 141.13
CA LYS A 42 -2.82 -26.09 140.27
C LYS A 42 -2.85 -24.92 139.29
N THR A 43 -1.66 -24.52 138.82
CA THR A 43 -1.55 -23.36 137.94
C THR A 43 -0.50 -23.63 136.87
N PHE A 44 -0.93 -23.61 135.61
CA PHE A 44 -0.03 -23.84 134.50
C PHE A 44 0.62 -22.54 134.05
N VAL A 45 1.69 -22.67 133.26
CA VAL A 45 2.39 -21.53 132.70
C VAL A 45 2.76 -21.84 131.26
N VAL A 46 2.09 -21.20 130.32
CA VAL A 46 2.34 -21.40 128.90
C VAL A 46 3.40 -20.42 128.44
N ILE A 47 4.40 -20.93 127.74
CA ILE A 47 5.49 -20.12 127.21
C ILE A 47 5.55 -20.39 125.72
N HIS A 48 4.97 -19.50 124.92
CA HIS A 48 5.06 -19.65 123.49
C HIS A 48 6.45 -19.29 123.00
N GLY A 49 6.62 -19.30 121.68
CA GLY A 49 7.93 -19.13 121.10
C GLY A 49 8.00 -18.08 120.01
N TRP A 50 9.03 -18.18 119.17
CA TRP A 50 9.30 -17.16 118.18
C TRP A 50 8.14 -17.03 117.21
N THR A 51 7.84 -15.79 116.84
CA THR A 51 6.76 -15.53 115.89
C THR A 51 7.19 -14.39 114.98
N VAL A 52 7.10 -14.64 113.67
CA VAL A 52 7.42 -13.59 112.70
C VAL A 52 6.45 -12.43 112.84
N THR A 53 5.20 -12.71 113.16
CA THR A 53 4.21 -11.67 113.35
C THR A 53 4.37 -11.05 114.74
N GLY A 54 3.50 -10.11 115.05
CA GLY A 54 3.54 -9.43 116.33
C GLY A 54 2.39 -9.81 117.23
N MET A 55 2.01 -11.09 117.20
CA MET A 55 0.88 -11.55 118.00
C MET A 55 1.06 -13.04 118.28
N TYR A 56 0.26 -13.51 119.23
CA TYR A 56 0.31 -14.92 119.62
C TYR A 56 -0.07 -15.80 118.45
N GLU A 57 0.56 -16.97 118.38
CA GLU A 57 0.22 -17.94 117.35
C GLU A 57 -1.24 -18.39 117.52
N SER A 58 -1.72 -19.15 116.54
CA SER A 58 -3.13 -19.52 116.47
C SER A 58 -3.50 -20.66 117.40
N TRP A 59 -2.52 -21.29 118.06
CA TRP A 59 -2.79 -22.48 118.86
C TRP A 59 -3.01 -22.18 120.34
N VAL A 60 -2.53 -21.03 120.82
CA VAL A 60 -2.67 -20.70 122.24
C VAL A 60 -4.12 -20.71 122.69
N PRO A 61 -5.08 -20.11 121.98
CA PRO A 61 -6.46 -20.13 122.47
C PRO A 61 -7.01 -21.53 122.64
N LYS A 62 -6.79 -22.40 121.65
CA LYS A 62 -7.27 -23.77 121.76
C LYS A 62 -6.60 -24.48 122.91
N LEU A 63 -5.28 -24.30 123.07
CA LEU A 63 -4.58 -24.95 124.16
C LEU A 63 -5.16 -24.55 125.50
N VAL A 64 -5.36 -23.25 125.72
CA VAL A 64 -5.82 -22.79 127.02
C VAL A 64 -7.26 -23.22 127.26
N ALA A 65 -8.08 -23.20 126.21
CA ALA A 65 -9.46 -23.64 126.36
C ALA A 65 -9.51 -25.10 126.78
N ALA A 66 -8.69 -25.94 126.13
CA ALA A 66 -8.67 -27.35 126.49
C ALA A 66 -8.11 -27.55 127.89
N LEU A 67 -7.15 -26.72 128.28
CA LEU A 67 -6.58 -26.82 129.62
C LEU A 67 -7.65 -26.55 130.67
N TYR A 68 -8.45 -25.51 130.47
CA TYR A 68 -9.56 -25.25 131.39
C TYR A 68 -10.58 -26.39 131.35
N LYS A 69 -10.87 -26.91 130.16
CA LYS A 69 -11.81 -28.03 130.05
C LYS A 69 -11.33 -29.20 130.90
N ARG A 70 -10.05 -29.50 130.85
CA ARG A 70 -9.51 -30.65 131.57
C ARG A 70 -9.46 -30.39 133.07
N GLU A 71 -8.98 -29.22 133.48
CA GLU A 71 -8.77 -28.91 134.90
C GLU A 71 -9.39 -27.56 135.21
N PRO A 72 -10.70 -27.52 135.45
CA PRO A 72 -11.35 -26.27 135.82
C PRO A 72 -10.88 -25.78 137.18
N ASP A 73 -11.21 -24.52 137.48
CA ASP A 73 -10.84 -23.88 138.74
C ASP A 73 -9.33 -23.96 138.95
N SER A 74 -8.59 -23.76 137.87
CA SER A 74 -7.13 -23.77 137.92
C SER A 74 -6.61 -22.60 137.10
N ASN A 75 -5.67 -21.87 137.68
CA ASN A 75 -5.20 -20.64 137.05
C ASN A 75 -4.30 -20.94 135.87
N VAL A 76 -4.25 -20.00 134.94
CA VAL A 76 -3.41 -20.09 133.75
C VAL A 76 -2.67 -18.78 133.59
N ILE A 77 -1.37 -18.87 133.28
CA ILE A 77 -0.53 -17.70 133.10
C ILE A 77 0.06 -17.75 131.69
N VAL A 78 0.07 -16.61 131.03
CA VAL A 78 0.68 -16.48 129.70
C VAL A 78 1.72 -15.37 129.77
N VAL A 79 2.74 -15.51 128.93
CA VAL A 79 3.85 -14.58 128.89
C VAL A 79 3.74 -13.73 127.63
N ASP A 80 4.61 -12.72 127.54
CA ASP A 80 4.53 -11.71 126.50
C ASP A 80 5.85 -11.60 125.74
N TRP A 81 6.34 -12.73 125.24
CA TRP A 81 7.53 -12.77 124.40
C TRP A 81 7.58 -11.60 123.43
N LEU A 82 6.43 -11.16 122.96
CA LEU A 82 6.36 -10.05 122.01
C LEU A 82 7.19 -8.88 122.52
N SER A 83 7.69 -8.08 121.57
CA SER A 83 8.59 -6.95 121.78
C SER A 83 10.04 -7.41 121.93
N ARG A 84 10.28 -8.69 122.13
CA ARG A 84 11.63 -9.24 122.21
C ARG A 84 11.84 -10.39 121.23
N ALA A 85 10.81 -11.20 120.98
CA ALA A 85 10.95 -12.30 120.05
C ALA A 85 10.91 -11.85 118.60
N GLN A 86 10.24 -10.73 118.32
CA GLN A 86 10.18 -10.25 116.94
C GLN A 86 11.56 -9.99 116.38
N GLN A 87 12.55 -9.78 117.24
CA GLN A 87 13.89 -9.48 116.79
C GLN A 87 14.47 -10.70 116.07
N HIS A 88 15.69 -10.52 115.56
CA HIS A 88 16.37 -11.60 114.86
C HIS A 88 16.38 -12.87 115.71
N TYR A 89 16.26 -14.01 115.05
CA TYR A 89 16.11 -15.27 115.76
C TYR A 89 17.25 -15.52 116.73
N PRO A 90 18.52 -15.37 116.35
CA PRO A 90 19.60 -15.49 117.34
C PRO A 90 19.43 -14.55 118.53
N VAL A 91 18.90 -13.35 118.30
CA VAL A 91 18.66 -12.43 119.41
C VAL A 91 17.68 -13.05 120.40
N SER A 92 16.68 -13.78 119.90
CA SER A 92 15.77 -14.49 120.79
C SER A 92 16.50 -15.60 121.53
N ALA A 93 17.42 -16.27 120.84
CA ALA A 93 18.22 -17.29 121.50
C ALA A 93 18.99 -16.71 122.67
N GLY A 94 19.54 -15.51 122.49
CA GLY A 94 20.21 -14.84 123.59
C GLY A 94 19.25 -14.42 124.68
N TYR A 95 18.09 -13.87 124.29
CA TYR A 95 17.11 -13.35 125.23
C TYR A 95 16.40 -14.46 126.01
N THR A 96 16.58 -15.71 125.59
CA THR A 96 16.03 -16.80 126.39
C THR A 96 16.54 -16.72 127.83
N LYS A 97 17.80 -16.33 128.01
CA LYS A 97 18.36 -16.23 129.35
C LYS A 97 17.64 -15.14 130.15
N LEU A 98 17.38 -14.00 129.52
CA LEU A 98 16.69 -12.92 130.22
C LEU A 98 15.29 -13.35 130.61
N VAL A 99 14.57 -13.99 129.70
CA VAL A 99 13.20 -14.40 130.02
C VAL A 99 13.21 -15.47 131.10
N GLY A 100 14.20 -16.35 131.08
CA GLY A 100 14.29 -17.36 132.13
C GLY A 100 14.56 -16.75 133.48
N GLN A 101 15.47 -15.78 133.53
CA GLN A 101 15.71 -15.06 134.78
C GLN A 101 14.45 -14.36 135.25
N ASP A 102 13.70 -13.77 134.31
CA ASP A 102 12.47 -13.08 134.66
C ASP A 102 11.45 -14.03 135.25
N VAL A 103 11.28 -15.19 134.63
CA VAL A 103 10.31 -16.16 135.13
C VAL A 103 10.74 -16.69 136.48
N ALA A 104 12.04 -16.92 136.66
CA ALA A 104 12.54 -17.38 137.96
C ALA A 104 12.26 -16.34 139.03
N LYS A 105 12.47 -15.06 138.71
CA LYS A 105 12.17 -14.01 139.66
C LYS A 105 10.69 -13.97 139.99
N PHE A 106 9.85 -14.14 138.97
CA PHE A 106 8.40 -14.18 139.18
C PHE A 106 8.04 -15.28 140.16
N MET A 107 8.53 -16.49 139.91
CA MET A 107 8.16 -17.63 140.74
C MET A 107 8.71 -17.48 142.16
N ASN A 108 9.93 -16.94 142.28
CA ASN A 108 10.50 -16.72 143.60
C ASN A 108 9.70 -15.69 144.38
N TRP A 109 9.28 -14.63 143.70
CA TRP A 109 8.45 -13.62 144.35
C TRP A 109 7.13 -14.25 144.82
N MET A 110 6.55 -15.11 143.98
CA MET A 110 5.32 -15.77 144.39
C MET A 110 5.55 -16.66 145.61
N ALA A 111 6.63 -17.43 145.60
CA ALA A 111 6.93 -18.33 146.71
C ALA A 111 7.36 -17.58 147.96
N ASP A 112 7.72 -16.31 147.85
CA ASP A 112 8.05 -15.49 149.00
C ASP A 112 6.82 -14.82 149.58
N GLU A 113 6.06 -14.10 148.75
CA GLU A 113 4.90 -13.38 149.24
C GLU A 113 3.77 -14.32 149.61
N PHE A 114 3.44 -15.28 148.75
CA PHE A 114 2.32 -16.17 148.93
C PHE A 114 2.73 -17.60 149.22
N ASN A 115 4.03 -17.90 149.23
CA ASN A 115 4.54 -19.25 149.46
C ASN A 115 3.70 -20.30 148.75
N TYR A 116 3.32 -20.02 147.51
CA TYR A 116 2.56 -20.98 146.74
C TYR A 116 3.38 -22.24 146.52
N PRO A 117 2.84 -23.43 146.75
CA PRO A 117 3.63 -24.65 146.57
C PRO A 117 4.12 -24.79 145.14
N LEU A 118 5.43 -24.97 144.99
CA LEU A 118 6.02 -25.09 143.67
C LEU A 118 5.68 -26.43 143.01
N GLY A 119 5.09 -27.35 143.75
CA GLY A 119 4.80 -28.67 143.23
C GLY A 119 3.49 -28.74 142.48
N ASN A 120 2.95 -27.58 142.10
CA ASN A 120 1.64 -27.51 141.46
C ASN A 120 1.67 -26.57 140.26
N VAL A 121 2.78 -26.54 139.53
CA VAL A 121 2.94 -25.64 138.40
C VAL A 121 3.61 -26.37 137.26
N HIS A 122 3.12 -26.16 136.04
CA HIS A 122 3.71 -26.68 134.82
C HIS A 122 4.26 -25.53 134.00
N LEU A 123 5.48 -25.70 133.50
CA LEU A 123 6.08 -24.72 132.58
C LEU A 123 5.95 -25.26 131.15
N LEU A 124 4.73 -25.20 130.63
CA LEU A 124 4.48 -25.66 129.27
C LEU A 124 5.31 -24.83 128.30
N GLY A 125 6.28 -25.49 127.67
CA GLY A 125 7.21 -24.84 126.79
C GLY A 125 7.10 -25.35 125.37
N TYR A 126 7.07 -24.41 124.44
CA TYR A 126 7.03 -24.71 123.01
C TYR A 126 8.21 -23.99 122.37
N SER A 127 8.60 -24.47 121.19
CA SER A 127 9.63 -23.83 120.38
C SER A 127 10.77 -23.37 121.29
N LEU A 128 11.15 -22.09 121.25
CA LEU A 128 12.16 -21.58 122.16
C LEU A 128 11.65 -21.58 123.60
N GLY A 129 10.34 -21.63 123.79
CA GLY A 129 9.79 -21.54 125.14
C GLY A 129 10.21 -22.69 126.01
N ALA A 130 10.36 -23.87 125.41
CA ALA A 130 10.81 -25.02 126.19
C ALA A 130 12.20 -24.78 126.77
N HIS A 131 13.12 -24.30 125.94
CA HIS A 131 14.46 -24.00 126.45
C HIS A 131 14.41 -22.86 127.45
N ALA A 132 13.51 -21.90 127.24
CA ALA A 132 13.37 -20.80 128.18
C ALA A 132 12.97 -21.31 129.56
N ALA A 133 11.97 -22.20 129.60
CA ALA A 133 11.57 -22.77 130.87
C ALA A 133 12.69 -23.61 131.47
N GLY A 134 13.40 -24.37 130.64
CA GLY A 134 14.46 -25.21 131.16
C GLY A 134 15.55 -24.40 131.84
N ILE A 135 15.99 -23.32 131.18
CA ILE A 135 16.92 -22.42 131.85
C ILE A 135 16.25 -21.79 133.05
N ALA A 136 14.93 -21.67 133.03
CA ALA A 136 14.18 -21.25 134.20
C ALA A 136 14.01 -22.43 135.14
N GLY A 137 13.46 -22.15 136.32
CA GLY A 137 13.28 -23.18 137.32
C GLY A 137 14.58 -23.55 138.00
N SER A 138 15.61 -23.81 137.18
CA SER A 138 16.92 -24.11 137.74
C SER A 138 17.38 -23.03 138.70
N LEU A 139 17.05 -21.78 138.41
CA LEU A 139 17.35 -20.69 139.34
C LEU A 139 16.41 -20.70 140.53
N THR A 140 15.23 -21.30 140.39
CA THR A 140 14.29 -21.37 141.50
C THR A 140 14.86 -22.21 142.63
N ASN A 141 14.56 -21.82 143.86
CA ASN A 141 15.10 -22.51 145.03
C ASN A 141 14.38 -23.82 145.30
N LYS A 142 13.08 -23.90 145.02
CA LYS A 142 12.27 -25.05 145.39
C LYS A 142 11.92 -25.94 144.21
N LYS A 143 12.64 -25.81 143.09
CA LYS A 143 12.43 -26.70 141.94
C LYS A 143 11.00 -26.61 141.43
N VAL A 144 10.70 -27.38 140.39
CA VAL A 144 9.39 -27.37 139.75
C VAL A 144 8.96 -28.80 139.48
N ASN A 145 7.66 -29.06 139.63
CA ASN A 145 7.13 -30.41 139.44
C ASN A 145 7.28 -30.86 137.99
N ARG A 146 6.61 -30.19 137.06
CA ARG A 146 6.59 -30.59 135.67
C ARG A 146 7.03 -29.43 134.78
N ILE A 147 7.83 -29.74 133.77
CA ILE A 147 8.36 -28.75 132.85
C ILE A 147 8.08 -29.20 131.41
N THR A 148 7.02 -29.97 131.24
CA THR A 148 6.70 -30.56 129.94
C THR A 148 6.78 -29.53 128.82
N GLY A 149 7.69 -29.77 127.88
CA GLY A 149 7.86 -28.88 126.73
C GLY A 149 7.29 -29.48 125.47
N LEU A 150 7.43 -28.73 124.38
CA LEU A 150 6.91 -29.13 123.08
C LEU A 150 7.88 -28.71 122.00
N ASP A 151 8.44 -29.70 121.31
CA ASP A 151 9.31 -29.44 120.17
C ASP A 151 10.43 -28.49 120.56
N PRO A 152 11.33 -28.90 121.46
CA PRO A 152 12.42 -28.02 121.84
C PRO A 152 13.26 -27.62 120.63
N ALA A 153 13.70 -26.36 120.64
CA ALA A 153 14.50 -25.85 119.54
C ALA A 153 15.87 -26.52 119.51
N GLY A 154 16.36 -26.75 118.31
CA GLY A 154 17.64 -27.40 118.11
C GLY A 154 18.80 -26.44 117.97
N PRO A 155 18.67 -25.44 117.10
CA PRO A 155 19.81 -24.56 116.82
C PRO A 155 20.30 -23.86 118.07
N ASN A 156 21.62 -23.69 118.15
CA ASN A 156 22.26 -22.97 119.23
C ASN A 156 21.98 -23.60 120.59
N PHE A 157 21.50 -24.85 120.60
CA PHE A 157 21.28 -25.58 121.83
C PHE A 157 21.93 -26.96 121.82
N GLU A 158 22.10 -27.56 120.65
CA GLU A 158 22.93 -28.74 120.56
C GLU A 158 24.37 -28.38 120.88
N TYR A 159 25.14 -29.36 121.35
CA TYR A 159 26.50 -29.12 121.80
C TYR A 159 26.54 -28.07 122.90
N ALA A 160 25.60 -28.17 123.84
CA ALA A 160 25.46 -27.23 124.94
C ALA A 160 25.42 -28.01 126.25
N GLU A 161 25.09 -27.30 127.33
CA GLU A 161 25.03 -27.86 128.66
C GLU A 161 23.71 -27.46 129.33
N ALA A 162 23.49 -28.03 130.52
CA ALA A 162 22.25 -27.76 131.26
C ALA A 162 21.99 -26.28 131.48
N PRO A 163 22.95 -25.47 131.92
CA PRO A 163 22.62 -24.05 132.17
C PRO A 163 22.11 -23.33 130.93
N SER A 164 22.58 -23.72 129.75
CA SER A 164 22.21 -23.03 128.52
C SER A 164 21.10 -23.73 127.75
N ARG A 165 20.58 -24.85 128.25
CA ARG A 165 19.52 -25.56 127.55
C ARG A 165 18.75 -26.40 128.54
N LEU A 166 17.57 -26.85 128.10
CA LEU A 166 16.73 -27.68 128.95
C LEU A 166 17.49 -28.92 129.38
N SER A 167 17.39 -29.27 130.66
CA SER A 167 18.10 -30.39 131.24
C SER A 167 17.14 -31.18 132.13
N PRO A 168 17.40 -32.47 132.33
CA PRO A 168 16.53 -33.25 133.22
C PRO A 168 16.52 -32.73 134.64
N ASP A 169 17.62 -32.14 135.11
CA ASP A 169 17.70 -31.64 136.47
C ASP A 169 17.01 -30.29 136.63
N ASP A 170 16.56 -29.68 135.54
CA ASP A 170 15.88 -28.38 135.63
C ASP A 170 14.57 -28.47 136.40
N ALA A 171 14.03 -29.67 136.59
CA ALA A 171 12.77 -29.83 137.28
C ALA A 171 12.64 -31.27 137.77
N ASP A 172 11.64 -31.49 138.61
CA ASP A 172 11.43 -32.82 139.17
C ASP A 172 11.16 -33.85 138.08
N PHE A 173 10.28 -33.50 137.14
CA PHE A 173 9.94 -34.38 136.03
C PHE A 173 9.91 -33.56 134.76
N VAL A 174 10.16 -34.22 133.64
CA VAL A 174 10.23 -33.56 132.35
C VAL A 174 9.88 -34.55 131.25
N ASP A 175 9.29 -34.03 130.18
CA ASP A 175 9.01 -34.84 129.00
C ASP A 175 8.90 -33.90 127.81
N VAL A 176 9.39 -34.38 126.66
CA VAL A 176 9.41 -33.59 125.43
C VAL A 176 8.79 -34.40 124.30
N LEU A 177 8.33 -33.68 123.29
CA LEU A 177 7.66 -34.26 122.13
C LEU A 177 8.50 -33.94 120.90
N HIS A 178 9.46 -34.83 120.61
CA HIS A 178 10.32 -34.65 119.45
C HIS A 178 9.53 -34.94 118.17
N THR A 179 8.83 -33.92 117.67
CA THR A 179 7.94 -34.08 116.54
C THR A 179 8.60 -33.79 115.20
N PHE A 180 9.88 -33.44 115.19
CA PHE A 180 10.55 -33.12 113.93
C PHE A 180 12.04 -33.16 114.16
N THR A 181 12.74 -34.01 113.40
CA THR A 181 14.19 -34.13 113.52
C THR A 181 14.90 -34.31 112.19
N ARG A 182 14.18 -34.23 111.06
CA ARG A 182 14.81 -34.49 109.78
C ARG A 182 15.88 -33.46 109.50
N GLY A 183 17.02 -33.94 109.01
CA GLY A 183 18.15 -33.10 108.68
C GLY A 183 19.42 -33.57 109.35
N SER A 184 20.51 -32.88 109.03
CA SER A 184 21.79 -33.23 109.60
C SER A 184 21.83 -32.92 111.09
N PRO A 185 22.64 -33.64 111.86
CA PRO A 185 22.76 -33.32 113.28
C PRO A 185 23.23 -31.89 113.48
N GLY A 186 22.67 -31.24 114.50
CA GLY A 186 23.05 -29.89 114.85
C GLY A 186 22.49 -28.81 113.96
N ARG A 187 21.76 -29.18 112.91
CA ARG A 187 21.14 -28.20 112.01
C ARG A 187 19.64 -28.37 111.86
N SER A 188 19.08 -29.53 112.18
CA SER A 188 17.64 -29.68 112.20
C SER A 188 17.04 -28.79 113.28
N ILE A 189 15.88 -28.20 112.97
CA ILE A 189 15.25 -27.29 113.91
C ILE A 189 14.99 -28.00 115.23
N GLY A 190 14.51 -29.24 115.17
CA GLY A 190 14.17 -29.98 116.37
C GLY A 190 15.35 -30.76 116.92
N ILE A 191 15.73 -30.45 118.15
CA ILE A 191 16.82 -31.17 118.79
C ILE A 191 16.50 -32.66 118.80
N GLN A 192 17.50 -33.46 118.48
CA GLN A 192 17.37 -34.91 118.46
C GLN A 192 17.98 -35.58 119.68
N LYS A 193 18.93 -34.94 120.33
CA LYS A 193 19.52 -35.52 121.53
C LYS A 193 18.47 -35.59 122.63
N PRO A 194 18.26 -36.74 123.25
CA PRO A 194 17.27 -36.83 124.34
C PRO A 194 17.65 -35.92 125.49
N VAL A 195 16.65 -35.31 126.12
CA VAL A 195 16.86 -34.30 127.14
C VAL A 195 16.23 -34.72 128.46
N GLY A 196 14.95 -35.05 128.45
CA GLY A 196 14.22 -35.33 129.66
C GLY A 196 14.39 -36.77 130.13
N HIS A 197 13.76 -37.05 131.27
CA HIS A 197 13.75 -38.40 131.79
C HIS A 197 13.10 -39.36 130.79
N VAL A 198 12.02 -38.92 130.16
CA VAL A 198 11.34 -39.68 129.11
C VAL A 198 11.11 -38.76 127.93
N ASP A 199 11.38 -39.24 126.74
CA ASP A 199 11.20 -38.47 125.52
C ASP A 199 10.35 -39.26 124.54
N ILE A 200 9.61 -38.55 123.70
CA ILE A 200 8.65 -39.14 122.78
C ILE A 200 9.01 -38.72 121.37
N TYR A 201 9.07 -39.68 120.46
CA TYR A 201 9.48 -39.46 119.08
C TYR A 201 8.41 -40.01 118.15
N PRO A 202 7.27 -39.34 118.06
CA PRO A 202 6.18 -39.85 117.21
C PRO A 202 6.61 -39.95 115.77
N ASN A 203 6.22 -41.05 115.12
CA ASN A 203 6.52 -41.31 113.72
C ASN A 203 8.02 -41.37 113.45
N GLY A 204 8.84 -41.37 114.49
CA GLY A 204 10.28 -41.31 114.34
C GLY A 204 10.84 -39.92 114.20
N GLY A 205 9.98 -38.90 114.11
CA GLY A 205 10.43 -37.54 114.00
C GLY A 205 10.80 -37.10 112.61
N THR A 206 10.77 -38.00 111.63
CA THR A 206 11.14 -37.62 110.27
C THR A 206 10.20 -36.57 109.71
N PHE A 207 8.90 -36.75 109.92
CA PHE A 207 7.88 -35.84 109.40
C PHE A 207 6.55 -36.28 110.00
N GLN A 208 5.46 -35.64 109.54
CA GLN A 208 4.12 -35.98 109.95
C GLN A 208 3.22 -36.12 108.74
N PRO A 209 2.15 -36.92 108.84
CA PRO A 209 1.34 -37.22 107.66
C PRO A 209 0.35 -36.12 107.31
N GLY A 210 -0.14 -35.39 108.30
CA GLY A 210 -1.19 -34.44 108.07
C GLY A 210 -0.73 -33.20 107.34
N CYS A 211 -0.12 -33.39 106.17
CA CYS A 211 0.38 -32.28 105.37
C CYS A 211 0.82 -32.85 104.02
N ASN A 212 1.38 -31.98 103.18
CA ASN A 212 1.73 -32.34 101.81
C ASN A 212 3.06 -31.65 101.50
N ILE A 213 3.40 -31.60 100.20
CA ILE A 213 4.64 -30.94 99.79
C ILE A 213 4.65 -29.50 100.29
N GLY A 214 3.54 -28.79 100.14
CA GLY A 214 3.42 -27.45 100.65
C GLY A 214 3.80 -26.37 99.65
N GLU A 215 5.00 -25.81 99.80
CA GLU A 215 5.43 -24.69 98.98
C GLU A 215 5.61 -25.14 97.54
N ALA A 216 4.71 -24.69 96.66
CA ALA A 216 4.83 -25.02 95.24
C ALA A 216 5.97 -24.24 94.60
N LEU A 217 6.06 -22.94 94.89
CA LEU A 217 7.11 -22.11 94.34
C LEU A 217 7.38 -20.96 95.30
N ARG A 218 8.56 -20.34 95.14
CA ARG A 218 8.96 -19.28 96.06
C ARG A 218 7.99 -18.10 96.00
N VAL A 219 7.59 -17.70 94.80
CA VAL A 219 6.75 -16.52 94.62
C VAL A 219 5.27 -16.89 94.48
N ILE A 220 4.97 -17.94 93.70
CA ILE A 220 3.57 -18.30 93.46
C ILE A 220 2.91 -18.74 94.76
N ALA A 221 3.59 -19.59 95.53
CA ALA A 221 3.06 -20.07 96.79
C ALA A 221 3.35 -19.03 97.88
N GLU A 222 3.13 -19.42 99.14
CA GLU A 222 3.28 -18.51 100.29
C GLU A 222 4.22 -19.17 101.30
N ARG A 223 5.52 -18.92 101.14
CA ARG A 223 6.51 -19.50 102.04
C ARG A 223 6.18 -19.18 103.48
N GLY A 224 6.22 -17.90 103.82
CA GLY A 224 5.75 -17.43 105.12
C GLY A 224 4.63 -16.44 104.93
N LEU A 225 4.05 -16.42 103.74
CA LEU A 225 2.98 -15.47 103.39
C LEU A 225 1.62 -16.02 103.80
N GLY A 226 1.51 -16.46 105.05
CA GLY A 226 0.30 -17.13 105.48
C GLY A 226 -0.02 -18.29 104.56
N ASP A 227 -1.32 -18.51 104.34
CA ASP A 227 -1.77 -19.51 103.39
C ASP A 227 -1.09 -20.85 103.61
N VAL A 228 -0.07 -21.16 102.81
CA VAL A 228 0.61 -22.45 102.89
C VAL A 228 1.77 -22.43 103.88
N ASP A 229 1.98 -21.32 104.58
CA ASP A 229 2.99 -21.31 105.64
C ASP A 229 2.66 -22.32 106.73
N GLN A 230 1.39 -22.39 107.11
CA GLN A 230 0.98 -23.38 108.10
C GLN A 230 1.25 -24.80 107.59
N LEU A 231 0.95 -25.05 106.32
CA LEU A 231 1.25 -26.36 105.74
C LEU A 231 2.74 -26.64 105.78
N VAL A 232 3.58 -25.64 105.52
CA VAL A 232 5.02 -25.81 105.66
C VAL A 232 5.36 -26.19 107.09
N LYS A 233 4.70 -25.57 108.06
CA LYS A 233 4.83 -25.96 109.47
C LYS A 233 3.96 -27.18 109.74
N CYS A 234 4.38 -28.29 109.14
CA CYS A 234 3.60 -29.52 109.17
C CYS A 234 3.63 -30.15 110.56
N SER A 235 4.80 -30.19 111.18
CA SER A 235 5.01 -30.96 112.40
C SER A 235 5.25 -30.09 113.62
N HIS A 236 5.79 -28.89 113.43
CA HIS A 236 6.17 -28.06 114.55
C HIS A 236 4.97 -27.74 115.44
N GLU A 237 3.77 -27.69 114.87
CA GLU A 237 2.55 -27.52 115.63
C GLU A 237 1.86 -28.84 115.94
N ARG A 238 2.30 -29.93 115.29
CA ARG A 238 1.73 -31.23 115.60
C ARG A 238 1.97 -31.62 117.04
N SER A 239 3.07 -31.15 117.63
CA SER A 239 3.31 -31.40 119.04
C SER A 239 2.17 -30.86 119.89
N VAL A 240 1.84 -29.59 119.71
CA VAL A 240 0.81 -28.97 120.53
C VAL A 240 -0.56 -29.56 120.21
N HIS A 241 -0.80 -29.88 118.94
CA HIS A 241 -2.07 -30.51 118.59
C HIS A 241 -2.20 -31.88 119.26
N LEU A 242 -1.12 -32.65 119.28
CA LEU A 242 -1.14 -33.93 119.98
C LEU A 242 -1.41 -33.74 121.46
N PHE A 243 -0.74 -32.76 122.07
CA PHE A 243 -0.92 -32.53 123.50
C PHE A 243 -2.36 -32.15 123.82
N ILE A 244 -2.94 -31.27 123.01
CA ILE A 244 -4.31 -30.83 123.27
C ILE A 244 -5.28 -31.97 123.04
N ASP A 245 -5.03 -32.80 122.02
CA ASP A 245 -5.89 -33.95 121.78
C ASP A 245 -5.85 -34.92 122.96
N SER A 246 -4.65 -35.20 123.47
CA SER A 246 -4.53 -36.06 124.63
C SER A 246 -5.23 -35.46 125.83
N LEU A 247 -5.07 -34.15 126.02
CA LEU A 247 -5.71 -33.48 127.16
C LEU A 247 -7.22 -33.60 127.07
N LEU A 248 -7.77 -33.42 125.88
CA LEU A 248 -9.21 -33.49 125.70
C LEU A 248 -9.72 -34.92 125.90
N ASN A 249 -9.02 -35.90 125.33
CA ASN A 249 -9.43 -37.30 125.43
C ASN A 249 -8.67 -37.96 126.58
N GLU A 250 -9.09 -37.65 127.80
CA GLU A 250 -8.46 -38.21 128.99
C GLU A 250 -8.81 -39.68 129.18
N GLU A 251 -9.97 -40.11 128.68
CA GLU A 251 -10.44 -41.47 128.97
C GLU A 251 -9.57 -42.53 128.31
N ASN A 252 -9.10 -42.29 127.09
CA ASN A 252 -8.36 -43.29 126.31
C ASN A 252 -7.07 -42.69 125.80
N PRO A 253 -6.08 -42.50 126.68
CA PRO A 253 -4.80 -41.95 126.24
C PRO A 253 -4.09 -42.90 125.28
N SER A 254 -3.34 -42.32 124.36
CA SER A 254 -2.48 -43.11 123.48
C SER A 254 -1.29 -43.63 124.26
N LYS A 255 -0.92 -44.89 123.99
CA LYS A 255 0.14 -45.56 124.74
C LYS A 255 1.39 -45.61 123.86
N ALA A 256 2.26 -44.62 124.03
CA ALA A 256 3.55 -44.65 123.37
C ALA A 256 4.43 -45.73 123.99
N TYR A 257 5.31 -46.31 123.16
CA TYR A 257 6.08 -47.47 123.54
C TYR A 257 7.55 -47.12 123.68
N ARG A 258 8.24 -47.86 124.53
CA ARG A 258 9.66 -47.67 124.82
C ARG A 258 10.46 -48.72 124.06
N CYS A 259 11.57 -48.29 123.47
CA CYS A 259 12.36 -49.17 122.62
C CYS A 259 13.82 -48.76 122.68
N ASN A 260 14.59 -49.26 121.72
CA ASN A 260 16.01 -48.95 121.62
C ASN A 260 16.34 -48.03 120.46
N SER A 261 15.63 -48.15 119.34
CA SER A 261 15.92 -47.33 118.17
C SER A 261 14.68 -47.32 117.27
N LYS A 262 14.65 -46.34 116.37
CA LYS A 262 13.51 -46.21 115.48
C LYS A 262 13.40 -47.41 114.55
N GLU A 263 14.54 -47.90 114.06
CA GLU A 263 14.50 -49.09 113.19
C GLU A 263 14.02 -50.31 113.98
N ALA A 264 14.47 -50.45 115.22
CA ALA A 264 14.03 -51.57 116.03
C ALA A 264 12.51 -51.50 116.25
N PHE A 265 11.99 -50.31 116.51
CA PHE A 265 10.55 -50.17 116.67
C PHE A 265 9.81 -50.49 115.38
N GLU A 266 10.33 -50.03 114.24
CA GLU A 266 9.71 -50.34 112.97
C GLU A 266 9.66 -51.85 112.75
N LYS A 267 10.74 -52.55 113.09
CA LYS A 267 10.73 -54.01 112.99
C LYS A 267 9.68 -54.60 113.90
N GLY A 268 9.56 -54.10 115.12
CA GLY A 268 8.52 -54.51 116.03
C GLY A 268 8.93 -55.57 117.03
N LEU A 269 10.17 -55.51 117.54
CA LEU A 269 10.65 -56.46 118.53
C LEU A 269 10.69 -55.87 119.93
N CYS A 270 10.22 -54.65 120.10
CA CYS A 270 10.43 -53.89 121.34
C CYS A 270 9.14 -53.21 121.78
N LEU A 271 8.05 -53.98 121.83
CA LEU A 271 6.75 -53.46 122.25
C LEU A 271 6.33 -53.94 123.63
N SER A 272 6.59 -55.20 123.96
CA SER A 272 6.17 -55.71 125.27
C SER A 272 6.78 -54.87 126.38
N CYS A 273 5.95 -54.48 127.33
CA CYS A 273 6.38 -53.66 128.48
C CYS A 273 5.89 -54.34 129.75
N ARG A 274 6.66 -55.31 130.23
CA ARG A 274 6.38 -55.93 131.52
C ARG A 274 6.86 -55.03 132.66
N LYS A 275 8.00 -54.39 132.47
CA LYS A 275 8.55 -53.47 133.46
C LYS A 275 7.94 -52.08 133.25
N ASN A 276 8.49 -51.07 133.92
CA ASN A 276 7.98 -49.71 133.80
C ASN A 276 8.40 -49.13 132.46
N ARG A 277 7.72 -49.58 131.41
CA ARG A 277 7.93 -49.10 130.06
C ARG A 277 6.58 -48.78 129.43
N CYS A 278 6.62 -48.30 128.20
CA CYS A 278 5.41 -48.04 127.40
C CYS A 278 4.44 -47.15 128.17
N ASN A 279 4.97 -46.15 128.86
CA ASN A 279 4.12 -45.27 129.63
C ASN A 279 3.26 -44.41 128.71
N ASN A 280 2.22 -43.83 129.30
CA ASN A 280 1.27 -42.99 128.57
C ASN A 280 1.97 -41.75 128.05
N MET A 281 1.30 -41.00 127.16
CA MET A 281 1.81 -39.76 126.64
C MET A 281 0.76 -38.67 126.83
N GLY A 282 1.20 -37.49 127.22
CA GLY A 282 0.31 -36.38 127.47
C GLY A 282 0.21 -36.04 128.95
N TYR A 283 -0.93 -35.46 129.33
CA TYR A 283 -1.13 -35.05 130.71
C TYR A 283 -1.14 -36.26 131.65
N GLU A 284 -1.78 -37.34 131.22
CA GLU A 284 -1.88 -38.54 132.06
C GLU A 284 -0.64 -39.39 132.04
N ILE A 285 0.50 -38.84 131.59
CA ILE A 285 1.75 -39.57 131.65
C ILE A 285 2.04 -39.98 133.08
N ASN A 286 2.64 -41.16 133.24
CA ASN A 286 3.02 -41.65 134.55
C ASN A 286 4.39 -41.11 134.92
N LYS A 287 4.46 -40.44 136.07
CA LYS A 287 5.71 -39.88 136.54
C LYS A 287 6.68 -40.99 136.91
N VAL A 288 7.84 -41.00 136.25
CA VAL A 288 8.83 -42.05 136.44
C VAL A 288 10.21 -41.46 136.27
N ARG A 289 11.19 -42.06 136.94
CA ARG A 289 12.58 -41.68 136.83
C ARG A 289 13.37 -42.80 136.19
N ALA A 290 14.32 -42.45 135.34
CA ALA A 290 15.15 -43.40 134.62
C ALA A 290 16.61 -43.11 134.88
N LYS A 291 17.43 -44.17 134.82
CA LYS A 291 18.86 -44.01 135.05
C LYS A 291 19.56 -43.31 133.89
N ARG A 292 18.88 -43.16 132.76
CA ARG A 292 19.48 -42.55 131.58
C ARG A 292 18.37 -42.13 130.63
N SER A 293 18.77 -41.56 129.50
CA SER A 293 17.83 -41.22 128.45
C SER A 293 17.04 -42.44 128.01
N SER A 294 15.73 -42.29 127.91
CA SER A 294 14.83 -43.38 127.55
C SER A 294 14.02 -42.95 126.33
N LYS A 295 14.45 -43.37 125.15
CA LYS A 295 13.72 -43.06 123.93
C LYS A 295 12.42 -43.86 123.87
N MET A 296 11.51 -43.40 123.03
CA MET A 296 10.21 -44.04 122.85
C MET A 296 9.74 -43.78 121.42
N TYR A 297 8.71 -44.51 121.01
CA TYR A 297 8.17 -44.40 119.67
C TYR A 297 6.69 -44.75 119.68
N LEU A 298 6.01 -44.34 118.62
CA LEU A 298 4.61 -44.68 118.40
C LEU A 298 4.21 -44.14 117.04
N LYS A 299 2.95 -44.35 116.68
CA LYS A 299 2.36 -43.84 115.46
C LYS A 299 1.12 -43.02 115.79
N THR A 300 0.42 -42.57 114.75
CA THR A 300 -0.70 -41.68 114.94
C THR A 300 -1.54 -41.63 113.67
N ARG A 301 -2.77 -41.14 113.83
CA ARG A 301 -3.65 -40.89 112.69
C ARG A 301 -3.26 -39.55 112.06
N SER A 302 -4.12 -39.04 111.18
CA SER A 302 -3.75 -37.85 110.43
C SER A 302 -3.74 -36.60 111.30
N GLN A 303 -4.91 -36.14 111.73
CA GLN A 303 -4.94 -34.95 112.58
C GLN A 303 -5.87 -35.00 113.78
N MET A 304 -7.10 -35.51 113.60
CA MET A 304 -8.10 -35.18 114.60
C MET A 304 -8.03 -36.06 115.85
N PRO A 305 -8.23 -37.39 115.76
CA PRO A 305 -8.31 -38.16 117.00
C PRO A 305 -6.96 -38.68 117.47
N TYR A 306 -6.07 -38.91 116.51
CA TYR A 306 -4.84 -39.63 116.80
C TYR A 306 -5.19 -40.95 117.47
N LYS A 307 -4.39 -41.40 118.43
CA LYS A 307 -4.73 -42.55 119.27
C LYS A 307 -4.94 -43.79 118.38
N VAL A 308 -3.83 -44.24 117.82
CA VAL A 308 -3.82 -45.44 117.00
C VAL A 308 -3.36 -46.62 117.85
N PHE A 309 -3.55 -47.82 117.33
CA PHE A 309 -3.18 -49.05 118.02
C PHE A 309 -1.84 -49.56 117.51
N HIS A 310 -1.45 -50.75 117.98
CA HIS A 310 -0.22 -51.40 117.55
C HIS A 310 -0.40 -52.90 117.69
N TYR A 311 -0.22 -53.63 116.59
CA TYR A 311 -0.53 -55.05 116.52
C TYR A 311 0.59 -55.80 115.81
N GLN A 312 1.84 -55.60 116.23
CA GLN A 312 2.97 -56.20 115.52
C GLN A 312 2.76 -57.70 115.34
N VAL A 313 3.36 -58.24 114.29
CA VAL A 313 3.09 -59.59 113.84
C VAL A 313 4.40 -60.35 113.61
N LYS A 314 4.32 -61.67 113.73
CA LYS A 314 5.40 -62.57 113.36
C LYS A 314 4.86 -63.64 112.41
N ILE A 315 5.73 -64.08 111.49
CA ILE A 315 5.37 -65.11 110.52
C ILE A 315 6.42 -66.21 110.58
N HIS A 316 5.95 -67.46 110.65
CA HIS A 316 6.81 -68.63 110.58
C HIS A 316 6.78 -69.22 109.17
N PHE A 317 7.35 -68.45 108.24
CA PHE A 317 7.45 -68.91 106.86
C PHE A 317 8.15 -70.25 106.81
N SER A 318 7.55 -71.21 106.10
CA SER A 318 8.15 -72.53 105.95
C SER A 318 7.57 -73.15 104.68
N GLY A 319 8.35 -73.16 103.61
CA GLY A 319 7.90 -73.69 102.35
C GLY A 319 8.88 -74.66 101.73
N THR A 320 8.64 -75.04 100.48
CA THR A 320 9.48 -76.01 99.78
C THR A 320 10.49 -75.34 98.85
N GLU A 321 10.02 -74.45 97.98
CA GLU A 321 10.91 -73.80 97.02
C GLU A 321 11.81 -72.81 97.75
N SER A 322 13.11 -72.89 97.49
CA SER A 322 14.11 -72.14 98.25
C SER A 322 14.75 -71.01 97.46
N ASN A 323 14.01 -70.40 96.53
CA ASN A 323 14.51 -69.25 95.78
C ASN A 323 14.15 -67.98 96.56
N THR A 324 15.16 -67.35 97.16
CA THR A 324 14.95 -66.17 97.96
C THR A 324 14.50 -65.00 97.10
N TYR A 325 13.60 -64.18 97.65
CA TYR A 325 13.13 -62.97 97.01
C TYR A 325 13.29 -61.79 97.95
N THR A 326 13.31 -60.60 97.38
CA THR A 326 13.57 -59.39 98.14
C THR A 326 12.65 -58.27 97.67
N ASN A 327 12.43 -57.30 98.56
CA ASN A 327 11.66 -56.10 98.25
C ASN A 327 10.29 -56.46 97.65
N GLN A 328 9.50 -57.15 98.47
CA GLN A 328 8.15 -57.55 98.10
C GLN A 328 7.15 -56.92 99.04
N ALA A 329 5.96 -56.66 98.53
CA ALA A 329 4.90 -55.97 99.27
C ALA A 329 3.90 -57.00 99.76
N PHE A 330 3.65 -57.00 101.07
CA PHE A 330 2.65 -57.86 101.68
C PHE A 330 1.45 -57.01 102.10
N GLU A 331 0.26 -57.48 101.75
CA GLU A 331 -0.99 -56.84 102.14
C GLU A 331 -1.76 -57.78 103.03
N ILE A 332 -2.25 -57.26 104.16
CA ILE A 332 -3.04 -58.04 105.10
C ILE A 332 -4.23 -57.21 105.55
N SER A 333 -5.21 -57.90 106.11
CA SER A 333 -6.39 -57.26 106.66
C SER A 333 -6.90 -58.11 107.81
N LEU A 334 -7.64 -57.46 108.72
CA LEU A 334 -8.08 -58.10 109.94
C LEU A 334 -9.51 -57.70 110.25
N TYR A 335 -10.24 -58.62 110.89
CA TYR A 335 -11.60 -58.40 111.34
C TYR A 335 -11.71 -58.77 112.80
N GLY A 336 -12.49 -58.00 113.56
CA GLY A 336 -12.57 -58.16 114.99
C GLY A 336 -13.99 -58.29 115.50
N THR A 337 -14.24 -57.61 116.62
CA THR A 337 -15.53 -57.66 117.30
C THR A 337 -16.14 -56.28 117.51
N VAL A 338 -15.50 -55.22 117.01
CA VAL A 338 -16.04 -53.86 117.08
C VAL A 338 -16.08 -53.23 115.70
N ALA A 339 -14.95 -53.26 114.99
CA ALA A 339 -14.88 -52.80 113.61
C ALA A 339 -13.82 -53.64 112.90
N GLU A 340 -13.45 -53.22 111.69
CA GLU A 340 -12.49 -53.99 110.91
C GLU A 340 -11.85 -53.10 109.86
N SER A 341 -10.54 -53.27 109.67
CA SER A 341 -9.83 -52.67 108.55
C SER A 341 -9.90 -53.59 107.35
N GLU A 342 -9.67 -53.02 106.17
CA GLU A 342 -9.92 -53.73 104.92
C GLU A 342 -8.67 -53.96 104.07
N ASN A 343 -7.93 -52.91 103.76
CA ASN A 343 -6.86 -53.00 102.77
C ASN A 343 -5.59 -52.31 103.25
N ILE A 344 -5.16 -52.62 104.47
CA ILE A 344 -3.95 -52.01 105.01
C ILE A 344 -2.73 -52.76 104.46
N PRO A 345 -1.79 -52.07 103.82
CA PRO A 345 -0.59 -52.74 103.31
C PRO A 345 0.58 -52.65 104.28
N PHE A 346 1.66 -53.34 103.92
CA PHE A 346 2.94 -53.20 104.60
C PHE A 346 4.01 -53.85 103.75
N THR A 347 5.26 -53.64 104.17
CA THR A 347 6.42 -54.08 103.39
C THR A 347 7.31 -54.98 104.24
N LEU A 348 7.95 -55.93 103.56
CA LEU A 348 8.85 -56.87 104.20
C LEU A 348 9.83 -57.45 103.18
N PRO A 349 11.02 -56.88 103.05
CA PRO A 349 11.99 -57.41 102.08
C PRO A 349 12.66 -58.69 102.59
N GLU A 350 13.64 -59.17 101.83
CA GLU A 350 14.54 -60.25 102.26
C GLU A 350 13.75 -61.49 102.72
N VAL A 351 12.67 -61.79 102.00
CA VAL A 351 11.86 -62.96 102.32
C VAL A 351 12.64 -64.21 101.99
N SER A 352 12.58 -65.20 102.87
CA SER A 352 13.29 -66.46 102.69
C SER A 352 12.40 -67.61 103.15
N THR A 353 12.99 -68.78 103.33
CA THR A 353 12.29 -69.97 103.75
C THR A 353 12.88 -70.52 105.03
N ASN A 354 12.11 -71.37 105.71
CA ASN A 354 12.51 -71.98 106.97
C ASN A 354 12.95 -70.93 107.98
N LYS A 355 12.49 -69.70 107.81
CA LYS A 355 12.91 -68.57 108.61
C LYS A 355 11.69 -67.82 109.11
N THR A 356 11.83 -67.18 110.26
CA THR A 356 10.76 -66.41 110.87
C THR A 356 11.04 -64.92 110.71
N TYR A 357 9.99 -64.16 110.43
CA TYR A 357 10.07 -62.73 110.21
C TYR A 357 9.09 -62.04 111.14
N SER A 358 9.16 -60.71 111.15
CA SER A 358 8.27 -59.91 111.97
C SER A 358 8.22 -58.50 111.39
N PHE A 359 7.19 -57.76 111.78
CA PHE A 359 7.04 -56.40 111.33
C PHE A 359 6.05 -55.69 112.24
N LEU A 360 5.92 -54.39 112.04
CA LEU A 360 5.02 -53.55 112.82
C LEU A 360 3.85 -53.11 111.94
N LEU A 361 2.65 -53.26 112.47
CA LEU A 361 1.44 -52.80 111.80
C LEU A 361 0.68 -51.85 112.72
N TYR A 362 -0.01 -50.89 112.10
CA TYR A 362 -0.84 -49.96 112.84
C TYR A 362 -2.19 -49.82 112.15
N THR A 363 -3.22 -49.64 112.96
CA THR A 363 -4.56 -49.36 112.48
C THR A 363 -5.11 -48.16 113.23
N GLU A 364 -6.09 -47.50 112.63
CA GLU A 364 -6.62 -46.25 113.14
C GLU A 364 -8.09 -46.39 113.55
N VAL A 365 -8.53 -47.60 113.84
CA VAL A 365 -9.90 -47.85 114.27
C VAL A 365 -9.87 -48.90 115.38
N ASP A 366 -10.71 -48.71 116.40
CA ASP A 366 -10.80 -49.68 117.47
C ASP A 366 -11.38 -50.99 116.96
N ILE A 367 -10.80 -52.09 117.40
CA ILE A 367 -11.17 -53.41 116.91
C ILE A 367 -11.50 -54.35 118.07
N GLY A 368 -10.99 -54.03 119.25
CA GLY A 368 -11.13 -54.95 120.37
C GLY A 368 -10.41 -56.25 120.04
N GLU A 369 -11.12 -57.36 120.15
CA GLU A 369 -10.56 -58.66 119.80
C GLU A 369 -10.47 -58.79 118.28
N LEU A 370 -9.85 -59.89 117.84
CA LEU A 370 -9.62 -60.13 116.43
C LEU A 370 -9.84 -61.61 116.14
N LEU A 371 -10.63 -61.89 115.10
CA LEU A 371 -11.05 -63.25 114.79
C LEU A 371 -10.26 -63.86 113.64
N MET A 372 -10.31 -63.23 112.48
CA MET A 372 -9.72 -63.79 111.27
C MET A 372 -8.77 -62.77 110.64
N LEU A 373 -7.99 -63.24 109.68
CA LEU A 373 -6.91 -62.45 109.11
C LEU A 373 -6.83 -62.70 107.61
N LYS A 374 -6.29 -61.70 106.89
CA LYS A 374 -6.07 -61.78 105.46
C LYS A 374 -4.59 -61.61 105.18
N LEU A 375 -4.08 -62.36 104.20
CA LEU A 375 -2.65 -62.38 103.92
C LEU A 375 -2.40 -62.34 102.42
N LYS A 376 -3.07 -61.43 101.72
CA LYS A 376 -2.89 -61.32 100.28
C LYS A 376 -1.47 -60.86 99.97
N TRP A 377 -0.97 -61.31 98.81
CA TRP A 377 0.36 -60.97 98.34
C TRP A 377 0.22 -60.34 96.95
N ILE A 378 0.61 -59.08 96.84
CA ILE A 378 0.26 -58.26 95.69
C ILE A 378 1.31 -58.42 94.61
N SER A 379 0.94 -58.00 93.39
CA SER A 379 1.83 -58.09 92.24
C SER A 379 1.49 -56.97 91.28
N ASP A 380 2.42 -56.69 90.36
CA ASP A 380 2.25 -55.69 89.31
C ASP A 380 1.91 -56.33 87.97
N SER A 381 1.40 -57.55 87.98
CA SER A 381 0.99 -58.28 86.79
C SER A 381 -0.45 -58.75 86.92
N TYR A 382 -1.35 -57.84 87.26
CA TYR A 382 -2.74 -58.17 87.56
C TYR A 382 -3.37 -59.05 86.48
N PHE A 383 -3.10 -58.73 85.22
CA PHE A 383 -3.81 -59.36 84.13
C PHE A 383 -3.50 -60.86 84.08
N SER A 384 -4.24 -61.58 83.24
CA SER A 384 -4.18 -63.03 83.22
C SER A 384 -2.88 -63.57 82.63
N TRP A 385 -1.89 -62.71 82.33
CA TRP A 385 -0.58 -63.21 81.94
C TRP A 385 0.01 -64.10 83.03
N SER A 386 0.01 -63.60 84.27
CA SER A 386 0.58 -64.31 85.42
C SER A 386 -0.51 -64.92 86.30
N ASN A 387 -1.58 -65.41 85.68
CA ASN A 387 -2.67 -66.04 86.42
C ASN A 387 -2.67 -67.56 86.31
N TRP A 388 -1.95 -68.14 85.35
CA TRP A 388 -1.85 -69.58 85.22
C TRP A 388 -0.46 -70.13 85.48
N TRP A 389 0.56 -69.66 84.76
CA TRP A 389 1.87 -70.26 84.87
C TRP A 389 2.41 -70.14 86.28
N SER A 390 3.17 -71.14 86.69
CA SER A 390 3.60 -71.26 88.08
C SER A 390 4.36 -70.03 88.53
N SER A 391 3.78 -69.28 89.44
CA SER A 391 4.40 -68.15 90.08
C SER A 391 4.91 -68.53 91.46
N PRO A 392 5.91 -67.82 91.98
CA PRO A 392 6.49 -68.22 93.28
C PRO A 392 5.43 -68.23 94.38
N GLY A 393 5.56 -69.21 95.27
CA GLY A 393 4.61 -69.36 96.36
C GLY A 393 5.29 -69.97 97.56
N PHE A 394 4.62 -69.84 98.70
CA PHE A 394 5.13 -70.35 99.96
C PHE A 394 3.99 -71.05 100.71
N ASP A 395 4.32 -71.59 101.88
CA ASP A 395 3.34 -72.20 102.76
C ASP A 395 3.34 -71.50 104.11
N ILE A 396 2.17 -71.41 104.72
CA ILE A 396 1.98 -70.71 105.98
C ILE A 396 1.48 -71.69 107.02
N GLY A 397 2.10 -71.65 108.20
CA GLY A 397 1.68 -72.46 109.32
C GLY A 397 0.92 -71.66 110.34
N LYS A 398 1.59 -71.26 111.40
CA LYS A 398 0.99 -70.47 112.47
C LYS A 398 1.36 -69.01 112.35
N ILE A 399 0.64 -68.17 113.08
CA ILE A 399 0.89 -66.74 113.13
C ILE A 399 0.76 -66.28 114.58
N ARG A 400 1.68 -65.39 114.99
CA ARG A 400 1.85 -65.05 116.40
C ARG A 400 1.65 -63.56 116.65
N VAL A 401 0.58 -62.99 116.12
CA VAL A 401 0.31 -61.58 116.38
C VAL A 401 0.25 -61.33 117.87
N LYS A 402 0.59 -60.12 118.28
CA LYS A 402 0.61 -59.74 119.69
C LYS A 402 -0.09 -58.40 119.83
N ALA A 403 -1.16 -58.38 120.62
CA ALA A 403 -1.87 -57.14 120.85
C ALA A 403 -1.02 -56.20 121.70
N GLY A 404 -1.02 -54.92 121.34
CA GLY A 404 -0.19 -53.94 122.01
C GLY A 404 -0.69 -53.51 123.36
N GLU A 405 -1.83 -52.83 123.40
CA GLU A 405 -2.32 -52.26 124.65
C GLU A 405 -2.50 -53.35 125.70
N THR A 406 -3.07 -54.48 125.32
CA THR A 406 -3.20 -55.63 126.18
C THR A 406 -2.33 -56.75 125.65
N GLN A 407 -1.47 -57.30 126.50
CA GLN A 407 -0.56 -58.37 126.08
C GLN A 407 -1.36 -59.65 125.86
N LYS A 408 -1.56 -60.01 124.59
CA LYS A 408 -2.35 -61.18 124.22
C LYS A 408 -1.59 -61.92 123.13
N LYS A 409 -0.91 -63.01 123.50
CA LYS A 409 -0.19 -63.83 122.54
C LYS A 409 -1.17 -64.78 121.82
N VAL A 410 -2.14 -64.17 121.17
CA VAL A 410 -3.11 -64.96 120.40
C VAL A 410 -2.39 -65.68 119.28
N ILE A 411 -2.64 -66.97 119.16
CA ILE A 411 -1.95 -67.82 118.20
C ILE A 411 -2.89 -68.04 117.03
N PHE A 412 -2.69 -67.28 115.96
CA PHE A 412 -3.38 -67.57 114.71
C PHE A 412 -2.85 -68.86 114.11
N CYS A 413 -3.60 -69.39 113.14
CA CYS A 413 -3.57 -70.83 112.88
C CYS A 413 -4.09 -71.08 111.48
N SER A 414 -3.21 -71.52 110.59
CA SER A 414 -3.64 -71.84 109.24
C SER A 414 -4.58 -73.03 109.26
N ARG A 415 -5.38 -73.14 108.21
CA ARG A 415 -6.33 -74.25 108.12
C ARG A 415 -5.57 -75.53 107.79
N GLU A 416 -6.31 -76.62 107.69
CA GLU A 416 -5.68 -77.94 107.53
C GLU A 416 -4.71 -77.96 106.35
N LYS A 417 -5.16 -77.54 105.17
CA LYS A 417 -4.30 -77.57 104.00
C LYS A 417 -4.51 -76.37 103.07
N MET A 418 -5.39 -75.45 103.41
CA MET A 418 -5.93 -74.50 102.45
C MET A 418 -5.20 -73.17 102.53
N SER A 419 -3.87 -73.21 102.41
CA SER A 419 -3.11 -71.97 102.53
C SER A 419 -2.28 -71.61 101.30
N TYR A 420 -1.22 -72.39 101.05
CA TYR A 420 -0.36 -72.25 99.88
C TYR A 420 -0.30 -70.81 99.37
N LEU A 421 0.13 -69.86 100.19
CA LEU A 421 0.16 -68.48 99.74
C LEU A 421 0.97 -68.36 98.46
N GLN A 422 0.41 -67.64 97.48
CA GLN A 422 1.04 -67.49 96.18
C GLN A 422 0.87 -66.06 95.69
N LYS A 423 1.81 -65.61 94.86
CA LYS A 423 1.72 -64.28 94.28
C LYS A 423 0.50 -64.17 93.40
N GLY A 424 -0.11 -62.98 93.39
CA GLY A 424 -1.26 -62.75 92.54
C GLY A 424 -2.38 -63.74 92.79
N LYS A 425 -2.66 -64.01 94.05
CA LYS A 425 -3.65 -65.00 94.42
C LYS A 425 -4.51 -64.48 95.56
N SER A 426 -5.64 -65.14 95.77
CA SER A 426 -6.51 -64.76 96.88
C SER A 426 -5.76 -64.91 98.20
N PRO A 427 -6.06 -64.09 99.18
CA PRO A 427 -5.39 -64.21 100.48
C PRO A 427 -5.65 -65.57 101.10
N VAL A 428 -5.01 -65.79 102.25
CA VAL A 428 -5.17 -67.02 103.02
C VAL A 428 -5.84 -66.66 104.34
N ILE A 429 -6.94 -67.36 104.63
CA ILE A 429 -7.69 -67.08 105.84
C ILE A 429 -6.99 -67.71 107.04
N PHE A 430 -7.23 -67.11 108.21
CA PHE A 430 -6.74 -67.66 109.47
C PHE A 430 -7.78 -67.39 110.55
N VAL A 431 -7.67 -68.11 111.65
CA VAL A 431 -8.66 -68.07 112.72
C VAL A 431 -7.96 -68.23 114.07
N LYS A 432 -8.71 -67.98 115.13
CA LYS A 432 -8.22 -68.21 116.49
C LYS A 432 -8.17 -69.70 116.76
N CYS A 433 -7.19 -70.13 117.56
CA CYS A 433 -6.78 -71.53 117.56
C CYS A 433 -5.99 -71.82 118.82
N HIS A 434 -5.70 -73.10 119.02
CA HIS A 434 -4.83 -73.54 120.10
C HIS A 434 -5.45 -73.28 121.46
N ASP B 1 -3.64 -77.29 48.20
CA ASP B 1 -2.88 -77.10 49.43
C ASP B 1 -3.19 -75.74 50.05
N PHE B 2 -4.42 -75.29 49.88
CA PHE B 2 -4.87 -74.00 50.41
C PHE B 2 -6.25 -74.15 51.04
N ARG B 3 -6.45 -75.24 51.78
CA ARG B 3 -7.72 -75.51 52.44
C ARG B 3 -7.60 -75.53 53.96
N ASP B 4 -6.40 -75.37 54.51
CA ASP B 4 -6.18 -75.34 55.95
C ASP B 4 -5.80 -73.94 56.41
N ILE B 5 -6.38 -72.93 55.76
CA ILE B 5 -6.00 -71.55 56.03
C ILE B 5 -6.58 -71.10 57.37
N GLU B 6 -7.90 -71.09 57.49
CA GLU B 6 -8.59 -70.78 58.73
C GLU B 6 -8.12 -69.46 59.33
N SER B 7 -7.64 -68.56 58.48
CA SER B 7 -7.21 -67.23 58.92
C SER B 7 -7.39 -66.29 57.72
N LYS B 8 -8.49 -65.54 57.73
CA LYS B 8 -8.83 -64.70 56.59
C LYS B 8 -7.98 -63.43 56.59
N PHE B 9 -7.45 -63.11 55.42
CA PHE B 9 -6.65 -61.90 55.20
C PHE B 9 -7.57 -60.81 54.66
N ALA B 10 -7.68 -59.71 55.39
CA ALA B 10 -8.52 -58.60 54.98
C ALA B 10 -7.69 -57.55 54.26
N LEU B 11 -8.38 -56.58 53.66
CA LEU B 11 -7.72 -55.51 52.92
C LEU B 11 -8.60 -54.26 53.03
N ARG B 12 -8.27 -53.41 53.99
CA ARG B 12 -9.02 -52.19 54.20
C ARG B 12 -8.55 -51.10 53.25
N THR B 13 -9.25 -49.97 53.27
CA THR B 13 -8.92 -48.82 52.46
C THR B 13 -9.11 -47.54 53.28
N PRO B 14 -8.52 -46.43 52.85
CA PRO B 14 -8.62 -45.19 53.65
C PRO B 14 -10.05 -44.80 53.97
N GLU B 15 -10.99 -45.06 53.06
CA GLU B 15 -12.38 -44.69 53.31
C GLU B 15 -13.03 -45.62 54.34
N ASP B 16 -12.45 -46.80 54.57
CA ASP B 16 -12.99 -47.76 55.53
C ASP B 16 -11.82 -48.36 56.32
N THR B 17 -11.57 -47.82 57.51
CA THR B 17 -10.49 -48.28 58.36
C THR B 17 -11.01 -49.02 59.60
N ALA B 18 -12.28 -49.42 59.56
CA ALA B 18 -12.91 -50.06 60.70
C ALA B 18 -13.35 -51.48 60.41
N GLU B 19 -14.10 -51.68 59.32
CA GLU B 19 -14.69 -52.97 59.01
C GLU B 19 -13.97 -53.61 57.84
N ASP B 20 -13.65 -54.89 57.99
CA ASP B 20 -13.04 -55.64 56.90
C ASP B 20 -14.06 -55.90 55.80
N THR B 21 -13.73 -55.45 54.59
CA THR B 21 -14.64 -55.55 53.45
C THR B 21 -14.26 -56.67 52.48
N CYS B 22 -12.97 -56.91 52.31
CA CYS B 22 -12.49 -57.88 51.33
C CYS B 22 -12.01 -59.14 52.03
N HIS B 23 -11.70 -60.15 51.23
CA HIS B 23 -11.17 -61.42 51.76
C HIS B 23 -10.25 -62.02 50.69
N LEU B 24 -8.96 -61.75 50.83
CA LEU B 24 -7.96 -62.24 49.88
C LEU B 24 -7.69 -63.72 50.14
N ILE B 25 -8.56 -64.56 49.64
CA ILE B 25 -8.43 -66.01 49.89
C ILE B 25 -7.19 -66.52 49.16
N PRO B 26 -6.27 -67.20 49.83
CA PRO B 26 -5.10 -67.73 49.12
C PRO B 26 -5.51 -68.73 48.06
N GLY B 27 -4.75 -68.76 46.98
CA GLY B 27 -5.00 -69.66 45.87
C GLY B 27 -6.08 -69.16 44.94
N VAL B 28 -7.18 -68.64 45.49
CA VAL B 28 -8.27 -68.11 44.69
C VAL B 28 -7.86 -66.71 44.25
N THR B 29 -7.36 -66.61 43.02
CA THR B 29 -6.86 -65.34 42.52
C THR B 29 -7.96 -64.31 42.34
N GLU B 30 -9.23 -64.73 42.38
CA GLU B 30 -10.32 -63.82 42.08
C GLU B 30 -10.34 -62.63 43.02
N SER B 31 -9.93 -62.84 44.27
CA SER B 31 -10.02 -61.77 45.27
C SER B 31 -9.11 -60.61 44.91
N VAL B 32 -7.94 -60.90 44.33
CA VAL B 32 -7.00 -59.85 43.99
C VAL B 32 -7.63 -58.89 42.99
N ALA B 33 -8.29 -59.43 41.97
CA ALA B 33 -8.97 -58.58 41.00
C ALA B 33 -10.21 -57.93 41.62
N ASN B 34 -10.88 -58.64 42.53
CA ASN B 34 -12.07 -58.08 43.14
C ASN B 34 -11.75 -56.82 43.92
N CYS B 35 -10.65 -56.82 44.66
CA CYS B 35 -10.26 -55.68 45.47
C CYS B 35 -8.93 -55.14 44.95
N HIS B 36 -8.90 -53.84 44.64
CA HIS B 36 -7.75 -53.25 44.00
C HIS B 36 -6.49 -53.46 44.84
N PHE B 37 -5.40 -53.82 44.15
CA PHE B 37 -4.13 -54.14 44.81
C PHE B 37 -3.01 -53.66 43.90
N ASN B 38 -2.47 -52.48 44.20
CA ASN B 38 -1.41 -51.90 43.39
C ASN B 38 -0.16 -52.74 43.56
N HIS B 39 0.13 -53.57 42.55
CA HIS B 39 1.26 -54.49 42.61
C HIS B 39 2.60 -53.78 42.54
N SER B 40 2.61 -52.48 42.23
CA SER B 40 3.86 -51.74 42.16
C SER B 40 4.25 -51.16 43.51
N SER B 41 3.27 -50.74 44.31
CA SER B 41 3.56 -50.02 45.53
C SER B 41 3.86 -50.98 46.68
N LYS B 42 4.26 -50.39 47.80
CA LYS B 42 4.57 -51.15 49.01
C LYS B 42 3.29 -51.60 49.68
N THR B 43 3.40 -52.69 50.44
CA THR B 43 2.22 -53.28 51.08
C THR B 43 2.57 -53.77 52.47
N PHE B 44 1.93 -53.20 53.48
CA PHE B 44 2.16 -53.59 54.86
C PHE B 44 1.29 -54.78 55.25
N VAL B 45 1.65 -55.40 56.37
CA VAL B 45 0.88 -56.51 56.91
C VAL B 45 0.82 -56.38 58.42
N VAL B 46 -0.35 -56.04 58.94
CA VAL B 46 -0.55 -55.85 60.36
C VAL B 46 -0.97 -57.18 60.98
N ILE B 47 -0.31 -57.56 62.06
CA ILE B 47 -0.60 -58.80 62.77
C ILE B 47 -0.87 -58.42 64.21
N HIS B 48 -2.14 -58.32 64.59
CA HIS B 48 -2.48 -58.04 65.97
C HIS B 48 -2.24 -59.28 66.82
N GLY B 49 -2.61 -59.17 68.10
CA GLY B 49 -2.29 -60.20 69.05
C GLY B 49 -3.48 -60.65 69.88
N TRP B 50 -3.17 -61.27 71.03
CA TRP B 50 -4.21 -61.88 71.84
C TRP B 50 -5.21 -60.84 72.32
N THR B 51 -6.47 -61.24 72.33
CA THR B 51 -7.54 -60.35 72.79
C THR B 51 -8.56 -61.17 73.56
N VAL B 52 -8.85 -60.72 74.79
CA VAL B 52 -9.87 -61.39 75.60
C VAL B 52 -11.22 -61.31 74.91
N THR B 53 -11.50 -60.19 74.25
CA THR B 53 -12.76 -60.03 73.54
C THR B 53 -12.70 -60.77 72.21
N GLY B 54 -13.77 -60.66 71.45
CA GLY B 54 -13.85 -61.32 70.15
C GLY B 54 -13.82 -60.33 69.01
N MET B 55 -12.98 -59.30 69.13
CA MET B 55 -12.89 -58.28 68.10
C MET B 55 -11.51 -57.62 68.17
N TYR B 56 -11.19 -56.89 67.12
CA TYR B 56 -9.92 -56.21 67.03
C TYR B 56 -9.79 -55.18 68.15
N GLU B 57 -8.56 -55.01 68.65
CA GLU B 57 -8.31 -53.99 69.65
C GLU B 57 -8.60 -52.60 69.08
N SER B 58 -8.57 -51.61 69.96
CA SER B 58 -8.99 -50.26 69.60
C SER B 58 -7.92 -49.49 68.84
N TRP B 59 -6.72 -50.03 68.68
CA TRP B 59 -5.63 -49.30 68.07
C TRP B 59 -5.47 -49.55 66.58
N VAL B 60 -6.00 -50.67 66.09
CA VAL B 60 -5.84 -51.01 64.67
C VAL B 60 -6.38 -49.91 63.76
N PRO B 61 -7.58 -49.37 63.99
CA PRO B 61 -8.07 -48.34 63.06
C PRO B 61 -7.16 -47.13 62.97
N LYS B 62 -6.70 -46.63 64.13
CA LYS B 62 -5.80 -45.49 64.11
C LYS B 62 -4.50 -45.84 63.41
N LEU B 63 -3.95 -47.02 63.68
CA LEU B 63 -2.70 -47.41 63.03
C LEU B 63 -2.85 -47.42 61.52
N VAL B 64 -3.92 -48.04 61.01
CA VAL B 64 -4.08 -48.18 59.58
C VAL B 64 -4.34 -46.82 58.94
N ALA B 65 -5.13 -45.98 59.63
CA ALA B 65 -5.40 -44.65 59.09
C ALA B 65 -4.10 -43.86 58.97
N ALA B 66 -3.26 -43.92 59.99
CA ALA B 66 -1.99 -43.20 59.93
C ALA B 66 -1.08 -43.80 58.86
N LEU B 67 -1.14 -45.12 58.68
CA LEU B 67 -0.32 -45.75 57.66
C LEU B 67 -0.69 -45.23 56.28
N TYR B 68 -2.00 -45.15 56.00
CA TYR B 68 -2.43 -44.57 54.73
C TYR B 68 -2.03 -43.10 54.63
N LYS B 69 -2.17 -42.35 55.72
CA LYS B 69 -1.76 -40.96 55.71
C LYS B 69 -0.30 -40.82 55.30
N ARG B 70 0.55 -41.68 55.85
CA ARG B 70 1.98 -41.59 55.57
C ARG B 70 2.31 -42.05 54.16
N GLU B 71 1.75 -43.18 53.73
CA GLU B 71 2.08 -43.78 52.44
C GLU B 71 0.81 -44.10 51.68
N PRO B 72 0.21 -43.12 51.01
CA PRO B 72 -0.99 -43.38 50.22
C PRO B 72 -0.68 -44.29 49.03
N ASP B 73 -1.74 -44.78 48.41
CA ASP B 73 -1.64 -45.67 47.27
C ASP B 73 -0.77 -46.88 47.60
N SER B 74 -0.93 -47.39 48.81
CA SER B 74 -0.20 -48.56 49.27
C SER B 74 -1.17 -49.50 49.98
N ASN B 75 -1.09 -50.78 49.63
CA ASN B 75 -2.06 -51.73 50.15
C ASN B 75 -1.78 -52.06 51.60
N VAL B 76 -2.83 -52.47 52.30
CA VAL B 76 -2.75 -52.87 53.70
C VAL B 76 -3.49 -54.18 53.86
N ILE B 77 -2.89 -55.11 54.60
CA ILE B 77 -3.48 -56.42 54.84
C ILE B 77 -3.62 -56.61 56.35
N VAL B 78 -4.77 -57.14 56.75
CA VAL B 78 -5.04 -57.47 58.15
C VAL B 78 -5.38 -58.94 58.25
N VAL B 79 -5.06 -59.52 59.39
CA VAL B 79 -5.28 -60.94 59.64
C VAL B 79 -6.44 -61.10 60.61
N ASP B 80 -6.86 -62.35 60.79
CA ASP B 80 -8.06 -62.67 61.55
C ASP B 80 -7.77 -63.65 62.67
N TRP B 81 -6.79 -63.31 63.51
CA TRP B 81 -6.46 -64.09 64.70
C TRP B 81 -7.70 -64.63 65.39
N LEU B 82 -8.79 -63.86 65.34
CA LEU B 82 -10.03 -64.27 65.99
C LEU B 82 -10.40 -65.69 65.60
N SER B 83 -11.12 -66.37 66.49
CA SER B 83 -11.51 -67.77 66.40
C SER B 83 -10.39 -68.70 66.85
N ARG B 84 -9.17 -68.21 66.98
CA ARG B 84 -8.04 -68.99 67.46
C ARG B 84 -7.36 -68.33 68.65
N ALA B 85 -7.30 -67.00 68.67
CA ALA B 85 -6.65 -66.31 69.78
C ALA B 85 -7.53 -66.28 71.02
N GLN B 86 -8.86 -66.32 70.86
CA GLN B 86 -9.73 -66.28 72.01
C GLN B 86 -9.47 -67.44 72.96
N GLN B 87 -8.85 -68.50 72.45
CA GLN B 87 -8.59 -69.67 73.27
C GLN B 87 -7.57 -69.32 74.37
N HIS B 88 -7.30 -70.30 75.22
CA HIS B 88 -6.34 -70.11 76.29
C HIS B 88 -5.03 -69.55 75.74
N TYR B 89 -4.40 -68.69 76.53
CA TYR B 89 -3.21 -67.98 76.05
C TYR B 89 -2.12 -68.93 75.59
N PRO B 90 -1.75 -69.96 76.35
CA PRO B 90 -0.78 -70.94 75.82
C PRO B 90 -1.22 -71.55 74.51
N VAL B 91 -2.52 -71.76 74.31
CA VAL B 91 -3.00 -72.30 73.03
C VAL B 91 -2.63 -71.35 71.91
N SER B 92 -2.72 -70.04 72.16
CA SER B 92 -2.29 -69.07 71.16
C SER B 92 -0.79 -69.16 70.93
N ALA B 93 -0.03 -69.39 72.00
CA ALA B 93 1.41 -69.56 71.85
C ALA B 93 1.71 -70.74 70.94
N GLY B 94 0.96 -71.82 71.07
CA GLY B 94 1.13 -72.94 70.15
C GLY B 94 0.68 -72.61 68.74
N TYR B 95 -0.45 -71.92 68.61
CA TYR B 95 -1.02 -71.61 67.31
C TYR B 95 -0.22 -70.56 66.56
N THR B 96 0.73 -69.90 67.23
CA THR B 96 1.62 -69.00 66.51
C THR B 96 2.28 -69.71 65.34
N LYS B 97 2.66 -70.98 65.54
CA LYS B 97 3.30 -71.72 64.47
C LYS B 97 2.36 -71.91 63.28
N LEU B 98 1.10 -72.24 63.57
CA LEU B 98 0.13 -72.43 62.49
C LEU B 98 -0.08 -71.13 61.72
N VAL B 99 -0.22 -70.02 62.44
CA VAL B 99 -0.46 -68.74 61.76
C VAL B 99 0.77 -68.34 60.96
N GLY B 100 1.97 -68.63 61.48
CA GLY B 100 3.17 -68.33 60.73
C GLY B 100 3.27 -69.15 59.46
N GLN B 101 2.96 -70.44 59.55
CA GLN B 101 2.93 -71.26 58.35
C GLN B 101 1.90 -70.73 57.36
N ASP B 102 0.75 -70.29 57.86
CA ASP B 102 -0.30 -69.77 56.99
C ASP B 102 0.18 -68.52 56.27
N VAL B 103 0.82 -67.61 56.99
CA VAL B 103 1.29 -66.37 56.38
C VAL B 103 2.39 -66.67 55.37
N ALA B 104 3.27 -67.61 55.70
CA ALA B 104 4.32 -67.99 54.76
C ALA B 104 3.72 -68.54 53.48
N LYS B 105 2.69 -69.39 53.62
CA LYS B 105 2.02 -69.92 52.44
C LYS B 105 1.38 -68.80 51.64
N PHE B 106 0.75 -67.84 52.32
CA PHE B 106 0.15 -66.71 51.64
C PHE B 106 1.18 -65.97 50.81
N MET B 107 2.31 -65.62 51.43
CA MET B 107 3.33 -64.84 50.75
C MET B 107 3.96 -65.63 49.61
N ASN B 108 4.17 -66.93 49.81
CA ASN B 108 4.73 -67.76 48.75
C ASN B 108 3.78 -67.84 47.56
N TRP B 109 2.48 -67.99 47.84
CA TRP B 109 1.50 -68.01 46.78
C TRP B 109 1.50 -66.69 46.02
N MET B 110 1.63 -65.57 46.74
CA MET B 110 1.69 -64.28 46.07
C MET B 110 2.94 -64.19 45.19
N ALA B 111 4.08 -64.61 45.72
CA ALA B 111 5.33 -64.55 44.96
C ALA B 111 5.37 -65.55 43.81
N ASP B 112 4.49 -66.55 43.81
CA ASP B 112 4.39 -67.48 42.70
C ASP B 112 3.44 -66.98 41.63
N GLU B 113 2.21 -66.62 42.00
CA GLU B 113 1.23 -66.19 41.02
C GLU B 113 1.56 -64.81 40.46
N PHE B 114 1.87 -63.86 41.33
CA PHE B 114 2.11 -62.48 40.93
C PHE B 114 3.55 -62.05 41.08
N ASN B 115 4.43 -62.93 41.57
CA ASN B 115 5.84 -62.62 41.77
C ASN B 115 6.03 -61.21 42.35
N TYR B 116 5.19 -60.84 43.30
CA TYR B 116 5.32 -59.53 43.93
C TYR B 116 6.67 -59.45 44.65
N PRO B 117 7.43 -58.38 44.46
CA PRO B 117 8.74 -58.29 45.13
C PRO B 117 8.60 -58.34 46.64
N LEU B 118 9.34 -59.26 47.26
CA LEU B 118 9.27 -59.42 48.71
C LEU B 118 9.94 -58.27 49.44
N GLY B 119 10.65 -57.40 48.72
CA GLY B 119 11.38 -56.32 49.35
C GLY B 119 10.55 -55.09 49.60
N ASN B 120 9.22 -55.26 49.55
CA ASN B 120 8.31 -54.13 49.69
C ASN B 120 7.15 -54.46 50.62
N VAL B 121 7.43 -55.24 51.67
CA VAL B 121 6.40 -55.67 52.61
C VAL B 121 6.92 -55.59 54.03
N HIS B 122 6.09 -55.08 54.93
CA HIS B 122 6.39 -55.03 56.36
C HIS B 122 5.44 -55.99 57.09
N LEU B 123 6.01 -56.78 58.00
CA LEU B 123 5.21 -57.64 58.87
C LEU B 123 5.08 -56.97 60.23
N LEU B 124 4.26 -55.93 60.29
CA LEU B 124 4.04 -55.23 61.55
C LEU B 124 3.46 -56.17 62.58
N GLY B 125 4.25 -56.46 63.60
CA GLY B 125 3.87 -57.42 64.62
C GLY B 125 3.75 -56.78 65.98
N TYR B 126 2.66 -57.12 66.66
CA TYR B 126 2.39 -56.66 68.01
C TYR B 126 2.18 -57.90 68.87
N SER B 127 2.34 -57.71 70.18
CA SER B 127 2.07 -58.76 71.16
C SER B 127 2.56 -60.10 70.63
N LEU B 128 1.70 -61.12 70.56
CA LEU B 128 2.09 -62.39 69.96
C LEU B 128 2.34 -62.26 68.47
N GLY B 129 1.81 -61.20 67.86
CA GLY B 129 1.92 -61.06 66.41
C GLY B 129 3.36 -60.90 65.96
N ALA B 130 4.17 -60.25 66.79
CA ALA B 130 5.57 -60.10 66.42
C ALA B 130 6.26 -61.46 66.33
N HIS B 131 6.05 -62.32 67.31
CA HIS B 131 6.63 -63.65 67.25
C HIS B 131 6.04 -64.45 66.10
N ALA B 132 4.76 -64.22 65.81
CA ALA B 132 4.13 -64.91 64.68
C ALA B 132 4.82 -64.55 63.38
N ALA B 133 5.05 -63.26 63.16
CA ALA B 133 5.75 -62.84 61.96
C ALA B 133 7.17 -63.39 61.94
N GLY B 134 7.84 -63.36 63.09
CA GLY B 134 9.21 -63.83 63.14
C GLY B 134 9.33 -65.28 62.72
N ILE B 135 8.46 -66.13 63.28
CA ILE B 135 8.41 -67.51 62.83
C ILE B 135 8.00 -67.56 61.37
N ALA B 136 7.25 -66.56 60.92
CA ALA B 136 6.95 -66.42 59.51
C ALA B 136 8.12 -65.78 58.79
N GLY B 137 8.03 -65.71 57.47
CA GLY B 137 9.12 -65.16 56.67
C GLY B 137 10.28 -66.12 56.56
N SER B 138 10.72 -66.65 57.71
CA SER B 138 11.80 -67.64 57.71
C SER B 138 11.48 -68.80 56.77
N LEU B 139 10.20 -69.18 56.69
CA LEU B 139 9.81 -70.21 55.74
C LEU B 139 9.75 -69.67 54.32
N THR B 140 9.61 -68.36 54.17
CA THR B 140 9.59 -67.77 52.83
C THR B 140 10.94 -67.95 52.15
N ASN B 141 10.89 -68.17 50.84
CA ASN B 141 12.11 -68.41 50.08
C ASN B 141 12.90 -67.14 49.82
N LYS B 142 12.23 -66.01 49.64
CA LYS B 142 12.88 -64.77 49.23
C LYS B 142 13.03 -63.77 50.38
N LYS B 143 12.89 -64.22 51.62
CA LYS B 143 13.10 -63.34 52.77
C LYS B 143 12.15 -62.14 52.74
N VAL B 144 12.28 -61.27 53.74
CA VAL B 144 11.41 -60.11 53.88
C VAL B 144 12.25 -58.90 54.26
N ASN B 145 11.88 -57.74 53.71
CA ASN B 145 12.62 -56.51 53.96
C ASN B 145 12.58 -56.12 55.44
N ARG B 146 11.39 -55.79 55.93
CA ARG B 146 11.21 -55.29 57.29
C ARG B 146 10.20 -56.14 58.04
N ILE B 147 10.50 -56.42 59.30
CA ILE B 147 9.65 -57.23 60.15
C ILE B 147 9.38 -56.50 61.45
N THR B 148 9.42 -55.16 61.40
CA THR B 148 9.29 -54.34 62.59
C THR B 148 8.12 -54.79 63.46
N GLY B 149 8.43 -55.20 64.68
CA GLY B 149 7.42 -55.64 65.63
C GLY B 149 7.19 -54.61 66.72
N LEU B 150 6.28 -54.96 67.62
CA LEU B 150 5.90 -54.06 68.72
C LEU B 150 5.68 -54.88 69.98
N ASP B 151 6.51 -54.64 70.99
CA ASP B 151 6.34 -55.28 72.28
C ASP B 151 6.25 -56.79 72.14
N PRO B 152 7.32 -57.44 71.69
CA PRO B 152 7.28 -58.89 71.55
C PRO B 152 6.96 -59.57 72.86
N ALA B 153 6.17 -60.63 72.79
CA ALA B 153 5.78 -61.36 73.97
C ALA B 153 6.97 -62.08 74.58
N GLY B 154 6.99 -62.12 75.91
CA GLY B 154 8.07 -62.74 76.64
C GLY B 154 7.82 -64.20 77.00
N PRO B 155 6.65 -64.49 77.57
CA PRO B 155 6.40 -65.86 78.05
C PRO B 155 6.51 -66.88 76.94
N ASN B 156 7.05 -68.05 77.29
CA ASN B 156 7.17 -69.18 76.37
C ASN B 156 7.99 -68.83 75.14
N PHE B 157 8.76 -67.75 75.20
CA PHE B 157 9.67 -67.38 74.12
C PHE B 157 11.08 -67.11 74.61
N GLU B 158 11.25 -66.70 75.86
CA GLU B 158 12.58 -66.68 76.44
C GLU B 158 13.09 -68.11 76.58
N TYR B 159 14.41 -68.24 76.58
CA TYR B 159 15.05 -69.55 76.60
C TYR B 159 14.60 -70.38 75.40
N ALA B 160 14.54 -69.74 74.23
CA ALA B 160 14.10 -70.37 72.99
C ALA B 160 15.14 -70.13 71.91
N GLU B 161 14.78 -70.47 70.67
CA GLU B 161 15.66 -70.34 69.52
C GLU B 161 14.93 -69.64 68.39
N ALA B 162 15.66 -69.35 67.33
CA ALA B 162 15.11 -68.65 66.18
C ALA B 162 13.87 -69.32 65.60
N PRO B 163 13.84 -70.63 65.37
CA PRO B 163 12.63 -71.23 64.77
C PRO B 163 11.39 -70.99 65.61
N SER B 164 11.51 -70.93 66.93
CA SER B 164 10.36 -70.80 67.81
C SER B 164 10.11 -69.37 68.27
N ARG B 165 10.93 -68.42 67.84
CA ARG B 165 10.74 -67.03 68.25
C ARG B 165 11.37 -66.10 67.23
N LEU B 166 11.00 -64.83 67.31
CA LEU B 166 11.56 -63.84 66.40
C LEU B 166 13.08 -63.83 66.49
N SER B 167 13.73 -63.78 65.34
CA SER B 167 15.18 -63.81 65.25
C SER B 167 15.64 -62.77 64.25
N PRO B 168 16.88 -62.28 64.39
CA PRO B 168 17.38 -61.30 63.41
C PRO B 168 17.45 -61.85 62.01
N ASP B 169 17.68 -63.14 61.85
CA ASP B 169 17.77 -63.75 60.52
C ASP B 169 16.41 -63.99 59.89
N ASP B 170 15.32 -63.78 60.63
CA ASP B 170 13.99 -63.99 60.08
C ASP B 170 13.69 -63.03 58.94
N ALA B 171 14.44 -61.95 58.80
CA ALA B 171 14.18 -60.96 57.77
C ALA B 171 15.44 -60.15 57.53
N ASP B 172 15.42 -59.36 56.46
CA ASP B 172 16.58 -58.54 56.11
C ASP B 172 16.90 -57.54 57.22
N PHE B 173 15.87 -56.87 57.72
CA PHE B 173 16.03 -55.89 58.79
C PHE B 173 14.92 -56.09 59.80
N VAL B 174 15.19 -55.72 61.04
CA VAL B 174 14.24 -55.91 62.13
C VAL B 174 14.50 -54.87 63.20
N ASP B 175 13.43 -54.49 63.89
CA ASP B 175 13.53 -53.59 65.04
C ASP B 175 12.32 -53.81 65.93
N VAL B 176 12.54 -53.72 67.24
CA VAL B 176 11.51 -53.98 68.24
C VAL B 176 11.46 -52.81 69.21
N LEU B 177 10.31 -52.65 69.85
CA LEU B 177 10.05 -51.58 70.80
C LEU B 177 9.80 -52.21 72.16
N HIS B 178 10.88 -52.42 72.92
CA HIS B 178 10.76 -53.00 74.26
C HIS B 178 10.16 -51.98 75.22
N THR B 179 8.84 -51.89 75.25
CA THR B 179 8.14 -50.87 76.01
C THR B 179 7.77 -51.32 77.42
N PHE B 180 8.11 -52.55 77.80
CA PHE B 180 7.75 -53.04 79.13
C PHE B 180 8.60 -54.26 79.44
N THR B 181 9.35 -54.19 80.54
CA THR B 181 10.20 -55.31 80.94
C THR B 181 10.23 -55.53 82.45
N ARG B 182 9.45 -54.79 83.22
CA ARG B 182 9.52 -54.91 84.66
C ARG B 182 9.12 -56.31 85.10
N GLY B 183 9.90 -56.87 86.03
CA GLY B 183 9.66 -58.18 86.57
C GLY B 183 10.89 -59.06 86.46
N SER B 184 10.76 -60.27 87.01
CA SER B 184 11.86 -61.20 86.99
C SER B 184 12.15 -61.67 85.57
N PRO B 185 13.38 -62.07 85.27
CA PRO B 185 13.67 -62.61 83.94
C PRO B 185 12.83 -63.84 83.65
N GLY B 186 12.37 -63.93 82.40
CA GLY B 186 11.60 -65.07 81.96
C GLY B 186 10.15 -65.06 82.39
N ARG B 187 9.72 -64.08 83.18
CA ARG B 187 8.34 -63.98 83.61
C ARG B 187 7.69 -62.65 83.27
N SER B 188 8.45 -61.60 82.99
CA SER B 188 7.87 -60.36 82.52
C SER B 188 7.23 -60.59 81.15
N ILE B 189 6.09 -59.94 80.93
CA ILE B 189 5.37 -60.11 79.68
C ILE B 189 6.27 -59.75 78.50
N GLY B 190 7.01 -58.65 78.63
CA GLY B 190 7.83 -58.17 77.54
C GLY B 190 9.22 -58.78 77.58
N ILE B 191 9.59 -59.48 76.52
CA ILE B 191 10.93 -60.06 76.44
C ILE B 191 11.96 -58.98 76.59
N GLN B 192 12.99 -59.26 77.38
CA GLN B 192 14.08 -58.32 77.62
C GLN B 192 15.33 -58.65 76.83
N LYS B 193 15.51 -59.90 76.43
CA LYS B 193 16.67 -60.27 75.63
C LYS B 193 16.59 -59.59 74.27
N PRO B 194 17.63 -58.88 73.84
CA PRO B 194 17.57 -58.24 72.53
C PRO B 194 17.43 -59.27 71.42
N VAL B 195 16.67 -58.91 70.39
CA VAL B 195 16.31 -59.85 69.33
C VAL B 195 16.78 -59.36 67.98
N GLY B 196 16.42 -58.13 67.62
CA GLY B 196 16.71 -57.62 66.30
C GLY B 196 18.10 -57.02 66.20
N HIS B 197 18.41 -56.56 64.98
CA HIS B 197 19.66 -55.88 64.75
C HIS B 197 19.78 -54.63 65.61
N VAL B 198 18.68 -53.89 65.75
CA VAL B 198 18.60 -52.73 66.62
C VAL B 198 17.34 -52.85 67.45
N ASP B 199 17.45 -52.58 68.75
CA ASP B 199 16.32 -52.64 69.67
C ASP B 199 16.21 -51.33 70.42
N ILE B 200 14.98 -51.00 70.81
CA ILE B 200 14.68 -49.72 71.43
C ILE B 200 14.04 -50.00 72.79
N TYR B 201 14.52 -49.31 73.82
CA TYR B 201 14.08 -49.53 75.20
C TYR B 201 13.68 -48.18 75.78
N PRO B 202 12.55 -47.63 75.36
CA PRO B 202 12.13 -46.31 75.86
C PRO B 202 11.93 -46.34 77.37
N ASN B 203 12.40 -45.28 78.02
CA ASN B 203 12.27 -45.11 79.47
C ASN B 203 12.97 -46.23 80.24
N GLY B 204 13.72 -47.08 79.56
CA GLY B 204 14.34 -48.24 80.18
C GLY B 204 13.44 -49.46 80.24
N GLY B 205 12.18 -49.34 79.84
CA GLY B 205 11.26 -50.44 79.84
C GLY B 205 10.62 -50.74 81.17
N THR B 206 10.99 -50.01 82.23
CA THR B 206 10.41 -50.28 83.54
C THR B 206 8.91 -50.01 83.55
N PHE B 207 8.48 -48.91 82.93
CA PHE B 207 7.08 -48.52 82.89
C PHE B 207 6.98 -47.30 81.97
N GLN B 208 5.78 -46.73 81.91
CA GLN B 208 5.55 -45.52 81.14
C GLN B 208 4.79 -44.49 81.97
N PRO B 209 4.95 -43.21 81.66
CA PRO B 209 4.39 -42.17 82.53
C PRO B 209 2.90 -41.94 82.31
N GLY B 210 2.42 -42.14 81.09
CA GLY B 210 1.05 -41.79 80.77
C GLY B 210 0.04 -42.74 81.38
N CYS B 211 0.09 -42.90 82.68
CA CYS B 211 -0.82 -43.78 83.40
C CYS B 211 -0.62 -43.56 84.90
N ASN B 212 -1.32 -44.35 85.70
CA ASN B 212 -1.33 -44.19 87.15
C ASN B 212 -1.34 -45.58 87.77
N ILE B 213 -1.65 -45.64 89.07
CA ILE B 213 -1.73 -46.94 89.74
C ILE B 213 -2.71 -47.86 89.03
N GLY B 214 -3.87 -47.34 88.66
CA GLY B 214 -4.83 -48.11 87.90
C GLY B 214 -5.84 -48.84 88.75
N GLU B 215 -5.66 -50.15 88.91
CA GLU B 215 -6.62 -50.98 89.61
C GLU B 215 -6.68 -50.60 91.09
N ALA B 216 -7.78 -49.97 91.50
CA ALA B 216 -7.94 -49.62 92.91
C ALA B 216 -8.22 -50.86 93.75
N LEU B 217 -9.12 -51.72 93.27
CA LEU B 217 -9.47 -52.94 93.98
C LEU B 217 -9.93 -53.99 92.98
N ARG B 218 -9.90 -55.26 93.41
CA ARG B 218 -10.24 -56.35 92.51
C ARG B 218 -11.68 -56.23 92.01
N VAL B 219 -12.61 -55.91 92.91
CA VAL B 219 -14.03 -55.87 92.57
C VAL B 219 -14.50 -54.46 92.27
N ILE B 220 -14.08 -53.48 93.07
CA ILE B 220 -14.55 -52.11 92.88
C ILE B 220 -14.07 -51.56 91.54
N ALA B 221 -12.80 -51.77 91.22
CA ALA B 221 -12.24 -51.31 89.96
C ALA B 221 -12.56 -52.32 88.86
N GLU B 222 -11.93 -52.16 87.70
CA GLU B 222 -12.18 -53.00 86.52
C GLU B 222 -10.86 -53.57 86.04
N ARG B 223 -10.46 -54.73 86.58
CA ARG B 223 -9.21 -55.35 86.20
C ARG B 223 -9.14 -55.53 84.70
N GLY B 224 -10.03 -56.36 84.16
CA GLY B 224 -10.19 -56.48 82.72
C GLY B 224 -11.61 -56.11 82.32
N LEU B 225 -12.31 -55.44 83.22
CA LEU B 225 -13.71 -55.06 83.00
C LEU B 225 -13.80 -53.73 82.26
N GLY B 226 -13.07 -53.62 81.15
CA GLY B 226 -12.98 -52.35 80.47
C GLY B 226 -12.52 -51.27 81.42
N ASP B 227 -13.06 -50.06 81.22
CA ASP B 227 -12.80 -48.95 82.12
C ASP B 227 -11.31 -48.78 82.41
N VAL B 228 -10.84 -49.28 83.55
CA VAL B 228 -9.45 -49.11 83.94
C VAL B 228 -8.56 -50.22 83.43
N ASP B 229 -9.10 -51.16 82.64
CA ASP B 229 -8.26 -52.17 82.02
C ASP B 229 -7.24 -51.53 81.08
N GLN B 230 -7.66 -50.54 80.30
CA GLN B 230 -6.74 -49.82 79.45
C GLN B 230 -5.64 -49.14 80.26
N LEU B 231 -6.01 -48.52 81.38
CA LEU B 231 -5.03 -47.92 82.26
C LEU B 231 -4.05 -48.96 82.78
N VAL B 232 -4.54 -50.15 83.12
CA VAL B 232 -3.64 -51.24 83.52
C VAL B 232 -2.69 -51.56 82.39
N LYS B 233 -3.17 -51.54 81.15
CA LYS B 233 -2.31 -51.70 79.97
C LYS B 233 -1.67 -50.35 79.64
N CYS B 234 -0.79 -49.95 80.56
CA CYS B 234 -0.17 -48.63 80.48
C CYS B 234 0.82 -48.55 79.33
N SER B 235 1.65 -49.59 79.16
CA SER B 235 2.78 -49.54 78.26
C SER B 235 2.62 -50.44 77.05
N HIS B 236 1.86 -51.53 77.20
CA HIS B 236 1.75 -52.51 76.13
C HIS B 236 1.23 -51.90 74.84
N GLU B 237 0.40 -50.86 74.96
CA GLU B 237 -0.08 -50.11 73.80
C GLU B 237 0.76 -48.86 73.53
N ARG B 238 1.62 -48.48 74.46
CA ARG B 238 2.49 -47.33 74.24
C ARG B 238 3.42 -47.58 73.07
N SER B 239 3.77 -48.83 72.80
CA SER B 239 4.58 -49.14 71.63
C SER B 239 3.89 -48.69 70.36
N VAL B 240 2.64 -49.11 70.19
CA VAL B 240 1.91 -48.79 68.96
C VAL B 240 1.61 -47.31 68.90
N HIS B 241 1.31 -46.69 70.05
CA HIS B 241 1.07 -45.25 70.04
C HIS B 241 2.32 -44.49 69.64
N LEU B 242 3.49 -44.92 70.13
CA LEU B 242 4.74 -44.31 69.72
C LEU B 242 4.97 -44.48 68.23
N PHE B 243 4.72 -45.68 67.72
CA PHE B 243 4.94 -45.93 66.29
C PHE B 243 4.04 -45.05 65.44
N ILE B 244 2.78 -44.93 65.83
CA ILE B 244 1.83 -44.14 65.03
C ILE B 244 2.20 -42.66 65.12
N ASP B 245 2.64 -42.20 66.30
CA ASP B 245 3.05 -40.82 66.43
C ASP B 245 4.25 -40.51 65.55
N SER B 246 5.24 -41.42 65.54
CA SER B 246 6.39 -41.24 64.67
C SER B 246 5.97 -41.24 63.21
N LEU B 247 5.07 -42.14 62.84
CA LEU B 247 4.61 -42.21 61.46
C LEU B 247 3.93 -40.91 61.05
N LEU B 248 3.11 -40.35 61.93
CA LEU B 248 2.39 -39.12 61.61
C LEU B 248 3.35 -37.94 61.52
N ASN B 249 4.29 -37.84 62.47
CA ASN B 249 5.26 -36.74 62.49
C ASN B 249 6.56 -37.19 61.82
N GLU B 250 6.51 -37.25 60.49
CA GLU B 250 7.67 -37.66 59.72
C GLU B 250 8.75 -36.57 59.68
N GLU B 251 8.36 -35.30 59.83
CA GLU B 251 9.31 -34.21 59.65
C GLU B 251 10.38 -34.19 60.75
N ASN B 252 9.99 -34.47 61.99
CA ASN B 252 10.89 -34.35 63.14
C ASN B 252 10.86 -35.65 63.95
N PRO B 253 11.49 -36.70 63.44
CA PRO B 253 11.53 -37.96 64.18
C PRO B 253 12.32 -37.82 65.48
N SER B 254 11.90 -38.58 66.48
CA SER B 254 12.65 -38.66 67.73
C SER B 254 13.93 -39.46 67.51
N LYS B 255 15.02 -39.00 68.12
CA LYS B 255 16.33 -39.60 67.92
C LYS B 255 16.68 -40.41 69.16
N ALA B 256 16.37 -41.70 69.13
CA ALA B 256 16.80 -42.61 70.18
C ALA B 256 18.31 -42.81 70.11
N TYR B 257 18.91 -43.03 71.27
CA TYR B 257 20.36 -43.06 71.40
C TYR B 257 20.84 -44.47 71.71
N ARG B 258 22.08 -44.75 71.29
CA ARG B 258 22.70 -46.04 71.48
C ARG B 258 23.69 -45.96 72.64
N CYS B 259 23.69 -46.99 73.49
CA CYS B 259 24.47 -46.96 74.70
C CYS B 259 24.88 -48.38 75.07
N ASN B 260 25.34 -48.55 76.31
CA ASN B 260 25.76 -49.84 76.83
C ASN B 260 24.78 -50.42 77.85
N SER B 261 24.14 -49.57 78.66
CA SER B 261 23.23 -50.05 79.68
C SER B 261 22.31 -48.90 80.09
N LYS B 262 21.20 -49.27 80.72
CA LYS B 262 20.23 -48.26 81.13
C LYS B 262 20.83 -47.32 82.17
N GLU B 263 21.61 -47.86 83.10
CA GLU B 263 22.24 -47.01 84.10
C GLU B 263 23.24 -46.07 83.45
N ALA B 264 24.02 -46.58 82.49
CA ALA B 264 24.97 -45.73 81.79
C ALA B 264 24.26 -44.60 81.07
N PHE B 265 23.13 -44.91 80.42
CA PHE B 265 22.36 -43.86 79.75
C PHE B 265 21.82 -42.85 80.75
N GLU B 266 21.32 -43.32 81.89
CA GLU B 266 20.83 -42.40 82.91
C GLU B 266 21.93 -41.47 83.38
N LYS B 267 23.14 -42.00 83.55
CA LYS B 267 24.27 -41.15 83.92
C LYS B 267 24.55 -40.13 82.83
N GLY B 268 24.50 -40.55 81.58
CA GLY B 268 24.64 -39.65 80.46
C GLY B 268 26.03 -39.56 79.87
N LEU B 269 26.75 -40.67 79.81
CA LEU B 269 28.10 -40.70 79.25
C LEU B 269 28.13 -41.32 77.85
N CYS B 270 26.97 -41.68 77.31
CA CYS B 270 26.89 -42.50 76.10
C CYS B 270 25.86 -41.93 75.12
N LEU B 271 25.96 -40.63 74.85
CA LEU B 271 25.05 -39.96 73.93
C LEU B 271 25.70 -39.61 72.60
N SER B 272 26.95 -39.15 72.60
CA SER B 272 27.60 -38.77 71.36
C SER B 272 27.61 -39.94 70.40
N CYS B 273 27.21 -39.67 69.15
CA CYS B 273 27.16 -40.69 68.11
C CYS B 273 27.90 -40.15 66.89
N ARG B 274 29.22 -40.31 66.88
CA ARG B 274 30.02 -39.97 65.71
C ARG B 274 29.92 -41.06 64.66
N LYS B 275 29.89 -42.32 65.10
CA LYS B 275 29.78 -43.46 64.21
C LYS B 275 28.29 -43.72 63.94
N ASN B 276 27.98 -44.86 63.33
CA ASN B 276 26.61 -45.20 63.00
C ASN B 276 25.88 -45.62 64.28
N ARG B 277 25.55 -44.63 65.10
CA ARG B 277 24.81 -44.82 66.33
C ARG B 277 23.68 -43.80 66.38
N CYS B 278 22.88 -43.87 67.45
CA CYS B 278 21.82 -42.91 67.72
C CYS B 278 20.88 -42.77 66.51
N ASN B 279 20.58 -43.90 65.88
CA ASN B 279 19.72 -43.85 64.71
C ASN B 279 18.30 -43.48 65.10
N ASN B 280 17.52 -43.09 64.10
CA ASN B 280 16.14 -42.67 64.30
C ASN B 280 15.30 -43.85 64.79
N MET B 281 14.08 -43.56 65.23
CA MET B 281 13.14 -44.59 65.67
C MET B 281 11.83 -44.39 64.93
N GLY B 282 11.23 -45.50 64.50
CA GLY B 282 9.99 -45.45 63.75
C GLY B 282 10.17 -45.84 62.31
N TYR B 283 9.27 -45.31 61.46
CA TYR B 283 9.33 -45.64 60.04
C TYR B 283 10.60 -45.12 59.40
N GLU B 284 11.02 -43.92 59.76
CA GLU B 284 12.20 -43.31 59.18
C GLU B 284 13.50 -43.83 59.78
N ILE B 285 13.45 -44.96 60.48
CA ILE B 285 14.67 -45.57 60.99
C ILE B 285 15.64 -45.83 59.84
N ASN B 286 16.93 -45.67 60.13
CA ASN B 286 17.96 -45.93 59.13
C ASN B 286 18.33 -47.41 59.16
N LYS B 287 18.22 -48.06 58.00
CA LYS B 287 18.53 -49.47 57.90
C LYS B 287 20.03 -49.68 58.09
N VAL B 288 20.38 -50.48 59.09
CA VAL B 288 21.77 -50.70 59.45
C VAL B 288 21.92 -52.13 59.97
N ARG B 289 23.11 -52.68 59.79
CA ARG B 289 23.44 -54.00 60.30
C ARG B 289 24.52 -53.88 61.38
N ALA B 290 24.40 -54.69 62.41
CA ALA B 290 25.32 -54.68 63.53
C ALA B 290 25.91 -56.07 63.73
N LYS B 291 27.13 -56.12 64.27
CA LYS B 291 27.78 -57.39 64.52
C LYS B 291 27.17 -58.13 65.70
N ARG B 292 26.32 -57.47 66.48
CA ARG B 292 25.73 -58.09 67.65
C ARG B 292 24.52 -57.27 68.07
N SER B 293 23.88 -57.69 69.16
CA SER B 293 22.78 -56.95 69.73
C SER B 293 23.23 -55.55 70.10
N SER B 294 22.43 -54.55 69.71
CA SER B 294 22.74 -53.14 69.94
C SER B 294 21.57 -52.52 70.70
N LYS B 295 21.72 -52.40 72.02
CA LYS B 295 20.70 -51.77 72.84
C LYS B 295 20.68 -50.26 72.59
N MET B 296 19.57 -49.64 72.98
CA MET B 296 19.39 -48.20 72.82
C MET B 296 18.46 -47.71 73.92
N TYR B 297 18.41 -46.39 74.08
CA TYR B 297 17.59 -45.78 75.12
C TYR B 297 17.15 -44.39 74.67
N LEU B 298 16.13 -43.88 75.33
CA LEU B 298 15.64 -42.53 75.12
C LEU B 298 14.55 -42.26 76.15
N LYS B 299 13.98 -41.06 76.07
CA LYS B 299 12.86 -40.66 76.92
C LYS B 299 11.71 -40.18 76.03
N THR B 300 10.65 -39.70 76.67
CA THR B 300 9.45 -39.34 75.94
C THR B 300 8.57 -38.46 76.81
N ARG B 301 7.63 -37.78 76.16
CA ARG B 301 6.61 -37.01 76.85
C ARG B 301 5.51 -37.96 77.34
N SER B 302 4.38 -37.40 77.76
CA SER B 302 3.35 -38.24 78.35
C SER B 302 2.64 -39.11 77.33
N GLN B 303 1.85 -38.52 76.43
CA GLN B 303 1.17 -39.33 75.43
C GLN B 303 1.17 -38.76 74.01
N MET B 304 0.91 -37.46 73.86
CA MET B 304 0.49 -37.02 72.53
C MET B 304 1.67 -36.82 71.58
N PRO B 305 2.61 -35.88 71.83
CA PRO B 305 3.61 -35.60 70.80
C PRO B 305 4.84 -36.48 70.92
N TYR B 306 5.14 -36.90 72.15
CA TYR B 306 6.43 -37.52 72.45
C TYR B 306 7.54 -36.61 71.94
N LYS B 307 8.62 -37.18 71.41
CA LYS B 307 9.66 -36.39 70.74
C LYS B 307 10.25 -35.37 71.71
N VAL B 308 10.96 -35.89 72.69
CA VAL B 308 11.65 -35.07 73.67
C VAL B 308 13.11 -34.93 73.26
N PHE B 309 13.81 -34.00 73.90
CA PHE B 309 15.20 -33.72 73.62
C PHE B 309 16.10 -34.41 74.64
N HIS B 310 17.40 -34.14 74.56
CA HIS B 310 18.38 -34.68 75.49
C HIS B 310 19.55 -33.70 75.58
N TYR B 311 19.84 -33.23 76.80
CA TYR B 311 20.81 -32.16 77.02
C TYR B 311 21.71 -32.50 78.20
N GLN B 312 22.30 -33.70 78.20
CA GLN B 312 23.09 -34.14 79.34
C GLN B 312 24.13 -33.09 79.71
N VAL B 313 24.50 -33.07 80.99
CA VAL B 313 25.30 -32.00 81.56
C VAL B 313 26.47 -32.58 82.36
N LYS B 314 27.53 -31.78 82.47
CA LYS B 314 28.66 -32.07 83.33
C LYS B 314 28.92 -30.86 84.23
N ILE B 315 29.39 -31.13 85.45
CA ILE B 315 29.71 -30.09 86.42
C ILE B 315 31.13 -30.30 86.93
N HIS B 316 31.92 -29.23 86.93
CA HIS B 316 33.26 -29.25 87.50
C HIS B 316 33.23 -28.64 88.90
N PHE B 317 32.57 -29.36 89.81
CA PHE B 317 32.52 -28.92 91.19
C PHE B 317 33.93 -28.72 91.74
N SER B 318 34.15 -27.56 92.36
CA SER B 318 35.45 -27.26 92.94
C SER B 318 35.24 -26.20 94.03
N GLY B 319 35.25 -26.63 95.28
CA GLY B 319 35.03 -25.73 96.40
C GLY B 319 36.08 -25.86 97.47
N THR B 320 35.84 -25.22 98.62
CA THR B 320 36.79 -25.22 99.73
C THR B 320 36.43 -26.24 100.81
N GLU B 321 35.19 -26.21 101.28
CA GLU B 321 34.78 -27.12 102.35
C GLU B 321 34.66 -28.53 101.80
N SER B 322 35.28 -29.49 102.51
CA SER B 322 35.43 -30.85 102.00
C SER B 322 34.56 -31.86 102.75
N ASN B 323 33.39 -31.45 103.23
CA ASN B 323 32.47 -32.37 103.88
C ASN B 323 31.54 -32.94 102.81
N THR B 324 31.73 -34.21 102.49
CA THR B 324 30.95 -34.86 101.45
C THR B 324 29.50 -35.01 101.89
N TYR B 325 28.59 -34.85 100.92
CA TYR B 325 27.17 -35.04 101.13
C TYR B 325 26.63 -36.02 100.09
N THR B 326 25.48 -36.61 100.40
CA THR B 326 24.90 -37.64 99.57
C THR B 326 23.39 -37.46 99.48
N ASN B 327 22.81 -37.99 98.40
CA ASN B 327 21.36 -37.99 98.20
C ASN B 327 20.78 -36.59 98.35
N GLN B 328 21.22 -35.71 97.46
CA GLN B 328 20.76 -34.34 97.42
C GLN B 328 20.08 -34.06 96.08
N ALA B 329 19.11 -33.16 96.11
CA ALA B 329 18.30 -32.83 94.93
C ALA B 329 18.80 -31.54 94.33
N PHE B 330 19.12 -31.58 93.04
CA PHE B 330 19.54 -30.40 92.29
C PHE B 330 18.41 -29.99 91.35
N GLU B 331 18.08 -28.71 91.34
CA GLU B 331 17.09 -28.15 90.45
C GLU B 331 17.78 -27.16 89.53
N ILE B 332 17.51 -27.27 88.23
CA ILE B 332 18.07 -26.36 87.23
C ILE B 332 16.97 -25.97 86.26
N SER B 333 17.23 -24.88 85.54
CA SER B 333 16.33 -24.40 84.51
C SER B 333 17.16 -23.73 83.42
N LEU B 334 16.59 -23.66 82.23
CA LEU B 334 17.30 -23.16 81.06
C LEU B 334 16.38 -22.30 80.21
N TYR B 335 16.99 -21.33 79.54
CA TYR B 335 16.30 -20.42 78.63
C TYR B 335 17.05 -20.40 77.31
N GLY B 336 16.30 -20.35 76.20
CA GLY B 336 16.87 -20.45 74.88
C GLY B 336 16.46 -19.34 73.95
N THR B 337 16.17 -19.73 72.70
CA THR B 337 15.81 -18.79 71.65
C THR B 337 14.48 -19.12 71.00
N VAL B 338 13.78 -20.15 71.48
CA VAL B 338 12.45 -20.49 70.99
C VAL B 338 11.44 -20.57 72.13
N ALA B 339 11.77 -21.33 73.17
CA ALA B 339 10.97 -21.39 74.38
C ALA B 339 11.92 -21.64 75.55
N GLU B 340 11.36 -21.96 76.71
CA GLU B 340 12.18 -22.14 77.91
C GLU B 340 11.41 -22.98 78.93
N SER B 341 12.13 -23.89 79.58
CA SER B 341 11.62 -24.59 80.73
C SER B 341 11.90 -23.79 82.00
N GLU B 342 11.16 -24.08 83.07
CA GLU B 342 11.18 -23.26 84.25
C GLU B 342 11.69 -23.97 85.50
N ASN B 343 11.10 -25.11 85.85
CA ASN B 343 11.36 -25.73 87.15
C ASN B 343 11.59 -27.23 87.01
N ILE B 344 12.46 -27.62 86.09
CA ILE B 344 12.76 -29.03 85.89
C ILE B 344 13.76 -29.49 86.95
N PRO B 345 13.45 -30.52 87.74
CA PRO B 345 14.40 -31.01 88.74
C PRO B 345 15.23 -32.17 88.23
N PHE B 346 16.18 -32.58 89.07
CA PHE B 346 16.94 -33.80 88.84
C PHE B 346 17.69 -34.16 90.11
N THR B 347 18.29 -35.35 90.11
CA THR B 347 18.93 -35.89 91.30
C THR B 347 20.38 -36.24 91.00
N LEU B 348 21.23 -36.10 92.02
CA LEU B 348 22.64 -36.40 91.91
C LEU B 348 23.23 -36.67 93.29
N PRO B 349 23.32 -37.92 93.71
CA PRO B 349 23.90 -38.21 95.03
C PRO B 349 25.41 -38.13 95.03
N GLU B 350 26.02 -38.51 96.15
CA GLU B 350 27.47 -38.68 96.26
C GLU B 350 28.23 -37.44 95.80
N VAL B 351 27.71 -36.27 96.15
CA VAL B 351 28.36 -35.02 95.79
C VAL B 351 29.63 -34.86 96.60
N SER B 352 30.70 -34.42 95.94
CA SER B 352 31.99 -34.23 96.59
C SER B 352 32.63 -32.95 96.07
N THR B 353 33.92 -32.80 96.32
CA THR B 353 34.68 -31.62 95.92
C THR B 353 35.85 -32.03 95.03
N ASN B 354 36.38 -31.05 94.30
CA ASN B 354 37.50 -31.26 93.39
C ASN B 354 37.22 -32.39 92.41
N LYS B 355 35.95 -32.70 92.19
CA LYS B 355 35.53 -33.82 91.38
C LYS B 355 34.49 -33.35 90.37
N THR B 356 34.45 -34.04 89.24
CA THR B 356 33.51 -33.74 88.17
C THR B 356 32.40 -34.78 88.15
N TYR B 357 31.19 -34.31 87.90
CA TYR B 357 30.00 -35.14 87.87
C TYR B 357 29.27 -34.92 86.55
N SER B 358 28.25 -35.74 86.31
CA SER B 358 27.45 -35.63 85.11
C SER B 358 26.11 -36.29 85.37
N PHE B 359 25.13 -35.95 84.52
CA PHE B 359 23.80 -36.53 84.63
C PHE B 359 23.08 -36.30 83.32
N LEU B 360 21.90 -36.90 83.22
CA LEU B 360 21.05 -36.80 82.04
C LEU B 360 19.84 -35.95 82.37
N LEU B 361 19.54 -34.99 81.50
CA LEU B 361 18.34 -34.16 81.62
C LEU B 361 17.53 -34.26 80.34
N TYR B 362 16.22 -34.14 80.49
CA TYR B 362 15.30 -34.13 79.36
C TYR B 362 14.30 -33.00 79.51
N THR B 363 13.93 -32.42 78.37
CA THR B 363 12.88 -31.42 78.31
C THR B 363 11.91 -31.81 77.21
N GLU B 364 10.69 -31.29 77.31
CA GLU B 364 9.61 -31.66 76.42
C GLU B 364 9.15 -30.49 75.57
N VAL B 365 10.00 -29.48 75.38
CA VAL B 365 9.68 -28.32 74.56
C VAL B 365 10.90 -27.96 73.74
N ASP B 366 10.69 -27.58 72.48
CA ASP B 366 11.79 -27.15 71.64
C ASP B 366 12.37 -25.84 72.15
N ILE B 367 13.71 -25.77 72.15
CA ILE B 367 14.41 -24.63 72.71
C ILE B 367 15.39 -24.05 71.71
N GLY B 368 15.79 -24.85 70.73
CA GLY B 368 16.86 -24.42 69.84
C GLY B 368 18.13 -24.21 70.63
N GLU B 369 18.71 -23.02 70.48
CA GLU B 369 19.91 -22.68 71.23
C GLU B 369 19.54 -22.39 72.68
N LEU B 370 20.57 -22.18 73.51
CA LEU B 370 20.39 -21.97 74.93
C LEU B 370 21.37 -20.90 75.39
N LEU B 371 20.86 -19.92 76.14
CA LEU B 371 21.65 -18.75 76.53
C LEU B 371 22.12 -18.83 77.97
N MET B 372 21.19 -18.94 78.91
CA MET B 372 21.50 -18.87 80.33
C MET B 372 20.95 -20.09 81.05
N LEU B 373 21.39 -20.28 82.28
CA LEU B 373 21.07 -21.48 83.03
C LEU B 373 20.80 -21.13 84.49
N LYS B 374 20.03 -21.99 85.14
CA LYS B 374 19.70 -21.87 86.55
C LYS B 374 20.20 -23.10 87.29
N LEU B 375 20.71 -22.90 88.51
CA LEU B 375 21.33 -23.99 89.25
C LEU B 375 20.91 -23.94 90.72
N LYS B 376 19.62 -23.79 90.96
CA LYS B 376 19.12 -23.74 92.33
C LYS B 376 19.34 -25.08 93.03
N TRP B 377 19.55 -25.01 94.33
CA TRP B 377 19.77 -26.19 95.17
C TRP B 377 18.72 -26.17 96.27
N ILE B 378 17.86 -27.18 96.28
CA ILE B 378 16.64 -27.16 97.07
C ILE B 378 16.90 -27.72 98.46
N SER B 379 15.98 -27.43 99.38
CA SER B 379 16.09 -27.87 100.76
C SER B 379 14.69 -28.07 101.32
N ASP B 380 14.62 -28.80 102.44
CA ASP B 380 13.38 -29.04 103.15
C ASP B 380 13.25 -28.17 104.40
N SER B 381 13.99 -27.06 104.43
CA SER B 381 13.97 -26.10 105.53
C SER B 381 13.68 -24.69 105.00
N TYR B 382 12.62 -24.56 104.22
CA TYR B 382 12.32 -23.31 103.52
C TYR B 382 12.34 -22.12 104.47
N PHE B 383 11.78 -22.28 105.66
CA PHE B 383 11.58 -21.15 106.55
C PHE B 383 12.91 -20.53 106.96
N SER B 384 12.84 -19.38 107.62
CA SER B 384 14.02 -18.59 107.93
C SER B 384 14.90 -19.23 109.01
N TRP B 385 14.59 -20.45 109.46
CA TRP B 385 15.49 -21.14 110.37
C TRP B 385 16.86 -21.31 109.73
N SER B 386 16.89 -21.82 108.50
CA SER B 386 18.13 -22.10 107.77
C SER B 386 18.39 -21.04 106.69
N ASN B 387 18.06 -19.78 106.99
CA ASN B 387 18.26 -18.68 106.06
C ASN B 387 19.46 -17.80 106.43
N TRP B 388 19.94 -17.88 107.67
CA TRP B 388 21.10 -17.10 108.09
C TRP B 388 22.31 -17.96 108.42
N TRP B 389 22.18 -18.92 109.35
CA TRP B 389 23.35 -19.64 109.81
C TRP B 389 24.00 -20.41 108.66
N SER B 390 25.32 -20.53 108.74
CA SER B 390 26.11 -21.06 107.63
C SER B 390 25.63 -22.45 107.24
N SER B 391 25.07 -22.56 106.06
CA SER B 391 24.67 -23.84 105.48
C SER B 391 25.70 -24.28 104.46
N PRO B 392 25.80 -25.58 104.19
CA PRO B 392 26.84 -26.05 103.26
C PRO B 392 26.72 -25.40 101.89
N GLY B 393 27.87 -25.11 101.29
CA GLY B 393 27.90 -24.46 100.00
C GLY B 393 29.13 -24.88 99.22
N PHE B 394 29.09 -24.63 97.93
CA PHE B 394 30.18 -24.97 97.03
C PHE B 394 30.45 -23.81 96.09
N ASP B 395 31.42 -23.98 95.21
CA ASP B 395 31.75 -23.00 94.18
C ASP B 395 31.64 -23.65 92.81
N ILE B 396 31.22 -22.87 91.83
CA ILE B 396 30.97 -23.34 90.48
C ILE B 396 31.89 -22.59 89.52
N GLY B 397 32.56 -23.32 88.64
CA GLY B 397 33.39 -22.73 87.63
C GLY B 397 32.72 -22.75 86.27
N LYS B 398 33.09 -23.72 85.45
CA LYS B 398 32.53 -23.87 84.11
C LYS B 398 31.49 -24.99 84.09
N ILE B 399 30.72 -25.02 83.00
CA ILE B 399 29.71 -26.04 82.78
C ILE B 399 29.78 -26.47 81.32
N ARG B 400 29.65 -27.78 81.09
CA ARG B 400 29.94 -28.37 79.78
C ARG B 400 28.74 -29.10 79.21
N VAL B 401 27.58 -28.48 79.23
CA VAL B 401 26.40 -29.11 78.64
C VAL B 401 26.69 -29.47 77.19
N LYS B 402 26.03 -30.51 76.70
CA LYS B 402 26.21 -30.99 75.34
C LYS B 402 24.85 -31.22 74.73
N ALA B 403 24.56 -30.52 73.64
CA ALA B 403 23.30 -30.70 72.95
C ALA B 403 23.26 -32.07 72.29
N GLY B 404 22.10 -32.72 72.37
CA GLY B 404 21.97 -34.08 71.88
C GLY B 404 21.83 -34.17 70.37
N GLU B 405 20.74 -33.63 69.82
CA GLU B 405 20.48 -33.80 68.40
C GLU B 405 21.61 -33.25 67.56
N THR B 406 22.11 -32.07 67.93
CA THR B 406 23.28 -31.46 67.30
C THR B 406 24.41 -31.43 68.31
N GLN B 407 25.57 -31.96 67.92
CA GLN B 407 26.72 -32.01 68.80
C GLN B 407 27.28 -30.61 68.98
N LYS B 408 27.04 -30.01 70.14
CA LYS B 408 27.47 -28.64 70.43
C LYS B 408 28.05 -28.63 71.83
N LYS B 409 29.38 -28.62 71.92
CA LYS B 409 30.08 -28.56 73.21
C LYS B 409 30.11 -27.10 73.70
N VAL B 410 28.92 -26.54 73.87
CA VAL B 410 28.81 -25.18 74.38
C VAL B 410 29.36 -25.14 75.80
N ILE B 411 30.24 -24.19 76.06
CA ILE B 411 30.93 -24.08 77.34
C ILE B 411 30.23 -22.99 78.13
N PHE B 412 29.36 -23.38 79.05
CA PHE B 412 28.83 -22.43 80.01
C PHE B 412 29.92 -22.01 81.00
N CYS B 413 29.64 -20.95 81.73
CA CYS B 413 30.72 -20.11 82.24
C CYS B 413 30.19 -19.28 83.40
N SER B 414 30.67 -19.58 84.60
CA SER B 414 30.25 -18.80 85.76
C SER B 414 30.76 -17.37 85.65
N ARG B 415 30.10 -16.48 86.35
CA ARG B 415 30.48 -15.07 86.33
C ARG B 415 31.76 -14.88 87.13
N GLU B 416 32.25 -13.65 87.17
CA GLU B 416 33.56 -13.38 87.77
C GLU B 416 33.64 -13.93 89.19
N LYS B 417 32.68 -13.60 90.04
CA LYS B 417 32.73 -14.05 91.43
C LYS B 417 31.35 -14.39 91.99
N MET B 418 30.30 -14.27 91.19
CA MET B 418 28.94 -14.20 91.73
C MET B 418 28.26 -15.56 91.67
N SER B 419 28.91 -16.58 92.23
CA SER B 419 28.33 -17.91 92.15
C SER B 419 28.03 -18.57 93.49
N TYR B 420 29.08 -18.92 94.24
CA TYR B 420 28.98 -19.48 95.59
C TYR B 420 27.69 -20.25 95.81
N LEU B 421 27.43 -21.29 95.03
CA LEU B 421 26.17 -22.02 95.19
C LEU B 421 26.04 -22.50 96.63
N GLN B 422 24.86 -22.28 97.20
CA GLN B 422 24.59 -22.63 98.59
C GLN B 422 23.20 -23.22 98.72
N LYS B 423 23.01 -24.08 99.72
CA LYS B 423 21.70 -24.66 99.98
C LYS B 423 20.70 -23.57 100.35
N GLY B 424 19.46 -23.76 99.94
CA GLY B 424 18.42 -22.80 100.29
C GLY B 424 18.75 -21.40 99.86
N LYS B 425 19.26 -21.25 98.65
CA LYS B 425 19.70 -19.96 98.15
C LYS B 425 19.25 -19.78 96.71
N SER B 426 19.30 -18.54 96.26
CA SER B 426 18.94 -18.25 94.88
C SER B 426 19.88 -19.00 93.94
N PRO B 427 19.41 -19.41 92.76
CA PRO B 427 20.28 -20.12 91.82
C PRO B 427 21.46 -19.25 91.40
N VAL B 428 22.34 -19.85 90.62
CA VAL B 428 23.50 -19.17 90.09
C VAL B 428 23.35 -19.06 88.57
N ILE B 429 23.46 -17.85 88.06
CA ILE B 429 23.29 -17.62 86.63
C ILE B 429 24.55 -18.05 85.87
N PHE B 430 24.36 -18.41 84.61
CA PHE B 430 25.46 -18.74 83.72
C PHE B 430 25.10 -18.25 82.32
N VAL B 431 26.13 -18.13 81.47
CA VAL B 431 25.96 -17.55 80.14
C VAL B 431 26.89 -18.28 79.18
N LYS B 432 26.69 -18.01 77.88
CA LYS B 432 27.58 -18.51 76.84
C LYS B 432 28.90 -17.76 76.90
N CYS B 433 29.99 -18.45 76.57
CA CYS B 433 31.31 -17.98 76.96
C CYS B 433 32.37 -18.67 76.12
N HIS B 434 33.60 -18.22 76.27
CA HIS B 434 34.75 -18.87 75.66
C HIS B 434 34.70 -18.77 74.15
N ASP C 1 -34.49 40.83 109.87
CA ASP C 1 -33.14 40.83 109.33
C ASP C 1 -32.79 39.47 108.74
N PHE C 2 -33.80 38.82 108.16
CA PHE C 2 -33.64 37.51 107.55
C PHE C 2 -34.39 37.46 106.22
N ARG C 3 -34.28 38.54 105.45
CA ARG C 3 -34.95 38.65 104.15
C ARG C 3 -33.97 38.77 102.99
N ASP C 4 -32.66 38.83 103.26
CA ASP C 4 -31.64 38.92 102.24
C ASP C 4 -30.84 37.61 102.16
N ILE C 5 -31.52 36.49 102.41
CA ILE C 5 -30.83 35.21 102.47
C ILE C 5 -30.43 34.74 101.07
N GLU C 6 -31.41 34.52 100.20
CA GLU C 6 -31.17 34.19 98.81
C GLU C 6 -30.24 32.98 98.67
N SER C 7 -30.21 32.12 99.69
CA SER C 7 -29.39 30.91 99.66
C SER C 7 -30.09 29.89 100.57
N LYS C 8 -30.83 28.98 99.96
CA LYS C 8 -31.63 28.04 100.72
C LYS C 8 -30.76 26.92 101.29
N PHE C 9 -30.98 26.62 102.56
CA PHE C 9 -30.28 25.55 103.27
C PHE C 9 -31.15 24.30 103.22
N ALA C 10 -30.63 23.24 102.62
CA ALA C 10 -31.37 21.99 102.51
C ALA C 10 -30.95 21.05 103.64
N LEU C 11 -31.70 19.95 103.77
CA LEU C 11 -31.44 18.95 104.82
C LEU C 11 -31.86 17.60 104.27
N ARG C 12 -30.90 16.85 103.74
CA ARG C 12 -31.18 15.54 103.19
C ARG C 12 -31.18 14.49 104.30
N THR C 13 -31.55 13.28 103.92
CA THR C 13 -31.58 12.14 104.83
C THR C 13 -31.04 10.91 104.11
N PRO C 14 -30.65 9.88 104.87
CA PRO C 14 -30.06 8.69 104.24
C PRO C 14 -30.94 8.09 103.15
N GLU C 15 -32.26 8.15 103.32
CA GLU C 15 -33.15 7.58 102.31
C GLU C 15 -33.21 8.43 101.06
N ASP C 16 -32.81 9.70 101.15
CA ASP C 16 -32.82 10.62 100.02
C ASP C 16 -31.53 11.44 100.03
N THR C 17 -30.55 11.00 99.24
CA THR C 17 -29.25 11.67 99.17
C THR C 17 -29.07 12.38 97.83
N ALA C 18 -30.15 12.57 97.09
CA ALA C 18 -30.09 13.16 95.76
C ALA C 18 -30.85 14.48 95.67
N GLU C 19 -32.11 14.50 96.09
CA GLU C 19 -32.98 15.66 95.93
C GLU C 19 -33.18 16.35 97.26
N ASP C 20 -33.05 17.67 97.27
CA ASP C 20 -33.33 18.45 98.46
C ASP C 20 -34.83 18.47 98.74
N THR C 21 -35.21 18.03 99.93
CA THR C 21 -36.62 17.92 100.30
C THR C 21 -37.06 19.02 101.25
N CYS C 22 -36.19 19.46 102.14
CA CYS C 22 -36.53 20.44 103.16
C CYS C 22 -35.94 21.80 102.81
N HIS C 23 -36.33 22.80 103.59
CA HIS C 23 -35.81 24.16 103.41
C HIS C 23 -35.80 24.84 104.78
N LEU C 24 -34.65 24.80 105.45
CA LEU C 24 -34.50 25.39 106.77
C LEU C 24 -34.37 26.90 106.65
N ILE C 25 -35.50 27.57 106.49
CA ILE C 25 -35.46 29.03 106.29
C ILE C 25 -35.00 29.69 107.59
N PRO C 26 -33.98 30.55 107.55
CA PRO C 26 -33.55 31.23 108.77
C PRO C 26 -34.67 32.08 109.34
N GLY C 27 -34.71 32.18 110.67
CA GLY C 27 -35.71 32.96 111.35
C GLY C 27 -37.03 32.25 111.50
N VAL C 28 -37.49 31.59 110.44
CA VAL C 28 -38.74 30.84 110.47
C VAL C 28 -38.45 29.51 111.14
N THR C 29 -38.77 29.42 112.43
CA THR C 29 -38.46 28.22 113.20
C THR C 29 -39.27 27.02 112.75
N GLU C 30 -40.31 27.24 111.94
CA GLU C 30 -41.22 26.15 111.59
C GLU C 30 -40.49 25.02 110.88
N SER C 31 -39.46 25.36 110.10
CA SER C 31 -38.77 24.35 109.30
C SER C 31 -38.07 23.33 110.19
N VAL C 32 -37.53 23.78 111.32
CA VAL C 32 -36.81 22.87 112.22
C VAL C 32 -37.75 21.77 112.70
N ALA C 33 -38.96 22.15 113.10
CA ALA C 33 -39.93 21.15 113.53
C ALA C 33 -40.45 20.35 112.34
N ASN C 34 -40.56 20.98 111.18
CA ASN C 34 -41.05 20.27 110.00
C ASN C 34 -40.14 19.12 109.64
N CYS C 35 -38.83 19.33 109.69
CA CYS C 35 -37.86 18.32 109.32
C CYS C 35 -37.02 17.97 110.55
N HIS C 36 -36.98 16.69 110.88
CA HIS C 36 -36.34 16.24 112.11
C HIS C 36 -34.88 16.71 112.16
N PHE C 37 -34.48 17.20 113.34
CA PHE C 37 -33.14 17.76 113.54
C PHE C 37 -32.71 17.41 114.97
N ASN C 38 -31.92 16.35 115.09
CA ASN C 38 -31.46 15.91 116.40
C ASN C 38 -30.50 16.96 116.96
N HIS C 39 -31.00 17.77 117.90
CA HIS C 39 -30.21 18.85 118.46
C HIS C 39 -29.08 18.36 119.35
N SER C 40 -29.05 17.07 119.67
CA SER C 40 -27.98 16.53 120.50
C SER C 40 -26.78 16.10 119.68
N SER C 41 -27.02 15.57 118.48
CA SER C 41 -25.96 14.97 117.70
C SER C 41 -25.20 16.02 116.89
N LYS C 42 -24.13 15.57 116.26
CA LYS C 42 -23.30 16.43 115.44
C LYS C 42 -23.98 16.71 114.11
N THR C 43 -23.63 17.83 113.50
CA THR C 43 -24.29 18.26 112.26
C THR C 43 -23.26 18.88 111.32
N PHE C 44 -23.09 18.27 110.15
CA PHE C 44 -22.15 18.76 109.16
C PHE C 44 -22.81 19.81 108.27
N VAL C 45 -21.97 20.55 107.55
CA VAL C 45 -22.44 21.54 106.59
C VAL C 45 -21.57 21.48 105.35
N VAL C 46 -22.14 20.98 104.27
CA VAL C 46 -21.43 20.85 103.00
C VAL C 46 -21.62 22.13 102.19
N ILE C 47 -20.52 22.66 101.69
CA ILE C 47 -20.54 23.87 100.88
C ILE C 47 -19.83 23.53 99.57
N HIS C 48 -20.61 23.25 98.53
CA HIS C 48 -20.01 22.99 97.24
C HIS C 48 -19.53 24.29 96.62
N GLY C 49 -19.05 24.20 95.39
CA GLY C 49 -18.40 25.32 94.74
C GLY C 49 -18.92 25.62 93.35
N TRP C 50 -18.12 26.33 92.57
CA TRP C 50 -18.54 26.82 91.28
C TRP C 50 -18.89 25.66 90.36
N THR C 51 -19.95 25.84 89.58
CA THR C 51 -20.39 24.82 88.64
C THR C 51 -20.88 25.50 87.36
N VAL C 52 -20.31 25.09 86.23
CA VAL C 52 -20.75 25.63 84.94
C VAL C 52 -22.20 25.28 84.70
N THR C 53 -22.64 24.10 85.13
CA THR C 53 -24.02 23.70 84.97
C THR C 53 -24.88 24.37 86.05
N GLY C 54 -26.16 24.05 86.03
CA GLY C 54 -27.10 24.61 86.99
C GLY C 54 -27.58 23.59 87.99
N MET C 55 -26.68 22.71 88.43
CA MET C 55 -27.04 21.67 89.38
C MET C 55 -25.81 21.25 90.16
N TYR C 56 -26.06 20.52 91.24
CA TYR C 56 -24.99 20.05 92.09
C TYR C 56 -24.06 19.12 91.33
N GLU C 57 -22.78 19.17 91.65
CA GLU C 57 -21.82 18.26 91.04
C GLU C 57 -22.17 16.82 91.40
N SER C 58 -21.46 15.89 90.76
CA SER C 58 -21.78 14.47 90.87
C SER C 58 -21.26 13.84 92.16
N TRP C 59 -20.49 14.56 92.97
CA TRP C 59 -19.86 13.97 94.14
C TRP C 59 -20.66 14.17 95.43
N VAL C 60 -21.55 15.17 95.45
CA VAL C 60 -22.30 15.45 96.67
C VAL C 60 -23.10 14.25 97.14
N PRO C 61 -23.83 13.52 96.29
CA PRO C 61 -24.59 12.37 96.80
C PRO C 61 -23.72 11.33 97.46
N LYS C 62 -22.60 10.97 96.84
CA LYS C 62 -21.72 9.99 97.44
C LYS C 62 -21.15 10.50 98.75
N LEU C 63 -20.75 11.77 98.79
CA LEU C 63 -20.21 12.33 100.02
C LEU C 63 -21.21 12.23 101.16
N VAL C 64 -22.46 12.65 100.90
CA VAL C 64 -23.45 12.68 101.97
C VAL C 64 -23.81 11.26 102.39
N ALA C 65 -23.91 10.34 101.43
CA ALA C 65 -24.21 8.95 101.76
C ALA C 65 -23.13 8.38 102.67
N ALA C 66 -21.87 8.64 102.34
CA ALA C 66 -20.78 8.13 103.17
C ALA C 66 -20.79 8.80 104.53
N LEU C 67 -21.15 10.08 104.58
CA LEU C 67 -21.21 10.78 105.85
C LEU C 67 -22.24 10.14 106.77
N TYR C 68 -23.42 9.84 106.24
CA TYR C 68 -24.41 9.12 107.04
C TYR C 68 -23.92 7.74 107.43
N LYS C 69 -23.26 7.04 106.50
CA LYS C 69 -22.73 5.73 106.83
C LYS C 69 -21.79 5.80 108.03
N ARG C 70 -20.93 6.81 108.04
CA ARG C 70 -19.94 6.94 109.11
C ARG C 70 -20.59 7.38 110.42
N GLU C 71 -21.47 8.37 110.38
CA GLU C 71 -22.05 8.95 111.59
C GLU C 71 -23.57 9.02 111.42
N PRO C 72 -24.26 7.92 111.67
CA PRO C 72 -25.73 7.94 111.59
C PRO C 72 -26.33 8.81 112.68
N ASP C 73 -27.62 9.11 112.52
CA ASP C 73 -28.36 9.94 113.47
C ASP C 73 -27.66 11.29 113.65
N SER C 74 -27.17 11.83 112.55
CA SER C 74 -26.50 13.13 112.55
C SER C 74 -27.00 13.93 111.35
N ASN C 75 -27.35 15.18 111.61
CA ASN C 75 -27.97 16.01 110.58
C ASN C 75 -26.94 16.45 109.55
N VAL C 76 -27.44 16.72 108.35
CA VAL C 76 -26.61 17.20 107.24
C VAL C 76 -27.32 18.38 106.61
N ILE C 77 -26.56 19.43 106.32
CA ILE C 77 -27.09 20.64 105.71
C ILE C 77 -26.36 20.88 104.40
N VAL C 78 -27.11 21.25 103.37
CA VAL C 78 -26.54 21.61 102.07
C VAL C 78 -27.01 23.00 101.71
N VAL C 79 -26.17 23.69 100.94
CA VAL C 79 -26.43 25.06 100.54
C VAL C 79 -26.81 25.09 99.07
N ASP C 80 -27.23 26.27 98.60
CA ASP C 80 -27.79 26.42 97.27
C ASP C 80 -27.05 27.50 96.49
N TRP C 81 -25.73 27.36 96.40
CA TRP C 81 -24.89 28.24 95.59
C TRP C 81 -25.56 28.61 94.28
N LEU C 82 -26.32 27.68 93.72
CA LEU C 82 -26.98 27.92 92.44
C LEU C 82 -27.74 29.23 92.48
N SER C 83 -27.90 29.84 91.29
CA SER C 83 -28.48 31.16 91.06
C SER C 83 -27.49 32.27 91.32
N ARG C 84 -26.36 31.99 91.95
CA ARG C 84 -25.31 32.96 92.18
C ARG C 84 -23.96 32.49 91.66
N ALA C 85 -23.68 31.19 91.74
CA ALA C 85 -22.41 30.67 91.26
C ALA C 85 -22.38 30.56 89.75
N GLN C 86 -23.52 30.38 89.11
CA GLN C 86 -23.54 30.27 87.66
C GLN C 86 -22.96 31.51 87.00
N GLN C 87 -22.94 32.63 87.70
CA GLN C 87 -22.44 33.86 87.13
C GLN C 87 -20.94 33.73 86.87
N HIS C 88 -20.37 34.80 86.29
CA HIS C 88 -18.94 34.82 86.00
C HIS C 88 -18.14 34.45 87.24
N TYR C 89 -17.04 33.74 87.03
CA TYR C 89 -16.26 33.20 88.14
C TYR C 89 -15.82 34.29 89.11
N PRO C 90 -15.25 35.41 88.66
CA PRO C 90 -14.96 36.50 89.60
C PRO C 90 -16.18 36.98 90.38
N VAL C 91 -17.36 36.96 89.76
CA VAL C 91 -18.56 37.34 90.48
C VAL C 91 -18.80 36.40 91.66
N SER C 92 -18.50 35.11 91.46
CA SER C 92 -18.59 34.18 92.58
C SER C 92 -17.55 34.49 93.64
N ALA C 93 -16.36 34.89 93.21
CA ALA C 93 -15.33 35.28 94.16
C ALA C 93 -15.82 36.44 95.03
N GLY C 94 -16.52 37.40 94.42
CA GLY C 94 -17.10 38.48 95.19
C GLY C 94 -18.23 38.01 96.09
N TYR C 95 -19.09 37.15 95.57
CA TYR C 95 -20.26 36.67 96.29
C TYR C 95 -19.90 35.72 97.43
N THR C 96 -18.65 35.26 97.49
CA THR C 96 -18.22 34.47 98.63
C THR C 96 -18.49 35.23 99.93
N LYS C 97 -18.29 36.55 99.92
CA LYS C 97 -18.52 37.33 101.13
C LYS C 97 -19.99 37.30 101.52
N LEU C 98 -20.88 37.43 100.53
CA LEU C 98 -22.31 37.41 100.82
C LEU C 98 -22.72 36.05 101.38
N VAL C 99 -22.23 34.97 100.78
CA VAL C 99 -22.62 33.65 101.26
C VAL C 99 -22.05 33.41 102.65
N GLY C 100 -20.84 33.91 102.91
CA GLY C 100 -20.28 33.76 104.24
C GLY C 100 -21.08 34.51 105.29
N GLN C 101 -21.49 35.74 104.96
CA GLN C 101 -22.34 36.49 105.87
C GLN C 101 -23.65 35.75 106.10
N ASP C 102 -24.20 35.16 105.04
CA ASP C 102 -25.46 34.43 105.15
C ASP C 102 -25.31 33.22 106.07
N VAL C 103 -24.23 32.47 105.91
CA VAL C 103 -24.01 31.29 106.75
C VAL C 103 -23.77 31.71 108.19
N ALA C 104 -23.04 32.80 108.40
CA ALA C 104 -22.83 33.29 109.75
C ALA C 104 -24.14 33.68 110.40
N LYS C 105 -25.01 34.35 109.65
CA LYS C 105 -26.32 34.70 110.17
C LYS C 105 -27.13 33.46 110.51
N PHE C 106 -27.07 32.45 109.64
CA PHE C 106 -27.76 31.19 109.89
C PHE C 106 -27.31 30.59 111.21
N MET C 107 -25.99 30.47 111.39
CA MET C 107 -25.46 29.82 112.58
C MET C 107 -25.76 30.63 113.83
N ASN C 108 -25.69 31.96 113.72
CA ASN C 108 -25.99 32.81 114.86
C ASN C 108 -27.46 32.68 115.25
N TRP C 109 -28.35 32.63 114.26
CA TRP C 109 -29.76 32.43 114.53
C TRP C 109 -30.00 31.09 115.23
N MET C 110 -29.29 30.05 114.76
CA MET C 110 -29.42 28.75 115.42
C MET C 110 -28.94 28.81 116.86
N ALA C 111 -27.79 29.45 117.10
CA ALA C 111 -27.24 29.55 118.44
C ALA C 111 -28.05 30.47 119.34
N ASP C 112 -28.90 31.31 118.77
CA ASP C 112 -29.78 32.16 119.55
C ASP C 112 -31.08 31.46 119.89
N GLU C 113 -31.77 30.93 118.88
CA GLU C 113 -33.07 30.30 119.12
C GLU C 113 -32.91 28.96 119.84
N PHE C 114 -32.00 28.12 119.37
CA PHE C 114 -31.83 26.77 119.90
C PHE C 114 -30.53 26.59 120.65
N ASN C 115 -29.68 27.61 120.73
CA ASN C 115 -28.39 27.55 121.41
C ASN C 115 -27.68 26.23 121.14
N TYR C 116 -27.72 25.78 119.89
CA TYR C 116 -27.04 24.55 119.53
C TYR C 116 -25.54 24.72 119.75
N PRO C 117 -24.86 23.78 120.40
CA PRO C 117 -23.42 23.94 120.64
C PRO C 117 -22.66 24.04 119.34
N LEU C 118 -21.86 25.10 119.21
CA LEU C 118 -21.08 25.32 118.01
C LEU C 118 -19.93 24.34 117.87
N GLY C 119 -19.65 23.56 118.91
CA GLY C 119 -18.52 22.65 118.89
C GLY C 119 -18.85 21.32 118.26
N ASN C 120 -19.95 21.25 117.51
CA ASN C 120 -20.40 20.01 116.93
C ASN C 120 -20.83 20.21 115.48
N VAL C 121 -20.12 21.07 114.75
CA VAL C 121 -20.47 21.37 113.36
C VAL C 121 -19.20 21.45 112.53
N HIS C 122 -19.23 20.87 111.34
CA HIS C 122 -18.16 20.95 110.36
C HIS C 122 -18.62 21.77 109.17
N LEU C 123 -17.78 22.69 108.72
CA LEU C 123 -18.04 23.45 107.51
C LEU C 123 -17.23 22.85 106.36
N LEU C 124 -17.68 21.69 105.89
CA LEU C 124 -17.00 21.03 104.78
C LEU C 124 -17.01 21.92 103.56
N GLY C 125 -15.82 22.39 103.18
CA GLY C 125 -15.68 23.33 102.09
C GLY C 125 -14.87 22.76 100.95
N TYR C 126 -15.40 22.95 99.75
CA TYR C 126 -14.74 22.53 98.52
C TYR C 126 -14.60 23.76 97.63
N SER C 127 -13.67 23.68 96.68
CA SER C 127 -13.48 24.71 95.68
C SER C 127 -13.61 26.09 96.33
N LEU C 128 -14.50 26.95 95.82
CA LEU C 128 -14.75 28.23 96.47
C LEU C 128 -15.40 28.06 97.84
N GLY C 129 -16.02 26.90 98.06
CA GLY C 129 -16.76 26.71 99.31
C GLY C 129 -15.85 26.75 100.52
N ALA C 130 -14.62 26.28 100.37
CA ALA C 130 -13.69 26.34 101.49
C ALA C 130 -13.43 27.78 101.91
N HIS C 131 -13.16 28.65 100.94
CA HIS C 131 -12.94 30.06 101.27
C HIS C 131 -14.22 30.68 101.81
N ALA C 132 -15.38 30.25 101.29
CA ALA C 132 -16.64 30.76 101.79
C ALA C 132 -16.80 30.45 103.27
N ALA C 133 -16.55 29.20 103.65
CA ALA C 133 -16.63 28.84 105.05
C ALA C 133 -15.60 29.60 105.88
N GLY C 134 -14.38 29.74 105.35
CA GLY C 134 -13.35 30.43 106.10
C GLY C 134 -13.73 31.85 106.42
N ILE C 135 -14.24 32.59 105.41
CA ILE C 135 -14.76 33.92 105.69
C ILE C 135 -15.95 33.81 106.61
N ALA C 136 -16.65 32.69 106.59
CA ALA C 136 -17.69 32.42 107.55
C ALA C 136 -17.08 31.94 108.86
N GLY C 137 -17.92 31.80 109.87
CA GLY C 137 -17.44 31.39 111.18
C GLY C 137 -16.74 32.51 111.90
N SER C 138 -15.80 33.17 111.21
CA SER C 138 -15.11 34.31 111.79
C SER C 138 -16.10 35.35 112.30
N LEU C 139 -17.22 35.53 111.59
CA LEU C 139 -18.26 36.42 112.08
C LEU C 139 -19.05 35.81 113.22
N THR C 140 -19.05 34.48 113.34
CA THR C 140 -19.75 33.83 114.42
C THR C 140 -19.11 34.19 115.76
N ASN C 141 -19.96 34.32 116.78
CA ASN C 141 -19.48 34.72 118.10
C ASN C 141 -18.79 33.58 118.84
N LYS C 142 -19.25 32.35 118.65
CA LYS C 142 -18.77 31.20 119.42
C LYS C 142 -17.82 30.30 118.64
N LYS C 143 -17.27 30.79 117.53
CA LYS C 143 -16.29 30.02 116.77
C LYS C 143 -16.86 28.69 116.30
N VAL C 144 -16.04 27.90 115.61
CA VAL C 144 -16.46 26.62 115.05
C VAL C 144 -15.38 25.59 115.31
N ASN C 145 -15.79 24.36 115.59
CA ASN C 145 -14.86 23.28 115.89
C ASN C 145 -13.97 22.96 114.70
N ARG C 146 -14.57 22.46 113.61
CA ARG C 146 -13.83 22.02 112.44
C ARG C 146 -14.33 22.73 111.19
N ILE C 147 -13.39 23.13 110.34
CA ILE C 147 -13.71 23.84 109.10
C ILE C 147 -13.03 23.13 107.93
N THR C 148 -12.81 21.82 108.07
CA THR C 148 -12.08 21.06 107.08
C THR C 148 -12.56 21.36 105.66
N GLY C 149 -11.67 21.88 104.84
CA GLY C 149 -11.98 22.20 103.45
C GLY C 149 -11.37 21.21 102.49
N LEU C 150 -11.60 21.45 101.21
CA LEU C 150 -11.11 20.57 100.15
C LEU C 150 -10.68 21.41 98.97
N ASP C 151 -9.40 21.36 98.65
CA ASP C 151 -8.87 22.03 97.47
C ASP C 151 -9.27 23.49 97.46
N PRO C 152 -8.80 24.28 98.42
CA PRO C 152 -9.14 25.71 98.43
C PRO C 152 -8.72 26.39 97.14
N ALA C 153 -9.58 27.30 96.69
CA ALA C 153 -9.30 28.02 95.46
C ALA C 153 -8.11 28.96 95.63
N GLY C 154 -7.33 29.08 94.57
CA GLY C 154 -6.14 29.90 94.57
C GLY C 154 -6.36 31.31 94.07
N PRO C 155 -7.00 31.44 92.90
CA PRO C 155 -7.13 32.77 92.30
C PRO C 155 -7.86 33.74 93.21
N ASN C 156 -7.42 34.99 93.18
CA ASN C 156 -8.05 36.07 93.93
C ASN C 156 -8.06 35.80 95.43
N PHE C 157 -7.24 34.86 95.89
CA PHE C 157 -7.10 34.59 97.31
C PHE C 157 -5.66 34.59 97.76
N GLU C 158 -4.71 34.26 96.88
CA GLU C 158 -3.32 34.48 97.19
C GLU C 158 -3.06 35.98 97.31
N TYR C 159 -2.03 36.33 98.08
CA TYR C 159 -1.73 37.72 98.37
C TYR C 159 -2.92 38.40 99.04
N ALA C 160 -3.56 37.70 99.97
CA ALA C 160 -4.73 38.19 100.67
C ALA C 160 -4.51 38.07 102.17
N GLU C 161 -5.58 38.27 102.94
CA GLU C 161 -5.53 38.23 104.39
C GLU C 161 -6.67 37.37 104.91
N ALA C 162 -6.66 37.14 106.23
CA ALA C 162 -7.67 36.29 106.86
C ALA C 162 -9.09 36.72 106.56
N PRO C 163 -9.46 38.00 106.65
CA PRO C 163 -10.87 38.36 106.40
C PRO C 163 -11.34 37.98 105.00
N SER C 164 -10.44 38.00 104.01
CA SER C 164 -10.82 37.73 102.64
C SER C 164 -10.51 36.31 102.19
N ARG C 165 -9.96 35.48 103.07
CA ARG C 165 -9.65 34.10 102.70
C ARG C 165 -9.61 33.24 103.94
N LEU C 166 -9.63 31.93 103.73
CA LEU C 166 -9.57 31.00 104.84
C LEU C 166 -8.31 31.23 105.66
N SER C 167 -8.47 31.24 106.98
CA SER C 167 -7.37 31.49 107.89
C SER C 167 -7.42 30.48 109.03
N PRO C 168 -6.29 30.20 109.67
CA PRO C 168 -6.30 29.27 110.80
C PRO C 168 -7.17 29.74 111.95
N ASP C 169 -7.29 31.05 112.15
CA ASP C 169 -8.09 31.59 113.24
C ASP C 169 -9.58 31.57 112.94
N ASP C 170 -9.97 31.23 111.71
CA ASP C 170 -11.39 31.19 111.37
C ASP C 170 -12.15 30.13 112.15
N ALA C 171 -11.45 29.19 112.77
CA ALA C 171 -12.11 28.12 113.50
C ALA C 171 -11.12 27.51 114.48
N ASP C 172 -11.63 26.67 115.37
CA ASP C 172 -10.79 26.04 116.37
C ASP C 172 -9.73 25.15 115.73
N PHE C 173 -10.14 24.35 114.74
CA PHE C 173 -9.23 23.47 114.03
C PHE C 173 -9.54 23.55 112.54
N VAL C 174 -8.53 23.28 111.73
CA VAL C 174 -8.68 23.38 110.28
C VAL C 174 -7.68 22.45 109.62
N ASP C 175 -8.05 21.95 108.45
CA ASP C 175 -7.16 21.14 107.63
C ASP C 175 -7.63 21.21 106.18
N VAL C 176 -6.66 21.22 105.27
CA VAL C 176 -6.95 21.36 103.85
C VAL C 176 -6.22 20.25 103.10
N LEU C 177 -6.73 19.96 101.90
CA LEU C 177 -6.20 18.90 101.05
C LEU C 177 -5.70 19.56 99.77
N HIS C 178 -4.44 19.98 99.77
CA HIS C 178 -3.84 20.60 98.60
C HIS C 178 -3.58 19.55 97.52
N THR C 179 -4.60 19.26 96.73
CA THR C 179 -4.53 18.17 95.75
C THR C 179 -4.06 18.64 94.38
N PHE C 180 -3.77 19.92 94.20
CA PHE C 180 -3.36 20.42 92.89
C PHE C 180 -2.70 21.77 93.07
N THR C 181 -1.45 21.89 92.64
CA THR C 181 -0.72 23.15 92.76
C THR C 181 0.16 23.44 91.55
N ARG C 182 0.10 22.64 90.50
CA ARG C 182 1.00 22.84 89.37
C ARG C 182 0.71 24.18 88.71
N GLY C 183 1.78 24.90 88.39
CA GLY C 183 1.69 26.19 87.75
C GLY C 183 2.47 27.24 88.51
N SER C 184 2.48 28.44 87.93
CA SER C 184 3.21 29.55 88.54
C SER C 184 2.51 29.98 89.83
N PRO C 185 3.26 30.54 90.78
CA PRO C 185 2.62 31.06 92.00
C PRO C 185 1.58 32.12 91.67
N GLY C 186 0.47 32.07 92.41
CA GLY C 186 -0.59 33.04 92.25
C GLY C 186 -1.48 32.83 91.05
N ARG C 187 -1.20 31.83 90.21
CA ARG C 187 -2.02 31.53 89.05
C ARG C 187 -2.53 30.10 89.02
N SER C 188 -1.91 29.18 89.74
CA SER C 188 -2.45 27.84 89.85
C SER C 188 -3.79 27.88 90.57
N ILE C 189 -4.73 27.04 90.10
CA ILE C 189 -6.06 27.03 90.68
C ILE C 189 -5.99 26.75 92.17
N GLY C 190 -5.15 25.80 92.57
CA GLY C 190 -5.05 25.40 93.96
C GLY C 190 -4.02 26.23 94.71
N ILE C 191 -4.48 26.92 95.75
CA ILE C 191 -3.57 27.71 96.57
C ILE C 191 -2.47 26.81 97.11
N GLN C 192 -1.24 27.30 97.06
CA GLN C 192 -0.09 26.56 97.56
C GLN C 192 0.39 27.04 98.92
N LYS C 193 0.09 28.28 99.28
CA LYS C 193 0.48 28.79 100.58
C LYS C 193 -0.27 28.03 101.67
N PRO C 194 0.41 27.48 102.66
CA PRO C 194 -0.30 26.76 103.73
C PRO C 194 -1.23 27.70 104.48
N VAL C 195 -2.38 27.18 104.89
CA VAL C 195 -3.44 27.99 105.48
C VAL C 195 -3.78 27.50 106.87
N GLY C 196 -4.08 26.22 107.01
CA GLY C 196 -4.55 25.69 108.28
C GLY C 196 -3.42 25.32 109.21
N HIS C 197 -3.81 24.84 110.40
CA HIS C 197 -2.83 24.37 111.36
C HIS C 197 -2.04 23.20 110.79
N VAL C 198 -2.71 22.30 110.08
CA VAL C 198 -2.07 21.19 109.38
C VAL C 198 -2.60 21.15 107.96
N ASP C 199 -1.71 20.97 107.00
CA ASP C 199 -2.07 20.90 105.60
C ASP C 199 -1.50 19.62 104.99
N ILE C 200 -2.19 19.12 103.98
CA ILE C 200 -1.86 17.84 103.35
C ILE C 200 -1.62 18.09 101.87
N TYR C 201 -0.51 17.55 101.36
CA TYR C 201 -0.09 17.75 99.98
C TYR C 201 0.16 16.39 99.33
N PRO C 202 -0.91 15.65 99.04
CA PRO C 202 -0.72 14.31 98.47
C PRO C 202 0.00 14.40 97.14
N ASN C 203 0.92 13.47 96.93
CA ASN C 203 1.70 13.35 95.70
C ASN C 203 2.52 14.61 95.43
N GLY C 204 2.59 15.53 96.38
CA GLY C 204 3.25 16.80 96.17
C GLY C 204 2.38 17.86 95.53
N GLY C 205 1.17 17.51 95.13
CA GLY C 205 0.26 18.46 94.52
C GLY C 205 0.49 18.72 93.05
N THR C 206 1.52 18.12 92.45
CA THR C 206 1.79 18.36 91.04
C THR C 206 0.64 17.86 90.17
N PHE C 207 0.13 16.67 90.48
CA PHE C 207 -0.94 16.05 89.71
C PHE C 207 -1.37 14.79 90.44
N GLN C 208 -2.27 14.03 89.82
CA GLN C 208 -2.72 12.76 90.37
C GLN C 208 -2.65 11.67 89.31
N PRO C 209 -2.51 10.41 89.72
CA PRO C 209 -2.27 9.34 88.74
C PRO C 209 -3.53 8.86 88.06
N GLY C 210 -4.67 8.92 88.74
CA GLY C 210 -5.89 8.34 88.22
C GLY C 210 -6.49 9.14 87.08
N CYS C 211 -5.69 9.38 86.05
CA CYS C 211 -6.15 10.15 84.89
C CYS C 211 -5.07 10.04 83.81
N ASN C 212 -5.29 10.75 82.71
CA ASN C 212 -4.42 10.65 81.54
C ASN C 212 -4.28 12.06 80.97
N ILE C 213 -3.77 12.15 79.73
CA ILE C 213 -3.65 13.44 79.07
C ILE C 213 -4.99 14.16 79.03
N GLY C 214 -6.05 13.43 78.67
CA GLY C 214 -7.38 14.00 78.68
C GLY C 214 -7.80 14.60 77.35
N GLU C 215 -7.76 15.92 77.26
CA GLU C 215 -8.25 16.63 76.09
C GLU C 215 -7.37 16.33 74.89
N ALA C 216 -7.89 15.55 73.94
CA ALA C 216 -7.14 15.26 72.72
C ALA C 216 -7.08 16.47 71.81
N LEU C 217 -8.20 17.16 71.63
CA LEU C 217 -8.24 18.35 70.79
C LEU C 217 -9.37 19.24 71.27
N ARG C 218 -9.30 20.52 70.87
CA ARG C 218 -10.28 21.49 71.34
C ARG C 218 -11.70 21.12 70.90
N VAL C 219 -11.85 20.70 69.65
CA VAL C 219 -13.17 20.41 69.08
C VAL C 219 -13.49 18.93 69.13
N ILE C 220 -12.53 18.08 68.78
CA ILE C 220 -12.80 16.64 68.72
C ILE C 220 -13.11 16.10 70.12
N ALA C 221 -12.33 16.50 71.12
CA ALA C 221 -12.55 16.06 72.48
C ALA C 221 -13.61 16.96 73.13
N GLU C 222 -13.77 16.84 74.45
CA GLU C 222 -14.80 17.56 75.20
C GLU C 222 -14.12 18.31 76.34
N ARG C 223 -13.68 19.54 76.08
CA ARG C 223 -13.01 20.34 77.09
C ARG C 223 -13.87 20.45 78.33
N GLY C 224 -15.03 21.08 78.21
CA GLY C 224 -16.02 21.10 79.26
C GLY C 224 -17.31 20.49 78.77
N LEU C 225 -17.24 19.76 77.66
CA LEU C 225 -18.41 19.16 77.04
C LEU C 225 -18.70 17.79 77.65
N GLY C 226 -18.76 17.75 78.98
CA GLY C 226 -18.89 16.46 79.65
C GLY C 226 -17.79 15.53 79.21
N ASP C 227 -18.13 14.24 79.13
CA ASP C 227 -17.22 13.23 78.60
C ASP C 227 -15.85 13.32 79.26
N VAL C 228 -14.89 13.95 78.58
CA VAL C 228 -13.52 14.03 79.10
C VAL C 228 -13.30 15.24 79.98
N ASP C 229 -14.35 16.02 80.25
CA ASP C 229 -14.21 17.14 81.19
C ASP C 229 -13.85 16.62 82.58
N GLN C 230 -14.48 15.53 83.01
CA GLN C 230 -14.13 14.93 84.29
C GLN C 230 -12.68 14.48 84.30
N LEU C 231 -12.22 13.86 83.22
CA LEU C 231 -10.81 13.48 83.12
C LEU C 231 -9.90 14.70 83.22
N VAL C 232 -10.28 15.81 82.59
CA VAL C 232 -9.52 17.04 82.74
C VAL C 232 -9.47 17.45 84.21
N LYS C 233 -10.59 17.30 84.91
CA LYS C 233 -10.62 17.52 86.36
C LYS C 233 -10.09 16.28 87.08
N CYS C 234 -8.78 16.07 86.88
CA CYS C 234 -8.13 14.87 87.38
C CYS C 234 -8.01 14.88 88.90
N SER C 235 -7.62 16.03 89.46
CA SER C 235 -7.24 16.11 90.86
C SER C 235 -8.23 16.93 91.69
N HIS C 236 -8.93 17.88 91.07
CA HIS C 236 -9.79 18.77 91.82
C HIS C 236 -10.87 18.01 92.58
N GLU C 237 -11.28 16.86 92.05
CA GLU C 237 -12.23 15.98 92.74
C GLU C 237 -11.52 14.87 93.52
N ARG C 238 -10.23 14.69 93.28
CA ARG C 238 -9.49 13.68 94.04
C ARG C 238 -9.49 14.01 95.53
N SER C 239 -9.55 15.30 95.88
CA SER C 239 -9.65 15.67 97.28
C SER C 239 -10.88 15.04 97.92
N VAL C 240 -12.04 15.24 97.30
CA VAL C 240 -13.29 14.75 97.89
C VAL C 240 -13.31 13.22 97.84
N HIS C 241 -12.77 12.64 96.77
CA HIS C 241 -12.74 11.18 96.70
C HIS C 241 -11.86 10.61 97.81
N LEU C 242 -10.72 11.25 98.08
CA LEU C 242 -9.87 10.83 99.18
C LEU C 242 -10.59 10.95 100.51
N PHE C 243 -11.29 12.06 100.71
CA PHE C 243 -11.99 12.27 101.97
C PHE C 243 -13.06 11.21 102.18
N ILE C 244 -13.83 10.91 101.13
CA ILE C 244 -14.90 9.93 101.26
C ILE C 244 -14.32 8.54 101.47
N ASP C 245 -13.21 8.23 100.81
CA ASP C 245 -12.58 6.94 101.01
C ASP C 245 -12.10 6.79 102.45
N SER C 246 -11.47 7.84 102.99
CA SER C 246 -11.03 7.79 104.38
C SER C 246 -12.23 7.65 105.31
N LEU C 247 -13.31 8.37 105.02
CA LEU C 247 -14.49 8.30 105.87
C LEU C 247 -15.06 6.89 105.87
N LEU C 248 -15.12 6.25 104.71
CA LEU C 248 -15.66 4.91 104.61
C LEU C 248 -14.76 3.90 105.32
N ASN C 249 -13.45 3.99 105.11
CA ASN C 249 -12.49 3.07 105.71
C ASN C 249 -11.94 3.68 106.99
N GLU C 250 -12.76 3.67 108.04
CA GLU C 250 -12.36 4.21 109.33
C GLU C 250 -11.35 3.31 110.03
N GLU C 251 -11.37 2.00 109.76
CA GLU C 251 -10.54 1.08 110.52
C GLU C 251 -9.05 1.28 110.25
N ASN C 252 -8.67 1.56 109.02
CA ASN C 252 -7.27 1.65 108.61
C ASN C 252 -7.01 2.96 107.89
N PRO C 253 -6.99 4.08 108.62
CA PRO C 253 -6.72 5.36 107.97
C PRO C 253 -5.31 5.41 107.39
N SER C 254 -5.18 6.16 106.30
CA SER C 254 -3.86 6.42 105.73
C SER C 254 -3.11 7.40 106.61
N LYS C 255 -1.82 7.17 106.79
CA LYS C 255 -0.98 7.96 107.69
C LYS C 255 -0.10 8.88 106.86
N ALA C 256 -0.59 10.09 106.64
CA ALA C 256 0.23 11.12 105.99
C ALA C 256 1.36 11.55 106.93
N TYR C 257 2.48 11.93 106.33
CA TYR C 257 3.70 12.20 107.07
C TYR C 257 4.03 13.69 107.04
N ARG C 258 4.72 14.14 108.08
CA ARG C 258 5.12 15.53 108.23
C ARG C 258 6.59 15.67 107.87
N CYS C 259 6.92 16.72 107.14
CA CYS C 259 8.27 16.89 106.62
C CYS C 259 8.58 18.36 106.50
N ASN C 260 9.65 18.67 105.75
CA ASN C 260 10.07 20.04 105.51
C ASN C 260 9.81 20.50 104.09
N SER C 261 9.92 19.61 103.11
CA SER C 261 9.71 19.99 101.71
C SER C 261 9.41 18.73 100.90
N LYS C 262 8.84 18.95 99.72
CA LYS C 262 8.47 17.83 98.87
C LYS C 262 9.72 17.04 98.43
N GLU C 263 10.80 17.76 98.11
CA GLU C 263 12.02 17.07 97.73
C GLU C 263 12.58 16.28 98.89
N ALA C 264 12.55 16.84 100.09
CA ALA C 264 13.03 16.13 101.26
C ALA C 264 12.21 14.86 101.49
N PHE C 265 10.90 14.94 101.32
CA PHE C 265 10.07 13.75 101.47
C PHE C 265 10.39 12.72 100.40
N GLU C 266 10.59 13.17 99.16
CA GLU C 266 10.94 12.24 98.09
C GLU C 266 12.25 11.53 98.42
N LYS C 267 13.23 12.25 98.96
CA LYS C 267 14.46 11.62 99.37
C LYS C 267 14.22 10.59 100.47
N GLY C 268 13.36 10.94 101.43
CA GLY C 268 12.96 10.00 102.46
C GLY C 268 13.74 10.11 103.76
N LEU C 269 14.09 11.33 104.18
CA LEU C 269 14.82 11.54 105.43
C LEU C 269 13.93 12.08 106.52
N CYS C 270 12.63 12.22 106.27
CA CYS C 270 11.72 12.95 107.15
C CYS C 270 10.43 12.17 107.36
N LEU C 271 10.56 10.89 107.71
CA LEU C 271 9.40 10.03 107.96
C LEU C 271 9.19 9.72 109.43
N SER C 272 10.25 9.48 110.18
CA SER C 272 10.11 9.14 111.59
C SER C 272 9.36 10.24 112.32
N CYS C 273 8.35 9.85 113.09
CA CYS C 273 7.53 10.78 113.86
C CYS C 273 7.49 10.30 115.31
N ARG C 274 8.51 10.67 116.08
CA ARG C 274 8.51 10.41 117.51
C ARG C 274 7.63 11.41 118.24
N LYS C 275 7.67 12.67 117.81
CA LYS C 275 6.86 13.73 118.40
C LYS C 275 5.49 13.72 117.72
N ASN C 276 4.69 14.77 117.98
CA ASN C 276 3.35 14.87 117.41
C ASN C 276 3.47 15.23 115.93
N ARG C 277 3.85 14.24 115.13
CA ARG C 277 3.95 14.37 113.69
C ARG C 277 3.24 13.19 113.03
N CYS C 278 3.24 13.20 111.70
CA CYS C 278 2.71 12.10 110.91
C CYS C 278 1.29 11.73 111.35
N ASN C 279 0.49 12.76 111.61
CA ASN C 279 -0.87 12.53 112.05
C ASN C 279 -1.71 11.95 110.91
N ASN C 280 -2.86 11.38 111.29
CA ASN C 280 -3.76 10.76 110.34
C ASN C 280 -4.33 11.80 109.38
N MET C 281 -4.99 11.35 108.32
CA MET C 281 -5.64 12.24 107.38
C MET C 281 -7.08 11.79 107.20
N GLY C 282 -7.99 12.75 107.13
CA GLY C 282 -9.41 12.47 107.01
C GLY C 282 -10.18 12.81 108.27
N TYR C 283 -11.30 12.11 108.46
CA TYR C 283 -12.15 12.36 109.61
C TYR C 283 -11.43 12.02 110.91
N GLU C 284 -10.68 10.92 110.92
CA GLU C 284 -10.00 10.48 112.13
C GLU C 284 -8.70 11.23 112.37
N ILE C 285 -8.50 12.37 111.72
CA ILE C 285 -7.34 13.20 112.00
C ILE C 285 -7.29 13.55 113.48
N ASN C 286 -6.07 13.61 114.02
CA ASN C 286 -5.88 13.99 115.41
C ASN C 286 -5.82 15.51 115.53
N LYS C 287 -6.69 16.06 116.36
CA LYS C 287 -6.73 17.50 116.56
C LYS C 287 -5.46 17.95 117.27
N VAL C 288 -4.73 18.86 116.63
CA VAL C 288 -3.45 19.32 117.14
C VAL C 288 -3.26 20.77 116.73
N ARG C 289 -2.51 21.50 117.55
CA ARG C 289 -2.16 22.89 117.27
C ARG C 289 -0.66 22.99 117.04
N ALA C 290 -0.27 23.84 116.09
CA ALA C 290 1.13 24.03 115.74
C ALA C 290 1.48 25.51 115.84
N LYS C 291 2.75 25.78 116.12
CA LYS C 291 3.22 27.15 116.25
C LYS C 291 3.30 27.85 114.89
N ARG C 292 3.21 27.10 113.80
CA ARG C 292 3.32 27.68 112.46
C ARG C 292 2.74 26.69 111.46
N SER C 293 2.80 27.07 110.19
CA SER C 293 2.38 26.18 109.11
C SER C 293 3.19 24.90 109.15
N SER C 294 2.49 23.77 109.05
CA SER C 294 3.09 22.44 109.12
C SER C 294 2.72 21.67 107.85
N LYS C 295 3.63 21.66 106.88
CA LYS C 295 3.41 20.91 105.66
C LYS C 295 3.50 19.41 105.92
N MET C 296 2.94 18.64 105.00
CA MET C 296 2.94 17.19 105.08
C MET C 296 2.93 16.60 103.68
N TYR C 297 3.18 15.31 103.58
CA TYR C 297 3.25 14.63 102.30
C TYR C 297 2.86 13.17 102.48
N LEU C 298 2.53 12.54 101.36
CA LEU C 298 2.23 11.11 101.32
C LEU C 298 2.01 10.73 99.87
N LYS C 299 1.71 9.46 99.65
CA LYS C 299 1.38 8.92 98.34
C LYS C 299 0.03 8.22 98.40
N THR C 300 -0.34 7.61 97.29
CA THR C 300 -1.68 7.01 97.19
C THR C 300 -1.72 6.06 96.01
N ARG C 301 -2.73 5.19 96.02
CA ARG C 301 -3.01 4.31 94.89
C ARG C 301 -3.76 5.10 93.82
N SER C 302 -4.31 4.39 92.85
CA SER C 302 -4.91 5.08 91.71
C SER C 302 -6.22 5.78 92.08
N GLN C 303 -7.27 5.01 92.36
CA GLN C 303 -8.53 5.65 92.73
C GLN C 303 -9.28 5.01 93.90
N MET C 304 -9.37 3.68 93.94
CA MET C 304 -10.40 3.11 94.80
C MET C 304 -10.00 3.05 96.27
N PRO C 305 -8.96 2.29 96.67
CA PRO C 305 -8.73 2.11 98.10
C PRO C 305 -7.82 3.18 98.68
N TYR C 306 -6.93 3.72 97.83
CA TYR C 306 -5.84 4.55 98.33
C TYR C 306 -5.10 3.81 99.43
N LYS C 307 -4.65 4.51 100.47
CA LYS C 307 -4.09 3.87 101.66
C LYS C 307 -2.89 3.01 101.27
N VAL C 308 -1.84 3.69 100.87
CA VAL C 308 -0.58 3.05 100.53
C VAL C 308 0.36 3.12 101.73
N PHE C 309 1.43 2.34 101.68
CA PHE C 309 2.42 2.28 102.74
C PHE C 309 3.62 3.16 102.40
N HIS C 310 4.64 3.09 103.25
CA HIS C 310 5.89 3.83 103.04
C HIS C 310 7.03 3.07 103.71
N TYR C 311 8.04 2.72 102.93
CA TYR C 311 9.11 1.83 103.37
C TYR C 311 10.47 2.37 102.94
N GLN C 312 10.74 3.65 103.22
CA GLN C 312 11.97 4.27 102.75
C GLN C 312 13.18 3.41 103.10
N VAL C 313 14.23 3.54 102.30
CA VAL C 313 15.37 2.64 102.36
C VAL C 313 16.67 3.44 102.38
N LYS C 314 17.70 2.83 102.95
CA LYS C 314 19.07 3.35 102.90
C LYS C 314 19.99 2.25 102.40
N ILE C 315 21.04 2.64 101.67
CA ILE C 315 22.03 1.72 101.14
C ILE C 315 23.42 2.19 101.55
N HIS C 316 24.22 1.27 102.07
CA HIS C 316 25.62 1.53 102.40
C HIS C 316 26.52 1.00 101.28
N PHE C 317 26.41 1.65 100.12
CA PHE C 317 27.26 1.28 99.00
C PHE C 317 28.73 1.34 99.40
N SER C 318 29.45 0.27 99.09
CA SER C 318 30.89 0.21 99.40
C SER C 318 31.52 -0.81 98.45
N GLY C 319 32.20 -0.31 97.43
CA GLY C 319 32.82 -1.18 96.45
C GLY C 319 34.27 -0.83 96.18
N THR C 320 34.86 -1.43 95.16
CA THR C 320 36.26 -1.23 94.81
C THR C 320 36.44 -0.22 93.68
N GLU C 321 35.74 -0.42 92.56
CA GLU C 321 35.90 0.46 91.42
C GLU C 321 35.26 1.81 91.72
N SER C 322 36.00 2.89 91.46
CA SER C 322 35.61 4.23 91.89
C SER C 322 35.20 5.12 90.72
N ASN C 323 34.62 4.55 89.66
CA ASN C 323 34.12 5.35 88.55
C ASN C 323 32.67 5.70 88.84
N THR C 324 32.43 6.98 89.14
CA THR C 324 31.09 7.43 89.48
C THR C 324 30.16 7.37 88.27
N TYR C 325 28.91 7.01 88.53
CA TYR C 325 27.87 6.98 87.51
C TYR C 325 26.68 7.79 87.98
N THR C 326 25.85 8.22 87.02
CA THR C 326 24.73 9.09 87.30
C THR C 326 23.51 8.67 86.49
N ASN C 327 22.35 9.04 86.99
CA ASN C 327 21.07 8.80 86.30
C ASN C 327 20.93 7.33 85.91
N GLN C 328 20.90 6.49 86.94
CA GLN C 328 20.72 5.05 86.78
C GLN C 328 19.45 4.61 87.46
N ALA C 329 18.83 3.56 86.93
CA ALA C 329 17.57 3.05 87.40
C ALA C 329 17.81 1.82 88.27
N PHE C 330 17.30 1.84 89.49
CA PHE C 330 17.37 0.71 90.39
C PHE C 330 15.99 0.07 90.52
N GLU C 331 15.94 -1.25 90.39
CA GLU C 331 14.71 -2.00 90.57
C GLU C 331 14.88 -2.92 91.77
N ILE C 332 13.89 -2.93 92.64
CA ILE C 332 13.89 -3.78 93.82
C ILE C 332 12.51 -4.40 93.98
N SER C 333 12.47 -5.46 94.78
CA SER C 333 11.22 -6.14 95.11
C SER C 333 11.35 -6.73 96.50
N LEU C 334 10.20 -6.94 97.14
CA LEU C 334 10.17 -7.38 98.52
C LEU C 334 9.08 -8.43 98.71
N TYR C 335 9.32 -9.33 99.66
CA TYR C 335 8.38 -10.37 100.04
C TYR C 335 8.20 -10.36 101.54
N GLY C 336 6.97 -10.58 102.00
CA GLY C 336 6.63 -10.46 103.40
C GLY C 336 5.93 -11.66 103.96
N THR C 337 4.92 -11.39 104.78
CA THR C 337 4.16 -12.44 105.47
C THR C 337 2.66 -12.36 105.19
N VAL C 338 2.23 -11.44 104.33
CA VAL C 338 0.82 -11.33 103.93
C VAL C 338 0.69 -11.36 102.42
N ALA C 339 1.45 -10.50 101.74
CA ALA C 339 1.51 -10.50 100.28
C ALA C 339 2.91 -10.04 99.88
N GLU C 340 3.10 -9.77 98.60
CA GLU C 340 4.41 -9.38 98.10
C GLU C 340 4.27 -8.63 96.79
N SER C 341 5.08 -7.59 96.64
CA SER C 341 5.24 -6.90 95.36
C SER C 341 6.34 -7.59 94.56
N GLU C 342 6.33 -7.35 93.25
CA GLU C 342 7.19 -8.12 92.34
C GLU C 342 8.20 -7.25 91.59
N ASN C 343 7.76 -6.21 90.91
CA ASN C 343 8.63 -5.49 89.98
C ASN C 343 8.49 -3.99 90.15
N ILE C 344 8.57 -3.51 91.38
CA ILE C 344 8.46 -2.07 91.64
C ILE C 344 9.80 -1.41 91.35
N PRO C 345 9.85 -0.40 90.48
CA PRO C 345 11.11 0.29 90.20
C PRO C 345 11.29 1.55 91.05
N PHE C 346 12.47 2.15 90.92
CA PHE C 346 12.73 3.46 91.47
C PHE C 346 14.03 3.99 90.87
N THR C 347 14.30 5.26 91.16
CA THR C 347 15.43 5.96 90.56
C THR C 347 16.34 6.53 91.63
N LEU C 348 17.63 6.58 91.32
CA LEU C 348 18.65 7.10 92.21
C LEU C 348 19.88 7.53 91.44
N PRO C 349 19.99 8.80 91.08
CA PRO C 349 21.18 9.26 90.34
C PRO C 349 22.39 9.42 91.24
N GLU C 350 23.48 9.94 90.68
CA GLU C 350 24.66 10.36 91.43
C GLU C 350 25.20 9.23 92.32
N VAL C 351 25.17 8.02 91.78
CA VAL C 351 25.67 6.86 92.52
C VAL C 351 27.19 6.96 92.63
N SER C 352 27.71 6.66 93.80
CA SER C 352 29.15 6.72 94.05
C SER C 352 29.56 5.53 94.92
N THR C 353 30.76 5.60 95.48
CA THR C 353 31.32 4.54 96.32
C THR C 353 31.65 5.09 97.69
N ASN C 354 31.81 4.17 98.65
CA ASN C 354 32.13 4.50 100.03
C ASN C 354 31.15 5.52 100.59
N LYS C 355 29.96 5.60 100.01
CA LYS C 355 28.96 6.61 100.35
C LYS C 355 27.62 5.92 100.59
N THR C 356 26.81 6.54 101.44
CA THR C 356 25.49 6.02 101.76
C THR C 356 24.43 6.87 101.09
N TYR C 357 23.40 6.21 100.58
CA TYR C 357 22.29 6.83 99.87
C TYR C 357 20.98 6.43 100.52
N SER C 358 19.90 7.06 100.06
CA SER C 358 18.58 6.75 100.57
C SER C 358 17.55 7.19 99.54
N PHE C 359 16.35 6.66 99.67
CA PHE C 359 15.27 7.02 98.77
C PHE C 359 13.96 6.61 99.41
N LEU C 360 12.87 7.01 98.76
CA LEU C 360 11.52 6.70 99.22
C LEU C 360 10.88 5.69 98.28
N LEU C 361 10.28 4.66 98.86
CA LEU C 361 9.55 3.65 98.11
C LEU C 361 8.14 3.55 98.65
N TYR C 362 7.20 3.23 97.76
CA TYR C 362 5.82 3.00 98.15
C TYR C 362 5.29 1.74 97.49
N THR C 363 4.42 1.05 98.22
CA THR C 363 3.71 -0.11 97.71
C THR C 363 2.23 0.06 98.00
N GLU C 364 1.41 -0.65 97.23
CA GLU C 364 -0.03 -0.50 97.29
C GLU C 364 -0.72 -1.78 97.77
N VAL C 365 0.02 -2.63 98.48
CA VAL C 365 -0.53 -3.87 99.01
C VAL C 365 0.02 -4.08 100.41
N ASP C 366 -0.83 -4.56 101.32
CA ASP C 366 -0.39 -4.85 102.68
C ASP C 366 0.59 -6.01 102.67
N ILE C 367 1.66 -5.87 103.46
CA ILE C 367 2.73 -6.85 103.47
C ILE C 367 3.01 -7.32 104.90
N GLY C 368 2.62 -6.51 105.88
CA GLY C 368 3.00 -6.82 107.25
C GLY C 368 4.51 -6.78 107.37
N GLU C 369 5.08 -7.86 107.90
CA GLU C 369 6.52 -7.97 108.01
C GLU C 369 7.14 -8.23 106.64
N LEU C 370 8.47 -8.23 106.59
CA LEU C 370 9.20 -8.39 105.35
C LEU C 370 10.42 -9.26 105.61
N LEU C 371 10.62 -10.27 104.76
CA LEU C 371 11.65 -11.28 104.96
C LEU C 371 12.87 -11.05 104.08
N MET C 372 12.67 -11.03 102.77
CA MET C 372 13.76 -10.98 101.82
C MET C 372 13.54 -9.83 100.84
N LEU C 373 14.59 -9.51 100.09
CA LEU C 373 14.59 -8.33 99.24
C LEU C 373 15.28 -8.65 97.92
N LYS C 374 14.91 -7.89 96.89
CA LYS C 374 15.51 -7.98 95.57
C LYS C 374 16.14 -6.65 95.20
N LEU C 375 17.29 -6.69 94.53
CA LEU C 375 18.05 -5.49 94.24
C LEU C 375 18.59 -5.53 92.82
N LYS C 376 17.73 -5.87 91.87
CA LYS C 376 18.15 -5.93 90.47
C LYS C 376 18.51 -4.54 89.97
N TRP C 377 19.47 -4.50 89.03
CA TRP C 377 19.93 -3.25 88.43
C TRP C 377 19.77 -3.38 86.92
N ILE C 378 18.91 -2.53 86.35
CA ILE C 378 18.42 -2.70 85.00
C ILE C 378 19.35 -2.03 84.02
N SER C 379 19.21 -2.42 82.74
CA SER C 379 20.04 -1.89 81.67
C SER C 379 19.22 -1.89 80.38
N ASP C 380 19.71 -1.12 79.41
CA ASP C 380 19.10 -1.04 78.07
C ASP C 380 19.88 -1.86 77.05
N SER C 381 20.66 -2.83 77.51
CA SER C 381 21.45 -3.72 76.66
C SER C 381 21.14 -5.18 76.99
N TYR C 382 19.85 -5.53 77.01
CA TYR C 382 19.41 -6.85 77.46
C TYR C 382 20.18 -7.97 76.77
N PHE C 383 20.41 -7.83 75.47
CA PHE C 383 20.95 -8.94 74.70
C PHE C 383 22.35 -9.30 75.17
N SER C 384 22.86 -10.42 74.66
CA SER C 384 24.12 -10.98 75.15
C SER C 384 25.34 -10.16 74.76
N TRP C 385 25.17 -8.98 74.15
CA TRP C 385 26.30 -8.11 73.92
C TRP C 385 26.99 -7.74 75.23
N SER C 386 26.20 -7.31 76.21
CA SER C 386 26.70 -6.88 77.51
C SER C 386 26.45 -7.94 78.59
N ASN C 387 26.56 -9.21 78.22
CA ASN C 387 26.36 -10.31 79.16
C ASN C 387 27.66 -10.97 79.59
N TRP C 388 28.76 -10.75 78.88
CA TRP C 388 30.05 -11.30 79.26
C TRP C 388 31.07 -10.24 79.66
N TRP C 389 31.36 -9.28 78.79
CA TRP C 389 32.45 -8.35 79.07
C TRP C 389 32.17 -7.55 80.33
N SER C 390 33.23 -7.22 81.05
CA SER C 390 33.11 -6.62 82.37
C SER C 390 32.29 -5.35 82.34
N SER C 391 31.12 -5.39 82.94
CA SER C 391 30.27 -4.23 83.12
C SER C 391 30.41 -3.68 84.53
N PRO C 392 30.12 -2.40 84.74
CA PRO C 392 30.33 -1.82 86.07
C PRO C 392 29.52 -2.55 87.14
N GLY C 393 30.13 -2.69 88.31
CA GLY C 393 29.49 -3.39 89.41
C GLY C 393 29.95 -2.82 90.73
N PHE C 394 29.19 -3.14 91.77
CA PHE C 394 29.48 -2.68 93.12
C PHE C 394 29.32 -3.83 94.10
N ASP C 395 29.55 -3.55 95.37
CA ASP C 395 29.36 -4.52 96.45
C ASP C 395 28.36 -3.97 97.45
N ILE C 396 27.57 -4.86 98.03
CA ILE C 396 26.51 -4.50 98.96
C ILE C 396 26.79 -5.16 100.30
N GLY C 397 26.69 -4.37 101.37
CA GLY C 397 26.84 -4.88 102.72
C GLY C 397 25.52 -5.02 103.41
N LYS C 398 25.16 -4.05 104.24
CA LYS C 398 23.92 -4.07 104.98
C LYS C 398 22.89 -3.14 104.34
N ILE C 399 21.64 -3.29 104.75
CA ILE C 399 20.54 -2.45 104.28
C ILE C 399 19.66 -2.10 105.48
N ARG C 400 19.23 -0.84 105.52
CA ARG C 400 18.60 -0.29 106.72
C ARG C 400 17.19 0.22 106.44
N VAL C 401 16.37 -0.59 105.76
CA VAL C 401 14.99 -0.19 105.52
C VAL C 401 14.31 0.13 106.83
N LYS C 402 13.34 1.03 106.78
CA LYS C 402 12.60 1.46 107.97
C LYS C 402 11.12 1.43 107.65
N ALA C 403 10.37 0.64 108.40
CA ALA C 403 8.93 0.57 108.20
C ALA C 403 8.28 1.89 108.64
N GLY C 404 7.32 2.34 107.85
CA GLY C 404 6.70 3.63 108.11
C GLY C 404 5.69 3.62 109.24
N GLU C 405 4.58 2.89 109.06
CA GLU C 405 3.52 2.93 110.05
C GLU C 405 4.02 2.52 111.42
N THR C 406 4.82 1.47 111.48
CA THR C 406 5.47 1.03 112.70
C THR C 406 6.97 1.22 112.56
N GLN C 407 7.56 1.91 113.53
CA GLN C 407 9.00 2.19 113.49
C GLN C 407 9.76 0.91 113.76
N LYS C 408 10.35 0.35 112.70
CA LYS C 408 11.08 -0.92 112.80
C LYS C 408 12.38 -0.76 112.01
N LYS C 409 13.48 -0.55 112.72
CA LYS C 409 14.80 -0.44 112.09
C LYS C 409 15.35 -1.83 111.80
N VAL C 410 14.59 -2.57 110.98
CA VAL C 410 15.04 -3.90 110.58
C VAL C 410 16.30 -3.77 109.76
N ILE C 411 17.31 -4.56 110.11
CA ILE C 411 18.63 -4.49 109.50
C ILE C 411 18.72 -5.63 108.50
N PHE C 412 18.51 -5.34 107.23
CA PHE C 412 18.80 -6.30 106.18
C PHE C 412 20.31 -6.48 106.06
N CYS C 413 20.70 -7.55 105.36
CA CYS C 413 21.99 -8.17 105.63
C CYS C 413 22.39 -9.00 104.42
N SER C 414 23.42 -8.58 103.71
CA SER C 414 23.90 -9.35 102.57
C SER C 414 24.47 -10.68 103.05
N ARG C 415 24.50 -11.63 102.13
CA ARG C 415 25.02 -12.95 102.46
C ARG C 415 26.53 -12.89 102.58
N GLU C 416 27.14 -14.02 102.90
CA GLU C 416 28.57 -14.04 103.19
C GLU C 416 29.39 -13.41 102.06
N LYS C 417 29.18 -13.85 100.83
CA LYS C 417 29.95 -13.32 99.71
C LYS C 417 29.14 -13.18 98.43
N MET C 418 27.86 -13.52 98.45
CA MET C 418 27.11 -13.78 97.24
C MET C 418 26.31 -12.54 96.82
N SER C 419 27.00 -11.41 96.68
CA SER C 419 26.28 -10.19 96.34
C SER C 419 26.72 -9.52 95.04
N TYR C 420 27.93 -8.97 95.04
CA TYR C 420 28.56 -8.36 93.87
C TYR C 420 27.54 -7.80 92.89
N LEU C 421 26.71 -6.86 93.31
CA LEU C 421 25.70 -6.33 92.40
C LEU C 421 26.36 -5.80 91.13
N GLN C 422 25.79 -6.18 89.99
CA GLN C 422 26.35 -5.80 88.69
C GLN C 422 25.21 -5.44 87.74
N LYS C 423 25.52 -4.57 86.77
CA LYS C 423 24.54 -4.19 85.77
C LYS C 423 24.15 -5.41 84.93
N GLY C 424 22.88 -5.45 84.53
CA GLY C 424 22.41 -6.53 83.68
C GLY C 424 22.65 -7.89 84.30
N LYS C 425 22.37 -8.03 85.58
CA LYS C 425 22.64 -9.25 86.31
C LYS C 425 21.46 -9.57 87.22
N SER C 426 21.43 -10.81 87.68
CA SER C 426 20.38 -11.22 88.60
C SER C 426 20.46 -10.39 89.87
N PRO C 427 19.33 -10.12 90.51
CA PRO C 427 19.35 -9.33 91.75
C PRO C 427 20.17 -10.01 92.82
N VAL C 428 20.32 -9.32 93.94
CA VAL C 428 21.03 -9.83 95.11
C VAL C 428 20.04 -10.05 96.23
N ILE C 429 20.03 -11.25 96.78
CA ILE C 429 19.08 -11.58 97.84
C ILE C 429 19.57 -11.01 99.17
N PHE C 430 18.61 -10.74 100.05
CA PHE C 430 18.91 -10.30 101.41
C PHE C 430 17.88 -10.91 102.35
N VAL C 431 18.21 -10.90 103.64
CA VAL C 431 17.40 -11.57 104.65
C VAL C 431 17.45 -10.76 105.95
N LYS C 432 16.57 -11.12 106.88
CA LYS C 432 16.59 -10.54 108.22
C LYS C 432 17.78 -11.08 108.99
N CYS C 433 18.34 -10.24 109.86
CA CYS C 433 19.69 -10.46 110.34
C CYS C 433 19.92 -9.64 111.60
N HIS C 434 21.06 -9.88 112.23
CA HIS C 434 21.51 -9.10 113.37
C HIS C 434 20.59 -9.28 114.57
N ASP D 1 46.81 -23.03 47.42
CA ASP D 1 46.63 -22.05 48.48
C ASP D 1 45.17 -21.64 48.59
N PHE D 2 44.26 -22.58 48.31
CA PHE D 2 42.83 -22.33 48.36
C PHE D 2 42.13 -23.50 49.04
N ARG D 3 42.72 -24.00 50.12
CA ARG D 3 42.17 -25.12 50.87
C ARG D 3 41.79 -24.74 52.29
N ASP D 4 42.04 -23.51 52.72
CA ASP D 4 41.69 -23.03 54.05
C ASP D 4 40.55 -22.01 53.97
N ILE D 5 39.64 -22.21 53.02
CA ILE D 5 38.57 -21.25 52.78
C ILE D 5 37.53 -21.33 53.89
N GLU D 6 36.88 -22.48 54.03
CA GLU D 6 35.93 -22.72 55.11
C GLU D 6 34.87 -21.64 55.19
N SER D 7 34.58 -20.99 54.06
CA SER D 7 33.53 -19.97 53.99
C SER D 7 33.03 -19.96 52.55
N LYS D 8 31.89 -20.62 52.33
CA LYS D 8 31.39 -20.77 50.98
C LYS D 8 30.72 -19.49 50.50
N PHE D 9 31.03 -19.10 49.28
CA PHE D 9 30.46 -17.92 48.63
C PHE D 9 29.29 -18.39 47.76
N ALA D 10 28.10 -17.88 48.05
CA ALA D 10 26.91 -18.24 47.31
C ALA D 10 26.62 -17.19 46.24
N LEU D 11 25.68 -17.52 45.35
CA LEU D 11 25.31 -16.61 44.25
C LEU D 11 23.83 -16.85 43.96
N ARG D 12 22.98 -16.02 44.54
CA ARG D 12 21.56 -16.14 44.33
C ARG D 12 21.15 -15.42 43.04
N THR D 13 19.89 -15.58 42.69
CA THR D 13 19.30 -14.95 41.51
C THR D 13 17.91 -14.42 41.84
N PRO D 14 17.38 -13.52 41.02
CA PRO D 14 16.06 -12.95 41.33
C PRO D 14 14.98 -13.98 41.54
N GLU D 15 15.04 -15.10 40.81
CA GLU D 15 14.02 -16.13 40.96
C GLU D 15 14.18 -16.90 42.26
N ASP D 16 15.36 -16.84 42.87
CA ASP D 16 15.63 -17.54 44.13
C ASP D 16 16.43 -16.61 45.04
N THR D 17 15.73 -15.94 45.96
CA THR D 17 16.35 -15.01 46.89
C THR D 17 16.37 -15.56 48.32
N ALA D 18 16.12 -16.85 48.46
CA ALA D 18 16.02 -17.48 49.77
C ALA D 18 17.11 -18.52 50.01
N GLU D 19 17.26 -19.47 49.09
CA GLU D 19 18.16 -20.60 49.27
C GLU D 19 19.38 -20.44 48.38
N ASP D 20 20.55 -20.67 48.96
CA ASP D 20 21.78 -20.64 48.19
C ASP D 20 21.85 -21.87 47.28
N THR D 21 22.01 -21.61 45.98
CA THR D 21 22.01 -22.68 44.98
C THR D 21 23.41 -22.99 44.46
N CYS D 22 24.26 -21.98 44.34
CA CYS D 22 25.58 -22.14 43.76
C CYS D 22 26.64 -22.12 44.84
N HIS D 23 27.88 -22.41 44.44
CA HIS D 23 29.01 -22.38 45.36
C HIS D 23 30.25 -22.01 44.55
N LEU D 24 30.60 -20.73 44.55
CA LEU D 24 31.75 -20.22 43.80
C LEU D 24 33.03 -20.55 44.57
N ILE D 25 33.48 -21.79 44.42
CA ILE D 25 34.68 -22.22 45.16
C ILE D 25 35.89 -21.48 44.62
N PRO D 26 36.68 -20.81 45.46
CA PRO D 26 37.87 -20.13 44.95
C PRO D 26 38.84 -21.12 44.32
N GLY D 27 39.54 -20.66 43.29
CA GLY D 27 40.51 -21.47 42.59
C GLY D 27 39.88 -22.39 41.57
N VAL D 28 38.78 -23.04 41.94
CA VAL D 28 38.06 -23.94 41.03
C VAL D 28 37.22 -23.06 40.11
N THR D 29 37.73 -22.82 38.91
CA THR D 29 37.05 -21.93 37.98
C THR D 29 35.74 -22.50 37.48
N GLU D 30 35.49 -23.80 37.71
CA GLU D 30 34.33 -24.44 37.13
C GLU D 30 33.04 -23.78 37.60
N SER D 31 33.02 -23.27 38.83
CA SER D 31 31.79 -22.72 39.39
C SER D 31 31.34 -21.48 38.61
N VAL D 32 32.30 -20.68 38.14
CA VAL D 32 31.96 -19.46 37.42
C VAL D 32 31.17 -19.81 36.17
N ALA D 33 31.63 -20.82 35.43
CA ALA D 33 30.89 -21.24 34.24
C ALA D 33 29.60 -21.95 34.62
N ASN D 34 29.61 -22.67 35.73
CA ASN D 34 28.40 -23.39 36.17
C ASN D 34 27.26 -22.42 36.43
N CYS D 35 27.55 -21.31 37.08
CA CYS D 35 26.53 -20.33 37.43
C CYS D 35 26.84 -19.02 36.73
N HIS D 36 25.86 -18.51 35.97
CA HIS D 36 26.09 -17.35 35.13
C HIS D 36 26.60 -16.17 35.94
N PHE D 37 27.60 -15.48 35.40
CA PHE D 37 28.26 -14.37 36.09
C PHE D 37 28.64 -13.34 35.04
N ASN D 38 27.81 -12.31 34.88
CA ASN D 38 28.06 -11.28 33.90
C ASN D 38 29.29 -10.49 34.31
N HIS D 39 30.42 -10.76 33.66
CA HIS D 39 31.69 -10.13 34.00
C HIS D 39 31.73 -8.66 33.64
N SER D 40 30.74 -8.17 32.89
CA SER D 40 30.71 -6.76 32.52
C SER D 40 30.00 -5.91 33.58
N SER D 41 28.97 -6.45 34.21
CA SER D 41 28.13 -5.67 35.08
C SER D 41 28.71 -5.60 36.49
N LYS D 42 28.08 -4.78 37.32
CA LYS D 42 28.49 -4.58 38.70
C LYS D 42 28.08 -5.80 39.53
N THR D 43 28.80 -6.02 40.62
CA THR D 43 28.57 -7.19 41.47
C THR D 43 28.73 -6.83 42.93
N PHE D 44 27.65 -6.98 43.69
CA PHE D 44 27.66 -6.66 45.11
C PHE D 44 28.13 -7.87 45.92
N VAL D 45 28.49 -7.61 47.18
CA VAL D 45 28.90 -8.66 48.10
C VAL D 45 28.30 -8.37 49.46
N VAL D 46 27.32 -9.17 49.86
CA VAL D 46 26.65 -9.01 51.14
C VAL D 46 27.38 -9.82 52.19
N ILE D 47 27.68 -9.19 53.32
CA ILE D 47 28.37 -9.85 54.42
C ILE D 47 27.50 -9.64 55.65
N HIS D 48 26.72 -10.67 56.00
CA HIS D 48 25.91 -10.58 57.20
C HIS D 48 26.79 -10.74 58.43
N GLY D 49 26.15 -10.78 59.60
CA GLY D 49 26.88 -10.77 60.85
C GLY D 49 26.46 -11.85 61.82
N TRP D 50 26.77 -11.62 63.09
CA TRP D 50 26.56 -12.64 64.11
C TRP D 50 25.09 -13.01 64.22
N THR D 51 24.83 -14.30 64.40
CA THR D 51 23.47 -14.78 64.55
C THR D 51 23.45 -15.89 65.59
N VAL D 52 22.58 -15.73 66.59
CA VAL D 52 22.43 -16.76 67.61
C VAL D 52 21.94 -18.05 66.98
N THR D 53 21.08 -17.96 65.98
CA THR D 53 20.57 -19.13 65.29
C THR D 53 21.63 -19.64 64.31
N GLY D 54 21.27 -20.70 63.59
CA GLY D 54 22.17 -21.29 62.61
C GLY D 54 21.71 -21.05 61.19
N MET D 55 21.19 -19.86 60.92
CA MET D 55 20.69 -19.53 59.60
C MET D 55 20.75 -18.02 59.39
N TYR D 56 20.60 -17.63 58.13
CA TYR D 56 20.64 -16.23 57.77
C TYR D 56 19.51 -15.46 58.46
N GLU D 57 19.78 -14.22 58.83
CA GLU D 57 18.74 -13.38 59.39
C GLU D 57 17.62 -13.17 58.38
N SER D 58 16.54 -12.55 58.86
CA SER D 58 15.32 -12.42 58.06
C SER D 58 15.39 -11.29 57.03
N TRP D 59 16.45 -10.48 57.05
CA TRP D 59 16.52 -9.30 56.18
C TRP D 59 17.26 -9.56 54.87
N VAL D 60 18.10 -10.59 54.82
CA VAL D 60 18.88 -10.85 53.62
C VAL D 60 18.00 -11.05 52.39
N PRO D 61 16.92 -11.84 52.43
CA PRO D 61 16.10 -12.02 51.23
C PRO D 61 15.54 -10.71 50.70
N LYS D 62 15.00 -9.88 51.58
CA LYS D 62 14.46 -8.60 51.15
C LYS D 62 15.56 -7.72 50.57
N LEU D 63 16.71 -7.69 51.22
CA LEU D 63 17.82 -6.86 50.72
C LEU D 63 18.20 -7.28 49.31
N VAL D 64 18.38 -8.59 49.10
CA VAL D 64 18.86 -9.04 47.80
C VAL D 64 17.78 -8.84 46.73
N ALA D 65 16.52 -9.05 47.10
CA ALA D 65 15.44 -8.83 46.14
C ALA D 65 15.42 -7.38 45.71
N ALA D 66 15.55 -6.46 46.66
CA ALA D 66 15.55 -5.03 46.32
C ALA D 66 16.78 -4.68 45.50
N LEU D 67 17.92 -5.32 45.79
CA LEU D 67 19.13 -5.05 45.04
C LEU D 67 18.94 -5.43 43.58
N TYR D 68 18.36 -6.60 43.33
CA TYR D 68 18.06 -6.97 41.94
C TYR D 68 17.04 -6.02 41.32
N LYS D 69 16.02 -5.63 42.08
CA LYS D 69 15.05 -4.68 41.55
C LYS D 69 15.73 -3.41 41.09
N ARG D 70 16.67 -2.90 41.89
CA ARG D 70 17.33 -1.64 41.55
C ARG D 70 18.29 -1.82 40.38
N GLU D 71 19.10 -2.87 40.39
CA GLU D 71 20.16 -3.07 39.39
C GLU D 71 20.07 -4.48 38.83
N PRO D 72 19.17 -4.71 37.88
CA PRO D 72 19.08 -6.04 37.26
C PRO D 72 20.34 -6.36 36.46
N ASP D 73 20.44 -7.63 36.09
CA ASP D 73 21.58 -8.14 35.33
C ASP D 73 22.89 -7.80 36.03
N SER D 74 22.88 -7.94 37.36
CA SER D 74 24.06 -7.70 38.18
C SER D 74 24.18 -8.81 39.19
N ASN D 75 25.39 -9.36 39.33
CA ASN D 75 25.59 -10.52 40.17
C ASN D 75 25.55 -10.13 41.64
N VAL D 76 25.21 -11.11 42.47
CA VAL D 76 25.16 -10.94 43.92
C VAL D 76 25.87 -12.12 44.55
N ILE D 77 26.69 -11.84 45.55
CA ILE D 77 27.45 -12.88 46.26
C ILE D 77 27.08 -12.80 47.74
N VAL D 78 26.88 -13.97 48.34
CA VAL D 78 26.61 -14.07 49.78
C VAL D 78 27.65 -14.99 50.39
N VAL D 79 27.95 -14.74 51.66
CA VAL D 79 28.95 -15.48 52.39
C VAL D 79 28.26 -16.40 53.39
N ASP D 80 29.06 -17.26 54.02
CA ASP D 80 28.55 -18.33 54.87
C ASP D 80 29.17 -18.26 56.26
N TRP D 81 29.07 -17.09 56.89
CA TRP D 81 29.52 -16.91 58.27
C TRP D 81 29.19 -18.11 59.15
N LEU D 82 28.06 -18.76 58.86
CA LEU D 82 27.64 -19.90 59.65
C LEU D 82 28.77 -20.91 59.79
N SER D 83 28.75 -21.66 60.88
CA SER D 83 29.77 -22.62 61.31
C SER D 83 30.92 -21.93 62.02
N ARG D 84 31.03 -20.62 61.93
CA ARG D 84 32.05 -19.85 62.63
C ARG D 84 31.47 -18.75 63.49
N ALA D 85 30.37 -18.12 63.04
CA ALA D 85 29.76 -17.05 63.81
C ALA D 85 28.95 -17.59 64.99
N GLN D 86 28.44 -18.82 64.88
CA GLN D 86 27.65 -19.37 65.98
C GLN D 86 28.46 -19.44 67.27
N GLN D 87 29.78 -19.45 67.15
CA GLN D 87 30.63 -19.54 68.32
C GLN D 87 30.47 -18.29 69.19
N HIS D 88 31.16 -18.30 70.33
CA HIS D 88 31.13 -17.17 71.24
C HIS D 88 31.43 -15.87 70.49
N TYR D 89 30.75 -14.80 70.90
CA TYR D 89 30.85 -13.53 70.16
C TYR D 89 32.28 -13.05 70.04
N PRO D 90 33.08 -13.03 71.10
CA PRO D 90 34.51 -12.68 70.92
C PRO D 90 35.22 -13.56 69.92
N VAL D 91 34.85 -14.84 69.85
CA VAL D 91 35.46 -15.72 68.86
C VAL D 91 35.17 -15.22 67.46
N SER D 92 33.97 -14.70 67.24
CA SER D 92 33.65 -14.10 65.95
C SER D 92 34.49 -12.84 65.72
N ALA D 93 34.70 -12.06 66.78
CA ALA D 93 35.56 -10.88 66.66
C ALA D 93 36.95 -11.28 66.21
N GLY D 94 37.47 -12.38 66.74
CA GLY D 94 38.76 -12.87 66.27
C GLY D 94 38.71 -13.40 64.85
N TYR D 95 37.65 -14.14 64.51
CA TYR D 95 37.51 -14.75 63.20
C TYR D 95 37.24 -13.74 62.11
N THR D 96 36.92 -12.50 62.47
CA THR D 96 36.79 -11.46 61.46
C THR D 96 38.03 -11.38 60.60
N LYS D 97 39.21 -11.56 61.21
CA LYS D 97 40.46 -11.50 60.46
C LYS D 97 40.53 -12.63 59.44
N LEU D 98 40.15 -13.84 59.86
CA LEU D 98 40.18 -14.97 58.96
C LEU D 98 39.23 -14.77 57.79
N VAL D 99 38.02 -14.29 58.07
CA VAL D 99 37.06 -14.09 56.98
C VAL D 99 37.53 -12.97 56.06
N GLY D 100 38.16 -11.94 56.62
CA GLY D 100 38.68 -10.88 55.77
C GLY D 100 39.79 -11.37 54.87
N GLN D 101 40.70 -12.18 55.42
CA GLN D 101 41.74 -12.77 54.59
C GLN D 101 41.12 -13.65 53.50
N ASP D 102 40.08 -14.39 53.86
CA ASP D 102 39.42 -15.26 52.89
C ASP D 102 38.80 -14.45 51.75
N VAL D 103 38.11 -13.37 52.09
CA VAL D 103 37.48 -12.54 51.08
C VAL D 103 38.54 -11.87 50.20
N ALA D 104 39.63 -11.42 50.81
CA ALA D 104 40.72 -10.83 50.04
C ALA D 104 41.29 -11.84 49.06
N LYS D 105 41.49 -13.08 49.51
CA LYS D 105 41.98 -14.11 48.61
C LYS D 105 40.99 -14.37 47.49
N PHE D 106 39.70 -14.39 47.80
CA PHE D 106 38.67 -14.57 46.78
C PHE D 106 38.78 -13.51 45.72
N MET D 107 38.83 -12.24 46.14
CA MET D 107 38.84 -11.13 45.20
C MET D 107 40.13 -11.12 44.39
N ASN D 108 41.26 -11.44 45.03
CA ASN D 108 42.53 -11.49 44.32
C ASN D 108 42.52 -12.60 43.27
N TRP D 109 41.96 -13.76 43.62
CA TRP D 109 41.84 -14.83 42.66
C TRP D 109 40.97 -14.42 41.48
N MET D 110 39.88 -13.71 41.76
CA MET D 110 39.03 -13.22 40.68
C MET D 110 39.79 -12.25 39.79
N ALA D 111 40.51 -11.31 40.39
CA ALA D 111 41.25 -10.32 39.63
C ALA D 111 42.46 -10.92 38.90
N ASP D 112 42.88 -12.12 39.28
CA ASP D 112 43.96 -12.80 38.58
C ASP D 112 43.43 -13.64 37.42
N GLU D 113 42.45 -14.51 37.69
CA GLU D 113 41.93 -15.38 36.64
C GLU D 113 41.10 -14.62 35.62
N PHE D 114 40.19 -13.78 36.09
CA PHE D 114 39.25 -13.06 35.22
C PHE D 114 39.51 -11.56 35.17
N ASN D 115 40.50 -11.07 35.91
CA ASN D 115 40.83 -9.65 35.95
C ASN D 115 39.58 -8.78 35.98
N TYR D 116 38.59 -9.19 36.77
CA TYR D 116 37.37 -8.40 36.89
C TYR D 116 37.71 -7.04 37.50
N PRO D 117 37.21 -5.95 36.92
CA PRO D 117 37.54 -4.63 37.47
C PRO D 117 37.06 -4.48 38.91
N LEU D 118 37.98 -4.11 39.79
CA LEU D 118 37.65 -3.96 41.20
C LEU D 118 36.79 -2.74 41.47
N GLY D 119 36.59 -1.88 40.46
CA GLY D 119 35.85 -0.66 40.65
C GLY D 119 34.35 -0.85 40.47
N ASN D 120 33.90 -2.09 40.53
CA ASN D 120 32.50 -2.40 40.28
C ASN D 120 31.97 -3.39 41.31
N VAL D 121 32.42 -3.29 42.56
CA VAL D 121 32.03 -4.22 43.61
C VAL D 121 31.77 -3.44 44.89
N HIS D 122 30.69 -3.80 45.59
CA HIS D 122 30.37 -3.25 46.90
C HIS D 122 30.51 -4.35 47.95
N LEU D 123 31.15 -4.01 49.06
CA LEU D 123 31.24 -4.92 50.20
C LEU D 123 30.21 -4.49 51.24
N LEU D 124 28.95 -4.78 50.95
CA LEU D 124 27.88 -4.44 51.89
C LEU D 124 28.10 -5.17 53.20
N GLY D 125 28.40 -4.39 54.24
CA GLY D 125 28.71 -4.94 55.54
C GLY D 125 27.71 -4.53 56.60
N TYR D 126 27.29 -5.52 57.37
CA TYR D 126 26.38 -5.31 58.49
C TYR D 126 27.06 -5.85 59.74
N SER D 127 26.59 -5.39 60.89
CA SER D 127 27.04 -5.89 62.19
C SER D 127 28.55 -6.11 62.14
N LEU D 128 29.03 -7.32 62.47
CA LEU D 128 30.45 -7.62 62.34
C LEU D 128 30.89 -7.61 60.89
N GLY D 129 29.95 -7.77 59.96
CA GLY D 129 30.33 -7.87 58.56
C GLY D 129 30.99 -6.61 58.04
N ALA D 130 30.56 -5.46 58.55
CA ALA D 130 31.19 -4.22 58.13
C ALA D 130 32.67 -4.20 58.49
N HIS D 131 33.00 -4.56 59.72
CA HIS D 131 34.41 -4.62 60.11
C HIS D 131 35.14 -5.70 59.33
N ALA D 132 34.45 -6.79 59.02
CA ALA D 132 35.07 -7.85 58.24
C ALA D 132 35.49 -7.33 56.87
N ALA D 133 34.57 -6.63 56.20
CA ALA D 133 34.91 -6.06 54.90
C ALA D 133 36.02 -5.02 55.04
N GLY D 134 35.96 -4.20 56.09
CA GLY D 134 36.97 -3.17 56.26
C GLY D 134 38.37 -3.76 56.38
N ILE D 135 38.50 -4.78 57.23
CA ILE D 135 39.78 -5.49 57.29
C ILE D 135 40.06 -6.15 55.95
N ALA D 136 39.01 -6.48 55.20
CA ALA D 136 39.18 -6.95 53.85
C ALA D 136 39.41 -5.77 52.92
N GLY D 137 39.71 -6.07 51.66
CA GLY D 137 39.98 -5.03 50.69
C GLY D 137 41.35 -4.42 50.88
N SER D 138 41.65 -4.03 52.13
CA SER D 138 42.98 -3.50 52.45
C SER D 138 44.08 -4.44 51.99
N LEU D 139 43.84 -5.75 52.09
CA LEU D 139 44.80 -6.71 51.57
C LEU D 139 44.76 -6.80 50.06
N THR D 140 43.65 -6.40 49.45
CA THR D 140 43.54 -6.43 48.00
C THR D 140 44.52 -5.44 47.38
N ASN D 141 45.07 -5.81 46.23
CA ASN D 141 46.06 -4.98 45.58
C ASN D 141 45.45 -3.77 44.86
N LYS D 142 44.24 -3.93 44.31
CA LYS D 142 43.62 -2.90 43.47
C LYS D 142 42.51 -2.14 44.19
N LYS D 143 42.44 -2.22 45.51
CA LYS D 143 41.47 -1.45 46.27
C LYS D 143 40.04 -1.79 45.85
N VAL D 144 39.07 -1.13 46.47
CA VAL D 144 37.66 -1.39 46.22
C VAL D 144 36.92 -0.06 46.12
N ASN D 145 35.94 0.00 45.21
CA ASN D 145 35.18 1.23 44.99
C ASN D 145 34.39 1.62 46.22
N ARG D 146 33.41 0.80 46.61
CA ARG D 146 32.51 1.11 47.70
C ARG D 146 32.54 -0.02 48.74
N ILE D 147 32.53 0.38 50.01
CA ILE D 147 32.56 -0.57 51.12
C ILE D 147 31.42 -0.25 52.09
N THR D 148 30.34 0.33 51.57
CA THR D 148 29.24 0.79 52.40
C THR D 148 28.82 -0.27 53.40
N GLY D 149 28.94 0.04 54.69
CA GLY D 149 28.55 -0.85 55.75
C GLY D 149 27.26 -0.42 56.42
N LEU D 150 26.85 -1.20 57.42
CA LEU D 150 25.61 -0.96 58.14
C LEU D 150 25.81 -1.27 59.60
N ASP D 151 25.70 -0.25 60.44
CA ASP D 151 25.75 -0.42 61.88
C ASP D 151 27.02 -1.16 62.28
N PRO D 152 28.19 -0.57 62.06
CA PRO D 152 29.43 -1.25 62.43
C PRO D 152 29.46 -1.57 63.92
N ALA D 153 30.00 -2.73 64.24
CA ALA D 153 30.07 -3.16 65.62
C ALA D 153 31.04 -2.29 66.41
N GLY D 154 30.69 -2.05 67.67
CA GLY D 154 31.48 -1.21 68.54
C GLY D 154 32.47 -1.98 69.39
N PRO D 155 32.01 -3.03 70.07
CA PRO D 155 32.89 -3.74 71.01
C PRO D 155 34.13 -4.29 70.33
N ASN D 156 35.24 -4.22 71.04
CA ASN D 156 36.52 -4.77 70.58
C ASN D 156 36.98 -4.12 69.28
N PHE D 157 36.41 -2.97 68.94
CA PHE D 157 36.84 -2.21 67.77
C PHE D 157 37.13 -0.76 68.09
N GLU D 158 36.47 -0.20 69.10
CA GLU D 158 36.90 1.10 69.60
C GLU D 158 38.28 0.98 70.22
N TYR D 159 39.00 2.09 70.23
CA TYR D 159 40.38 2.12 70.68
C TYR D 159 41.23 1.14 69.87
N ALA D 160 41.03 1.14 68.56
CA ALA D 160 41.71 0.25 67.64
C ALA D 160 42.33 1.07 66.51
N GLU D 161 42.82 0.38 65.48
CA GLU D 161 43.45 1.00 64.34
C GLU D 161 42.88 0.43 63.05
N ALA D 162 43.29 1.02 61.93
CA ALA D 162 42.80 0.59 60.62
C ALA D 162 42.96 -0.88 60.36
N PRO D 163 44.11 -1.51 60.62
CA PRO D 163 44.23 -2.94 60.29
C PRO D 163 43.21 -3.81 61.03
N SER D 164 42.82 -3.41 62.24
CA SER D 164 41.92 -4.21 63.05
C SER D 164 40.48 -3.74 62.99
N ARG D 165 40.18 -2.70 62.22
CA ARG D 165 38.81 -2.21 62.12
C ARG D 165 38.63 -1.46 60.82
N LEU D 166 37.38 -1.22 60.47
CA LEU D 166 37.08 -0.48 59.25
C LEU D 166 37.74 0.89 59.28
N SER D 167 38.35 1.27 58.17
CA SER D 167 39.07 2.52 58.05
C SER D 167 38.71 3.19 56.73
N PRO D 168 38.82 4.52 56.66
CA PRO D 168 38.53 5.20 55.39
C PRO D 168 39.44 4.76 54.25
N ASP D 169 40.68 4.39 54.56
CA ASP D 169 41.62 3.97 53.54
C ASP D 169 41.39 2.54 53.06
N ASP D 170 40.49 1.80 53.71
CA ASP D 170 40.22 0.43 53.32
C ASP D 170 39.62 0.35 51.92
N ALA D 171 39.12 1.45 51.38
CA ALA D 171 38.47 1.44 50.08
C ALA D 171 38.45 2.86 49.53
N ASP D 172 38.10 2.98 48.25
CA ASP D 172 38.05 4.28 47.61
C ASP D 172 37.03 5.18 48.28
N PHE D 173 35.84 4.65 48.54
CA PHE D 173 34.77 5.40 49.19
C PHE D 173 34.13 4.53 50.25
N VAL D 174 33.57 5.16 51.26
CA VAL D 174 32.97 4.43 52.38
C VAL D 174 31.89 5.30 53.00
N ASP D 175 30.87 4.64 53.54
CA ASP D 175 29.83 5.32 54.30
C ASP D 175 29.19 4.31 55.24
N VAL D 176 28.82 4.80 56.43
CA VAL D 176 28.25 3.97 57.48
C VAL D 176 26.97 4.60 57.98
N LEU D 177 26.12 3.76 58.56
CA LEU D 177 24.82 4.16 59.08
C LEU D 177 24.81 3.92 60.58
N HIS D 178 25.26 4.93 61.34
CA HIS D 178 25.28 4.83 62.79
C HIS D 178 23.86 4.91 63.35
N THR D 179 23.18 3.78 63.39
CA THR D 179 21.78 3.73 63.76
C THR D 179 21.56 3.48 65.25
N PHE D 180 22.63 3.34 66.03
CA PHE D 180 22.48 3.06 67.45
C PHE D 180 23.78 3.35 68.15
N THR D 181 23.75 4.26 69.13
CA THR D 181 24.95 4.61 69.87
C THR D 181 24.70 4.83 71.36
N ARG D 182 23.49 4.58 71.84
CA ARG D 182 23.18 4.87 73.23
C ARG D 182 24.04 4.01 74.15
N GLY D 183 24.59 4.63 75.18
CA GLY D 183 25.41 3.97 76.16
C GLY D 183 26.74 4.67 76.34
N SER D 184 27.52 4.15 77.28
CA SER D 184 28.82 4.74 77.56
C SER D 184 29.77 4.52 76.39
N PRO D 185 30.76 5.40 76.21
CA PRO D 185 31.75 5.18 75.15
C PRO D 185 32.47 3.85 75.33
N GLY D 186 32.72 3.18 74.22
CA GLY D 186 33.44 1.93 74.22
C GLY D 186 32.64 0.73 74.67
N ARG D 187 31.39 0.92 75.07
CA ARG D 187 30.54 -0.20 75.48
C ARG D 187 29.24 -0.28 74.72
N SER D 188 28.79 0.80 74.06
CA SER D 188 27.63 0.71 73.20
C SER D 188 27.94 -0.20 72.02
N ILE D 189 26.93 -0.99 71.62
CA ILE D 189 27.13 -1.93 70.53
C ILE D 189 27.59 -1.21 69.27
N GLY D 190 26.97 -0.06 68.98
CA GLY D 190 27.28 0.67 67.77
C GLY D 190 28.42 1.66 67.99
N ILE D 191 29.49 1.49 67.23
CA ILE D 191 30.61 2.41 67.32
C ILE D 191 30.12 3.83 67.04
N GLN D 192 30.60 4.76 67.86
CA GLN D 192 30.26 6.17 67.72
C GLN D 192 31.33 6.99 67.06
N LYS D 193 32.59 6.54 67.12
CA LYS D 193 33.66 7.28 66.47
C LYS D 193 33.47 7.24 64.96
N PRO D 194 33.48 8.37 64.27
CA PRO D 194 33.31 8.36 62.82
C PRO D 194 34.44 7.58 62.15
N VAL D 195 34.11 6.87 61.09
CA VAL D 195 35.05 5.95 60.44
C VAL D 195 35.26 6.33 58.99
N GLY D 196 34.17 6.46 58.22
CA GLY D 196 34.27 6.68 56.80
C GLY D 196 34.44 8.15 56.45
N HIS D 197 34.57 8.39 55.14
CA HIS D 197 34.64 9.75 54.65
C HIS D 197 33.40 10.53 55.02
N VAL D 198 32.23 9.90 54.91
CA VAL D 198 30.96 10.48 55.33
C VAL D 198 30.23 9.46 56.18
N ASP D 199 29.67 9.92 57.29
CA ASP D 199 28.93 9.06 58.21
C ASP D 199 27.55 9.65 58.45
N ILE D 200 26.59 8.78 58.74
CA ILE D 200 25.19 9.17 58.88
C ILE D 200 24.72 8.72 60.26
N TYR D 201 24.07 9.65 60.98
CA TYR D 201 23.63 9.41 62.35
C TYR D 201 22.13 9.74 62.43
N PRO D 202 21.28 8.89 61.87
CA PRO D 202 19.84 9.17 61.89
C PRO D 202 19.33 9.25 63.32
N ASN D 203 18.46 10.23 63.54
CA ASN D 203 17.83 10.46 64.84
C ASN D 203 18.84 10.76 65.94
N GLY D 204 20.11 10.95 65.58
CA GLY D 204 21.17 11.11 66.54
C GLY D 204 21.76 9.82 67.06
N GLY D 205 21.20 8.68 66.67
CA GLY D 205 21.71 7.40 67.10
C GLY D 205 21.25 6.95 68.47
N THR D 206 20.49 7.77 69.19
CA THR D 206 20.06 7.39 70.53
C THR D 206 19.15 6.17 70.48
N PHE D 207 18.22 6.15 69.53
CA PHE D 207 17.26 5.07 69.40
C PHE D 207 16.47 5.31 68.11
N GLN D 208 15.46 4.48 67.88
CA GLN D 208 14.58 4.63 66.74
C GLN D 208 13.12 4.55 67.19
N PRO D 209 12.21 5.18 66.43
CA PRO D 209 10.82 5.27 66.90
C PRO D 209 10.01 4.01 66.66
N GLY D 210 10.32 3.27 65.60
CA GLY D 210 9.50 2.14 65.22
C GLY D 210 9.64 0.96 66.15
N CYS D 211 9.41 1.18 67.43
CA CYS D 211 9.51 0.13 68.43
C CYS D 211 8.97 0.69 69.75
N ASN D 212 9.07 -0.12 70.80
CA ASN D 212 8.48 0.21 72.10
C ASN D 212 9.46 -0.27 73.16
N ILE D 213 8.98 -0.33 74.41
CA ILE D 213 9.83 -0.81 75.51
C ILE D 213 10.36 -2.20 75.19
N GLY D 214 9.50 -3.08 74.70
CA GLY D 214 9.93 -4.41 74.28
C GLY D 214 9.82 -5.45 75.37
N GLU D 215 10.95 -5.80 75.97
CA GLU D 215 11.00 -6.89 76.95
C GLU D 215 10.21 -6.51 78.19
N ALA D 216 9.06 -7.13 78.40
CA ALA D 216 8.26 -6.87 79.59
C ALA D 216 8.91 -7.49 80.82
N LEU D 217 9.38 -8.73 80.71
CA LEU D 217 10.02 -9.42 81.82
C LEU D 217 10.99 -10.45 81.26
N ARG D 218 11.92 -10.88 82.11
CA ARG D 218 12.95 -11.82 81.66
C ARG D 218 12.34 -13.13 81.20
N VAL D 219 11.38 -13.66 81.96
CA VAL D 219 10.79 -14.97 81.66
C VAL D 219 9.49 -14.84 80.89
N ILE D 220 8.63 -13.91 81.29
CA ILE D 220 7.31 -13.78 80.64
C ILE D 220 7.48 -13.38 79.18
N ALA D 221 8.33 -12.40 78.91
CA ALA D 221 8.58 -11.95 77.56
C ALA D 221 9.62 -12.86 76.90
N GLU D 222 10.13 -12.45 75.74
CA GLU D 222 11.06 -13.24 74.94
C GLU D 222 12.29 -12.39 74.65
N ARG D 223 13.28 -12.44 75.55
CA ARG D 223 14.49 -11.66 75.38
C ARG D 223 15.12 -11.95 74.03
N GLY D 224 15.57 -13.18 73.85
CA GLY D 224 16.03 -13.66 72.55
C GLY D 224 15.18 -14.83 72.09
N LEU D 225 14.02 -15.00 72.72
CA LEU D 225 13.14 -16.12 72.42
C LEU D 225 12.21 -15.79 71.25
N GLY D 226 12.78 -15.31 70.16
CA GLY D 226 11.97 -14.81 69.07
C GLY D 226 10.99 -13.77 69.56
N ASP D 227 9.80 -13.77 68.97
CA ASP D 227 8.71 -12.91 69.41
C ASP D 227 9.16 -11.46 69.57
N VAL D 228 9.45 -11.05 70.81
CA VAL D 228 9.84 -9.66 71.08
C VAL D 228 11.34 -9.43 70.96
N ASP D 229 12.09 -10.46 70.56
CA ASP D 229 13.52 -10.25 70.32
C ASP D 229 13.74 -9.26 69.19
N GLN D 230 12.94 -9.36 68.13
CA GLN D 230 13.03 -8.39 67.04
C GLN D 230 12.72 -6.99 67.53
N LEU D 231 11.69 -6.85 68.37
CA LEU D 231 11.38 -5.55 68.95
C LEU D 231 12.55 -5.02 69.78
N VAL D 232 13.21 -5.90 70.53
CA VAL D 232 14.41 -5.48 71.26
C VAL D 232 15.46 -4.98 70.28
N LYS D 233 15.60 -5.64 69.14
CA LYS D 233 16.48 -5.15 68.07
C LYS D 233 15.74 -4.08 67.26
N CYS D 234 15.54 -2.95 67.95
CA CYS D 234 14.75 -1.87 67.39
C CYS D 234 15.48 -1.17 66.25
N SER D 235 16.77 -0.91 66.44
CA SER D 235 17.53 -0.05 65.55
C SER D 235 18.57 -0.80 64.74
N HIS D 236 19.09 -1.91 65.28
CA HIS D 236 20.19 -2.61 64.64
C HIS D 236 19.81 -3.06 63.23
N GLU D 237 18.53 -3.34 63.00
CA GLU D 237 18.04 -3.66 61.66
C GLU D 237 17.45 -2.45 60.94
N ARG D 238 17.25 -1.34 61.66
CA ARG D 238 16.76 -0.13 61.02
C ARG D 238 17.74 0.37 59.98
N SER D 239 19.04 0.11 60.17
CA SER D 239 20.01 0.48 59.16
C SER D 239 19.70 -0.18 57.83
N VAL D 240 19.53 -1.51 57.85
CA VAL D 240 19.29 -2.24 56.62
C VAL D 240 17.94 -1.90 56.04
N HIS D 241 16.94 -1.68 56.91
CA HIS D 241 15.63 -1.30 56.40
C HIS D 241 15.69 0.07 55.72
N LEU D 242 16.45 1.00 56.30
CA LEU D 242 16.63 2.30 55.66
C LEU D 242 17.32 2.15 54.32
N PHE D 243 18.37 1.33 54.27
CA PHE D 243 19.10 1.15 53.02
C PHE D 243 18.20 0.57 51.94
N ILE D 244 17.41 -0.44 52.30
CA ILE D 244 16.55 -1.08 51.30
C ILE D 244 15.46 -0.13 50.85
N ASP D 245 14.93 0.68 51.78
CA ASP D 245 13.92 1.66 51.40
C ASP D 245 14.48 2.67 50.44
N SER D 246 15.69 3.17 50.71
CA SER D 246 16.33 4.12 49.80
C SER D 246 16.58 3.47 48.45
N LEU D 247 17.02 2.22 48.45
CA LEU D 247 17.29 1.52 47.20
C LEU D 247 16.02 1.39 46.37
N LEU D 248 14.91 1.06 47.02
CA LEU D 248 13.66 0.89 46.31
C LEU D 248 13.14 2.21 45.79
N ASN D 249 13.20 3.27 46.61
CA ASN D 249 12.71 4.59 46.21
C ASN D 249 13.88 5.43 45.70
N GLU D 250 14.32 5.11 44.49
CA GLU D 250 15.42 5.84 43.87
C GLU D 250 15.01 7.24 43.43
N GLU D 251 13.74 7.45 43.13
CA GLU D 251 13.31 8.73 42.55
C GLU D 251 13.46 9.88 43.54
N ASN D 252 13.14 9.65 44.81
CA ASN D 252 13.11 10.72 45.82
C ASN D 252 13.93 10.30 47.02
N PRO D 253 15.25 10.33 46.90
CA PRO D 253 16.11 9.97 48.05
C PRO D 253 15.95 10.96 49.18
N SER D 254 16.10 10.46 50.40
CA SER D 254 16.13 11.32 51.57
C SER D 254 17.46 12.08 51.61
N LYS D 255 17.39 13.35 51.99
CA LYS D 255 18.55 14.24 51.97
C LYS D 255 19.03 14.44 53.41
N ALA D 256 19.97 13.60 53.84
CA ALA D 256 20.61 13.80 55.13
C ALA D 256 21.49 15.05 55.10
N TYR D 257 21.60 15.71 56.24
CA TYR D 257 22.25 17.00 56.33
C TYR D 257 23.56 16.90 57.10
N ARG D 258 24.48 17.79 56.77
CA ARG D 258 25.80 17.84 57.39
C ARG D 258 25.84 18.96 58.42
N CYS D 259 26.44 18.70 59.57
CA CYS D 259 26.41 19.64 60.68
C CYS D 259 27.67 19.46 61.51
N ASN D 260 27.65 20.03 62.71
CA ASN D 260 28.76 19.96 63.64
C ASN D 260 28.49 19.04 64.83
N SER D 261 27.25 18.98 65.30
CA SER D 261 26.92 18.15 66.45
C SER D 261 25.42 17.90 66.46
N LYS D 262 25.02 16.88 67.21
CA LYS D 262 23.61 16.51 67.28
C LYS D 262 22.79 17.63 67.89
N GLU D 263 23.31 18.28 68.93
CA GLU D 263 22.59 19.39 69.55
C GLU D 263 22.47 20.55 68.58
N ALA D 264 23.53 20.84 67.84
CA ALA D 264 23.48 21.91 66.85
C ALA D 264 22.42 21.62 65.80
N PHE D 265 22.35 20.37 65.34
CA PHE D 265 21.32 20.00 64.37
C PHE D 265 19.93 20.13 64.96
N GLU D 266 19.75 19.70 66.21
CA GLU D 266 18.45 19.84 66.85
C GLU D 266 18.04 21.30 66.93
N LYS D 267 18.99 22.18 67.24
CA LYS D 267 18.69 23.62 67.26
C LYS D 267 18.29 24.09 65.87
N GLY D 268 18.99 23.63 64.84
CA GLY D 268 18.63 23.93 63.47
C GLY D 268 19.38 25.09 62.85
N LEU D 269 20.66 25.25 63.16
CA LEU D 269 21.48 26.33 62.61
C LEU D 269 22.42 25.83 61.53
N CYS D 270 22.36 24.56 61.17
CA CYS D 270 23.36 23.90 60.34
C CYS D 270 22.71 23.06 59.25
N LEU D 271 21.75 23.65 58.54
CA LEU D 271 21.05 22.94 57.46
C LEU D 271 21.45 23.42 56.07
N SER D 272 21.65 24.72 55.89
CA SER D 272 22.00 25.23 54.57
C SER D 272 23.27 24.57 54.08
N CYS D 273 23.24 24.09 52.83
CA CYS D 273 24.39 23.43 52.21
C CYS D 273 24.64 24.09 50.86
N ARG D 274 25.38 25.19 50.88
CA ARG D 274 25.82 25.82 49.64
C ARG D 274 27.00 25.08 49.04
N LYS D 275 27.90 24.61 49.90
CA LYS D 275 29.06 23.85 49.46
C LYS D 275 28.68 22.38 49.36
N ASN D 276 29.69 21.50 49.19
CA ASN D 276 29.43 20.07 49.05
C ASN D 276 29.06 19.49 50.41
N ARG D 277 27.83 19.78 50.83
CA ARG D 277 27.29 19.26 52.07
C ARG D 277 25.90 18.70 51.80
N CYS D 278 25.27 18.16 52.85
CA CYS D 278 23.90 17.67 52.79
C CYS D 278 23.72 16.67 51.64
N ASN D 279 24.71 15.82 51.46
CA ASN D 279 24.63 14.85 50.37
C ASN D 279 23.54 13.82 50.65
N ASN D 280 23.16 13.10 49.59
CA ASN D 280 22.12 12.10 49.68
C ASN D 280 22.57 10.94 50.57
N MET D 281 21.64 10.06 50.93
CA MET D 281 21.94 8.88 51.72
C MET D 281 21.39 7.66 51.00
N GLY D 282 22.16 6.59 51.01
CA GLY D 282 21.78 5.36 50.34
C GLY D 282 22.63 5.09 49.11
N TYR D 283 22.03 4.36 48.16
CA TYR D 283 22.76 4.00 46.94
C TYR D 283 23.10 5.23 46.12
N GLU D 284 22.18 6.19 46.03
CA GLU D 284 22.39 7.38 45.23
C GLU D 284 23.23 8.43 45.93
N ILE D 285 23.95 8.04 47.00
CA ILE D 285 24.86 8.96 47.65
C ILE D 285 25.86 9.49 46.64
N ASN D 286 26.25 10.75 46.81
CA ASN D 286 27.24 11.38 45.94
C ASN D 286 28.63 11.08 46.47
N LYS D 287 29.46 10.50 45.62
CA LYS D 287 30.83 10.16 46.02
C LYS D 287 31.63 11.44 46.23
N VAL D 288 32.16 11.60 47.44
CA VAL D 288 32.89 12.81 47.81
C VAL D 288 33.97 12.44 48.79
N ARG D 289 35.04 13.23 48.78
CA ARG D 289 36.15 13.06 49.72
C ARG D 289 36.21 14.27 50.64
N ALA D 290 36.54 14.01 51.91
CA ALA D 290 36.61 15.06 52.92
C ALA D 290 37.97 15.01 53.59
N LYS D 291 38.41 16.18 54.06
CA LYS D 291 39.70 16.28 54.73
C LYS D 291 39.70 15.65 56.11
N ARG D 292 38.51 15.32 56.64
CA ARG D 292 38.39 14.75 57.98
C ARG D 292 37.03 14.10 58.11
N SER D 293 36.77 13.56 59.29
CA SER D 293 35.46 12.99 59.59
C SER D 293 34.39 14.05 59.43
N SER D 294 33.31 13.69 58.74
CA SER D 294 32.21 14.60 58.45
C SER D 294 30.91 13.98 58.98
N LYS D 295 30.49 14.40 60.16
CA LYS D 295 29.25 13.91 60.74
C LYS D 295 28.06 14.48 59.98
N MET D 296 26.91 13.84 60.14
CA MET D 296 25.68 14.25 59.50
C MET D 296 24.50 13.83 60.38
N TYR D 297 23.32 14.37 60.07
CA TYR D 297 22.14 14.10 60.85
C TYR D 297 20.91 14.21 59.95
N LEU D 298 19.81 13.63 60.43
CA LEU D 298 18.51 13.74 59.77
C LEU D 298 17.49 13.06 60.66
N LYS D 299 16.25 13.05 60.19
CA LYS D 299 15.15 12.38 60.86
C LYS D 299 14.48 11.40 59.91
N THR D 300 13.40 10.78 60.36
CA THR D 300 12.76 9.74 59.58
C THR D 300 11.36 9.47 60.12
N ARG D 301 10.55 8.82 59.30
CA ARG D 301 9.24 8.36 59.71
C ARG D 301 9.38 7.08 60.51
N SER D 302 8.27 6.38 60.75
CA SER D 302 8.31 5.23 61.63
C SER D 302 9.03 4.05 61.01
N GLN D 303 8.43 3.42 59.99
CA GLN D 303 9.10 2.29 59.35
C GLN D 303 9.06 2.27 57.82
N MET D 304 7.90 2.55 57.23
CA MET D 304 7.75 2.12 55.84
C MET D 304 8.40 3.08 54.84
N PRO D 305 7.97 4.34 54.72
CA PRO D 305 8.50 5.16 53.63
C PRO D 305 9.77 5.91 54.02
N TYR D 306 9.88 6.22 55.31
CA TYR D 306 10.90 7.16 55.76
C TYR D 306 10.80 8.43 54.94
N LYS D 307 11.94 9.06 54.61
CA LYS D 307 11.96 10.18 53.68
C LYS D 307 11.08 11.32 54.21
N VAL D 308 11.56 11.91 55.29
CA VAL D 308 10.89 13.05 55.89
C VAL D 308 11.57 14.34 55.42
N PHE D 309 10.91 15.46 55.66
CA PHE D 309 11.41 16.77 55.26
C PHE D 309 12.09 17.46 56.43
N HIS D 310 12.48 18.72 56.23
CA HIS D 310 13.10 19.54 57.26
C HIS D 310 12.80 21.00 56.97
N TYR D 311 12.17 21.67 57.93
CA TYR D 311 11.66 23.03 57.73
C TYR D 311 12.00 23.92 58.93
N GLN D 312 13.27 23.93 59.33
CA GLN D 312 13.67 24.66 60.53
C GLN D 312 13.14 26.09 60.47
N VAL D 313 12.92 26.67 61.65
CA VAL D 313 12.22 27.95 61.79
C VAL D 313 13.00 28.88 62.70
N LYS D 314 12.79 30.18 62.49
CA LYS D 314 13.29 31.22 63.37
C LYS D 314 12.13 32.13 63.78
N ILE D 315 12.20 32.66 64.99
CA ILE D 315 11.18 33.56 65.53
C ILE D 315 11.87 34.83 66.04
N HIS D 316 11.33 35.98 65.64
CA HIS D 316 11.79 37.27 66.14
C HIS D 316 10.84 37.76 67.23
N PHE D 317 10.88 37.05 68.35
CA PHE D 317 10.07 37.44 69.50
C PHE D 317 10.38 38.87 69.90
N SER D 318 9.33 39.68 70.07
CA SER D 318 9.50 41.08 70.47
C SER D 318 8.19 41.53 71.11
N GLY D 319 8.18 41.59 72.44
CA GLY D 319 6.99 41.98 73.17
C GLY D 319 7.25 43.06 74.19
N THR D 320 6.26 43.33 75.04
CA THR D 320 6.36 44.39 76.05
C THR D 320 6.73 43.83 77.42
N GLU D 321 5.99 42.83 77.90
CA GLU D 321 6.24 42.29 79.22
C GLU D 321 7.54 41.50 79.22
N SER D 322 8.40 41.76 80.20
CA SER D 322 9.76 41.23 80.20
C SER D 322 9.99 40.18 81.28
N ASN D 323 8.95 39.40 81.62
CA ASN D 323 9.10 38.31 82.58
C ASN D 323 9.48 37.05 81.81
N THR D 324 10.74 36.63 81.96
CA THR D 324 11.22 35.46 81.23
C THR D 324 10.55 34.19 81.74
N TYR D 325 10.30 33.27 80.80
CA TYR D 325 9.73 31.97 81.11
C TYR D 325 10.62 30.89 80.50
N THR D 326 10.49 29.68 81.03
CA THR D 326 11.34 28.57 80.62
C THR D 326 10.52 27.29 80.53
N ASN D 327 11.01 26.35 79.73
CA ASN D 327 10.42 25.02 79.58
C ASN D 327 8.93 25.14 79.24
N GLN D 328 8.67 25.73 78.09
CA GLN D 328 7.31 25.89 77.57
C GLN D 328 7.18 25.14 76.25
N ALA D 329 5.97 24.67 75.99
CA ALA D 329 5.68 23.87 74.79
C ALA D 329 5.00 24.75 73.76
N PHE D 330 5.57 24.78 72.55
CA PHE D 330 5.00 25.50 71.43
C PHE D 330 4.44 24.49 70.44
N GLU D 331 3.21 24.75 69.99
CA GLU D 331 2.56 23.92 68.98
C GLU D 331 2.32 24.79 67.75
N ILE D 332 2.68 24.26 66.59
CA ILE D 332 2.48 24.95 65.32
C ILE D 332 1.93 23.96 64.30
N SER D 333 1.37 24.51 63.24
CA SER D 333 0.86 23.72 62.13
C SER D 333 1.01 24.54 60.85
N LEU D 334 1.06 23.83 59.73
CA LEU D 334 1.31 24.47 58.44
C LEU D 334 0.42 23.85 57.37
N TYR D 335 0.08 24.68 56.38
CA TYR D 335 -0.71 24.27 55.23
C TYR D 335 0.01 24.70 53.96
N GLY D 336 -0.04 23.85 52.93
CA GLY D 336 0.71 24.07 51.72
C GLY D 336 -0.13 23.99 50.47
N THR D 337 0.44 23.35 49.45
CA THR D 337 -0.20 23.23 48.14
C THR D 337 -0.34 21.78 47.69
N VAL D 338 0.04 20.81 48.52
CA VAL D 338 -0.12 19.39 48.21
C VAL D 338 -0.86 18.69 49.34
N ALA D 339 -0.39 18.86 50.58
CA ALA D 339 -1.07 18.35 51.76
C ALA D 339 -0.77 19.30 52.91
N GLU D 340 -1.12 18.89 54.12
CA GLU D 340 -0.94 19.75 55.28
C GLU D 340 -0.91 18.92 56.56
N SER D 341 -0.01 19.30 57.46
CA SER D 341 0.00 18.75 58.81
C SER D 341 -0.93 19.58 59.70
N GLU D 342 -1.35 18.99 60.82
CA GLU D 342 -2.38 19.59 61.64
C GLU D 342 -1.93 19.97 63.04
N ASN D 343 -1.35 19.03 63.79
CA ASN D 343 -1.11 19.24 65.21
C ASN D 343 0.30 18.80 65.60
N ILE D 344 1.31 19.23 64.86
CA ILE D 344 2.68 18.85 65.16
C ILE D 344 3.20 19.75 66.28
N PRO D 345 3.69 19.19 67.40
CA PRO D 345 4.22 20.02 68.48
C PRO D 345 5.74 20.17 68.38
N PHE D 346 6.27 21.00 69.28
CA PHE D 346 7.70 21.12 69.48
C PHE D 346 7.96 21.87 70.76
N THR D 347 9.22 21.90 71.18
CA THR D 347 9.62 22.47 72.46
C THR D 347 10.67 23.56 72.25
N LEU D 348 10.62 24.55 73.13
CA LEU D 348 11.56 25.66 73.09
C LEU D 348 11.64 26.33 74.46
N PRO D 349 12.60 25.95 75.30
CA PRO D 349 12.72 26.59 76.62
C PRO D 349 13.34 27.97 76.55
N GLU D 350 13.60 28.57 77.70
CA GLU D 350 14.38 29.80 77.83
C GLU D 350 13.83 30.91 76.94
N VAL D 351 12.50 31.00 76.87
CA VAL D 351 11.86 32.03 76.07
C VAL D 351 12.07 33.39 76.74
N SER D 352 12.40 34.39 75.93
CA SER D 352 12.64 35.74 76.44
C SER D 352 12.01 36.75 75.48
N THR D 353 12.41 38.01 75.62
CA THR D 353 11.90 39.11 74.81
C THR D 353 13.03 39.81 74.08
N ASN D 354 12.68 40.56 73.04
CA ASN D 354 13.64 41.29 72.23
C ASN D 354 14.76 40.38 71.73
N LYS D 355 14.49 39.08 71.67
CA LYS D 355 15.48 38.08 71.32
C LYS D 355 14.92 37.17 70.23
N THR D 356 15.82 36.63 69.42
CA THR D 356 15.45 35.73 68.34
C THR D 356 15.83 34.30 68.72
N TYR D 357 14.95 33.37 68.36
CA TYR D 357 15.11 31.96 68.66
C TYR D 357 14.99 31.16 67.37
N SER D 358 15.28 29.87 67.47
CA SER D 358 15.17 28.98 66.32
C SER D 358 15.03 27.56 66.84
N PHE D 359 14.56 26.68 65.95
CA PHE D 359 14.39 25.28 66.30
C PHE D 359 14.27 24.49 65.01
N LEU D 360 14.25 23.17 65.17
CA LEU D 360 14.13 22.25 64.06
C LEU D 360 12.77 21.58 64.11
N LEU D 361 12.09 21.55 62.96
CA LEU D 361 10.81 20.87 62.81
C LEU D 361 10.90 19.86 61.67
N TYR D 362 10.16 18.78 61.81
CA TYR D 362 10.07 17.75 60.77
C TYR D 362 8.62 17.37 60.55
N THR D 363 8.31 17.07 59.29
CA THR D 363 7.01 16.55 58.91
C THR D 363 7.22 15.32 58.05
N GLU D 364 6.19 14.48 58.00
CA GLU D 364 6.27 13.19 57.32
C GLU D 364 5.33 13.11 56.12
N VAL D 365 4.95 14.26 55.57
CA VAL D 365 4.08 14.31 54.41
C VAL D 365 4.58 15.40 53.47
N ASP D 366 4.53 15.14 52.17
CA ASP D 366 4.95 16.14 51.19
C ASP D 366 3.97 17.30 51.20
N ILE D 367 4.51 18.51 51.12
CA ILE D 367 3.71 19.73 51.23
C ILE D 367 3.98 20.65 50.07
N GLY D 368 5.14 20.49 49.42
CA GLY D 368 5.53 21.44 48.40
C GLY D 368 5.69 22.81 49.02
N GLU D 369 5.01 23.80 48.45
CA GLU D 369 5.05 25.15 48.99
C GLU D 369 4.21 25.22 50.26
N LEU D 370 4.26 26.36 50.93
CA LEU D 370 3.57 26.57 52.19
C LEU D 370 2.99 27.97 52.22
N LEU D 371 1.71 28.07 52.59
CA LEU D 371 0.98 29.32 52.51
C LEU D 371 0.82 29.99 53.87
N MET D 372 0.21 29.29 54.82
CA MET D 372 -0.13 29.87 56.12
C MET D 372 0.42 28.99 57.23
N LEU D 373 0.41 29.54 58.45
CA LEU D 373 1.05 28.89 59.58
C LEU D 373 0.18 29.06 60.83
N LYS D 374 0.36 28.14 61.77
CA LYS D 374 -0.32 28.17 63.05
C LYS D 374 0.72 28.22 64.16
N LEU D 375 0.42 28.99 65.21
CA LEU D 375 1.38 29.23 66.27
C LEU D 375 0.71 29.15 67.64
N LYS D 376 -0.08 28.11 67.85
CA LYS D 376 -0.76 27.94 69.13
C LYS D 376 0.24 27.71 70.24
N TRP D 377 -0.11 28.16 71.44
CA TRP D 377 0.73 28.01 72.63
C TRP D 377 -0.10 27.30 73.69
N ILE D 378 0.34 26.11 74.08
CA ILE D 378 -0.47 25.18 74.84
C ILE D 378 -0.30 25.44 76.33
N SER D 379 -1.24 24.92 77.12
CA SER D 379 -1.24 25.08 78.55
C SER D 379 -1.88 23.86 79.20
N ASP D 380 -1.64 23.70 80.50
CA ASP D 380 -2.22 22.62 81.29
C ASP D 380 -3.38 23.12 82.15
N SER D 381 -3.98 24.25 81.77
CA SER D 381 -5.13 24.82 82.47
C SER D 381 -6.27 25.08 81.48
N TYR D 382 -6.64 24.05 80.73
CA TYR D 382 -7.61 24.17 79.65
C TYR D 382 -8.89 24.87 80.11
N PHE D 383 -9.36 24.53 81.30
CA PHE D 383 -10.67 24.99 81.73
C PHE D 383 -10.69 26.50 81.87
N SER D 384 -11.89 27.05 82.08
CA SER D 384 -12.09 28.49 82.06
C SER D 384 -11.49 29.20 83.27
N TRP D 385 -10.76 28.50 84.12
CA TRP D 385 -10.03 29.18 85.19
C TRP D 385 -9.06 30.21 84.62
N SER D 386 -8.25 29.78 83.64
CA SER D 386 -7.24 30.62 83.01
C SER D 386 -7.68 31.11 81.63
N ASN D 387 -8.97 31.39 81.47
CA ASN D 387 -9.51 31.88 80.21
C ASN D 387 -9.82 33.36 80.21
N TRP D 388 -9.90 33.99 81.39
CA TRP D 388 -10.14 35.43 81.48
C TRP D 388 -8.96 36.20 82.05
N TRP D 389 -8.51 35.86 83.25
CA TRP D 389 -7.50 36.69 83.91
C TRP D 389 -6.22 36.73 83.10
N SER D 390 -5.53 37.86 83.16
CA SER D 390 -4.39 38.12 82.28
C SER D 390 -3.33 37.05 82.43
N SER D 391 -3.14 36.28 81.38
CA SER D 391 -2.09 35.28 81.30
C SER D 391 -0.93 35.82 80.47
N PRO D 392 0.28 35.31 80.67
CA PRO D 392 1.43 35.86 79.94
C PRO D 392 1.25 35.77 78.44
N GLY D 393 1.70 36.80 77.74
CA GLY D 393 1.57 36.86 76.30
C GLY D 393 2.71 37.63 75.68
N PHE D 394 2.88 37.46 74.38
CA PHE D 394 3.94 38.12 73.63
C PHE D 394 3.36 38.67 72.33
N ASP D 395 4.22 39.30 71.54
CA ASP D 395 3.86 39.81 70.23
C ASP D 395 4.77 39.18 69.18
N ILE D 396 4.21 38.95 68.00
CA ILE D 396 4.91 38.29 66.91
C ILE D 396 4.98 39.23 65.72
N GLY D 397 6.17 39.35 65.14
CA GLY D 397 6.36 40.16 63.95
C GLY D 397 6.49 39.29 62.72
N LYS D 398 7.71 39.06 62.28
CA LYS D 398 7.99 38.25 61.10
C LYS D 398 8.44 36.86 61.49
N ILE D 399 8.44 35.95 60.51
CA ILE D 399 8.90 34.59 60.70
C ILE D 399 9.73 34.19 59.48
N ARG D 400 10.84 33.49 59.73
CA ARG D 400 11.85 33.26 58.71
C ARG D 400 12.10 31.78 58.47
N VAL D 401 11.02 31.00 58.29
CA VAL D 401 11.18 29.58 58.00
C VAL D 401 12.05 29.42 56.77
N LYS D 402 12.77 28.30 56.70
CA LYS D 402 13.67 28.01 55.60
C LYS D 402 13.42 26.59 55.14
N ALA D 403 13.02 26.42 53.88
CA ALA D 403 12.81 25.10 53.34
C ALA D 403 14.13 24.37 53.20
N GLY D 404 14.12 23.09 53.55
CA GLY D 404 15.34 22.29 53.56
C GLY D 404 15.80 21.86 52.18
N GLU D 405 15.02 21.01 51.52
CA GLU D 405 15.47 20.43 50.26
C GLU D 405 15.77 21.53 49.24
N THR D 406 14.91 22.54 49.16
CA THR D 406 15.13 23.70 48.32
C THR D 406 15.31 24.92 49.22
N GLN D 407 16.40 25.65 49.01
CA GLN D 407 16.71 26.81 49.82
C GLN D 407 15.75 27.93 49.46
N LYS D 408 14.79 28.19 50.35
CA LYS D 408 13.75 29.19 50.12
C LYS D 408 13.59 29.99 51.42
N LYS D 409 14.17 31.19 51.46
CA LYS D 409 14.04 32.07 52.62
C LYS D 409 12.70 32.80 52.58
N VAL D 410 11.63 32.01 52.56
CA VAL D 410 10.30 32.59 52.56
C VAL D 410 10.09 33.35 53.86
N ILE D 411 9.61 34.59 53.74
CA ILE D 411 9.46 35.47 54.87
C ILE D 411 7.98 35.47 55.26
N PHE D 412 7.64 34.70 56.28
CA PHE D 412 6.31 34.82 56.86
C PHE D 412 6.17 36.13 57.61
N CYS D 413 4.93 36.48 57.92
CA CYS D 413 4.56 37.89 58.06
C CYS D 413 3.28 37.97 58.88
N SER D 414 3.38 38.50 60.09
CA SER D 414 2.20 38.67 60.92
C SER D 414 1.28 39.71 60.29
N ARG D 415 0.00 39.63 60.65
CA ARG D 415 -0.98 40.55 60.12
C ARG D 415 -0.79 41.92 60.77
N GLU D 416 -1.61 42.88 60.35
CA GLU D 416 -1.42 44.26 60.78
C GLU D 416 -1.34 44.38 62.30
N LYS D 417 -2.32 43.82 63.01
CA LYS D 417 -2.33 43.92 64.47
C LYS D 417 -2.86 42.66 65.15
N MET D 418 -3.20 41.63 64.40
CA MET D 418 -4.05 40.56 64.92
C MET D 418 -3.20 39.37 65.35
N SER D 419 -2.22 39.62 66.22
CA SER D 419 -1.34 38.54 66.63
C SER D 419 -1.34 38.24 68.13
N TYR D 420 -0.79 39.16 68.93
CA TYR D 420 -0.77 39.09 70.38
C TYR D 420 -0.79 37.66 70.90
N LEU D 421 0.20 36.85 70.54
CA LEU D 421 0.19 35.47 70.99
C LEU D 421 0.08 35.41 72.51
N GLN D 422 -0.82 34.55 73.00
CA GLN D 422 -1.06 34.43 74.43
C GLN D 422 -1.25 32.97 74.80
N LYS D 423 -0.92 32.63 76.04
CA LYS D 423 -1.11 31.27 76.53
C LYS D 423 -2.59 30.91 76.53
N GLY D 424 -2.88 29.65 76.24
CA GLY D 424 -4.26 29.19 76.26
C GLY D 424 -5.16 30.00 75.36
N LYS D 425 -4.68 30.29 74.15
CA LYS D 425 -5.41 31.14 73.22
C LYS D 425 -5.33 30.54 71.83
N SER D 426 -6.20 31.02 70.95
CA SER D 426 -6.20 30.57 69.58
C SER D 426 -4.86 30.91 68.94
N PRO D 427 -4.38 30.10 68.00
CA PRO D 427 -3.10 30.40 67.34
C PRO D 427 -3.16 31.73 66.62
N VAL D 428 -2.02 32.11 66.07
CA VAL D 428 -1.88 33.34 65.28
C VAL D 428 -1.59 32.96 63.85
N ILE D 429 -2.39 33.48 62.93
CA ILE D 429 -2.24 33.15 61.52
C ILE D 429 -1.08 33.95 60.92
N PHE D 430 -0.49 33.38 59.88
CA PHE D 430 0.55 34.06 59.12
C PHE D 430 0.41 33.69 57.65
N VAL D 431 1.02 34.49 56.79
CA VAL D 431 0.88 34.34 55.35
C VAL D 431 2.20 34.68 54.66
N LYS D 432 2.27 34.37 53.37
CA LYS D 432 3.41 34.75 52.56
C LYS D 432 3.36 36.25 52.30
N CYS D 433 4.54 36.87 52.20
CA CYS D 433 4.64 38.32 52.36
C CYS D 433 5.96 38.80 51.79
N HIS D 434 6.10 40.13 51.74
CA HIS D 434 7.36 40.75 51.36
C HIS D 434 7.71 40.46 49.91
N ASP E 1 -84.63 10.79 64.35
CA ASP E 1 -83.85 11.89 63.80
C ASP E 1 -82.37 11.51 63.71
N PHE E 2 -82.12 10.23 63.43
CA PHE E 2 -80.76 9.71 63.31
C PHE E 2 -80.67 8.78 62.11
N ARG E 3 -81.29 9.18 61.00
CA ARG E 3 -81.29 8.40 59.78
C ARG E 3 -80.60 9.10 58.62
N ASP E 4 -80.14 10.33 58.81
CA ASP E 4 -79.43 11.09 57.80
C ASP E 4 -77.95 11.24 58.17
N ILE E 5 -77.39 10.21 58.80
CA ILE E 5 -76.03 10.29 59.30
C ILE E 5 -75.04 10.20 58.14
N GLU E 6 -75.04 9.07 57.43
CA GLU E 6 -74.22 8.87 56.24
C GLU E 6 -72.75 9.18 56.51
N SER E 7 -72.32 9.03 57.77
CA SER E 7 -70.93 9.22 58.14
C SER E 7 -70.67 8.36 59.37
N LYS E 8 -70.07 7.19 59.14
CA LYS E 8 -69.87 6.23 60.22
C LYS E 8 -68.71 6.64 61.11
N PHE E 9 -68.94 6.57 62.41
CA PHE E 9 -67.93 6.86 63.43
C PHE E 9 -67.29 5.56 63.85
N ALA E 10 -65.97 5.46 63.65
CA ALA E 10 -65.23 4.26 64.01
C ALA E 10 -64.60 4.44 65.39
N LEU E 11 -64.06 3.34 65.92
CA LEU E 11 -63.43 3.34 67.23
C LEU E 11 -62.32 2.30 67.22
N ARG E 12 -61.10 2.74 66.95
CA ARG E 12 -59.97 1.83 66.91
C ARG E 12 -59.42 1.61 68.32
N THR E 13 -58.46 0.70 68.41
CA THR E 13 -57.80 0.36 69.66
C THR E 13 -56.31 0.19 69.42
N PRO E 14 -55.49 0.25 70.47
CA PRO E 14 -54.04 0.14 70.27
C PRO E 14 -53.61 -1.09 69.50
N GLU E 15 -54.31 -2.20 69.68
CA GLU E 15 -53.95 -3.42 68.96
C GLU E 15 -54.31 -3.35 67.49
N ASP E 16 -55.22 -2.45 67.11
CA ASP E 16 -55.64 -2.28 65.73
C ASP E 16 -55.74 -0.79 65.42
N THR E 17 -54.69 -0.24 64.80
CA THR E 17 -54.64 1.17 64.46
C THR E 17 -54.74 1.39 62.96
N ALA E 18 -55.18 0.36 62.22
CA ALA E 18 -55.24 0.41 60.77
C ALA E 18 -56.66 0.28 60.24
N GLU E 19 -57.38 -0.75 60.67
CA GLU E 19 -58.70 -1.06 60.14
C GLU E 19 -59.77 -0.71 61.15
N ASP E 20 -60.82 -0.04 60.68
CA ASP E 20 -61.96 0.27 61.54
C ASP E 20 -62.75 -1.00 61.82
N THR E 21 -62.92 -1.30 63.11
CA THR E 21 -63.58 -2.53 63.54
C THR E 21 -64.99 -2.28 64.05
N CYS E 22 -65.23 -1.15 64.70
CA CYS E 22 -66.51 -0.85 65.32
C CYS E 22 -67.26 0.17 64.49
N HIS E 23 -68.52 0.40 64.88
CA HIS E 23 -69.36 1.40 64.22
C HIS E 23 -70.34 1.95 65.26
N LEU E 24 -69.98 3.07 65.86
CA LEU E 24 -70.80 3.71 66.89
C LEU E 24 -71.96 4.44 66.23
N ILE E 25 -73.00 3.68 65.88
CA ILE E 25 -74.14 4.29 65.18
C ILE E 25 -74.87 5.22 66.14
N PRO E 26 -75.10 6.47 65.78
CA PRO E 26 -75.84 7.38 66.67
C PRO E 26 -77.25 6.85 66.93
N GLY E 27 -77.73 7.09 68.15
CA GLY E 27 -79.07 6.66 68.53
C GLY E 27 -79.12 5.22 68.97
N VAL E 28 -78.45 4.35 68.22
CA VAL E 28 -78.41 2.92 68.55
C VAL E 28 -77.37 2.75 69.64
N THR E 29 -77.83 2.67 70.88
CA THR E 29 -76.92 2.58 72.01
C THR E 29 -76.16 1.27 72.05
N GLU E 30 -76.56 0.29 71.24
CA GLU E 30 -75.97 -1.04 71.33
C GLU E 30 -74.48 -1.00 71.04
N SER E 31 -74.05 -0.09 70.16
CA SER E 31 -72.65 -0.06 69.75
C SER E 31 -71.74 0.31 70.92
N VAL E 32 -72.21 1.18 71.80
CA VAL E 32 -71.40 1.61 72.94
C VAL E 32 -71.04 0.40 73.81
N ALA E 33 -72.04 -0.44 74.08
CA ALA E 33 -71.79 -1.64 74.86
C ALA E 33 -70.99 -2.66 74.05
N ASN E 34 -71.22 -2.71 72.74
CA ASN E 34 -70.50 -3.66 71.91
C ASN E 34 -69.00 -3.41 71.95
N CYS E 35 -68.60 -2.14 71.88
CA CYS E 35 -67.20 -1.77 71.87
C CYS E 35 -66.90 -0.96 73.11
N HIS E 36 -65.90 -1.39 73.87
CA HIS E 36 -65.61 -0.77 75.16
C HIS E 36 -65.34 0.72 75.00
N PHE E 37 -65.92 1.50 75.92
CA PHE E 37 -65.83 2.96 75.87
C PHE E 37 -65.77 3.47 77.31
N ASN E 38 -64.56 3.74 77.78
CA ASN E 38 -64.37 4.21 79.15
C ASN E 38 -64.98 5.60 79.28
N HIS E 39 -66.16 5.68 79.88
CA HIS E 39 -66.88 6.94 80.00
C HIS E 39 -66.21 7.91 80.97
N SER E 40 -65.22 7.45 81.73
CA SER E 40 -64.53 8.33 82.66
C SER E 40 -63.37 9.05 82.01
N SER E 41 -62.68 8.39 81.08
CA SER E 41 -61.45 8.93 80.52
C SER E 41 -61.74 9.91 79.39
N LYS E 42 -60.67 10.55 78.92
CA LYS E 42 -60.76 11.50 77.83
C LYS E 42 -60.92 10.75 76.51
N THR E 43 -61.51 11.42 75.52
CA THR E 43 -61.80 10.80 74.24
C THR E 43 -61.56 11.79 73.11
N PHE E 44 -60.63 11.47 72.23
CA PHE E 44 -60.30 12.33 71.11
C PHE E 44 -61.21 12.01 69.91
N VAL E 45 -61.23 12.93 68.96
CA VAL E 45 -61.99 12.76 67.72
C VAL E 45 -61.16 13.27 66.56
N VAL E 46 -60.68 12.35 65.74
CA VAL E 46 -59.87 12.69 64.58
C VAL E 46 -60.78 12.91 63.38
N ILE E 47 -60.56 14.02 62.69
CA ILE E 47 -61.34 14.37 61.50
C ILE E 47 -60.35 14.60 60.38
N HIS E 48 -60.15 13.60 59.53
CA HIS E 48 -59.27 13.77 58.39
C HIS E 48 -59.95 14.63 57.34
N GLY E 49 -59.27 14.79 56.20
CA GLY E 49 -59.73 15.71 55.18
C GLY E 49 -59.80 15.12 53.80
N TRP E 50 -59.79 16.00 52.79
CA TRP E 50 -60.00 15.57 51.42
C TRP E 50 -58.92 14.60 50.98
N THR E 51 -59.32 13.60 50.22
CA THR E 51 -58.39 12.61 49.71
C THR E 51 -58.79 12.22 48.29
N VAL E 52 -57.85 12.34 47.37
CA VAL E 52 -58.11 11.94 45.99
C VAL E 52 -58.42 10.46 45.92
N THR E 53 -57.76 9.65 46.75
CA THR E 53 -58.02 8.22 46.78
C THR E 53 -59.30 7.94 47.58
N GLY E 54 -59.62 6.66 47.71
CA GLY E 54 -60.81 6.26 48.44
C GLY E 54 -60.46 5.58 49.75
N MET E 55 -59.45 6.10 50.45
CA MET E 55 -59.03 5.51 51.71
C MET E 55 -58.35 6.57 52.56
N TYR E 56 -58.18 6.24 53.83
CA TYR E 56 -57.55 7.17 54.77
C TYR E 56 -56.12 7.45 54.35
N GLU E 57 -55.67 8.68 54.60
CA GLU E 57 -54.29 9.03 54.32
C GLU E 57 -53.34 8.18 55.17
N SER E 58 -52.05 8.29 54.88
CA SER E 58 -51.05 7.44 55.50
C SER E 58 -50.67 7.87 56.90
N TRP E 59 -51.16 9.01 57.38
CA TRP E 59 -50.73 9.55 58.67
C TRP E 59 -51.66 9.15 59.82
N VAL E 60 -52.90 8.80 59.53
CA VAL E 60 -53.86 8.46 60.59
C VAL E 60 -53.35 7.33 61.48
N PRO E 61 -52.83 6.23 60.96
CA PRO E 61 -52.37 5.16 61.86
C PRO E 61 -51.30 5.61 62.82
N LYS E 62 -50.30 6.35 62.33
CA LYS E 62 -49.25 6.83 63.21
C LYS E 62 -49.81 7.80 64.25
N LEU E 63 -50.70 8.69 63.82
CA LEU E 63 -51.29 9.64 64.76
C LEU E 63 -52.01 8.92 65.89
N VAL E 64 -52.84 7.94 65.54
CA VAL E 64 -53.64 7.27 66.56
C VAL E 64 -52.77 6.42 67.46
N ALA E 65 -51.74 5.78 66.89
CA ALA E 65 -50.83 4.99 67.69
C ALA E 65 -50.13 5.87 68.72
N ALA E 66 -49.66 7.04 68.28
CA ALA E 66 -48.99 7.95 69.20
C ALA E 66 -49.96 8.48 70.24
N LEU E 67 -51.21 8.70 69.84
CA LEU E 67 -52.20 9.19 70.78
C LEU E 67 -52.42 8.18 71.90
N TYR E 68 -52.55 6.90 71.55
CA TYR E 68 -52.65 5.86 72.58
C TYR E 68 -51.39 5.79 73.42
N LYS E 69 -50.22 5.90 72.79
CA LYS E 69 -48.97 5.89 73.53
C LYS E 69 -48.97 6.98 74.60
N ARG E 70 -49.42 8.18 74.23
CA ARG E 70 -49.39 9.30 75.16
C ARG E 70 -50.44 9.15 76.25
N GLU E 71 -51.67 8.78 75.88
CA GLU E 71 -52.79 8.73 76.82
C GLU E 71 -53.50 7.40 76.69
N PRO E 72 -52.97 6.35 77.33
CA PRO E 72 -53.64 5.04 77.29
C PRO E 72 -54.98 5.09 78.01
N ASP E 73 -55.76 4.04 77.80
CA ASP E 73 -57.08 3.90 78.42
C ASP E 73 -57.94 5.12 78.10
N SER E 74 -57.84 5.59 76.86
CA SER E 74 -58.61 6.72 76.38
C SER E 74 -59.15 6.40 75.00
N ASN E 75 -60.44 6.65 74.80
CA ASN E 75 -61.09 6.26 73.57
C ASN E 75 -60.69 7.17 72.42
N VAL E 76 -60.78 6.63 71.21
CA VAL E 76 -60.47 7.35 69.98
C VAL E 76 -61.59 7.10 68.99
N ILE E 77 -62.04 8.16 68.33
CA ILE E 77 -63.11 8.09 67.35
C ILE E 77 -62.58 8.59 66.02
N VAL E 78 -62.92 7.89 64.95
CA VAL E 78 -62.56 8.30 63.59
C VAL E 78 -63.84 8.41 62.77
N VAL E 79 -63.80 9.30 61.79
CA VAL E 79 -64.94 9.57 60.93
C VAL E 79 -64.69 8.97 59.56
N ASP E 80 -65.73 9.01 58.73
CA ASP E 80 -65.72 8.32 57.44
C ASP E 80 -66.05 9.29 56.31
N TRP E 81 -65.29 10.38 56.24
CA TRP E 81 -65.41 11.35 55.15
C TRP E 81 -65.63 10.67 53.81
N LEU E 82 -65.03 9.49 53.63
CA LEU E 82 -65.15 8.76 52.37
C LEU E 82 -66.61 8.65 51.96
N SER E 83 -66.83 8.55 50.65
CA SER E 83 -68.13 8.53 49.98
C SER E 83 -68.67 9.94 49.80
N ARG E 84 -68.11 10.94 50.46
CA ARG E 84 -68.52 12.33 50.30
C ARG E 84 -67.34 13.23 49.94
N ALA E 85 -66.16 12.94 50.47
CA ALA E 85 -64.99 13.77 50.17
C ALA E 85 -64.43 13.46 48.78
N GLN E 86 -64.62 12.25 48.29
CA GLN E 86 -64.09 11.91 46.97
C GLN E 86 -64.66 12.83 45.90
N GLN E 87 -65.80 13.45 46.16
CA GLN E 87 -66.43 14.31 45.17
C GLN E 87 -65.56 15.54 44.93
N HIS E 88 -66.00 16.38 44.00
CA HIS E 88 -65.29 17.60 43.68
C HIS E 88 -64.98 18.39 44.94
N TYR E 89 -63.82 19.03 44.97
CA TYR E 89 -63.35 19.71 46.17
C TYR E 89 -64.35 20.74 46.68
N PRO E 90 -64.89 21.63 45.84
CA PRO E 90 -65.96 22.52 46.33
C PRO E 90 -67.14 21.79 46.94
N VAL E 91 -67.47 20.61 46.39
CA VAL E 91 -68.57 19.84 46.96
C VAL E 91 -68.24 19.45 48.41
N SER E 92 -66.98 19.14 48.68
CA SER E 92 -66.56 18.88 50.05
C SER E 92 -66.67 20.13 50.90
N ALA E 93 -66.33 21.28 50.32
CA ALA E 93 -66.47 22.53 51.04
C ALA E 93 -67.93 22.75 51.46
N GLY E 94 -68.86 22.42 50.56
CA GLY E 94 -70.27 22.50 50.93
C GLY E 94 -70.66 21.47 51.97
N TYR E 95 -70.18 20.24 51.81
CA TYR E 95 -70.54 19.13 52.69
C TYR E 95 -69.93 19.27 54.08
N THR E 96 -68.98 20.20 54.25
CA THR E 96 -68.47 20.46 55.59
C THR E 96 -69.61 20.78 56.54
N LYS E 97 -70.61 21.51 56.07
CA LYS E 97 -71.74 21.86 56.93
C LYS E 97 -72.51 20.61 57.35
N LEU E 98 -72.74 19.70 56.40
CA LEU E 98 -73.45 18.46 56.73
C LEU E 98 -72.68 17.64 57.74
N VAL E 99 -71.37 17.50 57.54
CA VAL E 99 -70.58 16.70 58.47
C VAL E 99 -70.54 17.36 59.84
N GLY E 100 -70.48 18.69 59.87
CA GLY E 100 -70.50 19.39 61.15
C GLY E 100 -71.82 19.18 61.89
N GLN E 101 -72.93 19.27 61.16
CA GLN E 101 -74.22 18.99 61.77
C GLN E 101 -74.27 17.57 62.29
N ASP E 102 -73.71 16.63 61.52
CA ASP E 102 -73.71 15.24 61.92
C ASP E 102 -72.92 15.03 63.20
N VAL E 103 -71.73 15.64 63.28
CA VAL E 103 -70.91 15.50 64.47
C VAL E 103 -71.58 16.14 65.67
N ALA E 104 -72.21 17.30 65.46
CA ALA E 104 -72.94 17.95 66.54
C ALA E 104 -74.06 17.06 67.05
N LYS E 105 -74.80 16.43 66.14
CA LYS E 105 -75.85 15.51 66.54
C LYS E 105 -75.28 14.34 67.32
N PHE E 106 -74.14 13.81 66.86
CA PHE E 106 -73.49 12.71 67.56
C PHE E 106 -73.18 13.11 68.99
N MET E 107 -72.52 14.25 69.16
CA MET E 107 -72.09 14.68 70.49
C MET E 107 -73.29 14.98 71.38
N ASN E 108 -74.33 15.58 70.81
CA ASN E 108 -75.53 15.89 71.59
C ASN E 108 -76.21 14.60 72.04
N TRP E 109 -76.26 13.60 71.16
CA TRP E 109 -76.84 12.32 71.53
C TRP E 109 -76.03 11.69 72.65
N MET E 110 -74.70 11.78 72.57
CA MET E 110 -73.87 11.24 73.64
C MET E 110 -74.14 11.96 74.95
N ALA E 111 -74.22 13.29 74.92
CA ALA E 111 -74.45 14.08 76.12
C ALA E 111 -75.86 13.91 76.66
N ASP E 112 -76.78 13.40 75.86
CA ASP E 112 -78.13 13.13 76.31
C ASP E 112 -78.25 11.74 76.92
N GLU E 113 -77.82 10.71 76.18
CA GLU E 113 -77.96 9.34 76.66
C GLU E 113 -76.98 9.05 77.80
N PHE E 114 -75.71 9.42 77.63
CA PHE E 114 -74.67 9.11 78.60
C PHE E 114 -74.14 10.33 79.34
N ASN E 115 -74.64 11.53 79.02
CA ASN E 115 -74.20 12.77 79.64
C ASN E 115 -72.69 12.79 79.83
N TYR E 116 -71.95 12.33 78.82
CA TYR E 116 -70.50 12.35 78.90
C TYR E 116 -70.02 13.80 79.00
N PRO E 117 -69.11 14.12 79.92
CA PRO E 117 -68.67 15.51 80.04
C PRO E 117 -68.00 16.00 78.77
N LEU E 118 -68.49 17.12 78.25
CA LEU E 118 -67.95 17.68 77.03
C LEU E 118 -66.57 18.27 77.21
N GLY E 119 -66.09 18.37 78.45
CA GLY E 119 -64.82 19.00 78.72
C GLY E 119 -63.66 18.03 78.60
N ASN E 120 -63.89 16.88 77.96
CA ASN E 120 -62.88 15.85 77.87
C ASN E 120 -62.80 15.28 76.46
N VAL E 121 -62.98 16.14 75.45
CA VAL E 121 -62.98 15.71 74.06
C VAL E 121 -62.20 16.71 73.20
N HIS E 122 -61.38 16.20 72.30
CA HIS E 122 -60.66 17.02 71.33
C HIS E 122 -61.20 16.72 69.94
N LEU E 123 -61.44 17.78 69.17
CA LEU E 123 -61.84 17.65 67.78
C LEU E 123 -60.61 17.89 66.90
N LEU E 124 -59.71 16.92 66.88
CA LEU E 124 -58.51 17.04 66.05
C LEU E 124 -58.91 17.18 64.59
N GLY E 125 -58.64 18.36 64.04
CA GLY E 125 -59.03 18.68 62.68
C GLY E 125 -57.83 18.94 61.80
N TYR E 126 -57.87 18.33 60.62
CA TYR E 126 -56.85 18.50 59.60
C TYR E 126 -57.54 18.98 58.33
N SER E 127 -56.77 19.59 57.44
CA SER E 127 -57.24 20.01 56.13
C SER E 127 -58.64 20.59 56.26
N LEU E 128 -59.62 20.07 55.51
CA LEU E 128 -61.00 20.52 55.67
C LEU E 128 -61.56 20.11 57.03
N GLY E 129 -60.95 19.12 57.67
CA GLY E 129 -61.50 18.62 58.92
C GLY E 129 -61.50 19.66 60.01
N ALA E 130 -60.49 20.53 60.01
CA ALA E 130 -60.45 21.60 61.00
C ALA E 130 -61.65 22.51 60.88
N HIS E 131 -61.97 22.94 59.65
CA HIS E 131 -63.15 23.78 59.46
C HIS E 131 -64.41 23.00 59.78
N ALA E 132 -64.43 21.70 59.49
CA ALA E 132 -65.59 20.88 59.81
C ALA E 132 -65.84 20.89 61.31
N ALA E 133 -64.79 20.67 62.10
CA ALA E 133 -64.96 20.70 63.54
C ALA E 133 -65.37 22.09 64.01
N GLY E 134 -64.76 23.13 63.43
CA GLY E 134 -65.09 24.47 63.86
C GLY E 134 -66.56 24.79 63.66
N ILE E 135 -67.09 24.47 62.49
CA ILE E 135 -68.53 24.61 62.29
C ILE E 135 -69.27 23.69 63.22
N ALA E 136 -68.64 22.59 63.62
CA ALA E 136 -69.19 21.73 64.64
C ALA E 136 -68.90 22.32 66.02
N GLY E 137 -69.47 21.69 67.04
CA GLY E 137 -69.30 22.19 68.39
C GLY E 137 -70.14 23.43 68.65
N SER E 138 -70.04 24.41 67.75
CA SER E 138 -70.86 25.61 67.87
C SER E 138 -72.33 25.26 68.00
N LEU E 139 -72.78 24.21 67.32
CA LEU E 139 -74.16 23.76 67.48
C LEU E 139 -74.34 23.00 68.79
N THR E 140 -73.27 22.48 69.36
CA THR E 140 -73.37 21.78 70.63
C THR E 140 -73.79 22.74 71.74
N ASN E 141 -74.60 22.23 72.66
CA ASN E 141 -75.10 23.07 73.75
C ASN E 141 -74.06 23.34 74.82
N LYS E 142 -73.18 22.38 75.09
CA LYS E 142 -72.24 22.47 76.20
C LYS E 142 -70.81 22.79 75.76
N LYS E 143 -70.63 23.27 74.54
CA LYS E 143 -69.31 23.69 74.07
C LYS E 143 -68.32 22.53 74.11
N VAL E 144 -67.07 22.80 73.73
CA VAL E 144 -66.03 21.78 73.66
C VAL E 144 -64.74 22.36 74.24
N ASN E 145 -63.99 21.51 74.95
CA ASN E 145 -62.76 21.95 75.58
C ASN E 145 -61.72 22.38 74.56
N ARG E 146 -61.25 21.44 73.73
CA ARG E 146 -60.19 21.69 72.77
C ARG E 146 -60.65 21.32 71.37
N ILE E 147 -60.29 22.16 70.40
CA ILE E 147 -60.64 21.95 69.01
C ILE E 147 -59.40 22.04 68.14
N THR E 148 -58.25 21.70 68.72
CA THR E 148 -56.97 21.84 68.04
C THR E 148 -57.02 21.28 66.63
N GLY E 149 -56.80 22.14 65.64
CA GLY E 149 -56.80 21.74 64.25
C GLY E 149 -55.38 21.68 63.68
N LEU E 150 -55.31 21.34 62.40
CA LEU E 150 -54.03 21.20 61.71
C LEU E 150 -54.18 21.72 60.29
N ASP E 151 -53.46 22.78 59.98
CA ASP E 151 -53.42 23.31 58.62
C ASP E 151 -54.83 23.57 58.10
N PRO E 152 -55.56 24.50 58.71
CA PRO E 152 -56.90 24.79 58.23
C PRO E 152 -56.90 25.21 56.77
N ALA E 153 -57.92 24.76 56.05
CA ALA E 153 -58.03 25.07 54.64
C ALA E 153 -58.31 26.55 54.43
N GLY E 154 -57.73 27.10 53.38
CA GLY E 154 -57.87 28.50 53.05
C GLY E 154 -59.00 28.80 52.09
N PRO E 155 -59.06 28.08 50.97
CA PRO E 155 -60.05 28.41 49.94
C PRO E 155 -61.46 28.34 50.47
N ASN E 156 -62.30 29.25 49.99
CA ASN E 156 -63.72 29.29 50.33
C ASN E 156 -63.95 29.44 51.83
N PHE E 157 -62.92 29.86 52.56
CA PHE E 157 -63.06 30.14 53.99
C PHE E 157 -62.52 31.50 54.37
N GLU E 158 -61.56 32.03 53.63
CA GLU E 158 -61.20 33.43 53.79
C GLU E 158 -62.37 34.31 53.37
N TYR E 159 -62.41 35.50 53.94
CA TYR E 159 -63.53 36.42 53.72
C TYR E 159 -64.84 35.77 54.13
N ALA E 160 -64.83 35.09 55.27
CA ALA E 160 -65.99 34.37 55.79
C ALA E 160 -66.23 34.81 57.23
N GLU E 161 -67.13 34.08 57.91
CA GLU E 161 -67.51 34.37 59.28
C GLU E 161 -67.47 33.10 60.11
N ALA E 162 -67.66 33.26 61.41
CA ALA E 162 -67.61 32.13 62.34
C ALA E 162 -68.53 30.99 61.94
N PRO E 163 -69.80 31.21 61.59
CA PRO E 163 -70.67 30.07 61.27
C PRO E 163 -70.14 29.23 60.12
N SER E 164 -69.46 29.85 59.15
CA SER E 164 -68.99 29.15 57.97
C SER E 164 -67.53 28.75 58.05
N ARG E 165 -66.84 29.04 59.15
CA ARG E 165 -65.44 28.67 59.27
C ARG E 165 -65.08 28.58 60.74
N LEU E 166 -63.94 27.97 61.00
CA LEU E 166 -63.45 27.83 62.37
C LEU E 166 -63.32 29.20 63.02
N SER E 167 -63.78 29.31 64.26
CA SER E 167 -63.77 30.56 64.99
C SER E 167 -63.30 30.30 66.41
N PRO E 168 -62.74 31.31 67.07
CA PRO E 168 -62.30 31.12 68.46
C PRO E 168 -63.44 30.76 69.39
N ASP E 169 -64.65 31.24 69.12
CA ASP E 169 -65.80 30.96 69.97
C ASP E 169 -66.37 29.58 69.74
N ASP E 170 -65.89 28.86 68.73
CA ASP E 170 -66.41 27.52 68.45
C ASP E 170 -66.12 26.55 69.59
N ALA E 171 -65.19 26.88 70.48
CA ALA E 171 -64.82 25.99 71.56
C ALA E 171 -64.14 26.79 72.66
N ASP E 172 -63.95 26.15 73.80
CA ASP E 172 -63.34 26.82 74.94
C ASP E 172 -61.92 27.27 74.62
N PHE E 173 -61.14 26.39 73.99
CA PHE E 173 -59.77 26.68 73.61
C PHE E 173 -59.53 26.16 72.20
N VAL E 174 -58.60 26.79 71.50
CA VAL E 174 -58.32 26.44 70.11
C VAL E 174 -56.88 26.81 69.80
N ASP E 175 -56.28 26.04 68.90
CA ASP E 175 -54.94 26.35 68.39
C ASP E 175 -54.79 25.68 67.03
N VAL E 176 -54.08 26.38 66.13
CA VAL E 176 -53.89 25.93 64.76
C VAL E 176 -52.41 25.96 64.43
N LEU E 177 -52.04 25.16 63.43
CA LEU E 177 -50.65 25.02 62.99
C LEU E 177 -50.58 25.51 61.54
N HIS E 178 -50.36 26.81 61.37
CA HIS E 178 -50.25 27.38 60.03
C HIS E 178 -48.93 26.97 59.39
N THR E 179 -48.91 25.79 58.78
CA THR E 179 -47.69 25.21 58.24
C THR E 179 -47.45 25.57 56.79
N PHE E 180 -48.33 26.34 56.15
CA PHE E 180 -48.16 26.67 54.74
C PHE E 180 -49.05 27.85 54.42
N THR E 181 -48.44 28.93 53.93
CA THR E 181 -49.19 30.14 53.58
C THR E 181 -48.68 30.82 52.32
N ARG E 182 -47.71 30.22 51.62
CA ARG E 182 -47.13 30.89 50.46
C ARG E 182 -48.18 31.08 49.38
N GLY E 183 -48.20 32.28 48.80
CA GLY E 183 -49.12 32.62 47.74
C GLY E 183 -49.87 33.89 48.06
N SER E 184 -50.69 34.31 47.10
CA SER E 184 -51.47 35.52 47.26
C SER E 184 -52.54 35.33 48.34
N PRO E 185 -52.96 36.41 49.00
CA PRO E 185 -54.04 36.28 49.98
C PRO E 185 -55.30 35.74 49.33
N GLY E 186 -56.00 34.88 50.06
CA GLY E 186 -57.25 34.32 49.61
C GLY E 186 -57.12 33.21 48.58
N ARG E 187 -55.90 32.89 48.15
CA ARG E 187 -55.68 31.81 47.19
C ARG E 187 -54.71 30.76 47.68
N SER E 188 -53.87 31.05 48.67
CA SER E 188 -53.03 30.02 49.26
C SER E 188 -53.90 28.98 49.95
N ILE E 189 -53.48 27.72 49.84
CA ILE E 189 -54.27 26.64 50.42
C ILE E 189 -54.45 26.86 51.91
N GLY E 190 -53.39 27.28 52.60
CA GLY E 190 -53.43 27.47 54.03
C GLY E 190 -53.87 28.86 54.41
N ILE E 191 -54.98 28.94 55.15
CA ILE E 191 -55.45 30.24 55.62
C ILE E 191 -54.36 30.93 56.41
N GLN E 192 -54.19 32.22 56.16
CA GLN E 192 -53.20 33.03 56.85
C GLN E 192 -53.79 33.91 57.93
N LYS E 193 -55.07 34.23 57.84
CA LYS E 193 -55.71 35.04 58.87
C LYS E 193 -55.75 34.25 60.17
N PRO E 194 -55.27 34.81 61.29
CA PRO E 194 -55.32 34.07 62.56
C PRO E 194 -56.76 33.79 62.95
N VAL E 195 -56.97 32.61 63.55
CA VAL E 195 -58.32 32.13 63.85
C VAL E 195 -58.49 31.88 65.33
N GLY E 196 -57.58 31.10 65.94
CA GLY E 196 -57.74 30.70 67.31
C GLY E 196 -57.19 31.72 68.29
N HIS E 197 -57.34 31.39 69.57
CA HIS E 197 -56.77 32.23 70.62
C HIS E 197 -55.27 32.34 70.46
N VAL E 198 -54.61 31.24 70.13
CA VAL E 198 -53.18 31.22 69.86
C VAL E 198 -52.96 30.46 68.56
N ASP E 199 -52.12 31.00 67.70
CA ASP E 199 -51.80 30.39 66.42
C ASP E 199 -50.29 30.23 66.28
N ILE E 200 -49.88 29.22 65.53
CA ILE E 200 -48.47 28.87 65.39
C ILE E 200 -48.12 28.90 63.91
N TYR E 201 -47.01 29.57 63.59
CA TYR E 201 -46.57 29.77 62.21
C TYR E 201 -45.13 29.30 62.08
N PRO E 202 -44.90 27.99 62.11
CA PRO E 202 -43.53 27.48 62.03
C PRO E 202 -42.86 27.90 60.74
N ASN E 203 -41.60 28.30 60.85
CA ASN E 203 -40.78 28.71 59.71
C ASN E 203 -41.36 29.91 58.99
N GLY E 204 -42.40 30.54 59.55
CA GLY E 204 -43.09 31.63 58.89
C GLY E 204 -44.18 31.18 57.95
N GLY E 205 -44.32 29.88 57.72
CA GLY E 205 -45.36 29.36 56.85
C GLY E 205 -45.02 29.39 55.38
N THR E 206 -43.87 29.95 55.00
CA THR E 206 -43.52 30.02 53.58
C THR E 206 -43.36 28.63 52.98
N PHE E 207 -42.71 27.73 53.70
CA PHE E 207 -42.44 26.38 53.22
C PHE E 207 -41.82 25.61 54.38
N GLN E 208 -41.39 24.38 54.10
CA GLN E 208 -40.71 23.54 55.07
C GLN E 208 -39.45 22.95 54.46
N PRO E 209 -38.46 22.62 55.28
CA PRO E 209 -37.16 22.19 54.74
C PRO E 209 -37.14 20.74 54.30
N GLY E 210 -37.91 19.89 54.95
CA GLY E 210 -37.82 18.46 54.71
C GLY E 210 -38.42 18.06 53.38
N CYS E 211 -37.95 18.66 52.30
CA CYS E 211 -38.45 18.37 50.97
C CYS E 211 -37.55 19.08 49.96
N ASN E 212 -37.90 18.99 48.69
CA ASN E 212 -37.07 19.50 47.60
C ASN E 212 -38.02 20.10 46.56
N ILE E 213 -37.49 20.36 45.36
CA ILE E 213 -38.31 20.90 44.29
C ILE E 213 -39.51 20.00 44.04
N GLY E 214 -39.28 18.69 43.99
CA GLY E 214 -40.37 17.74 43.84
C GLY E 214 -40.66 17.38 42.39
N GLU E 215 -41.73 17.95 41.84
CA GLU E 215 -42.19 17.59 40.51
C GLU E 215 -41.17 18.02 39.46
N ALA E 216 -40.48 17.06 38.86
CA ALA E 216 -39.52 17.37 37.81
C ALA E 216 -40.24 17.78 36.53
N LEU E 217 -41.27 17.03 36.15
CA LEU E 217 -42.03 17.33 34.94
C LEU E 217 -43.45 16.80 35.12
N ARG E 218 -44.36 17.32 34.29
CA ARG E 218 -45.76 16.95 34.42
C ARG E 218 -45.97 15.46 34.17
N VAL E 219 -45.31 14.91 33.15
CA VAL E 219 -45.51 13.52 32.77
C VAL E 219 -44.43 12.61 33.35
N ILE E 220 -43.17 13.04 33.29
CA ILE E 220 -42.07 12.20 33.75
C ILE E 220 -42.19 11.94 35.25
N ALA E 221 -42.46 13.00 36.02
CA ALA E 221 -42.61 12.86 37.46
C ALA E 221 -44.04 12.42 37.78
N GLU E 222 -44.41 12.47 39.06
CA GLU E 222 -45.71 12.00 39.55
C GLU E 222 -46.37 13.14 40.33
N ARG E 223 -47.12 13.99 39.63
CA ARG E 223 -47.78 15.11 40.28
C ARG E 223 -48.64 14.63 41.43
N GLY E 224 -49.66 13.85 41.11
CA GLY E 224 -50.45 13.17 42.12
C GLY E 224 -50.40 11.67 41.91
N LEU E 225 -49.41 11.23 41.14
CA LEU E 225 -49.26 9.81 40.80
C LEU E 225 -48.43 9.09 41.87
N GLY E 226 -48.82 9.27 43.13
CA GLY E 226 -48.02 8.75 44.21
C GLY E 226 -46.59 9.25 44.10
N ASP E 227 -45.64 8.38 44.48
CA ASP E 227 -44.23 8.67 44.32
C ASP E 227 -43.87 10.04 44.87
N VAL E 228 -43.75 11.04 43.98
CA VAL E 228 -43.34 12.38 44.39
C VAL E 228 -44.52 13.26 44.79
N ASP E 229 -45.74 12.71 44.79
CA ASP E 229 -46.88 13.47 45.28
C ASP E 229 -46.70 13.84 46.75
N GLN E 230 -46.21 12.89 47.55
CA GLN E 230 -45.94 13.19 48.95
C GLN E 230 -44.90 14.29 49.08
N LEU E 231 -43.84 14.24 48.26
CA LEU E 231 -42.85 15.31 48.27
C LEU E 231 -43.48 16.65 47.91
N VAL E 232 -44.39 16.66 46.94
CA VAL E 232 -45.11 17.89 46.62
C VAL E 232 -45.88 18.37 47.85
N LYS E 233 -46.47 17.45 48.60
CA LYS E 233 -47.12 17.79 49.87
C LYS E 233 -46.04 17.87 50.96
N CYS E 234 -45.22 18.90 50.82
CA CYS E 234 -44.06 19.06 51.68
C CYS E 234 -44.48 19.47 53.09
N SER E 235 -45.42 20.40 53.21
CA SER E 235 -45.75 21.03 54.47
C SER E 235 -47.12 20.65 54.99
N HIS E 236 -48.05 20.31 54.10
CA HIS E 236 -49.42 20.06 54.51
C HIS E 236 -49.50 18.93 55.52
N GLU E 237 -48.57 17.97 55.45
CA GLU E 237 -48.49 16.91 56.43
C GLU E 237 -47.47 17.21 57.53
N ARG E 238 -46.65 18.24 57.34
CA ARG E 238 -45.70 18.61 58.38
C ARG E 238 -46.42 19.02 59.65
N SER E 239 -47.63 19.57 59.52
CA SER E 239 -48.41 19.90 60.71
C SER E 239 -48.64 18.66 61.57
N VAL E 240 -49.15 17.61 60.95
CA VAL E 240 -49.49 16.40 61.71
C VAL E 240 -48.21 15.72 62.20
N HIS E 241 -47.16 15.76 61.39
CA HIS E 241 -45.89 15.16 61.84
C HIS E 241 -45.35 15.92 63.05
N LEU E 242 -45.44 17.24 63.04
CA LEU E 242 -45.03 18.03 64.20
C LEU E 242 -45.86 17.68 65.42
N PHE E 243 -47.17 17.57 65.23
CA PHE E 243 -48.05 17.27 66.36
C PHE E 243 -47.72 15.91 66.96
N ILE E 244 -47.51 14.91 66.11
CA ILE E 244 -47.22 13.57 66.60
C ILE E 244 -45.85 13.54 67.28
N ASP E 245 -44.89 14.26 66.73
CA ASP E 245 -43.57 14.33 67.37
C ASP E 245 -43.66 14.96 68.75
N SER E 246 -44.41 16.05 68.87
CA SER E 246 -44.59 16.67 70.17
C SER E 246 -45.30 15.74 71.13
N LEU E 247 -46.31 15.03 70.63
CA LEU E 247 -47.05 14.10 71.49
C LEU E 247 -46.13 13.01 72.01
N LEU E 248 -45.27 12.47 71.14
CA LEU E 248 -44.37 11.40 71.55
C LEU E 248 -43.32 11.91 72.52
N ASN E 249 -42.74 13.07 72.26
CA ASN E 249 -41.72 13.65 73.12
C ASN E 249 -42.35 14.65 74.08
N GLU E 250 -43.04 14.10 75.08
CA GLU E 250 -43.68 14.92 76.09
C GLU E 250 -42.69 15.57 77.04
N GLU E 251 -41.53 14.95 77.25
CA GLU E 251 -40.60 15.44 78.26
C GLU E 251 -40.00 16.80 77.90
N ASN E 252 -39.70 17.02 76.63
CA ASN E 252 -39.01 18.24 76.19
C ASN E 252 -39.77 18.87 75.03
N PRO E 253 -40.90 19.51 75.32
CA PRO E 253 -41.65 20.16 74.26
C PRO E 253 -40.88 21.32 73.65
N SER E 254 -41.11 21.56 72.37
CA SER E 254 -40.56 22.73 71.71
C SER E 254 -41.30 23.98 72.16
N LYS E 255 -40.56 25.05 72.37
CA LYS E 255 -41.11 26.30 72.91
C LYS E 255 -41.23 27.31 71.77
N ALA E 256 -42.40 27.35 71.16
CA ALA E 256 -42.68 28.39 70.17
C ALA E 256 -42.81 29.74 70.85
N TYR E 257 -42.43 30.78 70.13
CA TYR E 257 -42.32 32.12 70.69
C TYR E 257 -43.39 33.04 70.13
N ARG E 258 -43.77 34.03 70.92
CA ARG E 258 -44.79 35.00 70.57
C ARG E 258 -44.12 36.30 70.14
N CYS E 259 -44.63 36.91 69.07
CA CYS E 259 -43.99 38.07 68.49
C CYS E 259 -45.05 38.94 67.84
N ASN E 260 -44.60 39.87 67.00
CA ASN E 260 -45.47 40.79 66.28
C ASN E 260 -45.56 40.48 64.80
N SER E 261 -44.47 40.02 64.19
CA SER E 261 -44.46 39.73 62.77
C SER E 261 -43.30 38.80 62.45
N LYS E 262 -43.39 38.15 61.29
CA LYS E 262 -42.36 37.20 60.90
C LYS E 262 -41.01 37.88 60.74
N GLU E 263 -41.00 39.08 60.14
CA GLU E 263 -39.75 39.81 59.99
C GLU E 263 -39.18 40.20 61.34
N ALA E 264 -40.04 40.63 62.27
CA ALA E 264 -39.57 40.97 63.60
C ALA E 264 -38.95 39.76 64.29
N PHE E 265 -39.58 38.59 64.14
CA PHE E 265 -39.01 37.38 64.72
C PHE E 265 -37.68 37.03 64.07
N GLU E 266 -37.58 37.17 62.76
CA GLU E 266 -36.32 36.89 62.07
C GLU E 266 -35.23 37.81 62.59
N LYS E 267 -35.55 39.08 62.80
CA LYS E 267 -34.57 40.00 63.38
C LYS E 267 -34.16 39.55 64.77
N GLY E 268 -35.13 39.12 65.58
CA GLY E 268 -34.84 38.56 66.88
C GLY E 268 -34.97 39.53 68.04
N LEU E 269 -35.94 40.44 67.99
CA LEU E 269 -36.16 41.41 69.06
C LEU E 269 -37.35 41.05 69.92
N CYS E 270 -37.99 39.90 69.68
CA CYS E 270 -39.29 39.58 70.26
C CYS E 270 -39.29 38.14 70.78
N LEU E 271 -38.26 37.78 71.55
CA LEU E 271 -38.16 36.44 72.13
C LEU E 271 -38.42 36.39 73.61
N SER E 272 -37.96 37.38 74.37
CA SER E 272 -38.17 37.36 75.82
C SER E 272 -39.66 37.29 76.12
N CYS E 273 -40.03 36.39 77.02
CA CYS E 273 -41.42 36.19 77.43
C CYS E 273 -41.47 36.22 78.96
N ARG E 274 -41.54 37.43 79.51
CA ARG E 274 -41.75 37.58 80.95
C ARG E 274 -43.22 37.37 81.31
N LYS E 275 -44.11 37.85 80.45
CA LYS E 275 -45.54 37.69 80.66
C LYS E 275 -45.97 36.34 80.07
N ASN E 276 -47.29 36.12 79.96
CA ASN E 276 -47.81 34.87 79.43
C ASN E 276 -47.62 34.84 77.93
N ARG E 277 -46.38 34.62 77.51
CA ARG E 277 -46.01 34.49 76.11
C ARG E 277 -45.15 33.25 75.93
N CYS E 278 -44.75 33.00 74.69
CA CYS E 278 -43.84 31.91 74.35
C CYS E 278 -44.32 30.58 74.92
N ASN E 279 -45.63 30.35 74.84
CA ASN E 279 -46.19 29.13 75.37
C ASN E 279 -45.75 27.92 74.54
N ASN E 280 -45.91 26.75 75.12
CA ASN E 280 -45.52 25.50 74.48
C ASN E 280 -46.37 25.26 73.23
N MET E 281 -45.98 24.28 72.42
CA MET E 281 -46.73 23.90 71.24
C MET E 281 -46.97 22.40 71.28
N GLY E 282 -48.18 21.98 70.90
CA GLY E 282 -48.55 20.59 70.92
C GLY E 282 -49.56 20.28 72.01
N TYR E 283 -49.55 19.02 72.46
CA TYR E 283 -50.50 18.59 73.48
C TYR E 283 -50.27 19.33 74.80
N GLU E 284 -49.02 19.54 75.17
CA GLU E 284 -48.69 20.19 76.43
C GLU E 284 -48.80 21.70 76.36
N ILE E 285 -49.46 22.23 75.35
CA ILE E 285 -49.70 23.67 75.28
C ILE E 285 -50.41 24.13 76.54
N ASN E 286 -50.08 25.34 76.98
CA ASN E 286 -50.72 25.92 78.14
C ASN E 286 -51.99 26.64 77.72
N LYS E 287 -53.11 26.25 78.33
CA LYS E 287 -54.39 26.86 78.01
C LYS E 287 -54.40 28.31 78.48
N VAL E 288 -54.63 29.22 77.53
CA VAL E 288 -54.58 30.65 77.81
C VAL E 288 -55.58 31.36 76.91
N ARG E 289 -56.10 32.48 77.39
CA ARG E 289 -57.01 33.32 76.64
C ARG E 289 -56.34 34.66 76.34
N ALA E 290 -56.58 35.18 75.15
CA ALA E 290 -55.99 36.43 74.70
C ALA E 290 -57.09 37.38 74.27
N LYS E 291 -56.82 38.68 74.39
CA LYS E 291 -57.79 39.69 74.01
C LYS E 291 -57.93 39.82 72.50
N ARG E 292 -57.02 39.21 71.74
CA ARG E 292 -57.04 39.30 70.29
C ARG E 292 -56.19 38.18 69.71
N SER E 293 -56.09 38.17 68.40
CA SER E 293 -55.23 37.22 67.71
C SER E 293 -53.78 37.40 68.18
N SER E 294 -53.13 36.28 68.51
CA SER E 294 -51.76 36.28 69.02
C SER E 294 -50.92 35.39 68.12
N LYS E 295 -50.20 36.00 67.19
CA LYS E 295 -49.31 35.27 66.31
C LYS E 295 -48.09 34.76 67.08
N MET E 296 -47.43 33.76 66.50
CA MET E 296 -46.23 33.17 67.10
C MET E 296 -45.34 32.66 65.99
N TYR E 297 -44.10 32.32 66.35
CA TYR E 297 -43.12 31.86 65.39
C TYR E 297 -42.13 30.93 66.08
N LEU E 298 -41.43 30.15 65.27
CA LEU E 298 -40.36 29.29 65.75
C LEU E 298 -39.70 28.66 64.53
N LYS E 299 -38.71 27.82 64.78
CA LYS E 299 -38.01 27.05 63.75
C LYS E 299 -38.07 25.58 64.10
N THR E 300 -37.40 24.76 63.29
CA THR E 300 -37.48 23.32 63.44
C THR E 300 -36.35 22.66 62.67
N ARG E 301 -36.09 21.39 63.02
CA ARG E 301 -35.15 20.57 62.29
C ARG E 301 -35.82 20.05 61.03
N SER E 302 -35.20 19.07 60.38
CA SER E 302 -35.71 18.61 59.09
C SER E 302 -36.99 17.81 59.23
N GLN E 303 -36.93 16.60 59.79
CA GLN E 303 -38.15 15.83 59.95
C GLN E 303 -38.31 15.12 61.30
N MET E 304 -37.25 14.49 61.80
CA MET E 304 -37.51 13.49 62.84
C MET E 304 -37.72 14.09 64.22
N PRO E 305 -36.72 14.77 64.83
CA PRO E 305 -36.90 15.18 66.23
C PRO E 305 -37.55 16.54 66.37
N TYR E 306 -37.33 17.40 65.36
CA TYR E 306 -37.67 18.80 65.50
C TYR E 306 -37.05 19.35 66.76
N LYS E 307 -37.75 20.24 67.47
CA LYS E 307 -37.31 20.69 68.80
C LYS E 307 -35.92 21.31 68.71
N VAL E 308 -35.88 22.47 68.06
CA VAL E 308 -34.67 23.25 67.93
C VAL E 308 -34.66 24.34 69.01
N PHE E 309 -33.50 24.96 69.19
CA PHE E 309 -33.31 26.00 70.19
C PHE E 309 -33.40 27.38 69.52
N HIS E 310 -33.13 28.42 70.31
CA HIS E 310 -33.11 29.79 69.82
C HIS E 310 -32.15 30.60 70.67
N TYR E 311 -31.16 31.21 70.04
CA TYR E 311 -30.06 31.87 70.74
C TYR E 311 -29.76 33.23 70.10
N GLN E 312 -30.78 34.05 69.91
CA GLN E 312 -30.60 35.32 69.20
C GLN E 312 -29.43 36.10 69.81
N VAL E 313 -28.80 36.93 68.97
CA VAL E 313 -27.54 37.58 69.31
C VAL E 313 -27.62 39.07 69.01
N LYS E 314 -26.82 39.85 69.74
CA LYS E 314 -26.60 41.26 69.47
C LYS E 314 -25.11 41.53 69.36
N ILE E 315 -24.75 42.49 68.50
CA ILE E 315 -23.35 42.88 68.29
C ILE E 315 -23.24 44.39 68.48
N HIS E 316 -22.25 44.81 69.26
CA HIS E 316 -21.93 46.22 69.44
C HIS E 316 -20.73 46.58 68.56
N PHE E 317 -20.98 46.55 67.25
CA PHE E 317 -19.94 46.94 66.30
C PHE E 317 -19.44 48.34 66.61
N SER E 318 -18.11 48.47 66.68
CA SER E 318 -17.51 49.77 66.94
C SER E 318 -16.07 49.74 66.40
N GLY E 319 -15.87 50.35 65.25
CA GLY E 319 -14.57 50.36 64.62
C GLY E 319 -14.11 51.75 64.22
N THR E 320 -13.03 51.82 63.44
CA THR E 320 -12.45 53.09 63.01
C THR E 320 -12.87 53.46 61.59
N GLU E 321 -12.69 52.55 60.63
CA GLU E 321 -13.01 52.84 59.24
C GLU E 321 -14.51 52.91 59.07
N SER E 322 -15.00 53.97 58.43
CA SER E 322 -16.43 54.26 58.37
C SER E 322 -17.01 54.05 56.97
N ASN E 323 -16.48 53.11 56.20
CA ASN E 323 -17.04 52.78 54.89
C ASN E 323 -18.10 51.70 55.08
N THR E 324 -19.36 52.08 54.92
CA THR E 324 -20.46 51.14 55.12
C THR E 324 -20.46 50.07 54.04
N TYR E 325 -20.83 48.86 54.44
CA TYR E 325 -20.97 47.74 53.53
C TYR E 325 -22.34 47.11 53.72
N THR E 326 -22.78 46.37 52.70
CA THR E 326 -24.12 45.80 52.68
C THR E 326 -24.07 44.39 52.11
N ASN E 327 -25.07 43.60 52.48
CA ASN E 327 -25.25 42.24 51.96
C ASN E 327 -23.97 41.42 52.12
N GLN E 328 -23.59 41.22 53.37
CA GLN E 328 -22.42 40.44 53.73
C GLN E 328 -22.84 39.25 54.57
N ALA E 329 -22.09 38.16 54.45
CA ALA E 329 -22.39 36.91 55.13
C ALA E 329 -21.50 36.76 56.35
N PHE E 330 -22.13 36.56 57.51
CA PHE E 330 -21.42 36.31 58.75
C PHE E 330 -21.56 34.85 59.13
N GLU E 331 -20.43 34.22 59.48
CA GLU E 331 -20.42 32.83 59.94
C GLU E 331 -19.94 32.83 61.38
N ILE E 332 -20.66 32.11 62.24
CA ILE E 332 -20.30 31.97 63.64
C ILE E 332 -20.46 30.52 64.05
N SER E 333 -19.83 30.18 65.17
CA SER E 333 -19.93 28.85 65.75
C SER E 333 -19.81 28.97 67.25
N LEU E 334 -20.35 27.98 67.97
CA LEU E 334 -20.40 28.02 69.42
C LEU E 334 -20.08 26.66 69.99
N TYR E 335 -19.52 26.67 71.19
CA TYR E 335 -19.18 25.47 71.94
C TYR E 335 -19.74 25.60 73.34
N GLY E 336 -20.26 24.49 73.89
CA GLY E 336 -20.94 24.51 75.16
C GLY E 336 -20.42 23.49 76.14
N THR E 337 -21.35 22.85 76.84
CA THR E 337 -21.03 21.86 77.87
C THR E 337 -21.70 20.52 77.63
N VAL E 338 -22.40 20.35 76.52
CA VAL E 338 -23.02 19.08 76.15
C VAL E 338 -22.60 18.67 74.75
N ALA E 339 -22.77 19.57 73.78
CA ALA E 339 -22.31 19.35 72.42
C ALA E 339 -21.92 20.72 71.84
N GLU E 340 -21.69 20.76 70.53
CA GLU E 340 -21.25 22.01 69.90
C GLU E 340 -21.55 21.95 68.41
N SER E 341 -22.01 23.08 67.87
CA SER E 341 -22.12 23.27 66.44
C SER E 341 -20.81 23.80 65.89
N GLU E 342 -20.60 23.64 64.58
CA GLU E 342 -19.31 23.91 63.97
C GLU E 342 -19.33 25.04 62.95
N ASN E 343 -20.20 24.96 61.95
CA ASN E 343 -20.13 25.86 60.80
C ASN E 343 -21.51 26.41 60.44
N ILE E 344 -22.23 26.91 61.42
CA ILE E 344 -23.56 27.46 61.16
C ILE E 344 -23.41 28.88 60.61
N PRO E 345 -23.97 29.18 59.45
CA PRO E 345 -23.88 30.55 58.90
C PRO E 345 -25.11 31.38 59.24
N PHE E 346 -25.02 32.66 58.88
CA PHE E 346 -26.17 33.55 58.92
C PHE E 346 -25.85 34.81 58.13
N THR E 347 -26.86 35.65 57.95
CA THR E 347 -26.75 36.82 57.10
C THR E 347 -27.13 38.08 57.89
N LEU E 348 -26.48 39.19 57.53
CA LEU E 348 -26.72 40.47 58.17
C LEU E 348 -26.28 41.60 57.24
N PRO E 349 -27.19 42.17 56.45
CA PRO E 349 -26.80 43.28 55.57
C PRO E 349 -26.65 44.59 56.32
N GLU E 350 -26.41 45.67 55.57
CA GLU E 350 -26.44 47.03 56.10
C GLU E 350 -25.53 47.19 57.31
N VAL E 351 -24.35 46.57 57.24
CA VAL E 351 -23.39 46.67 58.32
C VAL E 351 -22.80 48.07 58.34
N SER E 352 -22.66 48.63 59.54
CA SER E 352 -22.13 49.98 59.70
C SER E 352 -21.21 50.01 60.91
N THR E 353 -20.89 51.21 61.38
CA THR E 353 -20.00 51.40 62.52
C THR E 353 -20.71 52.19 63.61
N ASN E 354 -20.15 52.12 64.82
CA ASN E 354 -20.71 52.80 65.98
C ASN E 354 -22.18 52.47 66.18
N LYS E 355 -22.62 51.33 65.64
CA LYS E 355 -24.01 50.94 65.64
C LYS E 355 -24.14 49.50 66.14
N THR E 356 -25.27 49.20 66.74
CA THR E 356 -25.55 47.88 67.26
C THR E 356 -26.54 47.16 66.36
N TYR E 357 -26.31 45.87 66.16
CA TYR E 357 -27.13 45.03 65.31
C TYR E 357 -27.58 43.81 66.09
N SER E 358 -28.47 43.04 65.47
CA SER E 358 -28.98 41.82 66.10
C SER E 358 -29.51 40.91 65.00
N PHE E 359 -29.66 39.63 65.35
CA PHE E 359 -30.18 38.66 64.42
C PHE E 359 -30.63 37.44 65.20
N LEU E 360 -31.27 36.52 64.48
CA LEU E 360 -31.77 35.29 65.06
C LEU E 360 -30.94 34.11 64.56
N LEU E 361 -30.52 33.26 65.49
CA LEU E 361 -29.79 32.05 65.15
C LEU E 361 -30.51 30.85 65.74
N TYR E 362 -30.42 29.71 65.05
CA TYR E 362 -30.98 28.46 65.53
C TYR E 362 -29.97 27.34 65.37
N THR E 363 -30.01 26.42 66.33
CA THR E 363 -29.21 25.20 66.28
C THR E 363 -30.12 24.02 66.54
N GLU E 364 -29.67 22.85 66.09
CA GLU E 364 -30.48 21.64 66.14
C GLU E 364 -29.86 20.59 67.06
N VAL E 365 -29.03 21.01 68.00
CA VAL E 365 -28.40 20.10 68.95
C VAL E 365 -28.40 20.76 70.32
N ASP E 366 -28.66 19.97 71.36
CA ASP E 366 -28.63 20.50 72.72
C ASP E 366 -27.20 20.88 73.09
N ILE E 367 -27.06 22.03 73.75
CA ILE E 367 -25.75 22.58 74.08
C ILE E 367 -25.66 22.89 75.57
N GLY E 368 -26.81 23.06 76.21
CA GLY E 368 -26.80 23.53 77.59
C GLY E 368 -26.17 24.91 77.64
N GLU E 369 -25.16 25.06 78.51
CA GLU E 369 -24.45 26.32 78.61
C GLU E 369 -23.53 26.50 77.40
N LEU E 370 -22.91 27.68 77.31
CA LEU E 370 -22.06 28.02 76.18
C LEU E 370 -20.85 28.79 76.70
N LEU E 371 -19.66 28.38 76.25
CA LEU E 371 -18.41 28.91 76.77
C LEU E 371 -17.77 29.92 75.83
N MET E 372 -17.49 29.50 74.60
CA MET E 372 -16.75 30.32 73.66
C MET E 372 -17.51 30.43 72.35
N LEU E 373 -17.07 31.35 71.50
CA LEU E 373 -17.80 31.69 70.29
C LEU E 373 -16.82 31.93 69.15
N LYS E 374 -17.32 31.73 67.92
CA LYS E 374 -16.57 31.97 66.70
C LYS E 374 -17.28 33.02 65.87
N LEU E 375 -16.51 33.90 65.23
CA LEU E 375 -17.08 35.03 64.50
C LEU E 375 -16.38 35.21 63.17
N LYS E 376 -16.20 34.13 62.42
CA LYS E 376 -15.54 34.22 61.14
C LYS E 376 -16.38 35.04 60.17
N TRP E 377 -15.69 35.73 59.25
CA TRP E 377 -16.34 36.55 58.23
C TRP E 377 -15.86 36.07 56.87
N ILE E 378 -16.79 35.57 56.06
CA ILE E 378 -16.47 34.79 54.88
C ILE E 378 -16.30 35.72 53.69
N SER E 379 -15.65 35.20 52.64
CA SER E 379 -15.41 35.95 51.42
C SER E 379 -15.39 34.99 50.25
N ASP E 380 -15.51 35.56 49.05
CA ASP E 380 -15.46 34.81 47.79
C ASP E 380 -14.11 34.96 47.10
N SER E 381 -13.07 35.34 47.85
CA SER E 381 -11.72 35.50 47.34
C SER E 381 -10.74 34.69 48.18
N TYR E 382 -11.04 33.40 48.36
CA TYR E 382 -10.28 32.53 49.25
C TYR E 382 -8.78 32.61 48.98
N PHE E 383 -8.39 32.63 47.72
CA PHE E 383 -6.99 32.50 47.36
C PHE E 383 -6.19 33.68 47.89
N SER E 384 -4.87 33.57 47.79
CA SER E 384 -3.97 34.53 48.42
C SER E 384 -3.97 35.89 47.72
N TRP E 385 -4.85 36.12 46.74
CA TRP E 385 -4.99 37.46 46.18
C TRP E 385 -5.38 38.46 47.26
N SER E 386 -6.40 38.13 48.05
CA SER E 386 -6.91 39.00 49.11
C SER E 386 -6.47 38.53 50.49
N ASN E 387 -5.24 38.03 50.59
CA ASN E 387 -4.70 37.56 51.85
C ASN E 387 -3.68 38.52 52.46
N TRP E 388 -3.14 39.46 51.69
CA TRP E 388 -2.21 40.44 52.20
C TRP E 388 -2.75 41.86 52.17
N TRP E 389 -3.16 42.36 51.00
CA TRP E 389 -3.52 43.76 50.90
C TRP E 389 -4.70 44.09 51.81
N SER E 390 -4.70 45.31 52.33
CA SER E 390 -5.65 45.70 53.37
C SER E 390 -7.08 45.51 52.91
N SER E 391 -7.76 44.56 53.52
CA SER E 391 -9.18 44.33 53.31
C SER E 391 -10.00 44.95 54.43
N PRO E 392 -11.27 45.26 54.18
CA PRO E 392 -12.06 45.94 55.21
C PRO E 392 -12.13 45.11 56.49
N GLY E 393 -12.09 45.82 57.62
CA GLY E 393 -12.12 45.17 58.91
C GLY E 393 -12.79 46.06 59.94
N PHE E 394 -13.19 45.44 61.04
CA PHE E 394 -13.85 46.15 62.13
C PHE E 394 -13.24 45.70 63.46
N ASP E 395 -13.75 46.26 64.54
CA ASP E 395 -13.36 45.89 65.89
C ASP E 395 -14.59 45.42 66.67
N ILE E 396 -14.37 44.45 67.55
CA ILE E 396 -15.44 43.84 68.33
C ILE E 396 -15.17 44.05 69.80
N GLY E 397 -16.19 44.50 70.53
CA GLY E 397 -16.10 44.68 71.96
C GLY E 397 -16.80 43.56 72.70
N LYS E 398 -18.02 43.81 73.14
CA LYS E 398 -18.81 42.83 73.88
C LYS E 398 -19.86 42.20 72.98
N ILE E 399 -20.43 41.10 73.46
CA ILE E 399 -21.50 40.39 72.77
C ILE E 399 -22.55 39.99 73.78
N ARG E 400 -23.82 40.13 73.39
CA ARG E 400 -24.93 40.03 74.33
C ARG E 400 -25.91 38.94 73.93
N VAL E 401 -25.41 37.74 73.62
CA VAL E 401 -26.31 36.64 73.28
C VAL E 401 -27.29 36.43 74.41
N LYS E 402 -28.47 35.92 74.08
CA LYS E 402 -29.52 35.67 75.06
C LYS E 402 -30.08 34.28 74.81
N ALA E 403 -29.98 33.42 75.82
CA ALA E 403 -30.54 32.09 75.70
C ALA E 403 -32.06 32.14 75.67
N GLY E 404 -32.65 31.34 74.79
CA GLY E 404 -34.09 31.37 74.60
C GLY E 404 -34.88 30.69 75.69
N GLU E 405 -34.73 29.36 75.81
CA GLU E 405 -35.55 28.61 76.75
C GLU E 405 -35.39 29.14 78.17
N THR E 406 -34.15 29.42 78.57
CA THR E 406 -33.86 30.03 79.86
C THR E 406 -33.29 31.42 79.61
N GLN E 407 -33.89 32.43 80.25
CA GLN E 407 -33.46 33.81 80.07
C GLN E 407 -32.10 34.00 80.76
N LYS E 408 -31.04 34.08 79.95
CA LYS E 408 -29.69 34.22 80.46
C LYS E 408 -28.98 35.30 79.63
N LYS E 409 -28.87 36.49 80.19
CA LYS E 409 -28.17 37.60 79.52
C LYS E 409 -26.66 37.44 79.71
N VAL E 410 -26.14 36.31 79.25
CA VAL E 410 -24.71 36.07 79.33
C VAL E 410 -23.99 37.09 78.47
N ILE E 411 -22.97 37.73 79.05
CA ILE E 411 -22.24 38.80 78.41
C ILE E 411 -20.94 38.22 77.88
N PHE E 412 -20.90 37.91 76.59
CA PHE E 412 -19.65 37.57 75.96
C PHE E 412 -18.77 38.82 75.84
N CYS E 413 -17.49 38.58 75.56
CA CYS E 413 -16.45 39.51 75.99
C CYS E 413 -15.21 39.30 75.15
N SER E 414 -14.88 40.26 74.30
CA SER E 414 -13.67 40.15 73.49
C SER E 414 -12.45 40.18 74.39
N ARG E 415 -11.35 39.64 73.87
CA ARG E 415 -10.12 39.60 74.63
C ARG E 415 -9.51 40.99 74.66
N GLU E 416 -8.37 41.12 75.35
CA GLU E 416 -7.79 42.43 75.59
C GLU E 416 -7.60 43.22 74.29
N LYS E 417 -6.96 42.61 73.29
CA LYS E 417 -6.71 43.32 72.04
C LYS E 417 -6.82 42.42 70.82
N MET E 418 -7.14 41.14 70.99
CA MET E 418 -6.89 40.14 69.97
C MET E 418 -8.17 39.87 69.16
N SER E 419 -8.76 40.94 68.63
CA SER E 419 -10.00 40.74 67.89
C SER E 419 -9.96 41.18 66.43
N TYR E 420 -9.87 42.48 66.19
CA TYR E 420 -9.74 43.08 64.86
C TYR E 420 -10.39 42.23 63.78
N LEU E 421 -11.68 41.96 63.87
CA LEU E 421 -12.31 41.11 62.86
C LEU E 421 -12.07 41.68 61.47
N GLN E 422 -11.68 40.81 60.54
CA GLN E 422 -11.35 41.22 59.19
C GLN E 422 -11.87 40.19 58.20
N LYS E 423 -12.17 40.65 56.98
CA LYS E 423 -12.63 39.75 55.94
C LYS E 423 -11.55 38.74 55.60
N GLY E 424 -11.98 37.52 55.27
CA GLY E 424 -11.03 36.49 54.87
C GLY E 424 -9.97 36.25 55.92
N LYS E 425 -10.37 36.18 57.18
CA LYS E 425 -9.44 36.03 58.29
C LYS E 425 -9.99 35.02 59.28
N SER E 426 -9.11 34.56 60.15
CA SER E 426 -9.52 33.64 61.19
C SER E 426 -10.57 34.29 62.08
N PRO E 427 -11.51 33.52 62.62
CA PRO E 427 -12.53 34.10 63.49
C PRO E 427 -11.89 34.75 64.71
N VAL E 428 -12.74 35.37 65.52
CA VAL E 428 -12.34 36.01 66.76
C VAL E 428 -12.96 35.24 67.92
N ILE E 429 -12.12 34.83 68.86
CA ILE E 429 -12.60 34.06 70.00
C ILE E 429 -13.26 34.97 71.02
N PHE E 430 -14.19 34.40 71.78
CA PHE E 430 -14.83 35.10 72.89
C PHE E 430 -15.08 34.11 74.01
N VAL E 431 -15.31 34.65 75.21
CA VAL E 431 -15.43 33.84 76.41
C VAL E 431 -16.47 34.45 77.34
N LYS E 432 -16.86 33.70 78.36
CA LYS E 432 -17.74 34.21 79.40
C LYS E 432 -16.98 35.18 80.28
N CYS E 433 -17.68 36.20 80.79
CA CYS E 433 -17.02 37.40 81.28
C CYS E 433 -17.97 38.18 82.17
N HIS E 434 -17.43 39.21 82.80
CA HIS E 434 -18.23 40.15 83.57
C HIS E 434 -18.85 39.47 84.79
N ASP F 1 24.87 44.44 26.06
CA ASP F 1 23.65 44.89 26.71
C ASP F 1 22.60 43.78 26.71
N PHE F 2 23.05 42.54 26.81
CA PHE F 2 22.18 41.38 26.81
C PHE F 2 22.63 40.39 27.88
N ARG F 3 22.99 40.90 29.05
CA ARG F 3 23.45 40.09 30.16
C ARG F 3 22.53 40.16 31.37
N ASP F 4 21.49 40.99 31.32
CA ASP F 4 20.52 41.13 32.41
C ASP F 4 19.17 40.53 32.01
N ILE F 5 19.21 39.45 31.23
CA ILE F 5 17.98 38.87 30.69
C ILE F 5 17.24 38.13 31.79
N GLU F 6 17.86 37.08 32.35
CA GLU F 6 17.30 36.34 33.48
C GLU F 6 15.88 35.86 33.19
N SER F 7 15.55 35.68 31.91
CA SER F 7 14.24 35.16 31.52
C SER F 7 14.43 34.46 30.18
N LYS F 8 14.53 33.13 30.24
CA LYS F 8 14.82 32.35 29.04
C LYS F 8 13.59 32.21 28.17
N PHE F 9 13.78 32.43 26.87
CA PHE F 9 12.73 32.30 25.87
C PHE F 9 12.84 30.90 25.26
N ALA F 10 11.78 30.11 25.39
CA ALA F 10 11.76 28.76 24.85
C ALA F 10 11.07 28.75 23.49
N LEU F 11 11.18 27.61 22.80
CA LEU F 11 10.59 27.46 21.47
C LEU F 11 10.19 25.99 21.32
N ARG F 12 8.93 25.70 21.60
CA ARG F 12 8.43 24.34 21.48
C ARG F 12 8.04 24.03 20.04
N THR F 13 7.69 22.78 19.80
CA THR F 13 7.25 22.31 18.49
C THR F 13 6.08 21.36 18.65
N PRO F 14 5.33 21.11 17.58
CA PRO F 14 4.14 20.25 17.71
C PRO F 14 4.45 18.89 18.31
N GLU F 15 5.63 18.33 18.02
CA GLU F 15 5.98 17.03 18.55
C GLU F 15 6.30 17.08 20.03
N ASP F 16 6.62 18.27 20.55
CA ASP F 16 6.95 18.46 21.97
C ASP F 16 6.26 19.72 22.47
N THR F 17 5.10 19.56 23.11
CA THR F 17 4.34 20.68 23.64
C THR F 17 4.37 20.72 25.16
N ALA F 18 5.30 19.99 25.76
CA ALA F 18 5.38 19.88 27.21
C ALA F 18 6.68 20.45 27.77
N GLU F 19 7.81 20.01 27.24
CA GLU F 19 9.12 20.37 27.78
C GLU F 19 9.82 21.35 26.86
N ASP F 20 10.38 22.41 27.44
CA ASP F 20 11.15 23.37 26.68
C ASP F 20 12.48 22.75 26.26
N THR F 21 12.72 22.75 24.95
CA THR F 21 13.92 22.11 24.38
C THR F 21 14.98 23.12 23.96
N CYS F 22 14.55 24.29 23.47
CA CYS F 22 15.47 25.28 22.94
C CYS F 22 15.62 26.43 23.92
N HIS F 23 16.55 27.33 23.61
CA HIS F 23 16.77 28.53 24.43
C HIS F 23 17.28 29.63 23.50
N LEU F 24 16.35 30.48 23.04
CA LEU F 24 16.69 31.57 22.13
C LEU F 24 17.32 32.71 22.92
N ILE F 25 18.61 32.56 23.20
CA ILE F 25 19.30 33.58 24.01
C ILE F 25 19.40 34.87 23.21
N PRO F 26 18.95 36.01 23.74
CA PRO F 26 19.09 37.26 22.99
C PRO F 26 20.54 37.58 22.72
N GLY F 27 20.79 38.22 21.57
CA GLY F 27 22.13 38.60 21.17
C GLY F 27 22.91 37.46 20.56
N VAL F 28 22.83 36.27 21.17
CA VAL F 28 23.53 35.10 20.66
C VAL F 28 22.69 34.55 19.52
N THR F 29 23.07 34.88 18.29
CA THR F 29 22.30 34.48 17.13
C THR F 29 22.34 32.97 16.90
N GLU F 30 23.23 32.25 17.58
CA GLU F 30 23.41 30.84 17.30
C GLU F 30 22.12 30.06 17.54
N SER F 31 21.32 30.49 18.51
CA SER F 31 20.12 29.74 18.88
C SER F 31 19.12 29.71 17.73
N VAL F 32 19.03 30.82 16.98
CA VAL F 32 18.07 30.88 15.88
C VAL F 32 18.37 29.81 14.85
N ALA F 33 19.65 29.64 14.51
CA ALA F 33 20.02 28.60 13.57
C ALA F 33 19.91 27.23 14.22
N ASN F 34 20.18 27.13 15.52
CA ASN F 34 20.10 25.85 16.19
C ASN F 34 18.69 25.28 16.14
N CYS F 35 17.69 26.13 16.35
CA CYS F 35 16.30 25.70 16.36
C CYS F 35 15.57 26.40 15.22
N HIS F 36 14.91 25.61 14.38
CA HIS F 36 14.30 26.14 13.17
C HIS F 36 13.30 27.24 13.51
N PHE F 37 13.34 28.32 12.72
CA PHE F 37 12.51 29.50 12.95
C PHE F 37 12.14 30.08 11.59
N ASN F 38 10.95 29.75 11.11
CA ASN F 38 10.50 30.21 9.82
C ASN F 38 10.28 31.71 9.89
N HIS F 39 11.23 32.48 9.34
CA HIS F 39 11.17 33.93 9.41
C HIS F 39 10.07 34.53 8.55
N SER F 40 9.43 33.72 7.70
CA SER F 40 8.35 34.22 6.87
C SER F 40 7.00 34.14 7.57
N SER F 41 6.79 33.10 8.38
CA SER F 41 5.49 32.85 8.95
C SER F 41 5.27 33.67 10.22
N LYS F 42 4.05 33.60 10.73
CA LYS F 42 3.65 34.30 11.94
C LYS F 42 4.24 33.59 13.16
N THR F 43 4.43 34.34 14.24
CA THR F 43 5.04 33.80 15.44
C THR F 43 4.37 34.36 16.68
N PHE F 44 3.77 33.48 17.48
CA PHE F 44 3.09 33.90 18.70
C PHE F 44 4.07 33.95 19.86
N VAL F 45 3.64 34.62 20.93
CA VAL F 45 4.42 34.71 22.15
C VAL F 45 3.50 34.56 23.35
N VAL F 46 3.60 33.43 24.03
CA VAL F 46 2.77 33.14 25.18
C VAL F 46 3.48 33.64 26.44
N ILE F 47 2.75 34.38 27.26
CA ILE F 47 3.28 34.92 28.50
C ILE F 47 2.33 34.46 29.61
N HIS F 48 2.72 33.40 30.32
CA HIS F 48 1.92 32.95 31.43
C HIS F 48 2.09 33.89 32.61
N GLY F 49 1.48 33.52 33.74
CA GLY F 49 1.42 34.41 34.88
C GLY F 49 1.84 33.76 36.18
N TRP F 50 1.41 34.37 37.29
CA TRP F 50 1.86 33.95 38.60
C TRP F 50 1.47 32.51 38.87
N THR F 51 2.36 31.77 39.51
CA THR F 51 2.10 30.39 39.86
C THR F 51 2.70 30.10 41.22
N VAL F 52 1.87 29.58 42.13
CA VAL F 52 2.36 29.19 43.45
C VAL F 52 3.40 28.10 43.33
N THR F 53 3.23 27.19 42.38
CA THR F 53 4.18 26.12 42.17
C THR F 53 5.39 26.65 41.41
N GLY F 54 6.32 25.76 41.11
CA GLY F 54 7.52 26.13 40.38
C GLY F 54 7.54 25.56 38.98
N MET F 55 6.38 25.55 38.32
CA MET F 55 6.29 24.99 36.99
C MET F 55 5.12 25.64 36.26
N TYR F 56 5.09 25.44 34.95
CA TYR F 56 4.04 26.00 34.11
C TYR F 56 2.68 25.44 34.52
N GLU F 57 1.66 26.28 34.42
CA GLU F 57 0.31 25.82 34.68
C GLU F 57 -0.09 24.73 33.69
N SER F 58 -1.23 24.11 33.95
CA SER F 58 -1.66 22.94 33.19
C SER F 58 -2.26 23.29 31.84
N TRP F 59 -2.46 24.56 31.53
CA TRP F 59 -3.15 24.95 30.31
C TRP F 59 -2.20 25.27 29.15
N VAL F 60 -0.94 25.56 29.44
CA VAL F 60 0.00 25.92 28.38
C VAL F 60 0.12 24.83 27.33
N PRO F 61 0.27 23.55 27.69
CA PRO F 61 0.41 22.52 26.64
C PRO F 61 -0.77 22.48 25.70
N LYS F 62 -1.99 22.50 26.26
CA LYS F 62 -3.17 22.48 25.41
C LYS F 62 -3.23 23.72 24.52
N LEU F 63 -2.93 24.89 25.09
CA LEU F 63 -2.95 26.11 24.30
C LEU F 63 -2.00 26.02 23.12
N VAL F 64 -0.76 25.59 23.37
CA VAL F 64 0.23 25.57 22.31
C VAL F 64 -0.12 24.51 21.27
N ALA F 65 -0.63 23.37 21.72
CA ALA F 65 -1.02 22.33 20.78
C ALA F 65 -2.12 22.83 19.86
N ALA F 66 -3.12 23.52 20.43
CA ALA F 66 -4.20 24.05 19.60
C ALA F 66 -3.68 25.15 18.68
N LEU F 67 -2.72 25.94 19.14
CA LEU F 67 -2.15 26.98 18.31
C LEU F 67 -1.49 26.39 17.08
N TYR F 68 -0.70 25.33 17.27
CA TYR F 68 -0.10 24.64 16.12
C TYR F 68 -1.18 24.03 15.23
N LYS F 69 -2.21 23.43 15.84
CA LYS F 69 -3.30 22.87 15.05
C LYS F 69 -3.91 23.91 14.13
N ARG F 70 -4.14 25.12 14.67
CA ARG F 70 -4.78 26.17 13.90
C ARG F 70 -3.85 26.74 12.84
N GLU F 71 -2.60 27.01 13.19
CA GLU F 71 -1.65 27.68 12.29
C GLU F 71 -0.34 26.90 12.27
N PRO F 72 -0.27 25.83 11.49
CA PRO F 72 0.98 25.07 11.38
C PRO F 72 2.07 25.90 10.71
N ASP F 73 3.30 25.39 10.81
CA ASP F 73 4.46 26.05 10.24
C ASP F 73 4.57 27.49 10.74
N SER F 74 4.29 27.67 12.03
CA SER F 74 4.38 28.96 12.68
C SER F 74 5.07 28.80 14.03
N ASN F 75 6.03 29.66 14.30
CA ASN F 75 6.84 29.51 15.49
C ASN F 75 6.06 29.92 16.73
N VAL F 76 6.47 29.35 17.86
CA VAL F 76 5.88 29.65 19.16
C VAL F 76 7.00 29.89 20.15
N ILE F 77 6.84 30.94 20.96
CA ILE F 77 7.84 31.30 21.97
C ILE F 77 7.16 31.28 23.33
N VAL F 78 7.86 30.73 24.31
CA VAL F 78 7.40 30.72 25.69
C VAL F 78 8.45 31.37 26.57
N VAL F 79 7.99 31.97 27.65
CA VAL F 79 8.86 32.68 28.57
C VAL F 79 9.01 31.88 29.85
N ASP F 80 9.91 32.34 30.72
CA ASP F 80 10.31 31.59 31.91
C ASP F 80 10.12 32.44 33.17
N TRP F 81 8.91 32.96 33.35
CA TRP F 81 8.54 33.69 34.56
C TRP F 81 9.13 33.06 35.81
N LEU F 82 9.25 31.73 35.80
CA LEU F 82 9.77 31.01 36.96
C LEU F 82 11.09 31.63 37.41
N SER F 83 11.38 31.49 38.70
CA SER F 83 12.52 32.08 39.41
C SER F 83 12.26 33.52 39.79
N ARG F 84 11.24 34.15 39.24
CA ARG F 84 10.86 35.51 39.59
C ARG F 84 9.41 35.61 40.03
N ALA F 85 8.52 34.82 39.42
CA ALA F 85 7.11 34.87 39.78
C ALA F 85 6.84 34.15 41.10
N GLN F 86 7.66 33.16 41.45
CA GLN F 86 7.43 32.43 42.69
C GLN F 86 7.47 33.36 43.90
N GLN F 87 8.11 34.51 43.75
CA GLN F 87 8.24 35.43 44.86
C GLN F 87 6.86 35.99 45.23
N HIS F 88 6.84 36.81 46.27
CA HIS F 88 5.60 37.41 46.72
C HIS F 88 4.88 38.09 45.56
N TYR F 89 3.56 38.03 45.59
CA TYR F 89 2.76 38.50 44.45
C TYR F 89 3.05 39.96 44.12
N PRO F 90 3.08 40.88 45.08
CA PRO F 90 3.49 42.26 44.75
C PRO F 90 4.87 42.33 44.11
N VAL F 91 5.79 41.45 44.51
CA VAL F 91 7.11 41.44 43.87
C VAL F 91 6.97 41.13 42.39
N SER F 92 6.05 40.24 42.03
CA SER F 92 5.79 39.98 40.62
C SER F 92 5.19 41.20 39.95
N ALA F 93 4.32 41.92 40.66
CA ALA F 93 3.77 43.15 40.10
C ALA F 93 4.87 44.13 39.78
N GLY F 94 5.87 44.23 40.65
CA GLY F 94 7.01 45.09 40.34
C GLY F 94 7.86 44.56 39.20
N TYR F 95 8.09 43.24 39.18
CA TYR F 95 8.94 42.61 38.17
C TYR F 95 8.29 42.59 36.80
N THR F 96 7.00 42.89 36.72
CA THR F 96 6.38 43.02 35.40
C THR F 96 7.15 44.01 34.54
N LYS F 97 7.63 45.09 35.13
CA LYS F 97 8.39 46.08 34.37
C LYS F 97 9.68 45.49 33.82
N LEU F 98 10.38 44.71 34.65
CA LEU F 98 11.62 44.09 34.20
C LEU F 98 11.37 43.12 33.06
N VAL F 99 10.32 42.30 33.19
CA VAL F 99 10.03 41.33 32.14
C VAL F 99 9.60 42.04 30.87
N GLY F 100 8.86 43.14 31.01
CA GLY F 100 8.47 43.90 29.83
C GLY F 100 9.66 44.50 29.12
N GLN F 101 10.58 45.07 29.89
CA GLN F 101 11.82 45.59 29.30
C GLN F 101 12.58 44.48 28.61
N ASP F 102 12.62 43.29 29.23
CA ASP F 102 13.34 42.16 28.65
C ASP F 102 12.72 41.75 27.32
N VAL F 103 11.39 41.66 27.27
CA VAL F 103 10.72 41.26 26.04
C VAL F 103 10.91 42.30 24.97
N ALA F 104 10.86 43.58 25.35
CA ALA F 104 11.09 44.65 24.38
C ALA F 104 12.49 44.55 23.80
N LYS F 105 13.47 44.29 24.66
CA LYS F 105 14.84 44.12 24.17
C LYS F 105 14.93 42.93 23.24
N PHE F 106 14.26 41.83 23.59
CA PHE F 106 14.25 40.65 22.72
C PHE F 106 13.73 41.00 21.34
N MET F 107 12.57 41.65 21.29
CA MET F 107 11.94 41.95 20.02
C MET F 107 12.76 42.96 19.23
N ASN F 108 13.35 43.94 19.90
CA ASN F 108 14.19 44.91 19.22
C ASN F 108 15.42 44.24 18.62
N TRP F 109 16.03 43.32 19.37
CA TRP F 109 17.17 42.58 18.86
C TRP F 109 16.78 41.77 17.64
N MET F 110 15.59 41.14 17.68
CA MET F 110 15.12 40.39 16.52
C MET F 110 14.92 41.31 15.32
N ALA F 111 14.30 42.46 15.54
CA ALA F 111 14.04 43.40 14.45
C ALA F 111 15.30 44.07 13.95
N ASP F 112 16.39 44.02 14.71
CA ASP F 112 17.67 44.56 14.26
C ASP F 112 18.47 43.52 13.49
N GLU F 113 18.67 42.33 14.07
CA GLU F 113 19.48 41.31 13.42
C GLU F 113 18.76 40.71 12.22
N PHE F 114 17.50 40.33 12.39
CA PHE F 114 16.74 39.65 11.36
C PHE F 114 15.62 40.49 10.77
N ASN F 115 15.44 41.73 11.26
CA ASN F 115 14.39 42.62 10.78
C ASN F 115 13.08 41.88 10.55
N TYR F 116 12.73 40.98 11.46
CA TYR F 116 11.48 40.24 11.33
C TYR F 116 10.30 41.23 11.41
N PRO F 117 9.33 41.15 10.50
CA PRO F 117 8.21 42.09 10.54
C PRO F 117 7.45 42.00 11.84
N LEU F 118 7.29 43.13 12.51
CA LEU F 118 6.59 43.16 13.79
C LEU F 118 5.09 42.96 13.63
N GLY F 119 4.59 42.96 12.39
CA GLY F 119 3.17 42.85 12.16
C GLY F 119 2.69 41.43 12.11
N ASN F 120 3.51 40.49 12.61
CA ASN F 120 3.19 39.08 12.53
C ASN F 120 3.48 38.38 13.85
N VAL F 121 3.21 39.07 14.97
CA VAL F 121 3.49 38.52 16.30
C VAL F 121 2.34 38.86 17.24
N HIS F 122 1.94 37.88 18.04
CA HIS F 122 0.94 38.06 19.08
C HIS F 122 1.60 37.92 20.44
N LEU F 123 1.29 38.84 21.35
CA LEU F 123 1.74 38.76 22.72
C LEU F 123 0.60 38.22 23.59
N LEU F 124 0.34 36.91 23.45
CA LEU F 124 -0.71 36.28 24.24
C LEU F 124 -0.40 36.42 25.71
N GLY F 125 -1.22 37.20 26.41
CA GLY F 125 -1.01 37.50 27.80
C GLY F 125 -2.13 36.97 28.68
N TYR F 126 -1.73 36.34 29.77
CA TYR F 126 -2.66 35.82 30.76
C TYR F 126 -2.27 36.43 32.10
N SER F 127 -3.21 36.42 33.04
CA SER F 127 -2.98 36.85 34.41
C SER F 127 -2.09 38.09 34.40
N LEU F 128 -0.96 38.07 35.11
CA LEU F 128 -0.02 39.19 35.06
C LEU F 128 0.62 39.31 33.69
N GLY F 129 0.59 38.24 32.90
CA GLY F 129 1.28 38.26 31.62
C GLY F 129 0.69 39.28 30.67
N ALA F 130 -0.62 39.48 30.76
CA ALA F 130 -1.25 40.48 29.89
C ALA F 130 -0.69 41.87 30.19
N HIS F 131 -0.60 42.24 31.46
CA HIS F 131 -0.03 43.54 31.80
C HIS F 131 1.43 43.58 31.43
N ALA F 132 2.13 42.46 31.55
CA ALA F 132 3.55 42.42 31.17
C ALA F 132 3.71 42.75 29.69
N ALA F 133 2.90 42.12 28.85
CA ALA F 133 2.97 42.41 27.42
C ALA F 133 2.57 43.86 27.16
N GLY F 134 1.54 44.34 27.84
CA GLY F 134 1.09 45.71 27.61
C GLY F 134 2.19 46.72 27.89
N ILE F 135 2.85 46.58 29.04
CA ILE F 135 4.01 47.42 29.31
C ILE F 135 5.09 47.15 28.28
N ALA F 136 5.11 45.94 27.73
CA ALA F 136 6.00 45.63 26.62
C ALA F 136 5.39 46.16 25.33
N GLY F 137 6.16 46.06 24.24
CA GLY F 137 5.71 46.57 22.96
C GLY F 137 5.76 48.07 22.90
N SER F 138 5.21 48.73 23.92
CA SER F 138 5.26 50.19 23.98
C SER F 138 6.70 50.69 23.86
N LEU F 139 7.66 49.94 24.42
CA LEU F 139 9.05 50.30 24.25
C LEU F 139 9.57 49.94 22.87
N THR F 140 8.91 49.00 22.18
CA THR F 140 9.31 48.63 20.84
C THR F 140 9.12 49.80 19.89
N ASN F 141 10.03 49.92 18.93
CA ASN F 141 9.99 51.03 17.99
C ASN F 141 8.92 50.84 16.91
N LYS F 142 8.67 49.61 16.49
CA LYS F 142 7.78 49.34 15.37
C LYS F 142 6.41 48.80 15.80
N LYS F 143 6.05 48.96 17.06
CA LYS F 143 4.73 48.55 17.53
C LYS F 143 4.48 47.08 17.31
N VAL F 144 3.29 46.60 17.67
CA VAL F 144 2.93 45.19 17.57
C VAL F 144 1.52 45.08 17.04
N ASN F 145 1.29 44.07 16.19
CA ASN F 145 -0.01 43.87 15.58
C ASN F 145 -1.08 43.56 16.61
N ARG F 146 -0.96 42.42 17.30
CA ARG F 146 -1.96 41.95 18.24
C ARG F 146 -1.32 41.69 19.60
N ILE F 147 -2.04 42.08 20.65
CA ILE F 147 -1.56 41.92 22.02
C ILE F 147 -2.64 41.23 22.85
N THR F 148 -3.47 40.42 22.18
CA THR F 148 -4.61 39.78 22.83
C THR F 148 -4.21 39.15 24.16
N GLY F 149 -4.82 39.64 25.24
CA GLY F 149 -4.56 39.11 26.56
C GLY F 149 -5.71 38.26 27.08
N LEU F 150 -5.54 37.77 28.29
CA LEU F 150 -6.53 36.90 28.92
C LEU F 150 -6.63 37.23 30.40
N ASP F 151 -7.79 37.70 30.82
CA ASP F 151 -8.05 37.96 32.23
C ASP F 151 -6.96 38.84 32.83
N PRO F 152 -6.85 40.08 32.38
CA PRO F 152 -5.84 40.98 32.93
C PRO F 152 -6.01 41.14 34.43
N ALA F 153 -4.88 41.20 35.12
CA ALA F 153 -4.90 41.33 36.57
C ALA F 153 -5.42 42.70 36.97
N GLY F 154 -6.16 42.73 38.07
CA GLY F 154 -6.76 43.95 38.57
C GLY F 154 -5.92 44.66 39.61
N PRO F 155 -5.45 43.94 40.63
CA PRO F 155 -4.74 44.60 41.73
C PRO F 155 -3.51 45.34 41.24
N ASN F 156 -3.27 46.49 41.86
CA ASN F 156 -2.08 47.31 41.59
C ASN F 156 -2.02 47.75 40.13
N PHE F 157 -3.14 47.65 39.41
CA PHE F 157 -3.22 48.15 38.05
C PHE F 157 -4.41 49.06 37.82
N GLU F 158 -5.48 48.92 38.59
CA GLU F 158 -6.53 49.93 38.59
C GLU F 158 -5.97 51.22 39.16
N TYR F 159 -6.58 52.34 38.76
CA TYR F 159 -6.10 53.66 39.15
C TYR F 159 -4.65 53.84 38.70
N ALA F 160 -4.35 53.41 37.47
CA ALA F 160 -3.01 53.49 36.91
C ALA F 160 -3.08 54.16 35.54
N GLU F 161 -1.97 54.12 34.81
CA GLU F 161 -1.84 54.73 33.51
C GLU F 161 -1.24 53.73 32.52
N ALA F 162 -1.21 54.14 31.25
CA ALA F 162 -0.70 53.28 30.19
C ALA F 162 0.71 52.75 30.46
N PRO F 163 1.67 53.56 30.89
CA PRO F 163 3.02 53.00 31.09
C PRO F 163 3.05 51.88 32.11
N SER F 164 2.19 51.91 33.12
CA SER F 164 2.20 50.93 34.18
C SER F 164 1.16 49.83 34.00
N ARG F 165 0.38 49.86 32.93
CA ARG F 165 -0.63 48.83 32.70
C ARG F 165 -0.94 48.76 31.23
N LEU F 166 -1.61 47.67 30.85
CA LEU F 166 -2.00 47.49 29.46
C LEU F 166 -2.85 48.66 28.98
N SER F 167 -2.55 49.16 27.80
CA SER F 167 -3.25 50.30 27.22
C SER F 167 -3.57 50.02 25.76
N PRO F 168 -4.61 50.66 25.22
CA PRO F 168 -4.92 50.45 23.80
C PRO F 168 -3.80 50.86 22.88
N ASP F 169 -3.02 51.86 23.25
CA ASP F 169 -1.92 52.34 22.40
C ASP F 169 -0.69 51.44 22.48
N ASP F 170 -0.68 50.45 23.37
CA ASP F 170 0.46 49.56 23.49
C ASP F 170 0.67 48.72 22.23
N ALA F 171 -0.32 48.64 21.36
CA ALA F 171 -0.22 47.83 20.16
C ALA F 171 -1.25 48.30 19.15
N ASP F 172 -1.12 47.80 17.92
CA ASP F 172 -2.04 48.19 16.86
C ASP F 172 -3.46 47.78 17.20
N PHE F 173 -3.64 46.55 17.67
CA PHE F 173 -4.96 46.04 18.04
C PHE F 173 -4.83 45.30 19.36
N VAL F 174 -5.93 45.25 20.10
CA VAL F 174 -5.94 44.63 21.42
C VAL F 174 -7.34 44.15 21.73
N ASP F 175 -7.42 43.07 22.50
CA ASP F 175 -8.69 42.57 23.00
C ASP F 175 -8.44 41.76 24.25
N VAL F 176 -9.37 41.86 25.20
CA VAL F 176 -9.24 41.20 26.50
C VAL F 176 -10.52 40.42 26.78
N LEU F 177 -10.37 39.43 27.64
CA LEU F 177 -11.46 38.52 28.02
C LEU F 177 -11.72 38.71 29.51
N HIS F 178 -12.59 39.67 29.85
CA HIS F 178 -12.93 39.92 31.24
C HIS F 178 -13.82 38.79 31.78
N THR F 179 -13.19 37.72 32.24
CA THR F 179 -13.91 36.52 32.64
C THR F 179 -14.25 36.51 34.13
N PHE F 180 -13.87 37.54 34.88
CA PHE F 180 -14.13 37.55 36.31
C PHE F 180 -13.99 38.96 36.82
N THR F 181 -15.05 39.50 37.42
CA THR F 181 -15.02 40.86 37.95
C THR F 181 -15.78 41.00 39.28
N ARG F 182 -16.26 39.91 39.85
CA ARG F 182 -17.07 40.02 41.06
C ARG F 182 -16.22 40.59 42.20
N GLY F 183 -16.81 41.53 42.92
CA GLY F 183 -16.17 42.17 44.05
C GLY F 183 -16.20 43.67 43.93
N SER F 184 -15.68 44.33 44.97
CA SER F 184 -15.67 45.78 44.99
C SER F 184 -14.70 46.31 43.94
N PRO F 185 -14.92 47.52 43.43
CA PRO F 185 -13.97 48.11 42.49
C PRO F 185 -12.59 48.23 43.11
N GLY F 186 -11.57 47.95 42.29
CA GLY F 186 -10.20 48.08 42.72
C GLY F 186 -9.69 46.94 43.59
N ARG F 187 -10.54 45.99 43.93
CA ARG F 187 -10.13 44.84 44.73
C ARG F 187 -10.43 43.50 44.07
N SER F 188 -11.33 43.44 43.11
CA SER F 188 -11.54 42.21 42.36
C SER F 188 -10.28 41.88 41.57
N ILE F 189 -9.97 40.58 41.51
CA ILE F 189 -8.75 40.16 40.81
C ILE F 189 -8.77 40.63 39.36
N GLY F 190 -9.92 40.52 38.71
CA GLY F 190 -10.03 40.88 37.31
C GLY F 190 -10.41 42.33 37.13
N ILE F 191 -9.53 43.08 36.45
CA ILE F 191 -9.82 44.48 36.18
C ILE F 191 -11.14 44.59 35.44
N GLN F 192 -11.95 45.55 35.85
CA GLN F 192 -13.24 45.81 35.23
C GLN F 192 -13.24 47.00 34.30
N LYS F 193 -12.30 47.93 34.47
CA LYS F 193 -12.23 49.06 33.57
C LYS F 193 -11.83 48.60 32.18
N PRO F 194 -12.57 48.96 31.14
CA PRO F 194 -12.20 48.54 29.79
C PRO F 194 -10.83 49.09 29.40
N VAL F 195 -10.06 48.30 28.68
CA VAL F 195 -8.67 48.62 28.36
C VAL F 195 -8.46 48.70 26.86
N GLY F 196 -8.83 47.64 26.13
CA GLY F 196 -8.55 47.56 24.73
C GLY F 196 -9.59 48.26 23.87
N HIS F 197 -9.34 48.23 22.56
CA HIS F 197 -10.30 48.78 21.62
C HIS F 197 -11.64 48.07 21.72
N VAL F 198 -11.60 46.74 21.89
CA VAL F 198 -12.80 45.94 22.10
C VAL F 198 -12.54 45.03 23.28
N ASP F 199 -13.51 44.93 24.18
CA ASP F 199 -13.42 44.08 25.36
C ASP F 199 -14.61 43.15 25.42
N ILE F 200 -14.41 41.98 26.02
CA ILE F 200 -15.42 40.93 26.06
C ILE F 200 -15.69 40.59 27.52
N TYR F 201 -16.97 40.53 27.88
CA TYR F 201 -17.39 40.29 29.26
C TYR F 201 -18.37 39.13 29.27
N PRO F 202 -17.88 37.90 29.07
CA PRO F 202 -18.78 36.75 29.03
C PRO F 202 -19.52 36.58 30.34
N ASN F 203 -20.80 36.27 30.24
CA ASN F 203 -21.68 36.05 31.39
C ASN F 203 -21.79 37.28 32.28
N GLY F 204 -21.26 38.42 31.85
CA GLY F 204 -21.20 39.61 32.65
C GLY F 204 -20.00 39.68 33.58
N GLY F 205 -19.19 38.63 33.64
CA GLY F 205 -18.01 38.62 34.47
C GLY F 205 -18.25 38.29 35.92
N THR F 206 -19.52 38.10 36.33
CA THR F 206 -19.79 37.81 37.73
C THR F 206 -19.19 36.47 38.14
N PHE F 207 -19.30 35.46 37.29
CA PHE F 207 -18.80 34.12 37.58
C PHE F 207 -18.97 33.29 36.31
N GLN F 208 -18.68 32.00 36.42
CA GLN F 208 -18.86 31.06 35.33
C GLN F 208 -19.60 29.82 35.81
N PRO F 209 -20.32 29.13 34.92
CA PRO F 209 -21.18 28.03 35.35
C PRO F 209 -20.42 26.74 35.60
N GLY F 210 -19.34 26.50 34.86
CA GLY F 210 -18.66 25.23 34.92
C GLY F 210 -17.88 25.03 36.21
N CYS F 211 -18.56 25.16 37.33
CA CYS F 211 -17.94 24.99 38.64
C CYS F 211 -19.05 24.99 39.70
N ASN F 212 -18.64 24.94 40.96
CA ASN F 212 -19.57 24.80 42.08
C ASN F 212 -19.05 25.66 43.21
N ILE F 213 -19.60 25.45 44.42
CA ILE F 213 -19.14 26.19 45.58
C ILE F 213 -17.64 26.03 45.76
N GLY F 214 -17.14 24.80 45.64
CA GLY F 214 -15.72 24.55 45.70
C GLY F 214 -15.22 24.21 47.09
N GLU F 215 -14.59 25.18 47.74
CA GLU F 215 -13.95 24.95 49.04
C GLU F 215 -15.01 24.65 50.10
N ALA F 216 -15.07 23.39 50.54
CA ALA F 216 -16.02 23.02 51.59
C ALA F 216 -15.57 23.57 52.94
N LEU F 217 -14.29 23.43 53.25
CA LEU F 217 -13.75 23.93 54.52
C LEU F 217 -12.28 24.24 54.33
N ARG F 218 -11.74 25.05 55.25
CA ARG F 218 -10.35 25.49 55.12
C ARG F 218 -9.39 24.31 55.18
N VAL F 219 -9.62 23.37 56.10
CA VAL F 219 -8.71 22.25 56.31
C VAL F 219 -9.18 20.99 55.58
N ILE F 220 -10.48 20.70 55.64
CA ILE F 220 -10.99 19.47 55.04
C ILE F 220 -10.81 19.51 53.52
N ALA F 221 -11.16 20.63 52.90
CA ALA F 221 -11.02 20.79 51.46
C ALA F 221 -9.58 21.20 51.14
N GLU F 222 -9.34 21.61 49.89
CA GLU F 222 -8.01 21.95 49.40
C GLU F 222 -8.07 23.35 48.79
N ARG F 223 -7.84 24.37 49.62
CA ARG F 223 -7.89 25.75 49.15
C ARG F 223 -6.95 25.93 47.98
N GLY F 224 -5.66 25.77 48.22
CA GLY F 224 -4.66 25.74 47.17
C GLY F 224 -3.93 24.42 47.18
N LEU F 225 -4.50 23.44 47.85
CA LEU F 225 -3.88 22.12 47.99
C LEU F 225 -4.25 21.22 46.82
N GLY F 226 -4.06 21.73 45.60
CA GLY F 226 -4.52 21.01 44.44
C GLY F 226 -5.98 20.67 44.56
N ASP F 227 -6.36 19.50 44.04
CA ASP F 227 -7.71 18.98 44.18
C ASP F 227 -8.75 20.01 43.81
N VAL F 228 -9.34 20.69 44.81
CA VAL F 228 -10.40 21.65 44.56
C VAL F 228 -9.86 23.06 44.33
N ASP F 229 -8.54 23.23 44.29
CA ASP F 229 -7.99 24.53 43.95
C ASP F 229 -8.39 24.94 42.54
N GLN F 230 -8.34 23.99 41.60
CA GLN F 230 -8.78 24.27 40.24
C GLN F 230 -10.25 24.68 40.22
N LEU F 231 -11.09 23.98 40.98
CA LEU F 231 -12.49 24.37 41.08
C LEU F 231 -12.65 25.77 41.63
N VAL F 232 -11.84 26.14 42.62
CA VAL F 232 -11.85 27.51 43.12
C VAL F 232 -11.50 28.47 42.00
N LYS F 233 -10.53 28.11 41.16
CA LYS F 233 -10.21 28.88 39.96
C LYS F 233 -11.20 28.54 38.85
N CYS F 234 -12.45 28.96 39.10
CA CYS F 234 -13.55 28.60 38.22
C CYS F 234 -13.46 29.34 36.89
N SER F 235 -13.15 30.63 36.93
CA SER F 235 -13.25 31.49 35.77
C SER F 235 -11.88 31.95 35.26
N HIS F 236 -10.89 32.04 36.13
CA HIS F 236 -9.61 32.60 35.74
C HIS F 236 -8.98 31.82 34.60
N GLU F 237 -9.27 30.52 34.51
CA GLU F 237 -8.83 29.70 33.40
C GLU F 237 -9.89 29.57 32.32
N ARG F 238 -11.12 29.98 32.60
CA ARG F 238 -12.16 29.94 31.59
C ARG F 238 -11.82 30.82 30.41
N SER F 239 -11.06 31.89 30.64
CA SER F 239 -10.62 32.74 29.53
C SER F 239 -9.81 31.92 28.54
N VAL F 240 -8.79 31.22 29.03
CA VAL F 240 -7.91 30.48 28.14
C VAL F 240 -8.65 29.30 27.52
N HIS F 241 -9.55 28.68 28.29
CA HIS F 241 -10.33 27.58 27.72
C HIS F 241 -11.23 28.08 26.60
N LEU F 242 -11.84 29.25 26.78
CA LEU F 242 -12.65 29.84 25.72
C LEU F 242 -11.81 30.14 24.49
N PHE F 243 -10.62 30.71 24.71
CA PHE F 243 -9.76 31.06 23.59
C PHE F 243 -9.35 29.81 22.81
N ILE F 244 -8.98 28.75 23.52
CA ILE F 244 -8.54 27.53 22.84
C ILE F 244 -9.71 26.88 22.12
N ASP F 245 -10.90 26.92 22.71
CA ASP F 245 -12.07 26.36 22.05
C ASP F 245 -12.38 27.11 20.77
N SER F 246 -12.32 28.46 20.82
CA SER F 246 -12.54 29.24 19.61
C SER F 246 -11.48 28.95 18.57
N LEU F 247 -10.23 28.81 18.99
CA LEU F 247 -9.15 28.52 18.07
C LEU F 247 -9.37 27.18 17.37
N LEU F 248 -9.80 26.18 18.14
CA LEU F 248 -10.01 24.86 17.56
C LEU F 248 -11.21 24.85 16.62
N ASN F 249 -12.31 25.51 17.02
CA ASN F 249 -13.51 25.56 16.20
C ASN F 249 -13.53 26.86 15.39
N GLU F 250 -12.69 26.88 14.35
CA GLU F 250 -12.61 28.05 13.48
C GLU F 250 -13.83 28.21 12.59
N GLU F 251 -14.51 27.10 12.27
CA GLU F 251 -15.59 27.15 11.29
C GLU F 251 -16.79 27.94 11.80
N ASN F 252 -17.13 27.81 13.09
CA ASN F 252 -18.34 28.41 13.65
C ASN F 252 -17.98 29.20 14.90
N PRO F 253 -17.35 30.36 14.74
CA PRO F 253 -17.01 31.18 15.91
C PRO F 253 -18.25 31.67 16.63
N SER F 254 -18.13 31.82 17.94
CA SER F 254 -19.18 32.43 18.73
C SER F 254 -19.22 33.93 18.46
N LYS F 255 -20.43 34.48 18.37
CA LYS F 255 -20.63 35.88 18.01
C LYS F 255 -21.02 36.66 19.27
N ALA F 256 -20.01 37.23 19.93
CA ALA F 256 -20.27 38.11 21.06
C ALA F 256 -20.90 39.42 20.55
N TYR F 257 -21.74 40.00 21.39
CA TYR F 257 -22.55 41.14 21.00
C TYR F 257 -22.09 42.40 21.72
N ARG F 258 -22.32 43.54 21.07
CA ARG F 258 -21.94 44.84 21.59
C ARG F 258 -23.18 45.54 22.15
N CYS F 259 -23.01 46.17 23.31
CA CYS F 259 -24.15 46.75 24.01
C CYS F 259 -23.68 47.95 24.81
N ASN F 260 -24.52 48.39 25.74
CA ASN F 260 -24.23 49.53 26.60
C ASN F 260 -23.94 49.12 28.04
N SER F 261 -24.61 48.09 28.54
CA SER F 261 -24.42 47.66 29.92
C SER F 261 -24.90 46.22 30.06
N LYS F 262 -24.45 45.57 31.14
CA LYS F 262 -24.81 44.18 31.37
C LYS F 262 -26.31 44.04 31.57
N GLU F 263 -26.92 44.97 32.30
CA GLU F 263 -28.37 44.92 32.51
C GLU F 263 -29.10 45.11 31.20
N ALA F 264 -28.62 46.04 30.37
CA ALA F 264 -29.25 46.25 29.07
C ALA F 264 -29.18 45.00 28.22
N PHE F 265 -28.03 44.33 28.23
CA PHE F 265 -27.90 43.08 27.48
C PHE F 265 -28.83 42.01 28.03
N GLU F 266 -28.93 41.90 29.36
CA GLU F 266 -29.83 40.92 29.95
C GLU F 266 -31.27 41.19 29.52
N LYS F 267 -31.67 42.46 29.47
CA LYS F 267 -33.00 42.80 28.99
C LYS F 267 -33.16 42.38 27.54
N GLY F 268 -32.15 42.62 26.71
CA GLY F 268 -32.15 42.17 25.34
C GLY F 268 -32.59 43.21 24.33
N LEU F 269 -32.23 44.49 24.52
CA LEU F 269 -32.59 45.54 23.60
C LEU F 269 -31.41 45.98 22.74
N CYS F 270 -30.27 45.32 22.85
CA CYS F 270 -29.02 45.78 22.28
C CYS F 270 -28.28 44.64 21.58
N LEU F 271 -28.99 43.90 20.73
CA LEU F 271 -28.42 42.79 19.99
C LEU F 271 -28.20 43.09 18.52
N SER F 272 -29.14 43.77 17.88
CA SER F 272 -29.02 44.06 16.46
C SER F 272 -27.73 44.81 16.19
N CYS F 273 -26.97 44.35 15.19
CA CYS F 273 -25.70 44.97 14.82
C CYS F 273 -25.73 45.22 13.31
N ARG F 274 -26.32 46.34 12.91
CA ARG F 274 -26.28 46.77 11.52
C ARG F 274 -24.93 47.40 11.20
N LYS F 275 -24.38 48.16 12.13
CA LYS F 275 -23.08 48.80 11.96
C LYS F 275 -21.99 47.81 12.39
N ASN F 276 -20.75 48.30 12.52
CA ASN F 276 -19.64 47.45 12.89
C ASN F 276 -19.72 47.13 14.38
N ARG F 277 -20.66 46.24 14.71
CA ARG F 277 -20.85 45.76 16.07
C ARG F 277 -20.93 44.25 16.05
N CYS F 278 -21.09 43.66 17.24
CA CYS F 278 -21.28 42.22 17.40
C CYS F 278 -20.20 41.43 16.68
N ASN F 279 -18.97 41.92 16.79
CA ASN F 279 -17.87 41.24 16.12
C ASN F 279 -17.59 39.89 16.77
N ASN F 280 -16.85 39.05 16.04
CA ASN F 280 -16.51 37.72 16.51
C ASN F 280 -15.61 37.79 17.74
N MET F 281 -15.41 36.67 18.41
CA MET F 281 -14.53 36.59 19.56
C MET F 281 -13.54 35.44 19.33
N GLY F 282 -12.29 35.68 19.70
CA GLY F 282 -11.23 34.70 19.50
C GLY F 282 -10.25 35.11 18.43
N TYR F 283 -9.63 34.10 17.82
CA TYR F 283 -8.63 34.36 16.79
C TYR F 283 -9.25 35.03 15.57
N GLU F 284 -10.44 34.60 15.18
CA GLU F 284 -11.11 35.14 14.00
C GLU F 284 -11.81 36.46 14.27
N ILE F 285 -11.47 37.13 15.38
CA ILE F 285 -12.02 38.46 15.64
C ILE F 285 -11.70 39.38 14.48
N ASN F 286 -12.63 40.28 14.18
CA ASN F 286 -12.43 41.26 13.12
C ASN F 286 -11.71 42.48 13.68
N LYS F 287 -10.58 42.81 13.07
CA LYS F 287 -9.80 43.95 13.51
C LYS F 287 -10.55 45.24 13.23
N VAL F 288 -10.81 46.01 14.29
CA VAL F 288 -11.60 47.22 14.19
C VAL F 288 -11.08 48.23 15.21
N ARG F 289 -11.25 49.51 14.90
CA ARG F 289 -10.89 50.59 15.79
C ARG F 289 -12.14 51.32 16.23
N ALA F 290 -12.16 51.74 17.49
CA ALA F 290 -13.31 52.43 18.07
C ALA F 290 -12.84 53.75 18.67
N LYS F 291 -13.76 54.72 18.69
CA LYS F 291 -13.45 56.03 19.24
C LYS F 291 -13.34 56.01 20.76
N ARG F 292 -13.76 54.92 21.40
CA ARG F 292 -13.74 54.83 22.85
C ARG F 292 -13.87 53.37 23.24
N SER F 293 -13.89 53.14 24.56
CA SER F 293 -14.11 51.79 25.07
C SER F 293 -15.44 51.26 24.58
N SER F 294 -15.42 50.02 24.10
CA SER F 294 -16.61 49.36 23.54
C SER F 294 -16.84 48.05 24.29
N LYS F 295 -17.74 48.08 25.26
CA LYS F 295 -18.08 46.88 26.00
C LYS F 295 -18.88 45.92 25.12
N MET F 296 -18.91 44.66 25.54
CA MET F 296 -19.63 43.61 24.83
C MET F 296 -20.09 42.57 25.84
N TYR F 297 -20.98 41.69 25.39
CA TYR F 297 -21.54 40.65 26.25
C TYR F 297 -21.92 39.45 25.41
N LEU F 298 -22.09 38.32 26.09
CA LEU F 298 -22.57 37.09 25.47
C LEU F 298 -22.75 36.06 26.58
N LYS F 299 -23.17 34.87 26.18
CA LYS F 299 -23.32 33.73 27.08
C LYS F 299 -22.52 32.56 26.55
N THR F 300 -22.64 31.42 27.22
CA THR F 300 -21.82 30.27 26.88
C THR F 300 -22.41 29.02 27.52
N ARG F 301 -21.98 27.86 27.00
CA ARG F 301 -22.32 26.57 27.58
C ARG F 301 -21.43 26.32 28.80
N SER F 302 -21.43 25.09 29.29
CA SER F 302 -20.71 24.81 30.52
C SER F 302 -19.19 24.82 30.33
N GLN F 303 -18.64 23.84 29.61
CA GLN F 303 -17.20 23.85 29.40
C GLN F 303 -16.75 23.50 27.99
N MET F 304 -17.33 22.48 27.36
CA MET F 304 -16.63 21.91 26.22
C MET F 304 -16.83 22.71 24.93
N PRO F 305 -18.05 22.84 24.38
CA PRO F 305 -18.16 23.44 23.05
C PRO F 305 -18.32 24.95 23.11
N TYR F 306 -18.92 25.43 24.21
CA TYR F 306 -19.36 26.82 24.28
C TYR F 306 -20.23 27.12 23.06
N LYS F 307 -20.13 28.32 22.49
CA LYS F 307 -20.79 28.64 21.23
C LYS F 307 -22.29 28.44 21.35
N VAL F 308 -22.90 29.31 22.13
CA VAL F 308 -24.34 29.31 22.32
C VAL F 308 -24.95 30.36 21.40
N PHE F 309 -26.27 30.30 21.25
CA PHE F 309 -27.02 31.21 20.40
C PHE F 309 -27.64 32.33 21.23
N HIS F 310 -28.44 33.17 20.58
CA HIS F 310 -29.15 34.26 21.24
C HIS F 310 -30.43 34.55 20.46
N TYR F 311 -31.57 34.46 21.14
CA TYR F 311 -32.87 34.54 20.49
C TYR F 311 -33.82 35.44 21.29
N GLN F 312 -33.37 36.64 21.62
CA GLN F 312 -34.16 37.52 22.48
C GLN F 312 -35.58 37.65 21.93
N VAL F 313 -36.52 37.92 22.84
CA VAL F 313 -37.94 37.85 22.54
C VAL F 313 -38.65 39.11 23.04
N LYS F 314 -39.77 39.43 22.39
CA LYS F 314 -40.67 40.48 22.83
C LYS F 314 -42.09 39.92 22.93
N ILE F 315 -42.86 40.42 23.88
CA ILE F 315 -44.24 40.00 24.09
C ILE F 315 -45.14 41.23 24.10
N HIS F 316 -46.23 41.16 23.33
CA HIS F 316 -47.25 42.22 23.34
C HIS F 316 -48.41 41.79 24.21
N PHE F 317 -48.15 41.72 25.51
CA PHE F 317 -49.19 41.38 26.46
C PHE F 317 -50.37 42.34 26.32
N SER F 318 -51.57 41.77 26.23
CA SER F 318 -52.78 42.59 26.10
C SER F 318 -53.95 41.74 26.59
N GLY F 319 -54.41 42.01 27.80
CA GLY F 319 -55.50 41.25 28.39
C GLY F 319 -56.60 42.13 28.95
N THR F 320 -57.53 41.52 29.68
CA THR F 320 -58.67 42.23 30.26
C THR F 320 -58.45 42.59 31.73
N GLU F 321 -58.09 41.60 32.54
CA GLU F 321 -57.93 41.83 33.96
C GLU F 321 -56.67 42.66 34.20
N SER F 322 -56.78 43.72 35.00
CA SER F 322 -55.71 44.71 35.15
C SER F 322 -55.06 44.66 36.52
N ASN F 323 -54.99 43.49 37.15
CA ASN F 323 -54.30 43.34 38.42
C ASN F 323 -52.83 43.00 38.13
N THR F 324 -51.95 43.95 38.38
CA THR F 324 -50.54 43.76 38.10
C THR F 324 -49.93 42.72 39.04
N TYR F 325 -49.00 41.94 38.50
CA TYR F 325 -48.26 40.95 39.25
C TYR F 325 -46.77 41.16 39.04
N THR F 326 -45.98 40.64 39.97
CA THR F 326 -44.54 40.85 39.97
C THR F 326 -43.82 39.57 40.35
N ASN F 327 -42.56 39.46 39.91
CA ASN F 327 -41.69 38.35 40.26
C ASN F 327 -42.36 37.01 39.95
N GLN F 328 -42.62 36.81 38.67
CA GLN F 328 -43.22 35.59 38.17
C GLN F 328 -42.27 34.90 37.20
N ALA F 329 -42.35 33.58 37.16
CA ALA F 329 -41.46 32.77 36.33
C ALA F 329 -42.18 32.35 35.06
N PHE F 330 -41.59 32.64 33.92
CA PHE F 330 -42.11 32.22 32.63
C PHE F 330 -41.24 31.11 32.07
N GLU F 331 -41.88 30.04 31.60
CA GLU F 331 -41.19 28.93 30.97
C GLU F 331 -41.65 28.85 29.52
N ILE F 332 -40.69 28.74 28.61
CA ILE F 332 -40.98 28.61 27.18
C ILE F 332 -40.10 27.52 26.60
N SER F 333 -40.49 27.05 25.43
CA SER F 333 -39.74 26.06 24.68
C SER F 333 -39.97 26.29 23.19
N LEU F 334 -39.02 25.83 22.39
CA LEU F 334 -39.04 26.09 20.96
C LEU F 334 -38.61 24.83 20.20
N TYR F 335 -39.16 24.70 18.99
CA TYR F 335 -38.84 23.61 18.08
C TYR F 335 -38.48 24.19 16.73
N GLY F 336 -37.49 23.60 16.06
CA GLY F 336 -36.96 24.13 14.83
C GLY F 336 -36.91 23.12 13.71
N THR F 337 -35.81 23.16 12.96
CA THR F 337 -35.60 22.30 11.81
C THR F 337 -34.32 21.48 11.90
N VAL F 338 -33.59 21.58 13.00
CA VAL F 338 -32.39 20.78 13.23
C VAL F 338 -32.48 20.03 14.55
N ALA F 339 -32.77 20.75 15.63
CA ALA F 339 -33.01 20.15 16.94
C ALA F 339 -34.02 21.02 17.67
N GLU F 340 -34.20 20.78 18.96
CA GLU F 340 -35.19 21.51 19.73
C GLU F 340 -34.86 21.43 21.22
N SER F 341 -35.03 22.55 21.90
CA SER F 341 -34.98 22.58 23.35
C SER F 341 -36.37 22.27 23.92
N GLU F 342 -36.41 21.87 25.19
CA GLU F 342 -37.63 21.35 25.78
C GLU F 342 -38.16 22.17 26.94
N ASN F 343 -37.33 22.43 27.96
CA ASN F 343 -37.83 23.00 29.20
C ASN F 343 -36.93 24.13 29.69
N ILE F 344 -36.60 25.07 28.80
CA ILE F 344 -35.75 26.19 29.18
C ILE F 344 -36.59 27.25 29.90
N PRO F 345 -36.24 27.64 31.12
CA PRO F 345 -37.01 28.66 31.82
C PRO F 345 -36.41 30.06 31.64
N PHE F 346 -37.14 31.04 32.17
CA PHE F 346 -36.62 32.40 32.27
C PHE F 346 -37.54 33.19 33.20
N THR F 347 -37.10 34.40 33.54
CA THR F 347 -37.77 35.24 34.52
C THR F 347 -38.13 36.59 33.92
N LEU F 348 -39.25 37.13 34.39
CA LEU F 348 -39.74 38.43 33.94
C LEU F 348 -40.67 39.04 34.98
N PRO F 349 -40.17 39.89 35.87
CA PRO F 349 -41.04 40.49 36.87
C PRO F 349 -41.89 41.62 36.30
N GLU F 350 -42.62 42.31 37.16
CA GLU F 350 -43.33 43.55 36.82
C GLU F 350 -44.24 43.36 35.61
N VAL F 351 -44.90 42.21 35.55
CA VAL F 351 -45.82 41.93 34.46
C VAL F 351 -47.05 42.81 34.61
N SER F 352 -47.51 43.37 33.48
CA SER F 352 -48.68 44.24 33.47
C SER F 352 -49.52 43.94 32.24
N THR F 353 -50.43 44.84 31.92
CA THR F 353 -51.34 44.69 30.78
C THR F 353 -51.19 45.88 29.83
N ASN F 354 -51.66 45.67 28.60
CA ASN F 354 -51.59 46.69 27.56
C ASN F 354 -50.17 47.20 27.37
N LYS F 355 -49.18 46.40 27.78
CA LYS F 355 -47.79 46.80 27.78
C LYS F 355 -46.95 45.72 27.10
N THR F 356 -45.85 46.14 26.51
CA THR F 356 -44.94 45.23 25.83
C THR F 356 -43.69 45.02 26.67
N TYR F 357 -43.21 43.79 26.69
CA TYR F 357 -42.04 43.39 27.46
C TYR F 357 -41.05 42.70 26.54
N SER F 358 -39.86 42.44 27.08
CA SER F 358 -38.82 41.76 26.34
C SER F 358 -37.85 41.13 27.31
N PHE F 359 -37.07 40.18 26.80
CA PHE F 359 -36.08 39.51 27.63
C PHE F 359 -35.08 38.82 26.72
N LEU F 360 -34.04 38.29 27.33
CA LEU F 360 -32.98 37.58 26.61
C LEU F 360 -33.06 36.09 26.93
N LEU F 361 -33.01 35.28 25.89
CA LEU F 361 -32.99 33.82 26.03
C LEU F 361 -31.76 33.27 25.32
N TYR F 362 -31.24 32.17 25.85
CA TYR F 362 -30.12 31.48 25.25
C TYR F 362 -30.39 29.98 25.21
N THR F 363 -29.90 29.34 24.15
CA THR F 363 -29.95 27.90 24.02
C THR F 363 -28.57 27.41 23.64
N GLU F 364 -28.33 26.13 23.92
CA GLU F 364 -27.00 25.53 23.74
C GLU F 364 -27.01 24.45 22.68
N VAL F 365 -27.98 24.48 21.76
CA VAL F 365 -28.07 23.51 20.68
C VAL F 365 -28.47 24.24 19.41
N ASP F 366 -27.87 23.85 18.29
CA ASP F 366 -28.23 24.46 17.01
C ASP F 366 -29.66 24.07 16.63
N ILE F 367 -30.39 25.06 16.12
CA ILE F 367 -31.81 24.88 15.82
C ILE F 367 -32.11 25.29 14.39
N GLY F 368 -31.24 26.12 13.81
CA GLY F 368 -31.55 26.68 12.51
C GLY F 368 -32.82 27.52 12.60
N GLU F 369 -33.78 27.23 11.73
CA GLU F 369 -35.05 27.94 11.77
C GLU F 369 -35.88 27.45 12.96
N LEU F 370 -37.01 28.11 13.17
CA LEU F 370 -37.88 27.81 14.30
C LEU F 370 -39.33 27.90 13.86
N LEU F 371 -40.11 26.86 14.20
CA LEU F 371 -41.48 26.73 13.71
C LEU F 371 -42.50 27.12 14.75
N MET F 372 -42.50 26.46 15.90
CA MET F 372 -43.52 26.65 16.93
C MET F 372 -42.87 26.97 18.26
N LEU F 373 -43.70 27.41 19.20
CA LEU F 373 -43.20 27.92 20.47
C LEU F 373 -44.12 27.47 21.60
N LYS F 374 -43.55 27.40 22.80
CA LYS F 374 -44.28 27.05 24.01
C LYS F 374 -44.18 28.21 24.99
N LEU F 375 -45.27 28.46 25.72
CA LEU F 375 -45.34 29.62 26.60
C LEU F 375 -46.00 29.24 27.92
N LYS F 376 -45.55 28.13 28.52
CA LYS F 376 -46.12 27.71 29.79
C LYS F 376 -45.78 28.70 30.89
N TRP F 377 -46.69 28.82 31.85
CA TRP F 377 -46.54 29.71 32.99
C TRP F 377 -46.64 28.88 34.26
N ILE F 378 -45.56 28.84 35.02
CA ILE F 378 -45.39 27.86 36.09
C ILE F 378 -45.98 28.41 37.39
N SER F 379 -46.21 27.50 38.34
CA SER F 379 -46.78 27.84 39.63
C SER F 379 -46.25 26.87 40.68
N ASP F 380 -46.39 27.26 41.95
CA ASP F 380 -46.00 26.44 43.08
C ASP F 380 -47.21 25.78 43.74
N SER F 381 -48.30 25.65 43.01
CA SER F 381 -49.53 25.01 43.49
C SER F 381 -49.96 23.91 42.51
N TYR F 382 -49.04 23.00 42.18
CA TYR F 382 -49.27 22.00 41.16
C TYR F 382 -50.59 21.25 41.38
N PHE F 383 -50.87 20.90 42.62
CA PHE F 383 -51.98 20.01 42.91
C PHE F 383 -53.31 20.66 42.50
N SER F 384 -54.37 19.87 42.54
CA SER F 384 -55.67 20.29 42.02
C SER F 384 -56.35 21.34 42.88
N TRP F 385 -55.68 21.87 43.91
CA TRP F 385 -56.24 22.99 44.64
C TRP F 385 -56.47 24.18 43.72
N SER F 386 -55.45 24.54 42.93
CA SER F 386 -55.51 25.68 42.02
C SER F 386 -55.69 25.23 40.57
N ASN F 387 -56.49 24.17 40.35
CA ASN F 387 -56.75 23.66 39.03
C ASN F 387 -58.14 24.02 38.51
N TRP F 388 -59.05 24.43 39.38
CA TRP F 388 -60.39 24.83 38.97
C TRP F 388 -60.67 26.31 39.20
N TRP F 389 -60.54 26.79 40.43
CA TRP F 389 -60.96 28.15 40.72
C TRP F 389 -60.16 29.16 39.91
N SER F 390 -60.81 30.26 39.56
CA SER F 390 -60.25 31.22 38.61
C SER F 390 -58.90 31.74 39.09
N SER F 391 -57.85 31.39 38.38
CA SER F 391 -56.52 31.88 38.62
C SER F 391 -56.19 32.98 37.62
N PRO F 392 -55.27 33.88 37.95
CA PRO F 392 -54.98 35.00 37.04
C PRO F 392 -54.54 34.51 35.67
N GLY F 393 -54.97 35.22 34.64
CA GLY F 393 -54.65 34.86 33.27
C GLY F 393 -54.60 36.09 32.40
N PHE F 394 -53.98 35.92 31.24
CA PHE F 394 -53.82 37.00 30.27
C PHE F 394 -54.15 36.48 28.88
N ASP F 395 -54.05 37.36 27.89
CA ASP F 395 -54.24 37.00 26.49
C ASP F 395 -52.98 37.35 25.71
N ILE F 396 -52.69 36.55 24.70
CA ILE F 396 -51.49 36.67 23.89
C ILE F 396 -51.88 36.91 22.45
N GLY F 397 -51.27 37.91 21.83
CA GLY F 397 -51.49 38.20 20.42
C GLY F 397 -50.34 37.72 19.57
N LYS F 398 -49.46 38.63 19.21
CA LYS F 398 -48.30 38.30 18.38
C LYS F 398 -47.04 38.20 19.23
N ILE F 399 -46.00 37.64 18.63
CA ILE F 399 -44.70 37.51 19.27
C ILE F 399 -43.62 37.85 18.25
N ARG F 400 -42.60 38.58 18.70
CA ARG F 400 -41.64 39.20 17.79
C ARG F 400 -40.21 38.74 18.08
N VAL F 401 -40.00 37.43 18.23
CA VAL F 401 -38.66 36.93 18.45
C VAL F 401 -37.75 37.40 17.33
N LYS F 402 -36.47 37.55 17.64
CA LYS F 402 -35.47 38.02 16.68
C LYS F 402 -34.26 37.11 16.76
N ALA F 403 -33.93 36.46 15.65
CA ALA F 403 -32.76 35.60 15.62
C ALA F 403 -31.50 36.44 15.71
N GLY F 404 -30.54 35.96 16.49
CA GLY F 404 -29.32 36.71 16.74
C GLY F 404 -28.33 36.69 15.60
N GLU F 405 -27.77 35.51 15.30
CA GLU F 405 -26.71 35.43 14.31
C GLU F 405 -27.18 35.97 12.96
N THR F 406 -28.39 35.62 12.56
CA THR F 406 -29.01 36.14 11.36
C THR F 406 -30.21 36.99 11.76
N GLN F 407 -30.25 38.23 11.27
CA GLN F 407 -31.34 39.14 11.61
C GLN F 407 -32.61 38.69 10.92
N LYS F 408 -33.53 38.10 11.68
CA LYS F 408 -34.78 37.58 11.14
C LYS F 408 -35.90 38.00 12.08
N LYS F 409 -36.65 39.03 11.68
CA LYS F 409 -37.79 39.50 12.45
C LYS F 409 -39.01 38.62 12.19
N VAL F 410 -38.85 37.33 12.49
CA VAL F 410 -39.94 36.38 12.33
C VAL F 410 -41.06 36.76 13.28
N ILE F 411 -42.27 36.83 12.75
CA ILE F 411 -43.43 37.29 13.50
C ILE F 411 -44.22 36.05 13.90
N PHE F 412 -44.05 35.60 15.14
CA PHE F 412 -44.92 34.58 15.68
C PHE F 412 -46.31 35.15 15.92
N CYS F 413 -47.27 34.25 16.12
CA CYS F 413 -48.66 34.55 15.78
C CYS F 413 -49.56 33.60 16.54
N SER F 414 -50.32 34.13 17.49
CA SER F 414 -51.25 33.32 18.24
C SER F 414 -52.35 32.81 17.31
N ARG F 415 -52.99 31.72 17.72
CA ARG F 415 -54.04 31.13 16.92
C ARG F 415 -55.30 32.00 17.04
N GLU F 416 -56.35 31.59 16.34
CA GLU F 416 -57.55 32.43 16.24
C GLU F 416 -58.07 32.83 17.63
N LYS F 417 -58.27 31.86 18.51
CA LYS F 417 -58.79 32.16 19.84
C LYS F 417 -58.18 31.30 20.94
N MET F 418 -57.26 30.42 20.60
CA MET F 418 -56.90 29.31 21.50
C MET F 418 -55.65 29.64 22.30
N SER F 419 -55.67 30.78 22.99
CA SER F 419 -54.48 31.17 23.73
C SER F 419 -54.69 31.33 25.24
N TYR F 420 -55.44 32.35 25.64
CA TYR F 420 -55.82 32.62 27.03
C TYR F 420 -54.78 32.10 28.02
N LEU F 421 -53.54 32.56 27.94
CA LEU F 421 -52.53 32.05 28.85
C LEU F 421 -52.98 32.22 30.29
N GLN F 422 -52.82 31.16 31.08
CA GLN F 422 -53.27 31.17 32.47
C GLN F 422 -52.24 30.44 33.33
N LYS F 423 -52.19 30.83 34.61
CA LYS F 423 -51.28 30.18 35.55
C LYS F 423 -51.67 28.71 35.71
N GLY F 424 -50.66 27.87 35.89
CA GLY F 424 -50.91 26.45 36.12
C GLY F 424 -51.72 25.83 35.02
N LYS F 425 -51.39 26.15 33.77
CA LYS F 425 -52.15 25.68 32.63
C LYS F 425 -51.19 25.24 31.53
N SER F 426 -51.73 24.50 30.58
CA SER F 426 -50.94 24.06 29.44
C SER F 426 -50.42 25.29 28.69
N PRO F 427 -49.24 25.19 28.08
CA PRO F 427 -48.71 26.33 27.32
C PRO F 427 -49.63 26.69 26.18
N VAL F 428 -49.26 27.77 25.49
CA VAL F 428 -49.99 28.26 24.33
C VAL F 428 -49.09 28.09 23.10
N ILE F 429 -49.62 27.42 22.09
CA ILE F 429 -48.86 27.16 20.88
C ILE F 429 -48.82 28.41 20.01
N PHE F 430 -47.75 28.51 19.21
CA PHE F 430 -47.61 29.58 18.23
C PHE F 430 -46.94 29.02 16.99
N VAL F 431 -47.05 29.74 15.88
CA VAL F 431 -46.57 29.28 14.59
C VAL F 431 -46.04 30.46 13.80
N LYS F 432 -45.36 30.16 12.70
CA LYS F 432 -44.91 31.18 11.76
C LYS F 432 -46.10 31.72 10.99
N CYS F 433 -46.05 33.01 10.65
CA CYS F 433 -47.26 33.73 10.29
C CYS F 433 -46.89 35.01 9.55
N HIS F 434 -47.91 35.68 9.03
CA HIS F 434 -47.75 36.99 8.41
C HIS F 434 -46.91 36.91 7.15
N ASP G 1 -68.87 -54.87 33.83
CA ASP G 1 -69.26 -53.81 32.91
C ASP G 1 -68.24 -52.68 32.92
N PHE G 2 -66.98 -53.04 33.10
CA PHE G 2 -65.88 -52.08 33.14
C PHE G 2 -64.69 -52.61 32.34
N ARG G 3 -64.98 -53.21 31.18
CA ARG G 3 -63.96 -53.76 30.31
C ARG G 3 -63.88 -53.06 28.96
N ASP G 4 -64.76 -52.10 28.69
CA ASP G 4 -64.76 -51.34 27.45
C ASP G 4 -64.31 -49.89 27.69
N ILE G 5 -63.39 -49.72 28.64
CA ILE G 5 -62.97 -48.37 29.04
C ILE G 5 -62.09 -47.75 27.96
N GLU G 6 -60.94 -48.37 27.69
CA GLU G 6 -60.05 -47.94 26.62
C GLU G 6 -59.70 -46.46 26.73
N SER G 7 -59.76 -45.91 27.94
CA SER G 7 -59.40 -44.52 28.18
C SER G 7 -58.92 -44.42 29.63
N LYS G 8 -57.60 -44.41 29.81
CA LYS G 8 -57.04 -44.44 31.14
C LYS G 8 -57.12 -43.08 31.80
N PHE G 9 -57.54 -43.07 33.06
CA PHE G 9 -57.64 -41.87 33.87
C PHE G 9 -56.38 -41.75 34.71
N ALA G 10 -55.64 -40.67 34.52
CA ALA G 10 -54.41 -40.46 35.25
C ALA G 10 -54.67 -39.55 36.46
N LEU G 11 -53.66 -39.44 37.33
CA LEU G 11 -53.78 -38.63 38.55
C LEU G 11 -52.39 -38.10 38.86
N ARG G 12 -52.11 -36.87 38.42
CA ARG G 12 -50.82 -36.26 38.67
C ARG G 12 -50.80 -35.61 40.05
N THR G 13 -49.63 -35.12 40.43
CA THR G 13 -49.42 -34.44 41.69
C THR G 13 -48.52 -33.23 41.48
N PRO G 14 -48.51 -32.29 42.42
CA PRO G 14 -47.70 -31.08 42.23
C PRO G 14 -46.24 -31.36 41.93
N GLU G 15 -45.68 -32.42 42.51
CA GLU G 15 -44.28 -32.75 42.26
C GLU G 15 -44.07 -33.32 40.87
N ASP G 16 -45.12 -33.80 40.22
CA ASP G 16 -45.04 -34.37 38.89
C ASP G 16 -46.24 -33.89 38.07
N THR G 17 -46.03 -32.84 37.27
CA THR G 17 -47.08 -32.26 36.45
C THR G 17 -46.85 -32.55 34.97
N ALA G 18 -45.98 -33.50 34.66
CA ALA G 18 -45.62 -33.81 33.29
C ALA G 18 -46.01 -35.22 32.88
N GLU G 19 -45.60 -36.21 33.67
CA GLU G 19 -45.78 -37.61 33.31
C GLU G 19 -46.87 -38.24 34.17
N ASP G 20 -47.78 -38.96 33.53
CA ASP G 20 -48.81 -39.68 34.24
C ASP G 20 -48.20 -40.87 34.99
N THR G 21 -48.41 -40.91 36.31
CA THR G 21 -47.82 -41.93 37.16
C THR G 21 -48.83 -42.98 37.59
N CYS G 22 -50.08 -42.59 37.81
CA CYS G 22 -51.10 -43.49 38.32
C CYS G 22 -52.06 -43.89 37.21
N HIS G 23 -52.94 -44.84 37.52
CA HIS G 23 -53.97 -45.28 36.58
C HIS G 23 -55.19 -45.72 37.39
N LEU G 24 -56.14 -44.82 37.54
CA LEU G 24 -57.36 -45.09 38.31
C LEU G 24 -58.31 -45.94 37.47
N ILE G 25 -58.04 -47.24 37.44
CA ILE G 25 -58.86 -48.13 36.61
C ILE G 25 -60.26 -48.21 37.19
N PRO G 26 -61.31 -47.95 36.42
CA PRO G 26 -62.67 -48.07 36.96
C PRO G 26 -62.96 -49.48 37.43
N GLY G 27 -63.76 -49.58 38.49
CA GLY G 27 -64.12 -50.88 39.04
C GLY G 27 -63.06 -51.45 39.96
N VAL G 28 -61.81 -51.37 39.55
CA VAL G 28 -60.70 -51.87 40.36
C VAL G 28 -60.40 -50.81 41.41
N THR G 29 -60.92 -51.02 42.61
CA THR G 29 -60.77 -50.04 43.68
C THR G 29 -59.33 -49.91 44.14
N GLU G 30 -58.46 -50.83 43.75
CA GLU G 30 -57.10 -50.84 44.28
C GLU G 30 -56.37 -49.56 43.95
N SER G 31 -56.66 -48.97 42.80
CA SER G 31 -55.93 -47.79 42.36
C SER G 31 -56.16 -46.61 43.30
N VAL G 32 -57.37 -46.49 43.84
CA VAL G 32 -57.70 -45.37 44.72
C VAL G 32 -56.79 -45.41 45.95
N ALA G 33 -56.63 -46.59 46.53
CA ALA G 33 -55.74 -46.72 47.68
C ALA G 33 -54.27 -46.60 47.26
N ASN G 34 -53.95 -47.08 46.05
CA ASN G 34 -52.57 -46.99 45.59
C ASN G 34 -52.11 -45.55 45.49
N CYS G 35 -52.96 -44.67 44.97
CA CYS G 35 -52.62 -43.27 44.79
C CYS G 35 -53.54 -42.42 45.65
N HIS G 36 -52.95 -41.58 46.49
CA HIS G 36 -53.72 -40.82 47.47
C HIS G 36 -54.79 -39.99 46.79
N PHE G 37 -55.98 -40.00 47.38
CA PHE G 37 -57.15 -39.32 46.82
C PHE G 37 -57.98 -38.78 47.99
N ASN G 38 -57.80 -37.51 48.29
CA ASN G 38 -58.52 -36.89 49.40
C ASN G 38 -59.99 -36.81 49.05
N HIS G 39 -60.78 -37.72 49.62
CA HIS G 39 -62.20 -37.81 49.32
C HIS G 39 -62.99 -36.62 49.86
N SER G 40 -62.38 -35.79 50.70
CA SER G 40 -63.08 -34.64 51.24
C SER G 40 -62.95 -33.42 50.34
N SER G 41 -61.81 -33.26 49.69
CA SER G 41 -61.54 -32.04 48.95
C SER G 41 -62.14 -32.11 47.54
N LYS G 42 -62.05 -30.98 46.85
CA LYS G 42 -62.55 -30.86 45.49
C LYS G 42 -61.60 -31.55 44.52
N THR G 43 -62.14 -31.99 43.38
CA THR G 43 -61.36 -32.75 42.41
C THR G 43 -61.74 -32.33 41.00
N PHE G 44 -60.78 -31.79 40.26
CA PHE G 44 -61.00 -31.36 38.89
C PHE G 44 -60.81 -32.53 37.92
N VAL G 45 -61.30 -32.33 36.70
CA VAL G 45 -61.13 -33.30 35.63
C VAL G 45 -60.83 -32.57 34.34
N VAL G 46 -59.59 -32.69 33.88
CA VAL G 46 -59.15 -32.03 32.65
C VAL G 46 -59.39 -32.97 31.48
N ILE G 47 -60.01 -32.46 30.43
CA ILE G 47 -60.30 -33.22 29.23
C ILE G 47 -59.71 -32.44 28.07
N HIS G 48 -58.52 -32.85 27.62
CA HIS G 48 -57.93 -32.20 26.47
C HIS G 48 -58.64 -32.64 25.20
N GLY G 49 -58.11 -32.19 24.07
CA GLY G 49 -58.79 -32.40 22.80
C GLY G 49 -57.91 -32.97 21.71
N TRP G 50 -58.33 -32.77 20.46
CA TRP G 50 -57.67 -33.40 19.33
C TRP G 50 -56.23 -32.93 19.23
N THR G 51 -55.34 -33.85 18.89
CA THR G 51 -53.93 -33.53 18.73
C THR G 51 -53.37 -34.31 17.56
N VAL G 52 -52.76 -33.60 16.61
CA VAL G 52 -52.13 -34.26 15.48
C VAL G 52 -51.01 -35.18 15.95
N THR G 53 -50.29 -34.77 16.99
CA THR G 53 -49.21 -35.59 17.53
C THR G 53 -49.81 -36.69 18.41
N GLY G 54 -48.92 -37.49 19.00
CA GLY G 54 -49.35 -38.58 19.86
C GLY G 54 -49.02 -38.32 21.31
N MET G 55 -49.20 -37.08 21.75
CA MET G 55 -48.90 -36.72 23.12
C MET G 55 -49.73 -35.50 23.52
N TYR G 56 -49.76 -35.25 24.82
CA TYR G 56 -50.51 -34.13 25.36
C TYR G 56 -49.97 -32.82 24.82
N GLU G 57 -50.86 -31.87 24.61
CA GLU G 57 -50.44 -30.54 24.19
C GLU G 57 -49.56 -29.90 25.25
N SER G 58 -48.97 -28.76 24.91
CA SER G 58 -47.98 -28.11 25.75
C SER G 58 -48.58 -27.33 26.90
N TRP G 59 -49.90 -27.20 26.97
CA TRP G 59 -50.55 -26.35 27.97
C TRP G 59 -50.99 -27.12 29.21
N VAL G 60 -51.17 -28.43 29.10
CA VAL G 60 -51.66 -29.23 30.23
C VAL G 60 -50.75 -29.08 31.45
N PRO G 61 -49.43 -29.17 31.34
CA PRO G 61 -48.59 -29.06 32.54
C PRO G 61 -48.77 -27.73 33.26
N LYS G 62 -48.78 -26.63 32.51
CA LYS G 62 -48.97 -25.32 33.13
C LYS G 62 -50.34 -25.23 33.77
N LEU G 63 -51.37 -25.72 33.09
CA LEU G 63 -52.71 -25.67 33.65
C LEU G 63 -52.78 -26.41 34.98
N VAL G 64 -52.24 -27.63 35.03
CA VAL G 64 -52.36 -28.42 36.23
C VAL G 64 -51.52 -27.82 37.35
N ALA G 65 -50.34 -27.30 37.01
CA ALA G 65 -49.50 -26.67 38.02
C ALA G 65 -50.22 -25.48 38.64
N ALA G 66 -50.85 -24.66 37.81
CA ALA G 66 -51.58 -23.51 38.33
C ALA G 66 -52.78 -23.95 39.14
N LEU G 67 -53.43 -25.04 38.73
CA LEU G 67 -54.57 -25.56 39.47
C LEU G 67 -54.17 -25.96 40.87
N TYR G 68 -53.04 -26.67 41.00
CA TYR G 68 -52.53 -27.01 42.32
C TYR G 68 -52.14 -25.76 43.11
N LYS G 69 -51.51 -24.79 42.43
CA LYS G 69 -51.15 -23.55 43.11
C LYS G 69 -52.38 -22.89 43.72
N ARG G 70 -53.48 -22.86 42.97
CA ARG G 70 -54.68 -22.19 43.43
C ARG G 70 -55.38 -22.98 44.53
N GLU G 71 -55.52 -24.29 44.36
CA GLU G 71 -56.27 -25.13 45.29
C GLU G 71 -55.44 -26.35 45.66
N PRO G 72 -54.51 -26.20 46.61
CA PRO G 72 -53.72 -27.35 47.06
C PRO G 72 -54.59 -28.38 47.76
N ASP G 73 -54.01 -29.56 47.95
CA ASP G 73 -54.69 -30.68 48.61
C ASP G 73 -56.01 -30.98 47.91
N SER G 74 -55.97 -30.92 46.58
CA SER G 74 -57.13 -31.23 45.76
C SER G 74 -56.69 -32.10 44.60
N ASN G 75 -57.44 -33.18 44.36
CA ASN G 75 -57.04 -34.16 43.37
C ASN G 75 -57.27 -33.62 41.96
N VAL G 76 -56.50 -34.16 41.03
CA VAL G 76 -56.59 -33.81 39.61
C VAL G 76 -56.60 -35.10 38.81
N ILE G 77 -57.49 -35.17 37.82
CA ILE G 77 -57.62 -36.33 36.96
C ILE G 77 -57.40 -35.89 35.52
N VAL G 78 -56.65 -36.69 34.77
CA VAL G 78 -56.41 -36.46 33.36
C VAL G 78 -56.85 -37.70 32.59
N VAL G 79 -57.28 -37.47 31.36
CA VAL G 79 -57.77 -38.54 30.50
C VAL G 79 -56.74 -38.82 29.42
N ASP G 80 -57.00 -39.88 28.65
CA ASP G 80 -56.04 -40.41 27.69
C ASP G 80 -56.65 -40.50 26.30
N TRP G 81 -57.21 -39.39 25.83
CA TRP G 81 -57.74 -39.28 24.47
C TRP G 81 -56.86 -40.02 23.46
N LEU G 82 -55.56 -40.02 23.70
CA LEU G 82 -54.62 -40.65 22.78
C LEU G 82 -55.07 -42.07 22.48
N SER G 83 -54.70 -42.55 21.29
CA SER G 83 -55.08 -43.84 20.71
C SER G 83 -56.46 -43.77 20.06
N ARG G 84 -57.23 -42.73 20.31
CA ARG G 84 -58.53 -42.53 19.68
C ARG G 84 -58.63 -41.19 18.99
N ALA G 85 -58.00 -40.15 19.55
CA ALA G 85 -58.07 -38.83 18.95
C ALA G 85 -57.15 -38.70 17.75
N GLN G 86 -56.06 -39.49 17.71
CA GLN G 86 -55.15 -39.40 16.58
C GLN G 86 -55.85 -39.72 15.27
N GLN G 87 -56.97 -40.42 15.33
CA GLN G 87 -57.69 -40.80 14.13
C GLN G 87 -58.24 -39.56 13.44
N HIS G 88 -58.86 -39.78 12.29
CA HIS G 88 -59.46 -38.68 11.53
C HIS G 88 -60.37 -37.84 12.43
N TYR G 89 -60.37 -36.54 12.19
CA TYR G 89 -61.08 -35.61 13.07
C TYR G 89 -62.55 -35.98 13.21
N PRO G 90 -63.30 -36.23 12.13
CA PRO G 90 -64.67 -36.71 12.30
C PRO G 90 -64.78 -37.96 13.16
N VAL G 91 -63.79 -38.85 13.07
CA VAL G 91 -63.82 -40.04 13.92
C VAL G 91 -63.79 -39.64 15.39
N SER G 92 -63.03 -38.60 15.72
CA SER G 92 -63.02 -38.10 17.08
C SER G 92 -64.37 -37.49 17.44
N ALA G 93 -65.01 -36.82 16.48
CA ALA G 93 -66.34 -36.29 16.71
C ALA G 93 -67.31 -37.40 17.07
N GLY G 94 -67.20 -38.55 16.38
CA GLY G 94 -68.02 -39.69 16.74
C GLY G 94 -67.65 -40.28 18.08
N TYR G 95 -66.34 -40.40 18.36
CA TYR G 95 -65.86 -41.01 19.58
C TYR G 95 -66.11 -40.15 20.81
N THR G 96 -66.50 -38.89 20.62
CA THR G 96 -66.89 -38.07 21.76
C THR G 96 -67.97 -38.78 22.57
N LYS G 97 -68.90 -39.46 21.90
CA LYS G 97 -69.96 -40.15 22.61
C LYS G 97 -69.41 -41.28 23.47
N LEU G 98 -68.45 -42.04 22.92
CA LEU G 98 -67.86 -43.13 23.67
C LEU G 98 -67.11 -42.61 24.89
N VAL G 99 -66.34 -41.54 24.72
CA VAL G 99 -65.59 -41.00 25.84
C VAL G 99 -66.53 -40.43 26.89
N GLY G 100 -67.63 -39.82 26.45
CA GLY G 100 -68.60 -39.31 27.40
C GLY G 100 -69.25 -40.41 28.20
N GLN G 101 -69.62 -41.49 27.52
CA GLN G 101 -70.17 -42.65 28.23
C GLN G 101 -69.14 -43.20 29.21
N ASP G 102 -67.88 -43.24 28.81
CA ASP G 102 -66.83 -43.76 29.68
C ASP G 102 -66.69 -42.89 30.92
N VAL G 103 -66.68 -41.57 30.75
CA VAL G 103 -66.53 -40.68 31.89
C VAL G 103 -67.74 -40.78 32.80
N ALA G 104 -68.94 -40.90 32.22
CA ALA G 104 -70.14 -41.06 33.02
C ALA G 104 -70.07 -42.33 33.84
N LYS G 105 -69.60 -43.42 33.23
CA LYS G 105 -69.44 -44.66 33.97
C LYS G 105 -68.43 -44.51 35.09
N PHE G 106 -67.33 -43.82 34.81
CA PHE G 106 -66.31 -43.56 35.84
C PHE G 106 -66.93 -42.85 37.03
N MET G 107 -67.65 -41.75 36.77
CA MET G 107 -68.20 -40.95 37.84
C MET G 107 -69.28 -41.72 38.60
N ASN G 108 -70.09 -42.49 37.89
CA ASN G 108 -71.12 -43.29 38.54
C ASN G 108 -70.50 -44.34 39.44
N TRP G 109 -69.43 -44.98 38.96
CA TRP G 109 -68.72 -45.96 39.78
C TRP G 109 -68.16 -45.30 41.04
N MET G 110 -67.61 -44.10 40.88
CA MET G 110 -67.10 -43.39 42.05
C MET G 110 -68.22 -43.08 43.03
N ALA G 111 -69.35 -42.59 42.53
CA ALA G 111 -70.48 -42.24 43.39
C ALA G 111 -71.15 -43.46 43.98
N ASP G 112 -70.91 -44.65 43.45
CA ASP G 112 -71.43 -45.88 44.01
C ASP G 112 -70.50 -46.45 45.07
N GLU G 113 -69.23 -46.63 44.73
CA GLU G 113 -68.29 -47.25 45.67
C GLU G 113 -67.95 -46.29 46.81
N PHE G 114 -67.62 -45.04 46.48
CA PHE G 114 -67.17 -44.07 47.47
C PHE G 114 -68.17 -42.95 47.71
N ASN G 115 -69.30 -42.95 47.00
CA ASN G 115 -70.32 -41.91 47.13
C ASN G 115 -69.71 -40.53 47.26
N TYR G 116 -68.68 -40.25 46.46
CA TYR G 116 -68.05 -38.94 46.48
C TYR G 116 -69.07 -37.89 46.05
N PRO G 117 -69.20 -36.79 46.77
CA PRO G 117 -70.20 -35.77 46.38
C PRO G 117 -69.91 -35.22 45.00
N LEU G 118 -70.93 -35.27 44.13
CA LEU G 118 -70.77 -34.79 42.78
C LEU G 118 -70.69 -33.27 42.70
N GLY G 119 -70.94 -32.58 43.80
CA GLY G 119 -70.94 -31.14 43.81
C GLY G 119 -69.57 -30.53 44.00
N ASN G 120 -68.52 -31.34 43.81
CA ASN G 120 -67.17 -30.90 44.06
C ASN G 120 -66.23 -31.33 42.93
N VAL G 121 -66.73 -31.31 41.69
CA VAL G 121 -65.95 -31.76 40.54
C VAL G 121 -66.18 -30.81 39.37
N HIS G 122 -65.10 -30.45 38.68
CA HIS G 122 -65.16 -29.66 37.47
C HIS G 122 -64.75 -30.52 36.28
N LEU G 123 -65.51 -30.44 35.20
CA LEU G 123 -65.16 -31.10 33.95
C LEU G 123 -64.54 -30.08 33.00
N LEU G 124 -63.30 -29.69 33.31
CA LEU G 124 -62.61 -28.72 32.46
C LEU G 124 -62.46 -29.28 31.06
N GLY G 125 -63.16 -28.66 30.11
CA GLY G 125 -63.20 -29.13 28.74
C GLY G 125 -62.59 -28.12 27.79
N TYR G 126 -61.75 -28.63 26.90
CA TYR G 126 -61.12 -27.84 25.86
C TYR G 126 -61.46 -28.49 24.53
N SER G 127 -61.35 -27.71 23.45
CA SER G 127 -61.53 -28.20 22.09
C SER G 127 -62.69 -29.18 22.05
N LEU G 128 -62.48 -30.40 21.56
CA LEU G 128 -63.53 -31.41 21.60
C LEU G 128 -63.86 -31.83 23.02
N GLY G 129 -62.94 -31.57 23.96
CA GLY G 129 -63.15 -32.05 25.32
C GLY G 129 -64.35 -31.40 25.97
N ALA G 130 -64.61 -30.15 25.63
CA ALA G 130 -65.78 -29.48 26.19
C ALA G 130 -67.06 -30.19 25.78
N HIS G 131 -67.21 -30.51 24.50
CA HIS G 131 -68.38 -31.24 24.06
C HIS G 131 -68.41 -32.63 24.66
N ALA G 132 -67.24 -33.24 24.85
CA ALA G 132 -67.20 -34.55 25.47
C ALA G 132 -67.76 -34.50 26.88
N ALA G 133 -67.34 -33.52 27.67
CA ALA G 133 -67.87 -33.38 29.01
C ALA G 133 -69.36 -33.07 28.97
N GLY G 134 -69.77 -32.20 28.05
CA GLY G 134 -71.18 -31.85 27.98
C GLY G 134 -72.06 -33.05 27.73
N ILE G 135 -71.68 -33.88 26.76
CA ILE G 135 -72.41 -35.14 26.56
C ILE G 135 -72.26 -36.01 27.78
N ALA G 136 -71.16 -35.84 28.52
CA ALA G 136 -71.00 -36.50 29.80
C ALA G 136 -71.77 -35.74 30.87
N GLY G 137 -71.83 -36.31 32.07
CA GLY G 137 -72.57 -35.70 33.15
C GLY G 137 -74.07 -35.87 32.98
N SER G 138 -74.56 -35.55 31.79
CA SER G 138 -75.98 -35.74 31.50
C SER G 138 -76.41 -37.17 31.79
N LEU G 139 -75.53 -38.14 31.53
CA LEU G 139 -75.83 -39.52 31.89
C LEU G 139 -75.69 -39.76 33.38
N THR G 140 -74.92 -38.93 34.07
CA THR G 140 -74.77 -39.07 35.51
C THR G 140 -76.10 -38.83 36.21
N ASN G 141 -76.33 -39.58 37.28
CA ASN G 141 -77.58 -39.48 38.02
C ASN G 141 -77.65 -38.24 38.89
N LYS G 142 -76.52 -37.81 39.46
CA LYS G 142 -76.51 -36.73 40.44
C LYS G 142 -75.98 -35.42 39.88
N LYS G 143 -75.94 -35.28 38.55
CA LYS G 143 -75.53 -34.01 37.93
C LYS G 143 -74.12 -33.62 38.35
N VAL G 144 -73.66 -32.47 37.86
CA VAL G 144 -72.31 -31.99 38.13
C VAL G 144 -72.38 -30.50 38.42
N ASN G 145 -71.54 -30.05 39.36
CA ASN G 145 -71.53 -28.65 39.76
C ASN G 145 -71.10 -27.74 38.62
N ARG G 146 -69.86 -27.88 38.16
CA ARG G 146 -69.29 -27.00 37.15
C ARG G 146 -68.75 -27.83 35.98
N ILE G 147 -69.01 -27.33 34.77
CA ILE G 147 -68.58 -28.01 33.55
C ILE G 147 -67.81 -27.02 32.68
N THR G 148 -67.18 -26.04 33.30
CA THR G 148 -66.51 -24.97 32.58
C THR G 148 -65.64 -25.51 31.45
N GLY G 149 -65.96 -25.14 30.22
CA GLY G 149 -65.20 -25.57 29.06
C GLY G 149 -64.34 -24.44 28.51
N LEU G 150 -63.63 -24.76 27.43
CA LEU G 150 -62.72 -23.81 26.80
C LEU G 150 -62.79 -23.99 25.28
N ASP G 151 -63.25 -22.96 24.60
CA ASP G 151 -63.27 -22.96 23.15
C ASP G 151 -63.98 -24.19 22.61
N PRO G 152 -65.27 -24.33 22.86
CA PRO G 152 -65.99 -25.49 22.36
C PRO G 152 -65.90 -25.58 20.85
N ALA G 153 -65.77 -26.82 20.36
CA ALA G 153 -65.66 -27.04 18.93
C ALA G 153 -66.97 -26.71 18.23
N GLY G 154 -66.84 -26.16 17.03
CA GLY G 154 -67.98 -25.76 16.24
C GLY G 154 -68.46 -26.82 15.27
N PRO G 155 -67.55 -27.38 14.48
CA PRO G 155 -67.97 -28.31 13.43
C PRO G 155 -68.71 -29.51 13.99
N ASN G 156 -69.72 -29.95 13.25
CA ASN G 156 -70.50 -31.12 13.59
C ASN G 156 -71.19 -30.99 14.94
N PHE G 157 -71.29 -29.77 15.45
CA PHE G 157 -72.01 -29.51 16.69
C PHE G 157 -73.02 -28.38 16.55
N GLU G 158 -72.80 -27.45 15.64
CA GLU G 158 -73.85 -26.51 15.30
C GLU G 158 -75.00 -27.25 14.62
N TYR G 159 -76.19 -26.69 14.73
CA TYR G 159 -77.40 -27.33 14.23
C TYR G 159 -77.58 -28.69 14.89
N ALA G 160 -77.34 -28.75 16.20
CA ALA G 160 -77.44 -29.98 16.97
C ALA G 160 -78.35 -29.75 18.17
N GLU G 161 -78.36 -30.73 19.08
CA GLU G 161 -79.19 -30.68 20.28
C GLU G 161 -78.35 -31.03 21.50
N ALA G 162 -78.97 -30.89 22.67
CA ALA G 162 -78.28 -31.15 23.93
C ALA G 162 -77.62 -32.53 23.99
N PRO G 163 -78.29 -33.62 23.62
CA PRO G 163 -77.63 -34.93 23.75
C PRO G 163 -76.36 -35.03 22.95
N SER G 164 -76.26 -34.35 21.81
CA SER G 164 -75.11 -34.45 20.94
C SER G 164 -74.12 -33.31 21.11
N ARG G 165 -74.39 -32.37 22.01
CA ARG G 165 -73.46 -31.25 22.22
C ARG G 165 -73.67 -30.69 23.61
N LEU G 166 -72.71 -29.88 24.04
CA LEU G 166 -72.78 -29.26 25.35
C LEU G 166 -74.07 -28.44 25.47
N SER G 167 -74.74 -28.58 26.61
CA SER G 167 -76.00 -27.90 26.85
C SER G 167 -76.00 -27.33 28.25
N PRO G 168 -76.79 -26.28 28.50
CA PRO G 168 -76.84 -25.71 29.86
C PRO G 168 -77.34 -26.70 30.89
N ASP G 169 -78.22 -27.62 30.50
CA ASP G 169 -78.76 -28.60 31.43
C ASP G 169 -77.80 -29.74 31.72
N ASP G 170 -76.68 -29.82 31.01
CA ASP G 170 -75.72 -30.88 31.25
C ASP G 170 -75.11 -30.82 32.63
N ALA G 171 -75.23 -29.69 33.32
CA ALA G 171 -74.64 -29.53 34.64
C ALA G 171 -75.33 -28.39 35.36
N ASP G 172 -75.05 -28.28 36.66
CA ASP G 172 -75.67 -27.23 37.46
C ASP G 172 -75.29 -25.85 36.96
N PHE G 173 -74.01 -25.64 36.67
CA PHE G 173 -73.52 -24.37 36.16
C PHE G 173 -72.54 -24.65 35.02
N VAL G 174 -72.44 -23.69 34.12
CA VAL G 174 -71.59 -23.85 32.94
C VAL G 174 -71.15 -22.47 32.46
N ASP G 175 -69.96 -22.43 31.87
CA ASP G 175 -69.45 -21.21 31.25
C ASP G 175 -68.42 -21.60 30.21
N VAL G 176 -68.40 -20.84 29.11
CA VAL G 176 -67.53 -21.13 27.98
C VAL G 176 -66.78 -19.86 27.61
N LEU G 177 -65.63 -20.05 26.95
CA LEU G 177 -64.75 -18.96 26.54
C LEU G 177 -64.68 -18.96 25.01
N HIS G 178 -65.62 -18.25 24.39
CA HIS G 178 -65.64 -18.17 22.93
C HIS G 178 -64.49 -17.29 22.45
N THR G 179 -63.32 -17.88 22.28
CA THR G 179 -62.12 -17.14 21.95
C THR G 179 -61.87 -17.05 20.46
N PHE G 180 -62.72 -17.63 19.62
CA PHE G 180 -62.50 -17.60 18.18
C PHE G 180 -63.80 -17.95 17.48
N THR G 181 -64.28 -17.04 16.63
CA THR G 181 -65.51 -17.28 15.90
C THR G 181 -65.47 -16.76 14.47
N ARG G 182 -64.32 -16.28 13.99
CA ARG G 182 -64.27 -15.70 12.66
C ARG G 182 -64.58 -16.75 11.61
N GLY G 183 -65.41 -16.39 10.64
CA GLY G 183 -65.81 -17.25 9.57
C GLY G 183 -67.32 -17.32 9.43
N SER G 184 -67.75 -18.06 8.41
CA SER G 184 -69.17 -18.20 8.17
C SER G 184 -69.82 -19.04 9.26
N PRO G 185 -71.11 -18.83 9.52
CA PRO G 185 -71.80 -19.66 10.50
C PRO G 185 -71.74 -21.13 10.12
N GLY G 186 -71.55 -21.97 11.14
CA GLY G 186 -71.52 -23.40 10.95
C GLY G 186 -70.23 -23.94 10.38
N ARG G 187 -69.27 -23.08 10.05
CA ARG G 187 -67.98 -23.52 9.52
C ARG G 187 -66.79 -23.01 10.32
N SER G 188 -66.95 -21.96 11.12
CA SER G 188 -65.89 -21.54 12.01
C SER G 188 -65.63 -22.61 13.05
N ILE G 189 -64.35 -22.80 13.38
CA ILE G 189 -63.98 -23.84 14.33
C ILE G 189 -64.70 -23.63 15.65
N GLY G 190 -64.76 -22.38 16.11
CA GLY G 190 -65.37 -22.07 17.39
C GLY G 190 -66.85 -21.80 17.27
N ILE G 191 -67.66 -22.62 17.96
CA ILE G 191 -69.09 -22.41 17.96
C ILE G 191 -69.41 -21.00 18.42
N GLN G 192 -70.33 -20.35 17.72
CA GLN G 192 -70.76 -19.00 18.06
C GLN G 192 -72.09 -18.96 18.78
N LYS G 193 -72.92 -19.97 18.61
CA LYS G 193 -74.20 -20.01 19.31
C LYS G 193 -73.95 -20.13 20.81
N PRO G 194 -74.53 -19.27 21.63
CA PRO G 194 -74.33 -19.39 23.09
C PRO G 194 -74.87 -20.70 23.60
N VAL G 195 -74.16 -21.28 24.58
CA VAL G 195 -74.46 -22.61 25.07
C VAL G 195 -74.78 -22.59 26.55
N GLY G 196 -73.89 -22.01 27.35
CA GLY G 196 -74.05 -22.05 28.79
C GLY G 196 -74.94 -20.96 29.33
N HIS G 197 -75.12 -20.99 30.65
CA HIS G 197 -75.89 -19.94 31.32
C HIS G 197 -75.23 -18.58 31.09
N VAL G 198 -73.91 -18.53 31.14
CA VAL G 198 -73.14 -17.32 30.86
C VAL G 198 -72.02 -17.69 29.90
N ASP G 199 -71.82 -16.87 28.89
CA ASP G 199 -70.78 -17.08 27.90
C ASP G 199 -69.92 -15.83 27.78
N ILE G 200 -68.67 -16.03 27.42
CA ILE G 200 -67.69 -14.96 27.37
C ILE G 200 -67.10 -14.90 25.97
N TYR G 201 -67.05 -13.70 25.40
CA TYR G 201 -66.61 -13.49 24.02
C TYR G 201 -65.51 -12.43 24.03
N PRO G 202 -64.31 -12.78 24.50
CA PRO G 202 -63.24 -11.78 24.57
C PRO G 202 -62.90 -11.26 23.19
N ASN G 203 -62.67 -9.95 23.12
CA ASN G 203 -62.31 -9.26 21.89
C ASN G 203 -63.36 -9.41 20.81
N GLY G 204 -64.53 -9.95 21.14
CA GLY G 204 -65.56 -10.24 20.16
C GLY G 204 -65.40 -11.57 19.47
N GLY G 205 -64.31 -12.29 19.73
CA GLY G 205 -64.10 -13.58 19.12
C GLY G 205 -63.53 -13.55 17.72
N THR G 206 -63.34 -12.36 17.14
CA THR G 206 -62.82 -12.29 15.78
C THR G 206 -61.41 -12.84 15.70
N PHE G 207 -60.57 -12.50 16.66
CA PHE G 207 -59.17 -12.93 16.70
C PHE G 207 -58.58 -12.48 18.03
N GLN G 208 -57.28 -12.68 18.18
CA GLN G 208 -56.56 -12.23 19.37
C GLN G 208 -55.30 -11.49 18.97
N PRO G 209 -54.82 -10.58 19.82
CA PRO G 209 -53.70 -9.71 19.43
C PRO G 209 -52.35 -10.39 19.53
N GLY G 210 -52.19 -11.31 20.47
CA GLY G 210 -50.88 -11.88 20.73
C GLY G 210 -50.42 -12.83 19.66
N CYS G 211 -50.39 -12.36 18.42
CA CYS G 211 -49.97 -13.17 17.29
C CYS G 211 -49.84 -12.25 16.07
N ASN G 212 -49.54 -12.86 14.93
CA ASN G 212 -49.27 -12.11 13.70
C ASN G 212 -49.89 -12.88 12.55
N ILE G 213 -49.50 -12.52 11.31
CA ILE G 213 -50.01 -13.23 10.15
C ILE G 213 -49.73 -14.72 10.26
N GLY G 214 -48.52 -15.09 10.67
CA GLY G 214 -48.17 -16.47 10.90
C GLY G 214 -47.58 -17.16 9.68
N GLU G 215 -48.38 -17.97 9.00
CA GLU G 215 -47.89 -18.77 7.89
C GLU G 215 -47.47 -17.88 6.73
N ALA G 216 -46.16 -17.78 6.49
CA ALA G 216 -45.66 -16.99 5.37
C ALA G 216 -45.95 -17.70 4.05
N LEU G 217 -45.68 -19.01 3.99
CA LEU G 217 -45.92 -19.78 2.78
C LEU G 217 -46.19 -21.23 3.16
N ARG G 218 -46.79 -21.97 2.23
CA ARG G 218 -47.16 -23.35 2.52
C ARG G 218 -45.93 -24.21 2.83
N VAL G 219 -44.87 -24.05 2.05
CA VAL G 219 -43.68 -24.87 2.19
C VAL G 219 -42.60 -24.20 3.01
N ILE G 220 -42.36 -22.90 2.77
CA ILE G 220 -41.29 -22.20 3.47
C ILE G 220 -41.59 -22.13 4.97
N ALA G 221 -42.82 -21.79 5.33
CA ALA G 221 -43.21 -21.70 6.72
C ALA G 221 -43.60 -23.10 7.22
N GLU G 222 -44.20 -23.16 8.41
CA GLU G 222 -44.55 -24.43 9.06
C GLU G 222 -46.02 -24.38 9.41
N ARG G 223 -46.87 -24.83 8.48
CA ARG G 223 -48.32 -24.82 8.71
C ARG G 223 -48.65 -25.57 9.98
N GLY G 224 -48.38 -26.88 10.00
CA GLY G 224 -48.47 -27.67 11.20
C GLY G 224 -47.13 -28.28 11.54
N LEU G 225 -46.08 -27.74 10.93
CA LEU G 225 -44.72 -28.27 11.12
C LEU G 225 -44.07 -27.64 12.34
N GLY G 226 -44.77 -27.67 13.47
CA GLY G 226 -44.28 -26.98 14.65
C GLY G 226 -44.01 -25.52 14.32
N ASP G 227 -42.97 -24.98 14.96
CA ASP G 227 -42.50 -23.62 14.66
C ASP G 227 -43.66 -22.62 14.68
N VAL G 228 -44.17 -22.26 13.50
CA VAL G 228 -45.22 -21.26 13.40
C VAL G 228 -46.62 -21.87 13.49
N ASP G 229 -46.72 -23.18 13.72
CA ASP G 229 -48.03 -23.78 13.94
C ASP G 229 -48.70 -23.19 15.18
N GLN G 230 -47.93 -23.01 16.25
CA GLN G 230 -48.47 -22.38 17.45
C GLN G 230 -48.95 -20.96 17.15
N LEU G 231 -48.18 -20.20 16.38
CA LEU G 231 -48.61 -18.87 15.98
C LEU G 231 -49.91 -18.92 15.18
N VAL G 232 -50.06 -19.92 14.30
CA VAL G 232 -51.32 -20.10 13.59
C VAL G 232 -52.44 -20.35 14.59
N LYS G 233 -52.16 -21.13 15.63
CA LYS G 233 -53.13 -21.32 16.73
C LYS G 233 -53.03 -20.13 17.68
N CYS G 234 -53.47 -18.99 17.16
CA CYS G 234 -53.34 -17.72 17.88
C CYS G 234 -54.29 -17.66 19.08
N SER G 235 -55.54 -18.08 18.87
CA SER G 235 -56.60 -17.87 19.84
C SER G 235 -57.06 -19.16 20.51
N HIS G 236 -56.94 -20.29 19.81
CA HIS G 236 -57.49 -21.54 20.32
C HIS G 236 -56.88 -21.90 21.68
N GLU G 237 -55.63 -21.50 21.92
CA GLU G 237 -55.00 -21.67 23.21
C GLU G 237 -55.11 -20.44 24.10
N ARG G 238 -55.53 -19.32 23.53
CA ARG G 238 -55.72 -18.12 24.35
C ARG G 238 -56.78 -18.34 25.41
N SER G 239 -57.75 -19.22 25.14
CA SER G 239 -58.74 -19.55 26.16
C SER G 239 -58.08 -20.11 27.40
N VAL G 240 -57.24 -21.14 27.21
CA VAL G 240 -56.62 -21.80 28.35
C VAL G 240 -55.62 -20.86 29.02
N HIS G 241 -54.92 -20.05 28.22
CA HIS G 241 -53.98 -19.10 28.81
C HIS G 241 -54.71 -18.08 29.66
N LEU G 242 -55.86 -17.60 29.19
CA LEU G 242 -56.68 -16.69 29.98
C LEU G 242 -57.14 -17.34 31.27
N PHE G 243 -57.60 -18.59 31.17
CA PHE G 243 -58.09 -19.28 32.36
C PHE G 243 -56.98 -19.45 33.39
N ILE G 244 -55.79 -19.84 32.94
CA ILE G 244 -54.69 -20.06 33.86
C ILE G 244 -54.23 -18.73 34.47
N ASP G 245 -54.24 -17.67 33.67
CA ASP G 245 -53.87 -16.36 34.20
C ASP G 245 -54.85 -15.92 35.28
N SER G 246 -56.15 -16.09 35.02
CA SER G 246 -57.15 -15.75 36.03
C SER G 246 -56.97 -16.60 37.27
N LEU G 247 -56.70 -17.89 37.09
CA LEU G 247 -56.52 -18.77 38.24
C LEU G 247 -55.34 -18.32 39.08
N LEU G 248 -54.24 -17.94 38.44
CA LEU G 248 -53.05 -17.52 39.16
C LEU G 248 -53.29 -16.19 39.88
N ASN G 249 -53.91 -15.25 39.19
CA ASN G 249 -54.18 -13.93 39.76
C ASN G 249 -55.60 -13.88 40.35
N GLU G 250 -55.75 -14.53 41.49
CA GLU G 250 -57.05 -14.59 42.16
C GLU G 250 -57.41 -13.25 42.79
N GLU G 251 -56.43 -12.44 43.16
CA GLU G 251 -56.71 -11.22 43.91
C GLU G 251 -57.47 -10.19 43.08
N ASN G 252 -57.13 -10.06 41.80
CA ASN G 252 -57.69 -9.01 40.93
C ASN G 252 -58.23 -9.64 39.66
N PRO G 253 -59.36 -10.32 39.74
CA PRO G 253 -59.95 -10.92 38.53
C PRO G 253 -60.37 -9.85 37.53
N SER G 254 -60.29 -10.20 36.26
CA SER G 254 -60.81 -9.34 35.21
C SER G 254 -62.33 -9.39 35.21
N LYS G 255 -62.95 -8.23 35.01
CA LYS G 255 -64.41 -8.10 35.10
C LYS G 255 -64.97 -8.00 33.68
N ALA G 256 -65.36 -9.13 33.12
CA ALA G 256 -66.06 -9.14 31.84
C ALA G 256 -67.46 -8.55 32.01
N TYR G 257 -67.93 -7.90 30.95
CA TYR G 257 -69.17 -7.14 31.00
C TYR G 257 -70.26 -7.82 30.18
N ARG G 258 -71.50 -7.58 30.58
CA ARG G 258 -72.67 -8.15 29.94
C ARG G 258 -73.32 -7.09 29.07
N CYS G 259 -73.74 -7.49 27.87
CA CYS G 259 -74.25 -6.54 26.89
C CYS G 259 -75.27 -7.24 26.01
N ASN G 260 -75.58 -6.59 24.89
CA ASN G 260 -76.53 -7.11 23.92
C ASN G 260 -75.87 -7.59 22.64
N SER G 261 -74.80 -6.94 22.19
CA SER G 261 -74.12 -7.32 20.96
C SER G 261 -72.72 -6.74 20.97
N LYS G 262 -71.87 -7.31 20.11
CA LYS G 262 -70.48 -6.87 20.05
C LYS G 262 -70.39 -5.41 19.61
N GLU G 263 -71.21 -5.01 18.64
CA GLU G 263 -71.20 -3.62 18.21
C GLU G 263 -71.66 -2.70 19.32
N ALA G 264 -72.70 -3.11 20.05
CA ALA G 264 -73.17 -2.30 21.17
C ALA G 264 -72.08 -2.13 22.21
N PHE G 265 -71.35 -3.20 22.51
CA PHE G 265 -70.25 -3.10 23.46
C PHE G 265 -69.15 -2.19 22.94
N GLU G 266 -68.82 -2.29 21.65
CA GLU G 266 -67.80 -1.42 21.08
C GLU G 266 -68.22 0.04 21.21
N LYS G 267 -69.51 0.33 20.97
CA LYS G 267 -70.00 1.68 21.16
C LYS G 267 -69.84 2.12 22.61
N GLY G 268 -70.18 1.23 23.54
CA GLY G 268 -69.97 1.50 24.95
C GLY G 268 -71.19 2.01 25.69
N LEU G 269 -72.38 1.52 25.35
CA LEU G 269 -73.61 1.93 26.01
C LEU G 269 -74.12 0.88 26.99
N CYS G 270 -73.38 -0.21 27.17
CA CYS G 270 -73.87 -1.39 27.88
C CYS G 270 -72.83 -1.90 28.87
N LEU G 271 -72.29 -1.00 29.69
CA LEU G 271 -71.29 -1.36 30.70
C LEU G 271 -71.82 -1.35 32.11
N SER G 272 -72.67 -0.37 32.46
CA SER G 272 -73.19 -0.30 33.82
C SER G 272 -73.90 -1.58 34.18
N CYS G 273 -73.59 -2.13 35.35
CA CYS G 273 -74.18 -3.37 35.85
C CYS G 273 -74.69 -3.12 37.26
N ARG G 274 -75.90 -2.57 37.36
CA ARG G 274 -76.55 -2.42 38.65
C ARG G 274 -77.16 -3.74 39.10
N LYS G 275 -77.71 -4.50 38.16
CA LYS G 275 -78.29 -5.80 38.46
C LYS G 275 -77.20 -6.86 38.39
N ASN G 276 -77.58 -8.13 38.41
CA ASN G 276 -76.61 -9.23 38.37
C ASN G 276 -76.04 -9.36 36.96
N ARG G 277 -75.17 -8.42 36.62
CA ARG G 277 -74.48 -8.41 35.34
C ARG G 277 -72.99 -8.20 35.58
N CYS G 278 -72.22 -8.19 34.50
CA CYS G 278 -70.79 -7.90 34.54
C CYS G 278 -70.07 -8.78 35.56
N ASN G 279 -70.46 -10.05 35.60
CA ASN G 279 -69.85 -10.96 36.55
C ASN G 279 -68.39 -11.23 36.18
N ASN G 280 -67.65 -11.76 37.15
CA ASN G 280 -66.24 -12.06 36.97
C ASN G 280 -66.06 -13.15 35.93
N MET G 281 -64.81 -13.36 35.49
CA MET G 281 -64.48 -14.42 34.55
C MET G 281 -63.36 -15.25 35.12
N GLY G 282 -63.45 -16.56 34.94
CA GLY G 282 -62.46 -17.48 35.47
C GLY G 282 -63.00 -18.31 36.62
N TYR G 283 -62.08 -18.73 37.49
CA TYR G 283 -62.45 -19.57 38.62
C TYR G 283 -63.36 -18.82 39.59
N GLU G 284 -63.07 -17.54 39.83
CA GLU G 284 -63.84 -16.74 40.77
C GLU G 284 -65.13 -16.22 40.17
N ILE G 285 -65.58 -16.78 39.05
CA ILE G 285 -66.86 -16.40 38.48
C ILE G 285 -67.96 -16.60 39.52
N ASN G 286 -68.95 -15.71 39.50
CA ASN G 286 -70.09 -15.82 40.40
C ASN G 286 -71.14 -16.73 39.79
N LYS G 287 -71.51 -17.76 40.53
CA LYS G 287 -72.52 -18.70 40.06
C LYS G 287 -73.88 -18.02 39.98
N VAL G 288 -74.46 -18.01 38.78
CA VAL G 288 -75.71 -17.32 38.54
C VAL G 288 -76.49 -18.08 37.48
N ARG G 289 -77.81 -17.97 37.55
CA ARG G 289 -78.71 -18.56 36.57
C ARG G 289 -79.42 -17.47 35.80
N ALA G 290 -79.61 -17.69 34.51
CA ALA G 290 -80.26 -16.71 33.63
C ALA G 290 -81.43 -17.38 32.92
N LYS G 291 -82.42 -16.56 32.58
CA LYS G 291 -83.60 -17.07 31.90
C LYS G 291 -83.31 -17.43 30.44
N ARG G 292 -82.16 -17.01 29.92
CA ARG G 292 -81.81 -17.27 28.53
C ARG G 292 -80.31 -17.08 28.36
N SER G 293 -79.86 -17.26 27.13
CA SER G 293 -78.46 -17.01 26.80
C SER G 293 -78.09 -15.57 27.13
N SER G 294 -76.95 -15.40 27.81
CA SER G 294 -76.48 -14.09 28.25
C SER G 294 -75.07 -13.89 27.69
N LYS G 295 -74.98 -13.15 26.59
CA LYS G 295 -73.69 -12.84 26.00
C LYS G 295 -72.94 -11.83 26.86
N MET G 296 -71.62 -11.76 26.66
CA MET G 296 -70.77 -10.85 27.40
C MET G 296 -69.59 -10.47 26.50
N TYR G 297 -68.85 -9.44 26.93
CA TYR G 297 -67.72 -8.94 26.16
C TYR G 297 -66.71 -8.34 27.10
N LEU G 298 -65.48 -8.19 26.60
CA LEU G 298 -64.41 -7.51 27.32
C LEU G 298 -63.22 -7.42 26.38
N LYS G 299 -62.13 -6.85 26.88
CA LYS G 299 -60.87 -6.75 26.17
C LYS G 299 -59.76 -7.35 27.02
N THR G 300 -58.53 -7.24 26.53
CA THR G 300 -57.41 -7.90 27.18
C THR G 300 -56.10 -7.31 26.66
N ARG G 301 -55.04 -7.56 27.42
CA ARG G 301 -53.69 -7.20 27.00
C ARG G 301 -53.18 -8.26 26.03
N SER G 302 -51.88 -8.23 25.75
CA SER G 302 -51.35 -9.11 24.72
C SER G 302 -51.32 -10.57 25.17
N GLN G 303 -50.45 -10.91 26.12
CA GLN G 303 -50.40 -12.31 26.58
C GLN G 303 -50.29 -12.49 28.09
N MET G 304 -49.43 -11.72 28.76
CA MET G 304 -49.02 -12.18 30.08
C MET G 304 -50.03 -11.84 31.17
N PRO G 305 -50.33 -10.57 31.47
CA PRO G 305 -51.17 -10.29 32.64
C PRO G 305 -52.65 -10.27 32.31
N TYR G 306 -52.96 -9.90 31.06
CA TYR G 306 -54.34 -9.59 30.70
C TYR G 306 -54.89 -8.56 31.68
N LYS G 307 -56.16 -8.68 32.05
CA LYS G 307 -56.74 -7.86 33.12
C LYS G 307 -56.60 -6.37 32.77
N VAL G 308 -57.35 -5.98 31.76
CA VAL G 308 -57.41 -4.59 31.32
C VAL G 308 -58.63 -3.92 31.93
N PHE G 309 -58.68 -2.61 31.86
CA PHE G 309 -59.76 -1.82 32.41
C PHE G 309 -60.75 -1.43 31.31
N HIS G 310 -61.73 -0.61 31.68
CA HIS G 310 -62.72 -0.11 30.73
C HIS G 310 -63.22 1.25 31.22
N TYR G 311 -63.08 2.27 30.38
CA TYR G 311 -63.34 3.65 30.77
C TYR G 311 -64.14 4.37 29.68
N GLN G 312 -65.25 3.77 29.24
CA GLN G 312 -66.01 4.34 28.14
C GLN G 312 -66.31 5.81 28.38
N VAL G 313 -66.47 6.57 27.30
CA VAL G 313 -66.53 8.02 27.36
C VAL G 313 -67.73 8.51 26.54
N LYS G 314 -68.21 9.70 26.93
CA LYS G 314 -69.22 10.43 26.17
C LYS G 314 -68.72 11.85 25.92
N ILE G 315 -69.11 12.42 24.78
CA ILE G 315 -68.73 13.78 24.40
C ILE G 315 -69.99 14.55 24.04
N HIS G 316 -70.12 15.75 24.60
CA HIS G 316 -71.20 16.66 24.26
C HIS G 316 -70.69 17.71 23.27
N PHE G 317 -70.39 17.24 22.06
CA PHE G 317 -69.95 18.13 21.00
C PHE G 317 -70.98 19.23 20.79
N SER G 318 -70.51 20.49 20.76
CA SER G 318 -71.40 21.62 20.54
C SER G 318 -70.55 22.77 20.00
N GLY G 319 -70.62 22.99 18.70
CA GLY G 319 -69.84 24.05 18.07
C GLY G 319 -70.66 24.95 17.18
N THR G 320 -70.00 25.80 16.41
CA THR G 320 -70.66 26.76 15.54
C THR G 320 -70.74 26.28 14.09
N GLU G 321 -69.60 25.88 13.52
CA GLU G 321 -69.58 25.47 12.12
C GLU G 321 -70.27 24.12 11.98
N SER G 322 -71.19 24.01 11.02
CA SER G 322 -72.07 22.86 10.90
C SER G 322 -71.75 22.00 9.69
N ASN G 323 -70.48 21.92 9.28
CA ASN G 323 -70.08 21.04 8.19
C ASN G 323 -69.71 19.68 8.78
N THR G 324 -70.56 18.69 8.54
CA THR G 324 -70.35 17.37 9.08
C THR G 324 -69.13 16.71 8.45
N TYR G 325 -68.39 15.95 9.26
CA TYR G 325 -67.25 15.18 8.82
C TYR G 325 -67.41 13.73 9.25
N THR G 326 -66.69 12.85 8.57
CA THR G 326 -66.82 11.41 8.79
C THR G 326 -65.45 10.76 8.76
N ASN G 327 -65.36 9.60 9.41
CA ASN G 327 -64.15 8.78 9.41
C ASN G 327 -62.92 9.59 9.80
N GLN G 328 -62.97 10.09 11.04
CA GLN G 328 -61.88 10.85 11.62
C GLN G 328 -61.32 10.14 12.83
N ALA G 329 -60.03 10.33 13.09
CA ALA G 329 -59.33 9.66 14.17
C ALA G 329 -59.17 10.62 15.34
N PHE G 330 -59.64 10.19 16.51
CA PHE G 330 -59.47 10.95 17.74
C PHE G 330 -58.43 10.28 18.62
N GLU G 331 -57.50 11.08 19.13
CA GLU G 331 -56.48 10.60 20.05
C GLU G 331 -56.68 11.29 21.39
N ILE G 332 -56.66 10.51 22.46
CA ILE G 332 -56.81 11.02 23.81
C ILE G 332 -55.79 10.35 24.71
N SER G 333 -55.55 10.97 25.86
CA SER G 333 -54.67 10.43 26.87
C SER G 333 -55.17 10.89 28.23
N LEU G 334 -54.79 10.12 29.26
CA LEU G 334 -55.30 10.35 30.61
C LEU G 334 -54.18 10.17 31.62
N TYR G 335 -54.29 10.90 32.71
CA TYR G 335 -53.35 10.83 33.83
C TYR G 335 -54.14 10.65 35.11
N GLY G 336 -53.62 9.83 36.03
CA GLY G 336 -54.33 9.48 37.23
C GLY G 336 -53.53 9.69 38.49
N THR G 337 -53.63 8.72 39.40
CA THR G 337 -52.97 8.78 40.71
C THR G 337 -52.09 7.57 40.97
N VAL G 338 -51.93 6.67 40.01
CA VAL G 338 -51.05 5.52 40.13
C VAL G 338 -50.09 5.46 38.96
N ALA G 339 -50.63 5.51 37.74
CA ALA G 339 -49.82 5.57 36.52
C ALA G 339 -50.61 6.38 35.49
N GLU G 340 -50.15 6.36 34.25
CA GLU G 340 -50.80 7.16 33.21
C GLU G 340 -50.44 6.59 31.84
N SER G 341 -51.43 6.56 30.95
CA SER G 341 -51.21 6.27 29.55
C SER G 341 -50.89 7.57 28.81
N GLU G 342 -50.27 7.43 27.64
CA GLU G 342 -49.72 8.58 26.93
C GLU G 342 -50.36 8.84 25.58
N ASN G 343 -50.39 7.84 24.70
CA ASN G 343 -50.77 8.08 23.31
C ASN G 343 -51.74 7.01 22.81
N ILE G 344 -52.80 6.77 23.57
CA ILE G 344 -53.79 5.77 23.17
C ILE G 344 -54.75 6.40 22.15
N PRO G 345 -54.91 5.82 20.97
CA PRO G 345 -55.84 6.36 19.99
C PRO G 345 -57.20 5.69 20.05
N PHE G 346 -58.12 6.23 19.25
CA PHE G 346 -59.41 5.60 19.01
C PHE G 346 -60.07 6.28 17.82
N THR G 347 -61.18 5.69 17.38
CA THR G 347 -61.87 6.12 16.18
C THR G 347 -63.31 6.47 16.48
N LEU G 348 -63.83 7.44 15.74
CA LEU G 348 -65.22 7.88 15.87
C LEU G 348 -65.69 8.58 14.60
N PRO G 349 -66.33 7.86 13.70
CA PRO G 349 -66.81 8.51 12.46
C PRO G 349 -68.07 9.34 12.70
N GLU G 350 -68.64 9.86 11.62
CA GLU G 350 -69.95 10.51 11.62
C GLU G 350 -70.03 11.61 12.67
N VAL G 351 -68.94 12.38 12.80
CA VAL G 351 -68.91 13.48 13.74
C VAL G 351 -69.82 14.59 13.25
N SER G 352 -70.59 15.18 14.16
CA SER G 352 -71.51 16.25 13.83
C SER G 352 -71.48 17.31 14.93
N THR G 353 -72.47 18.19 14.94
CA THR G 353 -72.58 19.26 15.90
C THR G 353 -73.89 19.17 16.66
N ASN G 354 -73.94 19.85 17.80
CA ASN G 354 -75.11 19.87 18.67
C ASN G 354 -75.56 18.45 19.01
N LYS G 355 -74.65 17.49 18.92
CA LYS G 355 -74.97 16.09 19.10
C LYS G 355 -73.98 15.47 20.08
N THR G 356 -74.43 14.44 20.78
CA THR G 356 -73.60 13.74 21.74
C THR G 356 -73.19 12.39 21.18
N TYR G 357 -71.94 12.01 21.44
CA TYR G 357 -71.36 10.78 20.96
C TYR G 357 -70.78 10.00 22.14
N SER G 358 -70.36 8.77 21.86
CA SER G 358 -69.77 7.93 22.89
C SER G 358 -68.92 6.87 22.20
N PHE G 359 -68.02 6.27 22.98
CA PHE G 359 -67.17 5.21 22.47
C PHE G 359 -66.60 4.44 23.64
N LEU G 360 -65.90 3.36 23.32
CA LEU G 360 -65.27 2.50 24.31
C LEU G 360 -63.76 2.66 24.23
N LEU G 361 -63.13 2.84 25.38
CA LEU G 361 -61.68 2.92 25.48
C LEU G 361 -61.19 1.88 26.47
N TYR G 362 -59.99 1.36 26.22
CA TYR G 362 -59.35 0.43 27.13
C TYR G 362 -57.90 0.82 27.35
N THR G 363 -57.43 0.58 28.57
CA THR G 363 -56.04 0.77 28.93
C THR G 363 -55.55 -0.49 29.62
N GLU G 364 -54.22 -0.67 29.60
CA GLU G 364 -53.60 -1.88 30.09
C GLU G 364 -52.72 -1.61 31.30
N VAL G 365 -52.96 -0.52 32.01
CA VAL G 365 -52.20 -0.18 33.20
C VAL G 365 -53.17 0.37 34.25
N ASP G 366 -52.94 0.00 35.51
CA ASP G 366 -53.78 0.51 36.59
C ASP G 366 -53.55 2.00 36.77
N ILE G 367 -54.64 2.72 36.97
CA ILE G 367 -54.60 4.19 37.05
C ILE G 367 -55.27 4.67 38.32
N GLY G 368 -56.13 3.85 38.90
CA GLY G 368 -56.93 4.32 40.03
C GLY G 368 -57.82 5.46 39.58
N GLU G 369 -57.73 6.59 40.29
CA GLU G 369 -58.49 7.76 39.92
C GLU G 369 -57.85 8.43 38.70
N LEU G 370 -58.52 9.46 38.19
CA LEU G 370 -58.09 10.14 36.99
C LEU G 370 -58.33 11.63 37.16
N LEU G 371 -57.30 12.44 36.85
CA LEU G 371 -57.33 13.87 37.11
C LEU G 371 -57.59 14.68 35.86
N MET G 372 -56.74 14.53 34.85
CA MET G 372 -56.80 15.36 33.65
C MET G 372 -56.85 14.48 32.41
N LEU G 373 -57.17 15.10 31.28
CA LEU G 373 -57.42 14.37 30.05
C LEU G 373 -56.83 15.12 28.87
N LYS G 374 -56.52 14.38 27.81
CA LYS G 374 -56.01 14.91 26.57
C LYS G 374 -56.96 14.57 25.44
N LEU G 375 -57.16 15.49 24.51
CA LEU G 375 -58.14 15.33 23.45
C LEU G 375 -57.58 15.79 22.11
N LYS G 376 -56.36 15.35 21.80
CA LYS G 376 -55.75 15.73 20.53
C LYS G 376 -56.53 15.15 19.36
N TRP G 377 -56.51 15.88 18.24
CA TRP G 377 -57.19 15.46 17.02
C TRP G 377 -56.15 15.43 15.90
N ILE G 378 -55.92 14.24 15.35
CA ILE G 378 -54.77 13.98 14.51
C ILE G 378 -55.11 14.30 13.06
N SER G 379 -54.07 14.46 12.25
CA SER G 379 -54.21 14.78 10.83
C SER G 379 -53.05 14.16 10.07
N ASP G 380 -53.22 14.07 8.75
CA ASP G 380 -52.19 13.56 7.84
C ASP G 380 -51.48 14.69 7.10
N SER G 381 -51.55 15.92 7.64
CA SER G 381 -50.91 17.09 7.07
C SER G 381 -50.03 17.78 8.11
N TYR G 382 -49.15 17.00 8.74
CA TYR G 382 -48.34 17.48 9.86
C TYR G 382 -47.64 18.79 9.54
N PHE G 383 -47.10 18.90 8.33
CA PHE G 383 -46.23 20.02 8.01
C PHE G 383 -47.02 21.33 8.06
N SER G 384 -46.28 22.45 7.97
CA SER G 384 -46.87 23.77 8.19
C SER G 384 -47.79 24.21 7.06
N TRP G 385 -48.09 23.34 6.08
CA TRP G 385 -49.11 23.67 5.10
C TRP G 385 -50.45 23.94 5.76
N SER G 386 -50.88 23.05 6.65
CA SER G 386 -52.16 23.15 7.34
C SER G 386 -51.98 23.61 8.79
N ASN G 387 -51.03 24.51 9.02
CA ASN G 387 -50.77 25.03 10.37
C ASN G 387 -51.28 26.45 10.55
N TRP G 388 -51.59 27.17 9.48
CA TRP G 388 -52.13 28.53 9.59
C TRP G 388 -53.56 28.63 9.07
N TRP G 389 -53.82 28.26 7.82
CA TRP G 389 -55.13 28.52 7.24
C TRP G 389 -56.21 27.77 8.01
N SER G 390 -57.40 28.38 8.07
CA SER G 390 -58.46 27.90 8.93
C SER G 390 -58.81 26.45 8.61
N SER G 391 -58.53 25.56 9.53
CA SER G 391 -58.91 24.17 9.46
C SER G 391 -60.15 23.91 10.32
N PRO G 392 -60.91 22.87 10.01
CA PRO G 392 -62.17 22.65 10.76
C PRO G 392 -61.89 22.47 12.24
N GLY G 393 -62.80 23.02 13.05
CA GLY G 393 -62.66 22.96 14.50
C GLY G 393 -64.01 22.93 15.16
N PHE G 394 -64.02 22.53 16.42
CA PHE G 394 -65.24 22.44 17.21
C PHE G 394 -64.99 23.03 18.59
N ASP G 395 -66.02 23.02 19.42
CA ASP G 395 -65.93 23.46 20.81
C ASP G 395 -66.34 22.32 21.73
N ILE G 396 -65.70 22.27 22.89
CA ILE G 396 -65.90 21.21 23.87
C ILE G 396 -66.41 21.82 25.16
N GLY G 397 -67.46 21.23 25.71
CA GLY G 397 -68.00 21.65 26.99
C GLY G 397 -67.61 20.70 28.10
N LYS G 398 -68.51 19.81 28.45
CA LYS G 398 -68.28 18.83 29.51
C LYS G 398 -67.96 17.47 28.93
N ILE G 399 -67.45 16.59 29.78
CA ILE G 399 -67.13 15.21 29.40
C ILE G 399 -67.59 14.30 30.54
N ARG G 400 -68.17 13.15 30.15
CA ARG G 400 -68.88 12.31 31.10
C ARG G 400 -68.31 10.90 31.14
N VAL G 401 -66.99 10.78 31.25
CA VAL G 401 -66.37 9.46 31.35
C VAL G 401 -66.97 8.71 32.52
N LYS G 402 -67.00 7.39 32.42
CA LYS G 402 -67.57 6.53 33.45
C LYS G 402 -66.59 5.40 33.73
N ALA G 403 -66.13 5.31 34.97
CA ALA G 403 -65.23 4.24 35.35
C ALA G 403 -65.98 2.90 35.34
N GLY G 404 -65.31 1.87 34.83
CA GLY G 404 -65.93 0.58 34.68
C GLY G 404 -66.05 -0.21 35.96
N GLU G 405 -64.92 -0.60 36.54
CA GLU G 405 -64.95 -1.48 37.71
C GLU G 405 -65.75 -0.84 38.84
N THR G 406 -65.53 0.44 39.08
CA THR G 406 -66.30 1.20 40.06
C THR G 406 -67.12 2.25 39.32
N GLN G 407 -68.43 2.26 39.58
CA GLN G 407 -69.33 3.19 38.92
C GLN G 407 -69.07 4.59 39.45
N LYS G 408 -68.42 5.42 38.63
CA LYS G 408 -68.06 6.79 39.02
C LYS G 408 -68.38 7.70 37.85
N LYS G 409 -69.51 8.41 37.94
CA LYS G 409 -69.90 9.37 36.91
C LYS G 409 -69.13 10.69 37.09
N VAL G 410 -67.81 10.58 37.05
CA VAL G 410 -66.97 11.76 37.16
C VAL G 410 -67.24 12.68 35.99
N ILE G 411 -67.47 13.95 36.27
CA ILE G 411 -67.85 14.94 35.27
C ILE G 411 -66.60 15.75 34.94
N PHE G 412 -65.95 15.41 33.84
CA PHE G 412 -64.89 16.26 33.33
C PHE G 412 -65.50 17.55 32.76
N CYS G 413 -64.63 18.54 32.54
CA CYS G 413 -65.06 19.92 32.58
C CYS G 413 -64.05 20.77 31.84
N SER G 414 -64.45 21.32 30.70
CA SER G 414 -63.56 22.19 29.95
C SER G 414 -63.29 23.46 30.74
N ARG G 415 -62.17 24.11 30.41
CA ARG G 415 -61.81 25.33 31.09
C ARG G 415 -62.71 26.46 30.62
N GLU G 416 -62.49 27.66 31.18
CA GLU G 416 -63.40 28.77 30.93
C GLU G 416 -63.57 29.02 29.43
N LYS G 417 -62.48 29.15 28.69
CA LYS G 417 -62.58 29.44 27.26
C LYS G 417 -61.50 28.73 26.44
N MET G 418 -60.64 27.94 27.06
CA MET G 418 -59.38 27.54 26.45
C MET G 418 -59.50 26.15 25.83
N SER G 419 -60.49 25.97 24.96
CA SER G 419 -60.69 24.64 24.39
C SER G 419 -60.59 24.59 22.86
N TYR G 420 -61.58 25.18 22.18
CA TYR G 420 -61.61 25.30 20.73
C TYR G 420 -60.87 24.16 20.03
N LEU G 421 -61.26 22.92 20.25
CA LEU G 421 -60.54 21.82 19.62
C LEU G 421 -60.49 22.02 18.11
N GLN G 422 -59.30 21.83 17.54
CA GLN G 422 -59.09 22.03 16.12
C GLN G 422 -58.17 20.95 15.58
N LYS G 423 -58.32 20.66 14.28
CA LYS G 423 -57.46 19.67 13.64
C LYS G 423 -56.02 20.14 13.64
N GLY G 424 -55.11 19.19 13.78
CA GLY G 424 -53.70 19.52 13.74
C GLY G 424 -53.31 20.56 14.78
N LYS G 425 -53.82 20.40 15.99
CA LYS G 425 -53.60 21.37 17.05
C LYS G 425 -53.31 20.65 18.35
N SER G 426 -52.78 21.40 19.31
CA SER G 426 -52.51 20.84 20.62
C SER G 426 -53.80 20.35 21.24
N PRO G 427 -53.75 19.29 22.05
CA PRO G 427 -54.97 18.80 22.69
C PRO G 427 -55.58 19.86 23.59
N VAL G 428 -56.74 19.52 24.15
CA VAL G 428 -57.46 20.38 25.07
C VAL G 428 -57.46 19.72 26.44
N ILE G 429 -57.01 20.47 27.44
CA ILE G 429 -56.92 19.92 28.79
C ILE G 429 -58.30 19.92 29.45
N PHE G 430 -58.47 19.00 30.39
CA PHE G 430 -59.69 18.93 31.18
C PHE G 430 -59.31 18.50 32.60
N VAL G 431 -60.22 18.75 33.54
CA VAL G 431 -59.97 18.52 34.95
C VAL G 431 -61.24 18.02 35.63
N LYS G 432 -61.10 17.56 36.87
CA LYS G 432 -62.24 17.19 37.69
C LYS G 432 -62.97 18.44 38.14
N CYS G 433 -64.29 18.33 38.27
CA CYS G 433 -65.13 19.52 38.29
C CYS G 433 -66.49 19.17 38.87
N HIS G 434 -67.30 20.20 39.09
CA HIS G 434 -68.68 20.03 39.51
C HIS G 434 -68.78 19.41 40.90
N ASP H 1 -35.18 49.36 -17.07
CA ASP H 1 -36.31 48.59 -16.58
C ASP H 1 -35.87 47.18 -16.17
N PHE H 2 -34.65 47.10 -15.65
CA PHE H 2 -34.08 45.82 -15.21
C PHE H 2 -33.37 46.00 -13.87
N ARG H 3 -33.98 46.77 -12.97
CA ARG H 3 -33.44 47.04 -11.66
C ARG H 3 -34.28 46.47 -10.53
N ASP H 4 -35.44 45.89 -10.83
CA ASP H 4 -36.31 45.29 -9.83
C ASP H 4 -36.32 43.77 -9.96
N ILE H 5 -35.17 43.20 -10.32
CA ILE H 5 -35.08 41.77 -10.57
C ILE H 5 -35.13 40.99 -9.26
N GLU H 6 -34.14 41.21 -8.40
CA GLU H 6 -34.11 40.61 -7.06
C GLU H 6 -34.29 39.10 -7.11
N SER H 7 -33.89 38.49 -8.23
CA SER H 7 -33.96 37.04 -8.38
C SER H 7 -32.87 36.66 -9.38
N LYS H 8 -31.73 36.20 -8.86
CA LYS H 8 -30.59 35.91 -9.72
C LYS H 8 -30.77 34.60 -10.45
N PHE H 9 -30.48 34.62 -11.74
CA PHE H 9 -30.55 33.44 -12.61
C PHE H 9 -29.15 32.84 -12.69
N ALA H 10 -29.01 31.59 -12.26
CA ALA H 10 -27.74 30.90 -12.28
C ALA H 10 -27.63 30.04 -13.53
N LEU H 11 -26.43 29.52 -13.78
CA LEU H 11 -26.17 28.68 -14.94
C LEU H 11 -25.08 27.68 -14.57
N ARG H 12 -25.49 26.49 -14.16
CA ARG H 12 -24.55 25.46 -13.77
C ARG H 12 -24.04 24.71 -15.01
N THR H 13 -23.08 23.84 -14.78
CA THR H 13 -22.50 23.00 -15.82
C THR H 13 -22.29 21.59 -15.30
N PRO H 14 -22.11 20.61 -16.19
CA PRO H 14 -21.97 19.22 -15.73
C PRO H 14 -20.87 19.03 -14.70
N GLU H 15 -19.78 19.79 -14.82
CA GLU H 15 -18.68 19.65 -13.87
C GLU H 15 -19.03 20.25 -12.51
N ASP H 16 -20.04 21.12 -12.45
CA ASP H 16 -20.47 21.75 -11.21
C ASP H 16 -21.99 21.78 -11.16
N THR H 17 -22.57 20.79 -10.47
CA THR H 17 -24.02 20.68 -10.36
C THR H 17 -24.51 21.02 -8.94
N ALA H 18 -23.64 21.64 -8.15
CA ALA H 18 -23.96 21.94 -6.76
C ALA H 18 -24.00 23.43 -6.47
N GLU H 19 -22.95 24.16 -6.85
CA GLU H 19 -22.81 25.57 -6.51
C GLU H 19 -23.03 26.43 -7.73
N ASP H 20 -23.84 27.48 -7.58
CA ASP H 20 -24.06 28.43 -8.65
C ASP H 20 -22.80 29.27 -8.87
N THR H 21 -22.29 29.25 -10.10
CA THR H 21 -21.05 29.93 -10.44
C THR H 21 -21.27 31.21 -11.22
N CYS H 22 -22.29 31.24 -12.07
CA CYS H 22 -22.55 32.37 -12.95
C CYS H 22 -23.74 33.17 -12.45
N HIS H 23 -23.97 34.32 -13.08
CA HIS H 23 -25.11 35.17 -12.74
C HIS H 23 -25.52 35.91 -14.01
N LEU H 24 -26.51 35.36 -14.72
CA LEU H 24 -27.00 35.95 -15.96
C LEU H 24 -27.89 37.14 -15.64
N ILE H 25 -27.28 38.28 -15.37
CA ILE H 25 -28.05 39.46 -14.99
C ILE H 25 -28.84 39.95 -16.20
N PRO H 26 -30.16 40.12 -16.09
CA PRO H 26 -30.92 40.63 -17.24
C PRO H 26 -30.44 42.01 -17.64
N GLY H 27 -30.49 42.27 -18.94
CA GLY H 27 -30.09 43.55 -19.50
C GLY H 27 -28.59 43.66 -19.69
N VAL H 28 -27.81 43.20 -18.70
CA VAL H 28 -26.37 43.23 -18.78
C VAL H 28 -25.94 42.03 -19.63
N THR H 29 -25.67 42.29 -20.91
CA THR H 29 -25.34 41.22 -21.83
C THR H 29 -24.01 40.57 -21.52
N GLU H 30 -23.20 41.20 -20.65
CA GLU H 30 -21.84 40.71 -20.42
C GLU H 30 -21.86 39.29 -19.88
N SER H 31 -22.88 38.93 -19.10
CA SER H 31 -22.90 37.62 -18.46
C SER H 31 -23.01 36.50 -19.49
N VAL H 32 -23.74 36.75 -20.58
CA VAL H 32 -23.91 35.72 -21.60
C VAL H 32 -22.56 35.34 -22.19
N ALA H 33 -21.74 36.34 -22.50
CA ALA H 33 -20.41 36.06 -23.02
C ALA H 33 -19.51 35.50 -21.94
N ASN H 34 -19.69 35.95 -20.68
CA ASN H 34 -18.86 35.46 -19.60
C ASN H 34 -19.02 33.96 -19.41
N CYS H 35 -20.26 33.46 -19.48
CA CYS H 35 -20.54 32.05 -19.28
C CYS H 35 -21.12 31.48 -20.56
N HIS H 36 -20.50 30.42 -21.06
CA HIS H 36 -20.87 29.87 -22.35
C HIS H 36 -22.34 29.51 -22.41
N PHE H 37 -22.99 29.86 -23.52
CA PHE H 37 -24.43 29.66 -23.69
C PHE H 37 -24.67 29.33 -25.16
N ASN H 38 -24.79 28.03 -25.45
CA ASN H 38 -25.00 27.58 -26.82
C ASN H 38 -26.38 28.03 -27.27
N HIS H 39 -26.42 29.09 -28.08
CA HIS H 39 -27.68 29.67 -28.53
C HIS H 39 -28.42 28.78 -29.51
N SER H 40 -27.79 27.72 -30.00
CA SER H 40 -28.44 26.82 -30.93
C SER H 40 -29.21 25.71 -30.20
N SER H 41 -28.69 25.25 -29.07
CA SER H 41 -29.25 24.09 -28.41
C SER H 41 -30.42 24.47 -27.51
N LYS H 42 -31.07 23.45 -26.97
CA LYS H 42 -32.21 23.63 -26.07
C LYS H 42 -31.70 24.06 -24.70
N THR H 43 -32.57 24.76 -23.96
CA THR H 43 -32.19 25.30 -22.65
C THR H 43 -33.35 25.17 -21.68
N PHE H 44 -33.14 24.41 -20.61
CA PHE H 44 -34.15 24.21 -19.59
C PHE H 44 -34.11 25.33 -18.56
N VAL H 45 -35.18 25.42 -17.77
CA VAL H 45 -35.27 26.39 -16.69
C VAL H 45 -35.92 25.72 -15.49
N VAL H 46 -35.13 25.46 -14.46
CA VAL H 46 -35.62 24.82 -13.25
C VAL H 46 -36.10 25.89 -12.28
N ILE H 47 -37.29 25.71 -11.75
CA ILE H 47 -37.88 26.64 -10.79
C ILE H 47 -38.25 25.82 -9.56
N HIS H 48 -37.41 25.86 -8.54
CA HIS H 48 -37.73 25.15 -7.31
C HIS H 48 -38.79 25.92 -6.55
N GLY H 49 -39.11 25.43 -5.35
CA GLY H 49 -40.22 25.97 -4.59
C GLY H 49 -39.88 26.31 -3.16
N TRP H 50 -40.92 26.39 -2.33
CA TRP H 50 -40.74 26.86 -0.96
C TRP H 50 -39.81 25.95 -0.19
N THR H 51 -38.97 26.57 0.64
CA THR H 51 -38.03 25.81 1.47
C THR H 51 -37.93 26.47 2.83
N VAL H 52 -38.15 25.69 3.88
CA VAL H 52 -38.01 26.20 5.24
C VAL H 52 -36.58 26.65 5.48
N THR H 53 -35.61 25.94 4.92
CA THR H 53 -34.22 26.30 5.07
C THR H 53 -33.88 27.44 4.13
N GLY H 54 -32.61 27.84 4.15
CA GLY H 54 -32.15 28.93 3.29
C GLY H 54 -31.23 28.44 2.19
N MET H 55 -31.57 27.29 1.61
CA MET H 55 -30.75 26.71 0.56
C MET H 55 -31.60 25.82 -0.32
N TYR H 56 -31.05 25.47 -1.47
CA TYR H 56 -31.76 24.62 -2.42
C TYR H 56 -32.03 23.26 -1.80
N GLU H 57 -33.16 22.67 -2.16
CA GLU H 57 -33.49 21.33 -1.71
C GLU H 57 -32.46 20.33 -2.24
N SER H 58 -32.55 19.10 -1.75
CA SER H 58 -31.54 18.09 -2.03
C SER H 58 -31.70 17.45 -3.40
N TRP H 59 -32.77 17.76 -4.14
CA TRP H 59 -33.04 17.08 -5.40
C TRP H 59 -32.51 17.83 -6.62
N VAL H 60 -32.28 19.13 -6.49
CA VAL H 60 -31.83 19.93 -7.63
C VAL H 60 -30.53 19.38 -8.23
N PRO H 61 -29.51 19.04 -7.46
CA PRO H 61 -28.27 18.54 -8.07
C PRO H 61 -28.49 17.28 -8.90
N LYS H 62 -29.23 16.33 -8.36
CA LYS H 62 -29.51 15.11 -9.10
C LYS H 62 -30.31 15.41 -10.37
N LEU H 63 -31.31 16.28 -10.26
CA LEU H 63 -32.11 16.62 -11.43
C LEU H 63 -31.24 17.20 -12.53
N VAL H 64 -30.39 18.17 -12.18
CA VAL H 64 -29.60 18.85 -13.20
C VAL H 64 -28.56 17.90 -13.78
N ALA H 65 -27.97 17.05 -12.94
CA ALA H 65 -27.01 16.08 -13.44
C ALA H 65 -27.66 15.15 -14.45
N ALA H 66 -28.86 14.66 -14.13
CA ALA H 66 -29.55 13.77 -15.06
C ALA H 66 -29.95 14.51 -16.33
N LEU H 67 -30.31 15.79 -16.20
CA LEU H 67 -30.67 16.57 -17.36
C LEU H 67 -29.50 16.69 -18.32
N TYR H 68 -28.31 16.97 -17.79
CA TYR H 68 -27.11 17.00 -18.64
C TYR H 68 -26.84 15.62 -19.23
N LYS H 69 -26.98 14.57 -18.42
CA LYS H 69 -26.77 13.22 -18.94
C LYS H 69 -27.66 12.95 -20.14
N ARG H 70 -28.93 13.36 -20.05
CA ARG H 70 -29.87 13.08 -21.13
C ARG H 70 -29.60 13.95 -22.35
N GLU H 71 -29.37 15.25 -22.15
CA GLU H 71 -29.21 16.19 -23.25
C GLU H 71 -27.96 17.02 -23.04
N PRO H 72 -26.79 16.49 -23.39
CA PRO H 72 -25.56 17.26 -23.26
C PRO H 72 -25.54 18.46 -24.21
N ASP H 73 -24.58 19.35 -23.98
CA ASP H 73 -24.43 20.56 -24.78
C ASP H 73 -25.72 21.36 -24.81
N SER H 74 -26.39 21.41 -23.67
CA SER H 74 -27.64 22.15 -23.53
C SER H 74 -27.58 22.95 -22.23
N ASN H 75 -27.94 24.22 -22.30
CA ASN H 75 -27.81 25.11 -21.16
C ASN H 75 -28.88 24.82 -20.12
N VAL H 76 -28.55 25.15 -18.87
CA VAL H 76 -29.47 24.98 -17.74
C VAL H 76 -29.45 26.27 -16.94
N ILE H 77 -30.64 26.72 -16.54
CA ILE H 77 -30.79 27.94 -15.76
C ILE H 77 -31.50 27.59 -14.46
N VAL H 78 -31.01 28.17 -13.37
CA VAL H 78 -31.62 28.00 -12.05
C VAL H 78 -31.95 29.38 -11.50
N VAL H 79 -32.98 29.44 -10.68
CA VAL H 79 -33.47 30.67 -10.10
C VAL H 79 -33.10 30.70 -8.62
N ASP H 80 -33.33 31.86 -8.00
CA ASP H 80 -32.89 32.12 -6.64
C ASP H 80 -34.06 32.54 -5.75
N TRP H 81 -35.11 31.72 -5.73
CA TRP H 81 -36.25 31.93 -4.85
C TRP H 81 -35.82 32.43 -3.47
N LEU H 82 -34.66 31.96 -3.01
CA LEU H 82 -34.17 32.34 -1.69
C LEU H 82 -34.22 33.85 -1.53
N SER H 83 -34.36 34.29 -0.28
CA SER H 83 -34.53 35.68 0.14
C SER H 83 -35.98 36.14 0.00
N ARG H 84 -36.81 35.39 -0.71
CA ARG H 84 -38.23 35.70 -0.85
C ARG H 84 -39.10 34.53 -0.44
N ALA H 85 -38.67 33.30 -0.70
CA ALA H 85 -39.46 32.13 -0.33
C ALA H 85 -39.38 31.82 1.16
N GLN H 86 -38.28 32.20 1.81
CA GLN H 86 -38.15 31.93 3.23
C GLN H 86 -39.27 32.58 4.04
N GLN H 87 -39.90 33.60 3.47
CA GLN H 87 -40.95 34.32 4.18
C GLN H 87 -42.15 33.40 4.38
N HIS H 88 -43.16 33.92 5.06
CA HIS H 88 -44.38 33.16 5.30
C HIS H 88 -44.92 32.59 4.00
N TYR H 89 -45.49 31.38 4.08
CA TYR H 89 -45.91 30.67 2.88
C TYR H 89 -46.89 31.48 2.05
N PRO H 90 -47.94 32.06 2.62
CA PRO H 90 -48.79 32.96 1.81
C PRO H 90 -48.03 34.09 1.15
N VAL H 91 -46.99 34.61 1.80
CA VAL H 91 -46.18 35.65 1.17
C VAL H 91 -45.55 35.13 -0.10
N SER H 92 -45.12 33.86 -0.09
CA SER H 92 -44.59 33.26 -1.31
C SER H 92 -45.68 33.12 -2.36
N ALA H 93 -46.90 32.78 -1.92
CA ALA H 93 -48.02 32.70 -2.86
C ALA H 93 -48.23 34.04 -3.54
N GLY H 94 -48.11 35.14 -2.79
CA GLY H 94 -48.22 36.45 -3.41
C GLY H 94 -47.04 36.75 -4.32
N TYR H 95 -45.83 36.41 -3.88
CA TYR H 95 -44.61 36.71 -4.62
C TYR H 95 -44.48 35.87 -5.88
N THR H 96 -45.30 34.83 -6.04
CA THR H 96 -45.30 34.09 -7.29
C THR H 96 -45.51 35.03 -8.47
N LYS H 97 -46.37 36.03 -8.30
CA LYS H 97 -46.62 36.97 -9.39
C LYS H 97 -45.37 37.77 -9.73
N LEU H 98 -44.65 38.22 -8.70
CA LEU H 98 -43.43 38.97 -8.94
C LEU H 98 -42.39 38.12 -9.65
N VAL H 99 -42.22 36.87 -9.21
CA VAL H 99 -41.22 36.02 -9.85
C VAL H 99 -41.63 35.69 -11.28
N GLY H 100 -42.93 35.53 -11.51
CA GLY H 100 -43.39 35.28 -12.87
C GLY H 100 -43.13 36.45 -13.78
N GLN H 101 -43.42 37.66 -13.29
CA GLN H 101 -43.11 38.86 -14.06
C GLN H 101 -41.62 38.94 -14.34
N ASP H 102 -40.80 38.60 -13.34
CA ASP H 102 -39.36 38.65 -13.51
C ASP H 102 -38.89 37.68 -14.58
N VAL H 103 -39.41 36.45 -14.56
CA VAL H 103 -39.02 35.45 -15.53
C VAL H 103 -39.48 35.86 -16.93
N ALA H 104 -40.69 36.42 -17.02
CA ALA H 104 -41.19 36.90 -18.30
C ALA H 104 -40.28 37.99 -18.85
N LYS H 105 -39.86 38.91 -17.99
CA LYS H 105 -38.94 39.97 -18.42
C LYS H 105 -37.63 39.37 -18.88
N PHE H 106 -37.12 38.38 -18.15
CA PHE H 106 -35.88 37.72 -18.54
C PHE H 106 -36.01 37.14 -19.94
N MET H 107 -37.07 36.38 -20.18
CA MET H 107 -37.22 35.70 -21.46
C MET H 107 -37.45 36.71 -22.58
N ASN H 108 -38.20 37.77 -22.31
CA ASN H 108 -38.42 38.80 -23.32
C ASN H 108 -37.12 39.50 -23.68
N TRP H 109 -36.29 39.79 -22.66
CA TRP H 109 -35.00 40.39 -22.92
C TRP H 109 -34.13 39.47 -23.77
N MET H 110 -34.17 38.18 -23.47
CA MET H 110 -33.40 37.23 -24.27
C MET H 110 -33.90 37.21 -25.71
N ALA H 111 -35.22 37.18 -25.90
CA ALA H 111 -35.80 37.14 -27.24
C ALA H 111 -35.62 38.45 -27.98
N ASP H 112 -35.31 39.53 -27.28
CA ASP H 112 -35.04 40.82 -27.93
C ASP H 112 -33.57 40.95 -28.31
N GLU H 113 -32.66 40.73 -27.36
CA GLU H 113 -31.23 40.90 -27.63
C GLU H 113 -30.70 39.79 -28.51
N PHE H 114 -31.02 38.53 -28.19
CA PHE H 114 -30.49 37.38 -28.89
C PHE H 114 -31.53 36.64 -29.70
N ASN H 115 -32.79 37.08 -29.68
CA ASN H 115 -33.88 36.43 -30.40
C ASN H 115 -33.78 34.92 -30.33
N TYR H 116 -33.47 34.40 -29.15
CA TYR H 116 -33.40 32.96 -28.97
C TYR H 116 -34.77 32.34 -29.21
N PRO H 117 -34.88 31.28 -30.00
CA PRO H 117 -36.20 30.70 -30.27
C PRO H 117 -36.86 30.22 -28.99
N LEU H 118 -38.09 30.68 -28.76
CA LEU H 118 -38.82 30.31 -27.55
C LEU H 118 -39.28 28.86 -27.59
N GLY H 119 -39.15 28.19 -28.73
CA GLY H 119 -39.64 26.84 -28.87
C GLY H 119 -38.65 25.79 -28.40
N ASN H 120 -37.65 26.23 -27.63
CA ASN H 120 -36.59 25.33 -27.19
C ASN H 120 -36.27 25.55 -25.72
N VAL H 121 -37.30 25.80 -24.91
CA VAL H 121 -37.12 26.07 -23.48
C VAL H 121 -38.21 25.37 -22.69
N HIS H 122 -37.82 24.75 -21.58
CA HIS H 122 -38.75 24.13 -20.64
C HIS H 122 -38.73 24.91 -19.34
N LEU H 123 -39.92 25.18 -18.81
CA LEU H 123 -40.05 25.82 -17.50
C LEU H 123 -40.38 24.74 -16.47
N LEU H 124 -39.38 23.94 -16.13
CA LEU H 124 -39.57 22.88 -15.14
C LEU H 124 -39.98 23.50 -13.82
N GLY H 125 -41.22 23.22 -13.42
CA GLY H 125 -41.78 23.80 -12.23
C GLY H 125 -42.13 22.75 -11.20
N TYR H 126 -41.74 23.03 -9.96
CA TYR H 126 -42.03 22.18 -8.82
C TYR H 126 -42.76 23.03 -7.79
N SER H 127 -43.47 22.36 -6.89
CA SER H 127 -44.14 23.00 -5.76
C SER H 127 -44.76 24.31 -6.23
N LEU H 128 -44.44 25.44 -5.59
CA LEU H 128 -44.92 26.73 -6.06
C LEU H 128 -44.33 27.10 -7.40
N GLY H 129 -43.20 26.47 -7.77
CA GLY H 129 -42.52 26.85 -9.00
C GLY H 129 -43.36 26.59 -10.22
N ALA H 130 -44.17 25.52 -10.18
CA ALA H 130 -45.03 25.23 -11.31
C ALA H 130 -46.02 26.36 -11.55
N HIS H 131 -46.66 26.83 -10.49
CA HIS H 131 -47.59 27.95 -10.64
C HIS H 131 -46.84 29.20 -11.05
N ALA H 132 -45.62 29.37 -10.57
CA ALA H 132 -44.83 30.53 -10.94
C ALA H 132 -44.58 30.54 -12.45
N ALA H 133 -44.17 29.39 -12.99
CA ALA H 133 -43.95 29.32 -14.43
C ALA H 133 -45.26 29.52 -15.18
N GLY H 134 -46.35 28.95 -14.68
CA GLY H 134 -47.63 29.07 -15.36
C GLY H 134 -48.05 30.52 -15.49
N ILE H 135 -47.98 31.27 -14.39
CA ILE H 135 -48.23 32.70 -14.46
C ILE H 135 -47.19 33.36 -15.36
N ALA H 136 -46.01 32.76 -15.45
CA ALA H 136 -45.01 33.20 -16.41
C ALA H 136 -45.34 32.65 -17.78
N GLY H 137 -44.59 33.09 -18.78
CA GLY H 137 -44.83 32.66 -20.14
C GLY H 137 -46.04 33.34 -20.75
N SER H 138 -47.16 33.31 -20.01
CA SER H 138 -48.37 33.99 -20.46
C SER H 138 -48.08 35.45 -20.80
N LEU H 139 -47.20 36.09 -20.04
CA LEU H 139 -46.79 37.45 -20.36
C LEU H 139 -45.84 37.49 -21.54
N THR H 140 -45.16 36.39 -21.82
CA THR H 140 -44.26 36.34 -22.97
C THR H 140 -45.04 36.48 -24.27
N ASN H 141 -44.43 37.16 -25.23
CA ASN H 141 -45.09 37.42 -26.50
C ASN H 141 -45.11 36.18 -27.41
N LYS H 142 -44.07 35.36 -27.36
CA LYS H 142 -43.91 34.25 -28.29
C LYS H 142 -44.22 32.89 -27.66
N LYS H 143 -44.90 32.87 -26.52
CA LYS H 143 -45.31 31.62 -25.90
C LYS H 143 -44.12 30.73 -25.58
N VAL H 144 -44.37 29.55 -25.03
CA VAL H 144 -43.33 28.63 -24.62
C VAL H 144 -43.72 27.22 -25.05
N ASN H 145 -42.73 26.43 -25.47
CA ASN H 145 -42.98 25.08 -25.94
C ASN H 145 -43.52 24.19 -24.82
N ARG H 146 -42.72 23.94 -23.79
CA ARG H 146 -43.07 23.03 -22.71
C ARG H 146 -42.97 23.75 -21.37
N ILE H 147 -43.95 23.48 -20.50
CA ILE H 147 -44.00 24.08 -19.18
C ILE H 147 -44.17 22.99 -18.13
N THR H 148 -43.67 21.79 -18.44
CA THR H 148 -43.86 20.63 -17.58
C THR H 148 -43.55 20.96 -16.13
N GLY H 149 -44.56 20.83 -15.26
CA GLY H 149 -44.40 21.09 -13.85
C GLY H 149 -44.37 19.81 -13.04
N LEU H 150 -44.24 19.97 -11.73
CA LEU H 150 -44.16 18.84 -10.80
C LEU H 150 -44.92 19.17 -9.54
N ASP H 151 -45.99 18.42 -9.28
CA ASP H 151 -46.73 18.56 -8.04
C ASP H 151 -47.15 20.00 -7.83
N PRO H 152 -48.01 20.54 -8.69
CA PRO H 152 -48.46 21.92 -8.52
C PRO H 152 -49.12 22.12 -7.17
N ALA H 153 -48.85 23.28 -6.56
CA ALA H 153 -49.42 23.59 -5.27
C ALA H 153 -50.93 23.78 -5.36
N GLY H 154 -51.62 23.33 -4.31
CA GLY H 154 -53.06 23.41 -4.27
C GLY H 154 -53.58 24.65 -3.56
N PRO H 155 -53.07 24.95 -2.37
CA PRO H 155 -53.62 26.06 -1.60
C PRO H 155 -53.54 27.38 -2.35
N ASN H 156 -54.57 28.20 -2.18
CA ASN H 156 -54.62 29.53 -2.76
C ASN H 156 -54.53 29.50 -4.28
N PHE H 157 -54.75 28.34 -4.89
CA PHE H 157 -54.78 28.22 -6.34
C PHE H 157 -56.03 27.51 -6.84
N GLU H 158 -56.63 26.64 -6.04
CA GLU H 158 -57.95 26.14 -6.36
C GLU H 158 -58.96 27.28 -6.30
N TYR H 159 -60.04 27.14 -7.05
CA TYR H 159 -61.03 28.19 -7.17
C TYR H 159 -60.40 29.47 -7.70
N ALA H 160 -59.53 29.33 -8.70
CA ALA H 160 -58.81 30.44 -9.29
C ALA H 160 -58.99 30.41 -10.80
N GLU H 161 -58.22 31.24 -11.50
CA GLU H 161 -58.29 31.36 -12.95
C GLU H 161 -56.89 31.29 -13.54
N ALA H 162 -56.83 31.26 -14.86
CA ALA H 162 -55.55 31.16 -15.57
C ALA H 162 -54.55 32.23 -15.17
N PRO H 163 -54.90 33.51 -15.09
CA PRO H 163 -53.89 34.50 -14.74
C PRO H 163 -53.24 34.25 -13.39
N SER H 164 -53.97 33.69 -12.44
CA SER H 164 -53.46 33.48 -11.09
C SER H 164 -52.97 32.07 -10.84
N ARG H 165 -53.03 31.18 -11.84
CA ARG H 165 -52.56 29.82 -11.65
C ARG H 165 -52.20 29.22 -13.00
N LEU H 166 -51.49 28.11 -12.95
CA LEU H 166 -51.09 27.42 -14.18
C LEU H 166 -52.32 27.07 -15.01
N SER H 167 -52.24 27.32 -16.30
CA SER H 167 -53.34 27.07 -17.22
C SER H 167 -52.81 26.40 -18.48
N PRO H 168 -53.67 25.65 -19.18
CA PRO H 168 -53.21 25.02 -20.43
C PRO H 168 -52.75 26.01 -21.47
N ASP H 169 -53.34 27.21 -21.49
CA ASP H 169 -52.99 28.22 -22.47
C ASP H 169 -51.69 28.94 -22.13
N ASP H 170 -51.13 28.71 -20.95
CA ASP H 170 -49.89 29.36 -20.55
C ASP H 170 -48.73 28.96 -21.45
N ALA H 171 -48.85 27.88 -22.21
CA ALA H 171 -47.76 27.42 -23.04
C ALA H 171 -48.33 26.50 -24.12
N ASP H 172 -47.48 26.19 -25.10
CA ASP H 172 -47.91 25.33 -26.20
C ASP H 172 -48.32 23.96 -25.70
N PHE H 173 -47.52 23.37 -24.82
CA PHE H 173 -47.81 22.06 -24.26
C PHE H 173 -47.52 22.10 -22.76
N VAL H 174 -48.21 21.24 -22.02
CA VAL H 174 -48.09 21.23 -20.57
C VAL H 174 -48.43 19.83 -20.07
N ASP H 175 -47.80 19.45 -18.97
CA ASP H 175 -48.11 18.20 -18.28
C ASP H 175 -47.69 18.32 -16.83
N VAL H 176 -48.49 17.72 -15.95
CA VAL H 176 -48.27 17.79 -14.51
C VAL H 176 -48.28 16.40 -13.93
N LEU H 177 -47.65 16.26 -12.78
CA LEU H 177 -47.51 14.98 -12.08
C LEU H 177 -48.23 15.10 -10.74
N HIS H 178 -49.53 14.81 -10.73
CA HIS H 178 -50.32 14.87 -9.51
C HIS H 178 -49.94 13.71 -8.59
N THR H 179 -48.91 13.90 -7.80
CA THR H 179 -48.35 12.83 -6.98
C THR H 179 -48.95 12.80 -5.57
N PHE H 180 -49.85 13.72 -5.24
CA PHE H 180 -50.41 13.75 -3.90
C PHE H 180 -51.69 14.57 -3.93
N THR H 181 -52.81 13.96 -3.52
CA THR H 181 -54.08 14.66 -3.50
C THR H 181 -54.94 14.29 -2.29
N ARG H 182 -54.43 13.51 -1.36
CA ARG H 182 -55.26 13.08 -0.24
C ARG H 182 -55.69 14.27 0.59
N GLY H 183 -56.96 14.28 0.97
CA GLY H 183 -57.54 15.33 1.77
C GLY H 183 -58.78 15.91 1.13
N SER H 184 -59.40 16.84 1.85
CA SER H 184 -60.61 17.46 1.36
C SER H 184 -60.29 18.36 0.16
N PRO H 185 -61.26 18.57 -0.74
CA PRO H 185 -61.03 19.49 -1.86
C PRO H 185 -60.68 20.89 -1.36
N GLY H 186 -59.74 21.52 -2.06
CA GLY H 186 -59.34 22.87 -1.74
C GLY H 186 -58.42 23.01 -0.54
N ARG H 187 -58.11 21.91 0.15
CA ARG H 187 -57.21 21.93 1.28
C ARG H 187 -56.03 20.98 1.16
N SER H 188 -56.10 19.98 0.29
CA SER H 188 -54.94 19.15 0.04
C SER H 188 -53.85 19.98 -0.62
N ILE H 189 -52.61 19.70 -0.24
CA ILE H 189 -51.48 20.46 -0.77
C ILE H 189 -51.45 20.37 -2.29
N GLY H 190 -51.68 19.18 -2.82
CA GLY H 190 -51.62 18.97 -4.26
C GLY H 190 -52.94 19.23 -4.93
N ILE H 191 -52.97 20.19 -5.86
CA ILE H 191 -54.18 20.47 -6.59
C ILE H 191 -54.66 19.21 -7.29
N GLN H 192 -55.97 18.97 -7.22
CA GLN H 192 -56.59 17.81 -7.85
C GLN H 192 -57.29 18.14 -9.14
N LYS H 193 -57.69 19.39 -9.34
CA LYS H 193 -58.35 19.78 -10.58
C LYS H 193 -57.35 19.67 -11.73
N PRO H 194 -57.68 18.97 -12.81
CA PRO H 194 -56.75 18.87 -13.93
C PRO H 194 -56.47 20.25 -14.53
N VAL H 195 -55.23 20.46 -14.95
CA VAL H 195 -54.77 21.77 -15.40
C VAL H 195 -54.29 21.71 -16.84
N GLY H 196 -53.36 20.80 -17.14
CA GLY H 196 -52.74 20.75 -18.43
C GLY H 196 -53.55 19.97 -19.44
N HIS H 197 -53.01 19.93 -20.67
CA HIS H 197 -53.62 19.14 -21.72
C HIS H 197 -53.67 17.67 -21.33
N VAL H 198 -52.60 17.18 -20.71
CA VAL H 198 -52.55 15.81 -20.19
C VAL H 198 -52.02 15.88 -18.77
N ASP H 199 -52.65 15.14 -17.87
CA ASP H 199 -52.25 15.09 -16.47
C ASP H 199 -52.04 13.64 -16.05
N ILE H 200 -51.16 13.45 -15.08
CA ILE H 200 -50.75 12.12 -14.64
C ILE H 200 -51.03 12.00 -13.15
N TYR H 201 -51.67 10.92 -12.75
CA TYR H 201 -52.09 10.69 -11.37
C TYR H 201 -51.56 9.34 -10.91
N PRO H 202 -50.25 9.23 -10.68
CA PRO H 202 -49.69 7.93 -10.29
C PRO H 202 -50.30 7.45 -8.98
N ASN H 203 -50.59 6.15 -8.93
CA ASN H 203 -51.15 5.51 -7.75
C ASN H 203 -52.49 6.09 -7.34
N GLY H 204 -53.07 6.96 -8.17
CA GLY H 204 -54.29 7.66 -7.84
C GLY H 204 -54.08 8.93 -7.03
N GLY H 205 -52.84 9.22 -6.63
CA GLY H 205 -52.55 10.42 -5.88
C GLY H 205 -52.82 10.33 -4.40
N THR H 206 -53.35 9.21 -3.92
CA THR H 206 -53.66 9.09 -2.50
C THR H 206 -52.39 9.16 -1.66
N PHE H 207 -51.34 8.46 -2.10
CA PHE H 207 -50.07 8.40 -1.37
C PHE H 207 -49.08 7.66 -2.26
N GLN H 208 -47.89 7.40 -1.70
CA GLN H 208 -46.87 6.63 -2.39
C GLN H 208 -46.32 5.55 -1.48
N PRO H 209 -45.81 4.46 -2.05
CA PRO H 209 -45.41 3.31 -1.23
C PRO H 209 -44.05 3.48 -0.57
N GLY H 210 -43.15 4.21 -1.21
CA GLY H 210 -41.78 4.28 -0.72
C GLY H 210 -41.65 5.13 0.53
N CYS H 211 -42.40 4.80 1.56
CA CYS H 211 -42.38 5.53 2.82
C CYS H 211 -43.20 4.73 3.84
N ASN H 212 -43.34 5.31 5.03
CA ASN H 212 -43.99 4.62 6.15
C ASN H 212 -44.82 5.67 6.89
N ILE H 213 -45.25 5.32 8.11
CA ILE H 213 -46.01 6.27 8.92
C ILE H 213 -45.24 7.56 9.10
N GLY H 214 -43.95 7.46 9.41
CA GLY H 214 -43.10 8.63 9.52
C GLY H 214 -43.01 9.19 10.92
N GLU H 215 -43.73 10.28 11.17
CA GLU H 215 -43.63 10.99 12.44
C GLU H 215 -44.19 10.11 13.56
N ALA H 216 -43.30 9.61 14.43
CA ALA H 216 -43.74 8.81 15.56
C ALA H 216 -44.39 9.70 16.62
N LEU H 217 -43.79 10.83 16.93
CA LEU H 217 -44.33 11.75 17.92
C LEU H 217 -43.86 13.17 17.59
N ARG H 218 -44.57 14.15 18.15
CA ARG H 218 -44.25 15.54 17.84
C ARG H 218 -42.85 15.91 18.28
N VAL H 219 -42.44 15.48 19.48
CA VAL H 219 -41.15 15.86 20.04
C VAL H 219 -40.10 14.77 19.81
N ILE H 220 -40.47 13.51 20.02
CA ILE H 220 -39.49 12.43 19.90
C ILE H 220 -38.98 12.32 18.46
N ALA H 221 -39.90 12.37 17.50
CA ALA H 221 -39.53 12.28 16.09
C ALA H 221 -39.13 13.67 15.60
N GLU H 222 -38.98 13.83 14.28
CA GLU H 222 -38.50 15.07 13.66
C GLU H 222 -39.51 15.49 12.61
N ARG H 223 -40.51 16.27 13.01
CA ARG H 223 -41.55 16.72 12.09
C ARG H 223 -40.92 17.42 10.89
N GLY H 224 -40.26 18.54 11.15
CA GLY H 224 -39.47 19.21 10.14
C GLY H 224 -38.03 19.31 10.59
N LEU H 225 -37.67 18.51 11.58
CA LEU H 225 -36.33 18.54 12.17
C LEU H 225 -35.38 17.62 11.40
N GLY H 226 -35.36 17.77 10.07
CA GLY H 226 -34.62 16.85 9.26
C GLY H 226 -35.05 15.42 9.52
N ASP H 227 -34.08 14.51 9.47
CA ASP H 227 -34.30 13.11 9.83
C ASP H 227 -35.55 12.55 9.14
N VAL H 228 -36.67 12.49 9.86
CA VAL H 228 -37.89 11.91 9.31
C VAL H 228 -38.76 12.93 8.59
N ASP H 229 -38.28 14.18 8.45
CA ASP H 229 -39.02 15.16 7.66
C ASP H 229 -39.11 14.71 6.20
N GLN H 230 -38.01 14.17 5.66
CA GLN H 230 -38.05 13.64 4.30
C GLN H 230 -39.05 12.51 4.18
N LEU H 231 -39.09 11.62 5.16
CA LEU H 231 -40.07 10.55 5.16
C LEU H 231 -41.49 11.11 5.19
N VAL H 232 -41.72 12.16 5.96
CA VAL H 232 -43.02 12.82 5.94
C VAL H 232 -43.33 13.34 4.54
N LYS H 233 -42.32 13.88 3.86
CA LYS H 233 -42.47 14.26 2.45
C LYS H 233 -42.30 13.04 1.57
N CYS H 234 -43.29 12.15 1.69
CA CYS H 234 -43.25 10.85 1.02
C CYS H 234 -43.42 11.00 -0.49
N SER H 235 -44.37 11.83 -0.91
CA SER H 235 -44.79 11.89 -2.29
C SER H 235 -44.40 13.19 -2.98
N HIS H 236 -44.28 14.27 -2.21
CA HIS H 236 -44.03 15.58 -2.82
C HIS H 236 -42.74 15.59 -3.63
N GLU H 237 -41.77 14.77 -3.24
CA GLU H 237 -40.54 14.61 -4.02
C GLU H 237 -40.59 13.41 -4.95
N ARG H 238 -41.59 12.54 -4.79
CA ARG H 238 -41.73 11.41 -5.69
C ARG H 238 -41.95 11.87 -7.11
N SER H 239 -42.57 13.04 -7.30
CA SER H 239 -42.74 13.58 -8.64
C SER H 239 -41.39 13.77 -9.31
N VAL H 240 -40.49 14.47 -8.63
CA VAL H 240 -39.19 14.77 -9.23
C VAL H 240 -38.36 13.51 -9.37
N HIS H 241 -38.48 12.58 -8.41
CA HIS H 241 -37.75 11.34 -8.54
C HIS H 241 -38.25 10.53 -9.73
N LEU H 242 -39.56 10.51 -9.95
CA LEU H 242 -40.11 9.85 -11.13
C LEU H 242 -39.60 10.49 -12.40
N PHE H 243 -39.59 11.82 -12.44
CA PHE H 243 -39.15 12.52 -13.64
C PHE H 243 -37.70 12.22 -13.94
N ILE H 244 -36.85 12.23 -12.91
CA ILE H 244 -35.43 11.99 -13.13
C ILE H 244 -35.20 10.54 -13.55
N ASP H 245 -35.96 9.60 -12.97
CA ASP H 245 -35.83 8.21 -13.36
C ASP H 245 -36.22 8.02 -14.81
N SER H 246 -37.32 8.64 -15.24
CA SER H 246 -37.72 8.56 -16.64
C SER H 246 -36.68 9.17 -17.54
N LEU H 247 -36.11 10.31 -17.13
CA LEU H 247 -35.09 10.98 -17.92
C LEU H 247 -33.88 10.08 -18.10
N LEU H 248 -33.45 9.42 -17.01
CA LEU H 248 -32.28 8.56 -17.07
C LEU H 248 -32.55 7.33 -17.92
N ASN H 249 -33.72 6.70 -17.75
CA ASN H 249 -34.07 5.51 -18.51
C ASN H 249 -34.92 5.88 -19.72
N GLU H 250 -34.25 6.44 -20.72
CA GLU H 250 -34.92 6.85 -21.94
C GLU H 250 -35.33 5.66 -22.80
N GLU H 251 -34.63 4.53 -22.69
CA GLU H 251 -34.87 3.41 -23.59
C GLU H 251 -36.24 2.78 -23.36
N ASN H 252 -36.67 2.65 -22.10
CA ASN H 252 -37.90 1.94 -21.75
C ASN H 252 -38.77 2.83 -20.86
N PRO H 253 -39.40 3.85 -21.44
CA PRO H 253 -40.28 4.71 -20.65
C PRO H 253 -41.47 3.95 -20.12
N SER H 254 -41.94 4.36 -18.95
CA SER H 254 -43.17 3.83 -18.39
C SER H 254 -44.36 4.37 -19.17
N LYS H 255 -45.35 3.52 -19.42
CA LYS H 255 -46.50 3.87 -20.24
C LYS H 255 -47.70 4.08 -19.32
N ALA H 256 -47.92 5.34 -18.93
CA ALA H 256 -49.12 5.68 -18.19
C ALA H 256 -50.34 5.59 -19.09
N TYR H 257 -51.47 5.24 -18.50
CA TYR H 257 -52.69 4.93 -19.24
C TYR H 257 -53.74 6.00 -19.02
N ARG H 258 -54.60 6.16 -20.03
CA ARG H 258 -55.68 7.14 -20.01
C ARG H 258 -56.98 6.44 -19.69
N CYS H 259 -57.80 7.07 -18.84
CA CYS H 259 -59.01 6.43 -18.36
C CYS H 259 -60.04 7.50 -18.04
N ASN H 260 -61.08 7.11 -17.31
CA ASN H 260 -62.15 8.02 -16.90
C ASN H 260 -62.11 8.36 -15.43
N SER H 261 -61.70 7.43 -14.57
CA SER H 261 -61.66 7.68 -13.14
C SER H 261 -60.73 6.68 -12.49
N LYS H 262 -60.31 7.01 -11.27
CA LYS H 262 -59.38 6.14 -10.55
C LYS H 262 -60.01 4.78 -10.26
N GLU H 263 -61.29 4.78 -9.89
CA GLU H 263 -61.97 3.51 -9.63
C GLU H 263 -62.08 2.69 -10.91
N ALA H 264 -62.38 3.35 -12.02
CA ALA H 264 -62.46 2.64 -13.29
C ALA H 264 -61.13 2.02 -13.65
N PHE H 265 -60.04 2.76 -13.44
CA PHE H 265 -58.72 2.20 -13.71
C PHE H 265 -58.41 1.03 -12.79
N GLU H 266 -58.76 1.15 -11.50
CA GLU H 266 -58.54 0.04 -10.58
C GLU H 266 -59.29 -1.20 -11.03
N LYS H 267 -60.52 -1.02 -11.52
CA LYS H 267 -61.27 -2.16 -12.04
C LYS H 267 -60.56 -2.76 -13.25
N GLY H 268 -60.05 -1.90 -14.13
CA GLY H 268 -59.27 -2.35 -15.26
C GLY H 268 -60.03 -2.49 -16.56
N LEU H 269 -60.98 -1.60 -16.83
CA LEU H 269 -61.75 -1.64 -18.06
C LEU H 269 -61.32 -0.58 -19.06
N CYS H 270 -60.28 0.18 -18.74
CA CYS H 270 -59.92 1.38 -19.49
C CYS H 270 -58.42 1.42 -19.76
N LEU H 271 -57.87 0.33 -20.28
CA LEU H 271 -56.45 0.24 -20.59
C LEU H 271 -56.16 0.26 -22.08
N SER H 272 -56.97 -0.40 -22.89
CA SER H 272 -56.73 -0.43 -24.33
C SER H 272 -56.68 0.98 -24.87
N CYS H 273 -55.65 1.27 -25.67
CA CYS H 273 -55.47 2.59 -26.28
C CYS H 273 -55.24 2.39 -27.77
N ARG H 274 -56.33 2.26 -28.53
CA ARG H 274 -56.24 2.23 -29.98
C ARG H 274 -56.05 3.62 -30.55
N LYS H 275 -56.72 4.60 -29.95
CA LYS H 275 -56.60 5.99 -30.38
C LYS H 275 -55.42 6.63 -29.66
N ASN H 276 -55.29 7.95 -29.75
CA ASN H 276 -54.18 8.66 -29.13
C ASN H 276 -54.40 8.72 -27.63
N ARG H 277 -54.18 7.59 -26.97
CA ARG H 277 -54.29 7.46 -25.53
C ARG H 277 -53.04 6.76 -25.01
N CYS H 278 -52.99 6.59 -23.69
CA CYS H 278 -51.93 5.84 -23.03
C CYS H 278 -50.55 6.34 -23.45
N ASN H 279 -50.41 7.65 -23.56
CA ASN H 279 -49.14 8.22 -23.98
C ASN H 279 -48.09 8.02 -22.90
N ASN H 280 -46.82 8.18 -23.31
CA ASN H 280 -45.70 8.02 -22.41
C ASN H 280 -45.72 9.07 -21.32
N MET H 281 -44.89 8.91 -20.30
CA MET H 281 -44.75 9.87 -19.21
C MET H 281 -43.28 10.23 -19.06
N GLY H 282 -43.01 11.50 -18.83
CA GLY H 282 -41.65 11.99 -18.69
C GLY H 282 -41.22 12.83 -19.88
N TYR H 283 -39.91 12.85 -20.11
CA TYR H 283 -39.36 13.65 -21.20
C TYR H 283 -39.84 13.15 -22.55
N GLU H 284 -39.90 11.84 -22.74
CA GLU H 284 -40.31 11.26 -24.00
C GLU H 284 -41.81 11.24 -24.20
N ILE H 285 -42.55 12.02 -23.41
CA ILE H 285 -43.99 12.15 -23.62
C ILE H 285 -44.26 12.61 -25.04
N ASN H 286 -45.35 12.10 -25.61
CA ASN H 286 -45.76 12.49 -26.95
C ASN H 286 -46.62 13.75 -26.88
N LYS H 287 -46.19 14.78 -27.60
CA LYS H 287 -46.92 16.04 -27.61
C LYS H 287 -48.27 15.85 -28.30
N VAL H 288 -49.34 16.15 -27.58
CA VAL H 288 -50.70 15.94 -28.08
C VAL H 288 -51.59 17.01 -27.49
N ARG H 289 -52.65 17.35 -28.23
CA ARG H 289 -53.66 18.29 -27.78
C ARG H 289 -54.98 17.56 -27.59
N ALA H 290 -55.72 17.96 -26.56
CA ALA H 290 -57.00 17.34 -26.23
C ALA H 290 -58.07 18.42 -26.16
N LYS H 291 -59.30 18.01 -26.45
CA LYS H 291 -60.42 18.95 -26.41
C LYS H 291 -60.80 19.32 -24.98
N ARG H 292 -60.29 18.60 -23.98
CA ARG H 292 -60.63 18.86 -22.60
C ARG H 292 -59.59 18.21 -21.71
N SER H 293 -59.80 18.33 -20.39
CA SER H 293 -58.94 17.66 -19.44
C SER H 293 -58.95 16.16 -19.67
N SER H 294 -57.76 15.56 -19.69
CA SER H 294 -57.59 14.13 -19.94
C SER H 294 -56.83 13.52 -18.77
N LYS H 295 -57.55 12.91 -17.85
CA LYS H 295 -56.93 12.25 -16.72
C LYS H 295 -56.22 10.97 -17.17
N MET H 296 -55.31 10.49 -16.33
CA MET H 296 -54.56 9.28 -16.61
C MET H 296 -54.20 8.62 -15.29
N TYR H 297 -53.73 7.38 -15.37
CA TYR H 297 -53.39 6.60 -14.19
C TYR H 297 -52.31 5.61 -14.53
N LEU H 298 -51.64 5.11 -13.50
CA LEU H 298 -50.65 4.04 -13.63
C LEU H 298 -50.20 3.65 -12.22
N LYS H 299 -49.27 2.71 -12.17
CA LYS H 299 -48.67 2.27 -10.92
C LYS H 299 -47.16 2.39 -11.02
N THR H 300 -46.47 1.93 -9.99
CA THR H 300 -45.02 2.10 -9.92
C THR H 300 -44.44 1.17 -8.87
N ARG H 301 -43.13 0.98 -8.96
CA ARG H 301 -42.39 0.24 -7.95
C ARG H 301 -42.13 1.15 -6.75
N SER H 302 -41.24 0.72 -5.85
CA SER H 302 -41.05 1.47 -4.63
C SER H 302 -40.31 2.78 -4.86
N GLN H 303 -39.02 2.73 -5.19
CA GLN H 303 -38.29 3.97 -5.44
C GLN H 303 -37.37 3.97 -6.66
N MET H 304 -36.61 2.90 -6.87
CA MET H 304 -35.46 3.07 -7.74
C MET H 304 -35.83 2.99 -9.23
N PRO H 305 -36.33 1.85 -9.75
CA PRO H 305 -36.49 1.77 -11.21
C PRO H 305 -37.85 2.27 -11.68
N TYR H 306 -38.85 2.14 -10.80
CA TYR H 306 -40.23 2.35 -11.22
C TYR H 306 -40.51 1.48 -12.44
N LYS H 307 -41.30 1.96 -13.39
CA LYS H 307 -41.49 1.28 -14.67
C LYS H 307 -42.05 -0.12 -14.44
N VAL H 308 -43.30 -0.15 -14.00
CA VAL H 308 -44.01 -1.39 -13.78
C VAL H 308 -44.90 -1.67 -14.99
N PHE H 309 -45.42 -2.89 -15.07
CA PHE H 309 -46.25 -3.32 -16.16
C PHE H 309 -47.73 -3.25 -15.77
N HIS H 310 -48.60 -3.73 -16.64
CA HIS H 310 -50.03 -3.78 -16.39
C HIS H 310 -50.63 -4.93 -17.18
N TYR H 311 -51.28 -5.86 -16.48
CA TYR H 311 -51.76 -7.11 -17.08
C TYR H 311 -53.18 -7.42 -16.62
N GLN H 312 -54.09 -6.45 -16.75
CA GLN H 312 -55.44 -6.63 -16.24
C GLN H 312 -56.04 -7.93 -16.75
N VAL H 313 -56.96 -8.48 -15.97
CA VAL H 313 -57.47 -9.84 -16.19
C VAL H 313 -58.99 -9.83 -16.14
N LYS H 314 -59.59 -10.81 -16.83
CA LYS H 314 -61.01 -11.10 -16.76
C LYS H 314 -61.21 -12.57 -16.43
N ILE H 315 -62.28 -12.86 -15.70
CA ILE H 315 -62.63 -14.23 -15.31
C ILE H 315 -64.07 -14.51 -15.71
N HIS H 316 -64.29 -15.64 -16.37
CA HIS H 316 -65.62 -16.10 -16.70
C HIS H 316 -66.07 -17.16 -15.71
N PHE H 317 -66.29 -16.71 -14.47
CA PHE H 317 -66.77 -17.59 -13.43
C PHE H 317 -68.07 -18.27 -13.87
N SER H 318 -68.11 -19.60 -13.72
CA SER H 318 -69.31 -20.35 -14.08
C SER H 318 -69.29 -21.65 -13.30
N GLY H 319 -70.09 -21.73 -12.24
CA GLY H 319 -70.13 -22.90 -11.40
C GLY H 319 -71.54 -23.39 -11.15
N THR H 320 -71.68 -24.34 -10.22
CA THR H 320 -72.97 -24.95 -9.90
C THR H 320 -73.60 -24.33 -8.66
N GLU H 321 -72.87 -24.28 -7.56
CA GLU H 321 -73.41 -23.76 -6.32
C GLU H 321 -73.59 -22.26 -6.42
N SER H 322 -74.77 -21.76 -6.05
CA SER H 322 -75.15 -20.38 -6.29
C SER H 322 -75.22 -19.55 -5.00
N ASN H 323 -74.40 -19.86 -4.01
CA ASN H 323 -74.33 -19.08 -2.78
C ASN H 323 -73.30 -17.97 -2.98
N THR H 324 -73.77 -16.73 -3.11
CA THR H 324 -72.87 -15.62 -3.34
C THR H 324 -72.02 -15.34 -2.12
N TYR H 325 -70.77 -14.95 -2.38
CA TYR H 325 -69.82 -14.56 -1.33
C TYR H 325 -69.25 -13.19 -1.66
N THR H 326 -68.73 -12.54 -0.63
CA THR H 326 -68.24 -11.17 -0.76
C THR H 326 -66.95 -11.00 0.04
N ASN H 327 -66.17 -10.01 -0.36
CA ASN H 327 -64.93 -9.64 0.33
C ASN H 327 -64.03 -10.85 0.53
N GLN H 328 -63.60 -11.41 -0.59
CA GLN H 328 -62.70 -12.56 -0.61
C GLN H 328 -61.40 -12.18 -1.31
N ALA H 329 -60.32 -12.82 -0.88
CA ALA H 329 -58.98 -12.52 -1.39
C ALA H 329 -58.58 -13.58 -2.39
N PHE H 330 -58.21 -13.13 -3.60
CA PHE H 330 -57.71 -14.02 -4.64
C PHE H 330 -56.21 -13.81 -4.79
N GLU H 331 -55.47 -14.92 -4.84
CA GLU H 331 -54.03 -14.89 -5.06
C GLU H 331 -53.75 -15.60 -6.37
N ILE H 332 -52.93 -14.97 -7.21
CA ILE H 332 -52.53 -15.55 -8.49
C ILE H 332 -51.04 -15.33 -8.68
N SER H 333 -50.48 -16.10 -9.60
CA SER H 333 -49.08 -15.98 -9.97
C SER H 333 -48.93 -16.37 -11.44
N LEU H 334 -47.87 -15.87 -12.06
CA LEU H 334 -47.66 -16.05 -13.48
C LEU H 334 -46.20 -16.34 -13.77
N TYR H 335 -45.96 -17.11 -14.83
CA TYR H 335 -44.63 -17.45 -15.30
C TYR H 335 -44.56 -17.15 -16.79
N GLY H 336 -43.40 -16.64 -17.23
CA GLY H 336 -43.23 -16.18 -18.59
C GLY H 336 -42.02 -16.77 -19.28
N THR H 337 -41.33 -15.90 -20.03
CA THR H 337 -40.17 -16.30 -20.81
C THR H 337 -38.92 -15.49 -20.48
N VAL H 338 -39.00 -14.60 -19.49
CA VAL H 338 -37.84 -13.83 -19.04
C VAL H 338 -37.66 -13.97 -17.53
N ALA H 339 -38.72 -13.73 -16.77
CA ALA H 339 -38.72 -13.94 -15.33
C ALA H 339 -40.13 -14.33 -14.92
N GLU H 340 -40.40 -14.36 -13.62
CA GLU H 340 -41.70 -14.78 -13.13
C GLU H 340 -41.93 -14.25 -11.72
N SER H 341 -43.15 -13.81 -11.47
CA SER H 341 -43.59 -13.48 -10.13
C SER H 341 -44.14 -14.72 -9.45
N GLU H 342 -44.20 -14.70 -8.11
CA GLU H 342 -44.50 -15.89 -7.35
C GLU H 342 -45.79 -15.80 -6.54
N ASN H 343 -45.93 -14.77 -5.70
CA ASN H 343 -47.00 -14.73 -4.72
C ASN H 343 -47.68 -13.37 -4.69
N ILE H 344 -48.05 -12.85 -5.86
CA ILE H 344 -48.71 -11.55 -5.93
C ILE H 344 -50.20 -11.72 -5.60
N PRO H 345 -50.73 -11.01 -4.61
CA PRO H 345 -52.16 -11.13 -4.29
C PRO H 345 -52.99 -10.05 -4.97
N PHE H 346 -54.31 -10.18 -4.80
CA PHE H 346 -55.23 -9.13 -5.20
C PHE H 346 -56.59 -9.43 -4.58
N THR H 347 -57.51 -8.48 -4.71
CA THR H 347 -58.81 -8.54 -4.06
C THR H 347 -59.92 -8.41 -5.08
N LEU H 348 -61.04 -9.09 -4.81
CA LEU H 348 -62.20 -9.06 -5.68
C LEU H 348 -63.45 -9.43 -4.89
N PRO H 349 -64.20 -8.46 -4.37
CA PRO H 349 -65.41 -8.79 -3.62
C PRO H 349 -66.57 -9.19 -4.53
N GLU H 350 -67.74 -9.37 -3.94
CA GLU H 350 -69.00 -9.55 -4.68
C GLU H 350 -68.90 -10.66 -5.72
N VAL H 351 -68.22 -11.75 -5.35
CA VAL H 351 -68.08 -12.89 -6.24
C VAL H 351 -69.42 -13.59 -6.38
N SER H 352 -69.76 -13.96 -7.62
CA SER H 352 -71.02 -14.63 -7.89
C SER H 352 -70.79 -15.74 -8.92
N THR H 353 -71.88 -16.23 -9.51
CA THR H 353 -71.82 -17.30 -10.49
C THR H 353 -72.45 -16.85 -11.80
N ASN H 354 -72.13 -17.59 -12.87
CA ASN H 354 -72.63 -17.29 -14.21
C ASN H 354 -72.34 -15.85 -14.60
N LYS H 355 -71.35 -15.24 -13.96
CA LYS H 355 -71.04 -13.83 -14.15
C LYS H 355 -69.55 -13.67 -14.42
N THR H 356 -69.22 -12.62 -15.16
CA THR H 356 -67.83 -12.33 -15.51
C THR H 356 -67.34 -11.14 -14.68
N TYR H 357 -66.09 -11.23 -14.24
CA TYR H 357 -65.47 -10.22 -13.42
C TYR H 357 -64.15 -9.80 -14.06
N SER H 358 -63.55 -8.75 -13.50
CA SER H 358 -62.28 -8.26 -14.00
C SER H 358 -61.60 -7.48 -12.88
N PHE H 359 -60.30 -7.28 -13.03
CA PHE H 359 -59.53 -6.53 -12.06
C PHE H 359 -58.22 -6.11 -12.71
N LEU H 360 -57.48 -5.28 -11.97
CA LEU H 360 -56.19 -4.78 -12.43
C LEU H 360 -55.08 -5.43 -11.60
N LEU H 361 -54.05 -5.91 -12.28
CA LEU H 361 -52.88 -6.48 -11.64
C LEU H 361 -51.64 -5.76 -12.15
N TYR H 362 -50.64 -5.65 -11.28
CA TYR H 362 -49.36 -5.06 -11.64
C TYR H 362 -48.22 -5.94 -11.13
N THR H 363 -47.15 -5.97 -11.91
CA THR H 363 -45.92 -6.65 -11.53
C THR H 363 -44.76 -5.70 -11.75
N GLU H 364 -43.67 -5.96 -11.05
CA GLU H 364 -42.51 -5.08 -11.04
C GLU H 364 -41.28 -5.74 -11.65
N VAL H 365 -41.48 -6.76 -12.49
CA VAL H 365 -40.39 -7.45 -13.15
C VAL H 365 -40.80 -7.73 -14.59
N ASP H 366 -39.86 -7.58 -15.52
CA ASP H 366 -40.14 -7.88 -16.92
C ASP H 366 -40.37 -9.37 -17.10
N ILE H 367 -41.38 -9.71 -17.90
CA ILE H 367 -41.79 -11.10 -18.08
C ILE H 367 -41.84 -11.46 -19.55
N GLY H 368 -41.95 -10.45 -20.41
CA GLY H 368 -42.18 -10.73 -21.82
C GLY H 368 -43.49 -11.48 -21.99
N GLU H 369 -43.43 -12.62 -22.67
CA GLU H 369 -44.61 -13.45 -22.84
C GLU H 369 -44.94 -14.17 -21.54
N LEU H 370 -46.08 -14.86 -21.53
CA LEU H 370 -46.57 -15.54 -20.35
C LEU H 370 -47.17 -16.87 -20.76
N LEU H 371 -46.77 -17.94 -20.05
CA LEU H 371 -47.14 -19.30 -20.42
C LEU H 371 -48.26 -19.85 -19.55
N MET H 372 -48.04 -19.91 -18.24
CA MET H 372 -48.98 -20.55 -17.32
C MET H 372 -49.34 -19.58 -16.20
N LEU H 373 -50.38 -19.95 -15.46
CA LEU H 373 -50.97 -19.07 -14.47
C LEU H 373 -51.34 -19.86 -13.22
N LYS H 374 -51.39 -19.15 -12.09
CA LYS H 374 -51.79 -19.72 -10.81
C LYS H 374 -53.00 -18.97 -10.30
N LEU H 375 -53.94 -19.69 -9.68
CA LEU H 375 -55.20 -19.11 -9.26
C LEU H 375 -55.59 -19.60 -7.87
N LYS H 376 -54.64 -19.56 -6.94
CA LYS H 376 -54.91 -20.00 -5.58
C LYS H 376 -55.93 -19.09 -4.92
N TRP H 377 -56.73 -19.67 -4.02
CA TRP H 377 -57.75 -18.94 -3.28
C TRP H 377 -57.49 -19.14 -1.79
N ILE H 378 -57.19 -18.05 -1.11
CA ILE H 378 -56.62 -18.12 0.23
C ILE H 378 -57.73 -18.17 1.27
N SER H 379 -57.36 -18.58 2.49
CA SER H 379 -58.30 -18.70 3.59
C SER H 379 -57.56 -18.44 4.90
N ASP H 380 -58.33 -18.17 5.95
CA ASP H 380 -57.81 -17.95 7.29
C ASP H 380 -58.00 -19.18 8.18
N SER H 381 -58.18 -20.35 7.57
CA SER H 381 -58.34 -21.61 8.27
C SER H 381 -57.35 -22.64 7.77
N TYR H 382 -56.06 -22.27 7.75
CA TYR H 382 -55.02 -23.08 7.15
C TYR H 382 -55.06 -24.52 7.67
N PHE H 383 -55.28 -24.69 8.96
CA PHE H 383 -55.13 -26.00 9.57
C PHE H 383 -56.15 -26.98 9.00
N SER H 384 -55.99 -28.25 9.35
CA SER H 384 -56.78 -29.32 8.76
C SER H 384 -58.24 -29.32 9.21
N TRP H 385 -58.68 -28.31 9.96
CA TRP H 385 -60.10 -28.19 10.27
C TRP H 385 -60.92 -28.08 8.99
N SER H 386 -60.51 -27.18 8.09
CA SER H 386 -61.22 -26.92 6.85
C SER H 386 -60.50 -27.54 5.65
N ASN H 387 -59.91 -28.71 5.85
CA ASN H 387 -59.20 -29.42 4.80
C ASN H 387 -59.98 -30.61 4.23
N TRP H 388 -61.00 -31.08 4.92
CA TRP H 388 -61.84 -32.18 4.44
C TRP H 388 -63.27 -31.75 4.14
N TRP H 389 -63.99 -31.20 5.11
CA TRP H 389 -65.41 -30.95 4.92
C TRP H 389 -65.63 -29.97 3.79
N SER H 390 -66.75 -30.15 3.08
CA SER H 390 -67.00 -29.43 1.84
C SER H 390 -66.96 -27.93 2.07
N SER H 391 -65.97 -27.27 1.50
CA SER H 391 -65.85 -25.83 1.51
C SER H 391 -66.32 -25.26 0.17
N PRO H 392 -66.74 -24.00 0.14
CA PRO H 392 -67.27 -23.44 -1.11
C PRO H 392 -66.24 -23.51 -2.23
N GLY H 393 -66.73 -23.80 -3.44
CA GLY H 393 -65.88 -23.92 -4.60
C GLY H 393 -66.61 -23.51 -5.85
N PHE H 394 -65.84 -23.25 -6.90
CA PHE H 394 -66.37 -22.84 -8.19
C PHE H 394 -65.67 -23.62 -9.30
N ASP H 395 -66.07 -23.33 -10.53
CA ASP H 395 -65.44 -23.91 -11.71
C ASP H 395 -64.92 -22.80 -12.61
N ILE H 396 -63.79 -23.07 -13.26
CA ILE H 396 -63.12 -22.09 -14.11
C ILE H 396 -63.06 -22.63 -15.53
N GLY H 397 -63.42 -21.77 -16.48
CA GLY H 397 -63.34 -22.11 -17.88
C GLY H 397 -62.15 -21.45 -18.55
N LYS H 398 -62.40 -20.35 -19.23
CA LYS H 398 -61.35 -19.61 -19.93
C LYS H 398 -60.95 -18.38 -19.14
N ILE H 399 -59.81 -17.81 -19.53
CA ILE H 399 -59.30 -16.58 -18.92
C ILE H 399 -58.78 -15.67 -20.03
N ARG H 400 -59.06 -14.37 -19.90
CA ARG H 400 -58.85 -13.43 -20.99
C ARG H 400 -57.91 -12.31 -20.60
N VAL H 401 -56.76 -12.64 -20.01
CA VAL H 401 -55.79 -11.62 -19.66
C VAL H 401 -55.43 -10.82 -20.90
N LYS H 402 -55.06 -9.57 -20.71
CA LYS H 402 -54.71 -8.67 -21.79
C LYS H 402 -53.41 -7.96 -21.43
N ALA H 403 -52.39 -8.14 -22.25
CA ALA H 403 -51.12 -7.47 -22.02
C ALA H 403 -51.27 -5.97 -22.26
N GLY H 404 -50.66 -5.18 -21.40
CA GLY H 404 -50.81 -3.74 -21.46
C GLY H 404 -49.99 -3.08 -22.55
N GLU H 405 -48.66 -3.14 -22.43
CA GLU H 405 -47.80 -2.42 -23.36
C GLU H 405 -48.07 -2.86 -24.80
N THR H 406 -48.21 -4.16 -25.01
CA THR H 406 -48.57 -4.71 -26.31
C THR H 406 -49.96 -5.35 -26.19
N GLN H 407 -50.86 -4.95 -27.08
CA GLN H 407 -52.22 -5.47 -27.06
C GLN H 407 -52.22 -6.91 -27.52
N LYS H 408 -52.38 -7.84 -26.56
CA LYS H 408 -52.35 -9.27 -26.84
C LYS H 408 -53.51 -9.91 -26.08
N LYS H 409 -54.60 -10.22 -26.80
CA LYS H 409 -55.74 -10.89 -26.21
C LYS H 409 -55.48 -12.39 -26.09
N VAL H 410 -54.42 -12.73 -25.37
CA VAL H 410 -54.08 -14.13 -25.16
C VAL H 410 -55.20 -14.79 -24.37
N ILE H 411 -55.66 -15.93 -24.85
CA ILE H 411 -56.80 -16.64 -24.27
C ILE H 411 -56.24 -17.78 -23.44
N PHE H 412 -56.16 -17.57 -22.13
CA PHE H 412 -55.87 -18.68 -21.24
C PHE H 412 -57.06 -19.63 -21.18
N CYS H 413 -56.81 -20.82 -20.64
CA CYS H 413 -57.59 -21.99 -21.03
C CYS H 413 -57.45 -23.05 -19.95
N SER H 414 -58.53 -23.32 -19.23
CA SER H 414 -58.49 -24.36 -18.22
C SER H 414 -58.30 -25.73 -18.87
N ARG H 415 -57.79 -26.66 -18.09
CA ARG H 415 -57.56 -28.01 -18.60
C ARG H 415 -58.89 -28.72 -18.76
N GLU H 416 -58.83 -29.96 -19.24
CA GLU H 416 -60.05 -30.69 -19.58
C GLU H 416 -61.04 -30.72 -18.42
N LYS H 417 -60.58 -31.14 -17.24
CA LYS H 417 -61.47 -31.24 -16.09
C LYS H 417 -60.81 -30.86 -14.77
N MET H 418 -59.54 -30.46 -14.80
CA MET H 418 -58.72 -30.46 -13.59
C MET H 418 -58.66 -29.05 -12.99
N SER H 419 -59.84 -28.46 -12.75
CA SER H 419 -59.84 -27.10 -12.23
C SER H 419 -60.53 -26.94 -10.87
N TYR H 420 -61.85 -27.10 -10.83
CA TYR H 420 -62.66 -27.06 -9.62
C TYR H 420 -62.05 -26.18 -8.53
N LEU H 421 -61.84 -24.90 -8.81
CA LEU H 421 -61.21 -24.04 -7.81
C LEU H 421 -62.00 -24.11 -6.51
N GLN H 422 -61.29 -24.27 -5.40
CA GLN H 422 -61.90 -24.40 -4.08
C GLN H 422 -61.09 -23.63 -3.05
N LYS H 423 -61.76 -23.18 -2.01
CA LYS H 423 -61.09 -22.48 -0.92
C LYS H 423 -60.09 -23.41 -0.24
N GLY H 424 -58.97 -22.82 0.20
CA GLY H 424 -57.98 -23.60 0.92
C GLY H 424 -57.50 -24.80 0.13
N LYS H 425 -57.24 -24.60 -1.15
CA LYS H 425 -56.85 -25.68 -2.04
C LYS H 425 -55.71 -25.22 -2.94
N SER H 426 -55.06 -26.19 -3.56
CA SER H 426 -53.98 -25.88 -4.48
C SER H 426 -54.54 -25.04 -5.63
N PRO H 427 -53.74 -24.15 -6.21
CA PRO H 427 -54.21 -23.34 -7.33
C PRO H 427 -54.60 -24.22 -8.51
N VAL H 428 -55.13 -23.56 -9.54
CA VAL H 428 -55.52 -24.22 -10.78
C VAL H 428 -54.60 -23.74 -11.88
N ILE H 429 -53.98 -24.68 -12.59
CA ILE H 429 -53.05 -24.34 -13.65
C ILE H 429 -53.81 -23.93 -14.91
N PHE H 430 -53.17 -23.10 -15.72
CA PHE H 430 -53.70 -22.70 -17.01
C PHE H 430 -52.54 -22.56 -17.99
N VAL H 431 -52.87 -22.57 -19.28
CA VAL H 431 -51.88 -22.58 -20.34
C VAL H 431 -52.39 -21.76 -21.51
N LYS H 432 -51.48 -21.49 -22.46
CA LYS H 432 -51.85 -20.84 -23.71
C LYS H 432 -52.62 -21.82 -24.59
N CYS H 433 -53.57 -21.29 -25.36
CA CYS H 433 -54.62 -22.12 -25.92
C CYS H 433 -55.29 -21.39 -27.07
N HIS H 434 -56.16 -22.12 -27.76
CA HIS H 434 -57.00 -21.53 -28.80
C HIS H 434 -56.16 -21.07 -29.98
N ASP I 1 2.42 -74.19 27.99
CA ASP I 1 1.64 -74.27 26.77
C ASP I 1 1.16 -72.88 26.35
N PHE I 2 1.99 -71.88 26.60
CA PHE I 2 1.68 -70.49 26.26
C PHE I 2 2.91 -69.81 25.67
N ARG I 3 3.62 -70.54 24.81
CA ARG I 3 4.82 -70.03 24.16
C ARG I 3 4.68 -69.91 22.65
N ASP I 4 3.54 -70.34 22.08
CA ASP I 4 3.28 -70.25 20.66
C ASP I 4 2.21 -69.20 20.36
N ILE I 5 2.20 -68.13 21.16
CA ILE I 5 1.15 -67.12 21.04
C ILE I 5 1.36 -66.28 19.79
N GLU I 6 2.48 -65.56 19.72
CA GLU I 6 2.86 -64.79 18.54
C GLU I 6 1.74 -63.84 18.11
N SER I 7 0.89 -63.44 19.05
CA SER I 7 -0.18 -62.48 18.77
C SER I 7 -0.47 -61.75 20.08
N LYS I 8 0.07 -60.55 20.20
CA LYS I 8 -0.04 -59.81 21.45
C LYS I 8 -1.41 -59.17 21.59
N PHE I 9 -2.00 -59.32 22.77
CA PHE I 9 -3.30 -58.75 23.11
C PHE I 9 -3.05 -57.42 23.82
N ALA I 10 -3.57 -56.34 23.23
CA ALA I 10 -3.41 -55.03 23.81
C ALA I 10 -4.64 -54.65 24.63
N LEU I 11 -4.53 -53.55 25.37
CA LEU I 11 -5.62 -53.08 26.22
C LEU I 11 -5.53 -51.56 26.29
N ARG I 12 -6.29 -50.89 25.44
CA ARG I 12 -6.29 -49.43 25.42
C ARG I 12 -7.24 -48.89 26.48
N THR I 13 -7.22 -47.58 26.63
CA THR I 13 -8.08 -46.86 27.56
C THR I 13 -8.61 -45.60 26.92
N PRO I 14 -9.67 -45.01 27.46
CA PRO I 14 -10.26 -43.82 26.84
C PRO I 14 -9.26 -42.69 26.61
N GLU I 15 -8.29 -42.55 27.51
CA GLU I 15 -7.31 -41.48 27.35
C GLU I 15 -6.31 -41.79 26.24
N ASP I 16 -6.20 -43.06 25.84
CA ASP I 16 -5.28 -43.47 24.78
C ASP I 16 -5.99 -44.49 23.89
N THR I 17 -6.52 -44.01 22.77
CA THR I 17 -7.25 -44.86 21.82
C THR I 17 -6.46 -45.05 20.53
N ALA I 18 -5.16 -44.72 20.56
CA ALA I 18 -4.33 -44.79 19.37
C ALA I 18 -3.21 -45.81 19.49
N GLU I 19 -2.42 -45.71 20.57
CA GLU I 19 -1.23 -46.53 20.74
C GLU I 19 -1.47 -47.61 21.79
N ASP I 20 -1.08 -48.83 21.47
CA ASP I 20 -1.18 -49.92 22.44
C ASP I 20 -0.13 -49.74 23.52
N THR I 21 -0.59 -49.70 24.78
CA THR I 21 0.28 -49.44 25.91
C THR I 21 0.57 -50.70 26.72
N CYS I 22 -0.40 -51.61 26.82
CA CYS I 22 -0.27 -52.79 27.65
C CYS I 22 -0.04 -54.01 26.78
N HIS I 23 0.25 -55.14 27.44
CA HIS I 23 0.44 -56.42 26.74
C HIS I 23 0.00 -57.53 27.69
N LEU I 24 -1.24 -57.98 27.54
CA LEU I 24 -1.80 -59.02 28.39
C LEU I 24 -1.28 -60.38 27.93
N ILE I 25 -0.06 -60.69 28.35
CA ILE I 25 0.56 -61.95 27.91
C ILE I 25 -0.20 -63.13 28.54
N PRO I 26 -0.66 -64.09 27.74
CA PRO I 26 -1.35 -65.24 28.33
C PRO I 26 -0.44 -66.01 29.28
N GLY I 27 -1.03 -66.56 30.33
CA GLY I 27 -0.29 -67.33 31.31
C GLY I 27 0.39 -66.46 32.34
N VAL I 28 1.03 -65.38 31.90
CA VAL I 28 1.72 -64.46 32.80
C VAL I 28 0.65 -63.55 33.40
N THR I 29 0.23 -63.88 34.62
CA THR I 29 -0.84 -63.13 35.25
C THR I 29 -0.44 -61.71 35.61
N GLU I 30 0.85 -61.40 35.54
CA GLU I 30 1.33 -60.10 36.00
C GLU I 30 0.69 -58.97 35.21
N SER I 31 0.40 -59.20 33.93
CA SER I 31 -0.11 -58.13 33.08
C SER I 31 -1.49 -57.66 33.56
N VAL I 32 -2.30 -58.59 34.05
CA VAL I 32 -3.65 -58.24 34.50
C VAL I 32 -3.57 -57.23 35.63
N ALA I 33 -2.68 -57.47 36.59
CA ALA I 33 -2.51 -56.52 37.68
C ALA I 33 -1.82 -55.25 37.20
N ASN I 34 -0.91 -55.38 36.23
CA ASN I 34 -0.20 -54.21 35.73
C ASN I 34 -1.17 -53.21 35.12
N CYS I 35 -2.14 -53.70 34.34
CA CYS I 35 -3.10 -52.84 33.67
C CYS I 35 -4.49 -53.14 34.20
N HIS I 36 -5.17 -52.10 34.67
CA HIS I 36 -6.45 -52.28 35.34
C HIS I 36 -7.44 -53.01 34.44
N PHE I 37 -8.16 -53.96 35.04
CA PHE I 37 -9.09 -54.82 34.31
C PHE I 37 -10.27 -55.11 35.23
N ASN I 38 -11.35 -54.35 35.07
CA ASN I 38 -12.53 -54.53 35.91
C ASN I 38 -13.16 -55.87 35.59
N HIS I 39 -12.94 -56.85 36.47
CA HIS I 39 -13.43 -58.21 36.25
C HIS I 39 -14.94 -58.31 36.37
N SER I 40 -15.61 -57.25 36.85
CA SER I 40 -17.06 -57.28 36.97
C SER I 40 -17.75 -56.84 35.69
N SER I 41 -17.16 -55.88 34.99
CA SER I 41 -17.83 -55.25 33.86
C SER I 41 -17.63 -56.07 32.58
N LYS I 42 -18.32 -55.65 31.53
CA LYS I 42 -18.25 -56.30 30.24
C LYS I 42 -16.92 -55.94 29.54
N THR I 43 -16.48 -56.81 28.66
CA THR I 43 -15.19 -56.61 27.99
C THR I 43 -15.29 -57.04 26.53
N PHE I 44 -15.07 -56.10 25.63
CA PHE I 44 -15.13 -56.38 24.21
C PHE I 44 -13.78 -56.87 23.70
N VAL I 45 -13.80 -57.45 22.50
CA VAL I 45 -12.59 -57.92 21.84
C VAL I 45 -12.66 -57.57 20.36
N VAL I 46 -11.86 -56.61 19.94
CA VAL I 46 -11.84 -56.18 18.54
C VAL I 46 -10.81 -57.00 17.79
N ILE I 47 -11.21 -57.53 16.65
CA ILE I 47 -10.35 -58.33 15.80
C ILE I 47 -10.38 -57.70 14.41
N HIS I 48 -9.36 -56.90 14.11
CA HIS I 48 -9.27 -56.31 12.79
C HIS I 48 -8.85 -57.37 11.78
N GLY I 49 -8.66 -56.92 10.54
CA GLY I 49 -8.41 -57.85 9.44
C GLY I 49 -7.20 -57.51 8.60
N TRP I 50 -7.18 -58.03 7.38
CA TRP I 50 -6.01 -57.92 6.53
C TRP I 50 -5.72 -56.46 6.22
N THR I 51 -4.43 -56.13 6.20
CA THR I 51 -4.00 -54.77 5.90
C THR I 51 -2.74 -54.83 5.06
N VAL I 52 -2.76 -54.15 3.92
CA VAL I 52 -1.59 -54.08 3.06
C VAL I 52 -0.45 -53.38 3.79
N THR I 53 -0.77 -52.38 4.60
CA THR I 53 0.24 -51.67 5.37
C THR I 53 0.63 -52.51 6.60
N GLY I 54 1.53 -51.94 7.40
CA GLY I 54 1.99 -52.62 8.60
C GLY I 54 1.48 -51.95 9.87
N MET I 55 0.23 -51.50 9.84
CA MET I 55 -0.35 -50.82 10.98
C MET I 55 -1.86 -50.97 10.95
N TYR I 56 -2.48 -50.65 12.08
CA TYR I 56 -3.92 -50.75 12.21
C TYR I 56 -4.61 -49.82 11.23
N GLU I 57 -5.75 -50.25 10.72
CA GLU I 57 -6.54 -49.39 9.84
C GLU I 57 -7.00 -48.14 10.59
N SER I 58 -7.58 -47.21 9.84
CA SER I 58 -7.91 -45.90 10.38
C SER I 58 -9.19 -45.89 11.20
N TRP I 59 -9.92 -47.00 11.25
CA TRP I 59 -11.23 -47.03 11.91
C TRP I 59 -11.16 -47.52 13.36
N VAL I 60 -10.12 -48.25 13.72
CA VAL I 60 -10.02 -48.79 15.07
C VAL I 60 -10.09 -47.70 16.13
N PRO I 61 -9.37 -46.59 16.02
CA PRO I 61 -9.45 -45.57 17.08
C PRO I 61 -10.85 -45.04 17.29
N LYS I 62 -11.54 -44.72 16.20
CA LYS I 62 -12.91 -44.22 16.33
C LYS I 62 -13.82 -45.28 16.93
N LEU I 63 -13.68 -46.53 16.50
CA LEU I 63 -14.50 -47.60 17.04
C LEU I 63 -14.31 -47.71 18.55
N VAL I 64 -13.07 -47.74 19.00
CA VAL I 64 -12.81 -47.96 20.42
C VAL I 64 -13.26 -46.75 21.23
N ALA I 65 -13.05 -45.55 20.69
CA ALA I 65 -13.50 -44.35 21.39
C ALA I 65 -15.01 -44.37 21.58
N ALA I 66 -15.74 -44.74 20.52
CA ALA I 66 -17.20 -44.80 20.63
C ALA I 66 -17.62 -45.92 21.58
N LEU I 67 -16.87 -47.02 21.60
CA LEU I 67 -17.20 -48.11 22.50
C LEU I 67 -17.10 -47.65 23.95
N TYR I 68 -16.03 -46.94 24.28
CA TYR I 68 -15.91 -46.38 25.63
C TYR I 68 -17.01 -45.36 25.90
N LYS I 69 -17.32 -44.52 24.92
CA LYS I 69 -18.39 -43.55 25.10
C LYS I 69 -19.70 -44.25 25.47
N ARG I 70 -20.00 -45.35 24.79
CA ARG I 70 -21.26 -46.05 25.03
C ARG I 70 -21.24 -46.79 26.36
N GLU I 71 -20.16 -47.51 26.66
CA GLU I 71 -20.09 -48.36 27.85
C GLU I 71 -18.80 -48.06 28.60
N PRO I 72 -18.78 -47.00 29.40
CA PRO I 72 -17.59 -46.70 30.21
C PRO I 72 -17.34 -47.77 31.25
N ASP I 73 -16.14 -47.71 31.84
CA ASP I 73 -15.73 -48.67 32.86
C ASP I 73 -15.86 -50.10 32.35
N SER I 74 -15.49 -50.28 31.09
CA SER I 74 -15.53 -51.59 30.46
C SER I 74 -14.24 -51.80 29.68
N ASN I 75 -13.62 -52.95 29.85
CA ASN I 75 -12.31 -53.20 29.26
C ASN I 75 -12.44 -53.44 27.76
N VAL I 76 -11.36 -53.15 27.05
CA VAL I 76 -11.27 -53.35 25.61
C VAL I 76 -9.96 -54.05 25.30
N ILE I 77 -10.01 -55.06 24.44
CA ILE I 77 -8.83 -55.83 24.05
C ILE I 77 -8.68 -55.72 22.55
N VAL I 78 -7.44 -55.52 22.11
CA VAL I 78 -7.10 -55.48 20.69
C VAL I 78 -6.03 -56.53 20.42
N VAL I 79 -6.04 -57.05 19.20
CA VAL I 79 -5.13 -58.10 18.78
C VAL I 79 -4.09 -57.50 17.84
N ASP I 80 -3.08 -58.32 17.51
CA ASP I 80 -1.92 -57.86 16.77
C ASP I 80 -1.71 -58.71 15.52
N TRP I 81 -2.75 -58.82 14.70
CA TRP I 81 -2.67 -59.50 13.41
C TRP I 81 -1.35 -59.21 12.70
N LEU I 82 -0.83 -58.02 12.87
CA LEU I 82 0.41 -57.62 12.22
C LEU I 82 1.48 -58.68 12.45
N SER I 83 2.42 -58.77 11.50
CA SER I 83 3.49 -59.76 11.43
C SER I 83 3.00 -61.07 10.83
N ARG I 84 1.70 -61.28 10.72
CA ARG I 84 1.13 -62.46 10.10
C ARG I 84 0.16 -62.11 8.99
N ALA I 85 -0.59 -61.02 9.13
CA ALA I 85 -1.55 -60.63 8.09
C ALA I 85 -0.86 -59.99 6.90
N GLN I 86 0.30 -59.37 7.11
CA GLN I 86 0.99 -58.72 6.00
C GLN I 86 1.32 -59.72 4.90
N GLN I 87 1.38 -61.01 5.24
CA GLN I 87 1.74 -62.03 4.27
C GLN I 87 0.65 -62.12 3.20
N HIS I 88 0.88 -62.98 2.22
CA HIS I 88 -0.08 -63.18 1.15
C HIS I 88 -1.45 -63.47 1.72
N TYR I 89 -2.48 -62.97 1.03
CA TYR I 89 -3.84 -63.05 1.55
C TYR I 89 -4.25 -64.48 1.85
N PRO I 90 -4.06 -65.45 0.95
CA PRO I 90 -4.35 -66.84 1.32
C PRO I 90 -3.62 -67.30 2.57
N VAL I 91 -2.39 -66.83 2.77
CA VAL I 91 -1.66 -67.19 3.98
C VAL I 91 -2.42 -66.72 5.22
N SER I 92 -3.04 -65.54 5.13
CA SER I 92 -3.88 -65.07 6.23
C SER I 92 -5.10 -65.96 6.40
N ALA I 93 -5.66 -66.41 5.28
CA ALA I 93 -6.79 -67.33 5.35
C ALA I 93 -6.41 -68.59 6.11
N GLY I 94 -5.21 -69.10 5.87
CA GLY I 94 -4.73 -70.25 6.62
C GLY I 94 -4.47 -69.92 8.08
N TYR I 95 -3.86 -68.75 8.34
CA TYR I 95 -3.48 -68.36 9.68
C TYR I 95 -4.69 -67.98 10.54
N THR I 96 -5.87 -67.83 9.93
CA THR I 96 -7.07 -67.63 10.72
C THR I 96 -7.22 -68.72 11.76
N LYS I 97 -6.88 -69.96 11.40
CA LYS I 97 -7.01 -71.06 12.34
C LYS I 97 -6.06 -70.88 13.52
N LEU I 98 -4.83 -70.47 13.24
CA LEU I 98 -3.86 -70.25 14.32
C LEU I 98 -4.32 -69.15 15.25
N VAL I 99 -4.81 -68.04 14.69
CA VAL I 99 -5.25 -66.93 15.53
C VAL I 99 -6.48 -67.34 16.33
N GLY I 100 -7.36 -68.14 15.74
CA GLY I 100 -8.53 -68.60 16.48
C GLY I 100 -8.14 -69.50 17.63
N GLN I 101 -7.20 -70.42 17.39
CA GLN I 101 -6.70 -71.25 18.48
C GLN I 101 -6.06 -70.39 19.56
N ASP I 102 -5.33 -69.36 19.16
CA ASP I 102 -4.68 -68.49 20.13
C ASP I 102 -5.70 -67.75 20.98
N VAL I 103 -6.75 -67.23 20.36
CA VAL I 103 -7.78 -66.51 21.10
C VAL I 103 -8.52 -67.45 22.02
N ALA I 104 -8.80 -68.67 21.55
CA ALA I 104 -9.46 -69.65 22.40
C ALA I 104 -8.60 -69.98 23.61
N LYS I 105 -7.30 -70.14 23.41
CA LYS I 105 -6.40 -70.39 24.53
C LYS I 105 -6.41 -69.21 25.50
N PHE I 106 -6.40 -67.99 24.96
CA PHE I 106 -6.45 -66.79 25.80
C PHE I 106 -7.69 -66.82 26.68
N MET I 107 -8.85 -67.04 26.07
CA MET I 107 -10.11 -66.99 26.81
C MET I 107 -10.19 -68.13 27.82
N ASN I 108 -9.70 -69.31 27.45
CA ASN I 108 -9.70 -70.44 28.38
C ASN I 108 -8.80 -70.16 29.57
N TRP I 109 -7.63 -69.57 29.32
CA TRP I 109 -6.74 -69.20 30.41
C TRP I 109 -7.40 -68.19 31.34
N MET I 110 -8.12 -67.23 30.75
CA MET I 110 -8.82 -66.25 31.58
C MET I 110 -9.89 -66.94 32.42
N ALA I 111 -10.68 -67.83 31.81
CA ALA I 111 -11.73 -68.52 32.52
C ALA I 111 -11.21 -69.52 33.53
N ASP I 112 -9.94 -69.90 33.44
CA ASP I 112 -9.32 -70.78 34.42
C ASP I 112 -8.74 -70.00 35.58
N GLU I 113 -7.89 -69.01 35.29
CA GLU I 113 -7.24 -68.26 36.36
C GLU I 113 -8.21 -67.34 37.07
N PHE I 114 -9.02 -66.59 36.33
CA PHE I 114 -9.91 -65.59 36.88
C PHE I 114 -11.39 -65.97 36.74
N ASN I 115 -11.69 -67.10 36.12
CA ASN I 115 -13.06 -67.55 35.91
C ASN I 115 -13.98 -66.39 35.51
N TYR I 116 -13.50 -65.52 34.64
CA TYR I 116 -14.31 -64.41 34.18
C TYR I 116 -15.53 -64.96 33.43
N PRO I 117 -16.74 -64.46 33.72
CA PRO I 117 -17.92 -64.99 33.03
C PRO I 117 -17.83 -64.77 31.54
N LEU I 118 -18.00 -65.85 30.77
CA LEU I 118 -17.92 -65.77 29.33
C LEU I 118 -19.12 -65.07 28.72
N GLY I 119 -20.14 -64.78 29.52
CA GLY I 119 -21.36 -64.19 29.01
C GLY I 119 -21.28 -62.68 28.94
N ASN I 120 -20.08 -62.13 29.01
CA ASN I 120 -19.89 -60.68 29.05
C ASN I 120 -18.77 -60.25 28.12
N VAL I 121 -18.64 -60.91 26.97
CA VAL I 121 -17.56 -60.63 26.03
C VAL I 121 -18.12 -60.65 24.61
N HIS I 122 -17.70 -59.67 23.81
CA HIS I 122 -18.03 -59.61 22.39
C HIS I 122 -16.76 -59.83 21.58
N LEU I 123 -16.86 -60.67 20.56
CA LEU I 123 -15.77 -60.88 19.61
C LEU I 123 -16.05 -60.07 18.35
N LEU I 124 -15.90 -58.76 18.45
CA LEU I 124 -16.13 -57.88 17.30
C LEU I 124 -15.17 -58.26 16.18
N GLY I 125 -15.74 -58.79 15.10
CA GLY I 125 -14.95 -59.27 13.99
C GLY I 125 -15.23 -58.49 12.72
N TYR I 126 -14.15 -58.12 12.04
CA TYR I 126 -14.21 -57.43 10.77
C TYR I 126 -13.42 -58.25 9.76
N SER I 127 -13.70 -58.03 8.48
CA SER I 127 -12.96 -58.64 7.39
C SER I 127 -12.67 -60.09 7.73
N LEU I 128 -11.40 -60.51 7.70
CA LEU I 128 -11.05 -61.86 8.11
C LEU I 128 -11.28 -62.07 9.61
N GLY I 129 -11.35 -60.98 10.36
CA GLY I 129 -11.46 -61.10 11.81
C GLY I 129 -12.75 -61.78 12.23
N ALA I 130 -13.82 -61.54 11.47
CA ALA I 130 -15.08 -62.19 11.79
C ALA I 130 -14.95 -63.70 11.70
N HIS I 131 -14.36 -64.20 10.61
CA HIS I 131 -14.17 -65.64 10.50
C HIS I 131 -13.20 -66.14 11.56
N ALA I 132 -12.20 -65.33 11.91
CA ALA I 132 -11.27 -65.72 12.96
C ALA I 132 -11.99 -65.93 14.28
N ALA I 133 -12.85 -65.00 14.65
CA ALA I 133 -13.63 -65.16 15.87
C ALA I 133 -14.56 -66.35 15.77
N GLY I 134 -15.19 -66.54 14.61
CA GLY I 134 -16.12 -67.65 14.47
C GLY I 134 -15.44 -68.99 14.68
N ILE I 135 -14.28 -69.18 14.05
CA ILE I 135 -13.51 -70.39 14.33
C ILE I 135 -13.06 -70.39 15.78
N ALA I 136 -12.93 -69.21 16.38
CA ALA I 136 -12.69 -69.11 17.81
C ALA I 136 -14.00 -69.28 18.56
N GLY I 137 -13.92 -69.34 19.88
CA GLY I 137 -15.09 -69.54 20.70
C GLY I 137 -15.58 -70.97 20.65
N SER I 138 -15.73 -71.50 19.43
CA SER I 138 -16.13 -72.90 19.27
C SER I 138 -15.22 -73.82 20.06
N LEU I 139 -13.92 -73.50 20.13
CA LEU I 139 -13.01 -74.28 20.96
C LEU I 139 -13.20 -73.98 22.44
N THR I 140 -13.75 -72.82 22.77
CA THR I 140 -13.99 -72.48 24.16
C THR I 140 -15.01 -73.42 24.77
N ASN I 141 -14.81 -73.73 26.05
CA ASN I 141 -15.69 -74.67 26.74
C ASN I 141 -17.03 -74.05 27.12
N LYS I 142 -17.04 -72.76 27.46
CA LYS I 142 -18.23 -72.11 28.00
C LYS I 142 -18.91 -71.19 26.99
N LYS I 143 -18.62 -71.34 25.70
CA LYS I 143 -19.29 -70.56 24.67
C LYS I 143 -19.11 -69.07 24.88
N VAL I 144 -19.71 -68.27 24.00
CA VAL I 144 -19.57 -66.81 24.04
C VAL I 144 -20.93 -66.19 23.79
N ASN I 145 -21.21 -65.09 24.48
CA ASN I 145 -22.49 -64.41 24.37
C ASN I 145 -22.71 -63.87 22.97
N ARG I 146 -21.88 -62.90 22.55
CA ARG I 146 -22.06 -62.22 21.28
C ARG I 146 -20.77 -62.32 20.46
N ILE I 147 -20.93 -62.55 19.17
CA ILE I 147 -19.80 -62.69 18.24
C ILE I 147 -20.02 -61.76 17.05
N THR I 148 -20.74 -60.66 17.28
CA THR I 148 -21.10 -59.75 16.20
C THR I 148 -19.91 -59.41 15.32
N GLY I 149 -19.99 -59.77 14.05
CA GLY I 149 -18.95 -59.49 13.08
C GLY I 149 -19.32 -58.36 12.15
N LEU I 150 -18.41 -58.06 11.23
CA LEU I 150 -18.58 -56.97 10.28
C LEU I 150 -18.02 -57.40 8.93
N ASP I 151 -18.89 -57.51 7.94
CA ASP I 151 -18.46 -57.78 6.57
C ASP I 151 -17.59 -59.03 6.53
N PRO I 152 -18.15 -60.20 6.86
CA PRO I 152 -17.35 -61.42 6.82
C PRO I 152 -16.78 -61.66 5.43
N ALA I 153 -15.55 -62.15 5.41
CA ALA I 153 -14.87 -62.42 4.15
C ALA I 153 -15.53 -63.57 3.41
N GLY I 154 -15.58 -63.45 2.09
CA GLY I 154 -16.21 -64.44 1.24
C GLY I 154 -15.25 -65.49 0.72
N PRO I 155 -14.12 -65.06 0.15
CA PRO I 155 -13.22 -66.03 -0.49
C PRO I 155 -12.74 -67.09 0.48
N ASN I 156 -12.60 -68.30 -0.03
CA ASN I 156 -12.08 -69.43 0.73
C ASN I 156 -12.91 -69.73 1.97
N PHE I 157 -14.14 -69.20 2.02
CA PHE I 157 -15.06 -69.50 3.10
C PHE I 157 -16.42 -69.95 2.61
N GLU I 158 -16.83 -69.54 1.42
CA GLU I 158 -17.99 -70.14 0.79
C GLU I 158 -17.70 -71.59 0.46
N TYR I 159 -18.75 -72.40 0.40
CA TYR I 159 -18.61 -73.84 0.20
C TYR I 159 -17.75 -74.45 1.30
N ALA I 160 -17.98 -74.02 2.54
CA ALA I 160 -17.24 -74.48 3.69
C ALA I 160 -18.21 -74.96 4.76
N GLU I 161 -17.68 -75.21 5.96
CA GLU I 161 -18.45 -75.71 7.08
C GLU I 161 -18.15 -74.88 8.33
N ALA I 162 -18.90 -75.15 9.38
CA ALA I 162 -18.74 -74.42 10.64
C ALA I 162 -17.31 -74.40 11.16
N PRO I 163 -16.60 -75.53 11.22
CA PRO I 163 -15.23 -75.47 11.78
C PRO I 163 -14.32 -74.52 11.03
N SER I 164 -14.51 -74.37 9.73
CA SER I 164 -13.64 -73.54 8.91
C SER I 164 -14.18 -72.15 8.64
N ARG I 165 -15.36 -71.82 9.16
CA ARG I 165 -15.93 -70.51 8.93
C ARG I 165 -16.91 -70.19 10.04
N LEU I 166 -17.28 -68.92 10.13
CA LEU I 166 -18.23 -68.48 11.14
C LEU I 166 -19.53 -69.24 11.01
N SER I 167 -20.07 -69.69 12.13
CA SER I 167 -21.29 -70.48 12.16
C SER I 167 -22.18 -69.97 13.27
N PRO I 168 -23.50 -70.19 13.15
CA PRO I 168 -24.40 -69.74 14.22
C PRO I 168 -24.12 -70.41 15.55
N ASP I 169 -23.64 -71.65 15.54
CA ASP I 169 -23.35 -72.37 16.77
C ASP I 169 -22.04 -71.95 17.41
N ASP I 170 -21.25 -71.11 16.74
CA ASP I 170 -19.99 -70.66 17.30
C ASP I 170 -20.18 -69.84 18.57
N ALA I 171 -21.39 -69.34 18.82
CA ALA I 171 -21.64 -68.50 19.98
C ALA I 171 -23.13 -68.50 20.27
N ASP I 172 -23.49 -67.96 21.43
CA ASP I 172 -24.89 -67.92 21.84
C ASP I 172 -25.71 -67.10 20.86
N PHE I 173 -25.20 -65.93 20.48
CA PHE I 173 -25.90 -65.05 19.55
C PHE I 173 -24.88 -64.52 18.55
N VAL I 174 -25.36 -64.19 17.36
CA VAL I 174 -24.49 -63.72 16.29
C VAL I 174 -25.28 -62.84 15.35
N ASP I 175 -24.60 -61.87 14.75
CA ASP I 175 -25.20 -61.03 13.72
C ASP I 175 -24.08 -60.46 12.85
N VAL I 176 -24.37 -60.34 11.56
CA VAL I 176 -23.40 -59.89 10.58
C VAL I 176 -24.00 -58.77 9.76
N LEU I 177 -23.13 -57.96 9.18
CA LEU I 177 -23.50 -56.79 8.38
C LEU I 177 -23.01 -57.01 6.97
N HIS I 178 -23.84 -57.66 6.15
CA HIS I 178 -23.49 -57.92 4.76
C HIS I 178 -23.55 -56.62 3.96
N THR I 179 -22.46 -55.86 3.98
CA THR I 179 -22.43 -54.54 3.37
C THR I 179 -21.94 -54.55 1.93
N PHE I 180 -21.60 -55.72 1.38
CA PHE I 180 -21.09 -55.77 0.02
C PHE I 180 -21.18 -57.21 -0.47
N THR I 181 -21.91 -57.41 -1.58
CA THR I 181 -22.06 -58.75 -2.14
C THR I 181 -22.04 -58.76 -3.66
N ARG I 182 -21.78 -57.62 -4.31
CA ARG I 182 -21.83 -57.58 -5.76
C ARG I 182 -20.78 -58.49 -6.36
N GLY I 183 -21.18 -59.26 -7.37
CA GLY I 183 -20.31 -60.17 -8.07
C GLY I 183 -20.90 -61.57 -8.11
N SER I 184 -20.18 -62.45 -8.80
CA SER I 184 -20.64 -63.82 -8.95
C SER I 184 -20.58 -64.55 -7.60
N PRO I 185 -21.41 -65.55 -7.40
CA PRO I 185 -21.33 -66.34 -6.16
C PRO I 185 -19.96 -66.96 -6.00
N GLY I 186 -19.48 -66.97 -4.76
CA GLY I 186 -18.21 -67.58 -4.43
C GLY I 186 -16.99 -66.76 -4.81
N ARG I 187 -17.17 -65.61 -5.45
CA ARG I 187 -16.05 -64.75 -5.83
C ARG I 187 -16.18 -63.33 -5.29
N SER I 188 -17.37 -62.89 -4.92
CA SER I 188 -17.50 -61.60 -4.27
C SER I 188 -16.79 -61.62 -2.92
N ILE I 189 -16.15 -60.50 -2.58
CA ILE I 189 -15.40 -60.44 -1.34
C ILE I 189 -16.29 -60.74 -0.15
N GLY I 190 -17.51 -60.18 -0.16
CA GLY I 190 -18.43 -60.36 0.95
C GLY I 190 -19.30 -61.58 0.78
N ILE I 191 -19.20 -62.50 1.73
CA ILE I 191 -20.03 -63.70 1.70
C ILE I 191 -21.49 -63.29 1.64
N GLN I 192 -22.25 -63.98 0.79
CA GLN I 192 -23.68 -63.72 0.64
C GLN I 192 -24.54 -64.76 1.34
N LYS I 193 -24.02 -65.95 1.57
CA LYS I 193 -24.79 -66.96 2.27
C LYS I 193 -25.03 -66.52 3.71
N PRO I 194 -26.27 -66.52 4.20
CA PRO I 194 -26.51 -66.11 5.59
C PRO I 194 -25.81 -67.05 6.55
N VAL I 195 -25.30 -66.49 7.64
CA VAL I 195 -24.47 -67.22 8.58
C VAL I 195 -25.07 -67.21 9.97
N GLY I 196 -25.40 -66.04 10.50
CA GLY I 196 -25.86 -65.92 11.86
C GLY I 196 -27.35 -66.15 11.99
N HIS I 197 -27.80 -66.08 13.25
CA HIS I 197 -29.23 -66.19 13.52
C HIS I 197 -30.00 -65.09 12.81
N VAL I 198 -29.46 -63.88 12.81
CA VAL I 198 -30.03 -62.74 12.09
C VAL I 198 -28.92 -62.08 11.29
N ASP I 199 -29.21 -61.75 10.05
CA ASP I 199 -28.25 -61.11 9.17
C ASP I 199 -28.87 -59.84 8.59
N ILE I 200 -28.01 -58.87 8.29
CA ILE I 200 -28.44 -57.55 7.83
C ILE I 200 -27.80 -57.28 6.49
N TYR I 201 -28.61 -56.83 5.53
CA TYR I 201 -28.17 -56.60 4.16
C TYR I 201 -28.55 -55.17 3.75
N PRO I 202 -27.85 -54.18 4.29
CA PRO I 202 -28.21 -52.80 3.97
C PRO I 202 -28.08 -52.52 2.48
N ASN I 203 -29.05 -51.79 1.95
CA ASN I 203 -29.09 -51.40 0.54
C ASN I 203 -29.12 -52.61 -0.39
N GLY I 204 -29.31 -53.81 0.15
CA GLY I 204 -29.24 -55.03 -0.64
C GLY I 204 -27.85 -55.57 -0.82
N GLY I 205 -26.82 -54.87 -0.36
CA GLY I 205 -25.46 -55.32 -0.47
C GLY I 205 -24.81 -55.07 -1.81
N THR I 206 -25.54 -54.52 -2.78
CA THR I 206 -24.95 -54.28 -4.09
C THR I 206 -23.82 -53.27 -4.01
N PHE I 207 -24.01 -52.21 -3.25
CA PHE I 207 -23.02 -51.14 -3.11
C PHE I 207 -23.52 -50.17 -2.04
N GLN I 208 -22.80 -49.07 -1.87
CA GLN I 208 -23.20 -48.03 -0.94
C GLN I 208 -23.13 -46.66 -1.61
N PRO I 209 -23.92 -45.70 -1.15
CA PRO I 209 -24.01 -44.42 -1.85
C PRO I 209 -22.87 -43.47 -1.56
N GLY I 210 -22.29 -43.54 -0.36
CA GLY I 210 -21.30 -42.58 0.05
C GLY I 210 -19.97 -42.78 -0.64
N CYS I 211 -19.97 -42.78 -1.96
CA CYS I 211 -18.77 -42.96 -2.75
C CYS I 211 -19.11 -42.68 -4.21
N ASN I 212 -18.13 -42.88 -5.08
CA ASN I 212 -18.25 -42.55 -6.50
C ASN I 212 -17.55 -43.65 -7.29
N ILE I 213 -17.30 -43.38 -8.58
CA ILE I 213 -16.59 -44.35 -9.41
C ILE I 213 -15.24 -44.71 -8.78
N GLY I 214 -14.51 -43.71 -8.31
CA GLY I 214 -13.27 -43.95 -7.62
C GLY I 214 -12.05 -43.93 -8.52
N GLU I 215 -11.54 -45.11 -8.86
CA GLU I 215 -10.30 -45.22 -9.62
C GLU I 215 -10.51 -44.69 -11.03
N ALA I 216 -9.91 -43.53 -11.33
CA ALA I 216 -10.01 -42.97 -12.67
C ALA I 216 -9.15 -43.76 -13.65
N LEU I 217 -7.93 -44.09 -13.26
CA LEU I 217 -7.02 -44.86 -14.11
C LEU I 217 -6.04 -45.63 -13.23
N ARG I 218 -5.42 -46.64 -13.82
CA ARG I 218 -4.53 -47.50 -13.05
C ARG I 218 -3.34 -46.71 -12.50
N VAL I 219 -2.75 -45.84 -13.31
CA VAL I 219 -1.55 -45.11 -12.93
C VAL I 219 -1.88 -43.71 -12.43
N ILE I 220 -2.77 -43.01 -13.12
CA ILE I 220 -3.08 -41.63 -12.74
C ILE I 220 -3.72 -41.59 -11.35
N ALA I 221 -4.69 -42.46 -11.11
CA ALA I 221 -5.35 -42.52 -9.82
C ALA I 221 -4.52 -43.36 -8.85
N GLU I 222 -5.10 -43.69 -7.70
CA GLU I 222 -4.39 -44.41 -6.63
C GLU I 222 -5.22 -45.65 -6.27
N ARG I 223 -4.96 -46.76 -6.96
CA ARG I 223 -5.69 -48.00 -6.71
C ARG I 223 -5.60 -48.37 -5.24
N GLY I 224 -4.39 -48.67 -4.79
CA GLY I 224 -4.14 -48.87 -3.37
C GLY I 224 -3.11 -47.87 -2.88
N LEU I 225 -2.89 -46.82 -3.67
CA LEU I 225 -1.88 -45.81 -3.35
C LEU I 225 -2.47 -44.73 -2.44
N GLY I 226 -3.11 -45.15 -1.35
CA GLY I 226 -3.83 -44.21 -0.52
C GLY I 226 -4.81 -43.42 -1.34
N ASP I 227 -4.99 -42.14 -0.97
CA ASP I 227 -5.82 -41.22 -1.74
C ASP I 227 -7.19 -41.82 -2.04
N VAL I 228 -7.36 -42.34 -3.26
CA VAL I 228 -8.66 -42.87 -3.67
C VAL I 228 -8.82 -44.35 -3.33
N ASP I 229 -7.84 -44.96 -2.64
CA ASP I 229 -8.01 -46.33 -2.19
C ASP I 229 -9.17 -46.45 -1.22
N GLN I 230 -9.30 -45.48 -0.31
CA GLN I 230 -10.44 -45.46 0.61
C GLN I 230 -11.74 -45.36 -0.16
N LEU I 231 -11.79 -44.50 -1.18
CA LEU I 231 -12.98 -44.39 -2.00
C LEU I 231 -13.29 -45.72 -2.68
N VAL I 232 -12.27 -46.42 -3.16
CA VAL I 232 -12.48 -47.76 -3.72
C VAL I 232 -13.09 -48.67 -2.67
N LYS I 233 -12.63 -48.57 -1.42
CA LYS I 233 -13.24 -49.29 -0.31
C LYS I 233 -14.48 -48.54 0.17
N CYS I 234 -15.47 -48.54 -0.71
CA CYS I 234 -16.68 -47.75 -0.49
C CYS I 234 -17.53 -48.35 0.64
N SER I 235 -17.69 -49.67 0.63
CA SER I 235 -18.65 -50.34 1.50
C SER I 235 -17.99 -51.17 2.58
N HIS I 236 -16.78 -51.67 2.33
CA HIS I 236 -16.14 -52.58 3.27
C HIS I 236 -15.97 -51.94 4.64
N GLU I 237 -15.81 -50.62 4.69
CA GLU I 237 -15.75 -49.89 5.94
C GLU I 237 -17.09 -49.31 6.34
N ARG I 238 -18.07 -49.32 5.42
CA ARG I 238 -19.39 -48.83 5.77
C ARG I 238 -20.01 -49.67 6.88
N SER I 239 -19.65 -50.95 6.96
CA SER I 239 -20.14 -51.77 8.05
C SER I 239 -19.73 -51.19 9.40
N VAL I 240 -18.44 -50.91 9.56
CA VAL I 240 -17.95 -50.43 10.84
C VAL I 240 -18.46 -49.02 11.10
N HIS I 241 -18.57 -48.20 10.05
CA HIS I 241 -19.11 -46.86 10.24
C HIS I 241 -20.57 -46.92 10.70
N LEU I 242 -21.34 -47.84 10.12
CA LEU I 242 -22.73 -48.02 10.56
C LEU I 242 -22.77 -48.47 12.01
N PHE I 243 -21.91 -49.42 12.37
CA PHE I 243 -21.92 -49.93 13.74
C PHE I 243 -21.59 -48.82 14.73
N ILE I 244 -20.57 -48.00 14.41
CA ILE I 244 -20.16 -46.95 15.32
C ILE I 244 -21.24 -45.87 15.41
N ASP I 245 -21.90 -45.58 14.28
CA ASP I 245 -22.98 -44.60 14.31
C ASP I 245 -24.12 -45.08 15.19
N SER I 246 -24.50 -46.37 15.05
CA SER I 246 -25.54 -46.92 15.90
C SER I 246 -25.13 -46.89 17.36
N LEU I 247 -23.87 -47.22 17.64
CA LEU I 247 -23.39 -47.22 19.02
C LEU I 247 -23.48 -45.82 19.61
N LEU I 248 -23.09 -44.81 18.84
CA LEU I 248 -23.12 -43.44 19.33
C LEU I 248 -24.55 -42.96 19.54
N ASN I 249 -25.44 -43.24 18.59
CA ASN I 249 -26.83 -42.82 18.67
C ASN I 249 -27.69 -43.95 19.23
N GLU I 250 -27.56 -44.15 20.55
CA GLU I 250 -28.31 -45.19 21.22
C GLU I 250 -29.80 -44.84 21.35
N GLU I 251 -30.12 -43.55 21.39
CA GLU I 251 -31.50 -43.15 21.66
C GLU I 251 -32.46 -43.55 20.54
N ASN I 252 -32.03 -43.43 19.29
CA ASN I 252 -32.90 -43.65 18.13
C ASN I 252 -32.25 -44.62 17.17
N PRO I 253 -32.21 -45.91 17.52
CA PRO I 253 -31.62 -46.90 16.62
C PRO I 253 -32.41 -47.02 15.32
N SER I 254 -31.69 -47.33 14.25
CA SER I 254 -32.34 -47.62 12.98
C SER I 254 -33.00 -48.99 13.05
N LYS I 255 -34.19 -49.10 12.47
CA LYS I 255 -34.99 -50.32 12.54
C LYS I 255 -34.92 -51.03 11.20
N ALA I 256 -33.98 -51.97 11.09
CA ALA I 256 -33.91 -52.82 9.92
C ALA I 256 -35.08 -53.78 9.91
N TYR I 257 -35.53 -54.14 8.70
CA TYR I 257 -36.75 -54.91 8.52
C TYR I 257 -36.44 -56.30 8.02
N ARG I 258 -37.33 -57.23 8.35
CA ARG I 258 -37.20 -58.64 7.98
C ARG I 258 -38.12 -58.93 6.81
N CYS I 259 -37.62 -59.69 5.84
CA CYS I 259 -38.35 -59.92 4.61
C CYS I 259 -37.98 -61.29 4.06
N ASN I 260 -38.32 -61.51 2.79
CA ASN I 260 -38.03 -62.75 2.10
C ASN I 260 -36.93 -62.60 1.05
N SER I 261 -36.86 -61.46 0.37
CA SER I 261 -35.86 -61.25 -0.67
C SER I 261 -35.70 -59.76 -0.90
N LYS I 262 -34.57 -59.41 -1.53
CA LYS I 262 -34.29 -58.00 -1.78
C LYS I 262 -35.33 -57.39 -2.70
N GLU I 263 -35.75 -58.13 -3.73
CA GLU I 263 -36.78 -57.61 -4.64
C GLU I 263 -38.10 -57.43 -3.90
N ALA I 264 -38.45 -58.38 -3.04
CA ALA I 264 -39.68 -58.26 -2.27
C ALA I 264 -39.63 -57.02 -1.38
N PHE I 265 -38.49 -56.77 -0.75
CA PHE I 265 -38.36 -55.57 0.07
C PHE I 265 -38.46 -54.31 -0.77
N GLU I 266 -37.83 -54.30 -1.94
CA GLU I 266 -37.92 -53.14 -2.82
C GLU I 266 -39.37 -52.87 -3.20
N LYS I 267 -40.13 -53.93 -3.49
CA LYS I 267 -41.55 -53.76 -3.78
C LYS I 267 -42.28 -53.18 -2.58
N GLY I 268 -41.97 -53.67 -1.39
CA GLY I 268 -42.52 -53.11 -0.17
C GLY I 268 -43.73 -53.84 0.38
N LEU I 269 -43.76 -55.17 0.28
CA LEU I 269 -44.87 -55.96 0.79
C LEU I 269 -44.51 -56.68 2.08
N CYS I 270 -43.33 -56.44 2.63
CA CYS I 270 -42.78 -57.24 3.71
C CYS I 270 -42.17 -56.35 4.78
N LEU I 271 -42.92 -55.33 5.22
CA LEU I 271 -42.47 -54.41 6.26
C LEU I 271 -43.15 -54.62 7.59
N SER I 272 -44.45 -54.90 7.60
CA SER I 272 -45.17 -55.07 8.86
C SER I 272 -44.52 -56.18 9.67
N CYS I 273 -44.27 -55.90 10.95
CA CYS I 273 -43.67 -56.86 11.86
C CYS I 273 -44.53 -56.94 13.12
N ARG I 274 -45.57 -57.76 13.04
CA ARG I 274 -46.39 -58.05 14.23
C ARG I 274 -45.69 -59.06 15.13
N LYS I 275 -45.03 -60.04 14.54
CA LYS I 275 -44.30 -61.05 15.29
C LYS I 275 -42.89 -60.53 15.57
N ASN I 276 -42.01 -61.41 16.04
CA ASN I 276 -40.64 -61.02 16.36
C ASN I 276 -39.85 -60.83 15.07
N ARG I 277 -40.12 -59.72 14.40
CA ARG I 277 -39.44 -59.34 13.18
C ARG I 277 -39.00 -57.88 13.29
N CYS I 278 -38.33 -57.40 12.25
CA CYS I 278 -37.93 -56.00 12.14
C CYS I 278 -37.17 -55.55 13.40
N ASN I 279 -36.30 -56.41 13.88
CA ASN I 279 -35.53 -56.08 15.07
C ASN I 279 -34.53 -54.97 14.78
N ASN I 280 -34.04 -54.36 15.85
CA ASN I 280 -33.09 -53.26 15.75
C ASN I 280 -31.78 -53.75 15.14
N MET I 281 -30.90 -52.82 14.78
CA MET I 281 -29.59 -53.15 14.26
C MET I 281 -28.54 -52.39 15.06
N GLY I 282 -27.43 -53.06 15.36
CA GLY I 282 -26.37 -52.47 16.15
C GLY I 282 -26.27 -53.07 17.53
N TYR I 283 -25.76 -52.28 18.47
CA TYR I 283 -25.57 -52.75 19.83
C TYR I 283 -26.91 -53.06 20.49
N GLU I 284 -27.90 -52.22 20.26
CA GLU I 284 -29.21 -52.40 20.88
C GLU I 284 -30.07 -53.43 20.18
N ILE I 285 -29.47 -54.28 19.34
CA ILE I 285 -30.21 -55.36 18.72
C ILE I 285 -30.85 -56.22 19.79
N ASN I 286 -32.04 -56.73 19.49
CA ASN I 286 -32.75 -57.61 20.40
C ASN I 286 -32.29 -59.05 20.18
N LYS I 287 -31.81 -59.67 21.24
CA LYS I 287 -31.35 -61.05 21.16
C LYS I 287 -32.52 -61.98 20.89
N VAL I 288 -32.44 -62.73 19.78
CA VAL I 288 -33.53 -63.59 19.35
C VAL I 288 -32.92 -64.80 18.65
N ARG I 289 -33.64 -65.92 18.72
CA ARG I 289 -33.26 -67.14 18.04
C ARG I 289 -34.28 -67.45 16.95
N ALA I 290 -33.79 -67.96 15.83
CA ALA I 290 -34.63 -68.29 14.68
C ALA I 290 -34.40 -69.74 14.28
N LYS I 291 -35.44 -70.35 13.70
CA LYS I 291 -35.35 -71.73 13.28
C LYS I 291 -34.48 -71.89 12.03
N ARG I 292 -34.14 -70.80 11.37
CA ARG I 292 -33.35 -70.85 10.15
C ARG I 292 -32.76 -69.47 9.88
N SER I 293 -32.04 -69.37 8.78
CA SER I 293 -31.51 -68.08 8.34
C SER I 293 -32.64 -67.10 8.13
N SER I 294 -32.47 -65.89 8.67
CA SER I 294 -33.47 -64.83 8.61
C SER I 294 -32.83 -63.60 7.98
N LYS I 295 -33.07 -63.42 6.68
CA LYS I 295 -32.56 -62.25 5.98
C LYS I 295 -33.32 -60.99 6.41
N MET I 296 -32.71 -59.85 6.16
CA MET I 296 -33.30 -58.56 6.49
C MET I 296 -32.80 -57.52 5.50
N TYR I 297 -33.45 -56.35 5.51
CA TYR I 297 -33.12 -55.29 4.58
C TYR I 297 -33.45 -53.95 5.22
N LEU I 298 -32.86 -52.90 4.66
CA LEU I 298 -33.15 -51.52 5.06
C LEU I 298 -32.39 -50.60 4.12
N LYS I 299 -32.53 -49.30 4.35
CA LYS I 299 -31.81 -48.27 3.62
C LYS I 299 -31.05 -47.39 4.59
N THR I 300 -30.43 -46.34 4.05
CA THR I 300 -29.57 -45.50 4.86
C THR I 300 -29.29 -44.19 4.14
N ARG I 301 -28.83 -43.20 4.90
CA ARG I 301 -28.39 -41.93 4.34
C ARG I 301 -26.98 -42.11 3.79
N SER I 302 -26.32 -41.00 3.48
CA SER I 302 -25.03 -41.08 2.81
C SER I 302 -23.93 -41.58 3.75
N GLN I 303 -23.52 -40.78 4.73
CA GLN I 303 -22.49 -41.24 5.65
C GLN I 303 -22.73 -40.94 7.12
N MET I 304 -23.18 -39.73 7.45
CA MET I 304 -23.01 -39.30 8.84
C MET I 304 -24.08 -39.87 9.77
N PRO I 305 -25.37 -39.53 9.61
CA PRO I 305 -26.34 -39.94 10.64
C PRO I 305 -26.94 -41.31 10.36
N TYR I 306 -27.01 -41.67 9.07
CA TYR I 306 -27.80 -42.82 8.67
C TYR I 306 -29.20 -42.70 9.23
N LYS I 307 -29.81 -43.81 9.66
CA LYS I 307 -31.08 -43.78 10.38
C LYS I 307 -32.15 -43.10 9.53
N VAL I 308 -32.52 -43.79 8.47
CA VAL I 308 -33.57 -43.33 7.57
C VAL I 308 -34.88 -44.02 7.95
N PHE I 309 -35.98 -43.52 7.42
CA PHE I 309 -37.30 -44.05 7.68
C PHE I 309 -37.75 -44.97 6.55
N HIS I 310 -39.00 -45.43 6.63
CA HIS I 310 -39.59 -46.27 5.59
C HIS I 310 -41.09 -46.06 5.59
N TYR I 311 -41.63 -45.66 4.44
CA TYR I 311 -43.01 -45.24 4.32
C TYR I 311 -43.66 -45.85 3.08
N GLN I 312 -43.54 -47.16 2.91
CA GLN I 312 -44.04 -47.80 1.70
C GLN I 312 -45.47 -47.40 1.42
N VAL I 313 -45.85 -47.43 0.14
CA VAL I 313 -47.11 -46.86 -0.32
C VAL I 313 -47.83 -47.86 -1.21
N LYS I 314 -49.16 -47.73 -1.26
CA LYS I 314 -50.01 -48.46 -2.20
C LYS I 314 -50.89 -47.46 -2.94
N ILE I 315 -51.19 -47.77 -4.20
CA ILE I 315 -52.05 -46.94 -5.04
C ILE I 315 -53.16 -47.80 -5.62
N HIS I 316 -54.39 -47.31 -5.51
CA HIS I 316 -55.55 -47.96 -6.12
C HIS I 316 -55.90 -47.25 -7.44
N PHE I 317 -55.00 -47.40 -8.41
CA PHE I 317 -55.23 -46.83 -9.72
C PHE I 317 -56.56 -47.32 -10.28
N SER I 318 -57.37 -46.39 -10.76
CA SER I 318 -58.66 -46.73 -11.34
C SER I 318 -59.08 -45.59 -12.28
N GLY I 319 -58.90 -45.81 -13.57
CA GLY I 319 -59.23 -44.79 -14.56
C GLY I 319 -60.11 -45.31 -15.67
N THR I 320 -60.27 -44.50 -16.72
CA THR I 320 -61.12 -44.85 -17.86
C THR I 320 -60.32 -45.39 -19.04
N GLU I 321 -59.30 -44.66 -19.47
CA GLU I 321 -58.52 -45.08 -20.63
C GLU I 321 -57.66 -46.28 -20.26
N SER I 322 -57.72 -47.32 -21.10
CA SER I 322 -57.12 -48.62 -20.78
C SER I 322 -55.88 -48.91 -21.61
N ASN I 323 -55.11 -47.90 -22.01
CA ASN I 323 -53.86 -48.11 -22.73
C ASN I 323 -52.74 -48.24 -21.71
N THR I 324 -52.22 -49.46 -21.56
CA THR I 324 -51.18 -49.72 -20.59
C THR I 324 -49.88 -49.04 -20.99
N TYR I 325 -49.16 -48.56 -19.98
CA TYR I 325 -47.86 -47.95 -20.16
C TYR I 325 -46.85 -48.62 -19.24
N THR I 326 -45.57 -48.48 -19.58
CA THR I 326 -44.50 -49.16 -18.87
C THR I 326 -43.30 -48.23 -18.71
N ASN I 327 -42.49 -48.51 -17.69
CA ASN I 327 -41.25 -47.78 -17.44
C ASN I 327 -41.50 -46.28 -17.39
N GLN I 328 -42.30 -45.87 -16.41
CA GLN I 328 -42.62 -44.48 -16.17
C GLN I 328 -42.13 -44.06 -14.80
N ALA I 329 -41.78 -42.79 -14.67
CA ALA I 329 -41.21 -42.24 -13.45
C ALA I 329 -42.29 -41.48 -12.69
N PHE I 330 -42.50 -41.85 -11.43
CA PHE I 330 -43.43 -41.16 -10.55
C PHE I 330 -42.65 -40.35 -9.53
N GLU I 331 -43.04 -39.09 -9.35
CA GLU I 331 -42.45 -38.21 -8.35
C GLU I 331 -43.52 -37.86 -7.35
N ILE I 332 -43.18 -37.98 -6.07
CA ILE I 332 -44.10 -37.63 -4.98
C ILE I 332 -43.33 -36.84 -3.93
N SER I 333 -44.09 -36.16 -3.09
CA SER I 333 -43.54 -35.41 -1.97
C SER I 333 -44.55 -35.40 -0.84
N LEU I 334 -44.05 -35.21 0.38
CA LEU I 334 -44.88 -35.30 1.57
C LEU I 334 -44.51 -34.20 2.55
N TYR I 335 -45.51 -33.78 3.32
CA TYR I 335 -45.36 -32.77 4.36
C TYR I 335 -45.96 -33.30 5.65
N GLY I 336 -45.31 -33.02 6.77
CA GLY I 336 -45.70 -33.57 8.05
C GLY I 336 -45.88 -32.53 9.13
N THR I 337 -45.39 -32.86 10.32
CA THR I 337 -45.54 -32.02 11.50
C THR I 337 -44.21 -31.68 12.15
N VAL I 338 -43.09 -32.11 11.56
CA VAL I 338 -41.75 -31.78 12.07
C VAL I 338 -40.91 -31.18 10.95
N ALA I 339 -40.83 -31.86 9.81
CA ALA I 339 -40.16 -31.35 8.63
C ALA I 339 -40.88 -31.90 7.40
N GLU I 340 -40.29 -31.73 6.23
CA GLU I 340 -40.92 -32.17 5.00
C GLU I 340 -39.88 -32.34 3.91
N SER I 341 -40.03 -33.41 3.12
CA SER I 341 -39.28 -33.58 1.90
C SER I 341 -39.99 -32.90 0.74
N GLU I 342 -39.23 -32.63 -0.32
CA GLU I 342 -39.74 -31.78 -1.41
C GLU I 342 -39.84 -32.50 -2.75
N ASN I 343 -38.76 -33.11 -3.22
CA ASN I 343 -38.70 -33.60 -4.59
C ASN I 343 -38.11 -35.00 -4.65
N ILE I 344 -38.61 -35.91 -3.81
CA ILE I 344 -38.12 -37.28 -3.81
C ILE I 344 -38.78 -38.06 -4.95
N PRO I 345 -38.01 -38.66 -5.85
CA PRO I 345 -38.60 -39.44 -6.94
C PRO I 345 -38.69 -40.93 -6.61
N PHE I 346 -39.32 -41.66 -7.51
CA PHE I 346 -39.31 -43.11 -7.48
C PHE I 346 -39.82 -43.64 -8.81
N THR I 347 -39.71 -44.96 -8.98
CA THR I 347 -40.02 -45.60 -10.24
C THR I 347 -41.06 -46.70 -10.04
N LEU I 348 -41.90 -46.88 -11.06
CA LEU I 348 -42.94 -47.90 -11.04
C LEU I 348 -43.35 -48.26 -12.46
N PRO I 349 -42.79 -49.31 -13.05
CA PRO I 349 -43.18 -49.69 -14.41
C PRO I 349 -44.52 -50.40 -14.45
N GLU I 350 -44.89 -50.90 -15.63
CA GLU I 350 -46.04 -51.79 -15.81
C GLU I 350 -47.31 -51.20 -15.21
N VAL I 351 -47.48 -49.89 -15.40
CA VAL I 351 -48.68 -49.22 -14.91
C VAL I 351 -49.87 -49.65 -15.73
N SER I 352 -50.99 -49.91 -15.06
CA SER I 352 -52.21 -50.35 -15.72
C SER I 352 -53.41 -49.67 -15.07
N THR I 353 -54.60 -50.19 -15.34
CA THR I 353 -55.85 -49.64 -14.82
C THR I 353 -56.59 -50.70 -14.03
N ASN I 354 -57.53 -50.24 -13.21
CA ASN I 354 -58.34 -51.12 -12.37
C ASN I 354 -57.47 -52.05 -11.53
N LYS I 355 -56.23 -51.66 -11.31
CA LYS I 355 -55.24 -52.50 -10.63
C LYS I 355 -54.57 -51.70 -9.53
N THR I 356 -54.13 -52.40 -8.50
CA THR I 356 -53.45 -51.78 -7.37
C THR I 356 -51.97 -52.08 -7.43
N TYR I 357 -51.16 -51.09 -7.10
CA TYR I 357 -49.71 -51.18 -7.12
C TYR I 357 -49.15 -50.78 -5.76
N SER I 358 -47.86 -50.97 -5.61
CA SER I 358 -47.18 -50.61 -4.37
C SER I 358 -45.70 -50.43 -4.66
N PHE I 359 -45.02 -49.74 -3.75
CA PHE I 359 -43.60 -49.52 -3.88
C PHE I 359 -43.04 -49.12 -2.53
N LEU I 360 -41.71 -49.02 -2.47
CA LEU I 360 -41.01 -48.64 -1.26
C LEU I 360 -40.42 -47.24 -1.44
N LEU I 361 -40.63 -46.39 -0.44
CA LEU I 361 -40.06 -45.06 -0.42
C LEU I 361 -39.26 -44.87 0.87
N TYR I 362 -38.21 -44.07 0.77
CA TYR I 362 -37.40 -43.73 1.94
C TYR I 362 -37.13 -42.24 1.96
N THR I 363 -37.08 -41.69 3.17
CA THR I 363 -36.70 -40.31 3.40
C THR I 363 -35.63 -40.27 4.48
N GLU I 364 -34.87 -39.18 4.48
CA GLU I 364 -33.72 -39.04 5.35
C GLU I 364 -33.90 -37.92 6.36
N VAL I 365 -35.15 -37.54 6.65
CA VAL I 365 -35.45 -36.50 7.62
C VAL I 365 -36.66 -36.93 8.43
N ASP I 366 -36.62 -36.65 9.74
CA ASP I 366 -37.74 -36.97 10.60
C ASP I 366 -38.94 -36.12 10.23
N ILE I 367 -40.12 -36.74 10.20
CA ILE I 367 -41.34 -36.08 9.75
C ILE I 367 -42.45 -36.23 10.79
N GLY I 368 -42.32 -37.24 11.64
CA GLY I 368 -43.42 -37.54 12.55
C GLY I 368 -44.65 -37.92 11.75
N GLU I 369 -45.76 -37.25 12.04
CA GLU I 369 -46.98 -37.49 11.29
C GLU I 369 -46.87 -36.87 9.90
N LEU I 370 -47.89 -37.13 9.07
CA LEU I 370 -47.91 -36.67 7.68
C LEU I 370 -49.32 -36.23 7.34
N LEU I 371 -49.42 -35.03 6.74
CA LEU I 371 -50.71 -34.41 6.48
C LEU I 371 -51.13 -34.54 5.02
N MET I 372 -50.32 -34.03 4.10
CA MET I 372 -50.68 -33.96 2.70
C MET I 372 -49.58 -34.61 1.85
N LEU I 373 -49.91 -34.84 0.59
CA LEU I 373 -49.05 -35.60 -0.30
C LEU I 373 -49.05 -34.98 -1.69
N LYS I 374 -47.96 -35.22 -2.42
CA LYS I 374 -47.80 -34.77 -3.80
C LYS I 374 -47.61 -35.98 -4.70
N LEU I 375 -48.20 -35.93 -5.89
CA LEU I 375 -48.19 -37.07 -6.80
C LEU I 375 -47.92 -36.62 -8.22
N LYS I 376 -46.89 -35.79 -8.41
CA LYS I 376 -46.56 -35.32 -9.74
C LYS I 376 -46.08 -36.47 -10.60
N TRP I 377 -46.33 -36.36 -11.91
CA TRP I 377 -45.93 -37.37 -12.88
C TRP I 377 -45.09 -36.68 -13.95
N ILE I 378 -43.83 -37.07 -14.05
CA ILE I 378 -42.83 -36.32 -14.79
C ILE I 378 -42.82 -36.75 -16.24
N SER I 379 -42.22 -35.91 -17.09
CA SER I 379 -42.13 -36.17 -18.52
C SER I 379 -40.86 -35.54 -19.05
N ASP I 380 -40.47 -35.97 -20.24
CA ASP I 380 -39.30 -35.44 -20.95
C ASP I 380 -39.69 -34.48 -22.05
N SER I 381 -40.90 -33.93 -21.99
CA SER I 381 -41.42 -32.97 -22.95
C SER I 381 -41.89 -31.70 -22.24
N TYR I 382 -41.03 -31.13 -21.41
CA TYR I 382 -41.39 -30.00 -20.55
C TYR I 382 -42.08 -28.88 -21.34
N PHE I 383 -41.56 -28.59 -22.52
CA PHE I 383 -42.01 -27.41 -23.25
C PHE I 383 -43.47 -27.54 -23.63
N SER I 384 -44.04 -26.44 -24.13
CA SER I 384 -45.47 -26.36 -24.38
C SER I 384 -45.93 -27.21 -25.56
N TRP I 385 -45.05 -28.02 -26.16
CA TRP I 385 -45.49 -28.97 -27.17
C TRP I 385 -46.54 -29.92 -26.61
N SER I 386 -46.26 -30.51 -25.45
CA SER I 386 -47.14 -31.47 -24.80
C SER I 386 -47.88 -30.85 -23.61
N ASN I 387 -48.26 -29.58 -23.73
CA ASN I 387 -48.98 -28.88 -22.68
C ASN I 387 -50.46 -28.71 -22.98
N TRP I 388 -50.88 -28.87 -24.23
CA TRP I 388 -52.29 -28.77 -24.59
C TRP I 388 -52.88 -30.09 -25.07
N TRP I 389 -52.32 -30.71 -26.10
CA TRP I 389 -52.95 -31.88 -26.70
C TRP I 389 -53.06 -33.00 -25.68
N SER I 390 -54.13 -33.79 -25.81
CA SER I 390 -54.48 -34.77 -24.80
C SER I 390 -53.34 -35.76 -24.58
N SER I 391 -52.75 -35.71 -23.41
CA SER I 391 -51.73 -36.64 -22.97
C SER I 391 -52.34 -37.69 -22.05
N PRO I 392 -51.74 -38.87 -21.95
CA PRO I 392 -52.34 -39.93 -21.13
C PRO I 392 -52.52 -39.48 -19.68
N GLY I 393 -53.63 -39.92 -19.09
CA GLY I 393 -53.95 -39.54 -17.73
C GLY I 393 -54.75 -40.63 -17.06
N PHE I 394 -54.80 -40.57 -15.74
CA PHE I 394 -55.52 -41.55 -14.93
C PHE I 394 -56.32 -40.81 -13.85
N ASP I 395 -57.03 -41.58 -13.04
CA ASP I 395 -57.78 -41.06 -11.90
C ASP I 395 -57.29 -41.72 -10.62
N ILE I 396 -57.30 -40.96 -9.54
CA ILE I 396 -56.80 -41.40 -8.25
C ILE I 396 -57.93 -41.36 -7.24
N GLY I 397 -58.09 -42.44 -6.49
CA GLY I 397 -59.07 -42.50 -5.42
C GLY I 397 -58.43 -42.35 -4.07
N LYS I 398 -58.21 -43.46 -3.39
CA LYS I 398 -57.60 -43.47 -2.06
C LYS I 398 -56.14 -43.87 -2.14
N ILE I 399 -55.43 -43.62 -1.05
CA ILE I 399 -54.02 -43.99 -0.91
C ILE I 399 -53.80 -44.57 0.48
N ARG I 400 -53.00 -45.64 0.54
CA ARG I 400 -52.89 -46.45 1.75
C ARG I 400 -51.47 -46.52 2.27
N VAL I 401 -50.79 -45.37 2.36
CA VAL I 401 -49.45 -45.37 2.91
C VAL I 401 -49.45 -46.00 4.28
N LYS I 402 -48.32 -46.60 4.66
CA LYS I 402 -48.18 -47.28 5.94
C LYS I 402 -46.86 -46.83 6.57
N ALA I 403 -46.96 -46.22 7.75
CA ALA I 403 -45.76 -45.81 8.46
C ALA I 403 -44.99 -47.02 8.94
N GLY I 404 -43.66 -46.96 8.80
CA GLY I 404 -42.83 -48.10 9.14
C GLY I 404 -42.61 -48.30 10.62
N GLU I 405 -41.92 -47.34 11.27
CA GLU I 405 -41.56 -47.53 12.67
C GLU I 405 -42.79 -47.75 13.53
N THR I 406 -43.84 -46.98 13.29
CA THR I 406 -45.12 -47.15 13.95
C THR I 406 -46.16 -47.58 12.93
N GLN I 407 -46.84 -48.69 13.21
CA GLN I 407 -47.84 -49.22 12.28
C GLN I 407 -49.05 -48.31 12.28
N LYS I 408 -49.20 -47.53 11.20
CA LYS I 408 -50.29 -46.56 11.07
C LYS I 408 -50.85 -46.68 9.66
N LYS I 409 -52.00 -47.36 9.54
CA LYS I 409 -52.66 -47.50 8.24
C LYS I 409 -53.47 -46.24 7.94
N VAL I 410 -52.75 -45.11 7.88
CA VAL I 410 -53.39 -43.85 7.55
C VAL I 410 -53.93 -43.92 6.13
N ILE I 411 -55.19 -43.55 5.96
CA ILE I 411 -55.88 -43.65 4.68
C ILE I 411 -55.89 -42.26 4.05
N PHE I 412 -54.97 -42.03 3.13
CA PHE I 412 -55.05 -40.83 2.31
C PHE I 412 -56.23 -40.92 1.35
N CYS I 413 -56.59 -39.78 0.77
CA CYS I 413 -57.96 -39.57 0.33
C CYS I 413 -57.98 -38.46 -0.70
N SER I 414 -58.28 -38.79 -1.94
CA SER I 414 -58.37 -37.79 -2.98
C SER I 414 -59.55 -36.86 -2.69
N ARG I 415 -59.48 -35.66 -3.27
CA ARG I 415 -60.53 -34.69 -3.06
C ARG I 415 -61.75 -35.10 -3.88
N GLU I 416 -62.82 -34.30 -3.78
CA GLU I 416 -64.09 -34.69 -4.39
C GLU I 416 -63.93 -35.02 -5.87
N LYS I 417 -63.31 -34.13 -6.64
CA LYS I 417 -63.17 -34.35 -8.07
C LYS I 417 -61.84 -33.86 -8.63
N MET I 418 -60.98 -33.31 -7.79
CA MET I 418 -59.88 -32.47 -8.26
C MET I 418 -58.58 -33.27 -8.34
N SER I 419 -58.63 -34.40 -9.06
CA SER I 419 -57.43 -35.23 -9.13
C SER I 419 -56.89 -35.46 -10.54
N TYR I 420 -57.62 -36.20 -11.36
CA TYR I 420 -57.31 -36.47 -12.76
C TYR I 420 -55.80 -36.41 -13.03
N LEU I 421 -55.01 -37.25 -12.38
CA LEU I 421 -53.57 -37.19 -12.59
C LEU I 421 -53.26 -37.33 -14.08
N GLN I 422 -52.39 -36.47 -14.58
CA GLN I 422 -52.03 -36.45 -15.99
C GLN I 422 -50.54 -36.19 -16.14
N LYS I 423 -49.97 -36.70 -17.24
CA LYS I 423 -48.56 -36.48 -17.53
C LYS I 423 -48.29 -35.00 -17.73
N GLY I 424 -47.12 -34.55 -17.29
CA GLY I 424 -46.74 -33.17 -17.48
C GLY I 424 -47.74 -32.21 -16.89
N LYS I 425 -48.21 -32.49 -15.69
CA LYS I 425 -49.24 -31.69 -15.05
C LYS I 425 -48.89 -31.50 -13.58
N SER I 426 -49.56 -30.52 -12.97
CA SER I 426 -49.36 -30.28 -11.56
C SER I 426 -49.73 -31.52 -10.75
N PRO I 427 -49.07 -31.76 -9.63
CA PRO I 427 -49.41 -32.94 -8.82
C PRO I 427 -50.85 -32.87 -8.34
N VAL I 428 -51.26 -33.93 -7.66
CA VAL I 428 -52.59 -34.05 -7.08
C VAL I 428 -52.45 -34.06 -5.56
N ILE I 429 -53.17 -33.16 -4.90
CA ILE I 429 -53.09 -33.06 -3.45
C ILE I 429 -53.90 -34.16 -2.80
N PHE I 430 -53.51 -34.53 -1.59
CA PHE I 430 -54.24 -35.48 -0.77
C PHE I 430 -54.14 -35.07 0.68
N VAL I 431 -55.04 -35.60 1.50
CA VAL I 431 -55.15 -35.20 2.89
C VAL I 431 -55.54 -36.42 3.74
N LYS I 432 -55.45 -36.25 5.05
CA LYS I 432 -55.91 -37.27 5.99
C LYS I 432 -57.43 -37.31 5.99
N CYS I 433 -57.99 -38.50 6.19
CA CYS I 433 -59.37 -38.75 5.82
C CYS I 433 -59.88 -39.99 6.52
N HIS I 434 -61.18 -40.24 6.38
CA HIS I 434 -61.79 -41.45 6.88
C HIS I 434 -61.74 -41.53 8.40
N ASP J 1 -53.90 -9.92 -57.37
CA ASP J 1 -53.92 -11.16 -56.61
C ASP J 1 -52.68 -11.29 -55.74
N PHE J 2 -52.19 -10.15 -55.25
CA PHE J 2 -51.00 -10.10 -54.41
C PHE J 2 -51.22 -9.14 -53.25
N ARG J 3 -52.42 -9.20 -52.66
CA ARG J 3 -52.79 -8.35 -51.54
C ARG J 3 -53.05 -9.12 -50.26
N ASP J 4 -53.00 -10.45 -50.30
CA ASP J 4 -53.20 -11.31 -49.14
C ASP J 4 -51.89 -11.96 -48.71
N ILE J 5 -50.78 -11.25 -48.89
CA ILE J 5 -49.47 -11.82 -48.62
C ILE J 5 -49.24 -11.95 -47.12
N GLU J 6 -49.23 -10.81 -46.42
CA GLU J 6 -49.12 -10.80 -44.96
C GLU J 6 -47.91 -11.59 -44.46
N SER J 7 -46.90 -11.71 -45.31
CA SER J 7 -45.66 -12.40 -44.93
C SER J 7 -44.54 -11.78 -45.77
N LYS J 8 -43.79 -10.88 -45.16
CA LYS J 8 -42.77 -10.14 -45.89
C LYS J 8 -41.53 -11.00 -46.10
N PHE J 9 -41.02 -10.97 -47.33
CA PHE J 9 -39.81 -11.68 -47.72
C PHE J 9 -38.64 -10.72 -47.62
N ALA J 10 -37.66 -11.04 -46.78
CA ALA J 10 -36.50 -10.19 -46.60
C ALA J 10 -35.35 -10.70 -47.47
N LEU J 11 -34.30 -9.89 -47.55
CA LEU J 11 -33.12 -10.24 -48.36
C LEU J 11 -31.90 -9.61 -47.68
N ARG J 12 -31.21 -10.41 -46.87
CA ARG J 12 -30.03 -9.93 -46.17
C ARG J 12 -28.81 -10.03 -47.08
N THR J 13 -27.70 -9.51 -46.58
CA THR J 13 -26.42 -9.54 -47.28
C THR J 13 -25.31 -9.84 -46.30
N PRO J 14 -24.14 -10.26 -46.80
CA PRO J 14 -23.05 -10.63 -45.88
C PRO J 14 -22.70 -9.55 -44.89
N GLU J 15 -22.79 -8.28 -45.29
CA GLU J 15 -22.45 -7.19 -44.39
C GLU J 15 -23.52 -6.99 -43.31
N ASP J 16 -24.74 -7.50 -43.54
CA ASP J 16 -25.84 -7.39 -42.58
C ASP J 16 -26.57 -8.72 -42.50
N THR J 17 -26.22 -9.52 -41.49
CA THR J 17 -26.82 -10.84 -41.31
C THR J 17 -27.76 -10.86 -40.09
N ALA J 18 -28.12 -9.68 -39.59
CA ALA J 18 -28.93 -9.57 -38.39
C ALA J 18 -30.29 -8.93 -38.65
N GLU J 19 -30.29 -7.77 -39.28
CA GLU J 19 -31.51 -6.99 -39.46
C GLU J 19 -31.97 -7.05 -40.91
N ASP J 20 -33.26 -7.30 -41.11
CA ASP J 20 -33.84 -7.29 -42.44
C ASP J 20 -33.89 -5.87 -42.98
N THR J 21 -33.27 -5.65 -44.14
CA THR J 21 -33.16 -4.32 -44.73
C THR J 21 -34.11 -4.12 -45.91
N CYS J 22 -34.34 -5.18 -46.69
CA CYS J 22 -35.14 -5.09 -47.90
C CYS J 22 -36.51 -5.72 -47.67
N HIS J 23 -37.39 -5.55 -48.67
CA HIS J 23 -38.72 -6.15 -48.61
C HIS J 23 -39.15 -6.44 -50.05
N LEU J 24 -38.94 -7.69 -50.49
CA LEU J 24 -39.28 -8.10 -51.85
C LEU J 24 -40.78 -8.34 -51.94
N ILE J 25 -41.52 -7.25 -52.10
CA ILE J 25 -42.98 -7.37 -52.14
C ILE J 25 -43.39 -8.09 -53.42
N PRO J 26 -44.17 -9.17 -53.35
CA PRO J 26 -44.61 -9.85 -54.58
C PRO J 26 -45.41 -8.92 -55.46
N GLY J 27 -45.27 -9.10 -56.76
CA GLY J 27 -45.98 -8.30 -57.74
C GLY J 27 -45.33 -6.97 -58.00
N VAL J 28 -44.88 -6.29 -56.94
CA VAL J 28 -44.21 -5.00 -57.07
C VAL J 28 -42.77 -5.28 -57.46
N THR J 29 -42.48 -5.18 -58.75
CA THR J 29 -41.15 -5.51 -59.24
C THR J 29 -40.09 -4.54 -58.76
N GLU J 30 -40.49 -3.40 -58.20
CA GLU J 30 -39.54 -2.36 -57.84
C GLU J 30 -38.52 -2.86 -56.84
N SER J 31 -38.93 -3.77 -55.95
CA SER J 31 -38.04 -4.24 -54.89
C SER J 31 -36.84 -4.98 -55.46
N VAL J 32 -37.06 -5.73 -56.55
CA VAL J 32 -35.96 -6.51 -57.13
C VAL J 32 -34.86 -5.58 -57.59
N ALA J 33 -35.21 -4.49 -58.25
CA ALA J 33 -34.22 -3.52 -58.68
C ALA J 33 -33.66 -2.75 -57.48
N ASN J 34 -34.50 -2.50 -56.48
CA ASN J 34 -34.04 -1.76 -55.32
C ASN J 34 -32.91 -2.51 -54.60
N CYS J 35 -33.04 -3.82 -54.46
CA CYS J 35 -32.05 -4.62 -53.77
C CYS J 35 -31.46 -5.62 -54.74
N HIS J 36 -30.13 -5.62 -54.85
CA HIS J 36 -29.45 -6.41 -55.86
C HIS J 36 -29.81 -7.88 -55.74
N PHE J 37 -30.06 -8.51 -56.88
CA PHE J 37 -30.51 -9.91 -56.94
C PHE J 37 -29.90 -10.54 -58.18
N ASN J 38 -28.79 -11.24 -57.99
CA ASN J 38 -28.10 -11.88 -59.11
C ASN J 38 -28.97 -13.00 -59.65
N HIS J 39 -29.63 -12.74 -60.78
CA HIS J 39 -30.56 -13.69 -61.37
C HIS J 39 -29.86 -14.92 -61.95
N SER J 40 -28.53 -14.89 -62.05
CA SER J 40 -27.80 -16.03 -62.58
C SER J 40 -27.45 -17.03 -61.48
N SER J 41 -27.16 -16.55 -60.28
CA SER J 41 -26.64 -17.42 -59.24
C SER J 41 -27.77 -18.12 -58.49
N LYS J 42 -27.38 -19.03 -57.61
CA LYS J 42 -28.33 -19.80 -56.80
C LYS J 42 -28.88 -18.91 -55.69
N THR J 43 -30.08 -19.25 -55.22
CA THR J 43 -30.74 -18.45 -54.20
C THR J 43 -31.46 -19.34 -53.21
N PHE J 44 -31.05 -19.27 -51.95
CA PHE J 44 -31.66 -20.07 -50.89
C PHE J 44 -32.88 -19.36 -50.32
N VAL J 45 -33.68 -20.13 -49.59
CA VAL J 45 -34.86 -19.60 -48.91
C VAL J 45 -34.97 -20.24 -47.54
N VAL J 46 -34.70 -19.46 -46.50
CA VAL J 46 -34.75 -19.94 -45.13
C VAL J 46 -36.15 -19.72 -44.58
N ILE J 47 -36.71 -20.76 -43.99
CA ILE J 47 -38.04 -20.71 -43.40
C ILE J 47 -37.90 -21.17 -41.96
N HIS J 48 -37.85 -20.21 -41.04
CA HIS J 48 -37.78 -20.55 -39.63
C HIS J 48 -39.14 -21.04 -39.16
N GLY J 49 -39.23 -21.30 -37.85
CA GLY J 49 -40.42 -21.92 -37.30
C GLY J 49 -40.98 -21.20 -36.09
N TRP J 50 -41.78 -21.93 -35.31
CA TRP J 50 -42.51 -21.33 -34.21
C TRP J 50 -41.55 -20.74 -33.19
N THR J 51 -41.92 -19.58 -32.65
CA THR J 51 -41.11 -18.91 -31.64
C THR J 51 -42.03 -18.29 -30.61
N VAL J 52 -41.79 -18.62 -29.34
CA VAL J 52 -42.56 -18.02 -28.26
C VAL J 52 -42.35 -16.51 -28.23
N THR J 53 -41.13 -16.07 -28.53
CA THR J 53 -40.84 -14.64 -28.55
C THR J 53 -41.37 -14.04 -29.85
N GLY J 54 -41.12 -12.74 -30.02
CA GLY J 54 -41.56 -12.04 -31.21
C GLY J 54 -40.40 -11.63 -32.10
N MET J 55 -39.42 -12.52 -32.22
CA MET J 55 -38.25 -12.23 -33.03
C MET J 55 -37.63 -13.53 -33.51
N TYR J 56 -36.73 -13.41 -34.48
CA TYR J 56 -36.06 -14.57 -35.05
C TYR J 56 -35.23 -15.27 -33.97
N GLU J 57 -35.15 -16.59 -34.07
CA GLU J 57 -34.32 -17.36 -33.17
C GLU J 57 -32.85 -16.96 -33.35
N SER J 58 -32.02 -17.46 -32.45
CA SER J 58 -30.62 -17.04 -32.39
C SER J 58 -29.74 -17.72 -33.44
N TRP J 59 -30.27 -18.67 -34.20
CA TRP J 59 -29.45 -19.44 -35.13
C TRP J 59 -29.47 -18.87 -36.55
N VAL J 60 -30.49 -18.10 -36.90
CA VAL J 60 -30.60 -17.58 -38.26
C VAL J 60 -29.36 -16.77 -38.67
N PRO J 61 -28.85 -15.85 -37.84
CA PRO J 61 -27.67 -15.08 -38.29
C PRO J 61 -26.49 -15.96 -38.62
N LYS J 62 -26.18 -16.92 -37.75
CA LYS J 62 -25.06 -17.82 -38.01
C LYS J 62 -25.31 -18.63 -39.27
N LEU J 63 -26.52 -19.14 -39.44
CA LEU J 63 -26.83 -19.93 -40.64
C LEU J 63 -26.58 -19.12 -41.90
N VAL J 64 -27.11 -17.89 -41.93
CA VAL J 64 -27.01 -17.09 -43.15
C VAL J 64 -25.56 -16.68 -43.40
N ALA J 65 -24.83 -16.36 -42.32
CA ALA J 65 -23.42 -16.00 -42.48
C ALA J 65 -22.65 -17.15 -43.08
N ALA J 66 -22.88 -18.36 -42.57
CA ALA J 66 -22.18 -19.53 -43.11
C ALA J 66 -22.60 -19.80 -44.54
N LEU J 67 -23.87 -19.56 -44.86
CA LEU J 67 -24.35 -19.77 -46.22
C LEU J 67 -23.61 -18.87 -47.19
N TYR J 68 -23.47 -17.59 -46.83
CA TYR J 68 -22.68 -16.69 -47.67
C TYR J 68 -21.22 -17.12 -47.73
N LYS J 69 -20.65 -17.55 -46.61
CA LYS J 69 -19.28 -18.01 -46.62
C LYS J 69 -19.10 -19.15 -47.62
N ARG J 70 -20.05 -20.09 -47.64
CA ARG J 70 -19.93 -21.23 -48.53
C ARG J 70 -20.15 -20.85 -49.98
N GLU J 71 -21.20 -20.07 -50.26
CA GLU J 71 -21.58 -19.74 -51.63
C GLU J 71 -21.77 -18.24 -51.76
N PRO J 72 -20.68 -17.49 -51.94
CA PRO J 72 -20.80 -16.04 -52.13
C PRO J 72 -21.50 -15.71 -53.44
N ASP J 73 -21.88 -14.44 -53.56
CA ASP J 73 -22.58 -13.95 -54.74
C ASP J 73 -23.82 -14.76 -55.01
N SER J 74 -24.53 -15.12 -53.94
CA SER J 74 -25.76 -15.88 -54.04
C SER J 74 -26.79 -15.26 -53.10
N ASN J 75 -28.00 -15.06 -53.61
CA ASN J 75 -29.02 -14.35 -52.85
C ASN J 75 -29.57 -15.23 -51.75
N VAL J 76 -30.09 -14.57 -50.71
CA VAL J 76 -30.70 -15.24 -49.57
C VAL J 76 -32.02 -14.54 -49.28
N ILE J 77 -33.05 -15.32 -49.03
CA ILE J 77 -34.38 -14.80 -48.72
C ILE J 77 -34.81 -15.33 -47.36
N VAL J 78 -35.39 -14.45 -46.56
CA VAL J 78 -35.93 -14.82 -45.26
C VAL J 78 -37.39 -14.43 -45.21
N VAL J 79 -38.17 -15.17 -44.44
CA VAL J 79 -39.59 -14.97 -44.31
C VAL J 79 -39.89 -14.36 -42.95
N ASP J 80 -41.16 -13.97 -42.78
CA ASP J 80 -41.58 -13.20 -41.60
C ASP J 80 -42.73 -13.90 -40.88
N TRP J 81 -42.54 -15.16 -40.55
CA TRP J 81 -43.50 -15.93 -39.76
C TRP J 81 -44.13 -15.09 -38.66
N LEU J 82 -43.35 -14.17 -38.10
CA LEU J 82 -43.84 -13.33 -37.02
C LEU J 82 -45.18 -12.70 -37.39
N SER J 83 -45.98 -12.40 -36.38
CA SER J 83 -47.35 -11.89 -36.47
C SER J 83 -48.35 -13.01 -36.72
N ARG J 84 -47.90 -14.20 -37.09
CA ARG J 84 -48.76 -15.36 -37.29
C ARG J 84 -48.31 -16.55 -36.47
N ALA J 85 -47.00 -16.73 -36.29
CA ALA J 85 -46.51 -17.85 -35.52
C ALA J 85 -46.66 -17.63 -34.01
N GLN J 86 -46.67 -16.38 -33.57
CA GLN J 86 -46.81 -16.12 -32.15
C GLN J 86 -48.11 -16.67 -31.59
N GLN J 87 -49.08 -16.91 -32.46
CA GLN J 87 -50.37 -17.41 -32.02
C GLN J 87 -50.22 -18.83 -31.48
N HIS J 88 -51.32 -19.38 -30.99
CA HIS J 88 -51.32 -20.74 -30.46
C HIS J 88 -50.69 -21.70 -31.46
N TYR J 89 -49.98 -22.69 -30.94
CA TYR J 89 -49.21 -23.59 -31.81
C TYR J 89 -50.09 -24.28 -32.84
N PRO J 90 -51.23 -24.85 -32.48
CA PRO J 90 -52.13 -25.39 -33.52
C PRO J 90 -52.51 -24.36 -34.57
N VAL J 91 -52.68 -23.11 -34.17
CA VAL J 91 -52.99 -22.07 -35.15
C VAL J 91 -51.88 -21.96 -36.18
N SER J 92 -50.63 -22.10 -35.74
CA SER J 92 -49.51 -22.12 -36.68
C SER J 92 -49.58 -23.35 -37.57
N ALA J 93 -49.99 -24.48 -37.01
CA ALA J 93 -50.15 -25.68 -37.82
C ALA J 93 -51.17 -25.44 -38.93
N GLY J 94 -52.25 -24.74 -38.62
CA GLY J 94 -53.21 -24.38 -39.66
C GLY J 94 -52.65 -23.38 -40.65
N TYR J 95 -51.94 -22.37 -40.15
CA TYR J 95 -51.40 -21.30 -40.99
C TYR J 95 -50.26 -21.77 -41.87
N THR J 96 -49.73 -22.97 -41.62
CA THR J 96 -48.73 -23.52 -42.54
C THR J 96 -49.26 -23.52 -43.96
N LYS J 97 -50.54 -23.83 -44.14
CA LYS J 97 -51.12 -23.87 -45.48
C LYS J 97 -51.10 -22.48 -46.11
N LEU J 98 -51.46 -21.46 -45.33
CA LEU J 98 -51.45 -20.10 -45.86
C LEU J 98 -50.05 -19.67 -46.27
N VAL J 99 -49.06 -19.97 -45.41
CA VAL J 99 -47.69 -19.57 -45.73
C VAL J 99 -47.19 -20.33 -46.93
N GLY J 100 -47.57 -21.59 -47.06
CA GLY J 100 -47.17 -22.36 -48.23
C GLY J 100 -47.76 -21.80 -49.51
N GLN J 101 -49.05 -21.46 -49.47
CA GLN J 101 -49.67 -20.82 -50.62
C GLN J 101 -48.98 -19.52 -50.95
N ASP J 102 -48.61 -18.75 -49.92
CA ASP J 102 -47.94 -17.48 -50.14
C ASP J 102 -46.59 -17.67 -50.81
N VAL J 103 -45.82 -18.64 -50.34
CA VAL J 103 -44.51 -18.90 -50.92
C VAL J 103 -44.64 -19.40 -52.35
N ALA J 104 -45.64 -20.25 -52.59
CA ALA J 104 -45.88 -20.73 -53.95
C ALA J 104 -46.22 -19.57 -54.87
N LYS J 105 -47.05 -18.65 -54.41
CA LYS J 105 -47.38 -17.48 -55.21
C LYS J 105 -46.14 -16.64 -55.47
N PHE J 106 -45.30 -16.47 -54.46
CA PHE J 106 -44.06 -15.73 -54.62
C PHE J 106 -43.21 -16.34 -55.72
N MET J 107 -42.99 -17.65 -55.65
CA MET J 107 -42.11 -18.31 -56.60
C MET J 107 -42.71 -18.29 -57.99
N ASN J 108 -44.03 -18.47 -58.09
CA ASN J 108 -44.69 -18.42 -59.39
C ASN J 108 -44.57 -17.03 -60.02
N TRP J 109 -44.74 -15.99 -59.20
CA TRP J 109 -44.57 -14.63 -59.68
C TRP J 109 -43.14 -14.41 -60.18
N MET J 110 -42.17 -14.93 -59.45
CA MET J 110 -40.79 -14.80 -59.88
C MET J 110 -40.56 -15.52 -61.21
N ALA J 111 -41.09 -16.74 -61.33
CA ALA J 111 -40.92 -17.51 -62.55
C ALA J 111 -41.72 -16.95 -63.72
N ASP J 112 -42.69 -16.09 -63.45
CA ASP J 112 -43.43 -15.42 -64.52
C ASP J 112 -42.76 -14.13 -64.96
N GLU J 113 -42.44 -13.25 -64.01
CA GLU J 113 -41.85 -11.97 -64.38
C GLU J 113 -40.41 -12.12 -64.83
N PHE J 114 -39.60 -12.87 -64.07
CA PHE J 114 -38.19 -13.01 -64.34
C PHE J 114 -37.79 -14.40 -64.81
N ASN J 115 -38.75 -15.32 -64.90
CA ASN J 115 -38.50 -16.71 -65.32
C ASN J 115 -37.21 -17.24 -64.72
N TYR J 116 -36.98 -16.97 -63.44
CA TYR J 116 -35.80 -17.47 -62.77
C TYR J 116 -35.85 -19.00 -62.74
N PRO J 117 -34.77 -19.68 -63.10
CA PRO J 117 -34.80 -21.16 -63.10
C PRO J 117 -35.09 -21.70 -61.72
N LEU J 118 -36.11 -22.56 -61.63
CA LEU J 118 -36.50 -23.14 -60.35
C LEU J 118 -35.50 -24.17 -59.86
N GLY J 119 -34.53 -24.54 -60.70
CA GLY J 119 -33.59 -25.57 -60.33
C GLY J 119 -32.40 -25.04 -59.56
N ASN J 120 -32.53 -23.82 -59.02
CA ASN J 120 -31.43 -23.17 -58.32
C ASN J 120 -31.90 -22.53 -57.02
N VAL J 121 -32.84 -23.18 -56.33
CA VAL J 121 -33.41 -22.65 -55.10
C VAL J 121 -33.55 -23.76 -54.07
N HIS J 122 -33.19 -23.47 -52.83
CA HIS J 122 -33.38 -24.38 -51.71
C HIS J 122 -34.43 -23.79 -50.77
N LEU J 123 -35.36 -24.63 -50.33
CA LEU J 123 -36.34 -24.23 -49.33
C LEU J 123 -35.90 -24.80 -47.97
N LEU J 124 -34.86 -24.17 -47.40
CA LEU J 124 -34.37 -24.60 -46.10
C LEU J 124 -35.47 -24.46 -45.06
N GLY J 125 -35.93 -25.61 -44.56
CA GLY J 125 -37.03 -25.64 -43.63
C GLY J 125 -36.62 -26.20 -42.28
N TYR J 126 -37.05 -25.50 -41.24
CA TYR J 126 -36.81 -25.91 -39.86
C TYR J 126 -38.17 -26.01 -39.18
N SER J 127 -38.20 -26.75 -38.08
CA SER J 127 -39.39 -26.86 -37.24
C SER J 127 -40.64 -26.95 -38.12
N LEU J 128 -41.62 -26.08 -37.93
CA LEU J 128 -42.78 -26.05 -38.81
C LEU J 128 -42.41 -25.62 -40.21
N GLY J 129 -41.26 -24.94 -40.36
CA GLY J 129 -40.89 -24.41 -41.67
C GLY J 129 -40.69 -25.50 -42.70
N ALA J 130 -40.17 -26.65 -42.25
CA ALA J 130 -39.99 -27.75 -43.19
C ALA J 130 -41.32 -28.20 -43.77
N HIS J 131 -42.33 -28.39 -42.93
CA HIS J 131 -43.64 -28.76 -43.44
C HIS J 131 -44.23 -27.65 -44.29
N ALA J 132 -43.94 -26.40 -43.93
CA ALA J 132 -44.44 -25.28 -44.72
C ALA J 132 -43.88 -25.33 -46.14
N ALA J 133 -42.58 -25.55 -46.25
CA ALA J 133 -41.98 -25.66 -47.58
C ALA J 133 -42.53 -26.87 -48.31
N GLY J 134 -42.69 -28.00 -47.60
CA GLY J 134 -43.18 -29.19 -48.25
C GLY J 134 -44.55 -28.99 -48.87
N ILE J 135 -45.47 -28.39 -48.10
CA ILE J 135 -46.76 -28.03 -48.67
C ILE J 135 -46.57 -27.01 -49.77
N ALA J 136 -45.49 -26.22 -49.68
CA ALA J 136 -45.12 -25.33 -50.76
C ALA J 136 -44.40 -26.12 -51.85
N GLY J 137 -44.11 -25.44 -52.95
CA GLY J 137 -43.45 -26.09 -54.08
C GLY J 137 -44.39 -27.00 -54.83
N SER J 138 -45.11 -27.86 -54.10
CA SER J 138 -46.10 -28.73 -54.73
C SER J 138 -47.08 -27.93 -55.57
N LEU J 139 -47.44 -26.73 -55.11
CA LEU J 139 -48.30 -25.86 -55.91
C LEU J 139 -47.54 -25.23 -57.06
N THR J 140 -46.22 -25.14 -56.95
CA THR J 140 -45.42 -24.57 -58.03
C THR J 140 -45.51 -25.44 -59.27
N ASN J 141 -45.50 -24.79 -60.43
CA ASN J 141 -45.64 -25.51 -61.69
C ASN J 141 -44.34 -26.22 -62.10
N LYS J 142 -43.19 -25.63 -61.80
CA LYS J 142 -41.91 -26.13 -62.28
C LYS J 142 -41.11 -26.86 -61.20
N LYS J 143 -41.75 -27.26 -60.11
CA LYS J 143 -41.07 -28.04 -59.08
C LYS J 143 -39.87 -27.28 -58.50
N VAL J 144 -39.18 -27.92 -57.56
CA VAL J 144 -38.04 -27.30 -56.88
C VAL J 144 -36.92 -28.32 -56.77
N ASN J 145 -35.69 -27.85 -56.92
CA ASN J 145 -34.53 -28.72 -56.87
C ASN J 145 -34.37 -29.38 -55.50
N ARG J 146 -34.11 -28.56 -54.47
CA ARG J 146 -33.83 -29.06 -53.14
C ARG J 146 -34.79 -28.43 -52.13
N ILE J 147 -35.27 -29.24 -51.19
CA ILE J 147 -36.20 -28.79 -50.17
C ILE J 147 -35.67 -29.21 -48.80
N THR J 148 -34.35 -29.33 -48.68
CA THR J 148 -33.73 -29.82 -47.46
C THR J 148 -34.30 -29.13 -46.23
N GLY J 149 -34.91 -29.91 -45.34
CA GLY J 149 -35.48 -29.41 -44.12
C GLY J 149 -34.63 -29.77 -42.90
N LEU J 150 -35.11 -29.35 -41.74
CA LEU J 150 -34.41 -29.58 -40.48
C LEU J 150 -35.41 -29.87 -39.39
N ASP J 151 -35.36 -31.09 -38.86
CA ASP J 151 -36.18 -31.46 -37.72
C ASP J 151 -37.65 -31.19 -38.02
N PRO J 152 -38.23 -31.88 -38.99
CA PRO J 152 -39.65 -31.67 -39.30
C PRO J 152 -40.52 -31.92 -38.09
N ALA J 153 -41.54 -31.09 -37.95
CA ALA J 153 -42.46 -31.21 -36.83
C ALA J 153 -43.27 -32.48 -36.93
N GLY J 154 -43.54 -33.09 -35.78
CA GLY J 154 -44.28 -34.33 -35.71
C GLY J 154 -45.77 -34.15 -35.48
N PRO J 155 -46.14 -33.34 -34.49
CA PRO J 155 -47.56 -33.22 -34.14
C PRO J 155 -48.39 -32.73 -35.31
N ASN J 156 -49.60 -33.27 -35.41
CA ASN J 156 -50.57 -32.86 -36.42
C ASN J 156 -50.04 -33.08 -37.84
N PHE J 157 -48.99 -33.87 -37.99
CA PHE J 157 -48.47 -34.23 -39.30
C PHE J 157 -48.30 -35.72 -39.48
N GLU J 158 -48.08 -36.47 -38.40
CA GLU J 158 -48.18 -37.92 -38.50
C GLU J 158 -49.61 -38.32 -38.81
N TYR J 159 -49.76 -39.48 -39.43
CA TYR J 159 -51.08 -39.95 -39.88
C TYR J 159 -51.69 -38.93 -40.85
N ALA J 160 -50.86 -38.41 -41.76
CA ALA J 160 -51.28 -37.41 -42.73
C ALA J 160 -50.89 -37.87 -44.13
N GLU J 161 -51.02 -36.97 -45.10
CA GLU J 161 -50.72 -37.25 -46.49
C GLU J 161 -49.83 -36.14 -47.05
N ALA J 162 -49.38 -36.36 -48.29
CA ALA J 162 -48.50 -35.40 -48.94
C ALA J 162 -49.05 -33.98 -48.98
N PRO J 163 -50.31 -33.74 -49.34
CA PRO J 163 -50.79 -32.35 -49.40
C PRO J 163 -50.68 -31.63 -48.07
N SER J 164 -50.83 -32.34 -46.95
CA SER J 164 -50.83 -31.72 -45.64
C SER J 164 -49.50 -31.84 -44.92
N ARG J 165 -48.48 -32.44 -45.54
CA ARG J 165 -47.18 -32.57 -44.90
C ARG J 165 -46.12 -32.75 -45.96
N LEU J 166 -44.87 -32.59 -45.54
CA LEU J 166 -43.75 -32.75 -46.46
C LEU J 166 -43.77 -34.14 -47.07
N SER J 167 -43.55 -34.21 -48.37
CA SER J 167 -43.58 -35.45 -49.12
C SER J 167 -42.40 -35.50 -50.07
N PRO J 168 -41.95 -36.71 -50.44
CA PRO J 168 -40.83 -36.80 -51.39
C PRO J 168 -41.14 -36.18 -52.73
N ASP J 169 -42.41 -36.20 -53.16
CA ASP J 169 -42.79 -35.64 -54.45
C ASP J 169 -42.90 -34.13 -54.42
N ASP J 170 -42.80 -33.50 -53.24
CA ASP J 170 -42.90 -32.06 -53.14
C ASP J 170 -41.77 -31.35 -53.87
N ALA J 171 -40.69 -32.06 -54.20
CA ALA J 171 -39.56 -31.45 -54.85
C ALA J 171 -38.72 -32.53 -55.52
N ASP J 172 -37.77 -32.10 -56.34
CA ASP J 172 -36.92 -33.04 -57.06
C ASP J 172 -36.12 -33.89 -56.10
N PHE J 173 -35.52 -33.27 -55.09
CA PHE J 173 -34.73 -33.97 -54.09
C PHE J 173 -35.08 -33.42 -52.72
N VAL J 174 -34.91 -34.26 -51.71
CA VAL J 174 -35.27 -33.88 -50.34
C VAL J 174 -34.41 -34.68 -49.37
N ASP J 175 -34.14 -34.07 -48.22
CA ASP J 175 -33.44 -34.75 -47.14
C ASP J 175 -33.79 -34.05 -45.83
N VAL J 176 -33.91 -34.84 -44.77
CA VAL J 176 -34.31 -34.35 -43.46
C VAL J 176 -33.31 -34.84 -42.42
N LEU J 177 -33.26 -34.12 -41.31
CA LEU J 177 -32.34 -34.41 -40.22
C LEU J 177 -33.18 -34.75 -38.98
N HIS J 178 -33.52 -36.03 -38.84
CA HIS J 178 -34.30 -36.46 -37.69
C HIS J 178 -33.44 -36.45 -36.43
N THR J 179 -33.35 -35.30 -35.79
CA THR J 179 -32.46 -35.11 -34.66
C THR J 179 -33.13 -35.38 -33.31
N PHE J 180 -34.41 -35.75 -33.31
CA PHE J 180 -35.10 -35.98 -32.04
C PHE J 180 -36.36 -36.77 -32.32
N THR J 181 -36.49 -37.94 -31.69
CA THR J 181 -37.67 -38.78 -31.89
C THR J 181 -38.12 -39.47 -30.60
N ARG J 182 -37.51 -39.17 -29.46
CA ARG J 182 -37.85 -39.87 -28.24
C ARG J 182 -39.31 -39.60 -27.87
N GLY J 183 -40.02 -40.66 -27.49
CA GLY J 183 -41.40 -40.58 -27.09
C GLY J 183 -42.26 -41.56 -27.86
N SER J 184 -43.54 -41.59 -27.49
CA SER J 184 -44.48 -42.48 -28.14
C SER J 184 -44.71 -42.05 -29.58
N PRO J 185 -45.07 -42.98 -30.47
CA PRO J 185 -45.39 -42.60 -31.84
C PRO J 185 -46.54 -41.61 -31.88
N GLY J 186 -46.44 -40.64 -32.79
CA GLY J 186 -47.47 -39.66 -32.98
C GLY J 186 -47.52 -38.57 -31.93
N ARG J 187 -46.67 -38.63 -30.91
CA ARG J 187 -46.63 -37.60 -29.89
C ARG J 187 -45.25 -36.97 -29.71
N SER J 188 -44.18 -37.62 -30.15
CA SER J 188 -42.87 -36.99 -30.13
C SER J 188 -42.86 -35.80 -31.07
N ILE J 189 -42.18 -34.74 -30.65
CA ILE J 189 -42.14 -33.51 -31.45
C ILE J 189 -41.60 -33.81 -32.84
N GLY J 190 -40.55 -34.63 -32.92
CA GLY J 190 -39.91 -34.91 -34.19
C GLY J 190 -40.53 -36.12 -34.87
N ILE J 191 -41.06 -35.90 -36.07
CA ILE J 191 -41.64 -37.00 -36.82
C ILE J 191 -40.60 -38.09 -37.01
N GLN J 192 -41.02 -39.33 -36.83
CA GLN J 192 -40.15 -40.49 -36.99
C GLN J 192 -40.36 -41.22 -38.30
N LYS J 193 -41.53 -41.09 -38.91
CA LYS J 193 -41.78 -41.73 -40.19
C LYS J 193 -40.88 -41.11 -41.25
N PRO J 194 -40.13 -41.90 -42.01
CA PRO J 194 -39.28 -41.32 -43.05
C PRO J 194 -40.12 -40.61 -44.10
N VAL J 195 -39.60 -39.50 -44.60
CA VAL J 195 -40.34 -38.62 -45.50
C VAL J 195 -39.64 -38.48 -46.84
N GLY J 196 -38.37 -38.10 -46.82
CA GLY J 196 -37.65 -37.81 -48.04
C GLY J 196 -37.06 -39.04 -48.69
N HIS J 197 -36.42 -38.80 -49.83
CA HIS J 197 -35.72 -39.88 -50.52
C HIS J 197 -34.63 -40.47 -49.63
N VAL J 198 -33.91 -39.62 -48.91
CA VAL J 198 -32.91 -40.04 -47.94
C VAL J 198 -33.14 -39.28 -46.66
N ASP J 199 -33.09 -39.99 -45.53
CA ASP J 199 -33.28 -39.40 -44.22
C ASP J 199 -32.11 -39.74 -43.32
N ILE J 200 -31.82 -38.85 -42.37
CA ILE J 200 -30.67 -38.97 -41.51
C ILE J 200 -31.14 -38.98 -40.06
N TYR J 201 -30.65 -39.94 -39.28
CA TYR J 201 -31.07 -40.14 -37.90
C TYR J 201 -29.83 -40.16 -37.02
N PRO J 202 -29.21 -39.00 -36.80
CA PRO J 202 -27.98 -38.98 -35.99
C PRO J 202 -28.25 -39.47 -34.58
N ASN J 203 -27.32 -40.27 -34.07
CA ASN J 203 -27.39 -40.82 -32.71
C ASN J 203 -28.62 -41.69 -32.50
N GLY J 204 -29.36 -42.00 -33.57
CA GLY J 204 -30.61 -42.72 -33.47
C GLY J 204 -31.81 -41.84 -33.16
N GLY J 205 -31.61 -40.55 -32.93
CA GLY J 205 -32.70 -39.64 -32.66
C GLY J 205 -33.19 -39.65 -31.24
N THR J 206 -32.66 -40.51 -30.37
CA THR J 206 -33.12 -40.55 -28.99
C THR J 206 -32.84 -39.24 -28.27
N PHE J 207 -31.65 -38.69 -28.47
CA PHE J 207 -31.24 -37.46 -27.80
C PHE J 207 -29.89 -37.05 -28.40
N GLN J 208 -29.30 -36.01 -27.83
CA GLN J 208 -27.98 -35.55 -28.23
C GLN J 208 -27.09 -35.34 -27.01
N PRO J 209 -25.77 -35.45 -27.19
CA PRO J 209 -24.88 -35.43 -26.01
C PRO J 209 -24.60 -34.04 -25.49
N GLY J 210 -24.60 -33.04 -26.38
CA GLY J 210 -24.18 -31.70 -25.99
C GLY J 210 -25.20 -30.99 -25.12
N CYS J 211 -25.58 -31.62 -24.01
CA CYS J 211 -26.56 -31.06 -23.10
C CYS J 211 -26.58 -31.92 -21.84
N ASN J 212 -27.48 -31.59 -20.92
CA ASN J 212 -27.55 -32.24 -19.62
C ASN J 212 -29.02 -32.39 -19.27
N ILE J 213 -29.29 -32.70 -17.99
CA ILE J 213 -30.68 -32.83 -17.54
C ILE J 213 -31.46 -31.56 -17.85
N GLY J 214 -30.87 -30.40 -17.57
CA GLY J 214 -31.49 -29.14 -17.91
C GLY J 214 -32.34 -28.56 -16.80
N GLU J 215 -33.66 -28.69 -16.93
CA GLU J 215 -34.59 -28.07 -15.98
C GLU J 215 -34.45 -28.71 -14.60
N ALA J 216 -33.88 -27.98 -13.65
CA ALA J 216 -33.76 -28.50 -12.30
C ALA J 216 -35.11 -28.51 -11.60
N LEU J 217 -35.88 -27.43 -11.73
CA LEU J 217 -37.20 -27.34 -11.11
C LEU J 217 -38.06 -26.40 -11.93
N ARG J 218 -39.38 -26.50 -11.74
CA ARG J 218 -40.31 -25.70 -12.53
C ARG J 218 -40.10 -24.21 -12.29
N VAL J 219 -39.91 -23.82 -11.03
CA VAL J 219 -39.80 -22.40 -10.67
C VAL J 219 -38.35 -21.97 -10.53
N ILE J 220 -37.52 -22.78 -9.88
CA ILE J 220 -36.14 -22.39 -9.64
C ILE J 220 -35.39 -22.27 -10.97
N ALA J 221 -35.55 -23.24 -11.86
CA ALA J 221 -34.90 -23.20 -13.15
C ALA J 221 -35.72 -22.35 -14.11
N GLU J 222 -35.38 -22.40 -15.40
CA GLU J 222 -36.01 -21.57 -16.43
C GLU J 222 -36.51 -22.50 -17.54
N ARG J 223 -37.75 -22.98 -17.41
CA ARG J 223 -38.32 -23.88 -18.40
C ARG J 223 -38.25 -23.24 -19.78
N GLY J 224 -38.97 -22.15 -19.96
CA GLY J 224 -38.86 -21.34 -21.17
C GLY J 224 -38.42 -19.94 -20.82
N LEU J 225 -37.88 -19.77 -19.61
CA LEU J 225 -37.46 -18.46 -19.12
C LEU J 225 -36.03 -18.16 -19.55
N GLY J 226 -35.76 -18.32 -20.83
CA GLY J 226 -34.38 -18.20 -21.31
C GLY J 226 -33.47 -19.13 -20.53
N ASP J 227 -32.24 -18.67 -20.29
CA ASP J 227 -31.29 -19.38 -19.46
C ASP J 227 -31.19 -20.86 -19.87
N VAL J 228 -31.87 -21.74 -19.14
CA VAL J 228 -31.78 -23.18 -19.41
C VAL J 228 -32.82 -23.64 -20.42
N ASP J 229 -33.60 -22.72 -21.00
CA ASP J 229 -34.52 -23.11 -22.07
C ASP J 229 -33.75 -23.65 -23.27
N GLN J 230 -32.63 -23.01 -23.62
CA GLN J 230 -31.80 -23.52 -24.70
C GLN J 230 -31.28 -24.91 -24.39
N LEU J 231 -30.83 -25.13 -23.15
CA LEU J 231 -30.40 -26.46 -22.75
C LEU J 231 -31.52 -27.47 -22.88
N VAL J 232 -32.75 -27.08 -22.52
CA VAL J 232 -33.89 -27.98 -22.73
C VAL J 232 -34.03 -28.29 -24.21
N LYS J 233 -33.82 -27.29 -25.07
CA LYS J 233 -33.79 -27.52 -26.52
C LYS J 233 -32.42 -28.06 -26.92
N CYS J 234 -32.18 -29.29 -26.46
CA CYS J 234 -30.87 -29.91 -26.63
C CYS J 234 -30.62 -30.29 -28.09
N SER J 235 -31.62 -30.86 -28.75
CA SER J 235 -31.44 -31.47 -30.05
C SER J 235 -32.14 -30.70 -31.17
N HIS J 236 -33.23 -30.00 -30.84
CA HIS J 236 -34.03 -29.34 -31.87
C HIS J 236 -33.20 -28.35 -32.67
N GLU J 237 -32.18 -27.76 -32.05
CA GLU J 237 -31.25 -26.87 -32.75
C GLU J 237 -29.99 -27.59 -33.19
N ARG J 238 -29.78 -28.82 -32.72
CA ARG J 238 -28.61 -29.59 -33.15
C ARG J 238 -28.68 -29.87 -34.64
N SER J 239 -29.88 -29.95 -35.20
CA SER J 239 -30.00 -30.12 -36.65
C SER J 239 -29.34 -28.97 -37.38
N VAL J 240 -29.72 -27.75 -37.02
CA VAL J 240 -29.19 -26.58 -37.72
C VAL J 240 -27.71 -26.41 -37.43
N HIS J 241 -27.29 -26.71 -36.20
CA HIS J 241 -25.87 -26.62 -35.89
C HIS J 241 -25.07 -27.62 -36.72
N LEU J 242 -25.59 -28.83 -36.89
CA LEU J 242 -24.93 -29.81 -37.73
C LEU J 242 -24.85 -29.34 -39.17
N PHE J 243 -25.95 -28.77 -39.67
CA PHE J 243 -25.97 -28.32 -41.06
C PHE J 243 -24.96 -27.21 -41.27
N ILE J 244 -24.89 -26.26 -40.34
CA ILE J 244 -23.97 -25.14 -40.50
C ILE J 244 -22.53 -25.62 -40.38
N ASP J 245 -22.28 -26.59 -39.49
CA ASP J 245 -20.92 -27.13 -39.36
C ASP J 245 -20.51 -27.82 -40.65
N SER J 246 -21.40 -28.62 -41.23
CA SER J 246 -21.09 -29.27 -42.50
C SER J 246 -20.86 -28.25 -43.59
N LEU J 247 -21.68 -27.20 -43.63
CA LEU J 247 -21.53 -26.16 -44.63
C LEU J 247 -20.17 -25.49 -44.52
N LEU J 248 -19.75 -25.19 -43.29
CA LEU J 248 -18.47 -24.52 -43.07
C LEU J 248 -17.31 -25.44 -43.42
N ASN J 249 -17.37 -26.70 -43.00
CA ASN J 249 -16.30 -27.67 -43.28
C ASN J 249 -16.65 -28.48 -44.52
N GLU J 250 -16.50 -27.84 -45.68
CA GLU J 250 -16.79 -28.49 -46.94
C GLU J 250 -15.72 -29.52 -47.31
N GLU J 251 -14.49 -29.35 -46.83
CA GLU J 251 -13.40 -30.21 -47.27
C GLU J 251 -13.57 -31.65 -46.79
N ASN J 252 -14.04 -31.84 -45.56
CA ASN J 252 -14.12 -33.17 -44.94
C ASN J 252 -15.52 -33.40 -44.40
N PRO J 253 -16.49 -33.65 -45.28
CA PRO J 253 -17.85 -33.91 -44.82
C PRO J 253 -17.92 -35.20 -44.02
N SER J 254 -18.84 -35.21 -43.06
CA SER J 254 -19.13 -36.43 -42.31
C SER J 254 -19.90 -37.40 -43.20
N LYS J 255 -19.56 -38.68 -43.10
CA LYS J 255 -20.13 -39.71 -43.96
C LYS J 255 -21.14 -40.52 -43.14
N ALA J 256 -22.40 -40.11 -43.21
CA ALA J 256 -23.47 -40.89 -42.60
C ALA J 256 -23.68 -42.19 -43.38
N TYR J 257 -24.08 -43.22 -42.66
CA TYR J 257 -24.15 -44.57 -43.21
C TYR J 257 -25.61 -45.02 -43.36
N ARG J 258 -25.83 -45.90 -44.33
CA ARG J 258 -27.14 -46.44 -44.62
C ARG J 258 -27.26 -47.83 -44.04
N CYS J 259 -28.41 -48.13 -43.44
CA CYS J 259 -28.59 -49.38 -42.73
C CYS J 259 -30.05 -49.79 -42.79
N ASN J 260 -30.42 -50.74 -41.93
CA ASN J 260 -31.78 -51.24 -41.84
C ASN J 260 -32.51 -50.77 -40.58
N SER J 261 -31.79 -50.65 -39.47
CA SER J 261 -32.42 -50.25 -38.22
C SER J 261 -31.34 -49.71 -37.28
N LYS J 262 -31.80 -48.97 -36.26
CA LYS J 262 -30.86 -48.38 -35.32
C LYS J 262 -30.10 -49.46 -34.55
N GLU J 263 -30.80 -50.53 -34.16
CA GLU J 263 -30.12 -51.62 -33.45
C GLU J 263 -29.10 -52.30 -34.36
N ALA J 264 -29.46 -52.50 -35.62
CA ALA J 264 -28.53 -53.11 -36.56
C ALA J 264 -27.28 -52.24 -36.71
N PHE J 265 -27.46 -50.93 -36.81
CA PHE J 265 -26.32 -50.04 -36.90
C PHE J 265 -25.47 -50.08 -35.64
N GLU J 266 -26.12 -50.11 -34.46
CA GLU J 266 -25.37 -50.21 -33.22
C GLU J 266 -24.54 -51.48 -33.18
N LYS J 267 -25.10 -52.59 -33.66
CA LYS J 267 -24.34 -53.83 -33.73
C LYS J 267 -23.16 -53.68 -34.67
N GLY J 268 -23.37 -53.03 -35.81
CA GLY J 268 -22.30 -52.73 -36.73
C GLY J 268 -22.14 -53.71 -37.88
N LEU J 269 -23.23 -54.24 -38.42
CA LEU J 269 -23.19 -55.17 -39.53
C LEU J 269 -23.57 -54.52 -40.85
N CYS J 270 -23.83 -53.22 -40.85
CA CYS J 270 -24.44 -52.53 -41.98
C CYS J 270 -23.71 -51.23 -42.30
N LEU J 271 -22.38 -51.30 -42.40
CA LEU J 271 -21.56 -50.14 -42.71
C LEU J 271 -21.00 -50.15 -44.12
N SER J 272 -20.58 -51.30 -44.63
CA SER J 272 -20.00 -51.36 -45.96
C SER J 272 -21.01 -50.84 -46.98
N CYS J 273 -20.53 -49.94 -47.85
CA CYS J 273 -21.36 -49.34 -48.89
C CYS J 273 -20.65 -49.49 -50.22
N ARG J 274 -20.82 -50.66 -50.85
CA ARG J 274 -20.30 -50.87 -52.20
C ARG J 274 -21.21 -50.22 -53.23
N LYS J 275 -22.52 -50.29 -53.00
CA LYS J 275 -23.50 -49.68 -53.89
C LYS J 275 -23.70 -48.22 -53.48
N ASN J 276 -24.72 -47.58 -54.04
CA ASN J 276 -24.99 -46.16 -53.74
C ASN J 276 -25.60 -46.06 -52.35
N ARG J 277 -24.74 -46.23 -51.34
CA ARG J 277 -25.12 -46.09 -49.95
C ARG J 277 -24.11 -45.19 -49.24
N CYS J 278 -24.34 -44.98 -47.95
CA CYS J 278 -23.43 -44.22 -47.10
C CYS J 278 -23.09 -42.87 -47.71
N ASN J 279 -24.10 -42.22 -48.28
CA ASN J 279 -23.86 -40.93 -48.91
C ASN J 279 -23.54 -39.86 -47.86
N ASN J 280 -22.97 -38.76 -48.34
CA ASN J 280 -22.58 -37.66 -47.47
C ASN J 280 -23.80 -37.03 -46.82
N MET J 281 -23.58 -36.17 -45.82
CA MET J 281 -24.65 -35.44 -45.17
C MET J 281 -24.33 -33.96 -45.19
N GLY J 282 -25.34 -33.14 -45.44
CA GLY J 282 -25.16 -31.71 -45.53
C GLY J 282 -25.31 -31.18 -46.94
N TYR J 283 -24.65 -30.06 -47.20
CA TYR J 283 -24.74 -29.43 -48.52
C TYR J 283 -24.14 -30.32 -49.59
N GLU J 284 -23.01 -30.97 -49.30
CA GLU J 284 -22.33 -31.80 -50.27
C GLU J 284 -22.95 -33.19 -50.40
N ILE J 285 -24.18 -33.37 -49.92
CA ILE J 285 -24.88 -34.63 -50.11
C ILE J 285 -24.96 -34.95 -51.59
N ASN J 286 -24.87 -36.23 -51.92
CA ASN J 286 -24.98 -36.68 -53.29
C ASN J 286 -26.45 -36.89 -53.65
N LYS J 287 -26.89 -36.23 -54.70
CA LYS J 287 -28.28 -36.34 -55.13
C LYS J 287 -28.54 -37.74 -55.67
N VAL J 288 -29.49 -38.43 -55.07
CA VAL J 288 -29.79 -39.82 -55.42
C VAL J 288 -31.27 -40.06 -55.22
N ARG J 289 -31.81 -40.99 -56.00
CA ARG J 289 -33.20 -41.40 -55.89
C ARG J 289 -33.26 -42.85 -55.41
N ALA J 290 -34.23 -43.15 -54.57
CA ALA J 290 -34.41 -44.47 -54.00
C ALA J 290 -35.82 -44.96 -54.28
N LYS J 291 -35.97 -46.28 -54.37
CA LYS J 291 -37.27 -46.87 -54.63
C LYS J 291 -38.19 -46.80 -53.41
N ARG J 292 -37.65 -46.46 -52.25
CA ARG J 292 -38.45 -46.40 -51.03
C ARG J 292 -37.68 -45.58 -50.00
N SER J 293 -38.27 -45.46 -48.81
CA SER J 293 -37.61 -44.79 -47.70
C SER J 293 -36.29 -45.48 -47.39
N SER J 294 -35.25 -44.68 -47.23
CA SER J 294 -33.90 -45.18 -46.97
C SER J 294 -33.39 -44.54 -45.69
N LYS J 295 -33.49 -45.27 -44.58
CA LYS J 295 -32.98 -44.78 -43.31
C LYS J 295 -31.45 -44.78 -43.31
N MET J 296 -30.88 -44.02 -42.38
CA MET J 296 -29.45 -43.91 -42.23
C MET J 296 -29.12 -43.63 -40.77
N TYR J 297 -27.85 -43.75 -40.43
CA TYR J 297 -27.40 -43.55 -39.06
C TYR J 297 -25.96 -43.07 -39.06
N LEU J 298 -25.55 -42.50 -37.94
CA LEU J 298 -24.18 -42.09 -37.71
C LEU J 298 -24.06 -41.60 -36.28
N LYS J 299 -22.87 -41.16 -35.92
CA LYS J 299 -22.59 -40.57 -34.62
C LYS J 299 -21.96 -39.20 -34.80
N THR J 300 -21.57 -38.58 -33.69
CA THR J 300 -21.08 -37.22 -33.73
C THR J 300 -20.35 -36.89 -32.43
N ARG J 301 -19.55 -35.83 -32.48
CA ARG J 301 -18.90 -35.29 -31.30
C ARG J 301 -19.90 -34.45 -30.52
N SER J 302 -19.41 -33.69 -29.55
CA SER J 302 -20.32 -32.97 -28.67
C SER J 302 -21.00 -31.80 -29.37
N GLN J 303 -20.26 -30.74 -29.71
CA GLN J 303 -20.89 -29.62 -30.39
C GLN J 303 -20.10 -29.03 -31.55
N MET J 304 -18.80 -28.84 -31.40
CA MET J 304 -18.14 -27.92 -32.31
C MET J 304 -17.80 -28.55 -33.67
N PRO J 305 -16.93 -29.58 -33.74
CA PRO J 305 -16.50 -30.03 -35.07
C PRO J 305 -17.39 -31.10 -35.64
N TYR J 306 -18.01 -31.89 -34.75
CA TYR J 306 -18.69 -33.11 -35.17
C TYR J 306 -17.72 -33.95 -35.99
N LYS J 307 -18.21 -34.62 -37.03
CA LYS J 307 -17.34 -35.31 -37.98
C LYS J 307 -16.49 -36.36 -37.26
N VAL J 308 -17.18 -37.39 -36.80
CA VAL J 308 -16.54 -38.51 -36.14
C VAL J 308 -16.35 -39.64 -37.14
N PHE J 309 -15.53 -40.62 -36.77
CA PHE J 309 -15.23 -41.76 -37.62
C PHE J 309 -16.09 -42.96 -37.23
N HIS J 310 -15.82 -44.11 -37.85
CA HIS J 310 -16.51 -45.34 -37.55
C HIS J 310 -15.59 -46.52 -37.87
N TYR J 311 -15.32 -47.35 -36.87
CA TYR J 311 -14.32 -48.40 -36.98
C TYR J 311 -14.85 -49.71 -36.40
N GLN J 312 -16.04 -50.13 -36.84
CA GLN J 312 -16.67 -51.31 -36.25
C GLN J 312 -15.70 -52.49 -36.25
N VAL J 313 -15.89 -53.40 -35.30
CA VAL J 313 -14.94 -54.46 -35.01
C VAL J 313 -15.65 -55.80 -34.93
N LYS J 314 -14.90 -56.86 -35.21
CA LYS J 314 -15.33 -58.24 -35.00
C LYS J 314 -14.29 -58.98 -34.16
N ILE J 315 -14.76 -59.91 -33.34
CA ILE J 315 -13.89 -60.72 -32.49
C ILE J 315 -14.20 -62.19 -32.72
N HIS J 316 -13.15 -62.98 -32.93
CA HIS J 316 -13.29 -64.43 -33.04
C HIS J 316 -12.90 -65.08 -31.72
N PHE J 317 -13.76 -64.86 -30.72
CA PHE J 317 -13.55 -65.46 -29.42
C PHE J 317 -13.45 -66.98 -29.55
N SER J 318 -12.41 -67.55 -28.95
CA SER J 318 -12.23 -69.00 -28.99
C SER J 318 -11.35 -69.38 -27.79
N GLY J 319 -11.99 -69.93 -26.75
CA GLY J 319 -11.27 -70.31 -25.55
C GLY J 319 -11.57 -71.71 -25.10
N THR J 320 -11.13 -72.07 -23.90
CA THR J 320 -11.32 -73.40 -23.35
C THR J 320 -12.49 -73.47 -22.39
N GLU J 321 -12.53 -72.60 -21.40
CA GLU J 321 -13.59 -72.63 -20.40
C GLU J 321 -14.90 -72.18 -21.02
N SER J 322 -15.97 -72.95 -20.81
CA SER J 322 -17.23 -72.74 -21.51
C SER J 322 -18.33 -72.22 -20.60
N ASN J 323 -17.99 -71.43 -19.58
CA ASN J 323 -18.99 -70.82 -18.72
C ASN J 323 -19.38 -69.47 -19.32
N THR J 324 -20.58 -69.39 -19.86
CA THR J 324 -21.03 -68.17 -20.50
C THR J 324 -21.24 -67.06 -19.48
N TYR J 325 -20.92 -65.83 -19.90
CA TYR J 325 -21.12 -64.64 -19.09
C TYR J 325 -21.90 -63.62 -19.89
N THR J 326 -22.52 -62.69 -19.17
CA THR J 326 -23.41 -61.70 -19.78
C THR J 326 -23.20 -60.35 -19.14
N ASN J 327 -23.54 -59.30 -19.90
CA ASN J 327 -23.50 -57.92 -19.42
C ASN J 327 -22.12 -57.59 -18.83
N GLN J 328 -21.11 -57.66 -19.69
CA GLN J 328 -19.75 -57.33 -19.33
C GLN J 328 -19.26 -56.16 -20.15
N ALA J 329 -18.36 -55.38 -19.56
CA ALA J 329 -17.84 -54.17 -20.18
C ALA J 329 -16.46 -54.44 -20.77
N PHE J 330 -16.31 -54.15 -22.05
CA PHE J 330 -15.03 -54.28 -22.73
C PHE J 330 -14.46 -52.89 -22.99
N GLU J 331 -13.18 -52.70 -22.66
CA GLU J 331 -12.47 -51.46 -22.92
C GLU J 331 -11.36 -51.75 -23.91
N ILE J 332 -11.25 -50.92 -24.94
CA ILE J 332 -10.21 -51.05 -25.95
C ILE J 332 -9.65 -49.66 -26.24
N SER J 333 -8.46 -49.67 -26.85
CA SER J 333 -7.81 -48.44 -27.28
C SER J 333 -6.98 -48.74 -28.52
N LEU J 334 -6.72 -47.70 -29.30
CA LEU J 334 -6.05 -47.86 -30.58
C LEU J 334 -5.04 -46.74 -30.78
N TYR J 335 -3.97 -47.06 -31.52
CA TYR J 335 -2.93 -46.11 -31.88
C TYR J 335 -2.71 -46.18 -33.38
N GLY J 336 -2.47 -45.02 -34.00
CA GLY J 336 -2.37 -44.94 -35.44
C GLY J 336 -1.12 -44.24 -35.91
N THR J 337 -1.29 -43.40 -36.94
CA THR J 337 -0.19 -42.68 -37.56
C THR J 337 -0.39 -41.18 -37.57
N VAL J 338 -1.47 -40.68 -36.97
CA VAL J 338 -1.73 -39.25 -36.84
C VAL J 338 -1.97 -38.86 -35.40
N ALA J 339 -2.89 -39.56 -34.73
CA ALA J 339 -3.14 -39.38 -33.31
C ALA J 339 -3.59 -40.73 -32.75
N GLU J 340 -4.08 -40.73 -31.52
CA GLU J 340 -4.47 -41.97 -30.87
C GLU J 340 -5.45 -41.68 -29.73
N SER J 341 -6.46 -42.54 -29.62
CA SER J 341 -7.34 -42.53 -28.47
C SER J 341 -6.75 -43.43 -27.37
N GLU J 342 -7.20 -43.21 -26.14
CA GLU J 342 -6.57 -43.85 -24.99
C GLU J 342 -7.49 -44.79 -24.23
N ASN J 343 -8.67 -44.33 -23.80
CA ASN J 343 -9.48 -45.09 -22.87
C ASN J 343 -10.95 -45.11 -23.30
N ILE J 344 -11.19 -45.44 -24.57
CA ILE J 344 -12.57 -45.49 -25.07
C ILE J 344 -13.19 -46.82 -24.66
N PRO J 345 -14.34 -46.82 -23.97
CA PRO J 345 -14.99 -48.06 -23.58
C PRO J 345 -16.07 -48.48 -24.58
N PHE J 346 -16.62 -49.67 -24.33
CA PHE J 346 -17.80 -50.13 -25.05
C PHE J 346 -18.35 -51.35 -24.32
N THR J 347 -19.53 -51.77 -24.75
CA THR J 347 -20.27 -52.84 -24.09
C THR J 347 -20.59 -53.96 -25.07
N LEU J 348 -20.61 -55.18 -24.52
CA LEU J 348 -20.92 -56.37 -25.32
C LEU J 348 -21.41 -57.49 -24.41
N PRO J 349 -22.72 -57.65 -24.25
CA PRO J 349 -23.23 -58.73 -23.39
C PRO J 349 -23.17 -60.09 -24.07
N GLU J 350 -23.72 -61.10 -23.42
CA GLU J 350 -23.93 -62.42 -24.01
C GLU J 350 -22.64 -63.00 -24.59
N VAL J 351 -21.53 -62.79 -23.88
CA VAL J 351 -20.24 -63.31 -24.32
C VAL J 351 -20.24 -64.82 -24.17
N SER J 352 -19.71 -65.51 -25.18
CA SER J 352 -19.65 -66.96 -25.16
C SER J 352 -18.31 -67.41 -25.74
N THR J 353 -18.21 -68.69 -26.09
CA THR J 353 -16.99 -69.28 -26.63
C THR J 353 -17.26 -69.89 -27.99
N ASN J 354 -16.18 -70.11 -28.74
CA ASN J 354 -16.26 -70.69 -30.08
C ASN J 354 -17.22 -69.90 -30.97
N LYS J 355 -17.46 -68.64 -30.61
CA LYS J 355 -18.44 -67.81 -31.30
C LYS J 355 -17.81 -66.48 -31.65
N THR J 356 -18.31 -65.87 -32.72
CA THR J 356 -17.82 -64.58 -33.19
C THR J 356 -18.83 -63.49 -32.85
N TYR J 357 -18.31 -62.35 -32.44
CA TYR J 357 -19.12 -61.20 -32.05
C TYR J 357 -18.68 -59.98 -32.84
N SER J 358 -19.43 -58.90 -32.70
CA SER J 358 -19.12 -57.65 -33.37
C SER J 358 -19.80 -56.52 -32.63
N PHE J 359 -19.31 -55.31 -32.89
CA PHE J 359 -19.88 -54.13 -32.26
C PHE J 359 -19.44 -52.91 -33.05
N LEU J 360 -20.01 -51.77 -32.68
CA LEU J 360 -19.70 -50.49 -33.31
C LEU J 360 -18.90 -49.62 -32.34
N LEU J 361 -17.82 -49.05 -32.85
CA LEU J 361 -16.99 -48.12 -32.08
C LEU J 361 -16.88 -46.80 -32.84
N TYR J 362 -16.77 -45.71 -32.10
CA TYR J 362 -16.56 -44.40 -32.67
C TYR J 362 -15.46 -43.67 -31.93
N THR J 363 -14.71 -42.87 -32.68
CA THR J 363 -13.69 -42.00 -32.12
C THR J 363 -13.89 -40.61 -32.69
N GLU J 364 -13.37 -39.62 -31.97
CA GLU J 364 -13.59 -38.22 -32.32
C GLU J 364 -12.28 -37.52 -32.69
N VAL J 365 -11.27 -38.28 -33.11
CA VAL J 365 -10.00 -37.72 -33.52
C VAL J 365 -9.51 -38.48 -34.75
N ASP J 366 -8.94 -37.76 -35.71
CA ASP J 366 -8.39 -38.39 -36.90
C ASP J 366 -7.19 -39.25 -36.53
N ILE J 367 -7.13 -40.44 -37.13
CA ILE J 367 -6.11 -41.42 -36.80
C ILE J 367 -5.39 -41.89 -38.04
N GLY J 368 -6.02 -41.74 -39.20
CA GLY J 368 -5.46 -42.31 -40.41
C GLY J 368 -5.40 -43.82 -40.27
N GLU J 369 -4.21 -44.38 -40.50
CA GLU J 369 -4.01 -45.81 -40.35
C GLU J 369 -3.95 -46.16 -38.86
N LEU J 370 -3.89 -47.46 -38.58
CA LEU J 370 -3.91 -47.96 -37.21
C LEU J 370 -2.94 -49.13 -37.10
N LEU J 371 -2.09 -49.09 -36.08
CA LEU J 371 -1.01 -50.06 -35.93
C LEU J 371 -1.32 -51.12 -34.90
N MET J 372 -1.58 -50.71 -33.66
CA MET J 372 -1.74 -51.64 -32.55
C MET J 372 -3.05 -51.35 -31.83
N LEU J 373 -3.44 -52.29 -30.96
CA LEU J 373 -4.74 -52.25 -30.34
C LEU J 373 -4.63 -52.68 -28.88
N LYS J 374 -5.57 -52.22 -28.07
CA LYS J 374 -5.68 -52.57 -26.67
C LYS J 374 -7.02 -53.24 -26.42
N LEU J 375 -7.04 -54.26 -25.55
CA LEU J 375 -8.23 -55.06 -25.33
C LEU J 375 -8.40 -55.35 -23.84
N LYS J 376 -8.28 -54.31 -23.02
CA LYS J 376 -8.45 -54.50 -21.58
C LYS J 376 -9.89 -54.89 -21.26
N TRP J 377 -10.04 -55.67 -20.19
CA TRP J 377 -11.33 -56.13 -19.72
C TRP J 377 -11.49 -55.70 -18.27
N ILE J 378 -12.48 -54.85 -18.01
CA ILE J 378 -12.56 -54.12 -16.76
C ILE J 378 -13.33 -54.94 -15.73
N SER J 379 -13.19 -54.55 -14.46
CA SER J 379 -13.85 -55.23 -13.37
C SER J 379 -14.12 -54.22 -12.25
N ASP J 380 -15.02 -54.60 -11.35
CA ASP J 380 -15.36 -53.79 -10.18
C ASP J 380 -14.70 -54.32 -8.91
N SER J 381 -13.62 -55.08 -9.06
CA SER J 381 -12.85 -55.63 -7.95
C SER J 381 -11.38 -55.27 -8.10
N TYR J 382 -11.09 -53.98 -8.28
CA TYR J 382 -9.75 -53.50 -8.58
C TYR J 382 -8.73 -54.05 -7.59
N PHE J 383 -9.07 -54.08 -6.32
CA PHE J 383 -8.10 -54.38 -5.29
C PHE J 383 -7.58 -55.81 -5.44
N SER J 384 -6.54 -56.13 -4.67
CA SER J 384 -5.84 -57.40 -4.83
C SER J 384 -6.64 -58.60 -4.37
N TRP J 385 -7.91 -58.43 -4.00
CA TRP J 385 -8.76 -59.58 -3.72
C TRP J 385 -8.84 -60.50 -4.92
N SER J 386 -9.14 -59.93 -6.09
CA SER J 386 -9.31 -60.67 -7.33
C SER J 386 -8.09 -60.51 -8.25
N ASN J 387 -6.90 -60.46 -7.67
CA ASN J 387 -5.67 -60.32 -8.43
C ASN J 387 -4.87 -61.62 -8.52
N TRP J 388 -5.16 -62.60 -7.66
CA TRP J 388 -4.47 -63.89 -7.72
C TRP J 388 -5.39 -65.04 -8.10
N TRP J 389 -6.47 -65.26 -7.36
CA TRP J 389 -7.28 -66.45 -7.59
C TRP J 389 -7.86 -66.45 -8.99
N SER J 390 -8.00 -67.65 -9.55
CA SER J 390 -8.36 -67.79 -10.97
C SER J 390 -9.66 -67.09 -11.27
N SER J 391 -9.58 -66.04 -12.07
CA SER J 391 -10.74 -65.33 -12.57
C SER J 391 -11.02 -65.75 -14.01
N PRO J 392 -12.26 -65.61 -14.47
CA PRO J 392 -12.59 -66.07 -15.82
C PRO J 392 -11.73 -65.40 -16.88
N GLY J 393 -11.36 -66.18 -17.89
CA GLY J 393 -10.51 -65.69 -18.96
C GLY J 393 -10.80 -66.39 -20.25
N PHE J 394 -10.36 -65.80 -21.34
CA PHE J 394 -10.56 -66.34 -22.68
C PHE J 394 -9.26 -66.24 -23.46
N ASP J 395 -9.30 -66.72 -24.71
CA ASP J 395 -8.17 -66.62 -25.62
C ASP J 395 -8.60 -65.85 -26.86
N ILE J 396 -7.66 -65.10 -27.42
CA ILE J 396 -7.91 -64.24 -28.58
C ILE J 396 -7.01 -64.68 -29.72
N GLY J 397 -7.61 -64.82 -30.90
CA GLY J 397 -6.86 -65.16 -32.10
C GLY J 397 -6.67 -63.95 -32.98
N LYS J 398 -7.50 -63.83 -34.01
CA LYS J 398 -7.42 -62.72 -34.94
C LYS J 398 -8.50 -61.68 -34.65
N ILE J 399 -8.35 -60.52 -35.26
CA ILE J 399 -9.32 -59.43 -35.14
C ILE J 399 -9.51 -58.79 -36.50
N ARG J 400 -10.75 -58.47 -36.83
CA ARG J 400 -11.12 -58.10 -38.19
C ARG J 400 -11.75 -56.71 -38.26
N VAL J 401 -11.11 -55.72 -37.61
CA VAL J 401 -11.63 -54.37 -37.68
C VAL J 401 -11.75 -53.94 -39.13
N LYS J 402 -12.70 -53.05 -39.41
CA LYS J 402 -12.96 -52.56 -40.76
C LYS J 402 -13.07 -51.05 -40.70
N ALA J 403 -12.19 -50.36 -41.43
CA ALA J 403 -12.24 -48.92 -41.48
C ALA J 403 -13.49 -48.47 -42.24
N GLY J 404 -14.13 -47.43 -41.72
CA GLY J 404 -15.39 -46.96 -42.29
C GLY J 404 -15.23 -46.17 -43.56
N GLU J 405 -14.60 -44.99 -43.47
CA GLU J 405 -14.54 -44.10 -44.63
C GLU J 405 -13.86 -44.78 -45.80
N THR J 406 -12.77 -45.50 -45.54
CA THR J 406 -12.08 -46.30 -46.54
C THR J 406 -12.23 -47.76 -46.17
N GLN J 407 -12.70 -48.57 -47.11
CA GLN J 407 -12.91 -50.00 -46.88
C GLN J 407 -11.55 -50.68 -46.79
N LYS J 408 -11.15 -51.04 -45.57
CA LYS J 408 -9.86 -51.66 -45.32
C LYS J 408 -10.07 -52.82 -44.36
N LYS J 409 -10.10 -54.05 -44.89
CA LYS J 409 -10.25 -55.24 -44.06
C LYS J 409 -8.91 -55.62 -43.43
N VAL J 410 -8.35 -54.68 -42.67
CA VAL J 410 -7.09 -54.93 -41.98
C VAL J 410 -7.30 -56.06 -40.99
N ILE J 411 -6.41 -57.04 -41.02
CA ILE J 411 -6.51 -58.23 -40.19
C ILE J 411 -5.55 -58.07 -39.03
N PHE J 412 -6.08 -57.67 -37.88
CA PHE J 412 -5.29 -57.70 -36.67
C PHE J 412 -5.06 -59.15 -36.24
N CYS J 413 -4.11 -59.33 -35.32
CA CYS J 413 -3.37 -60.58 -35.25
C CYS J 413 -2.74 -60.71 -33.87
N SER J 414 -3.23 -61.64 -33.07
CA SER J 414 -2.65 -61.86 -31.76
C SER J 414 -1.23 -62.38 -31.89
N ARG J 415 -0.45 -62.18 -30.84
CA ARG J 415 0.94 -62.63 -30.85
C ARG J 415 0.97 -64.15 -30.71
N GLU J 416 2.18 -64.71 -30.73
CA GLU J 416 2.33 -66.16 -30.76
C GLU J 416 1.56 -66.83 -29.62
N LYS J 417 1.76 -66.38 -28.39
CA LYS J 417 1.09 -67.00 -27.25
C LYS J 417 0.68 -66.01 -26.18
N MET J 418 0.94 -64.72 -26.38
CA MET J 418 0.94 -63.77 -25.28
C MET J 418 -0.39 -63.01 -25.21
N SER J 419 -1.49 -63.75 -25.15
CA SER J 419 -2.79 -63.09 -25.15
C SER J 419 -3.65 -63.37 -23.92
N TYR J 420 -4.12 -64.61 -23.78
CA TYR J 420 -4.90 -65.09 -22.64
C TYR J 420 -5.68 -63.97 -21.95
N LEU J 421 -6.57 -63.29 -22.67
CA LEU J 421 -7.30 -62.20 -22.06
C LEU J 421 -8.00 -62.68 -20.79
N GLN J 422 -7.87 -61.90 -19.72
CA GLN J 422 -8.44 -62.27 -18.43
C GLN J 422 -9.02 -61.02 -17.76
N LYS J 423 -10.02 -61.24 -16.91
CA LYS J 423 -10.61 -60.14 -16.17
C LYS J 423 -9.60 -59.52 -15.23
N GLY J 424 -9.70 -58.21 -15.06
CA GLY J 424 -8.80 -57.51 -14.14
C GLY J 424 -7.35 -57.74 -14.47
N LYS J 425 -7.01 -57.66 -15.75
CA LYS J 425 -5.66 -57.94 -16.21
C LYS J 425 -5.25 -56.91 -17.24
N SER J 426 -3.96 -56.84 -17.50
CA SER J 426 -3.44 -55.94 -18.51
C SER J 426 -4.05 -56.29 -19.86
N PRO J 427 -4.25 -55.31 -20.74
CA PRO J 427 -4.81 -55.61 -22.06
C PRO J 427 -3.90 -56.53 -22.84
N VAL J 428 -4.37 -56.91 -24.02
CA VAL J 428 -3.64 -57.77 -24.93
C VAL J 428 -3.29 -56.96 -26.17
N ILE J 429 -2.01 -56.94 -26.51
CA ILE J 429 -1.55 -56.16 -27.66
C ILE J 429 -1.85 -56.90 -28.95
N PHE J 430 -2.02 -56.14 -30.02
CA PHE J 430 -2.20 -56.68 -31.35
C PHE J 430 -1.49 -55.78 -32.35
N VAL J 431 -1.24 -56.32 -33.55
CA VAL J 431 -0.47 -55.63 -34.56
C VAL J 431 -1.03 -55.96 -35.94
N LYS J 432 -0.56 -55.22 -36.95
CA LYS J 432 -0.90 -55.51 -38.33
C LYS J 432 -0.17 -56.76 -38.78
N CYS J 433 -0.81 -57.53 -39.67
CA CYS J 433 -0.43 -58.92 -39.86
C CYS J 433 -1.00 -59.42 -41.18
N HIS J 434 -0.59 -60.63 -41.54
CA HIS J 434 -1.15 -61.32 -42.70
C HIS J 434 -0.80 -60.60 -43.99
N ASP K 1 53.08 -20.11 27.24
CA ASP K 1 53.15 -21.08 26.14
C ASP K 1 51.90 -20.99 25.28
N PHE K 2 51.36 -19.79 25.14
CA PHE K 2 50.17 -19.54 24.34
C PHE K 2 50.35 -18.29 23.51
N ARG K 3 51.54 -18.12 22.94
CA ARG K 3 51.86 -16.96 22.12
C ARG K 3 52.14 -17.32 20.67
N ASP K 4 52.15 -18.61 20.32
CA ASP K 4 52.39 -19.06 18.96
C ASP K 4 51.11 -19.64 18.36
N ILE K 5 49.97 -19.05 18.72
CA ILE K 5 48.68 -19.58 18.28
C ILE K 5 48.45 -19.27 16.81
N GLU K 6 48.38 -17.98 16.46
CA GLU K 6 48.26 -17.54 15.07
C GLU K 6 47.09 -18.22 14.37
N SER K 7 46.08 -18.63 15.13
CA SER K 7 44.87 -19.23 14.56
C SER K 7 43.73 -18.94 15.53
N LYS K 8 42.94 -17.92 15.21
CA LYS K 8 41.90 -17.47 16.12
C LYS K 8 40.70 -18.40 16.07
N PHE K 9 40.20 -18.76 17.24
CA PHE K 9 39.02 -19.61 17.40
C PHE K 9 37.81 -18.71 17.58
N ALA K 10 36.84 -18.82 16.67
CA ALA K 10 35.64 -18.01 16.74
C ALA K 10 34.52 -18.80 17.41
N LEU K 11 33.42 -18.10 17.72
CA LEU K 11 32.27 -18.72 18.38
C LEU K 11 31.02 -17.98 17.91
N ARG K 12 30.37 -18.53 16.89
CA ARG K 12 29.17 -17.92 16.36
C ARG K 12 27.95 -18.34 17.18
N THR K 13 26.81 -17.74 16.86
CA THR K 13 25.55 -18.03 17.51
C THR K 13 24.44 -18.09 16.46
N PRO K 14 23.30 -18.68 16.81
CA PRO K 14 22.22 -18.82 15.81
C PRO K 14 21.81 -17.50 15.18
N GLU K 15 21.85 -16.41 15.94
CA GLU K 15 21.47 -15.12 15.39
C GLU K 15 22.51 -14.57 14.43
N ASP K 16 23.75 -15.07 14.50
CA ASP K 16 24.82 -14.63 13.63
C ASP K 16 25.62 -15.85 13.17
N THR K 17 25.31 -16.34 11.97
CA THR K 17 25.98 -17.51 11.41
C THR K 17 26.88 -17.14 10.25
N ALA K 18 27.21 -15.85 10.12
CA ALA K 18 28.00 -15.36 9.00
C ALA K 18 29.32 -14.76 9.45
N GLU K 19 29.29 -13.83 10.40
CA GLU K 19 30.47 -13.09 10.81
C GLU K 19 30.94 -13.56 12.18
N ASP K 20 32.24 -13.79 12.30
CA ASP K 20 32.82 -14.14 13.58
C ASP K 20 32.82 -12.94 14.52
N THR K 21 32.19 -13.09 15.68
CA THR K 21 32.03 -12.00 16.63
C THR K 21 32.98 -12.12 17.82
N CYS K 22 33.26 -13.34 18.27
CA CYS K 22 34.06 -13.58 19.46
C CYS K 22 35.46 -14.05 19.06
N HIS K 23 36.33 -14.14 20.06
CA HIS K 23 37.68 -14.64 19.86
C HIS K 23 38.14 -15.32 21.16
N LEU K 24 37.98 -16.64 21.21
CA LEU K 24 38.35 -17.41 22.39
C LEU K 24 39.86 -17.60 22.42
N ILE K 25 40.56 -16.58 22.89
CA ILE K 25 42.01 -16.64 22.91
C ILE K 25 42.47 -17.69 23.92
N PRO K 26 43.30 -18.66 23.54
CA PRO K 26 43.77 -19.64 24.52
C PRO K 26 44.54 -18.98 25.65
N GLY K 27 44.41 -19.54 26.84
CA GLY K 27 45.10 -19.02 28.01
C GLY K 27 44.38 -17.85 28.64
N VAL K 28 43.91 -16.92 27.83
CA VAL K 28 43.18 -15.76 28.32
C VAL K 28 41.74 -16.21 28.60
N THR K 29 41.46 -16.50 29.86
CA THR K 29 40.16 -17.02 30.23
C THR K 29 39.04 -15.99 30.04
N GLU K 30 39.40 -14.72 29.84
CA GLU K 30 38.40 -13.67 29.79
C GLU K 30 37.39 -13.90 28.68
N SER K 31 37.83 -14.50 27.57
CA SER K 31 36.96 -14.66 26.41
C SER K 31 35.80 -15.59 26.74
N VAL K 32 36.05 -16.62 27.54
CA VAL K 32 35.00 -17.58 27.88
C VAL K 32 33.86 -16.88 28.58
N ALA K 33 34.18 -16.02 29.53
CA ALA K 33 33.14 -15.26 30.22
C ALA K 33 32.53 -14.20 29.29
N ASN K 34 33.35 -13.63 28.41
CA ASN K 34 32.85 -12.60 27.50
C ASN K 34 31.75 -13.16 26.61
N CYS K 35 31.94 -14.36 26.09
CA CYS K 35 30.99 -14.98 25.18
C CYS K 35 30.44 -16.24 25.83
N HIS K 36 29.12 -16.32 25.92
CA HIS K 36 28.48 -17.41 26.65
C HIS K 36 28.91 -18.76 26.10
N PHE K 37 29.20 -19.69 27.01
CA PHE K 37 29.71 -21.02 26.66
C PHE K 37 29.12 -22.01 27.66
N ASN K 38 28.05 -22.68 27.27
CA ASN K 38 27.40 -23.64 28.15
C ASN K 38 28.33 -24.84 28.35
N HIS K 39 28.98 -24.88 29.51
CA HIS K 39 29.95 -25.93 29.80
C HIS K 39 29.31 -27.29 29.99
N SER K 40 27.98 -27.36 30.08
CA SER K 40 27.30 -28.63 30.25
C SER K 40 26.99 -29.29 28.91
N SER K 41 26.67 -28.49 27.90
CA SER K 41 26.20 -29.03 26.64
C SER K 41 27.35 -29.44 25.74
N LYS K 42 26.99 -30.07 24.63
CA LYS K 42 27.96 -30.53 23.64
C LYS K 42 28.47 -29.33 22.83
N THR K 43 29.67 -29.46 22.29
CA THR K 43 30.30 -28.36 21.56
C THR K 43 31.05 -28.91 20.35
N PHE K 44 30.63 -28.48 19.16
CA PHE K 44 31.27 -28.91 17.93
C PHE K 44 32.45 -28.01 17.59
N VAL K 45 33.29 -28.51 16.68
CA VAL K 45 34.43 -27.74 16.19
C VAL K 45 34.56 -27.95 14.69
N VAL K 46 34.25 -26.91 13.93
CA VAL K 46 34.31 -26.97 12.48
C VAL K 46 35.70 -26.54 12.03
N ILE K 47 36.30 -27.33 11.16
CA ILE K 47 37.63 -27.06 10.62
C ILE K 47 37.49 -27.07 9.10
N HIS K 48 37.39 -25.90 8.50
CA HIS K 48 37.34 -25.81 7.06
C HIS K 48 38.72 -26.08 6.47
N GLY K 49 38.81 -25.95 5.15
CA GLY K 49 40.02 -26.32 4.45
C GLY K 49 40.55 -25.27 3.51
N TRP K 50 41.36 -25.70 2.55
CA TRP K 50 42.06 -24.76 1.68
C TRP K 50 41.07 -23.95 0.87
N THR K 51 41.38 -22.67 0.69
CA THR K 51 40.54 -21.78 -0.08
C THR K 51 41.42 -20.83 -0.88
N VAL K 52 41.19 -20.79 -2.20
CA VAL K 52 41.93 -19.87 -3.05
C VAL K 52 41.65 -18.43 -2.65
N THR K 53 40.42 -18.14 -2.23
CA THR K 53 40.07 -16.81 -1.80
C THR K 53 40.57 -16.58 -0.36
N GLY K 54 40.27 -15.40 0.16
CA GLY K 54 40.68 -15.05 1.51
C GLY K 54 39.51 -14.99 2.46
N MET K 55 38.57 -15.91 2.33
CA MET K 55 37.38 -15.93 3.17
C MET K 55 36.83 -17.34 3.24
N TYR K 56 35.94 -17.53 4.20
CA TYR K 56 35.32 -18.84 4.40
C TYR K 56 34.52 -19.23 3.17
N GLU K 57 34.51 -20.53 2.88
CA GLU K 57 33.70 -21.03 1.79
C GLU K 57 32.22 -20.76 2.05
N SER K 58 31.40 -21.03 1.05
CA SER K 58 29.98 -20.68 1.09
C SER K 58 29.14 -21.66 1.89
N TRP K 59 29.72 -22.77 2.36
CA TRP K 59 28.94 -23.81 3.02
C TRP K 59 28.94 -23.69 4.54
N VAL K 60 29.93 -22.99 5.11
CA VAL K 60 30.02 -22.89 6.56
C VAL K 60 28.76 -22.29 7.17
N PRO K 61 28.20 -21.21 6.66
CA PRO K 61 26.99 -20.66 7.29
C PRO K 61 25.84 -21.63 7.34
N LYS K 62 25.57 -22.32 6.23
CA LYS K 62 24.50 -23.31 6.21
C LYS K 62 24.78 -24.43 7.18
N LEU K 63 26.02 -24.92 7.21
CA LEU K 63 26.37 -26.00 8.12
C LEU K 63 26.10 -25.60 9.56
N VAL K 64 26.57 -24.42 9.97
CA VAL K 64 26.44 -24.02 11.36
C VAL K 64 24.97 -23.76 11.70
N ALA K 65 24.23 -23.17 10.77
CA ALA K 65 22.81 -22.94 11.01
C ALA K 65 22.09 -24.25 11.24
N ALA K 66 22.37 -25.25 10.40
CA ALA K 66 21.73 -26.54 10.57
C ALA K 66 22.17 -27.22 11.86
N LEU K 67 23.43 -27.01 12.24
CA LEU K 67 23.92 -27.60 13.48
C LEU K 67 23.16 -27.04 14.68
N TYR K 68 22.95 -25.72 14.70
CA TYR K 68 22.13 -25.13 15.76
C TYR K 68 20.69 -25.63 15.70
N LYS K 69 20.14 -25.74 14.48
CA LYS K 69 18.79 -26.26 14.34
C LYS K 69 18.66 -27.63 14.98
N ARG K 70 19.64 -28.49 14.74
CA ARG K 70 19.58 -29.87 15.24
C ARG K 70 19.81 -29.91 16.75
N GLU K 71 20.81 -29.19 17.25
CA GLU K 71 21.19 -29.26 18.66
C GLU K 71 21.31 -27.85 19.22
N PRO K 72 20.19 -27.24 19.60
CA PRO K 72 20.24 -25.91 20.20
C PRO K 72 20.94 -25.94 21.55
N ASP K 73 21.27 -24.75 22.04
CA ASP K 73 21.94 -24.58 23.33
C ASP K 73 23.23 -25.40 23.36
N SER K 74 23.95 -25.39 22.24
CA SER K 74 25.21 -26.09 22.11
C SER K 74 26.20 -25.18 21.41
N ASN K 75 27.40 -25.08 21.96
CA ASN K 75 28.39 -24.14 21.45
C ASN K 75 28.98 -24.63 20.14
N VAL K 76 29.45 -23.68 19.35
CA VAL K 76 30.09 -23.95 18.06
C VAL K 76 31.37 -23.14 18.00
N ILE K 77 32.44 -23.77 17.54
CA ILE K 77 33.74 -23.13 17.41
C ILE K 77 34.18 -23.21 15.95
N VAL K 78 34.72 -22.12 15.43
CA VAL K 78 35.27 -22.06 14.09
C VAL K 78 36.71 -21.61 14.18
N VAL K 79 37.51 -22.06 13.22
CA VAL K 79 38.93 -21.77 13.17
C VAL K 79 39.19 -20.78 12.06
N ASP K 80 40.44 -20.29 12.00
CA ASP K 80 40.82 -19.21 11.11
C ASP K 80 41.99 -19.61 10.23
N TRP K 81 41.86 -20.73 9.54
CA TRP K 81 42.85 -21.18 8.57
C TRP K 81 43.43 -20.03 7.77
N LEU K 82 42.61 -19.02 7.49
CA LEU K 82 43.05 -17.88 6.70
C LEU K 82 44.36 -17.33 7.26
N SER K 83 45.14 -16.71 6.38
CA SER K 83 46.49 -16.20 6.62
C SER K 83 47.54 -17.30 6.55
N ARG K 84 47.14 -18.56 6.55
CA ARG K 84 48.05 -19.68 6.41
C ARG K 84 47.66 -20.61 5.27
N ALA K 85 46.37 -20.78 5.04
CA ALA K 85 45.91 -21.65 3.96
C ALA K 85 46.05 -20.99 2.60
N GLN K 86 45.99 -19.67 2.54
CA GLN K 86 46.11 -18.99 1.25
C GLN K 86 47.42 -19.32 0.58
N GLN K 87 48.42 -19.75 1.34
CA GLN K 87 49.73 -20.04 0.78
C GLN K 87 49.63 -21.24 -0.15
N HIS K 88 50.75 -21.58 -0.77
CA HIS K 88 50.80 -22.72 -1.68
C HIS K 88 50.24 -23.96 -1.00
N TYR K 89 49.56 -24.79 -1.79
CA TYR K 89 48.85 -25.93 -1.24
C TYR K 89 49.76 -26.85 -0.44
N PRO K 90 50.93 -27.25 -0.94
CA PRO K 90 51.85 -28.02 -0.10
C PRO K 90 52.19 -27.33 1.21
N VAL K 91 52.30 -26.00 1.20
CA VAL K 91 52.58 -25.28 2.44
C VAL K 91 51.45 -25.53 3.45
N SER K 92 50.22 -25.59 2.97
CA SER K 92 49.11 -25.93 3.86
C SER K 92 49.24 -27.36 4.36
N ALA K 93 49.70 -28.27 3.49
CA ALA K 93 49.92 -29.63 3.92
C ALA K 93 50.92 -29.70 5.06
N GLY K 94 51.98 -28.88 4.97
CA GLY K 94 52.92 -28.80 6.07
C GLY K 94 52.33 -28.16 7.31
N TYR K 95 51.57 -27.07 7.13
CA TYR K 95 51.00 -26.33 8.23
C TYR K 95 49.87 -27.09 8.94
N THR K 96 49.40 -28.18 8.34
CA THR K 96 48.43 -29.01 9.05
C THR K 96 48.96 -29.42 10.41
N LYS K 97 50.26 -29.70 10.50
CA LYS K 97 50.85 -30.09 11.78
C LYS K 97 50.77 -28.96 12.79
N LEU K 98 51.07 -27.74 12.34
CA LEU K 98 51.02 -26.60 13.25
C LEU K 98 49.59 -26.37 13.74
N VAL K 99 48.61 -26.44 12.84
CA VAL K 99 47.24 -26.20 13.25
C VAL K 99 46.77 -27.32 14.18
N GLY K 100 47.22 -28.55 13.94
CA GLY K 100 46.85 -29.64 14.83
C GLY K 100 47.42 -29.45 16.21
N GLN K 101 48.70 -29.05 16.28
CA GLN K 101 49.30 -28.76 17.57
C GLN K 101 48.55 -27.63 18.27
N ASP K 102 48.13 -26.62 17.50
CA ASP K 102 47.41 -25.49 18.08
C ASP K 102 46.08 -25.94 18.65
N VAL K 103 45.34 -26.76 17.91
CA VAL K 103 44.05 -27.23 18.39
C VAL K 103 44.22 -28.13 19.60
N ALA K 104 45.26 -28.97 19.60
CA ALA K 104 45.52 -29.81 20.76
C ALA K 104 45.81 -28.95 21.98
N LYS K 105 46.60 -27.89 21.81
CA LYS K 105 46.89 -26.99 22.93
C LYS K 105 45.61 -26.32 23.42
N PHE K 106 44.76 -25.91 22.48
CA PHE K 106 43.49 -25.30 22.85
C PHE K 106 42.67 -26.24 23.72
N MET K 107 42.50 -27.48 23.26
CA MET K 107 41.67 -28.44 23.97
C MET K 107 42.28 -28.80 25.32
N ASN K 108 43.60 -28.93 25.37
CA ASN K 108 44.26 -29.24 26.63
C ASN K 108 44.08 -28.09 27.63
N TRP K 109 44.20 -26.86 27.15
CA TRP K 109 43.97 -25.70 28.01
C TRP K 109 42.55 -25.70 28.54
N MET K 110 41.60 -26.03 27.67
CA MET K 110 40.20 -26.10 28.13
C MET K 110 40.03 -27.18 29.18
N ALA K 111 40.60 -28.36 28.95
CA ALA K 111 40.47 -29.47 29.90
C ALA K 111 41.25 -29.23 31.18
N ASP K 112 42.19 -28.28 31.19
CA ASP K 112 42.91 -27.92 32.40
C ASP K 112 42.18 -26.85 33.19
N GLU K 113 41.82 -25.74 32.54
CA GLU K 113 41.17 -24.65 33.26
C GLU K 113 39.74 -24.99 33.63
N PHE K 114 38.97 -25.52 32.68
CA PHE K 114 37.55 -25.80 32.89
C PHE K 114 37.23 -27.28 32.93
N ASN K 115 38.23 -28.16 32.76
CA ASN K 115 38.04 -29.60 32.76
C ASN K 115 36.77 -30.00 32.01
N TYR K 116 36.52 -29.36 30.87
CA TYR K 116 35.37 -29.71 30.07
C TYR K 116 35.48 -31.16 29.60
N PRO K 117 34.43 -31.96 29.73
CA PRO K 117 34.53 -33.37 29.31
C PRO K 117 34.84 -33.48 27.83
N LEU K 118 35.90 -34.23 27.50
CA LEU K 118 36.30 -34.38 26.12
C LEU K 118 35.34 -35.28 25.34
N GLY K 119 34.40 -35.92 26.02
CA GLY K 119 33.49 -36.84 25.36
C GLY K 119 32.28 -36.15 24.76
N ASN K 120 32.36 -34.83 24.60
CA ASN K 120 31.22 -34.06 24.13
C ASN K 120 31.65 -33.04 23.08
N VAL K 121 32.62 -33.42 22.23
CA VAL K 121 33.16 -32.52 21.21
C VAL K 121 33.35 -33.28 19.90
N HIS K 122 32.96 -32.66 18.80
CA HIS K 122 33.19 -33.19 17.46
C HIS K 122 34.19 -32.31 16.74
N LEU K 123 35.16 -32.94 16.09
CA LEU K 123 36.12 -32.23 15.25
C LEU K 123 35.70 -32.39 13.78
N LEU K 124 34.63 -31.68 13.41
CA LEU K 124 34.15 -31.73 12.04
C LEU K 124 35.23 -31.25 11.10
N GLY K 125 35.74 -32.17 10.28
CA GLY K 125 36.84 -31.89 9.39
C GLY K 125 36.45 -32.04 7.94
N TYR K 126 36.84 -31.05 7.15
CA TYR K 126 36.62 -31.05 5.71
C TYR K 126 37.97 -30.88 5.04
N SER K 127 38.03 -31.27 3.77
CA SER K 127 39.22 -31.07 2.94
C SER K 127 40.47 -31.36 3.76
N LEU K 128 41.41 -30.42 3.85
CA LEU K 128 42.57 -30.60 4.70
C LEU K 128 42.19 -30.61 6.18
N GLY K 129 41.01 -30.07 6.50
CA GLY K 129 40.64 -29.96 7.90
C GLY K 129 40.48 -31.30 8.57
N ALA K 130 40.02 -32.30 7.81
CA ALA K 130 39.88 -33.63 8.37
C ALA K 130 41.24 -34.18 8.82
N HIS K 131 42.25 -34.06 7.96
CA HIS K 131 43.58 -34.51 8.35
C HIS K 131 44.13 -33.67 9.49
N ALA K 132 43.78 -32.38 9.50
CA ALA K 132 44.23 -31.51 10.60
C ALA K 132 43.69 -32.01 11.93
N ALA K 133 42.39 -32.31 11.97
CA ALA K 133 41.81 -32.83 13.19
C ALA K 133 42.41 -34.18 13.55
N GLY K 134 42.62 -35.03 12.55
CA GLY K 134 43.17 -36.35 12.83
C GLY K 134 44.53 -36.27 13.48
N ILE K 135 45.42 -35.44 12.93
CA ILE K 135 46.69 -35.20 13.59
C ILE K 135 46.46 -34.55 14.94
N ALA K 136 45.35 -33.83 15.08
CA ALA K 136 44.95 -33.30 16.37
C ALA K 136 44.26 -34.40 17.17
N GLY K 137 43.96 -34.09 18.42
CA GLY K 137 43.34 -35.07 19.29
C GLY K 137 44.33 -36.12 19.77
N SER K 138 45.08 -36.70 18.82
CA SER K 138 46.10 -37.67 19.18
C SER K 138 47.05 -37.10 20.21
N LEU K 139 47.35 -35.81 20.14
CA LEU K 139 48.18 -35.18 21.15
C LEU K 139 47.40 -34.93 22.43
N THR K 140 46.07 -34.87 22.34
CA THR K 140 45.25 -34.68 23.53
C THR K 140 45.40 -35.87 24.47
N ASN K 141 45.37 -35.60 25.77
CA ASN K 141 45.54 -36.65 26.77
C ASN K 141 44.29 -37.49 26.94
N LYS K 142 43.10 -36.90 26.81
CA LYS K 142 41.85 -37.58 27.12
C LYS K 142 41.08 -37.99 25.88
N LYS K 143 41.73 -38.02 24.71
CA LYS K 143 41.07 -38.50 23.49
C LYS K 143 39.85 -37.66 23.15
N VAL K 144 39.17 -38.02 22.07
CA VAL K 144 38.01 -37.28 21.59
C VAL K 144 36.93 -38.27 21.18
N ASN K 145 35.68 -37.92 21.45
CA ASN K 145 34.55 -38.80 21.14
C ASN K 145 34.42 -39.03 19.64
N ARG K 146 34.12 -37.96 18.89
CA ARG K 146 33.85 -38.06 17.46
C ARG K 146 34.77 -37.12 16.69
N ILE K 147 35.28 -37.60 15.57
CA ILE K 147 36.18 -36.83 14.72
C ILE K 147 35.67 -36.85 13.29
N THR K 148 34.36 -36.99 13.13
CA THR K 148 33.75 -37.13 11.82
C THR K 148 34.28 -36.09 10.83
N GLY K 149 34.92 -36.56 9.77
CA GLY K 149 35.46 -35.69 8.75
C GLY K 149 34.63 -35.72 7.48
N LEU K 150 35.08 -34.96 6.49
CA LEU K 150 34.38 -34.83 5.22
C LEU K 150 35.39 -34.75 4.09
N ASP K 151 35.38 -35.76 3.23
CA ASP K 151 36.21 -35.75 2.04
C ASP K 151 37.67 -35.52 2.41
N PRO K 152 38.29 -36.44 3.14
CA PRO K 152 39.69 -36.25 3.51
C PRO K 152 40.57 -36.11 2.29
N ALA K 153 41.56 -35.22 2.41
CA ALA K 153 42.46 -34.97 1.30
C ALA K 153 43.35 -36.18 1.03
N GLY K 154 43.63 -36.42 -0.24
CA GLY K 154 44.42 -37.55 -0.67
C GLY K 154 45.90 -37.24 -0.81
N PRO K 155 46.23 -36.16 -1.53
CA PRO K 155 47.64 -35.88 -1.81
C PRO K 155 48.45 -35.72 -0.55
N ASN K 156 49.68 -36.21 -0.60
CA ASN K 156 50.64 -36.07 0.49
C ASN K 156 50.13 -36.72 1.78
N PHE K 157 49.11 -37.57 1.68
CA PHE K 157 48.62 -38.31 2.83
C PHE K 157 48.52 -39.80 2.56
N GLU K 158 48.34 -40.21 1.32
CA GLU K 158 48.50 -41.62 0.98
C GLU K 158 49.95 -42.02 1.17
N TYR K 159 50.16 -43.31 1.43
CA TYR K 159 51.48 -43.83 1.74
C TYR K 159 52.06 -43.12 2.96
N ALA K 160 51.22 -42.92 3.97
CA ALA K 160 51.60 -42.24 5.20
C ALA K 160 51.23 -43.10 6.40
N GLU K 161 51.33 -42.50 7.59
CA GLU K 161 51.05 -43.19 8.84
C GLU K 161 50.12 -42.34 9.70
N ALA K 162 49.68 -42.93 10.81
CA ALA K 162 48.77 -42.24 11.72
C ALA K 162 49.26 -40.87 12.16
N PRO K 163 50.50 -40.69 12.59
CA PRO K 163 50.92 -39.36 13.05
C PRO K 163 50.77 -38.28 11.99
N SER K 164 50.94 -38.63 10.72
CA SER K 164 50.91 -37.66 9.64
C SER K 164 49.57 -37.61 8.91
N ARG K 165 48.60 -38.43 9.32
CA ARG K 165 47.30 -38.43 8.66
C ARG K 165 46.25 -38.95 9.61
N LEU K 166 44.99 -38.71 9.26
CA LEU K 166 43.89 -39.19 10.07
C LEU K 166 43.97 -40.70 10.26
N SER K 167 43.76 -41.16 11.49
CA SER K 167 43.85 -42.56 11.82
C SER K 167 42.67 -42.94 12.71
N PRO K 168 42.29 -44.22 12.71
CA PRO K 168 41.18 -44.64 13.58
C PRO K 168 41.48 -44.42 15.06
N ASP K 169 42.73 -44.51 15.47
CA ASP K 169 43.10 -44.33 16.86
C ASP K 169 43.15 -42.87 17.28
N ASP K 170 43.02 -41.94 16.33
CA ASP K 170 43.05 -40.52 16.66
C ASP K 170 41.89 -40.12 17.56
N ALA K 171 40.85 -40.93 17.66
CA ALA K 171 39.69 -40.58 18.45
C ALA K 171 38.91 -41.85 18.77
N ASP K 172 37.95 -41.72 19.68
CA ASP K 172 37.15 -42.87 20.08
C ASP K 172 36.37 -43.44 18.91
N PHE K 173 35.74 -42.58 18.12
CA PHE K 173 34.97 -42.99 16.96
C PHE K 173 35.30 -42.05 15.81
N VAL K 174 35.15 -42.56 14.59
CA VAL K 174 35.49 -41.78 13.40
C VAL K 174 34.67 -42.30 12.23
N ASP K 175 34.35 -41.41 11.31
CA ASP K 175 33.68 -41.76 10.07
C ASP K 175 33.99 -40.70 9.03
N VAL K 176 34.14 -41.15 7.78
CA VAL K 176 34.51 -40.27 6.67
C VAL K 176 33.53 -40.49 5.53
N LEU K 177 33.44 -39.48 4.67
CA LEU K 177 32.52 -39.47 3.53
C LEU K 177 33.37 -39.39 2.26
N HIS K 178 33.77 -40.56 1.76
CA HIS K 178 34.56 -40.62 0.53
C HIS K 178 33.69 -40.28 -0.67
N THR K 179 33.55 -38.99 -0.95
CA THR K 179 32.64 -38.51 -1.98
C THR K 179 33.31 -38.35 -3.34
N PHE K 180 34.61 -38.64 -3.45
CA PHE K 180 35.31 -38.46 -4.72
C PHE K 180 36.60 -39.25 -4.68
N THR K 181 36.77 -40.18 -5.62
CA THR K 181 37.99 -40.98 -5.67
C THR K 181 38.46 -41.25 -7.09
N ARG K 182 37.83 -40.66 -8.10
CA ARG K 182 38.21 -40.96 -9.47
C ARG K 182 39.64 -40.52 -9.74
N GLY K 183 40.39 -41.39 -10.41
CA GLY K 183 41.77 -41.14 -10.75
C GLY K 183 42.68 -42.26 -10.29
N SER K 184 43.96 -42.12 -10.64
CA SER K 184 44.93 -43.12 -10.27
C SER K 184 45.16 -43.12 -8.77
N PRO K 185 45.56 -44.26 -8.20
CA PRO K 185 45.88 -44.28 -6.77
C PRO K 185 46.98 -43.29 -6.44
N GLY K 186 46.83 -42.64 -5.29
CA GLY K 186 47.83 -41.70 -4.81
C GLY K 186 47.83 -40.35 -5.49
N ARG K 187 46.97 -40.15 -6.49
CA ARG K 187 46.88 -38.87 -7.17
C ARG K 187 45.47 -38.28 -7.17
N SER K 188 44.44 -39.08 -6.94
CA SER K 188 43.10 -38.53 -6.79
C SER K 188 43.04 -37.67 -5.54
N ILE K 189 42.31 -36.56 -5.63
CA ILE K 189 42.22 -35.63 -4.52
C ILE K 189 41.70 -36.33 -3.28
N GLY K 190 40.68 -37.18 -3.44
CA GLY K 190 40.07 -37.86 -2.32
C GLY K 190 40.74 -39.18 -2.02
N ILE K 191 41.27 -39.30 -0.81
CA ILE K 191 41.91 -40.54 -0.39
C ILE K 191 40.92 -41.69 -0.54
N GLN K 192 41.39 -42.81 -1.08
CA GLN K 192 40.57 -43.99 -1.26
C GLN K 192 40.82 -45.06 -0.22
N LYS K 193 41.99 -45.06 0.40
CA LYS K 193 42.27 -46.04 1.44
C LYS K 193 41.36 -45.80 2.63
N PRO K 194 40.65 -46.81 3.13
CA PRO K 194 39.77 -46.59 4.29
C PRO K 194 40.60 -46.18 5.50
N VAL K 195 40.02 -45.29 6.31
CA VAL K 195 40.74 -44.69 7.42
C VAL K 195 40.04 -44.97 8.74
N GLY K 196 38.76 -44.66 8.82
CA GLY K 196 38.04 -44.76 10.07
C GLY K 196 37.50 -46.16 10.33
N HIS K 197 36.85 -46.29 11.48
CA HIS K 197 36.20 -47.56 11.82
C HIS K 197 35.14 -47.91 10.79
N VAL K 198 34.38 -46.91 10.33
CA VAL K 198 33.39 -47.08 9.29
C VAL K 198 33.59 -45.96 8.28
N ASP K 199 33.55 -46.32 7.00
CA ASP K 199 33.71 -45.36 5.92
C ASP K 199 32.55 -45.48 4.95
N ILE K 200 32.22 -44.36 4.31
CA ILE K 200 31.06 -44.28 3.43
C ILE K 200 31.53 -43.85 2.05
N TYR K 201 31.07 -44.56 1.02
CA TYR K 201 31.49 -44.33 -0.35
C TYR K 201 30.25 -44.15 -1.22
N PRO K 202 29.58 -43.00 -1.09
CA PRO K 202 28.35 -42.80 -1.87
C PRO K 202 28.63 -42.85 -3.36
N ASN K 203 27.74 -43.50 -4.09
CA ASN K 203 27.82 -43.63 -5.54
C ASN K 203 29.08 -44.35 -5.99
N GLY K 204 29.84 -44.91 -5.05
CA GLY K 204 31.12 -45.51 -5.36
C GLY K 204 32.28 -44.54 -5.38
N GLY K 205 32.02 -43.24 -5.23
CA GLY K 205 33.07 -42.24 -5.21
C GLY K 205 33.55 -41.82 -6.57
N THR K 206 33.04 -42.41 -7.65
CA THR K 206 33.51 -42.04 -8.98
C THR K 206 33.17 -40.59 -9.30
N PHE K 207 31.96 -40.17 -8.96
CA PHE K 207 31.48 -38.81 -9.24
C PHE K 207 30.13 -38.65 -8.56
N GLN K 208 29.47 -37.52 -8.80
CA GLN K 208 28.14 -37.26 -8.29
C GLN K 208 27.24 -36.75 -9.40
N PRO K 209 25.93 -36.95 -9.28
CA PRO K 209 25.03 -36.64 -10.39
C PRO K 209 24.68 -35.16 -10.48
N GLY K 210 24.64 -34.46 -9.36
CA GLY K 210 24.16 -33.10 -9.35
C GLY K 210 25.15 -32.12 -9.96
N CYS K 211 25.55 -32.38 -11.19
CA CYS K 211 26.49 -31.53 -11.90
C CYS K 211 26.54 -31.99 -13.36
N ASN K 212 27.42 -31.37 -14.13
CA ASN K 212 27.52 -31.61 -15.56
C ASN K 212 28.98 -31.59 -15.94
N ILE K 213 29.27 -31.49 -17.24
CA ILE K 213 30.65 -31.42 -17.70
C ILE K 213 31.38 -30.26 -17.03
N GLY K 214 30.73 -29.11 -16.96
CA GLY K 214 31.30 -27.96 -16.26
C GLY K 214 32.12 -27.05 -17.16
N GLU K 215 33.45 -27.16 -17.07
CA GLU K 215 34.33 -26.25 -17.78
C GLU K 215 34.22 -26.47 -19.28
N ALA K 216 33.61 -25.51 -19.99
CA ALA K 216 33.50 -25.61 -21.44
C ALA K 216 34.85 -25.37 -22.10
N LEU K 217 35.58 -24.34 -21.65
CA LEU K 217 36.88 -24.02 -22.21
C LEU K 217 37.71 -23.31 -21.14
N ARG K 218 39.03 -23.30 -21.35
CA ARG K 218 39.92 -22.73 -20.35
C ARG K 218 39.64 -21.23 -20.15
N VAL K 219 39.43 -20.50 -21.23
CA VAL K 219 39.26 -19.05 -21.17
C VAL K 219 37.79 -18.66 -21.18
N ILE K 220 36.99 -19.29 -22.05
CA ILE K 220 35.59 -18.91 -22.18
C ILE K 220 34.84 -19.20 -20.88
N ALA K 221 35.06 -20.39 -20.31
CA ALA K 221 34.41 -20.76 -19.07
C ALA K 221 35.20 -20.19 -17.89
N GLU K 222 34.87 -20.63 -16.67
CA GLU K 222 35.47 -20.11 -15.44
C GLU K 222 36.02 -21.29 -14.64
N ARG K 223 37.28 -21.65 -14.91
CA ARG K 223 37.89 -22.77 -14.21
C ARG K 223 37.80 -22.58 -12.72
N GLY K 224 38.48 -21.55 -12.22
CA GLY K 224 38.33 -21.14 -10.83
C GLY K 224 37.82 -19.72 -10.75
N LEU K 225 37.28 -19.23 -11.87
CA LEU K 225 36.80 -17.86 -11.96
C LEU K 225 35.36 -17.75 -11.47
N GLY K 226 35.09 -18.29 -10.28
CA GLY K 226 33.73 -18.37 -9.81
C GLY K 226 32.85 -19.08 -10.83
N ASP K 227 31.60 -18.62 -10.93
CA ASP K 227 30.69 -19.11 -11.95
C ASP K 227 30.64 -20.63 -11.98
N VAL K 228 31.36 -21.25 -12.93
CA VAL K 228 31.34 -22.69 -13.09
C VAL K 228 32.40 -23.39 -12.25
N ASP K 229 33.14 -22.64 -11.43
CA ASP K 229 34.08 -23.29 -10.51
C ASP K 229 33.34 -24.19 -9.52
N GLN K 230 32.20 -23.73 -9.01
CA GLN K 230 31.40 -24.56 -8.12
C GLN K 230 30.94 -25.82 -8.84
N LEU K 231 30.50 -25.68 -10.09
CA LEU K 231 30.12 -26.86 -10.87
C LEU K 231 31.29 -27.83 -11.03
N VAL K 232 32.49 -27.29 -11.25
CA VAL K 232 33.68 -28.15 -11.30
C VAL K 232 33.84 -28.88 -9.98
N LYS K 233 33.59 -28.20 -8.87
CA LYS K 233 33.58 -28.83 -7.54
C LYS K 233 32.24 -29.52 -7.34
N CYS K 234 32.05 -30.58 -8.13
CA CYS K 234 30.77 -31.28 -8.16
C CYS K 234 30.54 -32.07 -6.88
N SER K 235 31.57 -32.77 -6.40
CA SER K 235 31.44 -33.74 -5.33
C SER K 235 32.11 -33.30 -4.04
N HIS K 236 33.15 -32.49 -4.14
CA HIS K 236 33.93 -32.12 -2.96
C HIS K 236 33.06 -31.45 -1.90
N GLU K 237 32.02 -30.73 -2.33
CA GLU K 237 31.05 -30.14 -1.42
C GLU K 237 29.83 -31.02 -1.21
N ARG K 238 29.67 -32.06 -2.03
CA ARG K 238 28.55 -32.96 -1.84
C ARG K 238 28.63 -33.66 -0.49
N SER K 239 29.84 -33.86 0.02
CA SER K 239 29.98 -34.44 1.35
C SER K 239 29.27 -33.58 2.39
N VAL K 240 29.59 -32.29 2.41
CA VAL K 240 29.02 -31.40 3.42
C VAL K 240 27.52 -31.23 3.18
N HIS K 241 27.11 -31.17 1.91
CA HIS K 241 25.69 -31.06 1.63
C HIS K 241 24.93 -32.29 2.13
N LEU K 242 25.51 -33.47 1.93
CA LEU K 242 24.90 -34.69 2.45
C LEU K 242 24.81 -34.65 3.96
N PHE K 243 25.89 -34.22 4.61
CA PHE K 243 25.89 -34.18 6.07
C PHE K 243 24.83 -33.23 6.60
N ILE K 244 24.72 -32.05 5.98
CA ILE K 244 23.75 -31.07 6.45
C ILE K 244 22.33 -31.56 6.18
N ASP K 245 22.12 -32.23 5.05
CA ASP K 245 20.79 -32.78 4.76
C ASP K 245 20.41 -33.83 5.79
N SER K 246 21.35 -34.72 6.12
CA SER K 246 21.07 -35.73 7.14
C SER K 246 20.81 -35.08 8.48
N LEU K 247 21.57 -34.05 8.82
CA LEU K 247 21.37 -33.36 10.09
C LEU K 247 19.99 -32.75 10.16
N LEU K 248 19.56 -32.12 9.07
CA LEU K 248 18.25 -31.48 9.06
C LEU K 248 17.12 -32.50 9.12
N ASN K 249 17.24 -33.59 8.35
CA ASN K 249 16.22 -34.64 8.31
C ASN K 249 16.61 -35.76 9.27
N GLU K 250 16.44 -35.49 10.56
CA GLU K 250 16.75 -36.47 11.59
C GLU K 250 15.75 -37.61 11.63
N GLU K 251 14.51 -37.36 11.22
CA GLU K 251 13.46 -38.37 11.37
C GLU K 251 13.69 -39.59 10.49
N ASN K 252 14.16 -39.39 9.27
CA ASN K 252 14.29 -40.47 8.29
C ASN K 252 15.70 -40.48 7.72
N PRO K 253 16.68 -40.93 8.49
CA PRO K 253 18.05 -40.98 7.98
C PRO K 253 18.19 -41.98 6.84
N SER K 254 19.09 -41.66 5.92
CA SER K 254 19.43 -42.60 4.86
C SER K 254 20.24 -43.75 5.42
N LYS K 255 19.96 -44.96 4.95
CA LYS K 255 20.59 -46.17 5.48
C LYS K 255 21.62 -46.66 4.46
N ALA K 256 22.87 -46.24 4.67
CA ALA K 256 23.97 -46.75 3.87
C ALA K 256 24.24 -48.20 4.24
N TYR K 257 24.68 -48.98 3.25
CA TYR K 257 24.82 -50.41 3.38
C TYR K 257 26.28 -50.82 3.40
N ARG K 258 26.56 -51.94 4.07
CA ARG K 258 27.89 -52.48 4.21
C ARG K 258 28.07 -53.65 3.24
N CYS K 259 29.23 -53.71 2.59
CA CYS K 259 29.46 -54.68 1.54
C CYS K 259 30.94 -55.03 1.50
N ASN K 260 31.34 -55.66 0.40
CA ASN K 260 32.73 -56.05 0.18
C ASN K 260 33.42 -55.21 -0.88
N SER K 261 32.70 -54.79 -1.92
CA SER K 261 33.30 -54.02 -2.99
C SER K 261 32.20 -53.29 -3.75
N LYS K 262 32.61 -52.26 -4.50
CA LYS K 262 31.64 -51.46 -5.24
C LYS K 262 30.92 -52.30 -6.28
N GLU K 263 31.67 -53.18 -6.97
CA GLU K 263 31.04 -54.03 -7.97
C GLU K 263 30.05 -54.99 -7.30
N ALA K 264 30.42 -55.55 -6.15
CA ALA K 264 29.52 -56.43 -5.44
C ALA K 264 28.24 -55.71 -5.05
N PHE K 265 28.37 -54.48 -4.58
CA PHE K 265 27.18 -53.70 -4.24
C PHE K 265 26.33 -53.42 -5.47
N GLU K 266 26.97 -53.08 -6.58
CA GLU K 266 26.22 -52.84 -7.81
C GLU K 266 25.44 -54.08 -8.22
N LYS K 267 26.06 -55.25 -8.09
CA LYS K 267 25.36 -56.49 -8.38
C LYS K 267 24.18 -56.68 -7.45
N GLY K 268 24.36 -56.37 -6.17
CA GLY K 268 23.29 -56.40 -5.20
C GLY K 268 23.18 -57.68 -4.40
N LEU K 269 24.29 -58.29 -4.03
CA LEU K 269 24.30 -59.51 -3.25
C LEU K 269 24.67 -59.26 -1.79
N CYS K 270 24.86 -58.01 -1.39
CA CYS K 270 25.45 -57.65 -0.11
C CYS K 270 24.67 -56.54 0.56
N LEU K 271 23.34 -56.69 0.63
CA LEU K 271 22.47 -55.71 1.26
C LEU K 271 21.92 -56.15 2.60
N SER K 272 21.56 -57.42 2.74
CA SER K 272 20.99 -57.89 4.01
C SER K 272 21.97 -57.64 5.13
N CYS K 273 21.47 -57.06 6.22
CA CYS K 273 22.28 -56.76 7.41
C CYS K 273 21.57 -57.33 8.63
N ARG K 274 21.80 -58.61 8.89
CA ARG K 274 21.30 -59.23 10.11
C ARG K 274 22.19 -58.87 11.29
N LYS K 275 23.50 -58.80 11.07
CA LYS K 275 24.46 -58.45 12.10
C LYS K 275 24.59 -56.92 12.14
N ASN K 276 25.58 -56.42 12.87
CA ASN K 276 25.79 -54.98 12.99
C ASN K 276 26.38 -54.44 11.70
N ARG K 277 25.53 -54.34 10.68
CA ARG K 277 25.89 -53.80 9.38
C ARG K 277 24.85 -52.78 8.96
N CYS K 278 25.06 -52.17 7.80
CA CYS K 278 24.11 -51.25 7.19
C CYS K 278 23.71 -50.14 8.17
N ASN K 279 24.69 -49.65 8.92
CA ASN K 279 24.40 -48.61 9.89
C ASN K 279 24.01 -47.30 9.20
N ASN K 280 23.41 -46.41 9.97
CA ASN K 280 22.96 -45.13 9.46
C ASN K 280 24.15 -44.28 9.03
N MET K 281 23.89 -43.18 8.33
CA MET K 281 24.92 -42.24 7.92
C MET K 281 24.53 -40.85 8.37
N GLY K 282 25.50 -40.09 8.85
CA GLY K 282 25.25 -38.75 9.35
C GLY K 282 25.40 -38.66 10.86
N TYR K 283 24.68 -37.70 11.43
CA TYR K 283 24.76 -37.47 12.87
C TYR K 283 24.21 -38.67 13.64
N GLU K 284 23.11 -39.24 13.15
CA GLU K 284 22.47 -40.36 13.84
C GLU K 284 23.15 -41.69 13.57
N ILE K 285 24.39 -41.67 13.07
CA ILE K 285 25.15 -42.89 12.88
C ILE K 285 25.24 -43.63 14.21
N ASN K 286 25.21 -44.96 14.14
CA ASN K 286 25.36 -45.79 15.33
C ASN K 286 26.83 -46.02 15.61
N LYS K 287 27.26 -45.67 16.82
CA LYS K 287 28.64 -45.85 17.22
C LYS K 287 28.96 -47.33 17.32
N VAL K 288 29.95 -47.77 16.55
CA VAL K 288 30.31 -49.19 16.48
C VAL K 288 31.81 -49.29 16.23
N ARG K 289 32.39 -50.38 16.71
CA ARG K 289 33.80 -50.69 16.50
C ARG K 289 33.92 -51.93 15.62
N ALA K 290 34.89 -51.92 14.73
CA ALA K 290 35.13 -53.02 13.81
C ALA K 290 36.56 -53.50 13.93
N LYS K 291 36.76 -54.78 13.64
CA LYS K 291 38.10 -55.36 13.73
C LYS K 291 39.00 -54.90 12.59
N ARG K 292 38.44 -54.25 11.58
CA ARG K 292 39.22 -53.81 10.43
C ARG K 292 38.42 -52.75 9.67
N SER K 293 39.00 -52.28 8.59
CA SER K 293 38.30 -51.35 7.71
C SER K 293 37.02 -51.97 7.20
N SER K 294 35.92 -51.20 7.27
CA SER K 294 34.60 -51.67 6.87
C SER K 294 34.05 -50.69 5.82
N LYS K 295 34.18 -51.07 4.55
CA LYS K 295 33.65 -50.25 3.48
C LYS K 295 32.13 -50.32 3.46
N MET K 296 31.52 -49.35 2.79
CA MET K 296 30.07 -49.27 2.68
C MET K 296 29.72 -48.58 1.36
N TYR K 297 28.45 -48.66 0.98
CA TYR K 297 27.99 -48.08 -0.27
C TYR K 297 26.53 -47.69 -0.14
N LEU K 298 26.09 -46.83 -1.05
CA LEU K 298 24.69 -46.44 -1.15
C LEU K 298 24.55 -45.56 -2.38
N LYS K 299 23.33 -45.09 -2.61
CA LYS K 299 23.02 -44.17 -3.69
C LYS K 299 22.34 -42.93 -3.12
N THR K 300 21.91 -42.04 -4.00
CA THR K 300 21.36 -40.76 -3.57
C THR K 300 20.61 -40.10 -4.72
N ARG K 301 19.77 -39.14 -4.36
CA ARG K 301 19.08 -38.31 -5.35
C ARG K 301 20.04 -37.24 -5.84
N SER K 302 19.50 -36.25 -6.54
CA SER K 302 20.38 -35.26 -7.17
C SER K 302 21.02 -34.32 -6.16
N GLN K 303 20.23 -33.44 -5.54
CA GLN K 303 20.82 -32.54 -4.54
C GLN K 303 20.00 -32.36 -3.26
N MET K 304 18.69 -32.18 -3.37
CA MET K 304 18.00 -31.60 -2.22
C MET K 304 17.70 -32.61 -1.12
N PRO K 305 16.87 -33.65 -1.35
CA PRO K 305 16.47 -34.48 -0.22
C PRO K 305 17.42 -35.64 0.02
N TYR K 306 18.06 -36.10 -1.06
CA TYR K 306 18.80 -37.36 -1.01
C TYR K 306 17.88 -38.45 -0.48
N LYS K 307 18.40 -39.37 0.32
CA LYS K 307 17.57 -40.35 1.03
C LYS K 307 16.76 -41.18 0.02
N VAL K 308 17.49 -42.00 -0.71
CA VAL K 308 16.90 -42.91 -1.68
C VAL K 308 16.76 -44.29 -1.04
N PHE K 309 16.00 -45.15 -1.69
CA PHE K 309 15.75 -46.50 -1.20
C PHE K 309 16.66 -47.50 -1.94
N HIS K 310 16.44 -48.78 -1.67
CA HIS K 310 17.18 -49.85 -2.31
C HIS K 310 16.31 -51.10 -2.36
N TYR K 311 16.08 -51.62 -3.55
CA TYR K 311 15.12 -52.70 -3.77
C TYR K 311 15.71 -53.75 -4.70
N GLN K 312 16.92 -54.23 -4.40
CA GLN K 312 17.60 -55.16 -5.30
C GLN K 312 16.68 -56.33 -5.64
N VAL K 313 16.91 -56.92 -6.83
CA VAL K 313 16.00 -57.89 -7.41
C VAL K 313 16.78 -59.11 -7.88
N LYS K 314 16.07 -60.24 -7.93
CA LYS K 314 16.57 -61.47 -8.53
C LYS K 314 15.56 -61.98 -9.55
N ILE K 315 16.06 -62.61 -10.60
CA ILE K 315 15.22 -63.18 -11.67
C ILE K 315 15.59 -64.64 -11.86
N HIS K 316 14.59 -65.51 -11.90
CA HIS K 316 14.78 -66.92 -12.21
C HIS K 316 14.42 -67.17 -13.68
N PHE K 317 15.26 -66.62 -14.56
CA PHE K 317 15.07 -66.82 -15.98
C PHE K 317 15.04 -68.32 -16.29
N SER K 318 14.03 -68.74 -17.05
CA SER K 318 13.90 -70.15 -17.44
C SER K 318 13.04 -70.20 -18.70
N GLY K 319 13.69 -70.39 -19.84
CA GLY K 319 12.98 -70.43 -21.10
C GLY K 319 13.35 -71.63 -21.95
N THR K 320 12.92 -71.63 -23.20
CA THR K 320 13.16 -72.75 -24.12
C THR K 320 14.34 -72.49 -25.05
N GLU K 321 14.32 -71.35 -25.75
CA GLU K 321 15.38 -71.05 -26.70
C GLU K 321 16.67 -70.73 -25.96
N SER K 322 17.77 -71.36 -26.38
CA SER K 322 19.02 -71.32 -25.64
C SER K 322 20.09 -70.50 -26.35
N ASN K 323 19.72 -69.46 -27.10
CA ASN K 323 20.68 -68.58 -27.74
C ASN K 323 21.01 -67.45 -26.77
N THR K 324 22.22 -67.48 -26.22
CA THR K 324 22.62 -66.48 -25.24
C THR K 324 22.76 -65.12 -25.90
N TYR K 325 22.39 -64.08 -25.15
CA TYR K 325 22.54 -62.69 -25.56
C TYR K 325 23.28 -61.92 -24.50
N THR K 326 23.85 -60.79 -24.91
CA THR K 326 24.69 -60.00 -24.03
C THR K 326 24.42 -58.51 -24.24
N ASN K 327 24.72 -57.72 -23.22
CA ASN K 327 24.61 -56.26 -23.28
C ASN K 327 23.22 -55.84 -23.75
N GLN K 328 22.23 -56.20 -22.95
CA GLN K 328 20.84 -55.85 -23.22
C GLN K 328 20.30 -54.98 -22.09
N ALA K 329 19.36 -54.11 -22.43
CA ALA K 329 18.80 -53.15 -21.49
C ALA K 329 17.44 -53.65 -21.03
N PHE K 330 17.27 -53.75 -19.71
CA PHE K 330 16.00 -54.13 -19.11
C PHE K 330 15.37 -52.91 -18.46
N GLU K 331 14.09 -52.69 -18.73
CA GLU K 331 13.33 -51.60 -18.12
C GLU K 331 12.24 -52.22 -17.27
N ILE K 332 12.11 -51.73 -16.04
CA ILE K 332 11.07 -52.19 -15.12
C ILE K 332 10.45 -50.98 -14.44
N SER K 333 9.26 -51.21 -13.87
CA SER K 333 8.56 -50.19 -13.10
C SER K 333 7.75 -50.88 -12.03
N LEU K 334 7.45 -50.13 -10.96
CA LEU K 334 6.80 -50.68 -9.79
C LEU K 334 5.75 -49.71 -9.28
N TYR K 335 4.71 -50.28 -8.68
CA TYR K 335 3.63 -49.52 -8.06
C TYR K 335 3.40 -50.04 -6.65
N GLY K 336 3.12 -49.13 -5.72
CA GLY K 336 3.02 -49.47 -4.32
C GLY K 336 1.75 -48.99 -3.67
N THR K 337 1.89 -48.48 -2.45
CA THR K 337 0.77 -48.03 -1.64
C THR K 337 0.90 -46.59 -1.19
N VAL K 338 1.95 -45.88 -1.62
CA VAL K 338 2.14 -44.47 -1.32
C VAL K 338 2.36 -43.67 -2.59
N ALA K 339 3.30 -44.10 -3.42
CA ALA K 339 3.53 -43.51 -4.73
C ALA K 339 4.04 -44.61 -5.65
N GLU K 340 4.52 -44.23 -6.83
CA GLU K 340 4.97 -45.21 -7.81
C GLU K 340 5.92 -44.57 -8.80
N SER K 341 6.97 -45.29 -9.16
CA SER K 341 7.84 -44.92 -10.25
C SER K 341 7.28 -45.49 -11.56
N GLU K 342 7.72 -44.90 -12.67
CA GLU K 342 7.11 -45.19 -13.97
C GLU K 342 8.07 -45.83 -14.97
N ASN K 343 9.21 -45.22 -15.22
CA ASN K 343 10.07 -45.64 -16.34
C ASN K 343 11.52 -45.71 -15.91
N ILE K 344 11.79 -46.39 -14.80
CA ILE K 344 13.18 -46.52 -14.32
C ILE K 344 13.86 -47.65 -15.10
N PRO K 345 14.99 -47.39 -15.75
CA PRO K 345 15.70 -48.44 -16.48
C PRO K 345 16.80 -49.08 -15.64
N PHE K 346 17.39 -50.12 -16.21
CA PHE K 346 18.60 -50.71 -15.66
C PHE K 346 19.21 -51.64 -16.71
N THR K 347 20.41 -52.12 -16.41
CA THR K 347 21.19 -52.91 -17.36
C THR K 347 21.56 -54.25 -16.74
N LEU K 348 21.65 -55.27 -17.61
CA LEU K 348 22.00 -56.62 -17.20
C LEU K 348 22.55 -57.40 -18.39
N PRO K 349 23.86 -57.45 -18.58
CA PRO K 349 24.40 -58.20 -19.72
C PRO K 349 24.40 -59.70 -19.46
N GLU K 350 25.00 -60.45 -20.37
CA GLU K 350 25.27 -61.89 -20.20
C GLU K 350 24.01 -62.67 -19.81
N VAL K 351 22.89 -62.30 -20.44
CA VAL K 351 21.63 -62.98 -20.18
C VAL K 351 21.70 -64.39 -20.77
N SER K 352 21.20 -65.36 -20.01
CA SER K 352 21.21 -66.75 -20.44
C SER K 352 19.89 -67.41 -20.03
N THR K 353 19.85 -68.73 -20.07
CA THR K 353 18.67 -69.51 -19.74
C THR K 353 18.98 -70.47 -18.61
N ASN K 354 17.92 -70.96 -17.97
CA ASN K 354 18.02 -71.89 -16.85
C ASN K 354 18.94 -71.36 -15.77
N LYS K 355 19.13 -70.05 -15.73
CA LYS K 355 20.08 -69.40 -14.83
C LYS K 355 19.39 -68.26 -14.11
N THR K 356 19.87 -67.97 -12.90
CA THR K 356 19.32 -66.90 -12.09
C THR K 356 20.28 -65.71 -12.08
N TYR K 357 19.71 -64.52 -12.14
CA TYR K 357 20.46 -63.28 -12.18
C TYR K 357 19.97 -62.37 -11.07
N SER K 358 20.68 -61.25 -10.89
CA SER K 358 20.32 -60.27 -9.88
C SER K 358 20.94 -58.94 -10.26
N PHE K 359 20.40 -57.88 -9.67
CA PHE K 359 20.91 -56.54 -9.91
C PHE K 359 20.42 -55.62 -8.81
N LEU K 360 20.93 -54.41 -8.83
CA LEU K 360 20.57 -53.39 -7.85
C LEU K 360 19.73 -52.31 -8.52
N LEU K 361 18.62 -51.95 -7.88
CA LEU K 361 17.76 -50.88 -8.35
C LEU K 361 17.58 -49.85 -7.24
N TYR K 362 17.42 -48.60 -7.63
CA TYR K 362 17.16 -47.52 -6.70
C TYR K 362 16.03 -46.65 -7.21
N THR K 363 15.24 -46.14 -6.27
CA THR K 363 14.18 -45.19 -6.55
C THR K 363 14.32 -44.02 -5.59
N GLU K 364 13.76 -42.89 -6.00
CA GLU K 364 13.91 -41.64 -5.26
C GLU K 364 12.58 -41.14 -4.71
N VAL K 365 11.61 -42.03 -4.54
CA VAL K 365 10.31 -41.68 -3.99
C VAL K 365 9.87 -42.79 -3.04
N ASP K 366 9.26 -42.39 -1.92
CA ASP K 366 8.76 -43.38 -0.97
C ASP K 366 7.59 -44.14 -1.58
N ILE K 367 7.59 -45.45 -1.36
CA ILE K 367 6.61 -46.34 -1.97
C ILE K 367 5.92 -47.19 -0.91
N GLY K 368 6.56 -47.35 0.24
CA GLY K 368 6.03 -48.28 1.23
C GLY K 368 6.02 -49.68 0.65
N GLU K 369 4.87 -50.33 0.71
CA GLU K 369 4.73 -51.65 0.13
C GLU K 369 4.68 -51.56 -1.40
N LEU K 370 4.68 -52.73 -2.05
CA LEU K 370 4.71 -52.81 -3.49
C LEU K 370 3.80 -53.93 -3.94
N LEU K 371 2.93 -53.64 -4.92
CA LEU K 371 1.89 -54.57 -5.35
C LEU K 371 2.25 -55.27 -6.65
N MET K 372 2.48 -54.50 -7.71
CA MET K 372 2.68 -55.06 -9.04
C MET K 372 3.96 -54.52 -9.63
N LEU K 373 4.39 -55.14 -10.73
CA LEU K 373 5.69 -54.86 -11.31
C LEU K 373 5.59 -54.86 -12.83
N LYS K 374 6.51 -54.13 -13.47
CA LYS K 374 6.62 -54.06 -14.92
C LYS K 374 7.99 -54.57 -15.34
N LEU K 375 8.04 -55.29 -16.45
CA LEU K 375 9.27 -55.93 -16.89
C LEU K 375 9.45 -55.77 -18.40
N LYS K 376 9.28 -54.54 -18.89
CA LYS K 376 9.44 -54.29 -20.31
C LYS K 376 10.88 -54.51 -20.73
N TRP K 377 11.06 -54.94 -21.98
CA TRP K 377 12.39 -55.18 -22.55
C TRP K 377 12.51 -54.35 -23.82
N ILE K 378 13.45 -53.41 -23.81
CA ILE K 378 13.49 -52.34 -24.79
C ILE K 378 14.30 -52.79 -26.00
N SER K 379 14.14 -52.06 -27.10
CA SER K 379 14.83 -52.35 -28.35
C SER K 379 15.04 -51.06 -29.11
N ASP K 380 15.95 -51.12 -30.08
CA ASP K 380 16.25 -49.98 -30.97
C ASP K 380 15.59 -50.14 -32.33
N SER K 381 14.55 -50.97 -32.43
CA SER K 381 13.81 -51.21 -33.65
C SER K 381 12.31 -50.96 -33.42
N TYR K 382 11.98 -49.80 -32.87
CA TYR K 382 10.62 -49.49 -32.45
C TYR K 382 9.61 -49.77 -33.56
N PHE K 383 9.95 -49.42 -34.79
CA PHE K 383 8.98 -49.44 -35.87
C PHE K 383 8.53 -50.88 -36.14
N SER K 384 7.50 -51.00 -36.98
CA SER K 384 6.85 -52.29 -37.20
C SER K 384 7.71 -53.28 -37.99
N TRP K 385 8.97 -52.94 -38.29
CA TRP K 385 9.86 -53.93 -38.89
C TRP K 385 10.00 -55.15 -38.00
N SER K 386 10.28 -54.94 -36.71
CA SER K 386 10.49 -56.00 -35.74
C SER K 386 9.27 -56.18 -34.82
N ASN K 387 8.07 -56.00 -35.37
CA ASN K 387 6.84 -56.15 -34.61
C ASN K 387 6.10 -57.45 -34.91
N TRP K 388 6.42 -58.12 -36.01
CA TRP K 388 5.80 -59.40 -36.34
C TRP K 388 6.77 -60.57 -36.31
N TRP K 389 7.85 -60.52 -37.07
CA TRP K 389 8.72 -61.68 -37.20
C TRP K 389 9.31 -62.07 -35.85
N SER K 390 9.51 -63.37 -35.66
CA SER K 390 9.88 -63.91 -34.36
C SER K 390 11.16 -63.26 -33.84
N SER K 391 11.03 -62.51 -32.78
CA SER K 391 12.15 -61.91 -32.07
C SER K 391 12.46 -62.72 -30.82
N PRO K 392 13.70 -62.66 -30.33
CA PRO K 392 14.06 -63.49 -29.17
C PRO K 392 13.18 -63.20 -27.97
N GLY K 393 12.84 -64.25 -27.23
CA GLY K 393 11.97 -64.12 -26.07
C GLY K 393 12.32 -65.17 -25.04
N PHE K 394 11.84 -64.93 -23.83
CA PHE K 394 12.08 -65.84 -22.71
C PHE K 394 10.78 -66.03 -21.94
N ASP K 395 10.86 -66.84 -20.89
CA ASP K 395 9.73 -67.06 -19.99
C ASP K 395 10.13 -66.68 -18.57
N ILE K 396 9.16 -66.16 -17.82
CA ILE K 396 9.37 -65.66 -16.47
C ILE K 396 8.51 -66.46 -15.51
N GLY K 397 9.11 -66.92 -14.42
CA GLY K 397 8.39 -67.61 -13.38
C GLY K 397 8.15 -66.73 -12.18
N LYS K 398 8.98 -66.88 -11.16
CA LYS K 398 8.86 -66.10 -9.94
C LYS K 398 9.90 -64.98 -9.91
N ILE K 399 9.69 -64.03 -9.00
CA ILE K 399 10.60 -62.92 -8.78
C ILE K 399 10.77 -62.71 -7.28
N ARG K 400 12.01 -62.44 -6.87
CA ARG K 400 12.37 -62.46 -5.46
C ARG K 400 12.94 -61.12 -4.99
N VAL K 401 12.25 -60.02 -5.32
CA VAL K 401 12.71 -58.72 -4.85
C VAL K 401 12.82 -58.74 -3.35
N LYS K 402 13.73 -57.92 -2.82
CA LYS K 402 13.97 -57.84 -1.38
C LYS K 402 14.01 -56.37 -0.99
N ALA K 403 13.11 -55.97 -0.10
CA ALA K 403 13.10 -54.60 0.38
C ALA K 403 14.33 -54.33 1.24
N GLY K 404 14.93 -53.16 1.05
CA GLY K 404 16.16 -52.82 1.74
C GLY K 404 15.98 -52.44 3.19
N GLU K 405 15.30 -51.32 3.44
CA GLU K 405 15.20 -50.81 4.80
C GLU K 405 14.56 -51.83 5.72
N THR K 406 13.51 -52.49 5.26
CA THR K 406 12.86 -53.58 5.98
C THR K 406 13.07 -54.87 5.20
N GLN K 407 13.58 -55.89 5.87
CA GLN K 407 13.85 -57.17 5.22
C GLN K 407 12.53 -57.87 4.93
N LYS K 408 12.13 -57.86 3.65
CA LYS K 408 10.87 -58.45 3.23
C LYS K 408 11.13 -59.27 1.96
N LYS K 409 11.21 -60.59 2.12
CA LYS K 409 11.41 -61.48 0.98
C LYS K 409 10.08 -61.72 0.26
N VAL K 410 9.48 -60.62 -0.20
CA VAL K 410 8.23 -60.72 -0.93
C VAL K 410 8.47 -61.49 -2.22
N ILE K 411 7.63 -62.48 -2.48
CA ILE K 411 7.79 -63.38 -3.61
C ILE K 411 6.80 -62.92 -4.69
N PHE K 412 7.31 -62.18 -5.67
CA PHE K 412 6.51 -61.90 -6.85
C PHE K 412 6.35 -63.16 -7.68
N CYS K 413 5.40 -63.11 -8.61
CA CYS K 413 4.73 -64.32 -9.06
C CYS K 413 4.10 -64.06 -10.41
N SER K 414 4.62 -64.70 -11.45
CA SER K 414 4.04 -64.56 -12.77
C SER K 414 2.64 -65.15 -12.80
N ARG K 415 1.85 -64.69 -13.76
CA ARG K 415 0.49 -65.19 -13.88
C ARG K 415 0.51 -66.60 -14.46
N GLU K 416 -0.67 -67.19 -14.62
CA GLU K 416 -0.75 -68.59 -15.02
C GLU K 416 0.04 -68.87 -16.29
N LYS K 417 -0.19 -68.09 -17.35
CA LYS K 417 0.51 -68.32 -18.60
C LYS K 417 0.86 -67.04 -19.34
N MET K 418 0.55 -65.87 -18.78
CA MET K 418 0.49 -64.64 -19.55
C MET K 418 1.79 -63.85 -19.37
N SER K 419 2.92 -64.50 -19.64
CA SER K 419 4.19 -63.80 -19.45
C SER K 419 5.05 -63.66 -20.71
N TYR K 420 5.58 -64.80 -21.19
CA TYR K 420 6.36 -64.87 -22.42
C TYR K 420 7.09 -63.58 -22.74
N LEU K 421 7.96 -63.10 -21.85
CA LEU K 421 8.64 -61.84 -22.12
C LEU K 421 9.35 -61.90 -23.46
N GLN K 422 9.17 -60.85 -24.27
CA GLN K 422 9.76 -60.79 -25.60
C GLN K 422 10.27 -59.39 -25.87
N LYS K 423 11.28 -59.30 -26.74
CA LYS K 423 11.82 -58.01 -27.13
C LYS K 423 10.77 -57.19 -27.85
N GLY K 424 10.82 -55.88 -27.63
CA GLY K 424 9.88 -54.99 -28.31
C GLY K 424 8.44 -55.37 -28.07
N LYS K 425 8.10 -55.68 -26.83
CA LYS K 425 6.77 -56.14 -26.48
C LYS K 425 6.33 -55.47 -25.19
N SER K 426 5.03 -55.54 -24.94
CA SER K 426 4.48 -55.00 -23.71
C SER K 426 5.11 -55.70 -22.51
N PRO K 427 5.28 -55.00 -21.39
CA PRO K 427 5.86 -55.65 -20.21
C PRO K 427 5.00 -56.81 -19.74
N VAL K 428 5.49 -57.50 -18.72
CA VAL K 428 4.80 -58.61 -18.10
C VAL K 428 4.42 -58.21 -16.68
N ILE K 429 3.14 -58.34 -16.36
CA ILE K 429 2.66 -57.96 -15.04
C ILE K 429 3.01 -59.03 -14.02
N PHE K 430 3.14 -58.60 -12.77
CA PHE K 430 3.36 -59.51 -11.65
C PHE K 430 2.62 -58.97 -10.43
N VAL K 431 2.40 -59.85 -9.45
CA VAL K 431 1.59 -59.51 -8.29
C VAL K 431 2.18 -60.20 -7.06
N LYS K 432 1.68 -59.82 -5.89
CA LYS K 432 2.04 -60.48 -4.64
C LYS K 432 1.38 -61.84 -4.58
N CYS K 433 2.05 -62.80 -3.95
CA CYS K 433 1.74 -64.21 -4.18
C CYS K 433 2.33 -65.05 -3.05
N HIS K 434 1.98 -66.32 -3.07
CA HIS K 434 2.57 -67.30 -2.16
C HIS K 434 2.20 -67.00 -0.71
N ASP L 1 -0.84 -59.01 -73.60
CA ASP L 1 -0.04 -59.42 -72.45
C ASP L 1 0.37 -58.20 -71.63
N PHE L 2 -0.51 -57.20 -71.59
CA PHE L 2 -0.26 -55.96 -70.86
C PHE L 2 -1.50 -55.54 -70.11
N ARG L 3 -2.18 -56.51 -69.50
CA ARG L 3 -3.40 -56.28 -68.74
C ARG L 3 -3.25 -56.60 -67.26
N ASP L 4 -2.11 -57.12 -66.83
CA ASP L 4 -1.84 -57.44 -65.43
C ASP L 4 -0.81 -56.47 -64.84
N ILE L 5 -0.85 -55.22 -65.28
CA ILE L 5 0.15 -54.24 -64.88
C ILE L 5 -0.09 -53.82 -63.44
N GLU L 6 -1.25 -53.20 -63.17
CA GLU L 6 -1.65 -52.82 -61.83
C GLU L 6 -0.57 -52.00 -61.12
N SER L 7 0.25 -51.30 -61.90
CA SER L 7 1.28 -50.41 -61.34
C SER L 7 1.53 -49.32 -62.37
N LYS L 8 0.92 -48.16 -62.14
CA LYS L 8 1.01 -47.09 -63.12
C LYS L 8 2.35 -46.38 -63.05
N PHE L 9 2.94 -46.15 -64.22
CA PHE L 9 4.20 -45.44 -64.37
C PHE L 9 3.90 -43.98 -64.66
N ALA L 10 4.37 -43.09 -63.79
CA ALA L 10 4.14 -41.67 -63.95
C ALA L 10 5.36 -41.03 -64.61
N LEU L 11 5.20 -39.77 -65.01
CA LEU L 11 6.26 -39.01 -65.67
C LEU L 11 6.10 -37.55 -65.30
N ARG L 12 6.84 -37.12 -64.28
CA ARG L 12 6.76 -35.75 -63.83
C ARG L 12 7.68 -34.87 -64.68
N THR L 13 7.60 -33.56 -64.43
CA THR L 13 8.42 -32.58 -65.11
C THR L 13 8.90 -31.53 -64.12
N PRO L 14 9.94 -30.77 -64.47
CA PRO L 14 10.47 -29.79 -63.51
C PRO L 14 9.43 -28.83 -62.98
N GLU L 15 8.45 -28.46 -63.80
CA GLU L 15 7.41 -27.52 -63.35
C GLU L 15 6.44 -28.19 -62.38
N ASP L 16 6.38 -29.52 -62.38
CA ASP L 16 5.49 -30.27 -61.49
C ASP L 16 6.24 -31.47 -60.93
N THR L 17 6.77 -31.32 -59.71
CA THR L 17 7.53 -32.37 -59.06
C THR L 17 6.75 -32.97 -57.88
N ALA L 18 5.46 -32.71 -57.82
CA ALA L 18 4.63 -33.16 -56.71
C ALA L 18 3.55 -34.14 -57.14
N GLU L 19 2.76 -33.77 -58.14
CA GLU L 19 1.61 -34.56 -58.55
C GLU L 19 1.89 -35.26 -59.87
N ASP L 20 1.56 -36.55 -59.93
CA ASP L 20 1.69 -37.30 -61.16
C ASP L 20 0.64 -36.85 -62.16
N THR L 21 1.09 -36.43 -63.34
CA THR L 21 0.20 -35.89 -64.37
C THR L 21 -0.03 -36.87 -65.51
N CYS L 22 0.97 -37.66 -65.86
CA CYS L 22 0.89 -38.56 -67.00
C CYS L 22 0.72 -40.00 -66.53
N HIS L 23 0.48 -40.89 -67.49
CA HIS L 23 0.35 -42.32 -67.19
C HIS L 23 0.83 -43.09 -68.42
N LEU L 24 2.10 -43.50 -68.40
CA LEU L 24 2.70 -44.23 -69.51
C LEU L 24 2.24 -45.68 -69.47
N ILE L 25 1.04 -45.92 -69.98
CA ILE L 25 0.48 -47.27 -69.94
C ILE L 25 1.28 -48.17 -70.86
N PRO L 26 1.80 -49.31 -70.39
CA PRO L 26 2.53 -50.20 -71.29
C PRO L 26 1.65 -50.70 -72.42
N GLY L 27 2.26 -50.90 -73.58
CA GLY L 27 1.55 -51.37 -74.76
C GLY L 27 0.83 -50.27 -75.49
N VAL L 28 0.13 -49.40 -74.75
CA VAL L 28 -0.59 -48.29 -75.35
C VAL L 28 0.43 -47.19 -75.65
N THR L 29 0.86 -47.14 -76.90
CA THR L 29 1.89 -46.19 -77.29
C THR L 29 1.42 -44.75 -77.21
N GLU L 30 0.11 -44.52 -77.07
CA GLU L 30 -0.42 -43.17 -77.13
C GLU L 30 0.17 -42.29 -76.05
N SER L 31 0.48 -42.87 -74.89
CA SER L 31 0.95 -42.08 -73.76
C SER L 31 2.30 -41.43 -74.06
N VAL L 32 3.15 -42.14 -74.81
CA VAL L 32 4.48 -41.62 -75.11
C VAL L 32 4.35 -40.33 -75.90
N ALA L 33 3.47 -40.31 -76.90
CA ALA L 33 3.25 -39.09 -77.66
C ALA L 33 2.50 -38.05 -76.83
N ASN L 34 1.61 -38.50 -75.97
CA ASN L 34 0.85 -37.56 -75.14
C ASN L 34 1.77 -36.74 -74.25
N CYS L 35 2.76 -37.38 -73.65
CA CYS L 35 3.69 -36.72 -72.75
C CYS L 35 5.09 -36.79 -73.33
N HIS L 36 5.72 -35.63 -73.46
CA HIS L 36 7.00 -35.55 -74.15
C HIS L 36 8.03 -36.46 -73.51
N PHE L 37 8.79 -37.17 -74.35
CA PHE L 37 9.76 -38.17 -73.89
C PHE L 37 10.95 -38.12 -74.85
N ASN L 38 11.99 -37.40 -74.46
CA ASN L 38 13.18 -37.26 -75.30
C ASN L 38 13.87 -38.61 -75.39
N HIS L 39 13.69 -39.30 -76.52
CA HIS L 39 14.24 -40.63 -76.70
C HIS L 39 15.75 -40.62 -76.83
N SER L 40 16.37 -39.45 -76.97
CA SER L 40 17.82 -39.38 -77.08
C SER L 40 18.49 -39.29 -75.72
N SER L 41 17.86 -38.61 -74.77
CA SER L 41 18.51 -38.32 -73.51
C SER L 41 18.35 -39.48 -72.53
N LYS L 42 19.02 -39.35 -71.40
CA LYS L 42 18.99 -40.36 -70.35
C LYS L 42 17.67 -40.26 -69.60
N THR L 43 17.26 -41.38 -69.00
CA THR L 43 15.97 -41.45 -68.31
C THR L 43 16.09 -42.28 -67.05
N PHE L 44 15.84 -41.65 -65.90
CA PHE L 44 15.92 -42.33 -64.62
C PHE L 44 14.59 -43.01 -64.30
N VAL L 45 14.64 -43.91 -63.32
CA VAL L 45 13.45 -44.61 -62.84
C VAL L 45 13.52 -44.71 -61.33
N VAL L 46 12.68 -43.95 -60.64
CA VAL L 46 12.65 -43.93 -59.19
C VAL L 46 11.66 -45.00 -58.71
N ILE L 47 12.10 -45.82 -57.77
CA ILE L 47 11.27 -46.87 -57.20
C ILE L 47 11.28 -46.66 -55.69
N HIS L 48 10.22 -46.04 -55.17
CA HIS L 48 10.12 -45.86 -53.74
C HIS L 48 9.75 -47.19 -53.08
N GLY L 49 9.54 -47.14 -51.77
CA GLY L 49 9.34 -48.34 -51.00
C GLY L 49 8.12 -48.33 -50.11
N TRP L 50 8.13 -49.18 -49.09
CA TRP L 50 6.97 -49.37 -48.25
C TRP L 50 6.60 -48.09 -47.54
N THR L 51 5.31 -47.83 -47.43
CA THR L 51 4.81 -46.65 -46.75
C THR L 51 3.56 -47.00 -45.97
N VAL L 52 3.57 -46.69 -44.67
CA VAL L 52 2.39 -46.92 -43.85
C VAL L 52 1.21 -46.10 -44.36
N THR L 53 1.48 -44.88 -44.84
CA THR L 53 0.44 -44.03 -45.37
C THR L 53 0.08 -44.48 -46.78
N GLY L 54 -0.84 -43.75 -47.40
CA GLY L 54 -1.28 -44.06 -48.75
C GLY L 54 -0.80 -43.03 -49.76
N MET L 55 0.43 -42.56 -49.59
CA MET L 55 0.97 -41.55 -50.48
C MET L 55 2.48 -41.63 -50.49
N TYR L 56 3.08 -40.96 -51.47
CA TYR L 56 4.53 -40.97 -51.61
C TYR L 56 5.17 -40.33 -50.39
N GLU L 57 6.34 -40.84 -50.02
CA GLU L 57 7.09 -40.25 -48.93
C GLU L 57 7.48 -38.80 -49.27
N SER L 58 8.02 -38.10 -48.28
CA SER L 58 8.30 -36.68 -48.40
C SER L 58 9.58 -36.38 -49.18
N TRP L 59 10.36 -37.39 -49.54
CA TRP L 59 11.66 -37.16 -50.17
C TRP L 59 11.61 -37.21 -51.70
N VAL L 60 10.59 -37.85 -52.26
CA VAL L 60 10.51 -37.98 -53.72
C VAL L 60 10.53 -36.62 -54.42
N PRO L 61 9.76 -35.63 -53.99
CA PRO L 61 9.79 -34.34 -54.71
C PRO L 61 11.17 -33.71 -54.74
N LYS L 62 11.85 -33.70 -53.60
CA LYS L 62 13.19 -33.13 -53.56
C LYS L 62 14.14 -33.92 -54.45
N LEU L 63 14.06 -35.25 -54.39
CA LEU L 63 14.93 -36.07 -55.22
C LEU L 63 14.74 -35.74 -56.69
N VAL L 64 13.49 -35.70 -57.14
CA VAL L 64 13.24 -35.50 -58.57
C VAL L 64 13.63 -34.09 -58.98
N ALA L 65 13.37 -33.10 -58.12
CA ALA L 65 13.76 -31.74 -58.44
C ALA L 65 15.27 -31.65 -58.61
N ALA L 66 16.02 -32.27 -57.70
CA ALA L 66 17.47 -32.23 -57.81
C ALA L 66 17.94 -32.99 -59.04
N LEU L 67 17.26 -34.08 -59.39
CA LEU L 67 17.62 -34.85 -60.57
C LEU L 67 17.49 -33.99 -61.82
N TYR L 68 16.38 -33.25 -61.93
CA TYR L 68 16.23 -32.33 -63.06
C TYR L 68 17.29 -31.23 -63.02
N LYS L 69 17.57 -30.70 -61.83
CA LYS L 69 18.59 -29.67 -61.72
C LYS L 69 19.93 -30.18 -62.26
N ARG L 70 20.28 -31.41 -61.92
CA ARG L 70 21.56 -31.96 -62.34
C ARG L 70 21.58 -32.28 -63.83
N GLU L 71 20.53 -32.92 -64.34
CA GLU L 71 20.49 -33.38 -65.72
C GLU L 71 19.18 -32.94 -66.37
N PRO L 72 19.12 -31.69 -66.83
CA PRO L 72 17.91 -31.22 -67.52
C PRO L 72 17.71 -31.95 -68.84
N ASP L 73 16.50 -31.78 -69.39
CA ASP L 73 16.12 -32.40 -70.65
C ASP L 73 16.31 -33.92 -70.58
N SER L 74 15.96 -34.49 -69.43
CA SER L 74 16.06 -35.92 -69.21
C SER L 74 14.80 -36.40 -68.53
N ASN L 75 14.22 -37.48 -69.04
CA ASN L 75 12.94 -37.95 -68.55
C ASN L 75 13.08 -38.61 -67.19
N VAL L 76 11.99 -38.59 -66.44
CA VAL L 76 11.91 -39.20 -65.12
C VAL L 76 10.64 -40.01 -65.05
N ILE L 77 10.74 -41.23 -64.51
CA ILE L 77 9.60 -42.13 -64.37
C ILE L 77 9.45 -42.47 -62.90
N VAL L 78 8.20 -42.47 -62.44
CA VAL L 78 7.87 -42.86 -61.07
C VAL L 78 6.86 -43.99 -61.13
N VAL L 79 6.89 -44.84 -60.12
CA VAL L 79 6.03 -46.00 -60.03
C VAL L 79 4.97 -45.76 -58.96
N ASP L 80 4.01 -46.67 -58.90
CA ASP L 80 2.83 -46.52 -58.06
C ASP L 80 2.65 -47.70 -57.11
N TRP L 81 3.70 -47.99 -56.36
CA TRP L 81 3.67 -49.02 -55.32
C TRP L 81 2.34 -49.02 -54.57
N LEU L 82 1.76 -47.84 -54.40
CA LEU L 82 0.51 -47.72 -53.67
C LEU L 82 -0.52 -48.71 -54.20
N SER L 83 -1.45 -49.11 -53.33
CA SER L 83 -2.47 -50.12 -53.55
C SER L 83 -1.91 -51.53 -53.36
N ARG L 84 -0.61 -51.70 -53.31
CA ARG L 84 0.03 -52.99 -53.06
C ARG L 84 0.98 -52.94 -51.88
N ALA L 85 1.68 -51.82 -51.69
CA ALA L 85 2.62 -51.71 -50.58
C ALA L 85 1.91 -51.47 -49.25
N GLN L 86 0.72 -50.87 -49.27
CA GLN L 86 0.01 -50.61 -48.04
C GLN L 86 -0.27 -51.91 -47.28
N GLN L 87 -0.27 -53.03 -47.99
CA GLN L 87 -0.58 -54.30 -47.36
C GLN L 87 0.52 -54.66 -46.35
N HIS L 88 0.32 -55.78 -45.67
CA HIS L 88 1.30 -56.24 -44.70
C HIS L 88 2.69 -56.29 -45.32
N TYR L 89 3.69 -55.97 -44.49
CA TYR L 89 5.06 -55.83 -45.01
C TYR L 89 5.54 -57.10 -45.71
N PRO L 90 5.38 -58.29 -45.14
CA PRO L 90 5.74 -59.50 -45.89
C PRO L 90 5.02 -59.61 -47.23
N VAL L 91 3.76 -59.15 -47.29
CA VAL L 91 3.05 -59.18 -48.57
C VAL L 91 3.78 -58.32 -49.60
N SER L 92 4.34 -57.19 -49.17
CA SER L 92 5.14 -56.39 -50.07
C SER L 92 6.41 -57.14 -50.48
N ALA L 93 7.00 -57.87 -49.54
CA ALA L 93 8.18 -58.67 -49.87
C ALA L 93 7.85 -59.68 -50.96
N GLY L 94 6.66 -60.29 -50.89
CA GLY L 94 6.24 -61.18 -51.96
C GLY L 94 5.96 -60.45 -53.25
N TYR L 95 5.29 -59.30 -53.17
CA TYR L 95 4.89 -58.53 -54.35
C TYR L 95 6.08 -57.88 -55.04
N THR L 96 7.24 -57.86 -54.40
CA THR L 96 8.43 -57.38 -55.09
C THR L 96 8.63 -58.11 -56.40
N LYS L 97 8.35 -59.42 -56.42
CA LYS L 97 8.52 -60.19 -57.65
C LYS L 97 7.57 -59.72 -58.73
N LEU L 98 6.31 -59.45 -58.35
CA LEU L 98 5.33 -58.98 -59.32
C LEU L 98 5.74 -57.62 -59.89
N VAL L 99 6.18 -56.71 -59.02
CA VAL L 99 6.57 -55.39 -59.50
C VAL L 99 7.81 -55.49 -60.37
N GLY L 100 8.72 -56.39 -60.03
CA GLY L 100 9.91 -56.56 -60.87
C GLY L 100 9.55 -57.10 -62.24
N GLN L 101 8.66 -58.09 -62.28
CA GLN L 101 8.19 -58.59 -63.57
C GLN L 101 7.52 -57.48 -64.36
N ASP L 102 6.73 -56.64 -63.68
CA ASP L 102 6.04 -55.55 -64.35
C ASP L 102 7.03 -54.56 -64.95
N VAL L 103 8.06 -54.20 -64.19
CA VAL L 103 9.04 -53.25 -64.68
C VAL L 103 9.83 -53.84 -65.84
N ALA L 104 10.15 -55.13 -65.74
CA ALA L 104 10.85 -55.80 -66.83
C ALA L 104 10.01 -55.79 -68.09
N LYS L 105 8.71 -56.05 -67.95
CA LYS L 105 7.82 -56.01 -69.11
C LYS L 105 7.76 -54.60 -69.68
N PHE L 106 7.71 -53.59 -68.82
CA PHE L 106 7.71 -52.21 -69.27
C PHE L 106 8.94 -51.91 -70.11
N MET L 107 10.12 -52.25 -69.59
CA MET L 107 11.36 -51.93 -70.27
C MET L 107 11.49 -52.72 -71.56
N ASN L 108 11.05 -53.98 -71.56
CA ASN L 108 11.10 -54.79 -72.77
C ASN L 108 10.18 -54.21 -73.85
N TRP L 109 9.00 -53.77 -73.44
CA TRP L 109 8.08 -53.14 -74.38
C TRP L 109 8.69 -51.88 -74.96
N MET L 110 9.37 -51.09 -74.12
CA MET L 110 10.02 -49.89 -74.62
C MET L 110 11.12 -50.25 -75.61
N ALA L 111 11.93 -51.25 -75.28
CA ALA L 111 13.03 -51.65 -76.16
C ALA L 111 12.54 -52.34 -77.42
N ASP L 112 11.29 -52.79 -77.45
CA ASP L 112 10.71 -53.37 -78.66
C ASP L 112 10.08 -52.31 -79.54
N GLU L 113 9.20 -51.48 -78.98
CA GLU L 113 8.51 -50.48 -79.79
C GLU L 113 9.44 -49.35 -80.20
N PHE L 114 10.21 -48.81 -79.25
CA PHE L 114 11.06 -47.66 -79.49
C PHE L 114 12.54 -47.99 -79.45
N ASN L 115 12.90 -49.25 -79.19
CA ASN L 115 14.29 -49.67 -79.09
C ASN L 115 15.16 -48.65 -78.38
N TYR L 116 14.64 -48.09 -77.30
CA TYR L 116 15.41 -47.13 -76.52
C TYR L 116 16.65 -47.81 -75.96
N PRO L 117 17.83 -47.21 -76.08
CA PRO L 117 19.04 -47.86 -75.56
C PRO L 117 18.96 -48.09 -74.07
N LEU L 118 19.18 -49.33 -73.66
CA LEU L 118 19.09 -49.68 -72.24
C LEU L 118 20.27 -49.13 -71.45
N GLY L 119 21.28 -48.59 -72.13
CA GLY L 119 22.46 -48.11 -71.45
C GLY L 119 22.32 -46.69 -70.95
N ASN L 120 21.09 -46.20 -70.87
CA ASN L 120 20.85 -44.82 -70.48
C ASN L 120 19.71 -44.72 -69.48
N VAL L 121 19.61 -45.70 -68.57
CA VAL L 121 18.52 -45.75 -67.60
C VAL L 121 19.08 -46.16 -66.24
N HIS L 122 18.63 -45.48 -65.19
CA HIS L 122 18.96 -45.82 -63.81
C HIS L 122 17.71 -46.33 -63.11
N LEU L 123 17.85 -47.43 -62.38
CA LEU L 123 16.78 -47.94 -61.55
C LEU L 123 17.04 -47.53 -60.10
N LEU L 124 16.82 -46.25 -59.81
CA LEU L 124 17.01 -45.75 -58.46
C LEU L 124 16.08 -46.47 -57.51
N GLY L 125 16.68 -47.27 -56.62
CA GLY L 125 15.92 -48.09 -55.71
C GLY L 125 16.17 -47.71 -54.26
N TYR L 126 15.07 -47.60 -53.52
CA TYR L 126 15.10 -47.30 -52.10
C TYR L 126 14.36 -48.43 -51.38
N SER L 127 14.64 -48.57 -50.09
CA SER L 127 13.93 -49.50 -49.23
C SER L 127 13.70 -50.81 -49.98
N LEU L 128 12.46 -51.28 -50.08
CA LEU L 128 12.16 -52.46 -50.88
C LEU L 128 12.40 -52.21 -52.36
N GLY L 129 12.41 -50.94 -52.77
CA GLY L 129 12.52 -50.63 -54.19
C GLY L 129 13.83 -51.10 -54.77
N ALA L 130 14.90 -51.05 -53.97
CA ALA L 130 16.19 -51.51 -54.46
C ALA L 130 16.13 -52.99 -54.81
N HIS L 131 15.56 -53.81 -53.93
CA HIS L 131 15.44 -55.23 -54.23
C HIS L 131 14.48 -55.44 -55.40
N ALA L 132 13.46 -54.60 -55.52
CA ALA L 132 12.53 -54.71 -56.64
C ALA L 132 13.26 -54.50 -57.96
N ALA L 133 14.07 -53.46 -58.03
CA ALA L 133 14.85 -53.22 -59.24
C ALA L 133 15.83 -54.35 -59.48
N GLY L 134 16.47 -54.84 -58.43
CA GLY L 134 17.45 -55.91 -58.60
C GLY L 134 16.84 -57.15 -59.20
N ILE L 135 15.69 -57.58 -58.67
CA ILE L 135 14.97 -58.67 -59.29
C ILE L 135 14.53 -58.27 -60.69
N ALA L 136 14.34 -56.97 -60.91
CA ALA L 136 14.08 -56.47 -62.25
C ALA L 136 15.40 -56.35 -63.01
N GLY L 137 15.31 -56.03 -64.30
CA GLY L 137 16.48 -55.93 -65.13
C GLY L 137 17.04 -57.29 -65.49
N SER L 138 17.21 -58.15 -64.48
CA SER L 138 17.67 -59.50 -64.73
C SER L 138 16.80 -60.20 -65.77
N LEU L 139 15.51 -59.93 -65.75
CA LEU L 139 14.62 -60.48 -66.78
C LEU L 139 14.78 -59.75 -68.10
N THR L 140 15.28 -58.51 -68.08
CA THR L 140 15.50 -57.77 -69.30
C THR L 140 16.56 -58.44 -70.16
N ASN L 141 16.37 -58.38 -71.47
CA ASN L 141 17.29 -59.04 -72.38
C ASN L 141 18.60 -58.28 -72.56
N LYS L 142 18.54 -56.94 -72.52
CA LYS L 142 19.70 -56.11 -72.83
C LYS L 142 20.34 -55.50 -71.59
N LYS L 143 20.06 -56.03 -70.41
CA LYS L 143 20.71 -55.56 -69.19
C LYS L 143 20.45 -54.08 -68.95
N VAL L 144 21.02 -53.55 -67.87
CA VAL L 144 20.83 -52.16 -67.48
C VAL L 144 22.16 -51.57 -67.05
N ASN L 145 22.38 -50.30 -67.39
CA ASN L 145 23.63 -49.63 -67.08
C ASN L 145 23.83 -49.50 -65.57
N ARG L 146 22.97 -48.74 -64.90
CA ARG L 146 23.11 -48.46 -63.47
C ARG L 146 21.84 -48.85 -62.73
N ILE L 147 22.02 -49.44 -61.56
CA ILE L 147 20.90 -49.89 -60.73
C ILE L 147 21.08 -49.34 -59.32
N THR L 148 21.74 -48.20 -59.21
CA THR L 148 22.07 -47.63 -57.91
C THR L 148 20.87 -47.61 -56.98
N GLY L 149 20.98 -48.33 -55.86
CA GLY L 149 19.92 -48.38 -54.88
C GLY L 149 20.25 -47.56 -53.64
N LEU L 150 19.32 -47.59 -52.68
CA LEU L 150 19.46 -46.82 -51.45
C LEU L 150 18.92 -47.64 -50.30
N ASP L 151 19.80 -48.00 -49.37
CA ASP L 151 19.40 -48.68 -48.15
C ASP L 151 18.58 -49.92 -48.49
N PRO L 152 19.18 -50.91 -49.13
CA PRO L 152 18.45 -52.14 -49.46
C PRO L 152 17.89 -52.80 -48.21
N ALA L 153 16.69 -53.33 -48.34
CA ALA L 153 16.03 -53.97 -47.22
C ALA L 153 16.75 -55.27 -46.85
N GLY L 154 16.80 -55.53 -45.54
CA GLY L 154 17.47 -56.70 -45.03
C GLY L 154 16.56 -57.90 -44.83
N PRO L 155 15.42 -57.71 -44.17
CA PRO L 155 14.56 -58.85 -43.85
C PRO L 155 14.12 -59.61 -45.09
N ASN L 156 14.05 -60.92 -44.96
CA ASN L 156 13.57 -61.80 -46.02
C ASN L 156 14.41 -61.69 -47.29
N PHE L 157 15.61 -61.12 -47.17
CA PHE L 157 16.54 -61.04 -48.29
C PHE L 157 17.93 -61.55 -47.93
N GLU L 158 18.32 -61.49 -46.68
CA GLU L 158 19.51 -62.20 -46.25
C GLU L 158 19.29 -63.69 -46.35
N TYR L 159 20.38 -64.43 -46.52
CA TYR L 159 20.30 -65.87 -46.75
C TYR L 159 19.46 -66.17 -47.98
N ALA L 160 19.67 -65.40 -49.04
CA ALA L 160 18.94 -65.52 -50.29
C ALA L 160 19.93 -65.63 -51.45
N GLU L 161 19.40 -65.55 -52.67
CA GLU L 161 20.19 -65.66 -53.88
C GLU L 161 19.85 -64.51 -54.82
N ALA L 162 20.60 -64.43 -55.91
CA ALA L 162 20.40 -63.37 -56.90
C ALA L 162 18.98 -63.27 -57.41
N PRO L 163 18.31 -64.35 -57.80
CA PRO L 163 16.94 -64.19 -58.33
C PRO L 163 15.99 -63.55 -57.34
N SER L 164 16.18 -63.77 -56.04
CA SER L 164 15.26 -63.27 -55.04
C SER L 164 15.76 -61.99 -54.36
N ARG L 165 16.92 -61.48 -54.75
CA ARG L 165 17.43 -60.26 -54.15
C ARG L 165 18.38 -59.58 -55.11
N LEU L 166 18.70 -58.32 -54.81
CA LEU L 166 19.62 -57.57 -55.65
C LEU L 166 20.96 -58.29 -55.73
N SER L 167 21.51 -58.37 -56.93
CA SER L 167 22.76 -59.05 -57.19
C SER L 167 23.63 -58.21 -58.09
N PRO L 168 24.96 -58.38 -58.02
CA PRO L 168 25.83 -57.61 -58.91
C PRO L 168 25.57 -57.86 -60.39
N ASP L 169 25.15 -59.08 -60.73
CA ASP L 169 24.88 -59.43 -62.13
C ASP L 169 23.56 -58.88 -62.63
N ASP L 170 22.73 -58.32 -61.75
CA ASP L 170 21.44 -57.78 -62.17
C ASP L 170 21.60 -56.61 -63.13
N ALA L 171 22.78 -56.01 -63.22
CA ALA L 171 22.99 -54.85 -64.07
C ALA L 171 24.47 -54.71 -64.35
N ASP L 172 24.80 -53.83 -65.29
CA ASP L 172 26.19 -53.62 -65.66
C ASP L 172 26.99 -53.08 -64.48
N PHE L 173 26.43 -52.09 -63.78
CA PHE L 173 27.09 -51.50 -62.62
C PHE L 173 26.04 -51.33 -61.52
N VAL L 174 26.52 -51.33 -60.28
CA VAL L 174 25.63 -51.25 -59.13
C VAL L 174 26.39 -50.64 -57.97
N ASP L 175 25.67 -49.92 -57.12
CA ASP L 175 26.23 -49.39 -55.88
C ASP L 175 25.10 -49.16 -54.90
N VAL L 176 25.39 -49.41 -53.62
CA VAL L 176 24.40 -49.30 -52.55
C VAL L 176 24.96 -48.43 -51.44
N LEU L 177 24.05 -47.87 -50.66
CA LEU L 177 24.38 -46.97 -49.55
C LEU L 177 23.90 -47.63 -48.26
N HIS L 178 24.76 -48.45 -47.66
CA HIS L 178 24.44 -49.11 -46.41
C HIS L 178 24.44 -48.11 -45.26
N THR L 179 23.32 -47.42 -45.07
CA THR L 179 23.23 -46.34 -44.11
C THR L 179 22.75 -46.79 -42.73
N PHE L 180 22.46 -48.08 -42.56
CA PHE L 180 21.96 -48.56 -41.28
C PHE L 180 22.12 -50.07 -41.22
N THR L 181 22.86 -50.55 -40.22
CA THR L 181 23.08 -51.99 -40.07
C THR L 181 23.06 -52.44 -38.61
N ARG L 182 22.75 -51.56 -37.67
CA ARG L 182 22.82 -51.94 -36.27
C ARG L 182 21.80 -53.04 -35.97
N GLY L 183 22.25 -54.04 -35.22
CA GLY L 183 21.42 -55.17 -34.84
C GLY L 183 22.07 -56.48 -35.19
N SER L 184 21.40 -57.56 -34.80
CA SER L 184 21.92 -58.89 -35.05
C SER L 184 21.88 -59.19 -36.56
N PRO L 185 22.77 -60.06 -37.04
CA PRO L 185 22.71 -60.45 -38.46
C PRO L 185 21.36 -61.06 -38.80
N GLY L 186 20.88 -60.72 -39.99
CA GLY L 186 19.63 -61.26 -40.49
C GLY L 186 18.38 -60.66 -39.90
N ARG L 187 18.52 -59.73 -38.94
CA ARG L 187 17.36 -59.07 -38.35
C ARG L 187 17.42 -57.55 -38.45
N SER L 188 18.59 -56.97 -38.67
CA SER L 188 18.66 -55.53 -38.91
C SER L 188 17.94 -55.19 -40.21
N ILE L 189 17.25 -54.06 -40.20
CA ILE L 189 16.49 -53.67 -41.39
C ILE L 189 17.41 -53.56 -42.60
N GLY L 190 18.59 -52.98 -42.42
CA GLY L 190 19.51 -52.78 -43.52
C GLY L 190 20.43 -53.96 -43.71
N ILE L 191 20.37 -54.57 -44.90
CA ILE L 191 21.25 -55.68 -45.20
C ILE L 191 22.70 -55.26 -45.02
N GLN L 192 23.49 -56.12 -44.39
CA GLN L 192 24.90 -55.86 -44.17
C GLN L 192 25.80 -56.60 -45.12
N LYS L 193 25.34 -57.70 -45.71
CA LYS L 193 26.15 -58.43 -46.67
C LYS L 193 26.36 -57.57 -47.91
N PRO L 194 27.59 -57.38 -48.36
CA PRO L 194 27.81 -56.57 -49.57
C PRO L 194 27.15 -57.22 -50.78
N VAL L 195 26.61 -56.38 -51.65
CA VAL L 195 25.80 -56.85 -52.78
C VAL L 195 26.42 -56.41 -54.10
N GLY L 196 26.68 -55.11 -54.26
CA GLY L 196 27.12 -54.58 -55.52
C GLY L 196 28.62 -54.70 -55.70
N HIS L 197 29.07 -54.24 -56.88
CA HIS L 197 30.49 -54.20 -57.16
C HIS L 197 31.22 -53.32 -56.16
N VAL L 198 30.62 -52.18 -55.81
CA VAL L 198 31.15 -51.30 -54.78
C VAL L 198 30.01 -50.94 -53.84
N ASP L 199 30.28 -50.98 -52.54
CA ASP L 199 29.31 -50.65 -51.52
C ASP L 199 29.87 -49.59 -50.59
N ILE L 200 28.98 -48.79 -50.02
CA ILE L 200 29.34 -47.65 -49.21
C ILE L 200 28.70 -47.81 -47.83
N TYR L 201 29.49 -47.62 -46.78
CA TYR L 201 29.05 -47.82 -45.41
C TYR L 201 29.38 -46.57 -44.61
N PRO L 202 28.63 -45.49 -44.83
CA PRO L 202 28.92 -44.24 -44.12
C PRO L 202 28.79 -44.42 -42.62
N ASN L 203 29.73 -43.84 -41.89
CA ASN L 203 29.76 -43.88 -40.42
C ASN L 203 29.84 -45.30 -39.89
N GLY L 204 30.08 -46.29 -40.75
CA GLY L 204 30.08 -47.67 -40.37
C GLY L 204 28.71 -48.32 -40.36
N GLY L 205 27.65 -47.55 -40.60
CA GLY L 205 26.31 -48.08 -40.64
C GLY L 205 25.65 -48.26 -39.29
N THR L 206 26.37 -47.99 -38.20
CA THR L 206 25.78 -48.16 -36.87
C THR L 206 24.60 -47.23 -36.66
N PHE L 207 24.74 -45.98 -37.08
CA PHE L 207 23.70 -44.96 -36.91
C PHE L 207 24.15 -43.70 -37.65
N GLN L 208 23.39 -42.63 -37.49
CA GLN L 208 23.73 -41.35 -38.08
C GLN L 208 23.59 -40.25 -37.03
N PRO L 209 24.34 -39.16 -37.19
CA PRO L 209 24.39 -38.13 -36.13
C PRO L 209 23.19 -37.20 -36.15
N GLY L 210 22.62 -36.94 -37.33
CA GLY L 210 21.58 -35.94 -37.45
C GLY L 210 20.26 -36.38 -36.85
N CYS L 211 20.27 -36.78 -35.59
CA CYS L 211 19.08 -37.23 -34.90
C CYS L 211 19.41 -37.39 -33.42
N ASN L 212 18.45 -37.87 -32.65
CA ASN L 212 18.57 -37.97 -31.20
C ASN L 212 17.91 -39.27 -30.77
N ILE L 213 17.66 -39.40 -29.47
CA ILE L 213 17.00 -40.60 -28.96
C ILE L 213 15.68 -40.82 -29.67
N GLY L 214 14.89 -39.76 -29.84
CA GLY L 214 13.64 -39.84 -30.58
C GLY L 214 12.44 -40.14 -29.72
N GLU L 215 11.99 -41.39 -29.75
CA GLU L 215 10.76 -41.78 -29.06
C GLU L 215 10.94 -41.68 -27.55
N ALA L 216 10.30 -40.68 -26.94
CA ALA L 216 10.38 -40.54 -25.49
C ALA L 216 9.56 -41.62 -24.79
N LEU L 217 8.35 -41.87 -25.27
CA LEU L 217 7.49 -42.88 -24.69
C LEU L 217 6.54 -43.40 -25.76
N ARG L 218 5.97 -44.58 -25.50
CA ARG L 218 5.11 -45.22 -26.50
C ARG L 218 3.89 -44.36 -26.81
N VAL L 219 3.26 -43.79 -25.77
CA VAL L 219 2.03 -43.03 -25.94
C VAL L 219 2.29 -41.53 -26.00
N ILE L 220 3.16 -41.02 -25.13
CA ILE L 220 3.40 -39.58 -25.09
C ILE L 220 4.03 -39.10 -26.39
N ALA L 221 5.03 -39.83 -26.88
CA ALA L 221 5.69 -39.48 -28.12
C ALA L 221 4.89 -40.03 -29.30
N GLU L 222 5.48 -40.00 -30.50
CA GLU L 222 4.81 -40.40 -31.74
C GLU L 222 5.68 -41.43 -32.43
N ARG L 223 5.47 -42.71 -32.10
CA ARG L 223 6.26 -43.79 -32.69
C ARG L 223 6.18 -43.71 -34.21
N GLY L 224 4.98 -43.92 -34.75
CA GLY L 224 4.73 -43.70 -36.16
C GLY L 224 3.65 -42.66 -36.34
N LEU L 225 3.40 -41.89 -35.29
CA LEU L 225 2.35 -40.87 -35.30
C LEU L 225 2.88 -39.55 -35.85
N GLY L 226 3.53 -39.61 -37.01
CA GLY L 226 4.20 -38.44 -37.53
C GLY L 226 5.16 -37.88 -36.51
N ASP L 227 5.26 -36.55 -36.48
CA ASP L 227 6.06 -35.86 -35.47
C ASP L 227 7.45 -36.45 -35.34
N VAL L 228 7.66 -37.30 -34.33
CA VAL L 228 8.99 -37.87 -34.08
C VAL L 228 9.20 -39.17 -34.83
N ASP L 229 8.25 -39.59 -35.67
CA ASP L 229 8.47 -40.76 -36.51
C ASP L 229 9.64 -40.54 -37.46
N GLN L 230 9.72 -39.34 -38.04
CA GLN L 230 10.85 -39.02 -38.91
C GLN L 230 12.16 -39.08 -38.14
N LEU L 231 12.17 -38.55 -36.92
CA LEU L 231 13.37 -38.65 -36.08
C LEU L 231 13.74 -40.09 -35.81
N VAL L 232 12.75 -40.95 -35.58
CA VAL L 232 13.02 -42.38 -35.43
C VAL L 232 13.66 -42.92 -36.69
N LYS L 233 13.19 -42.48 -37.86
CA LYS L 233 13.83 -42.81 -39.14
C LYS L 233 15.03 -41.89 -39.36
N CYS L 234 16.04 -42.11 -38.50
CA CYS L 234 17.21 -41.24 -38.48
C CYS L 234 18.07 -41.45 -39.71
N SER L 235 18.29 -42.70 -40.11
CA SER L 235 19.27 -43.05 -41.12
C SER L 235 18.64 -43.55 -42.41
N HIS L 236 17.46 -44.16 -42.31
CA HIS L 236 16.86 -44.78 -43.49
C HIS L 236 16.65 -43.78 -44.62
N GLU L 237 16.43 -42.51 -44.27
CA GLU L 237 16.34 -41.45 -45.27
C GLU L 237 17.65 -40.71 -45.46
N ARG L 238 18.62 -40.94 -44.59
CA ARG L 238 19.93 -40.32 -44.76
C ARG L 238 20.58 -40.77 -46.05
N SER L 239 20.27 -41.98 -46.51
CA SER L 239 20.79 -42.44 -47.80
C SER L 239 20.35 -41.50 -48.91
N VAL L 240 19.05 -41.25 -49.00
CA VAL L 240 18.53 -40.43 -50.08
C VAL L 240 18.97 -38.98 -49.92
N HIS L 241 19.06 -38.51 -48.67
CA HIS L 241 19.53 -37.15 -48.45
C HIS L 241 20.99 -37.01 -48.90
N LEU L 242 21.81 -38.02 -48.61
CA LEU L 242 23.20 -38.00 -49.07
C LEU L 242 23.26 -38.00 -50.59
N PHE L 243 22.44 -38.83 -51.22
CA PHE L 243 22.46 -38.92 -52.68
C PHE L 243 22.06 -37.60 -53.31
N ILE L 244 21.02 -36.96 -52.77
CA ILE L 244 20.56 -35.69 -53.34
C ILE L 244 21.59 -34.60 -53.10
N ASP L 245 22.23 -34.61 -51.94
CA ASP L 245 23.28 -33.62 -51.67
C ASP L 245 24.44 -33.78 -52.63
N SER L 246 24.86 -35.02 -52.87
CA SER L 246 25.93 -35.26 -53.84
C SER L 246 25.51 -34.82 -55.22
N LEU L 247 24.27 -35.12 -55.61
CA LEU L 247 23.78 -34.72 -56.92
C LEU L 247 23.81 -33.22 -57.08
N LEU L 248 23.38 -32.50 -56.04
CA LEU L 248 23.35 -31.04 -56.13
C LEU L 248 24.74 -30.46 -56.17
N ASN L 249 25.64 -30.96 -55.33
CA ASN L 249 27.02 -30.48 -55.28
C ASN L 249 27.92 -31.35 -56.14
N GLU L 250 27.80 -31.17 -57.45
CA GLU L 250 28.60 -31.93 -58.40
C GLU L 250 30.06 -31.49 -58.41
N GLU L 251 30.33 -30.24 -58.06
CA GLU L 251 31.69 -29.71 -58.20
C GLU L 251 32.66 -30.38 -57.23
N ASN L 252 32.24 -30.65 -56.00
CA ASN L 252 33.13 -31.16 -54.95
C ASN L 252 32.51 -32.40 -54.33
N PRO L 253 32.54 -33.52 -55.03
CA PRO L 253 32.00 -34.77 -54.47
C PRO L 253 32.80 -35.22 -53.26
N SER L 254 32.10 -35.86 -52.33
CA SER L 254 32.77 -36.48 -51.19
C SER L 254 33.49 -37.74 -51.66
N LYS L 255 34.68 -37.96 -51.12
CA LYS L 255 35.54 -39.07 -51.55
C LYS L 255 35.50 -40.14 -50.47
N ALA L 256 34.61 -41.11 -50.63
CA ALA L 256 34.58 -42.28 -49.77
C ALA L 256 35.81 -43.15 -50.03
N TYR L 257 36.27 -43.81 -48.98
CA TYR L 257 37.52 -44.54 -49.02
C TYR L 257 37.27 -46.05 -48.95
N ARG L 258 38.21 -46.79 -49.54
CA ARG L 258 38.14 -48.25 -49.59
C ARG L 258 39.08 -48.83 -48.55
N CYS L 259 38.62 -49.86 -47.85
CA CYS L 259 39.37 -50.42 -46.74
C CYS L 259 39.06 -51.90 -46.60
N ASN L 260 39.41 -52.46 -45.46
CA ASN L 260 39.18 -53.86 -45.16
C ASN L 260 38.09 -54.08 -44.12
N SER L 261 37.97 -53.18 -43.14
CA SER L 261 36.97 -53.34 -42.10
C SER L 261 36.74 -51.99 -41.44
N LYS L 262 35.61 -51.88 -40.74
CA LYS L 262 35.26 -50.62 -40.09
C LYS L 262 36.28 -50.26 -39.02
N GLU L 263 36.74 -51.25 -38.25
CA GLU L 263 37.74 -50.98 -37.23
C GLU L 263 39.05 -50.54 -37.86
N ALA L 264 39.43 -51.18 -38.97
CA ALA L 264 40.65 -50.77 -39.66
C ALA L 264 40.55 -49.33 -40.14
N PHE L 265 39.39 -48.97 -40.69
CA PHE L 265 39.21 -47.58 -41.12
C PHE L 265 39.26 -46.61 -39.95
N GLU L 266 38.63 -46.98 -38.82
CA GLU L 266 38.67 -46.13 -37.65
C GLU L 266 40.11 -45.92 -37.19
N LYS L 267 40.92 -46.98 -37.23
CA LYS L 267 42.33 -46.83 -36.88
C LYS L 267 43.03 -45.90 -37.85
N GLY L 268 42.73 -46.03 -39.14
CA GLY L 268 43.26 -45.12 -40.13
C GLY L 268 44.49 -45.60 -40.86
N LEU L 269 44.58 -46.90 -41.15
CA LEU L 269 45.72 -47.46 -41.86
C LEU L 269 45.40 -47.78 -43.32
N CYS L 270 44.20 -47.44 -43.78
CA CYS L 270 43.68 -47.92 -45.05
C CYS L 270 43.03 -46.77 -45.83
N LEU L 271 43.73 -45.65 -45.94
CA LEU L 271 43.22 -44.49 -46.66
C LEU L 271 43.91 -44.26 -47.99
N SER L 272 45.23 -44.46 -48.07
CA SER L 272 45.93 -44.22 -49.32
C SER L 272 45.35 -45.08 -50.42
N CYS L 273 45.08 -44.45 -51.57
CA CYS L 273 44.50 -45.14 -52.73
C CYS L 273 45.36 -44.81 -53.94
N ARG L 274 46.45 -45.57 -54.11
CA ARG L 274 47.27 -45.45 -55.31
C ARG L 274 46.61 -46.18 -56.48
N LYS L 275 46.00 -47.32 -56.20
CA LYS L 275 45.31 -48.10 -57.22
C LYS L 275 43.88 -47.59 -57.34
N ASN L 276 43.03 -48.33 -58.06
CA ASN L 276 41.65 -47.92 -58.28
C ASN L 276 40.85 -48.16 -56.99
N ARG L 277 41.09 -47.28 -56.02
CA ARG L 277 40.38 -47.30 -54.75
C ARG L 277 39.88 -45.89 -54.44
N CYS L 278 39.20 -45.77 -53.30
CA CYS L 278 38.73 -44.48 -52.80
C CYS L 278 37.94 -43.72 -53.86
N ASN L 279 37.11 -44.44 -54.59
CA ASN L 279 36.33 -43.81 -55.64
C ASN L 279 35.28 -42.88 -55.05
N ASN L 280 34.75 -42.00 -55.90
CA ASN L 280 33.76 -41.03 -55.48
C ASN L 280 32.47 -41.73 -55.07
N MET L 281 31.56 -40.99 -54.44
CA MET L 281 30.26 -41.51 -54.05
C MET L 281 29.17 -40.60 -54.60
N GLY L 282 28.10 -41.20 -55.10
CA GLY L 282 27.01 -40.45 -55.69
C GLY L 282 26.93 -40.63 -57.19
N TYR L 283 26.37 -39.62 -57.85
CA TYR L 283 26.20 -39.68 -59.30
C TYR L 283 27.54 -39.73 -60.01
N GLU L 284 28.51 -38.95 -59.54
CA GLU L 284 29.82 -38.87 -60.17
C GLU L 284 30.73 -40.03 -59.79
N ILE L 285 30.16 -41.10 -59.24
CA ILE L 285 30.95 -42.29 -58.96
C ILE L 285 31.63 -42.77 -60.23
N ASN L 286 32.85 -43.29 -60.08
CA ASN L 286 33.59 -43.84 -61.20
C ASN L 286 33.19 -45.30 -61.42
N LYS L 287 32.75 -45.61 -62.62
CA LYS L 287 32.34 -46.97 -62.95
C LYS L 287 33.56 -47.88 -62.95
N VAL L 288 33.51 -48.92 -62.11
CA VAL L 288 34.64 -49.83 -61.95
C VAL L 288 34.10 -51.20 -61.63
N ARG L 289 34.86 -52.23 -62.02
CA ARG L 289 34.54 -53.61 -61.72
C ARG L 289 35.58 -54.18 -60.78
N ALA L 290 35.12 -55.02 -59.84
CA ALA L 290 35.98 -55.62 -58.84
C ALA L 290 35.82 -57.13 -58.89
N LYS L 291 36.88 -57.83 -58.51
CA LYS L 291 36.85 -59.29 -58.50
C LYS L 291 36.01 -59.85 -57.37
N ARG L 292 35.61 -59.01 -56.41
CA ARG L 292 34.84 -59.45 -55.26
C ARG L 292 34.19 -58.24 -54.61
N SER L 293 33.46 -58.50 -53.53
CA SER L 293 32.88 -57.42 -52.74
C SER L 293 33.97 -56.48 -52.25
N SER L 294 33.73 -55.18 -52.41
CA SER L 294 34.70 -54.15 -52.03
C SER L 294 34.00 -53.19 -51.07
N LYS L 295 34.24 -53.38 -49.77
CA LYS L 295 33.69 -52.49 -48.77
C LYS L 295 34.39 -51.13 -48.81
N MET L 296 33.72 -50.14 -48.23
CA MET L 296 34.26 -48.78 -48.18
C MET L 296 33.72 -48.10 -46.92
N TYR L 297 34.31 -46.96 -46.59
CA TYR L 297 33.94 -46.22 -45.40
C TYR L 297 34.20 -44.75 -45.61
N LEU L 298 33.57 -43.93 -44.78
CA LEU L 298 33.79 -42.49 -44.75
C LEU L 298 33.00 -41.91 -43.58
N LYS L 299 33.07 -40.60 -43.44
CA LYS L 299 32.31 -39.87 -42.42
C LYS L 299 31.51 -38.77 -43.11
N THR L 300 30.85 -37.95 -42.30
CA THR L 300 29.95 -36.95 -42.83
C THR L 300 29.62 -35.93 -41.76
N ARG L 301 29.11 -34.78 -42.20
CA ARG L 301 28.61 -33.76 -41.31
C ARG L 301 27.21 -34.14 -40.84
N SER L 302 26.50 -33.20 -40.22
CA SER L 302 25.21 -33.54 -39.62
C SER L 302 24.14 -33.79 -40.67
N GLN L 303 23.69 -32.75 -41.37
CA GLN L 303 22.67 -32.96 -42.40
C GLN L 303 22.90 -32.24 -43.71
N MET L 304 23.30 -30.96 -43.68
CA MET L 304 23.09 -30.17 -44.89
C MET L 304 24.19 -30.38 -45.92
N PRO L 305 25.47 -30.05 -45.66
CA PRO L 305 26.44 -30.10 -46.75
C PRO L 305 27.10 -31.47 -46.89
N TYR L 306 27.20 -32.18 -45.76
CA TYR L 306 28.03 -33.37 -45.70
C TYR L 306 29.44 -33.02 -46.20
N LYS L 307 30.08 -33.92 -46.92
CA LYS L 307 31.35 -33.63 -47.59
C LYS L 307 32.39 -33.17 -46.57
N VAL L 308 32.81 -34.13 -45.75
CA VAL L 308 33.83 -33.91 -44.76
C VAL L 308 35.17 -34.40 -45.31
N PHE L 309 36.25 -34.03 -44.64
CA PHE L 309 37.60 -34.39 -45.04
C PHE L 309 38.08 -35.59 -44.23
N HIS L 310 39.35 -35.95 -44.42
CA HIS L 310 39.99 -37.03 -43.68
C HIS L 310 41.48 -36.76 -43.59
N TYR L 311 42.01 -36.69 -42.37
CA TYR L 311 43.37 -36.26 -42.13
C TYR L 311 44.04 -37.17 -41.11
N GLN L 312 43.99 -38.49 -41.33
CA GLN L 312 44.52 -39.44 -40.35
C GLN L 312 45.94 -39.07 -39.96
N VAL L 313 46.33 -39.44 -38.75
CA VAL L 313 47.56 -38.99 -38.13
C VAL L 313 48.33 -40.17 -37.56
N LYS L 314 49.65 -40.00 -37.46
CA LYS L 314 50.53 -40.93 -36.77
C LYS L 314 51.38 -40.16 -35.76
N ILE L 315 51.70 -40.81 -34.65
CA ILE L 315 52.51 -40.22 -33.60
C ILE L 315 53.67 -41.17 -33.29
N HIS L 316 54.88 -40.61 -33.24
CA HIS L 316 56.07 -41.36 -32.82
C HIS L 316 56.39 -41.04 -31.37
N PHE L 317 55.50 -41.52 -30.49
CA PHE L 317 55.71 -41.34 -29.06
C PHE L 317 57.06 -41.92 -28.66
N SER L 318 57.84 -41.12 -27.92
CA SER L 318 59.15 -41.57 -27.45
C SER L 318 59.51 -40.74 -26.22
N GLY L 319 59.36 -41.33 -25.05
CA GLY L 319 59.64 -40.63 -23.80
C GLY L 319 60.54 -41.42 -22.88
N THR L 320 60.68 -40.95 -21.64
CA THR L 320 61.55 -41.57 -20.65
C THR L 320 60.78 -42.47 -19.69
N GLU L 321 59.72 -41.94 -19.08
CA GLU L 321 58.98 -42.71 -18.09
C GLU L 321 58.18 -43.80 -18.80
N SER L 322 58.27 -45.03 -18.30
CA SER L 322 57.73 -46.19 -18.99
C SER L 322 56.51 -46.78 -18.29
N ASN L 323 55.70 -45.96 -17.63
CA ASN L 323 54.47 -46.43 -17.01
C ASN L 323 53.35 -46.31 -18.03
N THR L 324 52.89 -47.45 -18.53
CA THR L 324 51.85 -47.46 -19.55
C THR L 324 50.52 -47.00 -18.98
N TYR L 325 49.78 -46.27 -19.81
CA TYR L 325 48.45 -45.79 -19.47
C TYR L 325 47.47 -46.20 -20.55
N THR L 326 46.19 -46.23 -20.19
CA THR L 326 45.14 -46.72 -21.08
C THR L 326 43.91 -45.84 -20.97
N ASN L 327 43.11 -45.84 -22.04
CA ASN L 327 41.83 -45.13 -22.07
C ASN L 327 42.01 -43.66 -21.68
N GLN L 328 42.79 -42.96 -22.49
CA GLN L 328 43.04 -41.54 -22.30
C GLN L 328 42.53 -40.77 -23.51
N ALA L 329 42.12 -39.53 -23.25
CA ALA L 329 41.53 -38.67 -24.28
C ALA L 329 42.56 -37.68 -24.76
N PHE L 330 42.78 -37.65 -26.07
CA PHE L 330 43.68 -36.70 -26.70
C PHE L 330 42.85 -35.65 -27.45
N GLU L 331 43.19 -34.39 -27.26
CA GLU L 331 42.55 -33.28 -27.95
C GLU L 331 43.60 -32.60 -28.81
N ILE L 332 43.27 -32.35 -30.07
CA ILE L 332 44.16 -31.67 -31.00
C ILE L 332 43.35 -30.64 -31.78
N SER L 333 44.07 -29.71 -32.38
CA SER L 333 43.48 -28.69 -33.23
C SER L 333 44.49 -28.31 -34.31
N LEU L 334 43.98 -27.79 -35.41
CA LEU L 334 44.80 -27.49 -36.57
C LEU L 334 44.38 -26.17 -37.19
N TYR L 335 45.36 -25.50 -37.80
CA TYR L 335 45.15 -24.24 -38.50
C TYR L 335 45.77 -24.34 -39.88
N GLY L 336 45.10 -23.76 -40.88
CA GLY L 336 45.50 -23.91 -42.26
C GLY L 336 45.64 -22.60 -42.99
N THR L 337 45.16 -22.58 -44.24
CA THR L 337 45.26 -21.42 -45.10
C THR L 337 43.91 -20.97 -45.64
N VAL L 338 42.81 -21.60 -45.22
CA VAL L 338 41.46 -21.21 -45.61
C VAL L 338 40.59 -20.99 -44.38
N ALA L 339 40.56 -21.98 -43.48
CA ALA L 339 39.87 -21.86 -42.21
C ALA L 339 40.62 -22.71 -41.20
N GLU L 340 40.02 -22.92 -40.03
CA GLU L 340 40.69 -23.67 -38.97
C GLU L 340 39.65 -24.21 -37.98
N SER L 341 39.87 -25.44 -37.55
CA SER L 341 39.12 -26.01 -36.44
C SER L 341 39.80 -25.66 -35.12
N GLU L 342 39.05 -25.74 -34.03
CA GLU L 342 39.52 -25.22 -32.75
C GLU L 342 39.66 -26.30 -31.68
N ASN L 343 38.60 -27.07 -31.41
CA ASN L 343 38.59 -27.94 -30.24
C ASN L 343 38.05 -29.33 -30.60
N ILE L 344 38.59 -29.92 -31.66
CA ILE L 344 38.16 -31.26 -32.07
C ILE L 344 38.86 -32.30 -31.20
N PRO L 345 38.13 -33.18 -30.51
CA PRO L 345 38.75 -34.22 -29.70
C PRO L 345 38.90 -35.53 -30.45
N PHE L 346 39.58 -36.47 -29.79
CA PHE L 346 39.64 -37.84 -30.26
C PHE L 346 40.17 -38.72 -29.14
N THR L 347 40.13 -40.03 -29.35
CA THR L 347 40.47 -41.01 -28.32
C THR L 347 41.56 -41.94 -28.84
N LEU L 348 42.40 -42.38 -27.90
CA LEU L 348 43.49 -43.29 -28.21
C LEU L 348 43.93 -44.04 -26.95
N PRO L 349 43.42 -45.24 -26.71
CA PRO L 349 43.82 -45.98 -25.51
C PRO L 349 45.19 -46.62 -25.67
N GLU L 350 45.59 -47.42 -24.69
CA GLU L 350 46.78 -48.28 -24.77
C GLU L 350 48.03 -47.48 -25.14
N VAL L 351 48.14 -46.27 -24.59
CA VAL L 351 49.30 -45.43 -24.86
C VAL L 351 50.52 -46.03 -24.18
N SER L 352 51.65 -46.04 -24.90
CA SER L 352 52.89 -46.60 -24.37
C SER L 352 54.05 -45.70 -24.79
N THR L 353 55.27 -46.22 -24.67
CA THR L 353 56.48 -45.49 -25.00
C THR L 353 57.28 -46.24 -26.06
N ASN L 354 58.18 -45.52 -26.71
CA ASN L 354 59.03 -46.08 -27.76
C ASN L 354 58.20 -46.76 -28.84
N LYS L 355 56.93 -46.39 -28.95
CA LYS L 355 55.99 -47.02 -29.85
C LYS L 355 55.27 -45.97 -30.67
N THR L 356 54.86 -46.36 -31.87
CA THR L 356 54.15 -45.47 -32.77
C THR L 356 52.67 -45.84 -32.81
N TYR L 357 51.82 -44.82 -32.85
CA TYR L 357 50.38 -44.99 -32.86
C TYR L 357 49.80 -44.23 -34.05
N SER L 358 48.51 -44.42 -34.27
CA SER L 358 47.81 -43.74 -35.35
C SER L 358 46.33 -43.72 -35.03
N PHE L 359 45.62 -42.84 -35.72
CA PHE L 359 44.19 -42.73 -35.53
C PHE L 359 43.61 -41.97 -36.71
N LEU L 360 42.28 -41.92 -36.75
CA LEU L 360 41.55 -41.23 -37.80
C LEU L 360 40.90 -39.98 -37.23
N LEU L 361 41.06 -38.86 -37.93
CA LEU L 361 40.44 -37.60 -37.57
C LEU L 361 39.62 -37.09 -38.75
N TYR L 362 38.53 -36.39 -38.44
CA TYR L 362 37.70 -35.76 -39.45
C TYR L 362 37.37 -34.34 -39.04
N THR L 363 37.28 -33.47 -40.04
CA THR L 363 36.85 -32.11 -39.86
C THR L 363 35.76 -31.80 -40.88
N GLU L 364 34.96 -30.78 -40.57
CA GLU L 364 33.79 -30.45 -41.38
C GLU L 364 33.92 -29.08 -42.01
N VAL L 365 35.15 -28.58 -42.17
CA VAL L 365 35.39 -27.28 -42.79
C VAL L 365 36.61 -27.41 -43.69
N ASP L 366 36.57 -26.77 -44.85
CA ASP L 366 37.70 -26.77 -45.76
C ASP L 366 38.87 -26.00 -45.14
N ILE L 367 40.07 -26.55 -45.29
CA ILE L 367 41.25 -26.00 -44.66
C ILE L 367 42.35 -25.79 -45.68
N GLY L 368 42.29 -26.51 -46.80
CA GLY L 368 43.39 -26.48 -47.75
C GLY L 368 44.64 -27.02 -47.08
N GLU L 369 45.72 -26.24 -47.14
CA GLU L 369 46.95 -26.64 -46.49
C GLU L 369 46.83 -26.46 -44.98
N LEU L 370 47.85 -26.91 -44.25
CA LEU L 370 47.85 -26.88 -42.81
C LEU L 370 49.24 -26.49 -42.32
N LEU L 371 49.30 -25.53 -41.40
CA LEU L 371 50.55 -24.95 -40.96
C LEU L 371 51.00 -25.47 -39.60
N MET L 372 50.16 -25.30 -38.58
CA MET L 372 50.52 -25.63 -37.21
C MET L 372 49.47 -26.54 -36.60
N LEU L 373 49.82 -27.12 -35.46
CA LEU L 373 48.99 -28.13 -34.84
C LEU L 373 48.96 -27.95 -33.33
N LYS L 374 47.90 -28.44 -32.71
CA LYS L 374 47.72 -28.42 -31.27
C LYS L 374 47.59 -29.85 -30.76
N LEU L 375 48.18 -30.12 -29.59
CA LEU L 375 48.23 -31.48 -29.07
C LEU L 375 47.94 -31.48 -27.57
N LYS L 376 46.89 -30.79 -27.16
CA LYS L 376 46.54 -30.74 -25.75
C LYS L 376 46.10 -32.11 -25.27
N TRP L 377 46.37 -32.38 -24.00
CA TRP L 377 46.01 -33.64 -23.35
C TRP L 377 45.15 -33.33 -22.14
N ILE L 378 43.91 -33.79 -22.16
CA ILE L 378 42.88 -33.33 -21.25
C ILE L 378 42.89 -34.17 -19.98
N SER L 379 42.26 -33.65 -18.93
CA SER L 379 42.19 -34.32 -17.65
C SER L 379 40.90 -33.92 -16.96
N ASP L 380 40.52 -34.71 -15.95
CA ASP L 380 39.34 -34.46 -15.13
C ASP L 380 39.70 -33.84 -13.78
N SER L 381 40.88 -33.24 -13.68
CA SER L 381 41.37 -32.58 -12.48
C SER L 381 41.78 -31.15 -12.78
N TYR L 382 40.88 -30.39 -13.42
CA TYR L 382 41.19 -29.05 -13.90
C TYR L 382 41.82 -28.19 -12.82
N PHE L 383 41.30 -28.27 -11.61
CA PHE L 383 41.69 -27.33 -10.56
C PHE L 383 43.18 -27.51 -10.22
N SER L 384 43.69 -26.58 -9.42
CA SER L 384 45.12 -26.51 -9.14
C SER L 384 45.62 -27.65 -8.26
N TRP L 385 44.79 -28.63 -7.93
CA TRP L 385 45.28 -29.81 -7.24
C TRP L 385 46.37 -30.51 -8.04
N SER L 386 46.10 -30.75 -9.33
CA SER L 386 47.02 -31.44 -10.22
C SER L 386 47.72 -30.47 -11.17
N ASN L 387 48.04 -29.27 -10.68
CA ASN L 387 48.73 -28.27 -11.48
C ASN L 387 50.20 -28.12 -11.13
N TRP L 388 50.64 -28.62 -9.98
CA TRP L 388 52.04 -28.57 -9.58
C TRP L 388 52.69 -29.94 -9.51
N TRP L 389 52.17 -30.86 -8.71
CA TRP L 389 52.86 -32.12 -8.48
C TRP L 389 53.01 -32.89 -9.78
N SER L 390 54.11 -33.64 -9.87
CA SER L 390 54.50 -34.27 -11.13
C SER L 390 53.40 -35.20 -11.63
N SER L 391 52.80 -34.83 -12.75
CA SER L 391 51.83 -35.65 -13.43
C SER L 391 52.48 -36.34 -14.62
N PRO L 392 51.92 -37.47 -15.07
CA PRO L 392 52.58 -38.22 -16.16
C PRO L 392 52.72 -37.36 -17.41
N GLY L 393 53.85 -37.54 -18.09
CA GLY L 393 54.14 -36.78 -19.29
C GLY L 393 54.99 -37.59 -20.24
N PHE L 394 55.03 -37.14 -21.48
CA PHE L 394 55.79 -37.80 -22.54
C PHE L 394 56.55 -36.75 -23.34
N ASP L 395 57.29 -37.22 -24.34
CA ASP L 395 58.00 -36.35 -25.26
C ASP L 395 57.55 -36.64 -26.68
N ILE L 396 57.51 -35.59 -27.50
CA ILE L 396 57.03 -35.66 -28.87
C ILE L 396 58.15 -35.27 -29.81
N GLY L 397 58.36 -36.07 -30.85
CA GLY L 397 59.33 -35.78 -31.87
C GLY L 397 58.68 -35.27 -33.13
N LYS L 398 58.50 -36.14 -34.11
CA LYS L 398 57.90 -35.79 -35.38
C LYS L 398 56.45 -36.25 -35.44
N ILE L 399 55.72 -35.73 -36.42
CA ILE L 399 54.34 -36.11 -36.66
C ILE L 399 54.13 -36.27 -38.16
N ARG L 400 53.38 -37.31 -38.54
CA ARG L 400 53.31 -37.73 -39.94
C ARG L 400 51.89 -37.71 -40.46
N VAL L 401 51.16 -36.62 -40.23
CA VAL L 401 49.81 -36.52 -40.76
C VAL L 401 49.83 -36.71 -42.26
N LYS L 402 48.73 -37.23 -42.81
CA LYS L 402 48.61 -37.50 -44.23
C LYS L 402 47.28 -36.96 -44.71
N ALA L 403 47.33 -36.03 -45.66
CA ALA L 403 46.11 -35.48 -46.22
C ALA L 403 45.40 -36.53 -47.05
N GLY L 404 44.07 -36.57 -46.92
CA GLY L 404 43.28 -37.60 -47.57
C GLY L 404 43.07 -37.36 -49.05
N GLU L 405 42.34 -36.30 -49.39
CA GLU L 405 41.98 -36.08 -50.79
C GLU L 405 43.21 -35.98 -51.67
N THR L 406 44.24 -35.26 -51.20
CA THR L 406 45.51 -35.18 -51.88
C THR L 406 46.57 -35.85 -51.01
N GLN L 407 47.31 -36.78 -51.59
CA GLN L 407 48.33 -37.52 -50.86
C GLN L 407 49.50 -36.60 -50.57
N LYS L 408 49.62 -36.16 -49.32
CA LYS L 408 50.67 -35.23 -48.91
C LYS L 408 51.24 -35.73 -47.59
N LYS L 409 52.40 -36.36 -47.66
CA LYS L 409 53.09 -36.84 -46.46
C LYS L 409 53.84 -35.70 -45.78
N VAL L 410 53.07 -34.66 -45.41
CA VAL L 410 53.66 -33.52 -44.72
C VAL L 410 54.20 -33.99 -43.38
N ILE L 411 55.45 -33.62 -43.09
CA ILE L 411 56.15 -34.06 -41.90
C ILE L 411 56.09 -32.92 -40.90
N PHE L 412 55.18 -33.01 -39.95
CA PHE L 412 55.21 -32.09 -38.82
C PHE L 412 56.39 -32.42 -37.92
N CYS L 413 56.70 -31.49 -37.03
CA CYS L 413 58.07 -31.35 -36.53
C CYS L 413 58.04 -30.58 -35.22
N SER L 414 58.36 -31.26 -34.13
CA SER L 414 58.41 -30.59 -32.84
C SER L 414 59.54 -29.58 -32.83
N ARG L 415 59.43 -28.60 -31.93
CA ARG L 415 60.43 -27.56 -31.83
C ARG L 415 61.67 -28.14 -31.16
N GLU L 416 62.70 -27.31 -31.02
CA GLU L 416 63.99 -27.79 -30.54
C GLU L 416 63.86 -28.55 -29.22
N LYS L 417 63.21 -27.95 -28.22
CA LYS L 417 63.07 -28.59 -26.93
C LYS L 417 61.73 -28.34 -26.26
N MET L 418 60.84 -27.60 -26.91
CA MET L 418 59.70 -26.99 -26.21
C MET L 418 58.45 -27.84 -26.38
N SER L 419 58.55 -29.13 -26.03
CA SER L 419 57.39 -29.99 -26.22
C SER L 419 56.86 -30.65 -24.94
N TYR L 420 57.64 -31.57 -24.37
CA TYR L 420 57.33 -32.23 -23.11
C TYR L 420 55.84 -32.33 -22.84
N LEU L 421 55.08 -32.97 -23.72
CA LEU L 421 53.64 -33.05 -23.51
C LEU L 421 53.34 -33.64 -22.14
N GLN L 422 52.43 -32.99 -21.41
CA GLN L 422 52.08 -33.41 -20.06
C GLN L 422 50.58 -33.27 -19.85
N LYS L 423 50.04 -34.10 -18.95
CA LYS L 423 48.63 -34.03 -18.63
C LYS L 423 48.29 -32.69 -18.01
N GLY L 424 47.10 -32.19 -18.30
CA GLY L 424 46.65 -30.94 -17.71
C GLY L 424 47.61 -29.80 -17.99
N LYS L 425 48.08 -29.70 -19.22
CA LYS L 425 49.08 -28.71 -19.59
C LYS L 425 48.71 -28.11 -20.94
N SER L 426 49.33 -26.97 -21.23
CA SER L 426 49.11 -26.33 -22.51
C SER L 426 49.54 -27.26 -23.64
N PRO L 427 48.89 -27.20 -24.80
CA PRO L 427 49.27 -28.07 -25.92
C PRO L 427 50.71 -27.79 -26.35
N VAL L 428 51.16 -28.60 -27.29
CA VAL L 428 52.49 -28.48 -27.88
C VAL L 428 52.35 -28.05 -29.33
N ILE L 429 53.01 -26.97 -29.69
CA ILE L 429 52.92 -26.45 -31.05
C ILE L 429 53.78 -27.28 -31.99
N PHE L 430 53.39 -27.29 -33.26
CA PHE L 430 54.17 -27.93 -34.30
C PHE L 430 54.04 -27.11 -35.58
N VAL L 431 54.96 -27.34 -36.51
CA VAL L 431 55.06 -26.55 -37.73
C VAL L 431 55.48 -27.45 -38.89
N LYS L 432 55.38 -26.91 -40.10
CA LYS L 432 55.88 -27.58 -41.28
C LYS L 432 57.41 -27.55 -41.28
N CYS L 433 58.01 -28.61 -41.82
CA CYS L 433 59.41 -28.89 -41.52
C CYS L 433 59.97 -29.86 -42.56
N HIS L 434 61.28 -30.07 -42.49
CA HIS L 434 61.94 -31.06 -43.31
C HIS L 434 61.89 -30.70 -44.78
N ASP M 1 31.38 47.46 5.97
CA ASP M 1 32.55 46.91 5.29
C ASP M 1 32.16 45.68 4.48
N PHE M 2 30.96 45.68 3.95
CA PHE M 2 30.44 44.57 3.15
C PHE M 2 29.72 45.10 1.92
N ARG M 3 30.29 46.13 1.29
CA ARG M 3 29.72 46.75 0.10
C ARG M 3 30.59 46.58 -1.13
N ASP M 4 31.77 45.99 -1.00
CA ASP M 4 32.67 45.74 -2.12
C ASP M 4 32.74 44.25 -2.46
N ILE M 5 31.61 43.56 -2.28
CA ILE M 5 31.60 42.11 -2.47
C ILE M 5 31.68 41.76 -3.95
N GLU M 6 30.68 42.18 -4.72
CA GLU M 6 30.68 42.00 -6.17
C GLU M 6 30.91 40.54 -6.56
N SER M 7 30.56 39.62 -5.67
CA SER M 7 30.68 38.19 -5.95
C SER M 7 29.62 37.48 -5.12
N LYS M 8 28.51 37.14 -5.75
CA LYS M 8 27.37 36.57 -5.03
C LYS M 8 27.63 35.10 -4.72
N PHE M 9 27.34 34.73 -3.48
CA PHE M 9 27.45 33.36 -3.00
C PHE M 9 26.10 32.69 -3.10
N ALA M 10 26.02 31.62 -3.89
CA ALA M 10 24.77 30.91 -4.08
C ALA M 10 24.71 29.70 -3.14
N LEU M 11 23.53 29.08 -3.07
CA LEU M 11 23.31 27.93 -2.19
C LEU M 11 22.26 27.04 -2.86
N ARG M 12 22.73 26.03 -3.59
CA ARG M 12 21.84 25.12 -4.27
C ARG M 12 21.37 24.03 -3.32
N THR M 13 20.45 23.20 -3.80
CA THR M 13 19.92 22.08 -3.05
C THR M 13 19.76 20.88 -3.98
N PRO M 14 19.64 19.68 -3.41
CA PRO M 14 19.55 18.48 -4.25
C PRO M 14 18.46 18.55 -5.30
N GLU M 15 17.34 19.19 -4.98
CA GLU M 15 16.24 19.28 -5.95
C GLU M 15 16.56 20.27 -7.06
N ASP M 16 17.52 21.16 -6.86
CA ASP M 16 17.91 22.15 -7.85
C ASP M 16 19.44 22.26 -7.88
N THR M 17 20.06 21.55 -8.82
CA THR M 17 21.51 21.54 -8.95
C THR M 17 21.97 22.29 -10.20
N ALA M 18 21.08 23.09 -10.78
CA ALA M 18 21.37 23.79 -12.02
C ALA M 18 21.35 25.31 -11.86
N GLU M 19 20.26 25.84 -11.30
CA GLU M 19 20.05 27.28 -11.21
C GLU M 19 20.26 27.75 -9.78
N ASP M 20 21.00 28.83 -9.62
CA ASP M 20 21.18 29.44 -8.31
C ASP M 20 19.89 30.11 -7.87
N THR M 21 19.39 29.72 -6.70
CA THR M 21 18.12 30.21 -6.19
C THR M 21 18.30 31.22 -5.07
N CYS M 22 19.31 31.04 -4.23
CA CYS M 22 19.52 31.88 -3.05
C CYS M 22 20.67 32.84 -3.30
N HIS M 23 20.85 33.76 -2.35
CA HIS M 23 21.95 34.72 -2.41
C HIS M 23 22.33 35.08 -0.97
N LEU M 24 23.35 34.40 -0.45
CA LEU M 24 23.82 34.62 0.92
C LEU M 24 24.66 35.88 0.98
N ILE M 25 23.99 37.02 1.03
CA ILE M 25 24.70 38.30 1.02
C ILE M 25 25.48 38.44 2.33
N PRO M 26 26.78 38.70 2.28
CA PRO M 26 27.53 38.89 3.53
C PRO M 26 26.98 40.06 4.33
N GLY M 27 27.04 39.94 5.65
CA GLY M 27 26.58 40.97 6.54
C GLY M 27 25.07 40.95 6.74
N VAL M 28 24.32 40.77 5.66
CA VAL M 28 22.87 40.71 5.74
C VAL M 28 22.50 39.30 6.20
N THR M 29 22.23 39.16 7.49
CA THR M 29 21.95 37.85 8.05
C THR M 29 20.64 37.27 7.55
N GLU M 30 19.81 38.08 6.90
CA GLU M 30 18.48 37.62 6.52
C GLU M 30 18.55 36.41 5.59
N SER M 31 19.58 36.35 4.75
CA SER M 31 19.67 35.29 3.75
C SER M 31 19.82 33.92 4.42
N VAL M 32 20.55 33.87 5.53
CA VAL M 32 20.77 32.60 6.21
C VAL M 32 19.45 32.01 6.65
N ALA M 33 18.58 32.84 7.23
CA ALA M 33 17.26 32.35 7.63
C ALA M 33 16.39 32.10 6.42
N ASN M 34 16.54 32.89 5.36
CA ASN M 34 15.73 32.72 4.17
C ASN M 34 15.95 31.34 3.55
N CYS M 35 17.21 30.91 3.49
CA CYS M 35 17.56 29.63 2.89
C CYS M 35 18.17 28.74 3.95
N HIS M 36 17.60 27.54 4.11
CA HIS M 36 17.99 26.65 5.19
C HIS M 36 19.49 26.36 5.14
N PHE M 37 20.12 26.40 6.32
CA PHE M 37 21.57 26.22 6.43
C PHE M 37 21.84 25.48 7.74
N ASN M 38 22.02 24.17 7.64
CA ASN M 38 22.26 23.34 8.82
C ASN M 38 23.62 23.71 9.40
N HIS M 39 23.61 24.48 10.49
CA HIS M 39 24.84 24.96 11.10
C HIS M 39 25.63 23.86 11.77
N SER M 40 25.05 22.67 11.92
CA SER M 40 25.75 21.56 12.55
C SER M 40 26.56 20.76 11.55
N SER M 41 26.05 20.62 10.32
CA SER M 41 26.67 19.73 9.36
C SER M 41 27.81 20.41 8.62
N LYS M 42 28.51 19.63 7.81
CA LYS M 42 29.62 20.11 7.02
C LYS M 42 29.11 20.91 5.82
N THR M 43 29.93 21.83 5.33
CA THR M 43 29.52 22.71 4.24
C THR M 43 30.68 22.93 3.28
N PHE M 44 30.50 22.51 2.03
CA PHE M 44 31.52 22.66 1.01
C PHE M 44 31.41 24.03 0.34
N VAL M 45 32.48 24.40 -0.37
CA VAL M 45 32.52 25.64 -1.12
C VAL M 45 33.19 25.38 -2.46
N VAL M 46 32.41 25.40 -3.53
CA VAL M 46 32.92 25.17 -4.88
C VAL M 46 33.34 26.49 -5.48
N ILE M 47 34.55 26.53 -6.03
CA ILE M 47 35.08 27.72 -6.67
C ILE M 47 35.50 27.31 -8.08
N HIS M 48 34.64 27.61 -9.05
CA HIS M 48 34.99 27.32 -10.43
C HIS M 48 36.02 28.32 -10.92
N GLY M 49 36.35 28.22 -12.21
CA GLY M 49 37.42 29.01 -12.77
C GLY M 49 37.06 29.73 -14.04
N TRP M 50 38.09 30.10 -14.81
CA TRP M 50 37.90 30.95 -15.97
C TRP M 50 37.00 30.26 -16.98
N THR M 51 36.13 31.05 -17.61
CA THR M 51 35.23 30.53 -18.62
C THR M 51 35.08 31.56 -19.73
N VAL M 52 35.34 31.13 -20.96
CA VAL M 52 35.17 32.01 -22.12
C VAL M 52 33.71 32.44 -22.24
N THR M 53 32.78 31.55 -21.92
CA THR M 53 31.37 31.88 -21.97
C THR M 53 30.97 32.69 -20.72
N GLY M 54 29.69 33.02 -20.64
CA GLY M 54 29.19 33.78 -19.51
C GLY M 54 28.31 32.95 -18.61
N MET M 55 28.69 31.70 -18.39
CA MET M 55 27.90 30.81 -17.55
C MET M 55 28.81 29.73 -16.97
N TYR M 56 28.28 29.03 -15.98
CA TYR M 56 29.02 27.97 -15.32
C TYR M 56 29.36 26.87 -16.30
N GLU M 57 30.52 26.26 -16.12
CA GLU M 57 30.90 25.12 -16.94
C GLU M 57 29.92 23.97 -16.74
N SER M 58 30.05 22.94 -17.57
CA SER M 58 29.11 21.84 -17.60
C SER M 58 29.30 20.83 -16.48
N TRP M 59 30.35 20.96 -15.68
CA TRP M 59 30.66 19.96 -14.67
C TRP M 59 30.11 20.30 -13.28
N VAL M 60 29.81 21.57 -13.03
CA VAL M 60 29.32 21.96 -11.71
C VAL M 60 28.06 21.21 -11.31
N PRO M 61 27.05 21.07 -12.16
CA PRO M 61 25.85 20.35 -11.73
C PRO M 61 26.12 18.93 -11.30
N LYS M 62 26.91 18.20 -12.09
CA LYS M 62 27.24 16.82 -11.73
C LYS M 62 28.02 16.78 -10.43
N LEU M 63 28.99 17.69 -10.27
CA LEU M 63 29.78 17.71 -9.04
C LEU M 63 28.88 17.91 -7.83
N VAL M 64 28.00 18.89 -7.89
CA VAL M 64 27.19 19.21 -6.72
C VAL M 64 26.19 18.08 -6.44
N ALA M 65 25.64 17.48 -7.50
CA ALA M 65 24.71 16.37 -7.32
C ALA M 65 25.41 15.21 -6.62
N ALA M 66 26.63 14.90 -7.06
CA ALA M 66 27.37 13.81 -6.43
C ALA M 66 27.74 14.16 -5.00
N LEU M 67 28.03 15.43 -4.75
CA LEU M 67 28.37 15.86 -3.40
C LEU M 67 27.20 15.63 -2.46
N TYR M 68 25.99 16.01 -2.89
CA TYR M 68 24.81 15.73 -2.08
C TYR M 68 24.59 14.23 -1.92
N LYS M 69 24.79 13.47 -3.01
CA LYS M 69 24.64 12.02 -2.91
C LYS M 69 25.54 11.46 -1.83
N ARG M 70 26.79 11.92 -1.78
CA ARG M 70 27.75 11.38 -0.82
C ARG M 70 27.44 11.84 0.59
N GLU M 71 27.15 13.13 0.78
CA GLU M 71 26.95 13.70 2.11
C GLU M 71 25.67 14.51 2.13
N PRO M 72 24.53 13.84 2.31
CA PRO M 72 23.25 14.56 2.40
C PRO M 72 23.19 15.42 3.65
N ASP M 73 22.20 16.30 3.68
CA ASP M 73 21.99 17.22 4.81
C ASP M 73 23.25 18.02 5.09
N SER M 74 23.91 18.45 4.02
CA SER M 74 25.11 19.26 4.10
C SER M 74 25.02 20.38 3.09
N ASN M 75 25.33 21.60 3.54
CA ASN M 75 25.14 22.77 2.71
C ASN M 75 26.21 22.84 1.63
N VAL M 76 25.87 23.51 0.54
CA VAL M 76 26.79 23.73 -0.58
C VAL M 76 26.71 25.19 -0.97
N ILE M 77 27.87 25.79 -1.21
CA ILE M 77 27.98 27.20 -1.59
C ILE M 77 28.68 27.27 -2.93
N VAL M 78 28.16 28.12 -3.81
CA VAL M 78 28.78 28.37 -5.12
C VAL M 78 29.04 29.86 -5.23
N VAL M 79 30.06 30.20 -5.99
CA VAL M 79 30.49 31.57 -6.19
C VAL M 79 30.12 32.02 -7.59
N ASP M 80 30.30 33.32 -7.85
CA ASP M 80 29.83 33.94 -9.07
C ASP M 80 30.97 34.67 -9.79
N TRP M 81 32.05 33.94 -10.04
CA TRP M 81 33.19 34.44 -10.81
C TRP M 81 32.73 35.30 -11.99
N LEU M 82 31.59 34.95 -12.58
CA LEU M 82 31.08 35.67 -13.73
C LEU M 82 31.06 37.17 -13.44
N SER M 83 31.17 37.96 -14.50
CA SER M 83 31.28 39.41 -14.50
C SER M 83 32.70 39.87 -14.21
N ARG M 84 33.58 38.99 -13.75
CA ARG M 84 34.97 39.30 -13.52
C ARG M 84 35.91 38.34 -14.24
N ALA M 85 35.53 37.08 -14.36
CA ALA M 85 36.37 36.11 -15.04
C ALA M 85 36.29 36.25 -16.55
N GLN M 86 35.17 36.74 -17.08
CA GLN M 86 35.05 36.90 -18.52
C GLN M 86 36.13 37.80 -19.08
N GLN M 87 36.72 38.65 -18.24
CA GLN M 87 37.74 39.58 -18.70
C GLN M 87 38.97 38.82 -19.14
N HIS M 88 39.96 39.55 -19.64
CA HIS M 88 41.21 38.95 -20.09
C HIS M 88 41.79 38.05 -19.00
N TYR M 89 42.39 36.95 -19.43
CA TYR M 89 42.86 35.94 -18.49
C TYR M 89 43.80 36.52 -17.44
N PRO M 90 44.83 37.29 -17.81
CA PRO M 90 45.64 37.94 -16.77
C PRO M 90 44.83 38.78 -15.80
N VAL M 91 43.77 39.43 -16.28
CA VAL M 91 42.92 40.21 -15.39
C VAL M 91 42.31 39.30 -14.32
N SER M 92 41.95 38.08 -14.70
CA SER M 92 41.45 37.13 -13.73
C SER M 92 42.55 36.73 -12.76
N ALA M 93 43.78 36.59 -13.26
CA ALA M 93 44.90 36.29 -12.39
C ALA M 93 45.06 37.38 -11.33
N GLY M 94 44.90 38.64 -11.73
CA GLY M 94 44.93 39.72 -10.76
C GLY M 94 43.75 39.69 -9.81
N TYR M 95 42.55 39.43 -10.34
CA TYR M 95 41.33 39.45 -9.55
C TYR M 95 41.23 38.26 -8.60
N THR M 96 42.11 37.28 -8.74
CA THR M 96 42.15 36.19 -7.77
C THR M 96 42.32 36.75 -6.36
N LYS M 97 43.12 37.80 -6.22
CA LYS M 97 43.34 38.39 -4.91
C LYS M 97 42.06 38.99 -4.36
N LEU M 98 41.31 39.70 -5.21
CA LEU M 98 40.05 40.29 -4.77
C LEU M 98 39.06 39.22 -4.34
N VAL M 99 38.95 38.15 -5.13
CA VAL M 99 37.99 37.11 -4.79
C VAL M 99 38.43 36.39 -3.52
N GLY M 100 39.74 36.22 -3.32
CA GLY M 100 40.21 35.60 -2.10
C GLY M 100 39.91 36.45 -0.88
N GLN M 101 40.13 37.76 -1.00
CA GLN M 101 39.77 38.67 0.09
C GLN M 101 38.27 38.59 0.36
N ASP M 102 37.47 38.52 -0.69
CA ASP M 102 36.03 38.46 -0.53
C ASP M 102 35.61 37.20 0.20
N VAL M 103 36.18 36.06 -0.18
CA VAL M 103 35.85 34.80 0.47
C VAL M 103 36.30 34.81 1.91
N ALA M 104 37.48 35.36 2.18
CA ALA M 104 37.95 35.47 3.55
C ALA M 104 37.01 36.31 4.39
N LYS M 105 36.54 37.43 3.83
CA LYS M 105 35.59 38.27 4.55
C LYS M 105 34.29 37.51 4.81
N PHE M 106 33.83 36.75 3.81
CA PHE M 106 32.63 35.94 3.98
C PHE M 106 32.78 34.99 5.14
N MET M 107 33.87 34.23 5.16
CA MET M 107 34.07 33.22 6.18
C MET M 107 34.25 33.85 7.55
N ASN M 108 34.95 34.99 7.61
CA ASN M 108 35.13 35.69 8.88
C ASN M 108 33.80 36.19 9.41
N TRP M 109 32.96 36.73 8.53
CA TRP M 109 31.63 37.17 8.93
C TRP M 109 30.82 36.01 9.47
N MET M 110 30.92 34.86 8.80
CA MET M 110 30.20 33.68 9.29
C MET M 110 30.70 33.26 10.66
N ALA M 111 32.02 33.24 10.85
CA ALA M 111 32.61 32.83 12.12
C ALA M 111 32.38 33.86 13.21
N ASP M 112 32.02 35.09 12.87
CA ASP M 112 31.69 36.11 13.85
C ASP M 112 30.20 36.06 14.23
N GLU M 113 29.32 36.09 13.25
CA GLU M 113 27.89 36.10 13.55
C GLU M 113 27.40 34.76 14.06
N PHE M 114 27.78 33.68 13.40
CA PHE M 114 27.30 32.34 13.72
C PHE M 114 28.38 31.44 14.29
N ASN M 115 29.62 31.93 14.41
CA ASN M 115 30.74 31.15 14.92
C ASN M 115 30.71 29.72 14.40
N TYR M 116 30.41 29.55 13.12
CA TYR M 116 30.40 28.23 12.52
C TYR M 116 31.81 27.63 12.59
N PRO M 117 31.97 26.39 13.03
CA PRO M 117 33.32 25.81 13.13
C PRO M 117 33.99 25.75 11.77
N LEU M 118 35.20 26.32 11.70
CA LEU M 118 35.93 26.35 10.45
C LEU M 118 36.47 24.98 10.06
N GLY M 119 36.37 24.00 10.95
CA GLY M 119 36.92 22.69 10.69
C GLY M 119 35.97 21.79 9.93
N ASN M 120 34.96 22.38 9.31
CA ASN M 120 33.93 21.61 8.62
C ASN M 120 33.60 22.23 7.26
N VAL M 121 34.60 22.76 6.58
CA VAL M 121 34.40 23.43 5.30
C VAL M 121 35.52 23.03 4.34
N HIS M 122 35.16 22.75 3.10
CA HIS M 122 36.11 22.47 2.02
C HIS M 122 36.06 23.60 1.01
N LEU M 123 37.22 24.08 0.59
CA LEU M 123 37.32 25.06 -0.47
C LEU M 123 37.69 24.35 -1.77
N LEU M 124 36.72 23.64 -2.34
CA LEU M 124 36.96 22.93 -3.59
C LEU M 124 37.34 23.92 -4.67
N GLY M 125 38.59 23.84 -5.12
CA GLY M 125 39.13 24.76 -6.09
C GLY M 125 39.51 24.08 -7.38
N TYR M 126 39.10 24.69 -8.48
CA TYR M 126 39.43 24.23 -9.82
C TYR M 126 40.12 25.37 -10.55
N SER M 127 40.85 25.02 -11.60
CA SER M 127 41.48 26.00 -12.48
C SER M 127 42.05 27.14 -11.65
N LEU M 128 41.67 28.39 -11.93
CA LEU M 128 42.09 29.51 -11.10
C LEU M 128 41.48 29.45 -9.70
N GLY M 129 40.40 28.69 -9.56
CA GLY M 129 39.70 28.65 -8.28
C GLY M 129 40.56 28.08 -7.18
N ALA M 130 41.40 27.12 -7.52
CA ALA M 130 42.29 26.54 -6.52
C ALA M 130 43.23 27.59 -5.95
N HIS M 131 43.85 28.38 -6.82
CA HIS M 131 44.73 29.44 -6.34
C HIS M 131 43.93 30.50 -5.58
N ALA M 132 42.70 30.74 -6.01
CA ALA M 132 41.85 31.70 -5.31
C ALA M 132 41.61 31.26 -3.88
N ALA M 133 41.25 29.99 -3.69
CA ALA M 133 41.05 29.48 -2.35
C ALA M 133 42.35 29.51 -1.56
N GLY M 134 43.46 29.16 -2.20
CA GLY M 134 44.73 29.15 -1.49
C GLY M 134 45.09 30.51 -0.95
N ILE M 135 44.98 31.54 -1.78
CA ILE M 135 45.17 32.90 -1.28
C ILE M 135 44.11 33.22 -0.25
N ALA M 136 42.95 32.57 -0.34
CA ALA M 136 41.94 32.67 0.70
C ALA M 136 42.30 31.75 1.85
N GLY M 137 41.52 31.84 2.92
CA GLY M 137 41.80 31.05 4.10
C GLY M 137 42.98 31.57 4.88
N SER M 138 44.10 31.80 4.18
CA SER M 138 45.27 32.37 4.83
C SER M 138 44.92 33.66 5.57
N LEU M 139 44.00 34.46 5.02
CA LEU M 139 43.54 35.64 5.73
C LEU M 139 42.60 35.29 6.87
N THR M 140 41.97 34.12 6.81
CA THR M 140 41.08 33.70 7.88
C THR M 140 41.86 33.49 9.17
N ASN M 141 41.21 33.83 10.28
CA ASN M 141 41.87 33.73 11.58
C ASN M 141 41.96 32.29 12.08
N LYS M 142 40.95 31.47 11.79
CA LYS M 142 40.84 30.13 12.35
C LYS M 142 41.22 29.03 11.35
N LYS M 143 41.90 29.38 10.26
CA LYS M 143 42.36 28.37 9.30
C LYS M 143 41.20 27.57 8.73
N VAL M 144 41.51 26.61 7.86
CA VAL M 144 40.50 25.81 7.19
C VAL M 144 40.96 24.36 7.19
N ASN M 145 40.01 23.43 7.35
CA ASN M 145 40.32 22.01 7.40
C ASN M 145 40.90 21.52 6.09
N ARG M 146 40.11 21.55 5.01
CA ARG M 146 40.49 21.01 3.73
C ARG M 146 40.35 22.08 2.64
N ILE M 147 41.33 22.13 1.75
CA ILE M 147 41.35 23.10 0.66
C ILE M 147 41.57 22.36 -0.66
N THR M 148 41.13 21.11 -0.72
CA THR M 148 41.36 20.26 -1.88
C THR M 148 41.04 20.99 -3.18
N GLY M 149 42.03 21.17 -4.03
CA GLY M 149 41.87 21.81 -5.32
C GLY M 149 41.89 20.82 -6.46
N LEU M 150 41.75 21.36 -7.67
CA LEU M 150 41.71 20.56 -8.88
C LEU M 150 42.46 21.28 -9.99
N ASP M 151 43.55 20.68 -10.45
CA ASP M 151 44.28 21.21 -11.59
C ASP M 151 44.64 22.67 -11.36
N PRO M 152 45.47 22.96 -10.38
CA PRO M 152 45.86 24.36 -10.13
C PRO M 152 46.51 24.98 -11.36
N ALA M 153 46.19 26.24 -11.59
CA ALA M 153 46.72 26.95 -12.74
C ALA M 153 48.22 27.17 -12.58
N GLY M 154 48.93 27.07 -13.70
CA GLY M 154 50.37 27.23 -13.72
C GLY M 154 50.83 28.64 -14.02
N PRO M 155 50.30 29.25 -15.07
CA PRO M 155 50.80 30.57 -15.48
C PRO M 155 50.65 31.60 -14.38
N ASN M 156 51.65 32.48 -14.29
CA ASN M 156 51.64 33.59 -13.34
C ASN M 156 51.56 33.11 -11.90
N PHE M 157 51.84 31.83 -11.66
CA PHE M 157 51.89 31.29 -10.31
C PHE M 157 53.16 30.52 -10.03
N GLU M 158 53.79 29.96 -11.05
CA GLU M 158 55.14 29.44 -10.87
C GLU M 158 56.09 30.59 -10.59
N TYR M 159 57.19 30.28 -9.90
CA TYR M 159 58.13 31.30 -9.47
C TYR M 159 57.43 32.34 -8.59
N ALA M 160 56.58 31.87 -7.69
CA ALA M 160 55.82 32.73 -6.80
C ALA M 160 56.00 32.26 -5.36
N GLU M 161 55.20 32.82 -4.46
CA GLU M 161 55.27 32.52 -3.04
C GLU M 161 53.87 32.21 -2.51
N ALA M 162 53.83 31.78 -1.24
CA ALA M 162 52.57 31.43 -0.62
C ALA M 162 51.51 32.52 -0.70
N PRO M 163 51.81 33.79 -0.40
CA PRO M 163 50.74 34.80 -0.44
C PRO M 163 50.09 34.92 -1.82
N SER M 164 50.84 34.69 -2.89
CA SER M 164 50.34 34.86 -4.24
C SER M 164 49.91 33.56 -4.89
N ARG M 165 50.01 32.43 -4.20
CA ARG M 165 49.62 31.17 -4.78
C ARG M 165 49.29 30.19 -3.67
N LEU M 166 48.62 29.10 -4.05
CA LEU M 166 48.26 28.07 -3.08
C LEU M 166 49.51 27.55 -2.38
N SER M 167 49.42 27.40 -1.07
CA SER M 167 50.54 26.95 -0.26
C SER M 167 50.05 25.91 0.74
N PRO M 168 50.94 25.03 1.21
CA PRO M 168 50.51 24.03 2.20
C PRO M 168 50.02 24.65 3.49
N ASP M 169 50.55 25.82 3.87
CA ASP M 169 50.16 26.48 5.10
C ASP M 169 48.83 27.21 4.97
N ASP M 170 48.28 27.31 3.76
CA ASP M 170 47.01 27.99 3.58
C ASP M 170 45.87 27.31 4.30
N ALA M 171 46.05 26.06 4.71
CA ALA M 171 44.98 25.32 5.36
C ALA M 171 45.59 24.15 6.13
N ASP M 172 44.76 23.53 6.96
CA ASP M 172 45.23 22.41 7.77
C ASP M 172 45.71 21.25 6.89
N PHE M 173 44.94 20.91 5.88
CA PHE M 173 45.28 19.84 4.96
C PHE M 173 44.98 20.32 3.54
N VAL M 174 45.71 19.74 2.58
CA VAL M 174 45.58 20.14 1.19
C VAL M 174 45.98 18.98 0.30
N ASP M 175 45.36 18.90 -0.88
CA ASP M 175 45.73 17.92 -1.88
C ASP M 175 45.30 18.45 -3.25
N VAL M 176 46.11 18.17 -4.25
CA VAL M 176 45.89 18.65 -5.61
C VAL M 176 45.96 17.48 -6.57
N LEU M 177 45.33 17.66 -7.73
CA LEU M 177 45.25 16.65 -8.77
C LEU M 177 45.95 17.19 -10.01
N HIS M 178 47.26 16.96 -10.08
CA HIS M 178 48.04 17.41 -11.23
C HIS M 178 47.72 16.56 -12.45
N THR M 179 46.66 16.92 -13.16
CA THR M 179 46.16 16.13 -14.27
C THR M 179 46.74 16.53 -15.61
N PHE M 180 47.60 17.54 -15.66
CA PHE M 180 48.16 17.99 -16.93
C PHE M 180 49.39 18.83 -16.64
N THR M 181 50.54 18.41 -17.20
CA THR M 181 51.79 19.14 -17.00
C THR M 181 52.65 19.18 -18.25
N ARG M 182 52.17 18.69 -19.39
CA ARG M 182 53.01 18.64 -20.58
C ARG M 182 53.38 20.04 -21.02
N GLY M 183 54.66 20.22 -21.36
CA GLY M 183 55.18 21.48 -21.82
C GLY M 183 56.39 21.90 -21.02
N SER M 184 56.97 23.03 -21.43
CA SER M 184 58.15 23.55 -20.77
C SER M 184 57.80 24.03 -19.36
N PRO M 185 58.76 24.01 -18.44
CA PRO M 185 58.49 24.55 -17.10
C PRO M 185 58.08 26.01 -17.17
N GLY M 186 57.11 26.37 -16.33
CA GLY M 186 56.66 27.74 -16.23
C GLY M 186 55.73 28.17 -17.35
N ARG M 187 55.46 27.31 -18.33
CA ARG M 187 54.54 27.64 -19.42
C ARG M 187 53.41 26.64 -19.58
N SER M 188 53.54 25.43 -19.05
CA SER M 188 52.41 24.50 -19.07
C SER M 188 51.29 25.05 -18.20
N ILE M 189 50.06 24.84 -18.66
CA ILE M 189 48.91 25.37 -17.94
C ILE M 189 48.89 24.84 -16.51
N GLY M 190 49.18 23.55 -16.34
CA GLY M 190 49.13 22.93 -15.03
C GLY M 190 50.45 23.04 -14.31
N ILE M 191 50.42 23.68 -13.14
CA ILE M 191 51.63 23.79 -12.34
C ILE M 191 52.18 22.41 -12.04
N GLN M 192 53.49 22.25 -12.16
CA GLN M 192 54.16 20.99 -11.90
C GLN M 192 54.86 20.96 -10.55
N LYS M 193 55.21 22.11 -10.01
CA LYS M 193 55.84 22.15 -8.70
C LYS M 193 54.85 21.66 -7.64
N PRO M 194 55.23 20.70 -6.80
CA PRO M 194 54.30 20.23 -5.77
C PRO M 194 53.97 21.36 -4.80
N VAL M 195 52.72 21.38 -4.34
CA VAL M 195 52.20 22.47 -3.54
C VAL M 195 51.72 21.97 -2.19
N GLY M 196 50.85 20.98 -2.18
CA GLY M 196 50.24 20.53 -0.95
C GLY M 196 51.08 19.52 -0.21
N HIS M 197 50.55 19.10 0.95
CA HIS M 197 51.21 18.07 1.72
C HIS M 197 51.32 16.77 0.92
N VAL M 198 50.27 16.43 0.18
CA VAL M 198 50.27 15.29 -0.73
C VAL M 198 49.74 15.74 -2.07
N ASP M 199 50.39 15.32 -3.14
CA ASP M 199 49.99 15.67 -4.49
C ASP M 199 49.85 14.40 -5.32
N ILE M 200 48.96 14.45 -6.31
CA ILE M 200 48.62 13.30 -7.13
C ILE M 200 48.89 13.65 -8.58
N TYR M 201 49.58 12.75 -9.28
CA TYR M 201 50.00 12.96 -10.66
C TYR M 201 49.54 11.78 -11.50
N PRO M 202 48.24 11.67 -11.76
CA PRO M 202 47.74 10.54 -12.52
C PRO M 202 48.35 10.48 -13.91
N ASN M 203 48.71 9.27 -14.34
CA ASN M 203 49.29 9.02 -15.65
C ASN M 203 50.60 9.76 -15.85
N GLY M 204 51.15 10.38 -14.80
CA GLY M 204 52.33 11.21 -14.91
C GLY M 204 52.05 12.63 -15.30
N GLY M 205 50.80 12.98 -15.61
CA GLY M 205 50.45 14.33 -15.98
C GLY M 205 50.71 14.69 -17.42
N THR M 206 51.31 13.78 -18.21
CA THR M 206 51.61 14.11 -19.60
C THR M 206 50.33 14.35 -20.39
N PHE M 207 49.33 13.52 -20.19
CA PHE M 207 48.06 13.61 -20.91
C PHE M 207 47.11 12.60 -20.29
N GLN M 208 45.92 12.46 -20.91
CA GLN M 208 44.94 11.47 -20.48
C GLN M 208 44.44 10.69 -21.67
N PRO M 209 43.97 9.45 -21.45
CA PRO M 209 43.63 8.58 -22.57
C PRO M 209 42.25 8.88 -23.17
N GLY M 210 41.32 9.35 -22.36
CA GLY M 210 39.95 9.50 -22.81
C GLY M 210 39.77 10.67 -23.76
N CYS M 211 40.54 10.69 -24.84
CA CYS M 211 40.47 11.75 -25.83
C CYS M 211 41.32 11.33 -27.03
N ASN M 212 41.43 12.23 -27.99
CA ASN M 212 42.11 11.94 -29.26
C ASN M 212 42.88 13.19 -29.66
N ILE M 213 43.32 13.24 -30.92
CA ILE M 213 44.04 14.41 -31.41
C ILE M 213 43.20 15.66 -31.21
N GLY M 214 41.92 15.60 -31.54
CA GLY M 214 41.03 16.71 -31.30
C GLY M 214 40.90 17.65 -32.49
N GLU M 215 41.57 18.80 -32.41
CA GLU M 215 41.43 19.84 -33.42
C GLU M 215 42.02 19.37 -34.74
N ALA M 216 41.15 19.09 -35.72
CA ALA M 216 41.62 18.69 -37.04
C ALA M 216 42.23 19.87 -37.78
N LEU M 217 41.57 21.02 -37.75
CA LEU M 217 42.07 22.22 -38.42
C LEU M 217 41.54 23.45 -37.69
N ARG M 218 42.20 24.58 -37.93
CA ARG M 218 41.82 25.80 -37.23
C ARG M 218 40.40 26.22 -37.56
N VAL M 219 40.01 26.14 -38.83
CA VAL M 219 38.70 26.61 -39.27
C VAL M 219 37.70 25.46 -39.38
N ILE M 220 38.12 24.33 -39.95
CA ILE M 220 37.19 23.22 -40.16
C ILE M 220 36.70 22.67 -38.82
N ALA M 221 37.62 22.48 -37.87
CA ALA M 221 37.26 21.98 -36.56
C ALA M 221 36.80 23.13 -35.69
N GLU M 222 36.65 22.89 -34.38
CA GLU M 222 36.12 23.87 -33.43
C GLU M 222 37.11 24.01 -32.28
N ARG M 223 38.08 24.92 -32.44
CA ARG M 223 39.10 25.13 -31.41
C ARG M 223 38.44 25.41 -30.08
N GLY M 224 37.74 26.53 -29.99
CA GLY M 224 36.91 26.84 -28.84
C GLY M 224 35.46 27.00 -29.25
N LEU M 225 35.14 26.51 -30.45
CA LEU M 225 33.79 26.65 -31.01
C LEU M 225 32.90 25.50 -30.55
N GLY M 226 32.88 25.26 -29.23
CA GLY M 226 32.18 24.10 -28.73
C GLY M 226 32.67 22.84 -29.40
N ASP M 227 31.74 21.90 -29.62
CA ASP M 227 32.04 20.69 -30.38
C ASP M 227 33.30 20.01 -29.86
N VAL M 228 34.43 20.21 -30.56
CA VAL M 228 35.68 19.55 -30.20
C VAL M 228 36.49 20.36 -29.19
N ASP M 229 35.96 21.48 -28.71
CA ASP M 229 36.66 22.21 -27.65
C ASP M 229 36.77 21.37 -26.39
N GLN M 230 35.71 20.64 -26.05
CA GLN M 230 35.77 19.75 -24.90
C GLN M 230 36.83 18.67 -25.10
N LEU M 231 36.89 18.11 -26.31
CA LEU M 231 37.93 17.13 -26.61
C LEU M 231 39.32 17.73 -26.46
N VAL M 232 39.50 18.98 -26.89
CA VAL M 232 40.77 19.66 -26.67
C VAL M 232 41.06 19.76 -25.18
N LYS M 233 40.04 20.03 -24.37
CA LYS M 233 40.17 20.00 -22.92
C LYS M 233 40.06 18.55 -22.44
N CYS M 234 41.09 17.79 -22.80
CA CYS M 234 41.11 16.35 -22.54
C CYS M 234 41.28 16.06 -21.06
N SER M 235 42.19 16.77 -20.40
CA SER M 235 42.62 16.44 -19.04
C SER M 235 42.17 17.46 -18.02
N HIS M 236 42.00 18.72 -18.42
CA HIS M 236 41.70 19.77 -17.47
C HIS M 236 40.42 19.49 -16.70
N GLU M 237 39.47 18.78 -17.32
CA GLU M 237 38.26 18.34 -16.64
C GLU M 237 38.37 16.92 -16.10
N ARG M 238 39.40 16.19 -16.50
CA ARG M 238 39.59 14.85 -15.97
C ARG M 238 39.81 14.88 -14.47
N SER M 239 40.38 15.97 -13.95
CA SER M 239 40.52 16.10 -12.51
C SER M 239 39.17 16.03 -11.82
N VAL M 240 38.23 16.85 -12.27
CA VAL M 240 36.92 16.90 -11.62
C VAL M 240 36.16 15.61 -11.86
N HIS M 241 36.32 15.03 -13.05
CA HIS M 241 35.64 13.77 -13.31
C HIS M 241 36.18 12.66 -12.39
N LEU M 242 37.49 12.65 -12.18
CA LEU M 242 38.07 11.69 -11.25
C LEU M 242 37.55 11.91 -9.84
N PHE M 243 37.49 13.17 -9.41
CA PHE M 243 37.01 13.46 -8.06
C PHE M 243 35.57 13.02 -7.88
N ILE M 244 34.72 13.30 -8.86
CA ILE M 244 33.32 12.93 -8.74
C ILE M 244 33.15 11.42 -8.78
N ASP M 245 33.95 10.74 -9.60
CA ASP M 245 33.90 9.28 -9.64
C ASP M 245 34.29 8.69 -8.29
N SER M 246 35.36 9.20 -7.69
CA SER M 246 35.78 8.73 -6.38
C SER M 246 34.70 9.01 -5.35
N LEU M 247 34.10 10.20 -5.41
CA LEU M 247 33.05 10.54 -4.46
C LEU M 247 31.87 9.59 -4.57
N LEU M 248 31.48 9.26 -5.80
CA LEU M 248 30.35 8.37 -6.00
C LEU M 248 30.66 6.95 -5.55
N ASN M 249 31.86 6.46 -5.89
CA ASN M 249 32.27 5.10 -5.52
C ASN M 249 33.11 5.15 -4.24
N GLU M 250 32.41 5.36 -3.12
CA GLU M 250 33.07 5.41 -1.82
C GLU M 250 33.55 4.05 -1.36
N GLU M 251 32.89 2.97 -1.80
CA GLU M 251 33.20 1.65 -1.26
C GLU M 251 34.59 1.17 -1.67
N ASN M 252 35.02 1.45 -2.89
CA ASN M 252 36.28 0.93 -3.43
C ASN M 252 37.10 2.07 -4.00
N PRO M 253 37.69 2.89 -3.15
CA PRO M 253 38.52 4.00 -3.65
C PRO M 253 39.75 3.48 -4.37
N SER M 254 40.19 4.24 -5.36
CA SER M 254 41.44 3.95 -6.04
C SER M 254 42.62 4.30 -5.13
N LYS M 255 43.63 3.45 -5.13
CA LYS M 255 44.78 3.59 -4.23
C LYS M 255 45.96 4.12 -5.04
N ALA M 256 46.12 5.44 -5.04
CA ALA M 256 47.31 6.05 -5.63
C ALA M 256 48.53 5.74 -4.79
N TYR M 257 49.68 5.64 -5.45
CA TYR M 257 50.90 5.17 -4.82
C TYR M 257 51.91 6.31 -4.70
N ARG M 258 52.77 6.20 -3.69
CA ARG M 258 53.80 7.19 -3.41
C ARG M 258 55.13 6.68 -3.91
N CYS M 259 55.90 7.56 -4.53
CA CYS M 259 57.15 7.15 -5.17
C CYS M 259 58.13 8.32 -5.14
N ASN M 260 59.18 8.20 -5.95
CA ASN M 260 60.20 9.23 -6.06
C ASN M 260 60.14 10.00 -7.37
N SER M 261 59.78 9.34 -8.47
CA SER M 261 59.73 9.99 -9.77
C SER M 261 58.83 9.18 -10.70
N LYS M 262 58.38 9.84 -11.77
CA LYS M 262 57.49 9.18 -12.71
C LYS M 262 58.18 7.99 -13.37
N GLU M 263 59.46 8.15 -13.73
CA GLU M 263 60.20 7.05 -14.33
C GLU M 263 60.34 5.90 -13.36
N ALA M 264 60.62 6.21 -12.10
CA ALA M 264 60.75 5.17 -11.09
C ALA M 264 59.44 4.41 -10.94
N PHE M 265 58.31 5.12 -10.94
CA PHE M 265 57.02 4.46 -10.86
C PHE M 265 56.76 3.60 -12.08
N GLU M 266 57.10 4.10 -13.26
CA GLU M 266 56.93 3.31 -14.48
C GLU M 266 57.74 2.02 -14.40
N LYS M 267 58.96 2.11 -13.89
CA LYS M 267 59.77 0.90 -13.70
C LYS M 267 59.09 -0.06 -12.72
N GLY M 268 58.54 0.48 -11.64
CA GLY M 268 57.79 -0.31 -10.69
C GLY M 268 58.56 -0.80 -9.49
N LEU M 269 59.47 0.01 -8.96
CA LEU M 269 60.25 -0.35 -7.79
C LEU M 269 59.77 0.35 -6.53
N CYS M 270 58.70 1.12 -6.61
CA CYS M 270 58.29 2.04 -5.56
C CYS M 270 56.79 1.93 -5.30
N LEU M 271 56.30 0.70 -5.14
CA LEU M 271 54.88 0.46 -4.87
C LEU M 271 54.59 0.04 -3.45
N SER M 272 55.44 -0.80 -2.86
CA SER M 272 55.21 -1.26 -1.49
C SER M 272 55.10 -0.07 -0.55
N CYS M 273 54.06 -0.07 0.28
CA CYS M 273 53.82 1.00 1.25
C CYS M 273 53.60 0.36 2.62
N ARG M 274 54.70 0.07 3.31
CA ARG M 274 54.63 -0.40 4.69
C ARG M 274 54.38 0.76 5.64
N LYS M 275 55.00 1.90 5.36
CA LYS M 275 54.82 3.10 6.17
C LYS M 275 53.59 3.86 5.67
N ASN M 276 53.41 5.09 6.14
CA ASN M 276 52.27 5.90 5.74
C ASN M 276 52.48 6.41 4.32
N ARG M 277 52.31 5.51 3.36
CA ARG M 277 52.41 5.82 1.95
C ARG M 277 51.20 5.24 1.23
N CYS M 278 51.15 5.47 -0.08
CA CYS M 278 50.12 4.90 -0.94
C CYS M 278 48.72 5.19 -0.40
N ASN M 279 48.53 6.41 0.09
CA ASN M 279 47.23 6.77 0.64
C ASN M 279 46.18 6.84 -0.46
N ASN M 280 44.92 6.83 -0.03
CA ASN M 280 43.79 6.87 -0.95
C ASN M 280 43.76 8.21 -1.69
N MET M 281 42.93 8.31 -2.72
CA MET M 281 42.75 9.55 -3.46
C MET M 281 41.26 9.87 -3.53
N GLY M 282 40.94 11.14 -3.37
CA GLY M 282 39.56 11.58 -3.37
C GLY M 282 39.09 12.03 -1.99
N TYR M 283 37.78 11.91 -1.78
CA TYR M 283 37.20 12.33 -0.51
C TYR M 283 37.71 11.48 0.65
N GLU M 284 37.84 10.18 0.43
CA GLU M 284 38.27 9.27 1.48
C GLU M 284 39.78 9.27 1.68
N ILE M 285 40.47 10.28 1.16
CA ILE M 285 41.90 10.39 1.41
C ILE M 285 42.17 10.43 2.90
N ASN M 286 43.28 9.83 3.30
CA ASN M 286 43.68 9.83 4.70
C ASN M 286 44.48 11.09 5.01
N LYS M 287 44.01 11.84 6.00
CA LYS M 287 44.68 13.07 6.39
C LYS M 287 46.04 12.75 7.01
N VAL M 288 47.09 13.30 6.41
CA VAL M 288 48.46 13.01 6.83
C VAL M 288 49.30 14.24 6.59
N ARG M 289 50.35 14.39 7.41
CA ARG M 289 51.31 15.48 7.28
C ARG M 289 52.66 14.90 6.89
N ALA M 290 53.37 15.60 6.03
CA ALA M 290 54.67 15.17 5.54
C ALA M 290 55.70 16.27 5.79
N LYS M 291 56.95 15.85 5.96
CA LYS M 291 58.02 16.81 6.21
C LYS M 291 58.39 17.60 4.96
N ARG M 292 57.90 17.18 3.79
CA ARG M 292 58.23 17.84 2.54
C ARG M 292 57.21 17.44 1.49
N SER M 293 57.40 17.95 0.28
CA SER M 293 56.56 17.56 -0.85
C SER M 293 56.65 16.06 -1.07
N SER M 294 55.49 15.43 -1.23
CA SER M 294 55.39 13.98 -1.41
C SER M 294 54.64 13.71 -2.71
N LYS M 295 55.39 13.43 -3.77
CA LYS M 295 54.80 13.09 -5.05
C LYS M 295 54.15 11.71 -5.00
N MET M 296 53.26 11.45 -5.95
CA MET M 296 52.56 10.18 -6.04
C MET M 296 52.23 9.92 -7.51
N TYR M 297 51.82 8.69 -7.80
CA TYR M 297 51.51 8.29 -9.15
C TYR M 297 50.47 7.18 -9.12
N LEU M 298 49.83 6.98 -10.27
CA LEU M 298 48.88 5.89 -10.46
C LEU M 298 48.45 5.90 -11.92
N LYS M 299 47.56 4.97 -12.27
CA LYS M 299 46.97 4.89 -13.59
C LYS M 299 45.46 4.91 -13.47
N THR M 300 44.79 4.74 -14.60
CA THR M 300 43.33 4.87 -14.62
C THR M 300 42.79 4.26 -15.91
N ARG M 301 41.48 3.99 -15.89
CA ARG M 301 40.78 3.54 -17.09
C ARG M 301 40.47 4.75 -17.96
N SER M 302 39.60 4.56 -18.95
CA SER M 302 39.36 5.63 -19.91
C SER M 302 38.57 6.78 -19.31
N GLN M 303 37.28 6.57 -19.01
CA GLN M 303 36.50 7.66 -18.42
C GLN M 303 35.59 7.25 -17.26
N MET M 304 34.87 6.14 -17.39
CA MET M 304 33.73 5.99 -16.50
C MET M 304 34.09 5.50 -15.11
N PRO M 305 34.66 4.29 -14.93
CA PRO M 305 34.83 3.79 -13.57
C PRO M 305 36.16 4.19 -12.96
N TYR M 306 37.16 4.37 -13.82
CA TYR M 306 38.54 4.50 -13.35
C TYR M 306 38.86 3.32 -12.45
N LYS M 307 39.63 3.54 -11.38
CA LYS M 307 39.86 2.53 -10.36
C LYS M 307 40.49 1.28 -10.98
N VAL M 308 41.73 1.45 -11.40
CA VAL M 308 42.50 0.36 -11.97
C VAL M 308 43.40 -0.23 -10.88
N PHE M 309 43.97 -1.40 -11.16
CA PHE M 309 44.84 -2.10 -10.23
C PHE M 309 46.30 -1.84 -10.59
N HIS M 310 47.20 -2.52 -9.87
CA HIS M 310 48.63 -2.43 -10.12
C HIS M 310 49.29 -3.73 -9.69
N TYR M 311 49.97 -4.39 -10.62
CA TYR M 311 50.50 -5.73 -10.42
C TYR M 311 51.93 -5.83 -10.93
N GLN M 312 52.80 -4.90 -10.52
CA GLN M 312 54.16 -4.86 -11.05
C GLN M 312 54.82 -6.23 -10.94
N VAL M 313 55.76 -6.49 -11.84
CA VAL M 313 56.34 -7.81 -12.03
C VAL M 313 57.85 -7.73 -12.05
N LYS M 314 58.49 -8.84 -11.68
CA LYS M 314 59.93 -9.03 -11.82
C LYS M 314 60.19 -10.33 -12.56
N ILE M 315 61.27 -10.35 -13.34
CA ILE M 315 61.68 -11.52 -14.11
C ILE M 315 63.13 -11.84 -13.79
N HIS M 316 63.41 -13.11 -13.49
CA HIS M 316 64.77 -13.59 -13.29
C HIS M 316 65.26 -14.29 -14.56
N PHE M 317 65.44 -13.48 -15.60
CA PHE M 317 65.96 -14.00 -16.86
C PHE M 317 67.29 -14.72 -16.62
N SER M 318 67.40 -15.93 -17.15
CA SER M 318 68.63 -16.71 -17.01
C SER M 318 68.66 -17.73 -18.15
N GLY M 319 69.46 -17.45 -19.17
CA GLY M 319 69.55 -18.32 -20.32
C GLY M 319 70.98 -18.66 -20.70
N THR M 320 71.16 -19.28 -21.85
CA THR M 320 72.48 -19.71 -22.32
C THR M 320 73.08 -18.72 -23.32
N GLU M 321 72.33 -18.38 -24.37
CA GLU M 321 72.85 -17.51 -25.41
C GLU M 321 72.96 -16.09 -24.86
N SER M 322 74.12 -15.47 -25.06
CA SER M 322 74.43 -14.18 -24.42
C SER M 322 74.46 -13.02 -25.40
N ASN M 323 73.65 -13.07 -26.46
CA ASN M 323 73.54 -11.96 -27.40
C ASN M 323 72.45 -11.01 -26.90
N THR M 324 72.87 -9.84 -26.41
CA THR M 324 71.93 -8.89 -25.86
C THR M 324 71.04 -8.31 -26.96
N TYR M 325 69.78 -8.06 -26.62
CA TYR M 325 68.82 -7.43 -27.50
C TYR M 325 68.19 -6.24 -26.80
N THR M 326 67.64 -5.33 -27.59
CA THR M 326 67.09 -4.08 -27.08
C THR M 326 65.78 -3.75 -27.79
N ASN M 327 64.96 -2.96 -27.12
CA ASN M 327 63.71 -2.45 -27.69
C ASN M 327 62.85 -3.60 -28.24
N GLN M 328 62.46 -4.48 -27.34
CA GLN M 328 61.61 -5.61 -27.66
C GLN M 328 60.30 -5.52 -26.91
N ALA M 329 59.24 -6.05 -27.50
CA ALA M 329 57.90 -5.97 -26.96
C ALA M 329 57.55 -7.30 -26.29
N PHE M 330 57.16 -7.24 -25.02
CA PHE M 330 56.71 -8.41 -24.29
C PHE M 330 55.21 -8.34 -24.09
N GLU M 331 54.52 -9.43 -24.38
CA GLU M 331 53.08 -9.54 -24.17
C GLU M 331 52.83 -10.61 -23.12
N ILE M 332 52.00 -10.29 -22.15
CA ILE M 332 51.63 -11.23 -21.10
C ILE M 332 50.13 -11.15 -20.87
N SER M 333 49.61 -12.19 -20.22
CA SER M 333 48.20 -12.25 -19.84
C SER M 333 48.09 -13.04 -18.56
N LEU M 334 47.00 -12.80 -17.82
CA LEU M 334 46.80 -13.40 -16.52
C LEU M 334 45.36 -13.82 -16.35
N TYR M 335 45.17 -14.88 -15.56
CA TYR M 335 43.85 -15.41 -15.21
C TYR M 335 43.77 -15.56 -13.71
N GLY M 336 42.59 -15.24 -13.14
CA GLY M 336 42.41 -15.22 -11.72
C GLY M 336 41.24 -16.03 -11.23
N THR M 337 40.51 -15.46 -10.28
CA THR M 337 39.37 -16.12 -9.65
C THR M 337 38.08 -15.31 -9.75
N VAL M 338 38.11 -14.16 -10.43
CA VAL M 338 36.92 -13.34 -10.65
C VAL M 338 36.73 -13.05 -12.12
N ALA M 339 37.78 -12.54 -12.78
CA ALA M 339 37.79 -12.33 -14.21
C ALA M 339 39.22 -12.52 -14.71
N GLU M 340 39.48 -12.16 -15.96
CA GLU M 340 40.79 -12.35 -16.54
C GLU M 340 40.99 -11.42 -17.72
N SER M 341 42.19 -10.86 -17.83
CA SER M 341 42.60 -10.14 -19.01
C SER M 341 43.21 -11.11 -20.02
N GLU M 342 43.26 -10.68 -21.28
CA GLU M 342 43.62 -11.59 -22.37
C GLU M 342 44.89 -11.20 -23.11
N ASN M 343 44.98 -9.97 -23.60
CA ASN M 343 46.06 -9.60 -24.51
C ASN M 343 46.66 -8.25 -24.13
N ILE M 344 47.02 -8.09 -22.86
CA ILE M 344 47.62 -6.83 -22.41
C ILE M 344 49.10 -6.85 -22.77
N PRO M 345 49.60 -5.85 -23.49
CA PRO M 345 51.03 -5.80 -23.82
C PRO M 345 51.82 -4.93 -22.84
N PHE M 346 53.13 -4.96 -23.03
CA PHE M 346 54.02 -4.03 -22.34
C PHE M 346 55.39 -4.07 -23.01
N THR M 347 56.25 -3.15 -22.60
CA THR M 347 57.55 -2.98 -23.22
C THR M 347 58.66 -3.10 -22.20
N LEU M 348 59.80 -3.61 -22.65
CA LEU M 348 60.98 -3.78 -21.81
C LEU M 348 62.23 -3.85 -22.66
N PRO M 349 62.94 -2.74 -22.86
CA PRO M 349 64.16 -2.78 -23.67
C PRO M 349 65.34 -3.37 -22.89
N GLU M 350 66.52 -3.33 -23.50
CA GLU M 350 67.79 -3.65 -22.84
C GLU M 350 67.75 -5.03 -22.17
N VAL M 351 67.11 -5.99 -22.86
CA VAL M 351 67.03 -7.34 -22.33
C VAL M 351 68.40 -7.99 -22.39
N SER M 352 68.77 -8.69 -21.32
CA SER M 352 70.06 -9.36 -21.23
C SER M 352 69.87 -10.73 -20.59
N THR M 353 70.98 -11.32 -20.15
CA THR M 353 70.98 -12.64 -19.53
C THR M 353 71.59 -12.56 -18.14
N ASN M 354 71.31 -13.59 -17.34
CA ASN M 354 71.81 -13.67 -15.97
C ASN M 354 71.47 -12.42 -15.17
N LYS M 355 70.44 -11.70 -15.60
CA LYS M 355 70.07 -10.42 -15.02
C LYS M 355 68.57 -10.42 -14.73
N THR M 356 68.20 -9.65 -13.72
CA THR M 356 66.80 -9.53 -13.32
C THR M 356 66.25 -8.18 -13.76
N TYR M 357 65.01 -8.19 -14.22
CA TYR M 357 64.32 -7.01 -14.71
C TYR M 357 63.00 -6.85 -13.98
N SER M 358 62.35 -5.73 -14.23
CA SER M 358 61.06 -5.45 -13.62
C SER M 358 60.34 -4.41 -14.46
N PHE M 359 59.03 -4.32 -14.26
CA PHE M 359 58.22 -3.36 -14.98
C PHE M 359 56.90 -3.20 -14.26
N LEU M 360 56.12 -2.24 -14.72
CA LEU M 360 54.81 -1.95 -14.15
C LEU M 360 53.72 -2.36 -15.14
N LEU M 361 52.72 -3.08 -14.63
CA LEU M 361 51.57 -3.48 -15.43
C LEU M 361 50.31 -3.00 -14.74
N TYR M 362 49.30 -2.68 -15.56
CA TYR M 362 48.00 -2.29 -15.04
C TYR M 362 46.90 -3.03 -15.80
N THR M 363 45.83 -3.34 -15.07
CA THR M 363 44.63 -3.92 -15.64
C THR M 363 43.43 -3.13 -15.16
N GLU M 364 42.35 -3.23 -15.92
CA GLU M 364 41.15 -2.44 -15.68
C GLU M 364 39.96 -3.30 -15.30
N VAL M 365 40.21 -4.51 -14.80
CA VAL M 365 39.15 -5.41 -14.37
C VAL M 365 39.59 -6.09 -13.08
N ASP M 366 38.64 -6.26 -12.15
CA ASP M 366 38.94 -6.94 -10.91
C ASP M 366 39.24 -8.40 -11.17
N ILE M 367 40.26 -8.92 -10.50
CA ILE M 367 40.74 -10.28 -10.73
C ILE M 367 40.81 -11.05 -9.42
N GLY M 368 40.89 -10.34 -8.31
CA GLY M 368 41.13 -11.01 -7.04
C GLY M 368 42.47 -11.71 -7.09
N GLU M 369 42.47 -13.00 -6.77
CA GLU M 369 43.69 -13.79 -6.83
C GLU M 369 44.05 -14.08 -8.29
N LEU M 370 45.21 -14.69 -8.49
CA LEU M 370 45.72 -14.98 -9.81
C LEU M 370 46.38 -16.33 -9.81
N LEU M 371 46.04 -17.16 -10.80
CA LEU M 371 46.46 -18.55 -10.85
C LEU M 371 47.60 -18.78 -11.83
N MET M 372 47.39 -18.46 -13.10
CA MET M 372 48.34 -18.76 -14.15
C MET M 372 48.66 -17.50 -14.93
N LEU M 373 49.70 -17.58 -15.75
CA LEU M 373 50.25 -16.42 -16.43
C LEU M 373 50.65 -16.79 -17.85
N LYS M 374 50.66 -15.79 -18.73
CA LYS M 374 51.08 -15.93 -20.11
C LYS M 374 52.27 -15.00 -20.37
N LEU M 375 53.23 -15.48 -21.16
CA LEU M 375 54.46 -14.74 -21.39
C LEU M 375 54.86 -14.79 -22.85
N LYS M 376 53.91 -14.52 -23.73
CA LYS M 376 54.19 -14.54 -25.16
C LYS M 376 55.17 -13.42 -25.52
N TRP M 377 55.99 -13.68 -26.54
CA TRP M 377 56.96 -12.72 -27.03
C TRP M 377 56.71 -12.49 -28.51
N ILE M 378 56.36 -11.26 -28.86
CA ILE M 378 55.78 -10.95 -30.16
C ILE M 378 56.88 -10.64 -31.16
N SER M 379 56.53 -10.70 -32.44
CA SER M 379 57.47 -10.44 -33.53
C SER M 379 56.71 -9.85 -34.70
N ASP M 380 57.47 -9.24 -35.61
CA ASP M 380 56.93 -8.66 -36.85
C ASP M 380 57.17 -9.56 -38.05
N SER M 381 57.41 -10.85 -37.81
CA SER M 381 57.63 -11.86 -38.86
C SER M 381 56.68 -13.03 -38.68
N TYR M 382 55.38 -12.73 -38.56
CA TYR M 382 54.37 -13.74 -38.24
C TYR M 382 54.48 -14.96 -39.15
N PHE M 383 54.70 -14.74 -40.44
CA PHE M 383 54.61 -15.80 -41.41
C PHE M 383 55.68 -16.86 -41.14
N SER M 384 55.57 -17.98 -41.85
CA SER M 384 56.41 -19.15 -41.58
C SER M 384 57.88 -18.94 -42.00
N TRP M 385 58.26 -17.74 -42.44
CA TRP M 385 59.67 -17.48 -42.67
C TRP M 385 60.49 -17.70 -41.41
N SER M 386 60.05 -17.13 -40.29
CA SER M 386 60.75 -17.21 -39.02
C SER M 386 60.05 -18.18 -38.07
N ASN M 387 59.53 -19.28 -38.61
CA ASN M 387 58.86 -20.29 -37.80
C ASN M 387 59.69 -21.55 -37.61
N TRP M 388 60.74 -21.76 -38.41
CA TRP M 388 61.61 -22.91 -38.25
C TRP M 388 63.03 -22.53 -37.83
N TRP M 389 63.71 -21.69 -38.60
CA TRP M 389 65.13 -21.43 -38.33
C TRP M 389 65.30 -20.83 -36.95
N SER M 390 66.43 -21.16 -36.32
CA SER M 390 66.66 -20.82 -34.92
C SER M 390 66.55 -19.32 -34.70
N SER M 391 65.54 -18.90 -33.97
CA SER M 391 65.35 -17.53 -33.55
C SER M 391 65.79 -17.36 -32.10
N PRO M 392 66.16 -16.15 -31.70
CA PRO M 392 66.68 -15.96 -30.34
C PRO M 392 65.66 -16.39 -29.29
N GLY M 393 66.17 -17.00 -28.22
CA GLY M 393 65.32 -17.49 -27.17
C GLY M 393 66.04 -17.44 -25.83
N PHE M 394 65.26 -17.53 -24.77
CA PHE M 394 65.78 -17.49 -23.41
C PHE M 394 65.12 -18.59 -22.58
N ASP M 395 65.50 -18.67 -21.32
CA ASP M 395 64.91 -19.59 -20.36
C ASP M 395 64.35 -18.82 -19.18
N ILE M 396 63.24 -19.31 -18.64
CA ILE M 396 62.52 -18.66 -17.56
C ILE M 396 62.49 -19.59 -16.35
N GLY M 397 62.83 -19.04 -15.19
CA GLY M 397 62.77 -19.78 -13.95
C GLY M 397 61.56 -19.39 -13.13
N LYS M 398 61.75 -18.52 -12.15
CA LYS M 398 60.68 -18.07 -11.28
C LYS M 398 60.21 -16.69 -11.68
N ILE M 399 59.05 -16.30 -11.15
CA ILE M 399 58.48 -14.98 -11.38
C ILE M 399 57.93 -14.46 -10.05
N ARG M 400 58.15 -13.17 -9.80
CA ARG M 400 57.91 -12.59 -8.48
C ARG M 400 56.91 -11.45 -8.52
N VAL M 401 55.77 -11.65 -9.20
CA VAL M 401 54.75 -10.62 -9.24
C VAL M 401 54.37 -10.23 -7.83
N LYS M 402 53.94 -8.99 -7.65
CA LYS M 402 53.55 -8.47 -6.34
C LYS M 402 52.23 -7.74 -6.49
N ALA M 403 51.21 -8.21 -5.77
CA ALA M 403 49.92 -7.55 -5.81
C ALA M 403 50.00 -6.19 -5.13
N GLY M 404 49.36 -5.20 -5.74
CA GLY M 404 49.42 -3.84 -5.25
C GLY M 404 48.59 -3.56 -4.03
N GLU M 405 47.27 -3.65 -4.17
CA GLU M 405 46.38 -3.27 -3.07
C GLU M 405 46.68 -4.10 -1.83
N THR M 406 46.87 -5.40 -2.01
CA THR M 406 47.26 -6.28 -0.93
C THR M 406 48.67 -6.80 -1.21
N GLN M 407 49.56 -6.64 -0.24
CA GLN M 407 50.94 -7.06 -0.40
C GLN M 407 51.01 -8.59 -0.38
N LYS M 408 51.21 -9.18 -1.57
CA LYS M 408 51.25 -10.63 -1.72
C LYS M 408 52.44 -10.97 -2.62
N LYS M 409 53.53 -11.42 -2.01
CA LYS M 409 54.71 -11.84 -2.77
C LYS M 409 54.51 -13.26 -3.31
N VAL M 410 53.46 -13.41 -4.12
CA VAL M 410 53.19 -14.69 -4.74
C VAL M 410 54.33 -15.05 -5.67
N ILE M 411 54.85 -16.26 -5.54
CA ILE M 411 56.01 -16.71 -6.29
C ILE M 411 55.50 -17.58 -7.43
N PHE M 412 55.41 -17.01 -8.62
CA PHE M 412 55.17 -17.82 -9.81
C PHE M 412 56.40 -18.66 -10.13
N CYS M 413 56.19 -19.65 -10.99
CA CYS M 413 57.03 -20.84 -10.96
C CYS M 413 56.93 -21.55 -12.30
N SER M 414 58.02 -21.54 -13.06
CA SER M 414 58.03 -22.24 -14.33
C SER M 414 57.90 -23.74 -14.10
N ARG M 415 57.43 -24.44 -15.14
CA ARG M 415 57.25 -25.87 -15.04
C ARG M 415 58.63 -26.54 -15.09
N GLU M 416 58.62 -27.87 -14.99
CA GLU M 416 59.87 -28.61 -14.86
C GLU M 416 60.85 -28.26 -15.99
N LYS M 417 60.42 -28.33 -17.24
CA LYS M 417 61.31 -28.05 -18.35
C LYS M 417 60.62 -27.33 -19.50
N MET M 418 59.33 -27.02 -19.38
CA MET M 418 58.51 -26.69 -20.53
C MET M 418 58.38 -25.18 -20.69
N SER M 419 59.53 -24.48 -20.75
CA SER M 419 59.48 -23.04 -20.85
C SER M 419 60.13 -22.45 -22.10
N TYR M 420 61.46 -22.54 -22.16
CA TYR M 420 62.27 -22.12 -23.31
C TYR M 420 61.61 -20.97 -24.09
N LEU M 421 61.34 -19.84 -23.45
CA LEU M 421 60.68 -18.76 -24.17
C LEU M 421 61.47 -18.41 -25.42
N GLN M 422 60.75 -18.27 -26.53
CA GLN M 422 61.37 -17.98 -27.82
C GLN M 422 60.52 -16.98 -28.59
N LYS M 423 61.17 -16.20 -29.46
CA LYS M 423 60.45 -15.25 -30.30
C LYS M 423 59.50 -15.98 -31.23
N GLY M 424 58.35 -15.35 -31.49
CA GLY M 424 57.39 -15.92 -32.41
C GLY M 424 56.97 -17.32 -32.01
N LYS M 425 56.71 -17.52 -30.72
CA LYS M 425 56.37 -18.83 -30.20
C LYS M 425 55.22 -18.71 -29.22
N SER M 426 54.61 -19.84 -28.92
CA SER M 426 53.53 -19.87 -27.94
C SER M 426 54.05 -19.38 -26.59
N PRO M 427 53.21 -18.73 -25.80
CA PRO M 427 53.66 -18.27 -24.48
C PRO M 427 54.09 -19.43 -23.61
N VAL M 428 54.58 -19.08 -22.43
CA VAL M 428 55.01 -20.06 -21.43
C VAL M 428 54.07 -19.96 -20.23
N ILE M 429 53.50 -21.09 -19.85
CA ILE M 429 52.56 -21.11 -18.74
C ILE M 429 53.31 -21.06 -17.42
N PHE M 430 52.63 -20.54 -16.40
CA PHE M 430 53.15 -20.52 -15.04
C PHE M 430 52.00 -20.72 -14.07
N VAL M 431 52.34 -21.10 -12.84
CA VAL M 431 51.34 -21.45 -11.84
C VAL M 431 51.82 -20.99 -10.46
N LYS M 432 50.92 -21.06 -9.50
CA LYS M 432 51.26 -20.78 -8.11
C LYS M 432 52.08 -21.94 -7.54
N CYS M 433 53.00 -21.61 -6.64
CA CYS M 433 54.10 -22.53 -6.35
C CYS M 433 54.74 -22.14 -5.03
N HIS M 434 55.65 -23.00 -4.57
CA HIS M 434 56.45 -22.71 -3.39
C HIS M 434 55.60 -22.65 -2.13
N ASP N 1 69.45 -35.59 -73.03
CA ASP N 1 69.80 -34.84 -71.84
C ASP N 1 68.73 -33.80 -71.51
N PHE N 2 67.48 -34.15 -71.81
CA PHE N 2 66.34 -33.28 -71.57
C PHE N 2 65.19 -34.08 -70.97
N ARG N 3 65.51 -34.97 -70.04
CA ARG N 3 64.52 -35.81 -69.37
C ARG N 3 64.41 -35.53 -67.88
N ASP N 4 65.25 -34.66 -67.33
CA ASP N 4 65.21 -34.29 -65.92
C ASP N 4 64.70 -32.87 -65.74
N ILE N 5 63.77 -32.46 -66.59
CA ILE N 5 63.30 -31.07 -66.59
C ILE N 5 62.39 -30.84 -65.38
N GLU N 6 61.26 -31.56 -65.32
CA GLU N 6 60.36 -31.50 -64.18
C GLU N 6 59.95 -30.08 -63.84
N SER N 7 59.98 -29.20 -64.84
CA SER N 7 59.55 -27.81 -64.66
C SER N 7 59.06 -27.32 -66.02
N LYS N 8 57.75 -27.31 -66.20
CA LYS N 8 57.17 -26.98 -67.49
C LYS N 8 57.18 -25.48 -67.72
N PHE N 9 57.61 -25.08 -68.91
CA PHE N 9 57.64 -23.69 -69.33
C PHE N 9 56.37 -23.39 -70.11
N ALA N 10 55.58 -22.44 -69.62
CA ALA N 10 54.34 -22.08 -70.27
C ALA N 10 54.56 -20.85 -71.16
N LEU N 11 53.54 -20.53 -71.96
CA LEU N 11 53.61 -19.39 -72.88
C LEU N 11 52.19 -18.85 -73.04
N ARG N 12 51.87 -17.83 -72.26
CA ARG N 12 50.56 -17.22 -72.32
C ARG N 12 50.50 -16.20 -73.45
N THR N 13 49.30 -15.68 -73.68
CA THR N 13 49.05 -14.67 -74.69
C THR N 13 48.10 -13.61 -74.15
N PRO N 14 48.04 -12.43 -74.78
CA PRO N 14 47.18 -11.37 -74.24
C PRO N 14 45.74 -11.79 -74.05
N GLU N 15 45.22 -12.67 -74.92
CA GLU N 15 43.84 -13.11 -74.80
C GLU N 15 43.66 -14.07 -73.63
N ASP N 16 44.74 -14.68 -73.15
CA ASP N 16 44.69 -15.62 -72.03
C ASP N 16 45.86 -15.35 -71.10
N THR N 17 45.62 -14.59 -70.03
CA THR N 17 46.64 -14.23 -69.06
C THR N 17 46.44 -14.96 -67.74
N ALA N 18 45.61 -15.99 -67.73
CA ALA N 18 45.27 -16.70 -66.51
C ALA N 18 45.72 -18.15 -66.54
N GLU N 19 45.36 -18.89 -67.58
CA GLU N 19 45.60 -20.33 -67.66
C GLU N 19 46.72 -20.62 -68.64
N ASP N 20 47.66 -21.46 -68.24
CA ASP N 20 48.73 -21.89 -69.13
C ASP N 20 48.17 -22.83 -70.19
N THR N 21 48.37 -22.46 -71.46
CA THR N 21 47.82 -23.22 -72.59
C THR N 21 48.88 -24.05 -73.30
N CYS N 22 50.11 -23.56 -73.38
CA CYS N 22 51.16 -24.22 -74.13
C CYS N 22 52.14 -24.88 -73.17
N HIS N 23 53.06 -25.65 -73.75
CA HIS N 23 54.11 -26.31 -72.96
C HIS N 23 55.35 -26.45 -73.86
N LEU N 24 56.26 -25.49 -73.73
CA LEU N 24 57.49 -25.47 -74.53
C LEU N 24 58.48 -26.48 -73.96
N ILE N 25 58.28 -27.74 -74.32
CA ILE N 25 59.14 -28.80 -73.79
C ILE N 25 60.54 -28.64 -74.36
N PRO N 26 61.58 -28.57 -73.53
CA PRO N 26 62.94 -28.47 -74.08
C PRO N 26 63.28 -29.67 -74.93
N GLY N 27 64.08 -29.43 -75.97
CA GLY N 27 64.51 -30.47 -76.88
C GLY N 27 63.47 -30.80 -77.93
N VAL N 28 62.21 -30.90 -77.53
CA VAL N 28 61.12 -31.19 -78.45
C VAL N 28 60.77 -29.88 -79.15
N THR N 29 61.30 -29.70 -80.36
CA THR N 29 61.09 -28.46 -81.09
C THR N 29 59.64 -28.26 -81.51
N GLU N 30 58.82 -29.30 -81.41
CA GLU N 30 57.47 -29.22 -81.94
C GLU N 30 56.67 -28.12 -81.25
N SER N 31 56.95 -27.87 -79.97
CA SER N 31 56.16 -26.91 -79.21
C SER N 31 56.34 -25.50 -79.75
N VAL N 32 57.55 -25.18 -80.23
CA VAL N 32 57.80 -23.84 -80.74
C VAL N 32 56.90 -23.55 -81.93
N ALA N 33 56.78 -24.52 -82.84
CA ALA N 33 55.90 -24.34 -83.98
C ALA N 33 54.43 -24.41 -83.55
N ASN N 34 54.14 -25.23 -82.55
CA ASN N 34 52.75 -25.36 -82.08
C ASN N 34 52.22 -24.03 -81.57
N CYS N 35 53.03 -23.30 -80.81
CA CYS N 35 52.64 -22.03 -80.23
C CYS N 35 53.52 -20.92 -80.80
N HIS N 36 52.88 -19.90 -81.34
CA HIS N 36 53.60 -18.86 -82.06
C HIS N 36 54.65 -18.22 -81.16
N PHE N 37 55.84 -18.00 -81.72
CA PHE N 37 56.97 -17.46 -80.97
C PHE N 37 57.77 -16.57 -81.92
N ASN N 38 57.53 -15.26 -81.84
CA ASN N 38 58.21 -14.32 -82.71
C ASN N 38 59.69 -14.28 -82.33
N HIS N 39 60.51 -14.94 -83.14
CA HIS N 39 61.94 -15.05 -82.86
C HIS N 39 62.68 -13.73 -83.03
N SER N 40 62.02 -12.71 -83.59
CA SER N 40 62.66 -11.43 -83.76
C SER N 40 62.49 -10.53 -82.54
N SER N 41 61.34 -10.63 -81.88
CA SER N 41 61.01 -9.69 -80.82
C SER N 41 61.62 -10.14 -79.49
N LYS N 42 61.48 -9.27 -78.49
CA LYS N 42 61.99 -9.53 -77.16
C LYS N 42 61.08 -10.52 -76.44
N THR N 43 61.64 -11.25 -75.48
CA THR N 43 60.90 -12.30 -74.78
C THR N 43 61.27 -12.30 -73.31
N PHE N 44 60.28 -12.05 -72.45
CA PHE N 44 60.50 -12.03 -71.01
C PHE N 44 60.36 -13.43 -70.43
N VAL N 45 60.84 -13.58 -69.20
CA VAL N 45 60.74 -14.84 -68.47
C VAL N 45 60.39 -14.53 -67.02
N VAL N 46 59.17 -14.83 -66.63
CA VAL N 46 58.70 -14.59 -65.27
C VAL N 46 59.00 -15.82 -64.42
N ILE N 47 59.59 -15.60 -63.27
CA ILE N 47 59.93 -16.68 -62.34
C ILE N 47 59.30 -16.30 -61.00
N HIS N 48 58.14 -16.88 -60.70
CA HIS N 48 57.52 -16.63 -59.41
C HIS N 48 58.26 -17.39 -58.33
N GLY N 49 57.73 -17.31 -57.10
CA GLY N 49 58.41 -17.86 -55.96
C GLY N 49 57.56 -18.76 -55.09
N TRP N 50 57.99 -18.91 -53.84
CA TRP N 50 57.36 -19.88 -52.95
C TRP N 50 55.90 -19.52 -52.73
N THR N 51 55.05 -20.55 -52.69
CA THR N 51 53.63 -20.36 -52.44
C THR N 51 53.12 -21.48 -51.56
N VAL N 52 52.47 -21.10 -50.46
CA VAL N 52 51.87 -22.09 -49.57
C VAL N 52 50.80 -22.87 -50.30
N THR N 53 50.06 -22.22 -51.19
CA THR N 53 49.03 -22.89 -51.95
C THR N 53 49.66 -23.66 -53.11
N GLY N 54 48.82 -24.29 -53.91
CA GLY N 54 49.28 -25.05 -55.05
C GLY N 54 48.94 -24.39 -56.37
N MET N 55 49.05 -23.06 -56.42
CA MET N 55 48.72 -22.33 -57.63
C MET N 55 49.50 -21.02 -57.65
N TYR N 56 49.51 -20.39 -58.81
CA TYR N 56 50.22 -19.13 -58.99
C TYR N 56 49.61 -18.06 -58.09
N GLU N 57 50.46 -17.17 -57.60
CA GLU N 57 49.98 -16.05 -56.81
C GLU N 57 49.07 -15.16 -57.65
N SER N 58 48.42 -14.20 -56.98
CA SER N 58 47.40 -13.38 -57.62
C SER N 58 47.97 -12.27 -58.49
N TRP N 59 49.28 -12.07 -58.49
CA TRP N 59 49.87 -10.94 -59.20
C TRP N 59 50.35 -11.28 -60.60
N VAL N 60 50.60 -12.56 -60.88
CA VAL N 60 51.10 -12.96 -62.19
C VAL N 60 50.19 -12.50 -63.33
N PRO N 61 48.87 -12.68 -63.25
CA PRO N 61 48.02 -12.25 -64.38
C PRO N 61 48.14 -10.77 -64.67
N LYS N 62 48.10 -9.94 -63.63
CA LYS N 62 48.23 -8.51 -63.83
C LYS N 62 49.58 -8.16 -64.41
N LEU N 63 50.65 -8.79 -63.89
CA LEU N 63 51.98 -8.51 -64.40
C LEU N 63 52.07 -8.82 -65.89
N VAL N 64 51.59 -9.99 -66.30
CA VAL N 64 51.73 -10.40 -67.68
C VAL N 64 50.86 -9.54 -68.58
N ALA N 65 49.66 -9.19 -68.11
CA ALA N 65 48.80 -8.32 -68.90
C ALA N 65 49.46 -6.98 -69.14
N ALA N 66 50.05 -6.41 -68.09
CA ALA N 66 50.72 -5.12 -68.25
C ALA N 66 51.95 -5.25 -69.15
N LEU N 67 52.64 -6.39 -69.07
CA LEU N 67 53.80 -6.60 -69.91
C LEU N 67 53.41 -6.59 -71.38
N TYR N 68 52.32 -7.29 -71.72
CA TYR N 68 51.83 -7.24 -73.09
C TYR N 68 51.37 -5.84 -73.47
N LYS N 69 50.70 -5.14 -72.55
CA LYS N 69 50.28 -3.77 -72.84
C LYS N 69 51.48 -2.91 -73.21
N ARG N 70 52.57 -3.05 -72.46
CA ARG N 70 53.74 -2.22 -72.71
C ARG N 70 54.46 -2.62 -73.99
N GLU N 71 54.66 -3.92 -74.20
CA GLU N 71 55.45 -4.41 -75.34
C GLU N 71 54.68 -5.50 -76.06
N PRO N 72 53.74 -5.12 -76.92
CA PRO N 72 53.00 -6.12 -77.70
C PRO N 72 53.91 -6.86 -78.67
N ASP N 73 53.38 -7.95 -79.21
CA ASP N 73 54.11 -8.79 -80.16
C ASP N 73 55.44 -9.23 -79.56
N SER N 74 55.41 -9.58 -78.28
CA SER N 74 56.60 -10.05 -77.57
C SER N 74 56.20 -11.25 -76.73
N ASN N 75 57.00 -12.31 -76.80
CA ASN N 75 56.64 -13.56 -76.15
C ASN N 75 56.85 -13.45 -74.65
N VAL N 76 56.10 -14.27 -73.92
CA VAL N 76 56.20 -14.35 -72.46
C VAL N 76 56.27 -15.82 -72.08
N ILE N 77 57.17 -16.13 -71.14
CA ILE N 77 57.35 -17.49 -70.66
C ILE N 77 57.12 -17.51 -69.16
N VAL N 78 56.41 -18.52 -68.70
CA VAL N 78 56.17 -18.73 -67.27
C VAL N 78 56.67 -20.11 -66.89
N VAL N 79 57.09 -20.25 -65.65
CA VAL N 79 57.64 -21.49 -65.13
C VAL N 79 56.64 -22.13 -64.19
N ASP N 80 56.94 -23.35 -63.77
CA ASP N 80 56.01 -24.18 -63.01
C ASP N 80 56.64 -24.65 -61.71
N TRP N 81 57.14 -23.70 -60.92
CA TRP N 81 57.67 -23.98 -59.59
C TRP N 81 56.84 -25.02 -58.85
N LEU N 82 55.53 -25.00 -59.09
CA LEU N 82 54.63 -25.93 -58.41
C LEU N 82 55.14 -27.35 -58.53
N SER N 83 54.80 -28.18 -57.55
CA SER N 83 55.24 -29.56 -57.37
C SER N 83 56.61 -29.63 -56.71
N ARG N 84 57.34 -28.52 -56.64
CA ARG N 84 58.63 -28.46 -55.97
C ARG N 84 58.68 -27.37 -54.91
N ALA N 85 58.01 -26.24 -55.15
CA ALA N 85 58.01 -25.16 -54.18
C ALA N 85 57.09 -25.44 -53.00
N GLN N 86 56.04 -26.24 -53.20
CA GLN N 86 55.13 -26.53 -52.11
C GLN N 86 55.84 -27.20 -50.94
N GLN N 87 57.01 -27.79 -51.20
CA GLN N 87 57.74 -28.48 -50.16
C GLN N 87 58.24 -27.47 -49.12
N HIS N 88 58.88 -27.99 -48.08
CA HIS N 88 59.42 -27.13 -47.04
C HIS N 88 60.29 -26.03 -47.64
N TYR N 89 60.23 -24.86 -47.02
CA TYR N 89 60.90 -23.69 -47.59
C TYR N 89 62.38 -23.92 -47.81
N PRO N 90 63.14 -24.44 -46.85
CA PRO N 90 64.54 -24.80 -47.14
C PRO N 90 64.70 -25.72 -48.33
N VAL N 91 63.76 -26.65 -48.52
CA VAL N 91 63.84 -27.54 -49.68
C VAL N 91 63.78 -26.72 -50.96
N SER N 92 62.96 -25.67 -50.98
CA SER N 92 62.92 -24.78 -52.13
C SER N 92 64.26 -24.05 -52.29
N ALA N 93 64.86 -23.65 -51.17
CA ALA N 93 66.17 -23.02 -51.23
C ALA N 93 67.18 -23.94 -51.88
N GLY N 94 67.12 -25.23 -51.56
CA GLY N 94 68.00 -26.18 -52.23
C GLY N 94 67.65 -26.37 -53.70
N TYR N 95 66.35 -26.46 -54.00
CA TYR N 95 65.89 -26.71 -55.36
C TYR N 95 66.08 -25.51 -56.28
N THR N 96 66.42 -24.34 -55.72
CA THR N 96 66.77 -23.22 -56.57
C THR N 96 67.88 -23.60 -57.55
N LYS N 97 68.84 -24.40 -57.10
CA LYS N 97 69.93 -24.80 -57.97
C LYS N 97 69.42 -25.65 -59.12
N LEU N 98 68.51 -26.59 -58.82
CA LEU N 98 67.96 -27.44 -59.87
C LEU N 98 67.19 -26.61 -60.88
N VAL N 99 66.36 -25.68 -60.41
CA VAL N 99 65.58 -24.86 -61.34
C VAL N 99 66.49 -23.97 -62.16
N GLY N 100 67.57 -23.46 -61.55
CA GLY N 100 68.51 -22.65 -62.31
C GLY N 100 69.20 -23.44 -63.39
N GLN N 101 69.63 -24.66 -63.05
CA GLN N 101 70.22 -25.53 -64.07
C GLN N 101 69.22 -25.81 -65.18
N ASP N 102 67.96 -26.03 -64.81
CA ASP N 102 66.93 -26.31 -65.80
C ASP N 102 66.74 -25.12 -66.74
N VAL N 103 66.68 -23.91 -66.19
CA VAL N 103 66.48 -22.73 -67.02
C VAL N 103 67.70 -22.50 -67.91
N ALA N 104 68.89 -22.73 -67.37
CA ALA N 104 70.10 -22.59 -68.18
C ALA N 104 70.08 -23.57 -69.35
N LYS N 105 69.66 -24.82 -69.08
CA LYS N 105 69.56 -25.80 -70.15
C LYS N 105 68.54 -25.36 -71.18
N PHE N 106 67.41 -24.83 -70.73
CA PHE N 106 66.38 -24.33 -71.64
C PHE N 106 66.96 -23.28 -72.56
N MET N 107 67.62 -22.28 -71.99
CA MET N 107 68.13 -21.17 -72.78
C MET N 107 69.24 -21.63 -73.71
N ASN N 108 70.09 -22.54 -73.25
CA ASN N 108 71.15 -23.06 -74.10
C ASN N 108 70.57 -23.83 -75.28
N TRP N 109 69.53 -24.63 -75.02
CA TRP N 109 68.87 -25.35 -76.10
C TRP N 109 68.27 -24.39 -77.11
N MET N 110 67.67 -23.30 -76.61
CA MET N 110 67.12 -22.31 -77.52
C MET N 110 68.22 -21.67 -78.36
N ALA N 111 69.33 -21.30 -77.72
CA ALA N 111 70.43 -20.66 -78.43
C ALA N 111 71.17 -21.62 -79.36
N ASP N 112 70.97 -22.93 -79.19
CA ASP N 112 71.55 -23.90 -80.09
C ASP N 112 70.65 -24.18 -81.28
N GLU N 113 69.39 -24.52 -81.03
CA GLU N 113 68.47 -24.86 -82.11
C GLU N 113 68.08 -23.63 -82.92
N PHE N 114 67.70 -22.55 -82.24
CA PHE N 114 67.20 -21.35 -82.90
C PHE N 114 68.14 -20.17 -82.79
N ASN N 115 69.28 -20.33 -82.11
CA ASN N 115 70.25 -19.26 -81.92
C ASN N 115 69.57 -17.92 -81.63
N TYR N 116 68.53 -17.94 -80.80
CA TYR N 116 67.85 -16.71 -80.44
C TYR N 116 68.83 -15.79 -79.70
N PRO N 117 68.90 -14.51 -80.07
CA PRO N 117 69.84 -13.62 -79.39
C PRO N 117 69.54 -13.51 -77.91
N LEU N 118 70.57 -13.76 -77.09
CA LEU N 118 70.39 -13.72 -75.64
C LEU N 118 70.24 -12.30 -75.13
N GLY N 119 70.45 -11.30 -75.99
CA GLY N 119 70.40 -9.91 -75.55
C GLY N 119 69.00 -9.35 -75.58
N ASN N 120 67.99 -10.22 -75.64
CA ASN N 120 66.61 -9.78 -75.76
C ASN N 120 65.71 -10.58 -74.82
N VAL N 121 66.19 -10.90 -73.63
CA VAL N 121 65.45 -11.69 -72.67
C VAL N 121 65.64 -11.13 -71.26
N HIS N 122 64.55 -11.05 -70.51
CA HIS N 122 64.58 -10.63 -69.11
C HIS N 122 64.22 -11.83 -68.24
N LEU N 123 64.98 -12.03 -67.18
CA LEU N 123 64.66 -13.04 -66.18
C LEU N 123 64.00 -12.37 -64.98
N LEU N 124 62.74 -11.97 -65.16
CA LEU N 124 62.01 -11.33 -64.07
C LEU N 124 61.89 -12.29 -62.90
N GLY N 125 62.57 -11.93 -61.81
CA GLY N 125 62.63 -12.78 -60.64
C GLY N 125 61.99 -12.13 -59.43
N TYR N 126 61.18 -12.91 -58.74
CA TYR N 126 60.52 -12.49 -57.52
C TYR N 126 60.89 -13.50 -56.44
N SER N 127 60.74 -13.07 -55.19
CA SER N 127 60.95 -13.94 -54.03
C SER N 127 62.17 -14.82 -54.26
N LEU N 128 62.02 -16.14 -54.16
CA LEU N 128 63.11 -17.05 -54.48
C LEU N 128 63.45 -17.02 -55.96
N GLY N 129 62.52 -16.55 -56.79
CA GLY N 129 62.75 -16.58 -58.23
C GLY N 129 63.91 -15.72 -58.65
N ALA N 130 64.12 -14.61 -57.94
CA ALA N 130 65.24 -13.76 -58.27
C ALA N 130 66.56 -14.49 -58.08
N HIS N 131 66.72 -15.17 -56.95
CA HIS N 131 67.94 -15.95 -56.73
C HIS N 131 68.03 -17.09 -57.72
N ALA N 132 66.89 -17.67 -58.10
CA ALA N 132 66.89 -18.75 -59.07
C ALA N 132 67.45 -18.26 -60.41
N ALA N 133 66.98 -17.10 -60.86
CA ALA N 133 67.50 -16.55 -62.11
C ALA N 133 68.97 -16.20 -61.96
N GLY N 134 69.35 -15.63 -60.82
CA GLY N 134 70.74 -15.25 -60.63
C GLY N 134 71.68 -16.42 -60.75
N ILE N 135 71.34 -17.53 -60.06
CA ILE N 135 72.12 -18.75 -60.23
C ILE N 135 72.00 -19.23 -61.67
N ALA N 136 70.90 -18.90 -62.34
CA ALA N 136 70.76 -19.16 -63.75
C ALA N 136 71.50 -18.08 -64.54
N GLY N 137 71.57 -18.27 -65.86
CA GLY N 137 72.28 -17.34 -66.70
C GLY N 137 73.78 -17.49 -66.58
N SER N 138 74.27 -17.50 -65.34
CA SER N 138 75.69 -17.71 -65.11
C SER N 138 76.19 -18.96 -65.81
N LEU N 139 75.36 -20.00 -65.85
CA LEU N 139 75.72 -21.21 -66.59
C LEU N 139 75.58 -21.01 -68.09
N THR N 140 74.77 -20.04 -68.52
CA THR N 140 74.62 -19.77 -69.93
C THR N 140 75.93 -19.26 -70.52
N ASN N 141 76.19 -19.66 -71.77
CA ASN N 141 77.44 -19.28 -72.42
C ASN N 141 77.44 -17.83 -72.90
N LYS N 142 76.30 -17.31 -73.32
CA LYS N 142 76.22 -16.00 -73.94
C LYS N 142 75.64 -14.94 -73.02
N LYS N 143 75.60 -15.18 -71.71
CA LYS N 143 75.14 -14.19 -70.76
C LYS N 143 73.71 -13.74 -71.05
N VAL N 144 73.20 -12.82 -70.25
CA VAL N 144 71.83 -12.34 -70.37
C VAL N 144 71.81 -10.82 -70.21
N ASN N 145 70.96 -10.16 -70.99
CA ASN N 145 70.88 -8.71 -70.96
C ASN N 145 70.42 -8.19 -69.61
N ARG N 146 69.18 -8.51 -69.22
CA ARG N 146 68.58 -8.01 -67.99
C ARG N 146 68.10 -9.16 -67.12
N ILE N 147 68.32 -9.03 -65.83
CA ILE N 147 67.93 -10.06 -64.86
C ILE N 147 67.13 -9.41 -63.74
N THR N 148 66.45 -8.30 -64.05
CA THR N 148 65.74 -7.53 -63.05
C THR N 148 64.90 -8.42 -62.15
N GLY N 149 65.20 -8.42 -60.86
CA GLY N 149 64.48 -9.20 -59.88
C GLY N 149 63.56 -8.33 -59.02
N LEU N 150 62.88 -8.98 -58.10
CA LEU N 150 61.92 -8.30 -57.21
C LEU N 150 62.01 -8.91 -55.83
N ASP N 151 62.43 -8.11 -54.86
CA ASP N 151 62.46 -8.53 -53.47
C ASP N 151 63.22 -9.84 -53.32
N PRO N 152 64.52 -9.84 -53.59
CA PRO N 152 65.30 -11.07 -53.45
C PRO N 152 65.22 -11.60 -52.03
N ALA N 153 65.15 -12.93 -51.93
CA ALA N 153 65.06 -13.58 -50.63
C ALA N 153 66.35 -13.40 -49.85
N GLY N 154 66.20 -13.24 -48.54
CA GLY N 154 67.33 -13.03 -47.66
C GLY N 154 67.86 -14.30 -47.03
N PRO N 155 66.98 -15.12 -46.45
CA PRO N 155 67.44 -16.30 -45.72
C PRO N 155 68.24 -17.23 -46.60
N ASN N 156 69.27 -17.83 -46.01
CA ASN N 156 70.10 -18.83 -46.68
C ASN N 156 70.77 -18.27 -47.93
N PHE N 157 70.81 -16.94 -48.06
CA PHE N 157 71.51 -16.30 -49.16
C PHE N 157 72.48 -15.22 -48.68
N GLU N 158 72.22 -14.60 -47.54
CA GLU N 158 73.23 -13.76 -46.93
C GLU N 158 74.41 -14.61 -46.49
N TYR N 159 75.57 -13.98 -46.42
CA TYR N 159 76.81 -14.70 -46.12
C TYR N 159 77.05 -15.81 -47.14
N ALA N 160 76.82 -15.48 -48.42
CA ALA N 160 76.97 -16.42 -49.51
C ALA N 160 77.85 -15.81 -50.59
N GLU N 161 77.91 -16.47 -51.75
CA GLU N 161 78.73 -16.04 -52.87
C GLU N 161 77.90 -16.04 -54.14
N ALA N 162 78.50 -15.54 -55.21
CA ALA N 162 77.82 -15.46 -56.50
C ALA N 162 77.23 -16.78 -56.98
N PRO N 163 77.95 -17.90 -56.93
CA PRO N 163 77.36 -19.14 -57.45
C PRO N 163 76.07 -19.53 -56.72
N SER N 164 75.96 -19.22 -55.44
CA SER N 164 74.82 -19.62 -54.64
C SER N 164 73.78 -18.52 -54.48
N ARG N 165 73.99 -17.34 -55.06
CA ARG N 165 73.03 -16.27 -54.94
C ARG N 165 73.19 -15.32 -56.10
N LEU N 166 72.20 -14.46 -56.28
CA LEU N 166 72.24 -13.48 -57.35
C LEU N 166 73.48 -12.60 -57.22
N SER N 167 74.15 -12.37 -58.33
CA SER N 167 75.39 -11.60 -58.36
C SER N 167 75.35 -10.63 -59.53
N PRO N 168 76.08 -9.52 -59.45
CA PRO N 168 76.11 -8.58 -60.59
C PRO N 168 76.65 -9.20 -61.86
N ASP N 169 77.57 -10.15 -61.74
CA ASP N 169 78.15 -10.79 -62.91
C ASP N 169 77.24 -11.83 -63.54
N ASP N 170 76.13 -12.16 -62.89
CA ASP N 170 75.21 -13.16 -63.43
C ASP N 170 74.59 -12.71 -64.75
N ALA N 171 74.66 -11.43 -65.08
CA ALA N 171 74.06 -10.92 -66.29
C ALA N 171 74.69 -9.58 -66.64
N ASP N 172 74.39 -9.11 -67.85
CA ASP N 172 74.96 -7.85 -68.31
C ASP N 172 74.52 -6.69 -67.42
N PHE N 173 73.24 -6.64 -67.09
CA PHE N 173 72.69 -5.59 -66.24
C PHE N 173 71.74 -6.24 -65.24
N VAL N 174 71.59 -5.59 -64.09
CA VAL N 174 70.76 -6.12 -63.02
C VAL N 174 70.26 -4.97 -62.17
N ASP N 175 69.07 -5.15 -61.60
CA ASP N 175 68.50 -4.20 -60.66
C ASP N 175 67.50 -4.93 -59.78
N VAL N 176 67.46 -4.54 -58.50
CA VAL N 176 66.60 -5.18 -57.52
C VAL N 176 65.79 -4.11 -56.80
N LEU N 177 64.67 -4.53 -56.24
CA LEU N 177 63.74 -3.66 -55.53
C LEU N 177 63.68 -4.12 -54.08
N HIS N 178 64.58 -3.58 -53.25
CA HIS N 178 64.61 -3.92 -51.84
C HIS N 178 63.43 -3.28 -51.12
N THR N 179 62.28 -3.95 -51.15
CA THR N 179 61.04 -3.39 -50.64
C THR N 179 60.79 -3.75 -49.17
N PHE N 180 61.68 -4.51 -48.55
CA PHE N 180 61.47 -4.92 -47.16
C PHE N 180 62.78 -5.40 -46.58
N THR N 181 63.23 -4.77 -45.49
CA THR N 181 64.48 -5.15 -44.86
C THR N 181 64.41 -5.08 -43.33
N ARG N 182 63.25 -4.81 -42.75
CA ARG N 182 63.18 -4.65 -41.31
C ARG N 182 63.55 -5.96 -40.61
N GLY N 183 64.36 -5.85 -39.57
CA GLY N 183 64.80 -6.98 -38.79
C GLY N 183 66.31 -7.01 -38.67
N SER N 184 66.78 -8.00 -37.91
CA SER N 184 68.21 -8.14 -37.70
C SER N 184 68.89 -8.58 -38.99
N PRO N 185 70.17 -8.25 -39.16
CA PRO N 185 70.90 -8.73 -40.35
C PRO N 185 70.89 -10.25 -40.42
N GLY N 186 70.74 -10.76 -41.64
CA GLY N 186 70.78 -12.19 -41.87
C GLY N 186 69.51 -12.93 -41.50
N ARG N 187 68.52 -12.24 -40.94
CA ARG N 187 67.26 -12.87 -40.58
C ARG N 187 66.04 -12.20 -41.21
N SER N 188 66.15 -10.96 -41.66
CA SER N 188 65.07 -10.34 -42.38
C SER N 188 64.84 -11.08 -43.70
N ILE N 189 63.58 -11.21 -44.08
CA ILE N 189 63.26 -11.95 -45.30
C ILE N 189 63.95 -11.32 -46.50
N GLY N 190 63.95 -9.99 -46.57
CA GLY N 190 64.54 -9.30 -47.69
C GLY N 190 66.01 -9.01 -47.48
N ILE N 191 66.84 -9.54 -48.38
CA ILE N 191 68.27 -9.28 -48.29
C ILE N 191 68.52 -7.79 -48.32
N GLN N 192 69.41 -7.33 -47.46
CA GLN N 192 69.78 -5.92 -47.38
C GLN N 192 71.11 -5.61 -48.03
N LYS N 193 71.99 -6.60 -48.18
CA LYS N 193 73.26 -6.35 -48.85
C LYS N 193 73.01 -6.04 -50.32
N PRO N 194 73.55 -4.95 -50.84
CA PRO N 194 73.33 -4.64 -52.26
C PRO N 194 73.93 -5.73 -53.15
N VAL N 195 73.25 -6.02 -54.24
CA VAL N 195 73.61 -7.13 -55.11
C VAL N 195 73.92 -6.66 -56.52
N GLY N 196 73.01 -5.91 -57.13
CA GLY N 196 73.15 -5.53 -58.51
C GLY N 196 73.99 -4.28 -58.68
N HIS N 197 74.17 -3.92 -59.96
CA HIS N 197 74.87 -2.69 -60.28
C HIS N 197 74.18 -1.48 -59.67
N VAL N 198 72.84 -1.47 -59.72
CA VAL N 198 72.03 -0.44 -59.10
C VAL N 198 70.93 -1.12 -58.31
N ASP N 199 70.70 -0.65 -57.09
CA ASP N 199 69.67 -1.19 -56.21
C ASP N 199 68.75 -0.07 -55.74
N ILE N 200 67.51 -0.42 -55.47
CA ILE N 200 66.47 0.54 -55.12
C ILE N 200 65.90 0.15 -53.76
N TYR N 201 65.80 1.13 -52.86
CA TYR N 201 65.35 0.91 -51.49
C TYR N 201 64.21 1.88 -51.20
N PRO N 202 63.03 1.63 -51.77
CA PRO N 202 61.91 2.55 -51.55
C PRO N 202 61.54 2.63 -50.08
N ASN N 203 61.27 3.85 -49.63
CA ASN N 203 60.87 4.12 -48.24
C ASN N 203 61.95 3.71 -47.24
N GLY N 204 63.13 3.34 -47.71
CA GLY N 204 64.18 2.83 -46.86
C GLY N 204 64.08 1.35 -46.59
N GLY N 205 63.03 0.69 -47.05
CA GLY N 205 62.87 -0.74 -46.86
C GLY N 205 62.32 -1.14 -45.52
N THR N 206 62.08 -0.19 -44.60
CA THR N 206 61.56 -0.54 -43.30
C THR N 206 60.17 -1.17 -43.39
N PHE N 207 59.31 -0.58 -44.23
CA PHE N 207 57.94 -1.05 -44.39
C PHE N 207 57.32 -0.26 -45.54
N GLN N 208 56.02 -0.46 -45.76
CA GLN N 208 55.28 0.28 -46.76
C GLN N 208 53.99 0.83 -46.17
N PRO N 209 53.46 1.92 -46.73
CA PRO N 209 52.32 2.57 -46.10
C PRO N 209 50.99 1.91 -46.41
N GLY N 210 50.87 1.29 -47.58
CA GLY N 210 49.59 0.77 -48.02
C GLY N 210 49.17 -0.49 -47.27
N CYS N 211 49.13 -0.40 -45.96
CA CYS N 211 48.75 -1.52 -45.11
C CYS N 211 48.59 -1.02 -43.68
N ASN N 212 48.32 -1.93 -42.76
CA ASN N 212 48.02 -1.60 -41.37
C ASN N 212 48.68 -2.64 -40.49
N ILE N 213 48.28 -2.69 -39.22
CA ILE N 213 48.83 -3.67 -38.30
C ILE N 213 48.61 -5.08 -38.85
N GLY N 214 47.42 -5.36 -39.36
CA GLY N 214 47.14 -6.64 -39.98
C GLY N 214 46.58 -7.68 -39.04
N GLU N 215 47.42 -8.61 -38.62
CA GLU N 215 46.98 -9.73 -37.80
C GLU N 215 46.52 -9.24 -36.42
N ALA N 216 45.21 -9.27 -36.18
CA ALA N 216 44.69 -8.88 -34.88
C ALA N 216 45.00 -9.93 -33.83
N LEU N 217 44.80 -11.20 -34.15
CA LEU N 217 45.08 -12.28 -33.22
C LEU N 217 45.41 -13.54 -34.01
N ARG N 218 46.05 -14.50 -33.34
CA ARG N 218 46.48 -15.71 -34.02
C ARG N 218 45.30 -16.49 -34.58
N VAL N 219 44.22 -16.62 -33.79
CA VAL N 219 43.08 -17.44 -34.18
C VAL N 219 41.96 -16.58 -34.78
N ILE N 220 41.67 -15.43 -34.17
CA ILE N 220 40.56 -14.60 -34.64
C ILE N 220 40.85 -14.09 -36.05
N ALA N 221 42.06 -13.59 -36.28
CA ALA N 221 42.45 -13.08 -37.58
C ALA N 221 42.89 -14.25 -38.46
N GLU N 222 43.49 -13.94 -39.62
CA GLU N 222 43.89 -14.93 -40.61
C GLU N 222 45.37 -14.73 -40.92
N ARG N 223 46.24 -15.38 -40.16
CA ARG N 223 47.68 -15.24 -40.35
C ARG N 223 48.04 -15.57 -41.80
N GLY N 224 47.82 -16.81 -42.19
CA GLY N 224 47.96 -17.22 -43.58
C GLY N 224 46.63 -17.77 -44.09
N LEU N 225 45.55 -17.47 -43.36
CA LEU N 225 44.23 -17.99 -43.71
C LEU N 225 43.54 -17.05 -44.70
N GLY N 226 44.23 -16.72 -45.78
CA GLY N 226 43.72 -15.73 -46.70
C GLY N 226 43.38 -14.45 -45.97
N ASP N 227 42.31 -13.79 -46.41
CA ASP N 227 41.79 -12.61 -45.74
C ASP N 227 42.89 -11.60 -45.45
N VAL N 228 43.39 -11.58 -44.21
CA VAL N 228 44.41 -10.60 -43.82
C VAL N 228 45.82 -11.09 -44.06
N ASP N 229 45.99 -12.27 -44.68
CA ASP N 229 47.32 -12.72 -45.05
C ASP N 229 47.95 -11.77 -46.06
N GLN N 230 47.17 -11.30 -47.04
CA GLN N 230 47.67 -10.33 -47.99
C GLN N 230 48.09 -9.04 -47.28
N LEU N 231 47.29 -8.59 -46.33
CA LEU N 231 47.66 -7.41 -45.55
C LEU N 231 48.96 -7.64 -44.80
N VAL N 232 49.16 -8.84 -44.25
CA VAL N 232 50.43 -9.16 -43.61
C VAL N 232 51.56 -9.06 -44.62
N LYS N 233 51.32 -9.50 -45.86
CA LYS N 233 52.28 -9.32 -46.95
C LYS N 233 52.13 -7.91 -47.51
N CYS N 234 52.52 -6.95 -46.67
CA CYS N 234 52.32 -5.54 -46.98
C CYS N 234 53.27 -5.09 -48.09
N SER N 235 54.53 -5.50 -48.02
CA SER N 235 55.57 -4.96 -48.87
C SER N 235 56.09 -5.97 -49.89
N HIS N 236 56.02 -7.26 -49.55
CA HIS N 236 56.63 -8.28 -50.41
C HIS N 236 56.03 -8.25 -51.81
N GLU N 237 54.77 -7.85 -51.93
CA GLU N 237 54.13 -7.67 -53.24
C GLU N 237 54.18 -6.23 -53.71
N ARG N 238 54.56 -5.30 -52.85
CA ARG N 238 54.69 -3.91 -53.27
C ARG N 238 55.75 -3.76 -54.33
N SER N 239 56.77 -4.63 -54.33
CA SER N 239 57.76 -4.60 -55.39
C SER N 239 57.12 -4.80 -56.75
N VAL N 240 56.33 -5.87 -56.87
CA VAL N 240 55.73 -6.19 -58.16
C VAL N 240 54.68 -5.16 -58.53
N HIS N 241 53.95 -4.65 -57.53
CA HIS N 241 52.97 -3.62 -57.83
C HIS N 241 53.65 -2.35 -58.34
N LEU N 242 54.79 -1.99 -57.73
CA LEU N 242 55.55 -0.83 -58.21
C LEU N 242 56.04 -1.06 -59.63
N PHE N 243 56.55 -2.27 -59.91
CA PHE N 243 57.07 -2.55 -61.24
C PHE N 243 55.96 -2.46 -62.28
N ILE N 244 54.78 -3.01 -61.97
CA ILE N 244 53.70 -3.00 -62.94
C ILE N 244 53.18 -1.58 -63.13
N ASP N 245 53.14 -0.79 -62.06
CA ASP N 245 52.71 0.60 -62.18
C ASP N 245 53.66 1.37 -63.07
N SER N 246 54.97 1.18 -62.87
CA SER N 246 55.94 1.86 -63.72
C SER N 246 55.80 1.41 -65.16
N LEU N 247 55.59 0.11 -65.37
CA LEU N 247 55.44 -0.40 -66.72
C LEU N 247 54.24 0.22 -67.41
N LEU N 248 53.13 0.33 -66.68
CA LEU N 248 51.92 0.91 -67.28
C LEU N 248 52.09 2.39 -67.55
N ASN N 249 52.68 3.13 -66.61
CA ASN N 249 52.88 4.57 -66.78
C ASN N 249 54.29 4.84 -67.30
N GLU N 250 54.47 4.56 -68.59
CA GLU N 250 55.77 4.78 -69.24
C GLU N 250 56.07 6.25 -69.44
N GLU N 251 55.04 7.09 -69.56
CA GLU N 251 55.27 8.49 -69.92
C GLU N 251 55.97 9.26 -68.82
N ASN N 252 55.64 8.99 -67.55
CA ASN N 252 56.16 9.76 -66.42
C ASN N 252 56.73 8.82 -65.37
N PRO N 253 57.89 8.23 -65.64
CA PRO N 253 58.50 7.33 -64.66
C PRO N 253 58.89 8.08 -63.39
N SER N 254 58.83 7.36 -62.28
CA SER N 254 59.31 7.90 -61.01
C SER N 254 60.84 7.93 -61.03
N LYS N 255 61.41 9.00 -60.48
CA LYS N 255 62.85 9.21 -60.51
C LYS N 255 63.42 8.92 -59.12
N ALA N 256 63.86 7.69 -58.91
CA ALA N 256 64.57 7.34 -57.69
C ALA N 256 65.93 8.01 -57.66
N TYR N 257 66.39 8.34 -56.46
CA TYR N 257 67.59 9.14 -56.28
C TYR N 257 68.70 8.30 -55.68
N ARG N 258 69.94 8.70 -55.99
CA ARG N 258 71.13 8.02 -55.52
C ARG N 258 71.75 8.81 -54.37
N CYS N 259 72.19 8.10 -53.34
CA CYS N 259 72.66 8.74 -52.13
C CYS N 259 73.70 7.85 -51.47
N ASN N 260 74.00 8.16 -50.21
CA ASN N 260 74.97 7.41 -49.43
C ASN N 260 74.34 6.55 -48.35
N SER N 261 73.24 7.00 -47.75
CA SER N 261 72.60 6.24 -46.69
C SER N 261 71.17 6.73 -46.54
N LYS N 262 70.35 5.90 -45.89
CA LYS N 262 68.94 6.24 -45.72
C LYS N 262 68.79 7.49 -44.87
N GLU N 263 69.59 7.63 -43.82
CA GLU N 263 69.52 8.82 -42.99
C GLU N 263 69.93 10.05 -43.78
N ALA N 264 70.99 9.92 -44.59
CA ALA N 264 71.41 11.05 -45.42
C ALA N 264 70.31 11.47 -46.37
N PHE N 265 69.63 10.49 -46.98
CA PHE N 265 68.51 10.83 -47.87
C PHE N 265 67.38 11.49 -47.11
N GLU N 266 67.06 11.00 -45.91
CA GLU N 266 66.02 11.62 -45.12
C GLU N 266 66.36 13.07 -44.80
N LYS N 267 67.63 13.34 -44.49
CA LYS N 267 68.05 14.71 -44.26
C LYS N 267 67.89 15.54 -45.51
N GLY N 268 68.24 14.98 -46.67
CA GLY N 268 68.03 15.64 -47.93
C GLY N 268 69.21 16.40 -48.48
N LEU N 269 70.43 15.89 -48.30
CA LEU N 269 71.62 16.53 -48.80
C LEU N 269 72.18 15.84 -50.03
N CYS N 270 71.50 14.83 -50.55
CA CYS N 270 72.04 13.92 -51.56
C CYS N 270 71.02 13.68 -52.67
N LEU N 271 70.43 14.75 -53.19
CA LEU N 271 69.44 14.67 -54.26
C LEU N 271 69.97 15.12 -55.61
N SER N 272 70.76 16.18 -55.65
CA SER N 272 71.27 16.68 -56.92
C SER N 272 72.05 15.60 -57.63
N CYS N 273 71.74 15.41 -58.92
CA CYS N 273 72.39 14.39 -59.74
C CYS N 273 72.88 15.07 -61.02
N ARG N 274 74.07 15.68 -60.95
CA ARG N 274 74.71 16.23 -62.13
C ARG N 274 75.37 15.13 -62.95
N LYS N 275 75.97 14.16 -62.27
CA LYS N 275 76.60 13.03 -62.92
C LYS N 275 75.55 11.95 -63.18
N ASN N 276 76.00 10.75 -63.56
CA ASN N 276 75.08 9.65 -63.86
C ASN N 276 74.53 9.10 -62.56
N ARG N 277 73.61 9.85 -61.96
CA ARG N 277 72.92 9.45 -60.75
C ARG N 277 71.43 9.65 -60.94
N CYS N 278 70.67 9.31 -59.90
CA CYS N 278 69.23 9.54 -59.87
C CYS N 278 68.54 8.96 -61.10
N ASN N 279 68.98 7.77 -61.51
CA ASN N 279 68.41 7.16 -62.69
C ASN N 279 66.97 6.73 -62.43
N ASN N 280 66.26 6.47 -63.52
CA ASN N 280 64.86 6.07 -63.45
C ASN N 280 64.72 4.71 -62.78
N MET N 281 63.50 4.32 -62.44
CA MET N 281 63.22 3.03 -61.84
C MET N 281 62.13 2.35 -62.65
N GLY N 282 62.28 1.05 -62.87
CA GLY N 282 61.34 0.28 -63.64
C GLY N 282 61.90 -0.14 -64.98
N TYR N 283 60.99 -0.34 -65.95
CA TYR N 283 61.41 -0.78 -67.27
C TYR N 283 62.28 0.26 -67.96
N GLU N 284 61.93 1.53 -67.83
CA GLU N 284 62.66 2.61 -68.48
C GLU N 284 63.93 2.99 -67.75
N ILE N 285 64.40 2.15 -66.83
CA ILE N 285 65.67 2.40 -66.17
C ILE N 285 66.77 2.56 -67.21
N ASN N 286 67.72 3.45 -66.92
CA ASN N 286 68.85 3.67 -67.81
C ASN N 286 69.95 2.67 -67.48
N LYS N 287 70.38 1.91 -68.48
CA LYS N 287 71.42 0.92 -68.29
C LYS N 287 72.74 1.61 -68.01
N VAL N 288 73.33 1.29 -66.86
CA VAL N 288 74.55 1.95 -66.42
C VAL N 288 75.37 0.94 -65.62
N ARG N 289 76.69 1.12 -65.65
CA ARG N 289 77.61 0.30 -64.87
C ARG N 289 78.27 1.16 -63.82
N ALA N 290 78.49 0.58 -62.64
CA ALA N 290 79.09 1.27 -61.51
C ALA N 290 80.29 0.49 -61.02
N LYS N 291 81.25 1.22 -60.44
CA LYS N 291 82.46 0.58 -59.92
C LYS N 291 82.19 -0.20 -58.65
N ARG N 292 81.02 -0.01 -58.03
CA ARG N 292 80.69 -0.69 -56.79
C ARG N 292 79.18 -0.62 -56.58
N SER N 293 78.74 -1.18 -55.45
CA SER N 293 77.34 -1.09 -55.08
C SER N 293 76.91 0.36 -54.98
N SER N 294 75.76 0.66 -55.58
CA SER N 294 75.22 2.02 -55.62
C SER N 294 73.80 2.00 -55.04
N LYS N 295 73.69 2.37 -53.77
CA LYS N 295 72.38 2.43 -53.13
C LYS N 295 71.59 3.62 -53.67
N MET N 296 70.27 3.55 -53.46
CA MET N 296 69.37 4.61 -53.90
C MET N 296 68.19 4.66 -52.95
N TYR N 297 67.40 5.72 -53.06
CA TYR N 297 66.25 5.92 -52.19
C TYR N 297 65.20 6.74 -52.92
N LEU N 298 63.97 6.68 -52.40
CA LEU N 298 62.87 7.49 -52.90
C LEU N 298 61.68 7.24 -51.98
N LYS N 299 60.57 7.89 -52.31
CA LYS N 299 59.30 7.72 -51.60
C LYS N 299 58.22 7.34 -52.61
N THR N 300 56.99 7.24 -52.12
CA THR N 300 55.89 6.77 -52.95
C THR N 300 54.56 7.11 -52.29
N ARG N 301 53.51 7.05 -53.10
CA ARG N 301 52.15 7.20 -52.61
C ARG N 301 51.69 5.89 -52.00
N SER N 302 50.39 5.77 -51.72
CA SER N 302 49.91 4.60 -51.01
C SER N 302 49.94 3.35 -51.86
N GLN N 303 49.08 3.26 -52.89
CA GLN N 303 49.10 2.07 -53.73
C GLN N 303 48.99 2.33 -55.22
N MET N 304 48.08 3.22 -55.65
CA MET N 304 47.70 3.16 -57.05
C MET N 304 48.69 3.84 -57.98
N PRO N 305 48.92 5.16 -57.89
CA PRO N 305 49.74 5.80 -58.92
C PRO N 305 51.22 5.79 -58.59
N TYR N 306 51.52 5.79 -57.29
CA TYR N 306 52.88 6.04 -56.83
C TYR N 306 53.39 7.34 -57.47
N LYS N 307 54.66 7.39 -57.84
CA LYS N 307 55.19 8.52 -58.61
C LYS N 307 54.99 9.83 -57.85
N VAL N 308 55.73 9.93 -56.76
CA VAL N 308 55.72 11.13 -55.94
C VAL N 308 56.91 12.01 -56.32
N PHE N 309 56.89 13.25 -55.85
CA PHE N 309 57.94 14.22 -56.14
C PHE N 309 58.92 14.30 -54.97
N HIS N 310 59.85 15.24 -55.06
CA HIS N 310 60.84 15.48 -54.00
C HIS N 310 61.27 16.94 -54.06
N TYR N 311 61.07 17.66 -52.96
CA TYR N 311 61.27 19.11 -52.92
C TYR N 311 62.04 19.51 -51.67
N GLN N 312 63.18 18.86 -51.41
CA GLN N 312 63.92 19.11 -50.18
C GLN N 312 64.15 20.60 -49.99
N VAL N 313 64.28 21.01 -48.73
CA VAL N 313 64.28 22.42 -48.35
C VAL N 313 65.45 22.71 -47.42
N LYS N 314 65.88 23.97 -47.43
CA LYS N 314 66.86 24.49 -46.48
C LYS N 314 66.30 25.75 -45.83
N ILE N 315 66.66 25.97 -44.57
CA ILE N 315 66.22 27.14 -43.82
C ILE N 315 67.44 27.84 -43.23
N HIS N 316 67.52 29.15 -43.41
CA HIS N 316 68.57 29.97 -42.80
C HIS N 316 68.01 30.65 -41.56
N PHE N 317 67.74 29.83 -40.55
CA PHE N 317 67.26 30.37 -39.28
C PHE N 317 68.24 31.39 -38.73
N SER N 318 67.72 32.56 -38.34
CA SER N 318 68.55 33.62 -37.79
C SER N 318 67.65 34.51 -36.94
N GLY N 319 67.72 34.35 -35.63
CA GLY N 319 66.89 35.12 -34.72
C GLY N 319 67.68 35.77 -33.61
N THR N 320 66.98 36.32 -32.62
CA THR N 320 67.61 37.01 -31.50
C THR N 320 67.71 36.13 -30.26
N GLU N 321 66.60 35.54 -29.84
CA GLU N 321 66.61 34.73 -28.63
C GLU N 321 67.36 33.43 -28.89
N SER N 322 68.28 33.09 -27.99
CA SER N 322 69.21 31.99 -28.21
C SER N 322 68.94 30.79 -27.31
N ASN N 323 67.68 30.55 -26.95
CA ASN N 323 67.32 29.37 -26.17
C ASN N 323 67.01 28.23 -27.13
N THR N 324 67.91 27.25 -27.19
CA THR N 324 67.75 26.13 -28.10
C THR N 324 66.57 25.26 -27.70
N TYR N 325 65.87 24.75 -28.71
CA TYR N 325 64.76 23.83 -28.52
C TYR N 325 64.98 22.58 -29.36
N THR N 326 64.31 21.50 -28.98
CA THR N 326 64.51 20.20 -29.61
C THR N 326 63.17 19.51 -29.77
N ASN N 327 63.12 18.59 -30.74
CA ASN N 327 61.95 17.75 -30.99
C ASN N 327 60.69 18.60 -31.15
N GLN N 328 60.70 19.43 -32.18
CA GLN N 328 59.58 20.29 -32.51
C GLN N 328 59.05 19.93 -33.90
N ALA N 329 57.75 20.14 -34.08
CA ALA N 329 57.08 19.78 -35.32
C ALA N 329 56.87 21.03 -36.16
N PHE N 330 57.34 20.98 -37.40
CA PHE N 330 57.15 22.06 -38.35
C PHE N 330 56.12 21.64 -39.40
N GLU N 331 55.16 22.51 -39.67
CA GLU N 331 54.15 22.27 -40.69
C GLU N 331 54.32 23.34 -41.76
N ILE N 332 54.33 22.90 -43.02
CA ILE N 332 54.45 23.81 -44.16
C ILE N 332 53.46 23.38 -45.23
N SER N 333 53.19 24.31 -46.14
CA SER N 333 52.31 24.04 -47.28
C SER N 333 52.79 24.90 -48.45
N LEU N 334 52.45 24.45 -49.65
CA LEU N 334 52.93 25.10 -50.86
C LEU N 334 51.82 25.17 -51.90
N TYR N 335 51.88 26.20 -52.73
CA TYR N 335 50.95 26.42 -53.83
C TYR N 335 51.75 26.66 -55.10
N GLY N 336 51.25 26.13 -56.22
CA GLY N 336 51.97 26.17 -57.47
C GLY N 336 51.15 26.70 -58.62
N THR N 337 51.30 26.05 -59.77
CA THR N 337 50.64 26.47 -61.00
C THR N 337 49.80 25.36 -61.62
N VAL N 338 49.70 24.20 -60.97
CA VAL N 338 48.87 23.10 -61.43
C VAL N 338 47.92 22.64 -60.33
N ALA N 339 48.45 22.36 -59.15
CA ALA N 339 47.65 22.04 -57.97
C ALA N 339 48.41 22.53 -56.75
N GLU N 340 47.95 22.13 -55.57
CA GLU N 340 48.57 22.61 -54.34
C GLU N 340 48.24 21.65 -53.19
N SER N 341 49.24 21.40 -52.36
CA SER N 341 49.04 20.70 -51.10
C SER N 341 48.67 21.71 -50.01
N GLU N 342 48.05 21.20 -48.93
CA GLU N 342 47.46 22.08 -47.93
C GLU N 342 48.10 21.95 -46.55
N ASN N 343 48.18 20.75 -46.00
CA ASN N 343 48.55 20.57 -44.60
C ASN N 343 49.57 19.45 -44.43
N ILE N 344 50.64 19.48 -45.23
CA ILE N 344 51.67 18.46 -45.13
C ILE N 344 52.60 18.81 -43.97
N PRO N 345 52.80 17.92 -43.00
CA PRO N 345 53.70 18.18 -41.89
C PRO N 345 55.10 17.62 -42.13
N PHE N 346 56.00 17.95 -41.19
CA PHE N 346 57.31 17.34 -41.16
C PHE N 346 57.95 17.66 -39.81
N THR N 347 59.08 17.02 -39.55
CA THR N 347 59.76 17.11 -38.25
C THR N 347 61.19 17.59 -38.44
N LEU N 348 61.66 18.32 -37.43
CA LEU N 348 63.03 18.85 -37.43
C LEU N 348 63.47 19.16 -36.01
N PRO N 349 64.17 18.24 -35.34
CA PRO N 349 64.61 18.51 -33.97
C PRO N 349 65.82 19.43 -33.93
N GLU N 350 66.38 19.64 -32.74
CA GLU N 350 67.66 20.31 -32.55
C GLU N 350 67.68 21.69 -33.22
N VAL N 351 66.57 22.40 -33.13
CA VAL N 351 66.46 23.73 -33.71
C VAL N 351 67.33 24.69 -32.90
N SER N 352 68.07 25.56 -33.60
CA SER N 352 68.95 26.52 -32.95
C SER N 352 68.85 27.84 -33.70
N THR N 353 69.81 28.73 -33.44
CA THR N 353 69.86 30.05 -34.04
C THR N 353 71.17 30.25 -34.79
N ASN N 354 71.18 31.23 -35.68
CA ASN N 354 72.35 31.56 -36.49
C ASN N 354 72.87 30.33 -37.23
N LYS N 355 72.00 29.34 -37.43
CA LYS N 355 72.37 28.07 -38.02
C LYS N 355 71.41 27.72 -39.13
N THR N 356 71.90 26.97 -40.11
CA THR N 356 71.11 26.55 -41.25
C THR N 356 70.76 25.07 -41.10
N TYR N 357 69.53 24.73 -41.48
CA TYR N 357 69.00 23.38 -41.39
C TYR N 357 68.46 22.97 -42.75
N SER N 358 68.09 21.70 -42.85
CA SER N 358 67.53 21.17 -44.07
C SER N 358 66.74 19.92 -43.74
N PHE N 359 65.87 19.52 -44.68
CA PHE N 359 65.07 18.34 -44.49
C PHE N 359 64.52 17.92 -45.85
N LEU N 360 63.88 16.75 -45.87
CA LEU N 360 63.29 16.20 -47.07
C LEU N 360 61.77 16.26 -46.95
N LEU N 361 61.13 16.74 -48.01
CA LEU N 361 59.68 16.79 -48.10
C LEU N 361 59.23 16.06 -49.36
N TYR N 362 58.05 15.44 -49.28
CA TYR N 362 57.45 14.78 -50.43
C TYR N 362 55.99 15.17 -50.54
N THR N 363 55.52 15.26 -51.78
CA THR N 363 54.12 15.48 -52.08
C THR N 363 53.68 14.47 -53.11
N GLU N 364 52.36 14.23 -53.15
CA GLU N 364 51.79 13.18 -53.99
C GLU N 364 50.89 13.76 -55.08
N VAL N 365 51.08 15.03 -55.43
CA VAL N 365 50.31 15.67 -56.47
C VAL N 365 51.24 16.54 -57.31
N ASP N 366 51.03 16.55 -58.62
CA ASP N 366 51.83 17.38 -59.50
C ASP N 366 51.54 18.86 -59.23
N ILE N 367 52.60 19.66 -59.21
CA ILE N 367 52.49 21.07 -58.85
C ILE N 367 53.13 21.94 -59.91
N GLY N 368 54.02 21.37 -60.71
CA GLY N 368 54.79 22.18 -61.63
C GLY N 368 55.63 23.19 -60.85
N GLU N 369 55.49 24.46 -61.21
CA GLU N 369 56.19 25.51 -60.50
C GLU N 369 55.53 25.76 -59.15
N LEU N 370 56.15 26.61 -58.35
CA LEU N 370 55.69 26.91 -57.00
C LEU N 370 55.87 28.40 -56.73
N LEU N 371 54.80 29.02 -56.21
CA LEU N 371 54.76 30.47 -56.03
C LEU N 371 55.00 30.88 -54.59
N MET N 372 54.17 30.41 -53.68
CA MET N 372 54.19 30.85 -52.29
C MET N 372 54.29 29.63 -51.37
N LEU N 373 54.58 29.91 -50.10
CA LEU N 373 54.88 28.87 -49.14
C LEU N 373 54.25 29.21 -47.79
N LYS N 374 53.99 28.17 -47.01
CA LYS N 374 53.46 28.30 -45.66
C LYS N 374 54.44 27.67 -44.68
N LEU N 375 54.58 28.29 -43.51
CA LEU N 375 55.58 27.87 -42.54
C LEU N 375 55.00 27.89 -41.13
N LYS N 376 53.81 27.32 -40.97
CA LYS N 376 53.18 27.29 -39.65
C LYS N 376 53.99 26.42 -38.70
N TRP N 377 53.95 26.79 -37.41
CA TRP N 377 54.65 26.05 -36.37
C TRP N 377 53.63 25.65 -35.31
N ILE N 378 53.46 24.34 -35.14
CA ILE N 378 52.32 23.80 -34.42
C ILE N 378 52.65 23.69 -32.94
N SER N 379 51.60 23.55 -32.12
CA SER N 379 51.74 23.44 -30.68
C SER N 379 50.61 22.58 -30.14
N ASP N 380 50.80 22.11 -28.90
CA ASP N 380 49.80 21.32 -28.19
C ASP N 380 49.04 22.15 -27.15
N SER N 381 49.05 23.47 -27.32
CA SER N 381 48.36 24.40 -26.42
C SER N 381 47.45 25.32 -27.23
N TYR N 382 46.59 24.72 -28.07
CA TYR N 382 45.76 25.47 -29.01
C TYR N 382 45.00 26.60 -28.31
N PHE N 383 44.46 26.33 -27.14
CA PHE N 383 43.55 27.27 -26.50
C PHE N 383 44.27 28.57 -26.17
N SER N 384 43.50 29.57 -25.75
CA SER N 384 44.01 30.91 -25.56
C SER N 384 44.92 31.05 -24.34
N TRP N 385 45.27 29.94 -23.68
CA TRP N 385 46.27 30.01 -22.62
C TRP N 385 47.59 30.54 -23.16
N SER N 386 48.06 29.97 -24.27
CA SER N 386 49.33 30.32 -24.89
C SER N 386 49.12 31.18 -26.15
N ASN N 387 48.13 32.06 -26.12
CA ASN N 387 47.84 32.95 -27.23
C ASN N 387 48.29 34.37 -27.01
N TRP N 388 48.56 34.77 -25.76
CA TRP N 388 49.04 36.11 -25.46
C TRP N 388 50.47 36.13 -24.92
N TRP N 389 50.75 35.41 -23.83
CA TRP N 389 52.05 35.54 -23.20
C TRP N 389 53.17 35.11 -24.14
N SER N 390 54.31 35.76 -24.00
CA SER N 390 55.40 35.60 -24.97
C SER N 390 55.82 34.15 -25.08
N SER N 391 55.58 33.56 -26.23
CA SER N 391 56.02 32.23 -26.56
C SER N 391 57.26 32.28 -27.44
N PRO N 392 58.08 31.24 -27.44
CA PRO N 392 59.33 31.30 -28.22
C PRO N 392 59.06 31.56 -29.69
N GLY N 393 59.93 32.36 -30.30
CA GLY N 393 59.80 32.72 -31.70
C GLY N 393 61.14 32.95 -32.33
N PHE N 394 61.16 32.94 -33.65
CA PHE N 394 62.38 33.13 -34.42
C PHE N 394 62.09 34.11 -35.57
N ASP N 395 63.12 34.38 -36.36
CA ASP N 395 63.00 35.21 -37.55
C ASP N 395 63.45 34.41 -38.76
N ILE N 396 62.81 34.67 -39.90
CA ILE N 396 63.06 33.96 -41.14
C ILE N 396 63.53 34.94 -42.19
N GLY N 397 64.62 34.59 -42.88
CA GLY N 397 65.12 35.39 -43.97
C GLY N 397 64.77 34.80 -45.31
N LYS N 398 65.72 34.09 -45.91
CA LYS N 398 65.52 33.47 -47.22
C LYS N 398 65.26 31.97 -47.06
N ILE N 399 64.79 31.35 -48.14
CA ILE N 399 64.54 29.92 -48.19
C ILE N 399 65.03 29.39 -49.53
N ARG N 400 65.67 28.22 -49.50
CA ARG N 400 66.41 27.72 -50.65
C ARG N 400 65.89 26.36 -51.11
N VAL N 401 64.58 26.22 -51.26
CA VAL N 401 64.03 24.97 -51.74
C VAL N 401 64.66 24.62 -53.08
N LYS N 402 64.75 23.33 -53.37
CA LYS N 402 65.35 22.84 -54.60
C LYS N 402 64.43 21.80 -55.21
N ALA N 403 63.96 22.06 -56.43
CA ALA N 403 63.12 21.10 -57.11
C ALA N 403 63.91 19.87 -57.49
N GLY N 404 63.30 18.70 -57.31
CA GLY N 404 63.99 17.44 -57.54
C GLY N 404 64.13 17.08 -59.00
N GLU N 405 63.01 16.82 -59.68
CA GLU N 405 63.08 16.33 -61.05
C GLU N 405 63.83 17.30 -61.94
N THR N 406 63.56 18.59 -61.79
CA THR N 406 64.28 19.64 -62.49
C THR N 406 65.07 20.45 -61.47
N GLN N 407 66.37 20.60 -61.71
CA GLN N 407 67.23 21.33 -60.80
C GLN N 407 66.91 22.83 -60.88
N LYS N 408 66.22 23.34 -59.88
CA LYS N 408 65.80 24.75 -59.85
C LYS N 408 66.09 25.29 -58.46
N LYS N 409 67.17 26.05 -58.32
CA LYS N 409 67.53 26.68 -57.05
C LYS N 409 66.70 27.95 -56.86
N VAL N 410 65.39 27.78 -56.84
CA VAL N 410 64.50 28.90 -56.61
C VAL N 410 64.73 29.44 -55.22
N ILE N 411 64.90 30.75 -55.12
CA ILE N 411 65.24 31.41 -53.87
C ILE N 411 63.96 32.03 -53.32
N PHE N 412 63.32 31.36 -52.38
CA PHE N 412 62.24 31.98 -51.64
C PHE N 412 62.78 33.06 -50.72
N CYS N 413 61.87 33.90 -50.23
CA CYS N 413 62.24 35.26 -49.86
C CYS N 413 61.19 35.80 -48.90
N SER N 414 61.58 36.01 -47.65
CA SER N 414 60.65 36.57 -46.68
C SER N 414 60.32 38.01 -47.06
N ARG N 415 59.18 38.48 -46.57
CA ARG N 415 58.75 39.83 -46.86
C ARG N 415 59.60 40.82 -46.07
N GLU N 416 59.33 42.10 -46.26
CA GLU N 416 60.18 43.13 -45.68
C GLU N 416 60.35 42.94 -44.17
N LYS N 417 59.25 42.80 -43.44
CA LYS N 417 59.34 42.65 -41.99
C LYS N 417 58.31 41.70 -41.42
N MET N 418 57.49 41.09 -42.26
CA MET N 418 56.24 40.48 -41.79
C MET N 418 56.43 38.97 -41.61
N SER N 419 57.44 38.58 -40.83
CA SER N 419 57.70 37.15 -40.67
C SER N 419 57.61 36.65 -39.23
N TYR N 420 58.57 37.06 -38.39
CA TYR N 420 58.60 36.74 -36.97
C TYR N 420 57.92 35.42 -36.64
N LEU N 421 58.37 34.32 -37.21
CA LEU N 421 57.71 33.04 -36.95
C LEU N 421 57.65 32.79 -35.45
N GLN N 422 56.48 32.39 -34.97
CA GLN N 422 56.26 32.15 -33.55
C GLN N 422 55.39 30.92 -33.36
N LYS N 423 55.56 30.26 -32.21
CA LYS N 423 54.76 29.09 -31.89
C LYS N 423 53.30 29.48 -31.77
N GLY N 424 52.43 28.57 -32.19
CA GLY N 424 51.00 28.81 -32.07
C GLY N 424 50.57 30.09 -32.75
N LYS N 425 51.07 30.32 -33.95
CA LYS N 425 50.80 31.55 -34.68
C LYS N 425 50.54 31.23 -36.14
N SER N 426 49.96 32.20 -36.84
CA SER N 426 49.71 32.04 -38.25
C SER N 426 51.03 31.81 -38.99
N PRO N 427 51.02 31.04 -40.08
CA PRO N 427 52.26 30.82 -40.82
C PRO N 427 52.82 32.12 -41.36
N VAL N 428 53.99 32.01 -41.98
CA VAL N 428 54.67 33.14 -42.61
C VAL N 428 54.68 32.90 -44.11
N ILE N 429 54.19 33.89 -44.86
CA ILE N 429 54.13 33.78 -46.30
C ILE N 429 55.50 34.02 -46.92
N PHE N 430 55.71 33.44 -48.09
CA PHE N 430 56.92 33.65 -48.86
C PHE N 430 56.56 33.65 -50.34
N VAL N 431 57.46 34.19 -51.16
CA VAL N 431 57.20 34.38 -52.58
C VAL N 431 58.50 34.17 -53.36
N LYS N 432 58.37 34.08 -54.68
CA LYS N 432 59.51 34.02 -55.57
C LYS N 432 60.19 35.38 -55.62
N CYS N 433 61.51 35.38 -55.77
CA CYS N 433 62.30 36.55 -55.43
C CYS N 433 63.67 36.45 -56.08
N HIS N 434 64.44 37.53 -55.97
CA HIS N 434 65.82 37.56 -56.41
C HIS N 434 65.93 37.39 -57.91
N ASP O 1 -28.67 52.66 -37.11
CA ASP O 1 -27.47 53.34 -37.60
C ASP O 1 -26.37 52.34 -37.90
N PHE O 2 -26.78 51.16 -38.37
CA PHE O 2 -25.84 50.08 -38.71
C PHE O 2 -26.25 49.43 -40.02
N ARG O 3 -26.64 50.26 -40.99
CA ARG O 3 -27.07 49.80 -42.30
C ARG O 3 -26.16 50.27 -43.43
N ASP O 4 -25.16 51.09 -43.13
CA ASP O 4 -24.21 51.57 -44.11
C ASP O 4 -22.83 50.95 -43.91
N ILE O 5 -22.81 49.69 -43.46
CA ILE O 5 -21.56 49.03 -43.12
C ILE O 5 -20.78 48.68 -44.39
N GLU O 6 -21.36 47.82 -45.23
CA GLU O 6 -20.78 47.48 -46.52
C GLU O 6 -19.33 47.00 -46.38
N SER O 7 -18.99 46.46 -45.21
CA SER O 7 -17.66 45.91 -44.98
C SER O 7 -17.81 44.83 -43.91
N LYS O 8 -17.85 43.57 -44.36
CA LYS O 8 -18.10 42.47 -43.44
C LYS O 8 -16.86 42.13 -42.64
N PHE O 9 -17.04 41.95 -41.34
CA PHE O 9 -15.99 41.57 -40.41
C PHE O 9 -16.02 40.06 -40.24
N ALA O 10 -14.93 39.39 -40.59
CA ALA O 10 -14.86 37.95 -40.48
C ALA O 10 -14.15 37.57 -39.18
N LEU O 11 -14.20 36.27 -38.85
CA LEU O 11 -13.59 35.76 -37.62
C LEU O 11 -13.14 34.33 -37.90
N ARG O 12 -11.85 34.19 -38.25
CA ARG O 12 -11.30 32.87 -38.53
C ARG O 12 -10.89 32.18 -37.24
N THR O 13 -10.49 30.93 -37.38
CA THR O 13 -10.01 30.13 -36.26
C THR O 13 -8.80 29.31 -36.70
N PRO O 14 -8.02 28.80 -35.74
CA PRO O 14 -6.80 28.06 -36.10
C PRO O 14 -7.05 26.92 -37.08
N GLU O 15 -8.20 26.26 -36.97
CA GLU O 15 -8.50 25.14 -37.88
C GLU O 15 -8.84 25.63 -39.27
N ASP O 16 -9.20 26.90 -39.43
CA ASP O 16 -9.54 27.47 -40.72
C ASP O 16 -8.93 28.87 -40.83
N THR O 17 -7.77 28.95 -41.48
CA THR O 17 -7.05 30.21 -41.64
C THR O 17 -7.10 30.69 -43.08
N ALA O 18 -7.99 30.13 -43.88
CA ALA O 18 -8.08 30.46 -45.30
C ALA O 18 -9.40 31.10 -45.68
N GLU O 19 -10.52 30.48 -45.31
CA GLU O 19 -11.84 30.91 -45.73
C GLU O 19 -12.58 31.56 -44.57
N ASP O 20 -13.19 32.70 -44.82
CA ASP O 20 -14.00 33.36 -43.80
C ASP O 20 -15.30 32.59 -43.60
N THR O 21 -15.54 32.18 -42.35
CA THR O 21 -16.69 31.36 -42.02
C THR O 21 -17.79 32.15 -41.32
N CYS O 22 -17.43 33.13 -40.51
CA CYS O 22 -18.38 33.89 -39.71
C CYS O 22 -18.58 35.28 -40.31
N HIS O 23 -19.56 36.00 -39.76
CA HIS O 23 -19.84 37.37 -40.18
C HIS O 23 -20.39 38.13 -38.97
N LEU O 24 -19.51 38.84 -38.28
CA LEU O 24 -19.88 39.59 -37.09
C LEU O 24 -20.57 40.89 -37.51
N ILE O 25 -21.85 40.78 -37.84
CA ILE O 25 -22.59 41.95 -38.32
C ILE O 25 -22.75 42.94 -37.16
N PRO O 26 -22.36 44.21 -37.34
CA PRO O 26 -22.54 45.18 -36.26
C PRO O 26 -24.02 45.34 -35.91
N GLY O 27 -24.28 45.58 -34.63
CA GLY O 27 -25.63 45.77 -34.15
C GLY O 27 -26.36 44.47 -33.91
N VAL O 28 -26.23 43.52 -34.83
CA VAL O 28 -26.86 42.22 -34.70
C VAL O 28 -26.00 41.39 -33.76
N THR O 29 -26.40 41.33 -32.50
CA THR O 29 -25.59 40.64 -31.50
C THR O 29 -25.56 39.14 -31.72
N GLU O 30 -26.42 38.61 -32.59
CA GLU O 30 -26.53 37.17 -32.75
C GLU O 30 -25.22 36.55 -33.20
N SER O 31 -24.44 37.29 -33.99
CA SER O 31 -23.21 36.73 -34.55
C SER O 31 -22.20 36.41 -33.45
N VAL O 32 -22.16 37.24 -32.42
CA VAL O 32 -21.20 37.03 -31.33
C VAL O 32 -21.44 35.69 -30.68
N ALA O 33 -22.70 35.37 -30.40
CA ALA O 33 -23.03 34.08 -29.82
C ALA O 33 -22.85 32.97 -30.84
N ASN O 34 -23.13 33.25 -32.11
CA ASN O 34 -22.99 32.23 -33.14
C ASN O 34 -21.56 31.74 -33.23
N CYS O 35 -20.60 32.65 -33.18
CA CYS O 35 -19.18 32.31 -33.30
C CYS O 35 -18.48 32.67 -32.01
N HIS O 36 -17.79 31.70 -31.42
CA HIS O 36 -17.20 31.88 -30.11
C HIS O 36 -16.25 33.07 -30.10
N PHE O 37 -16.34 33.87 -29.03
CA PHE O 37 -15.57 35.10 -28.90
C PHE O 37 -15.21 35.27 -27.43
N ASN O 38 -14.00 34.87 -27.06
CA ASN O 38 -13.56 34.95 -25.67
C ASN O 38 -13.42 36.42 -25.30
N HIS O 39 -14.39 36.94 -24.56
CA HIS O 39 -14.41 38.35 -24.19
C HIS O 39 -13.33 38.71 -23.19
N SER O 40 -12.64 37.72 -22.62
CA SER O 40 -11.59 38.00 -21.66
C SER O 40 -10.25 38.19 -22.34
N SER O 41 -9.99 37.45 -23.42
CA SER O 41 -8.68 37.44 -24.03
C SER O 41 -8.51 38.61 -25.00
N LYS O 42 -7.28 38.74 -25.49
CA LYS O 42 -6.94 39.79 -26.44
C LYS O 42 -7.48 39.43 -27.82
N THR O 43 -7.72 40.47 -28.63
CA THR O 43 -8.31 40.27 -29.95
C THR O 43 -7.67 41.21 -30.96
N PHE O 44 -7.04 40.64 -31.97
CA PHE O 44 -6.39 41.42 -33.00
C PHE O 44 -7.38 41.78 -34.11
N VAL O 45 -6.98 42.75 -34.94
CA VAL O 45 -7.78 43.17 -36.09
C VAL O 45 -6.85 43.41 -37.26
N VAL O 46 -6.90 42.52 -38.25
CA VAL O 46 -6.06 42.62 -39.44
C VAL O 46 -6.80 43.45 -40.48
N ILE O 47 -6.12 44.42 -41.05
CA ILE O 47 -6.67 45.29 -42.08
C ILE O 47 -5.72 45.21 -43.27
N HIS O 48 -6.06 44.40 -44.26
CA HIS O 48 -5.25 44.33 -45.45
C HIS O 48 -5.47 45.57 -46.30
N GLY O 49 -4.84 45.58 -47.48
CA GLY O 49 -4.84 46.77 -48.31
C GLY O 49 -5.23 46.51 -49.75
N TRP O 50 -4.83 47.44 -50.62
CA TRP O 50 -5.28 47.40 -52.01
C TRP O 50 -4.82 46.12 -52.69
N THR O 51 -5.69 45.57 -53.52
CA THR O 51 -5.37 44.36 -54.26
C THR O 51 -5.95 44.46 -55.66
N VAL O 52 -5.11 44.27 -56.66
CA VAL O 52 -5.58 44.28 -58.05
C VAL O 52 -6.57 43.15 -58.27
N THR O 53 -6.35 42.01 -57.63
CA THR O 53 -7.25 40.88 -57.75
C THR O 53 -8.48 41.10 -56.86
N GLY O 54 -9.38 40.12 -56.86
CA GLY O 54 -10.58 40.21 -56.06
C GLY O 54 -10.56 39.25 -54.90
N MET O 55 -9.41 39.10 -54.25
CA MET O 55 -9.28 38.17 -53.14
C MET O 55 -8.13 38.64 -52.24
N TYR O 56 -8.09 38.06 -51.05
CA TYR O 56 -7.07 38.40 -50.08
C TYR O 56 -5.69 38.04 -50.62
N GLU O 57 -4.70 38.86 -50.27
CA GLU O 57 -3.33 38.56 -50.65
C GLU O 57 -2.88 37.24 -50.02
N SER O 58 -1.70 36.77 -50.44
CA SER O 58 -1.22 35.46 -50.06
C SER O 58 -0.63 35.42 -48.66
N TRP O 59 -0.49 36.56 -47.98
CA TRP O 59 0.20 36.60 -46.69
C TRP O 59 -0.77 36.51 -45.50
N VAL O 60 -2.04 36.83 -45.70
CA VAL O 60 -2.99 36.81 -44.59
C VAL O 60 -3.06 35.45 -43.92
N PRO O 61 -3.15 34.32 -44.64
CA PRO O 61 -3.24 33.04 -43.94
C PRO O 61 -2.04 32.76 -43.05
N LYS O 62 -0.83 33.01 -43.55
CA LYS O 62 0.36 32.79 -42.74
C LYS O 62 0.36 33.71 -41.53
N LEU O 63 0.00 34.98 -41.73
CA LEU O 63 -0.02 35.92 -40.62
C LEU O 63 -0.96 35.43 -39.53
N VAL O 64 -2.18 35.05 -39.90
CA VAL O 64 -3.16 34.67 -38.89
C VAL O 64 -2.77 33.37 -38.21
N ALA O 65 -2.21 32.43 -38.98
CA ALA O 65 -1.76 31.19 -38.39
C ALA O 65 -0.68 31.44 -37.34
N ALA O 66 0.28 32.31 -37.68
CA ALA O 66 1.34 32.63 -36.73
C ALA O 66 0.78 33.38 -35.52
N LEU O 67 -0.22 34.21 -35.74
CA LEU O 67 -0.82 34.95 -34.64
C LEU O 67 -1.46 33.98 -33.65
N TYR O 68 -2.19 32.99 -34.15
CA TYR O 68 -2.74 31.97 -33.26
C TYR O 68 -1.64 31.17 -32.58
N LYS O 69 -0.59 30.83 -33.32
CA LYS O 69 0.52 30.11 -32.73
C LYS O 69 1.08 30.87 -31.54
N ARG O 70 1.26 32.18 -31.69
CA ARG O 70 1.85 32.99 -30.64
C ARG O 70 0.90 33.18 -29.46
N GLU O 71 -0.36 33.49 -29.74
CA GLU O 71 -1.34 33.81 -28.69
C GLU O 71 -2.60 33.01 -28.91
N PRO O 72 -2.62 31.75 -28.48
CA PRO O 72 -3.83 30.93 -28.61
C PRO O 72 -4.95 31.48 -27.74
N ASP O 73 -6.16 30.97 -27.99
CA ASP O 73 -7.35 31.38 -27.26
C ASP O 73 -7.53 32.89 -27.32
N SER O 74 -7.27 33.46 -28.49
CA SER O 74 -7.42 34.88 -28.73
C SER O 74 -8.09 35.09 -30.07
N ASN O 75 -9.10 35.95 -30.08
CA ASN O 75 -9.92 36.13 -31.28
C ASN O 75 -9.16 36.91 -32.33
N VAL O 76 -9.55 36.68 -33.58
CA VAL O 76 -8.98 37.38 -34.74
C VAL O 76 -10.12 37.85 -35.61
N ILE O 77 -10.01 39.09 -36.08
CA ILE O 77 -11.02 39.70 -36.94
C ILE O 77 -10.37 40.11 -38.24
N VAL O 78 -11.04 39.85 -39.35
CA VAL O 78 -10.58 40.25 -40.67
C VAL O 78 -11.67 41.09 -41.32
N VAL O 79 -11.25 42.00 -42.18
CA VAL O 79 -12.15 42.92 -42.86
C VAL O 79 -12.27 42.51 -44.31
N ASP O 80 -13.20 43.17 -45.02
CA ASP O 80 -13.57 42.80 -46.37
C ASP O 80 -13.42 43.97 -47.33
N TRP O 81 -12.24 44.59 -47.34
CA TRP O 81 -11.92 45.66 -48.27
C TRP O 81 -12.49 45.39 -49.66
N LEU O 82 -12.54 44.12 -50.06
CA LEU O 82 -13.03 43.76 -51.37
C LEU O 82 -14.38 44.42 -51.62
N SER O 83 -14.67 44.65 -52.91
CA SER O 83 -15.83 45.36 -53.41
C SER O 83 -15.65 46.87 -53.35
N ARG O 84 -14.65 47.36 -52.64
CA ARG O 84 -14.34 48.78 -52.57
C ARG O 84 -12.89 49.07 -52.94
N ALA O 85 -11.97 48.18 -52.59
CA ALA O 85 -10.57 48.39 -52.91
C ALA O 85 -10.27 48.10 -54.37
N GLN O 86 -11.04 47.22 -55.00
CA GLN O 86 -10.80 46.91 -56.41
C GLN O 86 -10.88 48.14 -57.28
N GLN O 87 -11.58 49.17 -56.81
CA GLN O 87 -11.75 50.38 -57.60
C GLN O 87 -10.40 51.08 -57.78
N HIS O 88 -10.42 52.17 -58.53
CA HIS O 88 -9.22 52.94 -58.78
C HIS O 88 -8.52 53.28 -57.46
N TYR O 89 -7.19 53.28 -57.49
CA TYR O 89 -6.41 53.44 -56.26
C TYR O 89 -6.78 54.72 -55.52
N PRO O 90 -6.85 55.88 -56.16
CA PRO O 90 -7.33 57.07 -55.45
C PRO O 90 -8.69 56.89 -54.81
N VAL O 91 -9.58 56.13 -55.46
CA VAL O 91 -10.89 55.88 -54.87
C VAL O 91 -10.73 55.15 -53.54
N SER O 92 -9.76 54.23 -53.46
CA SER O 92 -9.49 53.58 -52.19
C SER O 92 -8.94 54.57 -51.17
N ALA O 93 -8.11 55.50 -51.64
CA ALA O 93 -7.61 56.54 -50.75
C ALA O 93 -8.76 57.34 -50.14
N GLY O 94 -9.77 57.64 -50.96
CA GLY O 94 -10.94 58.31 -50.43
C GLY O 94 -11.75 57.43 -49.50
N TYR O 95 -11.93 56.16 -49.87
CA TYR O 95 -12.74 55.22 -49.10
C TYR O 95 -12.09 54.82 -47.79
N THR O 96 -10.81 55.15 -47.60
CA THR O 96 -10.18 54.91 -46.31
C THR O 96 -10.98 55.56 -45.20
N LYS O 97 -11.54 56.75 -45.46
CA LYS O 97 -12.32 57.44 -44.44
C LYS O 97 -13.59 56.64 -44.10
N LEU O 98 -14.26 56.12 -45.13
CA LEU O 98 -15.47 55.34 -44.88
C LEU O 98 -15.15 54.09 -44.08
N VAL O 99 -14.08 53.39 -44.44
CA VAL O 99 -13.74 52.16 -43.72
C VAL O 99 -13.33 52.49 -42.29
N GLY O 100 -12.64 53.61 -42.09
CA GLY O 100 -12.28 54.01 -40.74
C GLY O 100 -13.49 54.31 -39.89
N GLN O 101 -14.46 55.05 -40.47
CA GLN O 101 -15.70 55.30 -39.76
C GLN O 101 -16.40 54.01 -39.43
N ASP O 102 -16.40 53.07 -40.38
CA ASP O 102 -17.06 51.78 -40.16
C ASP O 102 -16.41 51.02 -39.02
N VAL O 103 -15.09 50.98 -38.99
CA VAL O 103 -14.39 50.27 -37.93
C VAL O 103 -14.62 50.95 -36.59
N ALA O 104 -14.63 52.28 -36.57
CA ALA O 104 -14.90 53.00 -35.34
C ALA O 104 -16.29 52.67 -34.83
N LYS O 105 -17.27 52.62 -35.73
CA LYS O 105 -18.63 52.26 -35.33
C LYS O 105 -18.66 50.84 -34.78
N PHE O 106 -17.95 49.92 -35.43
CA PHE O 106 -17.87 48.55 -34.95
C PHE O 106 -17.35 48.50 -33.53
N MET O 107 -16.23 49.16 -33.28
CA MET O 107 -15.59 49.10 -31.97
C MET O 107 -16.46 49.78 -30.92
N ASN O 108 -17.10 50.89 -31.28
CA ASN O 108 -17.98 51.58 -30.35
C ASN O 108 -19.18 50.72 -29.99
N TRP O 109 -19.74 50.03 -30.98
CA TRP O 109 -20.85 49.11 -30.72
C TRP O 109 -20.41 48.00 -29.79
N MET O 110 -19.20 47.47 -30.01
CA MET O 110 -18.70 46.43 -29.12
C MET O 110 -18.53 46.97 -27.70
N ALA O 111 -17.95 48.15 -27.55
CA ALA O 111 -17.73 48.75 -26.23
C ALA O 111 -19.03 49.19 -25.57
N ASP O 112 -20.11 49.30 -26.32
CA ASP O 112 -21.41 49.63 -25.75
C ASP O 112 -22.16 48.36 -25.33
N GLU O 113 -22.31 47.40 -26.23
CA GLU O 113 -23.07 46.20 -25.92
C GLU O 113 -22.32 45.29 -24.95
N PHE O 114 -21.03 45.05 -25.21
CA PHE O 114 -20.24 44.12 -24.41
C PHE O 114 -19.17 44.81 -23.59
N ASN O 115 -19.03 46.14 -23.69
CA ASN O 115 -18.02 46.90 -22.97
C ASN O 115 -16.68 46.18 -22.95
N TYR O 116 -16.30 45.61 -24.09
CA TYR O 116 -15.01 44.93 -24.17
C TYR O 116 -13.89 45.94 -23.94
N PRO O 117 -12.91 45.63 -23.10
CA PRO O 117 -11.84 46.60 -22.84
C PRO O 117 -11.08 46.93 -24.11
N LEU O 118 -10.97 48.23 -24.41
CA LEU O 118 -10.28 48.65 -25.61
C LEU O 118 -8.78 48.49 -25.51
N GLY O 119 -8.27 48.15 -24.33
CA GLY O 119 -6.84 48.04 -24.12
C GLY O 119 -6.30 46.68 -24.50
N ASN O 120 -7.07 45.90 -25.25
CA ASN O 120 -6.70 44.54 -25.59
C ASN O 120 -6.95 44.26 -27.07
N VAL O 121 -6.73 45.25 -27.93
CA VAL O 121 -6.99 45.11 -29.36
C VAL O 121 -5.86 45.76 -30.15
N HIS O 122 -5.41 45.08 -31.20
CA HIS O 122 -4.43 45.61 -32.13
C HIS O 122 -5.09 45.85 -33.48
N LEU O 123 -4.82 47.01 -34.07
CA LEU O 123 -5.29 47.31 -35.42
C LEU O 123 -4.13 47.11 -36.39
N LEU O 124 -3.82 45.84 -36.64
CA LEU O 124 -2.73 45.52 -37.57
C LEU O 124 -3.06 46.06 -38.94
N GLY O 125 -2.28 47.04 -39.37
CA GLY O 125 -2.51 47.74 -40.62
C GLY O 125 -1.38 47.54 -41.60
N TYR O 126 -1.75 47.24 -42.83
CA TYR O 126 -0.80 47.08 -43.93
C TYR O 126 -1.23 48.04 -45.03
N SER O 127 -0.29 48.34 -45.92
CA SER O 127 -0.55 49.15 -47.10
C SER O 127 -1.50 50.29 -46.74
N LEU O 128 -2.63 50.43 -47.43
CA LEU O 128 -3.62 51.44 -47.07
C LEU O 128 -4.26 51.13 -45.72
N GLY O 129 -4.17 49.87 -45.28
CA GLY O 129 -4.86 49.48 -44.05
C GLY O 129 -4.31 50.20 -42.85
N ALA O 130 -3.00 50.48 -42.85
CA ALA O 130 -2.42 51.21 -41.74
C ALA O 130 -3.04 52.60 -41.61
N HIS O 131 -3.15 53.32 -42.72
CA HIS O 131 -3.79 54.63 -42.67
C HIS O 131 -5.25 54.51 -42.31
N ALA O 132 -5.90 53.43 -42.76
CA ALA O 132 -7.30 53.21 -42.42
C ALA O 132 -7.47 53.09 -40.91
N ALA O 133 -6.63 52.27 -40.28
CA ALA O 133 -6.70 52.13 -38.84
C ALA O 133 -6.37 53.45 -38.15
N GLY O 134 -5.37 54.16 -38.66
CA GLY O 134 -4.98 55.41 -38.02
C GLY O 134 -6.12 56.41 -38.01
N ILE O 135 -6.79 56.58 -39.14
CA ILE O 135 -7.98 57.41 -39.16
C ILE O 135 -9.05 56.81 -38.28
N ALA O 136 -9.02 55.48 -38.11
CA ALA O 136 -9.87 54.83 -37.14
C ALA O 136 -9.29 54.97 -35.75
N GLY O 137 -10.04 54.53 -34.75
CA GLY O 137 -9.60 54.65 -33.38
C GLY O 137 -9.73 56.07 -32.87
N SER O 138 -9.21 57.03 -33.64
CA SER O 138 -9.34 58.43 -33.27
C SER O 138 -10.79 58.80 -33.02
N LEU O 139 -11.72 58.22 -33.79
CA LEU O 139 -13.14 58.45 -33.53
C LEU O 139 -13.61 57.66 -32.31
N THR O 140 -12.91 56.60 -31.93
CA THR O 140 -13.29 55.83 -30.76
C THR O 140 -13.15 56.68 -29.51
N ASN O 141 -14.05 56.46 -28.56
CA ASN O 141 -14.06 57.25 -27.33
C ASN O 141 -12.97 56.81 -26.36
N LYS O 142 -12.66 55.51 -26.32
CA LYS O 142 -11.76 54.96 -25.31
C LYS O 142 -10.37 54.64 -25.87
N LYS O 143 -10.01 55.18 -27.03
CA LYS O 143 -8.68 55.00 -27.59
C LYS O 143 -8.37 53.52 -27.81
N VAL O 144 -7.16 53.24 -28.29
CA VAL O 144 -6.74 51.88 -28.61
C VAL O 144 -5.32 51.67 -28.11
N ASN O 145 -5.04 50.47 -27.61
CA ASN O 145 -3.73 50.16 -27.07
C ASN O 145 -2.65 50.22 -28.14
N ARG O 146 -2.72 49.33 -29.13
CA ARG O 146 -1.71 49.20 -30.15
C ARG O 146 -2.34 49.33 -31.54
N ILE O 147 -1.66 50.05 -32.42
CA ILE O 147 -2.13 50.28 -33.78
C ILE O 147 -1.02 49.91 -34.77
N THR O 148 -0.16 48.98 -34.37
CA THR O 148 1.00 48.61 -35.16
C THR O 148 0.64 48.39 -36.62
N GLY O 149 1.20 49.19 -37.51
CA GLY O 149 0.97 49.07 -38.94
C GLY O 149 2.15 48.46 -39.66
N LEU O 150 2.00 48.34 -40.97
CA LEU O 150 3.03 47.74 -41.82
C LEU O 150 3.10 48.49 -43.14
N ASP O 151 4.23 49.14 -43.38
CA ASP O 151 4.48 49.80 -44.65
C ASP O 151 3.35 50.76 -44.97
N PRO O 152 3.19 51.82 -44.18
CA PRO O 152 2.13 52.79 -44.45
C PRO O 152 2.28 53.40 -45.83
N ALA O 153 1.14 53.60 -46.49
CA ALA O 153 1.15 54.15 -47.83
C ALA O 153 1.61 55.61 -47.81
N GLY O 154 2.34 55.99 -48.84
CA GLY O 154 2.88 57.33 -48.96
C GLY O 154 2.00 58.28 -49.74
N PRO O 155 1.56 57.86 -50.93
CA PRO O 155 0.82 58.79 -51.79
C PRO O 155 -0.44 59.30 -51.12
N ASN O 156 -0.76 60.57 -51.38
CA ASN O 156 -1.96 61.21 -50.88
C ASN O 156 -2.04 61.20 -49.36
N PHE O 157 -0.91 60.95 -48.70
CA PHE O 157 -0.85 61.02 -47.25
C PHE O 157 0.30 61.89 -46.75
N GLU O 158 1.37 62.02 -47.52
CA GLU O 158 2.36 63.03 -47.21
C GLU O 158 1.76 64.42 -47.38
N TYR O 159 2.32 65.38 -46.66
CA TYR O 159 1.77 66.74 -46.64
C TYR O 159 0.31 66.71 -46.17
N ALA O 160 0.04 65.93 -45.14
CA ALA O 160 -1.30 65.78 -44.58
C ALA O 160 -1.25 66.01 -43.08
N GLU O 161 -2.35 65.70 -42.40
CA GLU O 161 -2.50 65.90 -40.98
C GLU O 161 -3.04 64.63 -40.33
N ALA O 162 -3.09 64.64 -39.00
CA ALA O 162 -3.56 63.49 -38.25
C ALA O 162 -4.93 63.00 -38.68
N PRO O 163 -5.94 63.85 -38.85
CA PRO O 163 -7.27 63.32 -39.22
C PRO O 163 -7.25 62.54 -40.52
N SER O 164 -6.39 62.92 -41.47
CA SER O 164 -6.36 62.29 -42.78
C SER O 164 -5.28 61.24 -42.92
N ARG O 165 -4.49 60.98 -41.88
CA ARG O 165 -3.44 59.99 -41.96
C ARG O 165 -3.11 59.49 -40.56
N LEU O 166 -2.39 58.37 -40.52
CA LEU O 166 -1.98 57.80 -39.24
C LEU O 166 -1.19 58.81 -38.44
N SER O 167 -1.50 58.93 -37.15
CA SER O 167 -0.86 59.88 -36.27
C SER O 167 -0.51 59.19 -34.96
N PRO O 168 0.49 59.69 -34.24
CA PRO O 168 0.83 59.09 -32.94
C PRO O 168 -0.30 59.16 -31.94
N ASP O 169 -1.14 60.19 -32.01
CA ASP O 169 -2.25 60.34 -31.08
C ASP O 169 -3.43 59.45 -31.42
N ASP O 170 -3.40 58.77 -32.57
CA ASP O 170 -4.51 57.90 -32.95
C ASP O 170 -4.68 56.73 -32.00
N ALA O 171 -3.67 56.44 -31.18
CA ALA O 171 -3.73 55.31 -30.27
C ALA O 171 -2.71 55.50 -29.16
N ASP O 172 -2.82 54.65 -28.14
CA ASP O 172 -1.91 54.76 -27.00
C ASP O 172 -0.47 54.53 -27.42
N PHE O 173 -0.24 53.51 -28.24
CA PHE O 173 1.09 53.19 -28.74
C PHE O 173 1.00 52.86 -30.21
N VAL O 174 2.09 53.09 -30.93
CA VAL O 174 2.12 52.88 -32.37
C VAL O 174 3.54 52.58 -32.80
N ASP O 175 3.68 51.78 -33.85
CA ASP O 175 4.96 51.50 -34.47
C ASP O 175 4.73 51.09 -35.91
N VAL O 176 5.66 51.51 -36.78
CA VAL O 176 5.55 51.26 -38.21
C VAL O 176 6.86 50.65 -38.70
N LEU O 177 6.76 49.95 -39.83
CA LEU O 177 7.89 49.25 -40.44
C LEU O 177 8.13 49.88 -41.81
N HIS O 178 8.94 50.93 -41.84
CA HIS O 178 9.27 51.59 -43.10
C HIS O 178 10.20 50.72 -43.93
N THR O 179 9.62 49.81 -44.69
CA THR O 179 10.39 48.82 -45.43
C THR O 179 10.73 49.25 -46.84
N PHE O 180 10.30 50.44 -47.27
CA PHE O 180 10.55 50.88 -48.63
C PHE O 180 10.34 52.39 -48.70
N THR O 181 11.37 53.12 -49.10
CA THR O 181 11.27 54.57 -49.22
C THR O 181 12.01 55.13 -50.42
N ARG O 182 12.55 54.28 -51.30
CA ARG O 182 13.34 54.78 -52.41
C ARG O 182 12.47 55.62 -53.34
N GLY O 183 13.00 56.76 -53.75
CA GLY O 183 12.32 57.68 -54.65
C GLY O 183 12.29 59.08 -54.08
N SER O 184 11.74 59.99 -54.88
CA SER O 184 11.65 61.37 -54.48
C SER O 184 10.66 61.53 -53.32
N PRO O 185 10.84 62.55 -52.48
CA PRO O 185 9.87 62.78 -51.41
C PRO O 185 8.48 63.02 -51.98
N GLY O 186 7.47 62.47 -51.29
CA GLY O 186 6.10 62.65 -51.67
C GLY O 186 5.64 61.80 -52.84
N ARG O 187 6.53 61.02 -53.44
CA ARG O 187 6.17 60.15 -54.55
C ARG O 187 6.53 58.69 -54.32
N SER O 188 7.45 58.39 -53.40
CA SER O 188 7.71 57.01 -53.05
C SER O 188 6.47 56.40 -52.40
N ILE O 189 6.21 55.13 -52.72
CA ILE O 189 5.03 54.47 -52.20
C ILE O 189 5.03 54.49 -50.68
N GLY O 190 6.20 54.23 -50.07
CA GLY O 190 6.30 54.17 -48.63
C GLY O 190 6.61 55.52 -48.03
N ILE O 191 5.71 55.99 -47.16
CA ILE O 191 5.93 57.27 -46.48
C ILE O 191 7.24 57.22 -45.74
N GLN O 192 8.00 58.30 -45.84
CA GLN O 192 9.29 58.42 -45.16
C GLN O 192 9.23 59.27 -43.91
N LYS O 193 8.26 60.17 -43.82
CA LYS O 193 8.13 60.99 -42.63
C LYS O 193 7.77 60.10 -41.44
N PRO O 194 8.50 60.18 -40.33
CA PRO O 194 8.14 59.36 -39.16
C PRO O 194 6.77 59.72 -38.65
N VAL O 195 6.03 58.70 -38.19
CA VAL O 195 4.63 58.86 -37.81
C VAL O 195 4.42 58.47 -36.36
N GLY O 196 4.86 57.28 -35.97
CA GLY O 196 4.58 56.77 -34.65
C GLY O 196 5.58 57.24 -33.62
N HIS O 197 5.35 56.80 -32.38
CA HIS O 197 6.29 57.10 -31.30
C HIS O 197 7.65 56.51 -31.61
N VAL O 198 7.68 55.29 -32.16
CA VAL O 198 8.91 54.65 -32.59
C VAL O 198 8.69 54.11 -33.99
N ASP O 199 9.66 54.32 -34.86
CA ASP O 199 9.60 53.86 -36.24
C ASP O 199 10.84 53.04 -36.56
N ILE O 200 10.68 52.09 -37.48
CA ILE O 200 11.73 51.15 -37.83
C ILE O 200 12.01 51.26 -39.31
N TYR O 201 13.29 51.37 -39.67
CA TYR O 201 13.72 51.57 -41.05
C TYR O 201 14.76 50.50 -41.40
N PRO O 202 14.32 49.27 -41.57
CA PRO O 202 15.27 48.19 -41.87
C PRO O 202 16.01 48.46 -43.16
N ASN O 203 17.31 48.18 -43.15
CA ASN O 203 18.18 48.35 -44.30
C ASN O 203 18.22 49.79 -44.79
N GLY O 204 17.65 50.73 -44.04
CA GLY O 204 17.54 52.10 -44.47
C GLY O 204 16.33 52.38 -45.34
N GLY O 205 15.56 51.36 -45.71
CA GLY O 205 14.38 51.55 -46.52
C GLY O 205 14.63 51.67 -48.01
N THR O 206 15.90 51.67 -48.44
CA THR O 206 16.19 51.80 -49.86
C THR O 206 15.63 50.63 -50.65
N PHE O 207 15.81 49.42 -50.14
CA PHE O 207 15.37 48.20 -50.81
C PHE O 207 15.58 47.04 -49.85
N GLN O 208 15.34 45.83 -50.33
CA GLN O 208 15.58 44.62 -49.56
C GLN O 208 16.38 43.62 -50.38
N PRO O 209 17.12 42.73 -49.73
CA PRO O 209 18.03 41.84 -50.46
C PRO O 209 17.34 40.64 -51.08
N GLY O 210 16.27 40.16 -50.46
CA GLY O 210 15.64 38.92 -50.90
C GLY O 210 14.87 39.08 -52.19
N CYS O 211 15.54 39.57 -53.23
CA CYS O 211 14.91 39.77 -54.53
C CYS O 211 16.01 40.13 -55.53
N ASN O 212 15.60 40.43 -56.75
CA ASN O 212 16.54 40.67 -57.85
C ASN O 212 15.97 41.81 -58.69
N ILE O 213 16.51 41.98 -59.90
CA ILE O 213 16.01 43.01 -60.79
C ILE O 213 14.52 42.84 -61.02
N GLY O 214 14.09 41.61 -61.27
CA GLY O 214 12.67 41.32 -61.42
C GLY O 214 12.18 41.39 -62.85
N GLU O 215 11.50 42.49 -63.20
CA GLU O 215 10.88 42.61 -64.51
C GLU O 215 11.94 42.69 -65.59
N ALA O 216 12.07 41.62 -66.39
CA ALA O 216 13.01 41.62 -67.49
C ALA O 216 12.53 42.52 -68.62
N LEU O 217 11.25 42.42 -68.98
CA LEU O 217 10.69 43.24 -70.04
C LEU O 217 9.20 43.42 -69.78
N ARG O 218 8.62 44.45 -70.42
CA ARG O 218 7.22 44.75 -70.19
C ARG O 218 6.31 43.61 -70.60
N VAL O 219 6.58 42.99 -71.75
CA VAL O 219 5.72 41.94 -72.29
C VAL O 219 6.25 40.56 -71.96
N ILE O 220 7.57 40.34 -72.10
CA ILE O 220 8.13 39.02 -71.88
C ILE O 220 7.96 38.60 -70.42
N ALA O 221 8.26 39.51 -69.49
CA ALA O 221 8.12 39.22 -68.08
C ALA O 221 6.67 39.46 -67.66
N GLU O 222 6.42 39.46 -66.34
CA GLU O 222 5.07 39.59 -65.78
C GLU O 222 5.07 40.75 -64.79
N ARG O 223 4.80 41.95 -65.28
CA ARG O 223 4.78 43.13 -64.43
C ARG O 223 3.85 42.93 -63.26
N GLY O 224 2.55 42.78 -63.56
CA GLY O 224 1.58 42.40 -62.56
C GLY O 224 0.90 41.10 -62.96
N LEU O 225 1.52 40.39 -63.90
CA LEU O 225 0.95 39.14 -64.43
C LEU O 225 1.37 37.96 -63.56
N GLY O 226 1.16 38.08 -62.25
CA GLY O 226 1.66 37.06 -61.35
C GLY O 226 3.13 36.84 -61.56
N ASP O 227 3.56 35.58 -61.40
CA ASP O 227 4.93 35.20 -61.69
C ASP O 227 5.94 36.13 -61.00
N VAL O 228 6.49 37.08 -61.76
CA VAL O 228 7.51 37.98 -61.23
C VAL O 228 6.91 39.23 -60.59
N ASP O 229 5.57 39.33 -60.52
CA ASP O 229 4.97 40.45 -59.81
C ASP O 229 5.35 40.43 -58.34
N GLN O 230 5.35 39.25 -57.73
CA GLN O 230 5.79 39.13 -56.34
C GLN O 230 7.23 39.58 -56.19
N LEU O 231 8.10 39.18 -57.11
CA LEU O 231 9.49 39.64 -57.08
C LEU O 231 9.58 41.15 -57.19
N VAL O 232 8.74 41.75 -58.04
CA VAL O 232 8.69 43.21 -58.11
C VAL O 232 8.30 43.79 -56.76
N LYS O 233 7.36 43.15 -56.07
CA LYS O 233 7.01 43.51 -54.70
C LYS O 233 8.02 42.91 -53.74
N CYS O 234 9.24 43.44 -53.84
CA CYS O 234 10.37 42.89 -53.10
C CYS O 234 10.24 43.20 -51.61
N SER O 235 9.88 44.43 -51.27
CA SER O 235 9.94 44.92 -49.90
C SER O 235 8.57 45.14 -49.29
N HIS O 236 7.57 45.44 -50.10
CA HIS O 236 6.26 45.80 -49.58
C HIS O 236 5.68 44.68 -48.72
N GLU O 237 6.03 43.43 -49.02
CA GLU O 237 5.63 42.30 -48.20
C GLU O 237 6.70 41.89 -47.20
N ARG O 238 7.91 42.44 -47.34
CA ARG O 238 8.95 42.13 -46.38
C ARG O 238 8.58 42.62 -44.99
N SER O 239 7.77 43.68 -44.90
CA SER O 239 7.29 44.14 -43.60
C SER O 239 6.53 43.03 -42.89
N VAL O 240 5.55 42.46 -43.58
CA VAL O 240 4.70 41.45 -42.95
C VAL O 240 5.50 40.18 -42.70
N HIS O 241 6.42 39.84 -43.61
CA HIS O 241 7.25 38.66 -43.39
C HIS O 241 8.13 38.85 -42.16
N LEU O 242 8.69 40.06 -41.99
CA LEU O 242 9.48 40.34 -40.80
C LEU O 242 8.63 40.23 -39.54
N PHE O 243 7.42 40.78 -39.59
CA PHE O 243 6.55 40.73 -38.42
C PHE O 243 6.20 39.31 -38.04
N ILE O 244 5.89 38.48 -39.03
CA ILE O 244 5.50 37.10 -38.76
C ILE O 244 6.71 36.32 -38.25
N ASP O 245 7.89 36.59 -38.80
CA ASP O 245 9.09 35.92 -38.32
C ASP O 245 9.36 36.27 -36.86
N SER O 246 9.24 37.56 -36.52
CA SER O 246 9.43 37.96 -35.13
C SER O 246 8.40 37.33 -34.23
N LEU O 247 7.15 37.27 -34.70
CA LEU O 247 6.08 36.66 -33.90
C LEU O 247 6.38 35.19 -33.63
N LEU O 248 6.84 34.47 -34.65
CA LEU O 248 7.13 33.06 -34.50
C LEU O 248 8.33 32.83 -33.58
N ASN O 249 9.38 33.62 -33.76
CA ASN O 249 10.59 33.49 -32.95
C ASN O 249 10.55 34.48 -31.79
N GLU O 250 9.74 34.17 -30.80
CA GLU O 250 9.59 35.01 -29.62
C GLU O 250 10.81 34.96 -28.72
N GLU O 251 11.55 33.84 -28.73
CA GLU O 251 12.63 33.65 -27.78
C GLU O 251 13.78 34.61 -28.03
N ASN O 252 14.12 34.87 -29.28
CA ASN O 252 15.30 35.67 -29.63
C ASN O 252 14.89 36.77 -30.60
N PRO O 253 14.22 37.81 -30.11
CA PRO O 253 13.83 38.92 -30.99
C PRO O 253 15.05 39.66 -31.52
N SER O 254 14.91 40.19 -32.73
CA SER O 254 15.93 41.05 -33.29
C SER O 254 15.91 42.40 -32.60
N LYS O 255 17.08 42.95 -32.34
CA LYS O 255 17.22 44.20 -31.58
C LYS O 255 17.56 45.32 -32.56
N ALA O 256 16.53 46.01 -33.02
CA ALA O 256 16.75 47.20 -33.83
C ALA O 256 17.31 48.33 -32.97
N TYR O 257 18.13 49.17 -33.58
CA TYR O 257 18.88 50.19 -32.87
C TYR O 257 18.37 51.57 -33.18
N ARG O 258 18.54 52.48 -32.23
CA ARG O 258 18.10 53.86 -32.35
C ARG O 258 19.29 54.74 -32.67
N CYS O 259 19.11 55.69 -33.59
CA CYS O 259 20.20 56.49 -34.08
C CYS O 259 19.67 57.86 -34.49
N ASN O 260 20.49 58.59 -35.24
CA ASN O 260 20.14 59.91 -35.73
C ASN O 260 19.87 59.94 -37.23
N SER O 261 20.58 59.13 -38.01
CA SER O 261 20.39 59.12 -39.45
C SER O 261 20.94 57.81 -40.01
N LYS O 262 20.51 57.50 -41.23
CA LYS O 262 20.94 56.25 -41.86
C LYS O 262 22.44 56.24 -42.09
N GLU O 263 23.00 57.38 -42.51
CA GLU O 263 24.45 57.45 -42.70
C GLU O 263 25.19 57.28 -41.38
N ALA O 264 24.67 57.90 -40.32
CA ALA O 264 25.30 57.76 -39.02
C ALA O 264 25.29 56.30 -38.57
N PHE O 265 24.17 55.60 -38.80
CA PHE O 265 24.10 54.19 -38.45
C PHE O 265 25.07 53.37 -39.28
N GLU O 266 25.17 53.66 -40.58
CA GLU O 266 26.12 52.95 -41.42
C GLU O 266 27.54 53.14 -40.92
N LYS O 267 27.88 54.36 -40.50
CA LYS O 267 29.20 54.59 -39.92
C LYS O 267 29.39 53.78 -38.66
N GLY O 268 28.36 53.72 -37.81
CA GLY O 268 28.39 52.89 -36.63
C GLY O 268 28.80 53.60 -35.35
N LEU O 269 28.38 54.85 -35.17
CA LEU O 269 28.69 55.61 -33.97
C LEU O 269 27.51 55.71 -33.03
N CYS O 270 26.40 55.07 -33.35
CA CYS O 270 25.12 55.28 -32.67
C CYS O 270 24.44 53.96 -32.35
N LEU O 271 25.19 53.04 -31.75
CA LEU O 271 24.66 51.73 -31.37
C LEU O 271 24.46 51.56 -29.88
N SER O 272 25.36 52.07 -29.06
CA SER O 272 25.23 51.92 -27.61
C SER O 272 23.91 52.51 -27.15
N CYS O 273 23.18 51.74 -26.34
CA CYS O 273 21.89 52.16 -25.80
C CYS O 273 21.91 51.95 -24.29
N ARG O 274 22.45 52.93 -23.57
CA ARG O 274 22.40 52.93 -22.12
C ARG O 274 21.02 53.36 -21.63
N LYS O 275 20.43 54.35 -22.31
CA LYS O 275 19.11 54.85 -21.97
C LYS O 275 18.06 53.98 -22.67
N ASN O 276 16.81 54.42 -22.66
CA ASN O 276 15.72 53.67 -23.29
C ASN O 276 15.82 53.82 -24.80
N ARG O 277 16.78 53.11 -25.37
CA ARG O 277 16.99 53.06 -26.81
C ARG O 277 17.14 51.61 -27.25
N CYS O 278 17.32 51.41 -28.55
CA CYS O 278 17.59 50.10 -29.12
C CYS O 278 16.54 49.08 -28.67
N ASN O 279 15.29 49.51 -28.65
CA ASN O 279 14.23 48.62 -28.22
C ASN O 279 14.01 47.52 -29.23
N ASN O 280 13.31 46.46 -28.80
CA ASN O 280 13.03 45.32 -29.64
C ASN O 280 12.12 45.71 -30.79
N MET O 281 11.97 44.82 -31.78
CA MET O 281 11.07 45.04 -32.90
C MET O 281 10.14 43.85 -33.03
N GLY O 282 8.88 44.12 -33.32
CA GLY O 282 7.88 43.08 -33.44
C GLY O 282 6.89 43.11 -32.29
N TYR O 283 6.31 41.93 -32.01
CA TYR O 283 5.31 41.84 -30.96
C TYR O 283 5.91 42.15 -29.59
N GLU O 284 7.12 41.67 -29.34
CA GLU O 284 7.77 41.88 -28.05
C GLU O 284 8.40 43.24 -27.91
N ILE O 285 8.03 44.20 -28.76
CA ILE O 285 8.51 45.55 -28.62
C ILE O 285 8.16 46.08 -27.24
N ASN O 286 9.05 46.89 -26.68
CA ASN O 286 8.82 47.51 -25.39
C ASN O 286 8.03 48.80 -25.57
N LYS O 287 6.89 48.90 -24.89
CA LYS O 287 6.05 50.08 -24.98
C LYS O 287 6.75 51.26 -24.33
N VAL O 288 6.97 52.31 -25.12
CA VAL O 288 7.71 53.48 -24.66
C VAL O 288 7.14 54.72 -25.34
N ARG O 289 7.24 55.85 -24.66
CA ARG O 289 6.82 57.13 -25.20
C ARG O 289 8.05 58.02 -25.40
N ALA O 290 8.04 58.79 -26.48
CA ALA O 290 9.14 59.68 -26.82
C ALA O 290 8.62 61.09 -27.00
N LYS O 291 9.49 62.06 -26.74
CA LYS O 291 9.12 63.46 -26.87
C LYS O 291 9.00 63.88 -28.33
N ARG O 292 9.47 63.06 -29.26
CA ARG O 292 9.44 63.40 -30.67
C ARG O 292 9.63 62.12 -31.48
N SER O 293 9.66 62.29 -32.79
CA SER O 293 9.94 61.17 -33.69
C SER O 293 11.30 60.57 -33.37
N SER O 294 11.34 59.24 -33.27
CA SER O 294 12.56 58.51 -32.91
C SER O 294 12.83 57.49 -34.02
N LYS O 295 13.73 57.84 -34.93
CA LYS O 295 14.12 56.93 -35.99
C LYS O 295 14.97 55.80 -35.44
N MET O 296 15.05 54.72 -36.21
CA MET O 296 15.83 53.54 -35.82
C MET O 296 16.34 52.86 -37.09
N TYR O 297 17.26 51.93 -36.92
CA TYR O 297 17.87 51.22 -38.04
C TYR O 297 18.30 49.84 -37.59
N LEU O 298 18.52 48.97 -38.57
CA LEU O 298 19.06 47.64 -38.33
C LEU O 298 19.29 46.99 -39.69
N LYS O 299 19.76 45.75 -39.66
CA LYS O 299 19.96 44.94 -40.85
C LYS O 299 19.21 43.62 -40.70
N THR O 300 19.38 42.74 -41.67
CA THR O 300 18.61 41.51 -41.70
C THR O 300 19.26 40.53 -42.67
N ARG O 301 18.89 39.25 -42.53
CA ARG O 301 19.28 38.22 -43.46
C ARG O 301 18.39 38.29 -44.70
N SER O 302 18.45 37.26 -45.53
CA SER O 302 17.74 37.32 -46.80
C SER O 302 16.23 37.21 -46.63
N GLN O 303 15.73 36.04 -46.23
CA GLN O 303 14.28 35.91 -46.04
C GLN O 303 13.85 35.15 -44.79
N MET O 304 14.49 34.02 -44.49
CA MET O 304 13.82 33.10 -43.57
C MET O 304 13.98 33.49 -42.11
N PRO O 305 15.20 33.50 -41.53
CA PRO O 305 15.29 33.70 -40.08
C PRO O 305 15.39 35.16 -39.70
N TYR O 306 15.96 35.98 -40.60
CA TYR O 306 16.34 37.33 -40.25
C TYR O 306 17.20 37.29 -39.00
N LYS O 307 17.04 38.27 -38.10
CA LYS O 307 17.68 38.24 -36.79
C LYS O 307 19.21 38.14 -36.95
N VAL O 308 19.77 39.24 -37.44
CA VAL O 308 21.21 39.36 -37.61
C VAL O 308 21.78 40.12 -36.42
N PHE O 309 23.10 40.08 -36.28
CA PHE O 309 23.80 40.74 -35.18
C PHE O 309 24.37 42.07 -35.65
N HIS O 310 25.13 42.72 -34.77
CA HIS O 310 25.79 43.99 -35.08
C HIS O 310 27.06 44.09 -34.24
N TYR O 311 28.20 44.26 -34.89
CA TYR O 311 29.50 44.19 -34.24
C TYR O 311 30.39 45.34 -34.74
N GLN O 312 29.89 46.57 -34.70
CA GLN O 312 30.64 47.69 -35.25
C GLN O 312 32.05 47.72 -34.68
N VAL O 313 32.98 48.29 -35.46
CA VAL O 313 34.41 48.20 -35.19
C VAL O 313 35.04 49.58 -35.28
N LYS O 314 36.15 49.74 -34.56
CA LYS O 314 37.00 50.92 -34.67
C LYS O 314 38.44 50.47 -34.91
N ILE O 315 39.19 51.27 -35.67
CA ILE O 315 40.59 51.00 -35.98
C ILE O 315 41.43 52.21 -35.62
N HIS O 316 42.52 51.98 -34.90
CA HIS O 316 43.49 53.02 -34.58
C HIS O 316 44.67 52.92 -35.54
N PHE O 317 44.40 53.24 -36.80
CA PHE O 317 45.45 53.23 -37.81
C PHE O 317 46.58 54.16 -37.37
N SER O 318 47.81 53.65 -37.44
CA SER O 318 48.98 54.44 -37.08
C SER O 318 50.19 53.83 -37.78
N GLY O 319 50.63 54.46 -38.86
CA GLY O 319 51.75 53.96 -39.62
C GLY O 319 52.80 55.01 -39.89
N THR O 320 53.75 54.70 -40.76
CA THR O 320 54.85 55.60 -41.10
C THR O 320 54.61 56.35 -42.40
N GLU O 321 54.30 55.64 -43.47
CA GLU O 321 54.11 56.28 -44.77
C GLU O 321 52.82 57.08 -44.76
N SER O 322 52.88 58.33 -45.20
CA SER O 322 51.77 59.27 -45.07
C SER O 322 51.11 59.60 -46.40
N ASN O 323 51.09 58.66 -47.34
CA ASN O 323 50.39 58.86 -48.61
C ASN O 323 48.95 58.39 -48.45
N THR O 324 48.02 59.34 -48.41
CA THR O 324 46.62 59.01 -48.21
C THR O 324 46.05 58.27 -49.42
N TYR O 325 45.16 57.32 -49.13
CA TYR O 325 44.46 56.56 -50.16
C TYR O 325 42.97 56.63 -49.91
N THR O 326 42.20 56.37 -50.95
CA THR O 326 40.75 56.50 -50.90
C THR O 326 40.09 55.36 -51.64
N ASN O 327 38.84 55.08 -51.27
CA ASN O 327 38.02 54.08 -51.94
C ASN O 327 38.75 52.74 -52.04
N GLN O 328 39.04 52.18 -50.86
CA GLN O 328 39.69 50.89 -50.75
C GLN O 328 38.77 49.91 -50.03
N ALA O 329 38.91 48.63 -50.37
CA ALA O 329 38.06 47.58 -49.84
C ALA O 329 38.81 46.83 -48.75
N PHE O 330 38.21 46.74 -47.57
CA PHE O 330 38.76 45.99 -46.46
C PHE O 330 37.95 44.73 -46.25
N GLU O 331 38.64 43.60 -46.12
CA GLU O 331 38.00 42.32 -45.84
C GLU O 331 38.47 41.84 -44.48
N ILE O 332 37.53 41.41 -43.65
CA ILE O 332 37.83 40.89 -42.33
C ILE O 332 37.00 39.64 -42.10
N SER O 333 37.43 38.86 -41.11
CA SER O 333 36.72 37.65 -40.69
C SER O 333 36.96 37.45 -39.21
N LEU O 334 36.03 36.73 -38.58
CA LEU O 334 36.05 36.55 -37.13
C LEU O 334 35.68 35.12 -36.79
N TYR O 335 36.24 34.66 -35.67
CA TYR O 335 35.98 33.34 -35.12
C TYR O 335 35.60 33.47 -33.66
N GLY O 336 34.64 32.66 -33.21
CA GLY O 336 34.10 32.78 -31.88
C GLY O 336 34.10 31.48 -31.10
N THR O 337 32.99 31.25 -30.40
CA THR O 337 32.83 30.09 -29.54
C THR O 337 31.60 29.27 -29.87
N VAL O 338 30.86 29.65 -30.91
CA VAL O 338 29.68 28.90 -31.37
C VAL O 338 29.80 28.58 -32.85
N ALA O 339 30.06 29.60 -33.67
CA ALA O 339 30.32 29.42 -35.09
C ALA O 339 31.28 30.52 -35.53
N GLU O 340 31.46 30.67 -36.84
CA GLU O 340 32.41 31.65 -37.35
C GLU O 340 32.07 31.99 -38.79
N SER O 341 32.20 33.27 -39.12
CA SER O 341 32.14 33.73 -40.50
C SER O 341 33.53 33.66 -41.11
N GLU O 342 33.58 33.66 -42.44
CA GLU O 342 34.82 33.38 -43.16
C GLU O 342 35.31 34.55 -44.02
N ASN O 343 34.46 35.06 -44.91
CA ASN O 343 34.93 35.99 -45.93
C ASN O 343 33.97 37.17 -46.07
N ILE O 344 33.61 37.79 -44.95
CA ILE O 344 32.70 38.94 -44.99
C ILE O 344 33.50 40.19 -45.36
N PRO O 345 33.12 40.90 -46.41
CA PRO O 345 33.83 42.13 -46.78
C PRO O 345 33.17 43.38 -46.19
N PHE O 346 33.84 44.51 -46.40
CA PHE O 346 33.28 45.82 -46.10
C PHE O 346 34.15 46.88 -46.75
N THR O 347 33.65 48.11 -46.71
CA THR O 347 34.28 49.23 -47.40
C THR O 347 34.58 50.35 -46.43
N LEU O 348 35.67 51.07 -46.71
CA LEU O 348 36.11 52.19 -45.89
C LEU O 348 37.00 53.13 -46.70
N PRO O 349 36.45 54.17 -47.30
CA PRO O 349 37.30 55.09 -48.08
C PRO O 349 38.09 56.03 -47.18
N GLU O 350 38.78 56.99 -47.80
CA GLU O 350 39.44 58.10 -47.11
C GLU O 350 40.36 57.61 -45.99
N VAL O 351 41.08 56.52 -46.28
CA VAL O 351 42.02 55.96 -45.31
C VAL O 351 43.20 56.91 -45.17
N SER O 352 43.64 57.13 -43.94
CA SER O 352 44.76 58.01 -43.66
C SER O 352 45.63 57.39 -42.57
N THR O 353 46.50 58.21 -41.98
CA THR O 353 47.42 57.77 -40.94
C THR O 353 47.22 58.60 -39.68
N ASN O 354 47.71 58.08 -38.57
CA ASN O 354 47.60 58.73 -37.27
C ASN O 354 46.15 59.10 -36.95
N LYS O 355 45.21 58.42 -37.58
CA LYS O 355 43.79 58.73 -37.47
C LYS O 355 43.01 57.47 -37.15
N THR O 356 41.90 57.64 -36.47
CA THR O 356 41.03 56.53 -36.10
C THR O 356 39.79 56.52 -36.96
N TYR O 357 39.37 55.33 -37.36
CA TYR O 357 38.21 55.13 -38.22
C TYR O 357 37.25 54.16 -37.55
N SER O 358 36.08 54.00 -38.16
CA SER O 358 35.07 53.09 -37.65
C SER O 358 34.13 52.73 -38.78
N PHE O 359 33.40 51.64 -38.59
CA PHE O 359 32.43 51.19 -39.58
C PHE O 359 31.47 50.22 -38.92
N LEU O 360 30.45 49.85 -39.66
CA LEU O 360 29.44 48.91 -39.20
C LEU O 360 29.59 47.60 -39.94
N LEU O 361 29.57 46.50 -39.19
CA LEU O 361 29.61 45.16 -39.76
C LEU O 361 28.42 44.36 -39.25
N TYR O 362 27.94 43.45 -40.08
CA TYR O 362 26.85 42.56 -39.71
C TYR O 362 27.20 41.13 -40.12
N THR O 363 26.75 40.19 -39.30
CA THR O 363 26.87 38.77 -39.60
C THR O 363 25.51 38.13 -39.39
N GLU O 364 25.31 36.98 -40.03
CA GLU O 364 24.04 36.30 -40.05
C GLU O 364 24.09 34.94 -39.36
N VAL O 365 25.06 34.76 -38.47
CA VAL O 365 25.20 33.51 -37.72
C VAL O 365 25.58 33.86 -36.29
N ASP O 366 25.00 33.12 -35.33
CA ASP O 366 25.34 33.34 -33.94
C ASP O 366 26.78 32.93 -33.67
N ILE O 367 27.49 33.75 -32.89
CA ILE O 367 28.90 33.56 -32.65
C ILE O 367 29.19 33.54 -31.15
N GLY O 368 28.30 34.12 -30.36
CA GLY O 368 28.59 34.29 -28.94
C GLY O 368 29.80 35.17 -28.77
N GLU O 369 30.79 34.68 -28.03
CA GLU O 369 32.03 35.42 -27.85
C GLU O 369 32.87 35.35 -29.12
N LEU O 370 33.98 36.09 -29.12
CA LEU O 370 34.84 36.18 -30.28
C LEU O 370 36.29 36.18 -29.82
N LEU O 371 37.12 35.35 -30.44
CA LEU O 371 38.49 35.14 -30.00
C LEU O 371 39.50 35.87 -30.88
N MET O 372 39.51 35.58 -32.17
CA MET O 372 40.51 36.10 -33.07
C MET O 372 39.84 36.77 -34.27
N LEU O 373 40.65 37.51 -35.03
CA LEU O 373 40.13 38.36 -36.09
C LEU O 373 41.05 38.29 -37.30
N LYS O 374 40.48 38.55 -38.48
CA LYS O 374 41.21 38.62 -39.73
C LYS O 374 41.05 40.00 -40.33
N LEU O 375 42.13 40.51 -40.94
CA LEU O 375 42.15 41.88 -41.44
C LEU O 375 42.81 41.93 -42.81
N LYS O 376 42.41 41.03 -43.70
CA LYS O 376 42.98 41.02 -45.04
C LYS O 376 42.61 42.29 -45.79
N TRP O 377 43.51 42.72 -46.68
CA TRP O 377 43.30 43.90 -47.51
C TRP O 377 43.44 43.49 -48.97
N ILE O 378 42.35 43.63 -49.72
CA ILE O 378 42.23 43.00 -51.02
C ILE O 378 42.77 43.92 -52.10
N SER O 379 43.04 43.35 -53.27
CA SER O 379 43.58 44.09 -54.40
C SER O 379 43.09 43.45 -55.68
N ASP O 380 43.21 44.20 -56.78
CA ASP O 380 42.86 43.73 -58.12
C ASP O 380 44.08 43.35 -58.93
N SER O 381 45.19 43.06 -58.27
CA SER O 381 46.44 42.65 -58.89
C SER O 381 46.94 41.34 -58.29
N TYR O 382 46.05 40.34 -58.24
CA TYR O 382 46.33 39.07 -57.56
C TYR O 382 47.68 38.49 -57.98
N PHE O 383 47.97 38.54 -59.27
CA PHE O 383 49.13 37.82 -59.80
C PHE O 383 50.42 38.38 -59.21
N SER O 384 51.52 37.68 -59.47
CA SER O 384 52.79 37.99 -58.84
C SER O 384 53.42 39.28 -59.35
N TRP O 385 52.73 40.06 -60.18
CA TRP O 385 53.23 41.38 -60.54
C TRP O 385 53.41 42.25 -59.31
N SER O 386 52.39 42.30 -58.45
CA SER O 386 52.40 43.13 -57.24
C SER O 386 52.61 42.28 -55.99
N ASN O 387 53.44 41.24 -56.10
CA ASN O 387 53.74 40.37 -54.96
C ASN O 387 55.12 40.63 -54.37
N TRP O 388 56.01 41.32 -55.07
CA TRP O 388 57.33 41.65 -54.54
C TRP O 388 57.54 43.13 -54.33
N TRP O 389 57.38 43.96 -55.36
CA TRP O 389 57.73 45.36 -55.24
C TRP O 389 56.89 46.04 -54.17
N SER O 390 57.49 47.01 -53.50
CA SER O 390 56.90 47.62 -52.32
C SER O 390 55.52 48.20 -52.64
N SER O 391 54.50 47.60 -52.08
CA SER O 391 53.14 48.10 -52.16
C SER O 391 52.76 48.83 -50.88
N PRO O 392 51.79 49.75 -50.94
CA PRO O 392 51.46 50.53 -49.75
C PRO O 392 51.05 49.65 -48.58
N GLY O 393 51.46 50.04 -47.39
CA GLY O 393 51.17 49.28 -46.20
C GLY O 393 51.06 50.18 -44.99
N PHE O 394 50.45 49.65 -43.94
CA PHE O 394 50.25 50.39 -42.70
C PHE O 394 50.61 49.50 -41.52
N ASP O 395 50.48 50.04 -40.32
CA ASP O 395 50.69 49.31 -39.08
C ASP O 395 49.42 49.35 -38.24
N ILE O 396 49.18 48.26 -37.52
CA ILE O 396 47.97 48.09 -36.72
C ILE O 396 48.37 47.91 -35.26
N GLY O 397 47.71 48.66 -34.38
CA GLY O 397 47.93 48.52 -32.95
C GLY O 397 46.81 47.76 -32.29
N LYS O 398 45.88 48.48 -31.69
CA LYS O 398 44.75 47.87 -31.00
C LYS O 398 43.48 47.97 -31.85
N ILE O 399 42.48 47.21 -31.45
CA ILE O 399 41.17 47.21 -32.11
C ILE O 399 40.10 47.18 -31.04
N ARG O 400 39.04 47.97 -31.26
CA ARG O 400 38.05 48.25 -30.23
C ARG O 400 36.65 47.83 -30.65
N VAL O 401 36.50 46.62 -31.18
CA VAL O 401 35.18 46.14 -31.54
C VAL O 401 34.26 46.21 -30.35
N LYS O 402 32.97 46.39 -30.61
CA LYS O 402 31.96 46.51 -29.56
C LYS O 402 30.79 45.61 -29.92
N ALA O 403 30.49 44.65 -29.05
CA ALA O 403 29.37 43.78 -29.27
C ALA O 403 28.06 44.55 -29.13
N GLY O 404 27.12 44.27 -30.03
CA GLY O 404 25.87 45.00 -30.05
C GLY O 404 24.89 44.60 -28.98
N GLU O 405 24.39 43.37 -29.04
CA GLU O 405 23.34 42.94 -28.12
C GLU O 405 23.79 43.09 -26.68
N THR O 406 25.02 42.69 -26.39
CA THR O 406 25.63 42.86 -25.07
C THR O 406 26.78 43.84 -25.20
N GLN O 407 26.77 44.88 -24.37
CA GLN O 407 27.81 45.90 -24.42
C GLN O 407 29.09 45.32 -23.87
N LYS O 408 30.04 45.04 -24.77
CA LYS O 408 31.32 44.42 -24.41
C LYS O 408 32.42 45.17 -25.17
N LYS O 409 33.12 46.05 -24.47
CA LYS O 409 34.24 46.79 -25.06
C LYS O 409 35.50 45.92 -25.07
N VAL O 410 35.38 44.77 -25.73
CA VAL O 410 36.52 43.87 -25.85
C VAL O 410 37.61 44.57 -26.63
N ILE O 411 38.82 44.53 -26.10
CA ILE O 411 39.96 45.24 -26.67
C ILE O 411 40.81 44.21 -27.42
N PHE O 412 40.64 44.14 -28.73
CA PHE O 412 41.56 43.37 -29.54
C PHE O 412 42.92 44.04 -29.59
N CYS O 413 43.92 43.29 -30.04
CA CYS O 413 45.29 43.54 -29.61
C CYS O 413 46.23 42.91 -30.62
N SER O 414 46.96 43.73 -31.36
CA SER O 414 47.93 43.20 -32.31
C SER O 414 49.06 42.50 -31.56
N ARG O 415 49.73 41.60 -32.27
CA ARG O 415 50.82 40.86 -31.66
C ARG O 415 52.04 41.78 -31.51
N GLU O 416 53.11 41.23 -30.95
CA GLU O 416 54.26 42.06 -30.61
C GLU O 416 54.76 42.87 -31.81
N LYS O 417 55.00 42.21 -32.94
CA LYS O 417 55.50 42.92 -34.11
C LYS O 417 54.93 42.39 -35.43
N MET O 418 54.04 41.41 -35.38
CA MET O 418 53.73 40.60 -36.55
C MET O 418 52.46 41.10 -37.23
N SER O 419 52.43 42.39 -37.55
CA SER O 419 51.22 42.93 -38.16
C SER O 419 51.42 43.53 -39.56
N TYR O 420 52.11 44.67 -39.63
CA TYR O 420 52.47 45.34 -40.87
C TYR O 420 51.46 45.09 -41.98
N LEU O 421 50.19 45.45 -41.78
CA LEU O 421 49.19 45.19 -42.81
C LEU O 421 49.64 45.79 -44.13
N GLN O 422 49.53 45.01 -45.20
CA GLN O 422 49.96 45.44 -46.53
C GLN O 422 48.96 44.96 -47.57
N LYS O 423 48.88 45.70 -48.68
CA LYS O 423 48.00 45.31 -49.77
C LYS O 423 48.46 43.98 -50.36
N GLY O 424 47.48 43.19 -50.79
CA GLY O 424 47.80 41.92 -51.42
C GLY O 424 48.65 41.04 -50.54
N LYS O 425 48.30 40.95 -49.26
CA LYS O 425 49.09 40.20 -48.30
C LYS O 425 48.16 39.41 -47.39
N SER O 426 48.74 38.46 -46.69
CA SER O 426 47.97 37.67 -45.74
C SER O 426 47.40 38.58 -44.67
N PRO O 427 46.23 38.26 -44.13
CA PRO O 427 45.65 39.10 -43.07
C PRO O 427 46.57 39.15 -41.86
N VAL O 428 46.15 39.96 -40.89
CA VAL O 428 46.86 40.12 -39.62
C VAL O 428 45.99 39.55 -38.51
N ILE O 429 46.55 38.64 -37.74
CA ILE O 429 45.81 38.00 -36.66
C ILE O 429 45.71 38.94 -35.46
N PHE O 430 44.65 38.74 -34.68
CA PHE O 430 44.46 39.47 -33.43
C PHE O 430 43.82 38.54 -32.42
N VAL O 431 43.91 38.91 -31.15
CA VAL O 431 43.46 38.06 -30.05
C VAL O 431 42.88 38.94 -28.94
N LYS O 432 42.21 38.29 -27.99
CA LYS O 432 41.72 38.96 -26.80
C LYS O 432 42.90 39.31 -25.89
N CYS O 433 42.79 40.44 -25.18
CA CYS O 433 43.96 41.07 -24.62
C CYS O 433 43.54 42.06 -23.54
N HIS O 434 44.53 42.59 -22.84
CA HIS O 434 44.31 43.65 -21.86
C HIS O 434 43.49 43.15 -20.68
N ASP P 1 81.99 36.77 -82.83
CA ASP P 1 81.16 37.62 -82.00
C ASP P 1 79.70 37.17 -82.03
N PHE P 2 79.52 35.86 -82.14
CA PHE P 2 78.18 35.25 -82.19
C PHE P 2 78.14 34.01 -81.32
N ARG P 3 78.75 34.10 -80.14
CA ARG P 3 78.80 32.99 -79.19
C ARG P 3 78.07 33.27 -77.89
N ASP P 4 77.56 34.50 -77.71
CA ASP P 4 76.82 34.88 -76.52
C ASP P 4 75.34 35.06 -76.84
N ILE P 5 74.82 34.24 -77.76
CA ILE P 5 73.46 34.40 -78.22
C ILE P 5 72.48 33.92 -77.15
N GLU P 6 72.54 32.64 -76.81
CA GLU P 6 71.74 32.07 -75.72
C GLU P 6 70.25 32.37 -75.90
N SER P 7 69.82 32.58 -77.15
CA SER P 7 68.42 32.82 -77.46
C SER P 7 68.19 32.33 -78.89
N LYS P 8 67.64 31.13 -79.01
CA LYS P 8 67.49 30.53 -80.32
C LYS P 8 66.30 31.12 -81.07
N PHE P 9 66.53 31.44 -82.33
CA PHE P 9 65.50 31.99 -83.23
C PHE P 9 64.91 30.83 -84.02
N ALA P 10 63.61 30.63 -83.87
CA ALA P 10 62.92 29.55 -84.58
C ALA P 10 62.26 30.10 -85.84
N LEU P 11 61.77 29.18 -86.68
CA LEU P 11 61.13 29.55 -87.93
C LEU P 11 60.07 28.49 -88.24
N ARG P 12 58.84 28.78 -87.86
CA ARG P 12 57.75 27.86 -88.09
C ARG P 12 57.20 28.02 -89.51
N THR P 13 56.28 27.14 -89.87
CA THR P 13 55.63 27.16 -91.16
C THR P 13 54.15 26.86 -91.00
N PRO P 14 53.32 27.18 -92.00
CA PRO P 14 51.88 26.96 -91.85
C PRO P 14 51.51 25.54 -91.48
N GLU P 15 52.26 24.55 -91.97
CA GLU P 15 51.96 23.16 -91.66
C GLU P 15 52.33 22.81 -90.22
N ASP P 16 53.19 23.61 -89.59
CA ASP P 16 53.63 23.37 -88.21
C ASP P 16 53.65 24.71 -87.47
N THR P 17 52.59 25.00 -86.74
CA THR P 17 52.47 26.25 -85.98
C THR P 17 52.57 26.01 -84.48
N ALA P 18 53.06 24.84 -84.09
CA ALA P 18 53.14 24.46 -82.68
C ALA P 18 54.57 24.25 -82.21
N GLU P 19 55.32 23.42 -82.92
CA GLU P 19 56.65 23.03 -82.49
C GLU P 19 57.71 23.71 -83.34
N ASP P 20 58.73 24.26 -82.69
CA ASP P 20 59.84 24.86 -83.41
C ASP P 20 60.69 23.77 -84.05
N THR P 21 60.86 23.87 -85.37
CA THR P 21 61.58 22.86 -86.14
C THR P 21 62.97 23.31 -86.55
N CYS P 22 63.15 24.59 -86.83
CA CYS P 22 64.41 25.11 -87.33
C CYS P 22 65.13 25.88 -86.23
N HIS P 23 66.38 26.27 -86.52
CA HIS P 23 67.17 27.07 -85.59
C HIS P 23 68.11 27.95 -86.42
N LEU P 24 67.70 29.18 -86.66
CA LEU P 24 68.49 30.13 -87.45
C LEU P 24 69.62 30.69 -86.59
N ILE P 25 70.68 29.91 -86.48
CA ILE P 25 71.81 30.33 -85.64
C ILE P 25 72.49 31.54 -86.26
N PRO P 26 72.66 32.64 -85.54
CA PRO P 26 73.36 33.79 -86.13
C PRO P 26 74.78 33.44 -86.52
N GLY P 27 75.24 34.05 -87.60
CA GLY P 27 76.59 33.82 -88.09
C GLY P 27 76.70 32.57 -88.93
N VAL P 28 76.08 31.48 -88.48
CA VAL P 28 76.11 30.21 -89.21
C VAL P 28 75.06 30.32 -90.32
N THR P 29 75.53 30.63 -91.52
CA THR P 29 74.61 30.85 -92.63
C THR P 29 73.91 29.57 -93.06
N GLU P 30 74.36 28.42 -92.58
CA GLU P 30 73.83 27.14 -93.06
C GLU P 30 72.34 27.04 -92.78
N SER P 31 71.88 27.62 -91.68
CA SER P 31 70.48 27.47 -91.28
C SER P 31 69.55 28.11 -92.30
N VAL P 32 69.98 29.24 -92.89
CA VAL P 32 69.12 29.93 -93.85
C VAL P 32 68.83 29.03 -95.04
N ALA P 33 69.86 28.35 -95.54
CA ALA P 33 69.65 27.43 -96.64
C ALA P 33 68.91 26.18 -96.18
N ASN P 34 69.15 25.75 -94.93
CA ASN P 34 68.49 24.57 -94.42
C ASN P 34 66.98 24.75 -94.39
N CYS P 35 66.52 25.92 -93.96
CA CYS P 35 65.10 26.20 -93.85
C CYS P 35 64.75 27.34 -94.80
N HIS P 36 63.76 27.10 -95.66
CA HIS P 36 63.44 28.06 -96.71
C HIS P 36 63.10 29.42 -96.12
N PHE P 37 63.64 30.46 -96.76
CA PHE P 37 63.49 31.84 -96.29
C PHE P 37 63.39 32.74 -97.51
N ASN P 38 62.16 33.10 -97.89
CA ASN P 38 61.95 33.93 -99.06
C ASN P 38 62.49 35.33 -98.76
N HIS P 39 63.67 35.64 -99.31
CA HIS P 39 64.33 36.91 -99.05
C HIS P 39 63.61 38.09 -99.69
N SER P 40 62.63 37.83 -100.56
CA SER P 40 61.90 38.91 -101.20
C SER P 40 60.70 39.35 -100.36
N SER P 41 60.05 38.42 -99.68
CA SER P 41 58.80 38.72 -99.00
C SER P 41 59.06 39.32 -97.62
N LYS P 42 57.97 39.75 -96.99
CA LYS P 42 58.02 40.33 -95.65
C LYS P 42 58.22 39.24 -94.62
N THR P 43 58.79 39.62 -93.48
CA THR P 43 59.12 38.65 -92.43
C THR P 43 58.84 39.25 -91.06
N PHE P 44 57.92 38.64 -90.32
CA PHE P 44 57.58 39.11 -88.99
C PHE P 44 58.50 38.51 -87.95
N VAL P 45 58.48 39.11 -86.76
CA VAL P 45 59.27 38.62 -85.63
C VAL P 45 58.42 38.71 -84.37
N VAL P 46 57.99 37.58 -83.86
CA VAL P 46 57.16 37.51 -82.67
C VAL P 46 58.07 37.42 -81.44
N ILE P 47 57.82 38.26 -80.46
CA ILE P 47 58.59 38.27 -79.22
C ILE P 47 57.58 38.12 -78.08
N HIS P 48 57.44 36.91 -77.57
CA HIS P 48 56.56 36.70 -76.43
C HIS P 48 57.21 37.24 -75.17
N GLY P 49 56.54 37.02 -74.04
CA GLY P 49 56.95 37.62 -72.80
C GLY P 49 57.06 36.65 -71.65
N TRP P 50 57.02 37.19 -70.43
CA TRP P 50 57.26 36.39 -69.24
C TRP P 50 56.22 35.29 -69.11
N THR P 51 56.68 34.11 -68.69
CA THR P 51 55.80 32.98 -68.49
C THR P 51 56.23 32.21 -67.25
N VAL P 52 55.29 32.00 -66.33
CA VAL P 52 55.57 31.22 -65.14
C VAL P 52 55.96 29.80 -65.51
N THR P 53 55.32 29.26 -66.55
CA THR P 53 55.65 27.92 -67.00
C THR P 53 56.93 27.94 -67.82
N GLY P 54 57.31 26.77 -68.33
CA GLY P 54 58.50 26.65 -69.14
C GLY P 54 58.19 26.38 -70.60
N MET P 55 57.16 27.03 -71.12
CA MET P 55 56.74 26.83 -72.50
C MET P 55 56.02 28.06 -73.00
N TYR P 56 55.85 28.11 -74.31
CA TYR P 56 55.17 29.24 -74.94
C TYR P 56 53.72 29.32 -74.46
N GLU P 57 53.23 30.54 -74.34
CA GLU P 57 51.83 30.74 -73.98
C GLU P 57 50.92 30.14 -75.06
N SER P 58 49.63 30.10 -74.75
CA SER P 58 48.66 29.42 -75.60
C SER P 58 48.25 30.23 -76.82
N TRP P 59 48.68 31.48 -76.93
CA TRP P 59 48.23 32.34 -78.01
C TRP P 59 49.16 32.37 -79.22
N VAL P 60 50.42 31.99 -79.03
CA VAL P 60 51.38 32.03 -80.14
C VAL P 60 50.92 31.20 -81.33
N PRO P 61 50.45 29.97 -81.16
CA PRO P 61 50.04 29.19 -82.34
C PRO P 61 48.94 29.86 -83.14
N LYS P 62 47.91 30.36 -82.45
CA LYS P 62 46.84 31.04 -83.16
C LYS P 62 47.35 32.29 -83.86
N LEU P 63 48.20 33.06 -83.18
CA LEU P 63 48.73 34.27 -83.80
C LEU P 63 49.48 33.93 -85.08
N VAL P 64 50.36 32.95 -85.04
CA VAL P 64 51.19 32.65 -86.19
C VAL P 64 50.33 32.07 -87.31
N ALA P 65 49.35 31.23 -86.96
CA ALA P 65 48.47 30.68 -87.98
C ALA P 65 47.72 31.79 -88.69
N ALA P 66 47.20 32.75 -87.93
CA ALA P 66 46.48 33.86 -88.55
C ALA P 66 47.43 34.72 -89.38
N LEU P 67 48.67 34.87 -88.93
CA LEU P 67 49.63 35.66 -89.68
C LEU P 67 49.88 35.03 -91.05
N TYR P 68 50.07 33.71 -91.08
CA TYR P 68 50.21 33.04 -92.37
C TYR P 68 48.94 33.16 -93.20
N LYS P 69 47.78 33.02 -92.57
CA LYS P 69 46.53 33.17 -93.30
C LYS P 69 46.47 34.53 -93.99
N ARG P 70 46.86 35.58 -93.28
CA ARG P 70 46.78 36.93 -93.84
C ARG P 70 47.83 37.15 -94.91
N GLU P 71 49.08 36.75 -94.66
CA GLU P 71 50.19 37.03 -95.57
C GLU P 71 50.96 35.75 -95.84
N PRO P 72 50.47 34.92 -96.76
CA PRO P 72 51.20 33.69 -97.11
C PRO P 72 52.53 34.01 -97.79
N ASP P 73 53.36 32.98 -97.89
CA ASP P 73 54.68 33.09 -98.50
C ASP P 73 55.50 34.20 -97.82
N SER P 74 55.37 34.28 -96.50
CA SER P 74 56.10 35.25 -95.71
C SER P 74 56.66 34.56 -94.48
N ASN P 75 57.95 34.80 -94.21
CA ASN P 75 58.62 34.09 -93.14
C ASN P 75 58.18 34.61 -91.78
N VAL P 76 58.31 33.73 -90.79
CA VAL P 76 57.97 34.04 -89.40
C VAL P 76 59.11 33.57 -88.53
N ILE P 77 59.51 34.40 -87.57
CA ILE P 77 60.60 34.09 -86.64
C ILE P 77 60.05 34.16 -85.23
N VAL P 78 60.43 33.19 -84.41
CA VAL P 78 60.06 33.16 -82.99
C VAL P 78 61.34 33.08 -82.17
N VAL P 79 61.27 33.63 -80.97
CA VAL P 79 62.40 33.70 -80.07
C VAL P 79 62.19 32.70 -78.94
N ASP P 80 63.24 32.54 -78.12
CA ASP P 80 63.27 31.50 -77.09
C ASP P 80 63.55 32.10 -75.72
N TRP P 81 62.76 33.10 -75.34
CA TRP P 81 62.83 33.70 -74.01
C TRP P 81 63.09 32.67 -72.93
N LEU P 82 62.55 31.47 -73.12
CA LEU P 82 62.70 30.40 -72.13
C LEU P 82 64.17 30.24 -71.75
N SER P 83 64.40 29.77 -70.54
CA SER P 83 65.71 29.62 -69.90
C SER P 83 66.19 30.93 -69.30
N ARG P 84 65.58 32.05 -69.64
CA ARG P 84 65.92 33.35 -69.07
C ARG P 84 64.71 34.05 -68.47
N ALA P 85 63.53 33.88 -69.07
CA ALA P 85 62.34 34.52 -68.55
C ALA P 85 61.80 33.80 -67.32
N GLN P 86 62.05 32.50 -67.20
CA GLN P 86 61.55 31.76 -66.04
C GLN P 86 62.08 32.35 -64.73
N GLN P 87 63.19 33.07 -64.80
CA GLN P 87 63.79 33.63 -63.60
C GLN P 87 62.86 34.69 -63.01
N HIS P 88 63.27 35.24 -61.87
CA HIS P 88 62.50 36.28 -61.21
C HIS P 88 62.16 37.39 -62.19
N TYR P 89 60.96 37.95 -62.02
CA TYR P 89 60.46 38.93 -62.98
C TYR P 89 61.40 40.12 -63.15
N PRO P 90 61.90 40.74 -62.09
CA PRO P 90 62.93 41.78 -62.28
C PRO P 90 64.13 41.32 -63.06
N VAL P 91 64.53 40.05 -62.89
CA VAL P 91 65.65 39.53 -63.67
C VAL P 91 65.33 39.58 -65.15
N SER P 92 64.08 39.30 -65.51
CA SER P 92 63.67 39.43 -66.90
C SER P 92 63.71 40.88 -67.35
N ALA P 93 63.33 41.79 -66.46
CA ALA P 93 63.42 43.21 -66.78
C ALA P 93 64.84 43.60 -67.10
N GLY P 94 65.80 43.07 -66.34
CA GLY P 94 67.20 43.33 -66.66
C GLY P 94 67.64 42.66 -67.95
N TYR P 95 67.21 41.42 -68.17
CA TYR P 95 67.62 40.64 -69.34
C TYR P 95 66.98 41.16 -70.62
N THR P 96 65.99 42.05 -70.51
CA THR P 96 65.47 42.67 -71.72
C THR P 96 66.58 43.31 -72.53
N LYS P 97 67.56 43.92 -71.86
CA LYS P 97 68.66 44.55 -72.57
C LYS P 97 69.48 43.51 -73.33
N LEU P 98 69.76 42.37 -72.69
CA LEU P 98 70.53 41.33 -73.36
C LEU P 98 69.79 40.81 -74.57
N VAL P 99 68.48 40.56 -74.44
CA VAL P 99 67.73 40.03 -75.57
C VAL P 99 67.65 41.06 -76.69
N GLY P 100 67.53 42.34 -76.32
CA GLY P 100 67.51 43.38 -77.34
C GLY P 100 68.82 43.46 -78.09
N GLN P 101 69.93 43.39 -77.36
CA GLN P 101 71.23 43.36 -78.02
C GLN P 101 71.35 42.15 -78.93
N ASP P 102 70.84 41.00 -78.47
CA ASP P 102 70.90 39.78 -79.27
C ASP P 102 70.10 39.94 -80.57
N VAL P 103 68.90 40.49 -80.48
CA VAL P 103 68.07 40.67 -81.66
C VAL P 103 68.70 41.67 -82.61
N ALA P 104 69.28 42.73 -82.06
CA ALA P 104 69.96 43.71 -82.90
C ALA P 104 71.12 43.07 -83.64
N LYS P 105 71.89 42.23 -82.94
CA LYS P 105 72.99 41.52 -83.60
C LYS P 105 72.46 40.60 -84.68
N PHE P 106 71.35 39.91 -84.41
CA PHE P 106 70.75 39.04 -85.41
C PHE P 106 70.40 39.83 -86.67
N MET P 107 69.70 40.95 -86.50
CA MET P 107 69.25 41.71 -87.64
C MET P 107 70.42 42.33 -88.39
N ASN P 108 71.44 42.79 -87.66
CA ASN P 108 72.62 43.35 -88.30
C ASN P 108 73.35 42.29 -89.12
N TRP P 109 73.46 41.08 -88.57
CA TRP P 109 74.08 39.99 -89.29
C TRP P 109 73.30 39.68 -90.56
N MET P 110 71.98 39.69 -90.47
CA MET P 110 71.17 39.45 -91.65
C MET P 110 71.38 40.54 -92.69
N ALA P 111 71.40 41.80 -92.25
CA ALA P 111 71.58 42.91 -93.18
C ALA P 111 73.00 42.99 -93.73
N ASP P 112 73.95 42.31 -93.10
CA ASP P 112 75.31 42.24 -93.62
C ASP P 112 75.49 41.09 -94.60
N GLU P 113 75.11 39.88 -94.21
CA GLU P 113 75.30 38.71 -95.08
C GLU P 113 74.34 38.73 -96.26
N PHE P 114 73.05 38.98 -96.00
CA PHE P 114 72.02 38.92 -97.02
C PHE P 114 71.43 40.27 -97.36
N ASN P 115 71.88 41.34 -96.70
CA ASN P 115 71.37 42.69 -96.93
C ASN P 115 69.86 42.71 -97.12
N TYR P 116 69.15 41.94 -96.29
CA TYR P 116 67.70 41.91 -96.37
C TYR P 116 67.16 43.29 -96.04
N PRO P 117 66.24 43.84 -96.83
CA PRO P 117 65.72 45.18 -96.54
C PRO P 117 65.04 45.24 -95.19
N LEU P 118 65.48 46.18 -94.36
CA LEU P 118 64.93 46.32 -93.02
C LEU P 118 63.51 46.88 -93.03
N GLY P 119 63.03 47.33 -94.19
CA GLY P 119 61.72 47.94 -94.27
C GLY P 119 60.61 46.93 -94.46
N ASN P 120 60.90 45.66 -94.18
CA ASN P 120 59.93 44.59 -94.41
C ASN P 120 59.89 43.63 -93.22
N VAL P 121 60.04 44.16 -92.01
CA VAL P 121 60.07 43.33 -90.80
C VAL P 121 59.26 44.01 -89.71
N HIS P 122 58.46 43.21 -88.99
CA HIS P 122 57.72 43.67 -87.83
C HIS P 122 58.27 43.01 -86.58
N LEU P 123 58.48 43.80 -85.54
CA LEU P 123 58.88 43.28 -84.24
C LEU P 123 57.65 43.21 -83.33
N LEU P 124 56.80 42.22 -83.61
CA LEU P 124 55.61 42.05 -82.79
C LEU P 124 56.00 41.76 -81.36
N GLY P 125 55.68 42.71 -80.48
CA GLY P 125 56.06 42.63 -79.09
C GLY P 125 54.86 42.56 -78.16
N TYR P 126 54.94 41.63 -77.22
CA TYR P 126 53.92 41.45 -76.21
C TYR P 126 54.60 41.57 -74.85
N SER P 127 53.80 41.85 -73.83
CA SER P 127 54.27 41.89 -72.45
C SER P 127 55.64 42.54 -72.39
N LEU P 128 56.64 41.87 -71.82
CA LEU P 128 58.00 42.40 -71.83
C LEU P 128 58.58 42.44 -73.24
N GLY P 129 58.00 41.66 -74.15
CA GLY P 129 58.56 41.58 -75.50
C GLY P 129 58.51 42.89 -76.23
N ALA P 130 57.46 43.68 -75.97
CA ALA P 130 57.36 44.98 -76.61
C ALA P 130 58.53 45.87 -76.21
N HIS P 131 58.83 45.94 -74.92
CA HIS P 131 59.98 46.73 -74.48
C HIS P 131 61.27 46.15 -75.00
N ALA P 132 61.34 44.83 -75.11
CA ALA P 132 62.54 44.19 -75.64
C ALA P 132 62.78 44.64 -77.08
N ALA P 133 61.74 44.62 -77.90
CA ALA P 133 61.89 45.09 -79.27
C ALA P 133 62.23 46.57 -79.30
N GLY P 134 61.59 47.36 -78.45
CA GLY P 134 61.85 48.78 -78.45
C GLY P 134 63.30 49.10 -78.17
N ILE P 135 63.86 48.47 -77.13
CA ILE P 135 65.29 48.62 -76.88
C ILE P 135 66.06 48.04 -78.06
N ALA P 136 65.48 47.08 -78.76
CA ALA P 136 66.06 46.58 -79.99
C ALA P 136 65.74 47.54 -81.13
N GLY P 137 66.33 47.28 -82.30
CA GLY P 137 66.13 48.14 -83.43
C GLY P 137 66.90 49.44 -83.32
N SER P 138 66.77 50.09 -82.16
CA SER P 138 67.52 51.32 -81.91
C SER P 138 69.02 51.09 -82.14
N LEU P 139 69.51 49.91 -81.79
CA LEU P 139 70.91 49.59 -82.07
C LEU P 139 71.13 49.27 -83.54
N THR P 140 70.08 48.88 -84.25
CA THR P 140 70.20 48.59 -85.67
C THR P 140 70.56 49.86 -86.44
N ASN P 141 71.38 49.69 -87.47
CA ASN P 141 71.84 50.83 -88.25
C ASN P 141 70.78 51.36 -89.21
N LYS P 142 69.94 50.48 -89.75
CA LYS P 142 69.00 50.85 -90.80
C LYS P 142 67.56 50.96 -90.29
N LYS P 143 67.36 51.06 -88.98
CA LYS P 143 66.03 51.24 -88.42
C LYS P 143 65.09 50.11 -88.81
N VAL P 144 63.84 50.20 -88.37
CA VAL P 144 62.84 49.16 -88.61
C VAL P 144 61.53 49.81 -89.01
N ASN P 145 60.82 49.19 -89.93
CA ASN P 145 59.55 49.74 -90.42
C ASN P 145 58.50 49.80 -89.32
N ARG P 146 58.08 48.63 -88.81
CA ARG P 146 57.02 48.54 -87.82
C ARG P 146 57.49 47.79 -86.59
N ILE P 147 57.10 48.29 -85.43
CA ILE P 147 57.49 47.70 -84.15
C ILE P 147 56.24 47.46 -83.31
N THR P 148 55.11 47.27 -83.97
CA THR P 148 53.83 47.14 -83.29
C THR P 148 53.91 46.19 -82.11
N GLY P 149 53.67 46.70 -80.91
CA GLY P 149 53.68 45.91 -79.70
C GLY P 149 52.29 45.63 -79.17
N LEU P 150 52.24 44.92 -78.06
CA LEU P 150 50.97 44.52 -77.44
C LEU P 150 51.11 44.60 -75.93
N ASP P 151 50.34 45.50 -75.32
CA ASP P 151 50.27 45.60 -73.88
C ASP P 151 51.68 45.75 -73.30
N PRO P 152 52.35 46.86 -73.59
CA PRO P 152 53.70 47.06 -73.04
C PRO P 152 53.68 47.02 -71.53
N ALA P 153 54.73 46.42 -70.96
CA ALA P 153 54.83 46.31 -69.52
C ALA P 153 55.05 47.67 -68.89
N GLY P 154 54.44 47.86 -67.71
CA GLY P 154 54.53 49.12 -67.00
C GLY P 154 55.65 49.16 -65.98
N PRO P 155 55.75 48.14 -65.12
CA PRO P 155 56.72 48.20 -64.03
C PRO P 155 58.14 48.34 -64.55
N ASN P 156 58.94 49.12 -63.82
CA ASN P 156 60.35 49.32 -64.12
C ASN P 156 60.57 49.92 -65.50
N PHE P 157 59.52 50.49 -66.09
CA PHE P 157 59.63 51.18 -67.37
C PHE P 157 59.03 52.57 -67.34
N GLU P 158 58.04 52.82 -66.47
CA GLU P 158 57.62 54.18 -66.23
C GLU P 158 58.75 54.95 -65.56
N TYR P 159 58.74 56.26 -65.74
CA TYR P 159 59.82 57.11 -65.24
C TYR P 159 61.16 56.67 -65.82
N ALA P 160 61.17 56.36 -67.12
CA ALA P 160 62.35 55.89 -67.82
C ALA P 160 62.57 56.75 -69.07
N GLU P 161 63.49 56.30 -69.92
CA GLU P 161 63.84 56.99 -71.14
C GLU P 161 63.85 56.02 -72.31
N ALA P 162 64.03 56.57 -73.50
CA ALA P 162 64.03 55.76 -74.72
C ALA P 162 65.01 54.59 -74.68
N PRO P 163 66.26 54.76 -74.27
CA PRO P 163 67.18 53.61 -74.30
C PRO P 163 66.70 52.45 -73.44
N SER P 164 66.00 52.73 -72.35
CA SER P 164 65.58 51.69 -71.42
C SER P 164 64.14 51.26 -71.63
N ARG P 165 63.43 51.83 -72.59
CA ARG P 165 62.04 51.45 -72.83
C ARG P 165 61.67 51.78 -74.26
N LEU P 166 60.55 51.22 -74.70
CA LEU P 166 60.07 51.47 -76.05
C LEU P 166 59.87 52.97 -76.27
N SER P 167 60.32 53.46 -77.41
CA SER P 167 60.24 54.87 -77.75
C SER P 167 59.77 55.02 -79.19
N PRO P 168 59.16 56.16 -79.52
CA PRO P 168 58.73 56.37 -80.92
C PRO P 168 59.87 56.35 -81.89
N ASP P 169 61.06 56.78 -81.49
CA ASP P 169 62.21 56.82 -82.37
C ASP P 169 62.86 55.46 -82.56
N ASP P 170 62.42 54.45 -81.81
CA ASP P 170 62.99 53.12 -81.94
C ASP P 170 62.73 52.51 -83.31
N ALA P 171 61.79 53.05 -84.07
CA ALA P 171 61.45 52.49 -85.37
C ALA P 171 60.74 53.56 -86.19
N ASP P 172 60.57 53.27 -87.47
CA ASP P 172 59.91 54.22 -88.36
C ASP P 172 58.48 54.48 -87.92
N PHE P 173 57.75 53.42 -87.60
CA PHE P 173 56.36 53.53 -87.16
C PHE P 173 56.16 52.61 -85.97
N VAL P 174 55.21 52.96 -85.12
CA VAL P 174 54.95 52.20 -83.90
C VAL P 174 53.50 52.40 -83.49
N ASP P 175 52.94 51.38 -82.87
CA ASP P 175 51.60 51.44 -82.30
C ASP P 175 51.48 50.41 -81.20
N VAL P 176 50.75 50.77 -80.14
CA VAL P 176 50.59 49.93 -78.97
C VAL P 176 49.11 49.80 -78.64
N LEU P 177 48.79 48.72 -77.94
CA LEU P 177 47.41 48.40 -77.56
C LEU P 177 47.32 48.43 -76.04
N HIS P 178 47.05 49.60 -75.48
CA HIS P 178 46.92 49.75 -74.04
C HIS P 178 45.62 49.10 -73.56
N THR P 179 45.66 47.80 -73.32
CA THR P 179 44.48 47.03 -72.99
C THR P 179 44.22 46.93 -71.49
N PHE P 180 45.08 47.52 -70.67
CA PHE P 180 44.91 47.41 -69.22
C PHE P 180 45.73 48.49 -68.55
N THR P 181 45.08 49.36 -67.77
CA THR P 181 45.79 50.42 -67.07
C THR P 181 45.24 50.68 -65.67
N ARG P 182 44.30 49.86 -65.19
CA ARG P 182 43.71 50.13 -63.89
C ARG P 182 44.76 50.04 -62.79
N GLY P 183 44.72 51.01 -61.88
CA GLY P 183 45.64 51.07 -60.77
C GLY P 183 46.33 52.41 -60.69
N SER P 184 47.14 52.57 -59.64
CA SER P 184 47.85 53.81 -59.43
C SER P 184 48.92 53.99 -60.51
N PRO P 185 49.28 55.23 -60.82
CA PRO P 185 50.37 55.45 -61.78
C PRO P 185 51.66 54.79 -61.32
N GLY P 186 52.39 54.23 -62.27
CA GLY P 186 53.67 53.61 -61.99
C GLY P 186 53.59 52.24 -61.33
N ARG P 187 52.39 51.75 -61.02
CA ARG P 187 52.23 50.43 -60.43
C ARG P 187 51.30 49.52 -61.22
N SER P 188 50.45 50.07 -62.08
CA SER P 188 49.66 49.22 -62.95
C SER P 188 50.57 48.47 -63.91
N ILE P 189 50.20 47.21 -64.18
CA ILE P 189 51.04 46.39 -65.06
C ILE P 189 51.19 47.05 -66.42
N GLY P 190 50.11 47.60 -66.95
CA GLY P 190 50.13 48.20 -68.26
C GLY P 190 50.51 49.67 -68.21
N ILE P 191 51.60 50.01 -68.89
CA ILE P 191 52.02 51.41 -68.94
C ILE P 191 50.89 52.26 -69.51
N GLN P 192 50.66 53.41 -68.88
CA GLN P 192 49.63 54.33 -69.31
C GLN P 192 50.17 55.52 -70.08
N LYS P 193 51.44 55.86 -69.89
CA LYS P 193 52.03 56.96 -70.64
C LYS P 193 52.09 56.60 -72.12
N PRO P 194 51.59 57.44 -73.01
CA PRO P 194 51.66 57.12 -74.44
C PRO P 194 53.11 57.03 -74.90
N VAL P 195 53.37 56.09 -75.81
CA VAL P 195 54.73 55.78 -76.23
C VAL P 195 54.89 55.99 -77.73
N GLY P 196 54.03 55.38 -78.53
CA GLY P 196 54.20 55.41 -79.96
C GLY P 196 53.59 56.65 -80.59
N HIS P 197 53.75 56.72 -81.92
CA HIS P 197 53.14 57.81 -82.67
C HIS P 197 51.63 57.80 -82.51
N VAL P 198 51.02 56.62 -82.51
CA VAL P 198 49.60 56.44 -82.28
C VAL P 198 49.43 55.33 -81.27
N ASP P 199 48.55 55.56 -80.28
CA ASP P 199 48.28 54.58 -79.24
C ASP P 199 46.78 54.33 -79.17
N ILE P 200 46.42 53.11 -78.75
CA ILE P 200 45.03 52.68 -78.74
C ILE P 200 44.69 52.25 -77.31
N TYR P 201 43.55 52.74 -76.82
CA TYR P 201 43.12 52.51 -75.44
C TYR P 201 41.69 51.95 -75.48
N PRO P 202 41.54 50.70 -75.88
CA PRO P 202 40.19 50.13 -75.97
C PRO P 202 39.51 50.12 -74.61
N ASN P 203 38.23 50.47 -74.61
CA ASN P 203 37.40 50.49 -73.40
C ASN P 203 37.93 51.46 -72.36
N GLY P 204 38.93 52.27 -72.70
CA GLY P 204 39.58 53.14 -71.75
C GLY P 204 40.70 52.48 -70.97
N GLY P 205 40.91 51.18 -71.14
CA GLY P 205 41.97 50.48 -70.45
C GLY P 205 41.64 50.06 -69.04
N THR P 206 40.46 50.42 -68.52
CA THR P 206 40.13 50.06 -67.15
C THR P 206 40.04 48.55 -66.98
N PHE P 207 39.41 47.88 -67.94
CA PHE P 207 39.21 46.43 -67.89
C PHE P 207 38.62 46.00 -69.23
N GLN P 208 38.26 44.72 -69.32
CA GLN P 208 37.60 44.19 -70.50
C GLN P 208 36.37 43.37 -70.10
N PRO P 209 35.39 43.27 -70.99
CA PRO P 209 34.12 42.64 -70.60
C PRO P 209 34.16 41.13 -70.62
N GLY P 210 34.97 40.54 -71.49
CA GLY P 210 34.95 39.10 -71.68
C GLY P 210 35.59 38.35 -70.52
N CYS P 211 35.10 38.59 -69.32
CA CYS P 211 35.61 37.94 -68.12
C CYS P 211 34.67 38.27 -66.96
N ASN P 212 35.05 37.83 -65.77
CA ASN P 212 34.21 37.96 -64.58
C ASN P 212 35.12 38.27 -63.41
N ILE P 213 34.59 38.13 -62.19
CA ILE P 213 35.40 38.37 -61.00
C ILE P 213 36.64 37.49 -61.01
N GLY P 214 36.47 36.21 -61.35
CA GLY P 214 37.60 35.32 -61.48
C GLY P 214 37.92 34.55 -60.22
N GLU P 215 38.97 34.99 -59.51
CA GLU P 215 39.46 34.27 -58.34
C GLU P 215 38.43 34.34 -57.22
N ALA P 216 37.78 33.20 -56.94
CA ALA P 216 36.82 33.15 -55.85
C ALA P 216 37.52 33.18 -54.50
N LEU P 217 38.59 32.41 -54.35
CA LEU P 217 39.35 32.37 -53.10
C LEU P 217 40.78 31.99 -53.41
N ARG P 218 41.68 32.27 -52.46
CA ARG P 218 43.09 32.03 -52.68
C ARG P 218 43.37 30.54 -52.89
N VAL P 219 42.75 29.69 -52.08
CA VAL P 219 43.01 28.25 -52.12
C VAL P 219 41.96 27.51 -52.95
N ILE P 220 40.69 27.85 -52.78
CA ILE P 220 39.63 27.12 -53.48
C ILE P 220 39.75 27.33 -54.99
N ALA P 221 39.96 28.57 -55.41
CA ALA P 221 40.11 28.88 -56.82
C ALA P 221 41.55 28.62 -57.25
N GLU P 222 41.92 29.07 -58.45
CA GLU P 222 43.23 28.82 -59.05
C GLU P 222 43.83 30.17 -59.45
N ARG P 223 44.55 30.80 -58.53
CA ARG P 223 45.16 32.10 -58.80
C ARG P 223 46.02 32.02 -60.05
N GLY P 224 47.09 31.23 -59.97
CA GLY P 224 47.91 30.91 -61.13
C GLY P 224 47.91 29.42 -61.37
N LEU P 225 46.95 28.72 -60.77
CA LEU P 225 46.87 27.26 -60.87
C LEU P 225 46.07 26.86 -62.11
N GLY P 226 46.44 27.41 -63.25
CA GLY P 226 45.64 27.20 -64.45
C GLY P 226 44.20 27.57 -64.21
N ASP P 227 43.30 26.82 -64.83
CA ASP P 227 41.87 26.98 -64.60
C ASP P 227 41.44 28.44 -64.72
N VAL P 228 41.28 29.12 -63.58
CA VAL P 228 40.81 30.50 -63.58
C VAL P 228 41.95 31.51 -63.69
N ASP P 229 43.19 31.04 -63.85
CA ASP P 229 44.29 31.97 -64.08
C ASP P 229 44.09 32.74 -65.38
N GLN P 230 43.64 32.05 -66.43
CA GLN P 230 43.33 32.74 -67.68
C GLN P 230 42.25 33.78 -67.48
N LEU P 231 41.20 33.44 -66.73
CA LEU P 231 40.16 34.41 -66.42
C LEU P 231 40.72 35.62 -65.68
N VAL P 232 41.65 35.38 -64.75
CA VAL P 232 42.32 36.50 -64.08
C VAL P 232 43.05 37.36 -65.10
N LYS P 233 43.68 36.72 -66.08
CA LYS P 233 44.30 37.45 -67.20
C LYS P 233 43.22 37.80 -68.22
N CYS P 234 42.35 38.71 -67.78
CA CYS P 234 41.17 39.07 -68.57
C CYS P 234 41.57 39.88 -69.80
N SER P 235 42.46 40.85 -69.62
CA SER P 235 42.75 41.84 -70.63
C SER P 235 44.13 41.70 -71.24
N HIS P 236 45.08 41.15 -70.47
CA HIS P 236 46.46 41.10 -70.94
C HIS P 236 46.59 40.32 -72.24
N GLU P 237 45.71 39.34 -72.45
CA GLU P 237 45.66 38.61 -73.71
C GLU P 237 44.62 39.17 -74.68
N ARG P 238 43.76 40.07 -74.20
CA ARG P 238 42.79 40.68 -75.09
C ARG P 238 43.47 41.49 -76.16
N SER P 239 44.66 42.02 -75.89
CA SER P 239 45.41 42.73 -76.92
C SER P 239 45.70 41.81 -78.10
N VAL P 240 46.26 40.65 -77.82
CA VAL P 240 46.64 39.74 -78.89
C VAL P 240 45.40 39.17 -79.57
N HIS P 241 44.35 38.92 -78.79
CA HIS P 241 43.12 38.43 -79.41
C HIS P 241 42.53 39.48 -80.35
N LEU P 242 42.57 40.74 -79.94
CA LEU P 242 42.10 41.82 -80.82
C LEU P 242 42.94 41.89 -82.09
N PHE P 243 44.26 41.79 -81.93
CA PHE P 243 45.14 41.87 -83.09
C PHE P 243 44.87 40.74 -84.07
N ILE P 244 44.70 39.52 -83.55
CA ILE P 244 44.47 38.37 -84.42
C ILE P 244 43.11 38.48 -85.09
N ASP P 245 42.11 38.98 -84.36
CA ASP P 245 40.80 39.15 -84.95
C ASP P 245 40.84 40.17 -86.09
N SER P 246 41.53 41.29 -85.87
CA SER P 246 41.68 42.28 -86.93
C SER P 246 42.43 41.70 -88.11
N LEU P 247 43.48 40.92 -87.85
CA LEU P 247 44.25 40.31 -88.93
C LEU P 247 43.38 39.39 -89.76
N LEU P 248 42.56 38.58 -89.09
CA LEU P 248 41.70 37.64 -89.80
C LEU P 248 40.62 38.36 -90.59
N ASN P 249 39.99 39.37 -89.99
CA ASN P 249 38.93 40.12 -90.66
C ASN P 249 39.51 41.39 -91.29
N GLU P 250 40.21 41.20 -92.40
CA GLU P 250 40.82 42.31 -93.12
C GLU P 250 39.79 43.17 -93.84
N GLU P 251 38.65 42.58 -94.22
CA GLU P 251 37.69 43.30 -95.05
C GLU P 251 37.04 44.46 -94.31
N ASN P 252 36.73 44.29 -93.03
CA ASN P 252 35.99 45.28 -92.26
C ASN P 252 36.73 45.58 -90.96
N PRO P 253 37.83 46.32 -91.04
CA PRO P 253 38.57 46.68 -89.82
C PRO P 253 37.74 47.57 -88.91
N SER P 254 37.97 47.42 -87.61
CA SER P 254 37.37 48.31 -86.63
C SER P 254 38.06 49.67 -86.70
N LYS P 255 37.26 50.74 -86.58
CA LYS P 255 37.75 52.10 -86.73
C LYS P 255 37.82 52.74 -85.35
N ALA P 256 38.99 52.65 -84.73
CA ALA P 256 39.25 53.36 -83.48
C ALA P 256 39.30 54.86 -83.73
N TYR P 257 38.87 55.63 -82.74
CA TYR P 257 38.71 57.06 -82.89
C TYR P 257 39.74 57.82 -82.06
N ARG P 258 40.07 59.02 -82.53
CA ARG P 258 41.04 59.88 -81.89
C ARG P 258 40.32 60.97 -81.11
N CYS P 259 40.81 61.25 -79.91
CA CYS P 259 40.12 62.16 -79.01
C CYS P 259 41.15 62.85 -78.12
N ASN P 260 40.65 63.47 -77.05
CA ASN P 260 41.48 64.17 -76.09
C ASN P 260 41.60 63.45 -74.76
N SER P 261 40.53 62.77 -74.32
CA SER P 261 40.55 62.08 -73.04
C SER P 261 39.43 61.04 -73.04
N LYS P 262 39.56 60.08 -72.11
CA LYS P 262 38.58 59.02 -72.02
C LYS P 262 37.20 59.56 -71.67
N GLU P 263 37.14 60.53 -70.76
CA GLU P 263 35.86 61.12 -70.40
C GLU P 263 35.27 61.86 -71.58
N ALA P 264 36.09 62.59 -72.33
CA ALA P 264 35.61 63.29 -73.51
C ALA P 264 35.03 62.31 -74.52
N PHE P 265 35.71 61.18 -74.73
CA PHE P 265 35.20 60.17 -75.64
C PHE P 265 33.89 59.58 -75.14
N GLU P 266 33.80 59.31 -73.83
CA GLU P 266 32.56 58.80 -73.27
C GLU P 266 31.41 59.77 -73.50
N LYS P 267 31.68 61.07 -73.34
CA LYS P 267 30.65 62.07 -73.62
C LYS P 267 30.26 62.03 -75.09
N GLY P 268 31.23 61.90 -75.98
CA GLY P 268 30.96 61.74 -77.39
C GLY P 268 31.04 63.01 -78.20
N LEU P 269 31.97 63.92 -77.89
CA LEU P 269 32.14 65.16 -78.61
C LEU P 269 33.34 65.13 -79.54
N CYS P 270 34.03 64.00 -79.64
CA CYS P 270 35.33 63.91 -80.29
C CYS P 270 35.40 62.69 -81.21
N LEU P 271 34.39 62.53 -82.06
CA LEU P 271 34.33 61.41 -83.00
C LEU P 271 34.60 61.82 -84.44
N SER P 272 34.09 62.97 -84.87
CA SER P 272 34.28 63.39 -86.25
C SER P 272 35.77 63.49 -86.56
N CYS P 273 36.17 62.90 -87.69
CA CYS P 273 37.57 62.90 -88.12
C CYS P 273 37.61 63.38 -89.57
N ARG P 274 37.62 64.70 -89.75
CA ARG P 274 37.81 65.28 -91.07
C ARG P 274 39.28 65.25 -91.46
N LYS P 275 40.17 65.49 -90.50
CA LYS P 275 41.60 65.45 -90.74
C LYS P 275 42.10 64.02 -90.56
N ASN P 276 43.42 63.85 -90.52
CA ASN P 276 44.00 62.52 -90.38
C ASN P 276 43.82 62.03 -88.95
N ARG P 277 42.59 61.65 -88.63
CA ARG P 277 42.24 61.09 -87.33
C ARG P 277 41.45 59.82 -87.54
N CYS P 278 41.07 59.19 -86.42
CA CYS P 278 40.20 58.01 -86.43
C CYS P 278 40.75 56.93 -87.36
N ASN P 279 42.07 56.75 -87.34
CA ASN P 279 42.68 55.77 -88.22
C ASN P 279 42.29 54.36 -87.77
N ASN P 280 42.50 53.40 -88.68
CA ASN P 280 42.18 52.00 -88.43
C ASN P 280 43.04 51.45 -87.32
N MET P 281 42.71 50.26 -86.83
CA MET P 281 43.49 49.58 -85.80
C MET P 281 43.79 48.17 -86.29
N GLY P 282 45.01 47.72 -86.04
CA GLY P 282 45.45 46.41 -86.47
C GLY P 282 46.47 46.49 -87.59
N TYR P 283 46.51 45.42 -88.39
CA TYR P 283 47.47 45.35 -89.49
C TYR P 283 47.20 46.43 -90.53
N GLU P 284 45.94 46.68 -90.84
CA GLU P 284 45.58 47.66 -91.85
C GLU P 284 45.61 49.09 -91.34
N ILE P 285 46.27 49.32 -90.19
CA ILE P 285 46.43 50.68 -89.71
C ILE P 285 47.12 51.53 -90.77
N ASN P 286 46.73 52.79 -90.84
CA ASN P 286 47.33 53.73 -91.77
C ASN P 286 48.57 54.35 -91.15
N LYS P 287 49.70 54.21 -91.84
CA LYS P 287 50.95 54.76 -91.34
C LYS P 287 50.90 56.28 -91.36
N VAL P 288 51.08 56.88 -90.19
CA VAL P 288 50.97 58.33 -90.04
C VAL P 288 51.94 58.78 -88.96
N ARG P 289 52.40 60.02 -89.09
CA ARG P 289 53.28 60.63 -88.10
C ARG P 289 52.55 61.79 -87.44
N ALA P 290 52.78 61.95 -86.14
CA ALA P 290 52.14 62.99 -85.35
C ALA P 290 53.19 63.81 -84.64
N LYS P 291 52.87 65.09 -84.39
CA LYS P 291 53.79 65.97 -83.71
C LYS P 291 53.93 65.65 -82.23
N ARG P 292 53.06 64.81 -81.69
CA ARG P 292 53.09 64.47 -80.28
C ARG P 292 52.28 63.19 -80.07
N SER P 293 52.20 62.78 -78.80
CA SER P 293 51.38 61.63 -78.44
C SER P 293 49.93 61.88 -78.85
N SER P 294 49.33 60.88 -79.49
CA SER P 294 47.97 60.97 -79.99
C SER P 294 47.16 59.81 -79.39
N LYS P 295 46.41 60.09 -78.33
CA LYS P 295 45.57 59.08 -77.72
C LYS P 295 44.38 58.78 -78.62
N MET P 296 43.76 57.62 -78.36
CA MET P 296 42.59 57.18 -79.12
C MET P 296 41.73 56.33 -78.21
N TYR P 297 40.51 56.06 -78.67
CA TYR P 297 39.55 55.29 -77.89
C TYR P 297 38.60 54.56 -78.83
N LEU P 298 37.94 53.55 -78.29
CA LEU P 298 36.91 52.81 -79.00
C LEU P 298 36.28 51.81 -78.03
N LYS P 299 35.33 51.04 -78.53
CA LYS P 299 34.69 49.98 -77.78
C LYS P 299 34.81 48.67 -78.54
N THR P 300 34.18 47.63 -78.01
CA THR P 300 34.32 46.30 -78.59
C THR P 300 33.23 45.38 -78.06
N ARG P 301 33.03 44.27 -78.76
CA ARG P 301 32.13 43.23 -78.32
C ARG P 301 32.83 42.38 -77.26
N SER P 302 32.25 41.23 -76.93
CA SER P 302 32.80 40.44 -75.83
C SER P 302 34.12 39.78 -76.19
N GLN P 303 34.10 38.79 -77.09
CA GLN P 303 35.36 38.14 -77.46
C GLN P 303 35.55 37.88 -78.96
N MET P 304 34.51 37.38 -79.64
CA MET P 304 34.80 36.74 -80.91
C MET P 304 34.98 37.74 -82.06
N PRO P 305 33.95 38.51 -82.44
CA PRO P 305 34.10 39.32 -83.66
C PRO P 305 34.68 40.69 -83.38
N TYR P 306 34.43 41.20 -82.17
CA TYR P 306 34.71 42.60 -81.88
C TYR P 306 34.05 43.47 -82.94
N LYS P 307 34.70 44.57 -83.35
CA LYS P 307 34.24 45.36 -84.48
C LYS P 307 32.81 45.87 -84.22
N VAL P 308 32.74 46.78 -83.27
CA VAL P 308 31.48 47.43 -82.92
C VAL P 308 31.42 48.79 -83.62
N PHE P 309 30.23 49.38 -83.62
CA PHE P 309 29.99 50.65 -84.26
C PHE P 309 30.02 51.78 -83.23
N HIS P 310 29.68 53.00 -83.67
CA HIS P 310 29.61 54.16 -82.80
C HIS P 310 28.61 55.14 -83.38
N TYR P 311 27.59 55.48 -82.60
CA TYR P 311 26.46 56.28 -83.08
C TYR P 311 26.11 57.36 -82.07
N GLN P 312 27.10 58.15 -81.63
CA GLN P 312 26.85 59.14 -80.59
C GLN P 312 25.65 60.01 -80.95
N VAL P 313 24.99 60.53 -79.91
CA VAL P 313 23.70 61.19 -80.06
C VAL P 313 23.72 62.52 -79.32
N LYS P 314 22.87 63.44 -79.79
CA LYS P 314 22.59 64.70 -79.12
C LYS P 314 21.09 64.85 -78.94
N ILE P 315 20.69 65.50 -77.85
CA ILE P 315 19.29 65.75 -77.54
C ILE P 315 19.09 67.24 -77.27
N HIS P 316 18.08 67.83 -77.91
CA HIS P 316 17.70 69.21 -77.65
C HIS P 316 16.49 69.24 -76.72
N PHE P 317 16.75 68.84 -75.48
CA PHE P 317 15.71 68.87 -74.46
C PHE P 317 15.13 70.28 -74.35
N SER P 318 13.80 70.37 -74.38
CA SER P 318 13.13 71.67 -74.25
C SER P 318 11.71 71.40 -73.76
N GLY P 319 11.48 71.64 -72.47
CA GLY P 319 10.19 71.40 -71.87
C GLY P 319 9.67 72.59 -71.08
N THR P 320 8.60 72.37 -70.33
CA THR P 320 7.97 73.44 -69.54
C THR P 320 8.38 73.39 -68.09
N GLU P 321 8.24 72.23 -67.44
CA GLU P 321 8.56 72.12 -66.03
C GLU P 321 10.06 72.19 -65.83
N SER P 322 10.50 73.04 -64.89
CA SER P 322 11.92 73.37 -64.74
C SER P 322 12.52 72.78 -63.46
N ASN P 323 12.04 71.63 -63.01
CA ASN P 323 12.63 70.95 -61.85
C ASN P 323 13.72 70.03 -62.34
N THR P 324 14.97 70.40 -62.07
CA THR P 324 16.11 69.61 -62.53
C THR P 324 16.17 68.27 -61.81
N TYR P 325 16.59 67.25 -62.55
CA TYR P 325 16.79 65.92 -62.02
C TYR P 325 18.18 65.43 -62.37
N THR P 326 18.66 64.45 -61.61
CA THR P 326 20.02 63.96 -61.76
C THR P 326 20.04 62.44 -61.62
N ASN P 327 21.07 61.84 -62.20
CA ASN P 327 21.32 60.40 -62.11
C ASN P 327 20.07 59.61 -62.52
N GLN P 328 19.69 59.77 -63.77
CA GLN P 328 18.57 59.08 -64.35
C GLN P 328 19.04 58.20 -65.51
N ALA P 329 18.32 57.10 -65.72
CA ALA P 329 18.68 56.11 -66.73
C ALA P 329 17.80 56.30 -67.94
N PHE P 330 18.42 56.47 -69.11
CA PHE P 330 17.72 56.57 -70.37
C PHE P 330 17.92 55.29 -71.17
N GLU P 331 16.83 54.75 -71.70
CA GLU P 331 16.87 53.56 -72.54
C GLU P 331 16.39 53.96 -73.92
N ILE P 332 17.13 53.57 -74.95
CA ILE P 332 16.76 53.83 -76.34
C ILE P 332 16.99 52.56 -77.16
N SER P 333 16.37 52.55 -78.33
CA SER P 333 16.53 51.46 -79.27
C SER P 333 16.38 52.02 -80.68
N LEU P 334 16.96 51.31 -81.64
CA LEU P 334 17.01 51.77 -83.02
C LEU P 334 16.75 50.62 -83.98
N TYR P 335 16.17 50.96 -85.12
CA TYR P 335 15.89 50.03 -86.20
C TYR P 335 16.42 50.59 -87.50
N GLY P 336 16.99 49.71 -88.34
CA GLY P 336 17.66 50.14 -89.54
C GLY P 336 17.18 49.42 -90.78
N THR P 337 18.14 49.07 -91.64
CA THR P 337 17.86 48.41 -92.91
C THR P 337 18.59 47.10 -93.08
N VAL P 338 19.31 46.64 -92.06
CA VAL P 338 19.99 45.34 -92.07
C VAL P 338 19.60 44.52 -90.86
N ALA P 339 19.73 45.10 -89.67
CA ALA P 339 19.28 44.47 -88.43
C ALA P 339 18.84 45.59 -87.48
N GLU P 340 18.61 45.23 -86.23
CA GLU P 340 18.13 46.21 -85.26
C GLU P 340 18.44 45.73 -83.84
N SER P 341 18.85 46.67 -83.00
CA SER P 341 18.96 46.43 -81.57
C SER P 341 17.63 46.72 -80.90
N GLU P 342 17.44 46.18 -79.69
CA GLU P 342 16.14 46.20 -79.05
C GLU P 342 16.12 46.97 -77.74
N ASN P 343 17.00 46.63 -76.79
CA ASN P 343 16.89 47.15 -75.43
C ASN P 343 18.24 47.62 -74.91
N ILE P 344 18.95 48.43 -75.70
CA ILE P 344 20.25 48.94 -75.27
C ILE P 344 20.04 50.13 -74.34
N PRO P 345 20.58 50.10 -73.12
CA PRO P 345 20.44 51.23 -72.21
C PRO P 345 21.63 52.19 -72.28
N PHE P 346 21.48 53.30 -71.54
CA PHE P 346 22.59 54.22 -71.33
C PHE P 346 22.21 55.17 -70.21
N THR P 347 23.19 55.95 -69.76
CA THR P 347 23.03 56.83 -68.61
C THR P 347 23.34 58.27 -68.99
N LEU P 348 22.64 59.19 -68.32
CA LEU P 348 22.83 60.62 -68.55
C LEU P 348 22.34 61.41 -67.34
N PRO P 349 23.23 61.76 -66.41
CA PRO P 349 22.79 62.53 -65.24
C PRO P 349 22.58 64.00 -65.57
N GLU P 350 22.30 64.80 -64.54
CA GLU P 350 22.27 66.25 -64.64
C GLU P 350 21.33 66.73 -65.75
N VAL P 351 20.20 66.06 -65.88
CA VAL P 351 19.21 66.42 -66.90
C VAL P 351 18.56 67.74 -66.50
N SER P 352 18.39 68.63 -67.48
CA SER P 352 17.79 69.93 -67.24
C SER P 352 16.87 70.27 -68.40
N THR P 353 16.49 71.55 -68.50
CA THR P 353 15.59 72.03 -69.53
C THR P 353 16.25 73.14 -70.34
N ASN P 354 15.69 73.40 -71.52
CA ASN P 354 16.21 74.42 -72.42
C ASN P 354 17.69 74.22 -72.70
N LYS P 355 18.18 73.00 -72.52
CA LYS P 355 19.59 72.68 -72.62
C LYS P 355 19.78 71.48 -73.52
N THR P 356 20.93 71.41 -74.18
CA THR P 356 21.26 70.32 -75.07
C THR P 356 22.29 69.41 -74.41
N TYR P 357 22.11 68.11 -74.60
CA TYR P 357 22.97 67.09 -74.03
C TYR P 357 23.48 66.18 -75.13
N SER P 358 24.41 65.30 -74.77
CA SER P 358 24.96 64.35 -75.72
C SER P 358 25.55 63.18 -74.94
N PHE P 359 25.74 62.08 -75.65
CA PHE P 359 26.32 60.89 -75.03
C PHE P 359 26.83 59.98 -76.14
N LEU P 360 27.51 58.92 -75.72
CA LEU P 360 28.06 57.94 -76.64
C LEU P 360 27.28 56.63 -76.51
N LEU P 361 26.90 56.06 -77.65
CA LEU P 361 26.23 54.78 -77.70
C LEU P 361 27.00 53.84 -78.61
N TYR P 362 26.96 52.56 -78.28
CA TYR P 362 27.58 51.53 -79.10
C TYR P 362 26.62 50.37 -79.30
N THR P 363 26.70 49.77 -80.48
CA THR P 363 25.95 48.56 -80.80
C THR P 363 26.92 47.55 -81.39
N GLU P 364 26.52 46.27 -81.31
CA GLU P 364 27.38 45.17 -81.71
C GLU P 364 26.81 44.41 -82.90
N VAL P 365 25.96 45.05 -83.68
CA VAL P 365 25.36 44.44 -84.86
C VAL P 365 25.32 45.47 -85.98
N ASP P 366 25.62 45.04 -87.20
CA ASP P 366 25.55 45.94 -88.34
C ASP P 366 24.10 46.35 -88.60
N ILE P 367 23.91 47.64 -88.89
CA ILE P 367 22.57 48.20 -89.05
C ILE P 367 22.45 48.94 -90.37
N GLY P 368 23.59 49.35 -90.94
CA GLY P 368 23.54 50.20 -92.11
C GLY P 368 22.85 51.49 -91.77
N GLU P 369 21.83 51.85 -92.55
CA GLU P 369 21.06 53.04 -92.27
C GLU P 369 20.15 52.81 -91.08
N LEU P 370 19.47 53.88 -90.65
CA LEU P 370 18.61 53.84 -89.48
C LEU P 370 17.37 54.67 -89.75
N LEU P 371 16.20 54.09 -89.45
CA LEU P 371 14.93 54.70 -89.80
C LEU P 371 14.25 55.35 -88.60
N MET P 372 13.98 54.58 -87.56
CA MET P 372 13.21 55.04 -86.41
C MET P 372 13.99 54.79 -85.13
N LEU P 373 13.51 55.41 -84.05
CA LEU P 373 14.23 55.41 -82.79
C LEU P 373 13.26 55.25 -81.63
N LYS P 374 13.77 54.72 -80.53
CA LYS P 374 13.01 54.56 -79.30
C LYS P 374 13.69 55.35 -78.18
N LEU P 375 12.88 55.96 -77.31
CA LEU P 375 13.40 56.85 -76.29
C LEU P 375 12.70 56.61 -74.96
N LYS P 376 12.58 55.34 -74.57
CA LYS P 376 11.93 55.02 -73.31
C LYS P 376 12.74 55.55 -72.14
N TRP P 377 12.02 55.90 -71.06
CA TRP P 377 12.64 56.42 -69.85
C TRP P 377 12.19 55.53 -68.69
N ILE P 378 13.15 54.87 -68.07
CA ILE P 378 12.87 53.76 -67.16
C ILE P 378 12.66 54.29 -65.75
N SER P 379 12.06 53.44 -64.90
CA SER P 379 11.77 53.80 -63.53
C SER P 379 11.81 52.53 -62.68
N ASP P 380 11.92 52.72 -61.36
CA ASP P 380 11.90 51.63 -60.39
C ASP P 380 10.55 51.51 -59.69
N SER P 381 9.50 52.04 -60.31
CA SER P 381 8.14 51.98 -59.78
C SER P 381 7.20 51.41 -60.83
N TYR P 382 7.56 50.24 -61.38
CA TYR P 382 6.83 49.65 -62.49
C TYR P 382 5.33 49.58 -62.22
N PHE P 383 4.95 49.21 -61.01
CA PHE P 383 3.56 48.91 -60.72
C PHE P 383 2.70 50.16 -60.89
N SER P 384 1.39 49.96 -60.83
CA SER P 384 0.44 51.03 -61.14
C SER P 384 0.38 52.12 -60.08
N TRP P 385 1.26 52.09 -59.08
CA TRP P 385 1.34 53.21 -58.14
C TRP P 385 1.67 54.50 -58.87
N SER P 386 2.71 54.46 -59.72
CA SER P 386 3.17 55.63 -60.46
C SER P 386 2.74 55.57 -61.93
N ASN P 387 1.53 55.06 -62.19
CA ASN P 387 1.00 54.96 -63.53
C ASN P 387 -0.05 56.01 -63.84
N TRP P 388 -0.63 56.65 -62.83
CA TRP P 388 -1.62 57.70 -63.02
C TRP P 388 -1.14 59.07 -62.57
N TRP P 389 -0.75 59.23 -61.31
CA TRP P 389 -0.45 60.55 -60.80
C TRP P 389 0.71 61.18 -61.57
N SER P 390 0.65 62.51 -61.69
CA SER P 390 1.57 63.22 -62.57
C SER P 390 3.02 62.96 -62.17
N SER P 391 3.74 62.28 -63.04
CA SER P 391 5.16 62.05 -62.89
C SER P 391 5.94 63.01 -63.77
N PRO P 392 7.20 63.30 -63.43
CA PRO P 392 7.95 64.29 -64.22
C PRO P 392 8.06 63.88 -65.68
N GLY P 393 7.98 64.88 -66.55
CA GLY P 393 8.03 64.65 -67.98
C GLY P 393 8.65 65.83 -68.69
N PHE P 394 9.06 65.59 -69.93
CA PHE P 394 9.68 66.61 -70.76
C PHE P 394 9.09 66.55 -72.16
N ASP P 395 9.57 67.44 -73.03
CA ASP P 395 9.18 67.45 -74.43
C ASP P 395 10.42 67.30 -75.30
N ILE P 396 10.25 66.63 -76.43
CA ILE P 396 11.34 66.31 -77.34
C ILE P 396 11.04 66.95 -78.69
N GLY P 397 12.04 67.62 -79.25
CA GLY P 397 11.94 68.21 -80.56
C GLY P 397 12.67 67.40 -81.60
N LYS P 398 13.88 67.83 -81.93
CA LYS P 398 14.70 67.15 -82.93
C LYS P 398 15.79 66.33 -82.24
N ILE P 399 16.41 65.45 -83.02
CA ILE P 399 17.51 64.61 -82.56
C ILE P 399 18.58 64.57 -83.64
N ARG P 400 19.84 64.65 -83.22
CA ARG P 400 20.95 64.89 -84.14
C ARG P 400 21.98 63.77 -84.08
N VAL P 401 21.54 62.51 -84.13
CA VAL P 401 22.48 61.41 -84.12
C VAL P 401 23.46 61.57 -85.27
N LYS P 402 24.68 61.05 -85.09
CA LYS P 402 25.73 61.16 -86.08
C LYS P 402 26.36 59.79 -86.26
N ALA P 403 26.29 59.25 -87.47
CA ALA P 403 26.90 57.96 -87.75
C ALA P 403 28.41 58.08 -87.69
N GLY P 404 29.06 57.08 -87.10
CA GLY P 404 30.49 57.12 -86.89
C GLY P 404 31.31 56.83 -88.13
N GLU P 405 31.21 55.60 -88.64
CA GLU P 405 32.06 55.20 -89.75
C GLU P 405 31.87 56.12 -90.95
N THR P 406 30.62 56.44 -91.26
CA THR P 406 30.29 57.39 -92.30
C THR P 406 29.66 58.62 -91.66
N GLN P 407 30.20 59.79 -91.97
CA GLN P 407 29.71 61.04 -91.40
C GLN P 407 28.35 61.36 -92.01
N LYS P 408 27.29 61.16 -91.22
CA LYS P 408 25.92 61.37 -91.68
C LYS P 408 25.17 62.13 -90.57
N LYS P 409 25.00 63.43 -90.75
CA LYS P 409 24.25 64.24 -89.80
C LYS P 409 22.76 64.09 -90.04
N VAL P 410 22.29 62.84 -89.92
CA VAL P 410 20.88 62.56 -90.08
C VAL P 410 20.11 63.26 -88.97
N ILE P 411 19.06 63.98 -89.34
CA ILE P 411 18.29 64.80 -88.42
C ILE P 411 17.02 64.03 -88.09
N PHE P 412 17.01 63.35 -86.95
CA PHE P 412 15.76 62.78 -86.45
C PHE P 412 14.84 63.89 -85.98
N CYS P 413 13.57 63.53 -85.79
CA CYS P 413 12.49 64.50 -85.94
C CYS P 413 11.27 63.98 -85.20
N SER P 414 10.89 64.64 -84.11
CA SER P 414 9.70 64.24 -83.38
C SER P 414 8.46 64.47 -84.23
N ARG P 415 7.41 63.75 -83.90
CA ARG P 415 6.16 63.88 -84.64
C ARG P 415 5.49 65.20 -84.27
N GLU P 416 4.35 65.47 -84.90
CA GLU P 416 3.70 66.77 -84.75
C GLU P 416 3.49 67.12 -83.27
N LYS P 417 2.88 66.22 -82.51
CA LYS P 417 2.61 66.52 -81.10
C LYS P 417 2.76 65.30 -80.20
N MET P 418 3.15 64.15 -80.74
CA MET P 418 2.96 62.88 -80.05
C MET P 418 4.24 62.44 -79.36
N SER P 419 4.80 63.32 -78.53
CA SER P 419 6.06 62.98 -77.88
C SER P 419 6.00 62.96 -76.35
N TYR P 420 5.85 64.13 -75.74
CA TYR P 420 5.71 64.31 -74.29
C TYR P 420 6.39 63.20 -73.50
N LEU P 421 7.70 63.03 -73.66
CA LEU P 421 8.38 61.96 -72.95
C LEU P 421 8.11 62.08 -71.45
N GLN P 422 7.77 60.96 -70.83
CA GLN P 422 7.43 60.93 -69.41
C GLN P 422 8.01 59.68 -68.77
N LYS P 423 8.30 59.77 -67.48
CA LYS P 423 8.80 58.62 -66.73
C LYS P 423 7.77 57.50 -66.72
N GLY P 424 8.25 56.27 -66.76
CA GLY P 424 7.37 55.12 -66.69
C GLY P 424 6.30 55.16 -67.77
N LYS P 425 6.71 55.48 -68.99
CA LYS P 425 5.77 55.63 -70.10
C LYS P 425 6.36 54.98 -71.34
N SER P 426 5.49 54.75 -72.32
CA SER P 426 5.94 54.19 -73.58
C SER P 426 6.95 55.13 -74.23
N PRO P 427 7.92 54.60 -74.97
CA PRO P 427 8.90 55.46 -75.63
C PRO P 427 8.23 56.40 -76.60
N VAL P 428 9.05 57.27 -77.18
CA VAL P 428 8.61 58.24 -78.18
C VAL P 428 9.25 57.88 -79.50
N ILE P 429 8.43 57.72 -80.54
CA ILE P 429 8.93 57.34 -81.85
C ILE P 429 9.54 58.55 -82.55
N PHE P 430 10.48 58.26 -83.44
CA PHE P 430 11.09 59.30 -84.28
C PHE P 430 11.37 58.69 -85.65
N VAL P 431 11.57 59.56 -86.64
CA VAL P 431 11.73 59.15 -88.02
C VAL P 431 12.73 60.06 -88.71
N LYS P 432 13.14 59.66 -89.92
CA LYS P 432 13.99 60.50 -90.76
C LYS P 432 13.18 61.66 -91.30
N CYS P 433 13.83 62.81 -91.48
CA CYS P 433 13.11 64.07 -91.61
C CYS P 433 14.03 65.11 -92.21
N HIS P 434 13.44 66.27 -92.52
CA HIS P 434 14.19 67.42 -92.98
C HIS P 434 14.83 67.17 -94.33
N ASP Q 1 -47.65 -6.51 -77.48
CA ASP Q 1 -47.52 -5.24 -78.20
C ASP Q 1 -46.08 -4.75 -78.16
N PHE Q 2 -45.14 -5.68 -78.17
CA PHE Q 2 -43.72 -5.37 -78.13
C PHE Q 2 -42.97 -6.26 -79.13
N ARG Q 3 -43.55 -6.44 -80.31
CA ARG Q 3 -42.96 -7.26 -81.36
C ARG Q 3 -42.59 -6.46 -82.60
N ASP Q 4 -42.91 -5.18 -82.65
CA ASP Q 4 -42.58 -4.31 -83.77
C ASP Q 4 -41.49 -3.31 -83.40
N ILE Q 5 -40.57 -3.74 -82.54
CA ILE Q 5 -39.54 -2.84 -82.02
C ILE Q 5 -38.51 -2.53 -83.10
N GLU Q 6 -37.80 -3.57 -83.57
CA GLU Q 6 -36.86 -3.44 -84.68
C GLU Q 6 -35.84 -2.33 -84.42
N SER Q 7 -35.59 -2.03 -83.15
CA SER Q 7 -34.58 -1.04 -82.77
C SER Q 7 -34.06 -1.42 -81.39
N LYS Q 8 -32.90 -2.07 -81.36
CA LYS Q 8 -32.38 -2.59 -80.11
C LYS Q 8 -31.75 -1.48 -79.28
N PHE Q 9 -32.08 -1.47 -77.99
CA PHE Q 9 -31.55 -0.53 -77.02
C PHE Q 9 -30.37 -1.17 -76.32
N ALA Q 10 -29.20 -0.54 -76.45
CA ALA Q 10 -27.99 -1.05 -75.84
C ALA Q 10 -27.74 -0.36 -74.51
N LEU Q 11 -26.77 -0.88 -73.75
CA LEU Q 11 -26.44 -0.32 -72.44
C LEU Q 11 -24.95 -0.57 -72.20
N ARG Q 12 -24.14 0.44 -72.51
CA ARG Q 12 -22.71 0.32 -72.34
C ARG Q 12 -22.33 0.65 -70.90
N THR Q 13 -21.05 0.45 -70.59
CA THR Q 13 -20.49 0.73 -69.28
C THR Q 13 -19.12 1.38 -69.44
N PRO Q 14 -18.62 2.04 -68.38
CA PRO Q 14 -17.34 2.74 -68.50
C PRO Q 14 -16.21 1.86 -69.00
N GLU Q 15 -16.21 0.58 -68.63
CA GLU Q 15 -15.15 -0.31 -69.08
C GLU Q 15 -15.28 -0.68 -70.54
N ASP Q 16 -16.48 -0.49 -71.13
CA ASP Q 16 -16.73 -0.80 -72.53
C ASP Q 16 -17.57 0.32 -73.14
N THR Q 17 -16.92 1.25 -73.81
CA THR Q 17 -17.59 2.40 -74.43
C THR Q 17 -17.58 2.29 -75.94
N ALA Q 18 -17.28 1.11 -76.47
CA ALA Q 18 -17.16 0.90 -77.91
C ALA Q 18 -18.21 -0.07 -78.45
N GLU Q 19 -18.30 -1.25 -77.85
CA GLU Q 19 -19.14 -2.32 -78.36
C GLU Q 19 -20.37 -2.49 -77.47
N ASP Q 20 -21.54 -2.58 -78.10
CA ASP Q 20 -22.77 -2.85 -77.36
C ASP Q 20 -22.78 -4.28 -76.86
N THR Q 21 -22.92 -4.43 -75.54
CA THR Q 21 -22.87 -5.75 -74.90
C THR Q 21 -24.25 -6.26 -74.50
N CYS Q 22 -25.14 -5.37 -74.09
CA CYS Q 22 -26.45 -5.75 -73.58
C CYS Q 22 -27.52 -5.46 -74.63
N HIS Q 23 -28.74 -5.92 -74.34
CA HIS Q 23 -29.88 -5.67 -75.21
C HIS Q 23 -31.14 -5.61 -74.33
N LEU Q 24 -31.54 -4.41 -73.96
CA LEU Q 24 -32.70 -4.20 -73.10
C LEU Q 24 -33.97 -4.35 -73.93
N ILE Q 25 -34.37 -5.59 -74.16
CA ILE Q 25 -35.55 -5.84 -74.99
C ILE Q 25 -36.79 -5.35 -74.26
N PRO Q 26 -37.61 -4.49 -74.89
CA PRO Q 26 -38.84 -4.06 -74.22
C PRO Q 26 -39.75 -5.23 -73.90
N GLY Q 27 -40.46 -5.11 -72.78
CA GLY Q 27 -41.38 -6.15 -72.37
C GLY Q 27 -40.71 -7.30 -71.66
N VAL Q 28 -39.57 -7.75 -72.19
CA VAL Q 28 -38.82 -8.85 -71.59
C VAL Q 28 -38.00 -8.25 -70.44
N THR Q 29 -38.52 -8.38 -69.22
CA THR Q 29 -37.88 -7.78 -68.07
C THR Q 29 -36.54 -8.42 -67.75
N GLU Q 30 -36.23 -9.57 -68.36
CA GLU Q 30 -35.03 -10.31 -67.99
C GLU Q 30 -33.78 -9.48 -68.23
N SER Q 31 -33.79 -8.63 -69.26
CA SER Q 31 -32.59 -7.88 -69.62
C SER Q 31 -32.20 -6.91 -68.51
N VAL Q 32 -33.19 -6.33 -67.84
CA VAL Q 32 -32.89 -5.36 -66.78
C VAL Q 32 -32.07 -6.03 -65.68
N ALA Q 33 -32.49 -7.23 -65.28
CA ALA Q 33 -31.72 -7.95 -64.26
C ALA Q 33 -30.40 -8.45 -64.83
N ASN Q 34 -30.38 -8.82 -66.11
CA ASN Q 34 -29.16 -9.31 -66.72
C ASN Q 34 -28.06 -8.27 -66.67
N CYS Q 35 -28.40 -7.03 -66.98
CA CYS Q 35 -27.43 -5.93 -67.01
C CYS Q 35 -27.80 -4.91 -65.95
N HIS Q 36 -26.84 -4.60 -65.08
CA HIS Q 36 -27.11 -3.75 -63.93
C HIS Q 36 -27.68 -2.40 -64.37
N PHE Q 37 -28.71 -1.96 -63.65
CA PHE Q 37 -29.42 -0.73 -63.98
C PHE Q 37 -29.84 -0.06 -62.68
N ASN Q 38 -29.06 0.91 -62.23
CA ASN Q 38 -29.35 1.59 -60.97
C ASN Q 38 -30.62 2.40 -61.14
N HIS Q 39 -31.72 1.90 -60.61
CA HIS Q 39 -33.02 2.55 -60.76
C HIS Q 39 -33.13 3.85 -59.99
N SER Q 40 -32.16 4.14 -59.12
CA SER Q 40 -32.19 5.38 -58.35
C SER Q 40 -31.52 6.52 -59.10
N SER Q 41 -30.47 6.23 -59.85
CA SER Q 41 -29.67 7.28 -60.46
C SER Q 41 -30.27 7.75 -61.78
N LYS Q 42 -29.69 8.80 -62.33
CA LYS Q 42 -30.12 9.37 -63.59
C LYS Q 42 -29.66 8.48 -64.74
N THR Q 43 -30.38 8.55 -65.86
CA THR Q 43 -30.09 7.69 -67.00
C THR Q 43 -30.29 8.46 -68.30
N PHE Q 44 -29.21 8.60 -69.06
CA PHE Q 44 -29.25 9.31 -70.32
C PHE Q 44 -29.67 8.39 -71.46
N VAL Q 45 -30.05 8.99 -72.58
CA VAL Q 45 -30.42 8.24 -73.78
C VAL Q 45 -29.84 8.95 -74.99
N VAL Q 46 -28.83 8.35 -75.60
CA VAL Q 46 -28.18 8.91 -76.78
C VAL Q 46 -28.88 8.41 -78.02
N ILE Q 47 -29.23 9.33 -78.91
CA ILE Q 47 -29.89 8.99 -80.17
C ILE Q 47 -29.03 9.59 -81.28
N HIS Q 48 -28.21 8.76 -81.91
CA HIS Q 48 -27.41 9.22 -83.02
C HIS Q 48 -28.30 9.39 -84.25
N GLY Q 49 -27.67 9.74 -85.37
CA GLY Q 49 -28.41 10.08 -86.57
C GLY Q 49 -27.95 9.36 -87.81
N TRP Q 50 -28.27 9.93 -88.97
CA TRP Q 50 -28.03 9.27 -90.24
C TRP Q 50 -26.55 9.02 -90.44
N THR Q 51 -26.23 7.86 -91.00
CA THR Q 51 -24.85 7.50 -91.27
C THR Q 51 -24.78 6.75 -92.59
N VAL Q 52 -23.93 7.24 -93.49
CA VAL Q 52 -23.74 6.56 -94.78
C VAL Q 52 -23.18 5.17 -94.56
N THR Q 53 -22.32 5.00 -93.56
CA THR Q 53 -21.76 3.70 -93.25
C THR Q 53 -22.78 2.88 -92.46
N GLY Q 54 -22.37 1.67 -92.09
CA GLY Q 54 -23.23 0.78 -91.33
C GLY Q 54 -22.76 0.60 -89.91
N MET Q 55 -22.31 1.69 -89.29
CA MET Q 55 -21.81 1.63 -87.92
C MET Q 55 -21.95 3.00 -87.28
N TYR Q 56 -21.80 3.02 -85.96
CA TYR Q 56 -21.91 4.26 -85.21
C TYR Q 56 -20.81 5.23 -85.62
N GLU Q 57 -21.14 6.51 -85.61
CA GLU Q 57 -20.15 7.54 -85.90
C GLU Q 57 -19.03 7.49 -84.87
N SER Q 58 -17.98 8.27 -85.13
CA SER Q 58 -16.77 8.22 -84.32
C SER Q 58 -16.88 8.99 -83.02
N TRP Q 59 -17.97 9.71 -82.79
CA TRP Q 59 -18.08 10.57 -81.62
C TRP Q 59 -18.81 9.91 -80.45
N VAL Q 60 -19.59 8.88 -80.71
CA VAL Q 60 -20.35 8.23 -79.64
C VAL Q 60 -19.45 7.73 -78.52
N PRO Q 61 -18.34 7.04 -78.79
CA PRO Q 61 -17.51 6.54 -77.69
C PRO Q 61 -17.00 7.66 -76.79
N LYS Q 62 -16.50 8.74 -77.39
CA LYS Q 62 -16.02 9.85 -76.58
C LYS Q 62 -17.14 10.47 -75.78
N LEU Q 63 -18.31 10.65 -76.40
CA LEU Q 63 -19.44 11.24 -75.69
C LEU Q 63 -19.80 10.40 -74.47
N VAL Q 64 -19.92 9.08 -74.64
CA VAL Q 64 -20.37 8.24 -73.55
C VAL Q 64 -19.30 8.18 -72.46
N ALA Q 65 -18.02 8.13 -72.86
CA ALA Q 65 -16.94 8.12 -71.88
C ALA Q 65 -16.99 9.38 -71.03
N ALA Q 66 -17.17 10.54 -71.68
CA ALA Q 66 -17.23 11.78 -70.93
C ALA Q 66 -18.48 11.83 -70.05
N LEU Q 67 -19.58 11.25 -70.53
CA LEU Q 67 -20.80 11.23 -69.74
C LEU Q 67 -20.59 10.45 -68.45
N TYR Q 68 -19.94 9.28 -68.55
CA TYR Q 68 -19.61 8.52 -67.34
C TYR Q 68 -18.64 9.29 -66.45
N LYS Q 69 -17.64 9.95 -67.05
CA LYS Q 69 -16.70 10.74 -66.28
C LYS Q 69 -17.44 11.79 -65.45
N ARG Q 70 -18.42 12.46 -66.06
CA ARG Q 70 -19.13 13.53 -65.38
C ARG Q 70 -20.08 12.98 -64.32
N GLU Q 71 -20.84 11.94 -64.65
CA GLU Q 71 -21.87 11.42 -63.75
C GLU Q 71 -21.71 9.90 -63.64
N PRO Q 72 -20.80 9.44 -62.79
CA PRO Q 72 -20.64 7.99 -62.59
C PRO Q 72 -21.87 7.39 -61.93
N ASP Q 73 -21.91 6.06 -61.96
CA ASP Q 73 -23.03 5.30 -61.38
C ASP Q 73 -24.36 5.77 -61.96
N SER Q 74 -24.36 6.03 -63.27
CA SER Q 74 -25.54 6.46 -63.98
C SER Q 74 -25.63 5.68 -65.30
N ASN Q 75 -26.81 5.15 -65.58
CA ASN Q 75 -26.97 4.28 -66.73
C ASN Q 75 -26.96 5.09 -68.02
N VAL Q 76 -26.57 4.41 -69.10
CA VAL Q 76 -26.54 5.00 -70.44
C VAL Q 76 -27.20 4.02 -71.40
N ILE Q 77 -28.05 4.55 -72.27
CA ILE Q 77 -28.75 3.74 -73.26
C ILE Q 77 -28.41 4.26 -74.64
N VAL Q 78 -28.16 3.34 -75.56
CA VAL Q 78 -27.90 3.67 -76.96
C VAL Q 78 -28.91 2.94 -77.83
N VAL Q 79 -29.21 3.53 -78.96
CA VAL Q 79 -30.19 3.00 -79.90
C VAL Q 79 -29.47 2.44 -81.11
N ASP Q 80 -30.23 1.77 -81.98
CA ASP Q 80 -29.68 1.03 -83.09
C ASP Q 80 -30.32 1.47 -84.41
N TRP Q 81 -30.27 2.78 -84.67
CA TRP Q 81 -30.74 3.35 -85.93
C TRP Q 81 -30.37 2.47 -87.12
N LEU Q 82 -29.21 1.81 -87.03
CA LEU Q 82 -28.73 0.97 -88.13
C LEU Q 82 -29.83 0.00 -88.56
N SER Q 83 -29.77 -0.39 -89.83
CA SER Q 83 -30.76 -1.22 -90.53
C SER Q 83 -31.94 -0.41 -91.00
N ARG Q 84 -32.11 0.82 -90.53
CA ARG Q 84 -33.17 1.70 -90.98
C ARG Q 84 -32.64 3.03 -91.47
N ALA Q 85 -31.57 3.55 -90.86
CA ALA Q 85 -31.02 4.82 -91.28
C ALA Q 85 -30.19 4.70 -92.55
N GLN Q 86 -29.62 3.52 -92.81
CA GLN Q 86 -28.83 3.34 -94.01
C GLN Q 86 -29.64 3.62 -95.26
N GLN Q 87 -30.96 3.53 -95.17
CA GLN Q 87 -31.81 3.74 -96.33
C GLN Q 87 -31.72 5.19 -96.78
N HIS Q 88 -32.42 5.49 -97.87
CA HIS Q 88 -32.43 6.85 -98.41
C HIS Q 88 -32.79 7.84 -97.31
N TYR Q 89 -32.17 9.02 -97.38
CA TYR Q 89 -32.32 10.01 -96.31
C TYR Q 89 -33.77 10.36 -96.06
N PRO Q 90 -34.58 10.67 -97.07
CA PRO Q 90 -36.02 10.88 -96.81
C PRO Q 90 -36.68 9.70 -96.11
N VAL Q 91 -36.26 8.48 -96.42
CA VAL Q 91 -36.82 7.32 -95.74
C VAL Q 91 -36.54 7.40 -94.24
N SER Q 92 -35.36 7.89 -93.88
CA SER Q 92 -35.06 8.10 -92.46
C SER Q 92 -35.96 9.19 -91.88
N ALA Q 93 -36.21 10.24 -92.67
CA ALA Q 93 -37.12 11.28 -92.21
C ALA Q 93 -38.49 10.71 -91.89
N GLY Q 94 -38.96 9.79 -92.74
CA GLY Q 94 -40.22 9.13 -92.44
C GLY Q 94 -40.14 8.21 -91.24
N TYR Q 95 -39.04 7.45 -91.13
CA TYR Q 95 -38.87 6.48 -90.06
C TYR Q 95 -38.62 7.14 -88.71
N THR Q 96 -38.36 8.45 -88.69
CA THR Q 96 -38.27 9.14 -87.41
C THR Q 96 -39.52 8.90 -86.58
N LYS Q 97 -40.69 8.87 -87.22
CA LYS Q 97 -41.93 8.65 -86.49
C LYS Q 97 -41.95 7.26 -85.86
N LEU Q 98 -41.51 6.25 -86.61
CA LEU Q 98 -41.49 4.90 -86.08
C LEU Q 98 -40.54 4.80 -84.89
N VAL Q 99 -39.35 5.39 -85.01
CA VAL Q 99 -38.38 5.31 -83.92
C VAL Q 99 -38.90 6.08 -82.71
N GLY Q 100 -39.59 7.20 -82.94
CA GLY Q 100 -40.15 7.94 -81.82
C GLY Q 100 -41.22 7.15 -81.10
N GLN Q 101 -42.10 6.50 -81.87
CA GLN Q 101 -43.10 5.64 -81.26
C GLN Q 101 -42.44 4.52 -80.48
N ASP Q 102 -41.37 3.96 -81.03
CA ASP Q 102 -40.67 2.87 -80.35
C ASP Q 102 -40.07 3.33 -79.03
N VAL Q 103 -39.44 4.50 -79.03
CA VAL Q 103 -38.84 5.03 -77.81
C VAL Q 103 -39.91 5.35 -76.79
N ALA Q 104 -41.04 5.91 -77.25
CA ALA Q 104 -42.14 6.20 -76.34
C ALA Q 104 -42.66 4.92 -75.71
N LYS Q 105 -42.80 3.86 -76.50
CA LYS Q 105 -43.23 2.58 -75.96
C LYS Q 105 -42.23 2.05 -74.94
N PHE Q 106 -40.94 2.19 -75.25
CA PHE Q 106 -39.90 1.75 -74.32
C PHE Q 106 -40.05 2.46 -72.99
N MET Q 107 -40.15 3.79 -73.02
CA MET Q 107 -40.21 4.56 -71.80
C MET Q 107 -41.49 4.28 -71.02
N ASN Q 108 -42.61 4.11 -71.74
CA ASN Q 108 -43.87 3.80 -71.08
C ASN Q 108 -43.80 2.43 -70.40
N TRP Q 109 -43.19 1.46 -71.08
CA TRP Q 109 -43.01 0.15 -70.47
C TRP Q 109 -42.15 0.24 -69.22
N MET Q 110 -41.10 1.05 -69.28
CA MET Q 110 -40.27 1.23 -68.09
C MET Q 110 -41.06 1.86 -66.96
N ALA Q 111 -41.84 2.90 -67.26
CA ALA Q 111 -42.62 3.58 -66.24
C ALA Q 111 -43.78 2.75 -65.74
N ASP Q 112 -44.16 1.69 -66.45
CA ASP Q 112 -45.19 0.78 -65.99
C ASP Q 112 -44.61 -0.33 -65.13
N GLU Q 113 -43.60 -1.03 -65.63
CA GLU Q 113 -43.04 -2.16 -64.89
C GLU Q 113 -42.23 -1.69 -63.69
N PHE Q 114 -41.36 -0.70 -63.88
CA PHE Q 114 -40.46 -0.24 -62.84
C PHE Q 114 -40.79 1.15 -62.34
N ASN Q 115 -41.80 1.81 -62.90
CA ASN Q 115 -42.19 3.17 -62.53
C ASN Q 115 -40.98 4.06 -62.29
N TYR Q 116 -39.98 3.94 -63.17
CA TYR Q 116 -38.80 4.79 -63.04
C TYR Q 116 -39.20 6.25 -63.21
N PRO Q 117 -38.75 7.15 -62.35
CA PRO Q 117 -39.15 8.56 -62.49
C PRO Q 117 -38.69 9.13 -63.81
N LEU Q 118 -39.63 9.71 -64.55
CA LEU Q 118 -39.31 10.29 -65.85
C LEU Q 118 -38.51 11.57 -65.73
N GLY Q 119 -38.35 12.10 -64.53
CA GLY Q 119 -37.67 13.36 -64.34
C GLY Q 119 -36.16 13.20 -64.22
N ASN Q 120 -35.65 12.04 -64.64
CA ASN Q 120 -34.23 11.74 -64.48
C ASN Q 120 -33.67 11.12 -65.76
N VAL Q 121 -34.13 11.57 -66.91
CA VAL Q 121 -33.71 11.01 -68.19
C VAL Q 121 -33.50 12.14 -69.20
N HIS Q 122 -32.40 12.06 -69.95
CA HIS Q 122 -32.12 12.98 -71.04
C HIS Q 122 -32.21 12.24 -72.37
N LEU Q 123 -32.89 12.85 -73.34
CA LEU Q 123 -32.95 12.32 -74.69
C LEU Q 123 -31.94 13.08 -75.56
N LEU Q 124 -30.66 12.79 -75.35
CA LEU Q 124 -29.62 13.43 -76.14
C LEU Q 124 -29.82 13.12 -77.61
N GLY Q 125 -30.15 14.14 -78.38
CA GLY Q 125 -30.46 13.99 -79.79
C GLY Q 125 -29.49 14.74 -80.67
N TYR Q 126 -29.03 14.06 -81.70
CA TYR Q 126 -28.14 14.61 -82.70
C TYR Q 126 -28.79 14.43 -84.06
N SER Q 127 -28.36 15.23 -85.02
CA SER Q 127 -28.80 15.12 -86.41
C SER Q 127 -30.29 14.83 -86.44
N LEU Q 128 -30.72 13.76 -87.11
CA LEU Q 128 -32.12 13.37 -87.09
C LEU Q 128 -32.57 12.91 -85.70
N GLY Q 129 -31.60 12.54 -84.85
CA GLY Q 129 -31.96 12.01 -83.54
C GLY Q 129 -32.68 13.02 -82.69
N ALA Q 130 -32.31 14.30 -82.83
CA ALA Q 130 -32.99 15.33 -82.06
C ALA Q 130 -34.47 15.39 -82.41
N HIS Q 131 -34.80 15.39 -83.71
CA HIS Q 131 -36.20 15.39 -84.10
C HIS Q 131 -36.87 14.09 -83.67
N ALA Q 132 -36.13 12.99 -83.70
CA ALA Q 132 -36.70 11.72 -83.26
C ALA Q 132 -37.13 11.79 -81.80
N ALA Q 133 -36.25 12.31 -80.95
CA ALA Q 133 -36.59 12.46 -79.55
C ALA Q 133 -37.75 13.43 -79.38
N GLY Q 134 -37.73 14.53 -80.13
CA GLY Q 134 -38.80 15.51 -79.99
C GLY Q 134 -40.16 14.93 -80.30
N ILE Q 135 -40.27 14.19 -81.40
CA ILE Q 135 -41.50 13.48 -81.68
C ILE Q 135 -41.75 12.44 -80.60
N ALA Q 136 -40.68 11.96 -79.98
CA ALA Q 136 -40.81 11.09 -78.82
C ALA Q 136 -41.09 11.93 -77.59
N GLY Q 137 -41.36 11.26 -76.47
CA GLY Q 137 -41.68 11.95 -75.25
C GLY Q 137 -43.08 12.54 -75.26
N SER Q 138 -43.40 13.26 -76.34
CA SER Q 138 -44.75 13.80 -76.49
C SER Q 138 -45.80 12.72 -76.34
N LEU Q 139 -45.50 11.51 -76.82
CA LEU Q 139 -46.42 10.39 -76.61
C LEU Q 139 -46.36 9.86 -75.20
N THR Q 140 -45.26 10.11 -74.48
CA THR Q 140 -45.15 9.67 -73.11
C THR Q 140 -46.16 10.39 -72.23
N ASN Q 141 -46.68 9.67 -71.25
CA ASN Q 141 -47.71 10.22 -70.37
C ASN Q 141 -47.13 11.18 -69.34
N LYS Q 142 -45.92 10.93 -68.85
CA LYS Q 142 -45.35 11.69 -67.75
C LYS Q 142 -44.28 12.67 -68.19
N LYS Q 143 -44.22 13.00 -69.49
CA LYS Q 143 -43.28 14.01 -69.98
C LYS Q 143 -41.84 13.62 -69.67
N VAL Q 144 -40.90 14.48 -70.06
CA VAL Q 144 -39.48 14.21 -69.89
C VAL Q 144 -38.80 15.49 -69.39
N ASN Q 145 -37.83 15.33 -68.51
CA ASN Q 145 -37.13 16.47 -67.93
C ASN Q 145 -36.35 17.24 -68.98
N ARG Q 146 -35.34 16.62 -69.59
CA ARG Q 146 -34.46 17.27 -70.54
C ARG Q 146 -34.44 16.51 -71.86
N ILE Q 147 -34.46 17.26 -72.96
CA ILE Q 147 -34.46 16.68 -74.30
C ILE Q 147 -33.35 17.32 -75.12
N THR Q 148 -32.29 17.77 -74.44
CA THR Q 148 -31.22 18.51 -75.10
C THR Q 148 -30.76 17.81 -76.37
N GLY Q 149 -30.91 18.49 -77.50
CA GLY Q 149 -30.48 17.96 -78.79
C GLY Q 149 -29.21 18.63 -79.28
N LEU Q 150 -28.78 18.19 -80.46
CA LEU Q 150 -27.56 18.70 -81.07
C LEU Q 150 -27.76 18.83 -82.58
N ASP Q 151 -27.70 20.06 -83.06
CA ASP Q 151 -27.75 20.31 -84.49
C ASP Q 151 -29.00 19.66 -85.10
N PRO Q 152 -30.18 20.11 -84.72
CA PRO Q 152 -31.40 19.52 -85.29
C PRO Q 152 -31.42 19.65 -86.80
N ALA Q 153 -31.92 18.61 -87.45
CA ALA Q 153 -31.98 18.60 -88.90
C ALA Q 153 -32.99 19.62 -89.41
N GLY Q 154 -32.66 20.25 -90.53
CA GLY Q 154 -33.49 21.26 -91.13
C GLY Q 154 -34.46 20.73 -92.17
N PRO Q 155 -33.95 19.95 -93.12
CA PRO Q 155 -34.81 19.52 -94.23
C PRO Q 155 -36.02 18.73 -93.75
N ASN Q 156 -37.15 18.95 -94.43
CA ASN Q 156 -38.39 18.24 -94.15
C ASN Q 156 -38.87 18.45 -92.72
N PHE Q 157 -38.35 19.47 -92.05
CA PHE Q 157 -38.81 19.82 -90.72
C PHE Q 157 -39.15 21.30 -90.59
N GLU Q 158 -38.54 22.16 -91.39
CA GLU Q 158 -39.02 23.53 -91.49
C GLU Q 158 -40.40 23.53 -92.12
N TYR Q 159 -41.18 24.57 -91.81
CA TYR Q 159 -42.57 24.66 -92.25
C TYR Q 159 -43.36 23.45 -91.75
N ALA Q 160 -43.13 23.07 -90.50
CA ALA Q 160 -43.78 21.92 -89.89
C ALA Q 160 -44.42 22.35 -88.57
N GLU Q 161 -44.87 21.36 -87.80
CA GLU Q 161 -45.53 21.59 -86.53
C GLU Q 161 -44.91 20.68 -85.46
N ALA Q 162 -45.35 20.89 -84.23
CA ALA Q 162 -44.82 20.14 -83.09
C ALA Q 162 -44.91 18.63 -83.28
N PRO Q 163 -46.03 18.06 -83.71
CA PRO Q 163 -46.09 16.59 -83.83
C PRO Q 163 -45.04 16.03 -84.78
N SER Q 164 -44.67 16.77 -85.82
CA SER Q 164 -43.75 16.29 -86.82
C SER Q 164 -42.32 16.79 -86.62
N ARG Q 165 -42.06 17.58 -85.57
CA ARG Q 165 -40.72 18.07 -85.33
C ARG Q 165 -40.57 18.42 -83.86
N LEU Q 166 -39.33 18.60 -83.45
CA LEU Q 166 -39.05 18.95 -82.06
C LEU Q 166 -39.77 20.25 -81.69
N SER Q 167 -40.39 20.24 -80.52
CA SER Q 167 -41.16 21.38 -80.05
C SER Q 167 -40.83 21.65 -78.59
N PRO Q 168 -41.00 22.88 -78.12
CA PRO Q 168 -40.72 23.17 -76.71
C PRO Q 168 -41.60 22.37 -75.77
N ASP Q 169 -42.83 22.06 -76.17
CA ASP Q 169 -43.75 21.31 -75.32
C ASP Q 169 -43.44 19.83 -75.29
N ASP Q 170 -42.51 19.35 -76.12
CA ASP Q 170 -42.18 17.93 -76.15
C ASP Q 170 -41.56 17.47 -74.83
N ALA Q 171 -41.11 18.39 -73.99
CA ALA Q 171 -40.46 18.02 -72.74
C ALA Q 171 -40.49 19.22 -71.80
N ASP Q 172 -40.14 18.96 -70.55
CA ASP Q 172 -40.15 20.03 -69.54
C ASP Q 172 -39.17 21.13 -69.90
N PHE Q 173 -37.95 20.75 -70.31
CA PHE Q 173 -36.93 21.71 -70.70
C PHE Q 173 -36.26 21.21 -71.97
N VAL Q 174 -35.73 22.14 -72.74
CA VAL Q 174 -35.11 21.81 -74.02
C VAL Q 174 -34.08 22.87 -74.36
N ASP Q 175 -33.04 22.45 -75.07
CA ASP Q 175 -32.03 23.36 -75.58
C ASP Q 175 -31.35 22.72 -76.78
N VAL Q 176 -31.02 23.54 -77.77
CA VAL Q 176 -30.43 23.07 -79.01
C VAL Q 176 -29.17 23.89 -79.30
N LEU Q 177 -28.29 23.30 -80.10
CA LEU Q 177 -27.01 23.90 -80.46
C LEU Q 177 -27.01 24.11 -81.98
N HIS Q 178 -27.50 25.28 -82.39
CA HIS Q 178 -27.53 25.61 -83.81
C HIS Q 178 -26.13 25.92 -84.31
N THR Q 179 -25.39 24.87 -84.68
CA THR Q 179 -23.99 25.01 -85.04
C THR Q 179 -23.78 25.22 -86.53
N PHE Q 180 -24.84 25.26 -87.34
CA PHE Q 180 -24.68 25.42 -88.78
C PHE Q 180 -26.01 25.85 -89.36
N THR Q 181 -26.03 27.00 -90.03
CA THR Q 181 -27.26 27.50 -90.64
C THR Q 181 -27.02 28.17 -91.99
N ARG Q 182 -25.80 28.13 -92.53
CA ARG Q 182 -25.52 28.83 -93.77
C ARG Q 182 -26.34 28.24 -94.90
N GLY Q 183 -26.93 29.11 -95.71
CA GLY Q 183 -27.73 28.73 -96.84
C GLY Q 183 -29.10 29.40 -96.81
N SER Q 184 -29.86 29.14 -97.87
CA SER Q 184 -31.18 29.72 -97.97
C SER Q 184 -32.12 29.13 -96.92
N PRO Q 185 -33.14 29.87 -96.50
CA PRO Q 185 -34.11 29.29 -95.56
C PRO Q 185 -34.76 28.05 -96.13
N GLY Q 186 -34.98 27.08 -95.26
CA GLY Q 186 -35.65 25.85 -95.64
C GLY Q 186 -34.80 24.88 -96.41
N ARG Q 187 -33.55 25.22 -96.73
CA ARG Q 187 -32.66 24.33 -97.45
C ARG Q 187 -31.34 24.08 -96.73
N SER Q 188 -30.95 24.93 -95.79
CA SER Q 188 -29.77 24.64 -94.98
C SER Q 188 -30.03 23.42 -94.13
N ILE Q 189 -28.99 22.60 -93.97
CA ILE Q 189 -29.13 21.36 -93.21
C ILE Q 189 -29.61 21.66 -91.80
N GLY Q 190 -29.04 22.69 -91.18
CA GLY Q 190 -29.38 23.03 -89.81
C GLY Q 190 -30.56 23.98 -89.73
N ILE Q 191 -31.62 23.54 -89.06
CA ILE Q 191 -32.79 24.39 -88.88
C ILE Q 191 -32.37 25.69 -88.20
N GLN Q 192 -32.89 26.80 -88.70
CA GLN Q 192 -32.60 28.12 -88.15
C GLN Q 192 -33.72 28.66 -87.28
N LYS Q 193 -34.94 28.20 -87.48
CA LYS Q 193 -36.05 28.65 -86.65
C LYS Q 193 -35.84 28.17 -85.22
N PRO Q 194 -35.90 29.06 -84.23
CA PRO Q 194 -35.72 28.61 -82.84
C PRO Q 194 -36.82 27.64 -82.44
N VAL Q 195 -36.43 26.65 -81.63
CA VAL Q 195 -37.33 25.55 -81.29
C VAL Q 195 -37.53 25.47 -79.79
N GLY Q 196 -36.46 25.42 -79.03
CA GLY Q 196 -36.55 25.21 -77.59
C GLY Q 196 -36.78 26.49 -76.83
N HIS Q 197 -36.90 26.32 -75.51
CA HIS Q 197 -37.04 27.48 -74.64
C HIS Q 197 -35.83 28.39 -74.75
N VAL Q 198 -34.64 27.81 -74.84
CA VAL Q 198 -33.41 28.54 -75.05
C VAL Q 198 -32.64 27.86 -76.17
N ASP Q 199 -32.11 28.65 -77.08
CA ASP Q 199 -31.33 28.14 -78.20
C ASP Q 199 -29.98 28.83 -78.25
N ILE Q 200 -28.99 28.13 -78.78
CA ILE Q 200 -27.61 28.60 -78.80
C ILE Q 200 -27.13 28.61 -80.24
N TYR Q 201 -26.53 29.72 -80.65
CA TYR Q 201 -26.08 29.94 -82.02
C TYR Q 201 -24.61 30.34 -82.00
N PRO Q 202 -23.72 29.39 -81.72
CA PRO Q 202 -22.30 29.73 -81.64
C PRO Q 202 -21.79 30.27 -82.97
N ASN Q 203 -20.97 31.31 -82.89
CA ASN Q 203 -20.36 31.94 -84.06
C ASN Q 203 -21.39 32.49 -85.03
N GLY Q 204 -22.68 32.51 -84.64
CA GLY Q 204 -23.74 32.91 -85.52
C GLY Q 204 -24.27 31.80 -86.39
N GLY Q 205 -23.66 30.62 -86.37
CA GLY Q 205 -24.11 29.49 -87.15
C GLY Q 205 -23.65 29.49 -88.59
N THR Q 206 -22.95 30.53 -89.03
CA THR Q 206 -22.49 30.58 -90.42
C THR Q 206 -21.52 29.44 -90.73
N PHE Q 207 -20.60 29.19 -89.83
CA PHE Q 207 -19.58 28.15 -90.00
C PHE Q 207 -18.80 28.05 -88.70
N GLN Q 208 -17.74 27.23 -88.73
CA GLN Q 208 -16.86 27.08 -87.58
C GLN Q 208 -15.41 27.20 -88.02
N PRO Q 209 -14.52 27.62 -87.12
CA PRO Q 209 -13.14 27.92 -87.52
C PRO Q 209 -12.27 26.68 -87.65
N GLY Q 210 -12.54 25.64 -86.87
CA GLY Q 210 -11.67 24.49 -86.83
C GLY Q 210 -11.76 23.62 -88.07
N CYS Q 211 -11.56 24.23 -89.23
CA CYS Q 211 -11.62 23.52 -90.50
C CYS Q 211 -11.11 24.46 -91.59
N ASN Q 212 -11.18 23.99 -92.83
CA ASN Q 212 -10.62 24.72 -93.97
C ASN Q 212 -11.58 24.54 -95.14
N ILE Q 213 -11.11 24.87 -96.35
CA ILE Q 213 -11.94 24.69 -97.54
C ILE Q 213 -12.41 23.25 -97.64
N GLY Q 214 -11.51 22.29 -97.43
CA GLY Q 214 -11.88 20.89 -97.42
C GLY Q 214 -11.73 20.22 -98.77
N GLU Q 215 -12.84 20.02 -99.46
CA GLU Q 215 -12.84 19.27 -100.72
C GLU Q 215 -12.09 20.04 -101.79
N ALA Q 216 -10.91 19.55 -102.16
CA ALA Q 216 -10.14 20.19 -103.22
C ALA Q 216 -10.77 19.93 -104.58
N LEU Q 217 -11.17 18.69 -104.84
CA LEU Q 217 -11.80 18.33 -106.11
C LEU Q 217 -12.71 17.13 -105.88
N ARG Q 218 -13.63 16.93 -106.83
CA ARG Q 218 -14.61 15.85 -106.68
C ARG Q 218 -13.93 14.49 -106.63
N VAL Q 219 -12.96 14.26 -107.49
CA VAL Q 219 -12.31 12.96 -107.60
C VAL Q 219 -11.00 12.91 -106.82
N ILE Q 220 -10.19 13.95 -106.92
CA ILE Q 220 -8.88 13.94 -106.26
C ILE Q 220 -9.06 13.89 -104.74
N ALA Q 221 -9.95 14.71 -104.20
CA ALA Q 221 -10.21 14.73 -102.78
C ALA Q 221 -11.19 13.61 -102.42
N GLU Q 222 -11.71 13.65 -101.19
CA GLU Q 222 -12.60 12.60 -100.67
C GLU Q 222 -13.87 13.27 -100.16
N ARG Q 223 -14.86 13.44 -101.03
CA ARG Q 223 -16.10 14.09 -100.64
C ARG Q 223 -16.71 13.39 -99.45
N GLY Q 224 -17.10 12.12 -99.63
CA GLY Q 224 -17.53 11.27 -98.54
C GLY Q 224 -16.63 10.06 -98.44
N LEU Q 225 -15.47 10.13 -99.09
CA LEU Q 225 -14.53 9.01 -99.13
C LEU Q 225 -13.61 9.03 -97.91
N GLY Q 226 -14.20 9.15 -96.72
CA GLY Q 226 -13.39 9.33 -95.53
C GLY Q 226 -12.46 10.52 -95.69
N ASP Q 227 -11.28 10.40 -95.12
CA ASP Q 227 -10.23 11.40 -95.29
C ASP Q 227 -10.75 12.80 -95.01
N VAL Q 228 -11.07 13.55 -96.07
CA VAL Q 228 -11.51 14.94 -95.92
C VAL Q 228 -13.02 15.05 -95.74
N ASP Q 229 -13.74 13.92 -95.67
CA ASP Q 229 -15.16 13.98 -95.39
C ASP Q 229 -15.42 14.59 -94.01
N GLN Q 230 -14.60 14.22 -93.02
CA GLN Q 230 -14.74 14.81 -91.70
C GLN Q 230 -14.49 16.31 -91.76
N LEU Q 231 -13.47 16.73 -92.52
CA LEU Q 231 -13.23 18.16 -92.68
C LEU Q 231 -14.42 18.85 -93.32
N VAL Q 232 -15.05 18.21 -94.30
CA VAL Q 232 -16.27 18.77 -94.88
C VAL Q 232 -17.34 18.92 -93.81
N LYS Q 233 -17.44 17.94 -92.91
CA LYS Q 233 -18.33 18.04 -91.74
C LYS Q 233 -17.64 18.87 -90.67
N CYS Q 234 -17.49 20.15 -90.98
CA CYS Q 234 -16.74 21.06 -90.13
C CYS Q 234 -17.49 21.36 -88.83
N SER Q 235 -18.80 21.61 -88.95
CA SER Q 235 -19.59 22.13 -87.84
C SER Q 235 -20.59 21.12 -87.31
N HIS Q 236 -21.06 20.20 -88.15
CA HIS Q 236 -22.12 19.29 -87.74
C HIS Q 236 -21.71 18.47 -86.52
N GLU Q 237 -20.42 18.19 -86.38
CA GLU Q 237 -19.90 17.52 -85.20
C GLU Q 237 -19.37 18.48 -84.15
N ARG Q 238 -19.22 19.76 -84.51
CA ARG Q 238 -18.78 20.75 -83.53
C ARG Q 238 -19.78 20.87 -82.40
N SER Q 239 -21.06 20.62 -82.67
CA SER Q 239 -22.05 20.63 -81.60
C SER Q 239 -21.69 19.62 -80.52
N VAL Q 240 -21.45 18.37 -80.93
CA VAL Q 240 -21.18 17.31 -79.96
C VAL Q 240 -19.83 17.54 -79.30
N HIS Q 241 -18.86 18.04 -80.06
CA HIS Q 241 -17.57 18.33 -79.47
C HIS Q 241 -17.68 19.42 -78.41
N LEU Q 242 -18.48 20.45 -78.69
CA LEU Q 242 -18.71 21.50 -77.69
C LEU Q 242 -19.38 20.92 -76.46
N PHE Q 243 -20.39 20.08 -76.66
CA PHE Q 243 -21.12 19.50 -75.53
C PHE Q 243 -20.19 18.67 -74.66
N ILE Q 244 -19.35 17.85 -75.29
CA ILE Q 244 -18.45 16.98 -74.53
C ILE Q 244 -17.40 17.82 -73.81
N ASP Q 245 -16.91 18.88 -74.46
CA ASP Q 245 -15.94 19.74 -73.81
C ASP Q 245 -16.55 20.41 -72.58
N SER Q 246 -17.79 20.91 -72.71
CA SER Q 246 -18.46 21.51 -71.56
C SER Q 246 -18.67 20.49 -70.46
N LEU Q 247 -19.05 19.27 -70.84
CA LEU Q 247 -19.28 18.22 -69.85
C LEU Q 247 -18.00 17.92 -69.09
N LEU Q 248 -16.87 17.83 -69.80
CA LEU Q 248 -15.61 17.52 -69.17
C LEU Q 248 -15.14 18.66 -68.26
N ASN Q 249 -15.26 19.90 -68.74
CA ASN Q 249 -14.83 21.06 -67.98
C ASN Q 249 -16.03 21.67 -67.25
N GLU Q 250 -16.45 20.99 -66.18
CA GLU Q 250 -17.57 21.44 -65.38
C GLU Q 250 -17.24 22.67 -64.55
N GLU Q 251 -15.96 22.84 -64.18
CA GLU Q 251 -15.60 23.91 -63.25
C GLU Q 251 -15.79 25.29 -63.86
N ASN Q 252 -15.49 25.47 -65.14
CA ASN Q 252 -15.51 26.78 -65.78
C ASN Q 252 -16.32 26.71 -67.06
N PRO Q 253 -17.65 26.62 -66.95
CA PRO Q 253 -18.48 26.59 -68.15
C PRO Q 253 -18.38 27.88 -68.94
N SER Q 254 -18.52 27.76 -70.26
CA SER Q 254 -18.60 28.92 -71.12
C SER Q 254 -19.96 29.59 -70.95
N LYS Q 255 -19.95 30.92 -70.93
CA LYS Q 255 -21.16 31.71 -70.66
C LYS Q 255 -21.64 32.30 -71.98
N ALA Q 256 -22.56 31.59 -72.64
CA ALA Q 256 -23.21 32.13 -73.81
C ALA Q 256 -24.15 33.27 -73.42
N TYR Q 257 -24.29 34.23 -74.32
CA TYR Q 257 -25.01 35.47 -74.03
C TYR Q 257 -26.32 35.53 -74.80
N ARG Q 258 -27.28 36.24 -74.24
CA ARG Q 258 -28.60 36.41 -74.82
C ARG Q 258 -28.69 37.79 -75.46
N CYS Q 259 -29.29 37.85 -76.65
CA CYS Q 259 -29.31 39.07 -77.43
C CYS Q 259 -30.58 39.09 -78.28
N ASN Q 260 -30.58 39.98 -79.26
CA ASN Q 260 -31.70 40.14 -80.18
C ASN Q 260 -31.41 39.63 -81.58
N SER Q 261 -30.16 39.77 -82.05
CA SER Q 261 -29.81 39.34 -83.38
C SER Q 261 -28.29 39.17 -83.46
N LYS Q 262 -27.85 38.43 -84.48
CA LYS Q 262 -26.43 38.16 -84.64
C LYS Q 262 -25.67 39.46 -84.90
N GLU Q 263 -26.23 40.35 -85.70
CA GLU Q 263 -25.56 41.62 -85.96
C GLU Q 263 -25.49 42.45 -84.69
N ALA Q 264 -26.56 42.46 -83.90
CA ALA Q 264 -26.54 43.19 -82.64
C ALA Q 264 -25.46 42.65 -81.71
N PHE Q 265 -25.33 41.33 -81.64
CA PHE Q 265 -24.29 40.75 -80.82
C PHE Q 265 -22.90 41.10 -81.33
N GLU Q 266 -22.71 41.07 -82.66
CA GLU Q 266 -21.42 41.46 -83.22
C GLU Q 266 -21.08 42.89 -82.86
N LYS Q 267 -22.07 43.78 -82.91
CA LYS Q 267 -21.84 45.15 -82.49
C LYS Q 267 -21.45 45.23 -81.02
N GLY Q 268 -22.13 44.45 -80.18
CA GLY Q 268 -21.77 44.34 -78.78
C GLY Q 268 -22.56 45.23 -77.85
N LEU Q 269 -23.85 45.42 -78.11
CA LEU Q 269 -24.71 46.24 -77.27
C LEU Q 269 -25.62 45.42 -76.39
N CYS Q 270 -25.50 44.10 -76.43
CA CYS Q 270 -26.47 43.19 -75.83
C CYS Q 270 -25.77 42.08 -75.04
N LEU Q 271 -24.83 42.48 -74.18
CA LEU Q 271 -24.10 41.53 -73.34
C LEU Q 271 -24.50 41.55 -71.89
N SER Q 272 -24.75 42.72 -71.33
CA SER Q 272 -25.12 42.81 -69.91
C SER Q 272 -26.36 41.97 -69.65
N CYS Q 273 -26.29 41.15 -68.60
CA CYS Q 273 -27.40 40.28 -68.21
C CYS Q 273 -27.67 40.49 -66.72
N ARG Q 274 -28.46 41.52 -66.42
CA ARG Q 274 -28.92 41.73 -65.05
C ARG Q 274 -30.06 40.80 -64.71
N LYS Q 275 -30.95 40.57 -65.67
CA LYS Q 275 -32.07 39.66 -65.49
C LYS Q 275 -31.63 38.24 -65.81
N ASN Q 276 -32.58 37.32 -65.92
CA ASN Q 276 -32.26 35.92 -66.21
C ASN Q 276 -31.88 35.78 -67.68
N ARG Q 277 -30.67 36.23 -67.99
CA ARG Q 277 -30.10 36.13 -69.32
C ARG Q 277 -28.69 35.57 -69.22
N CYS Q 278 -28.05 35.41 -70.37
CA CYS Q 278 -26.66 34.98 -70.46
C CYS Q 278 -26.42 33.70 -69.65
N ASN Q 279 -27.37 32.78 -69.74
CA ASN Q 279 -27.24 31.55 -68.99
C ASN Q 279 -26.11 30.69 -69.55
N ASN Q 280 -25.69 29.72 -68.75
CA ASN Q 280 -24.60 28.82 -69.12
C ASN Q 280 -24.99 27.97 -70.32
N MET Q 281 -24.03 27.27 -70.91
CA MET Q 281 -24.29 26.36 -72.02
C MET Q 281 -23.68 25.01 -71.69
N GLY Q 282 -24.40 23.95 -72.02
CA GLY Q 282 -23.96 22.60 -71.74
C GLY Q 282 -24.78 21.94 -70.64
N TYR Q 283 -24.15 21.00 -69.95
CA TYR Q 283 -24.84 20.26 -68.90
C TYR Q 283 -25.24 21.17 -67.75
N GLU Q 284 -24.36 22.10 -67.38
CA GLU Q 284 -24.62 22.99 -66.26
C GLU Q 284 -25.52 24.17 -66.64
N ILE Q 285 -26.22 24.08 -67.76
CA ILE Q 285 -27.19 25.11 -68.12
C ILE Q 285 -28.21 25.27 -67.01
N ASN Q 286 -28.64 26.50 -66.80
CA ASN Q 286 -29.65 26.80 -65.80
C ASN Q 286 -31.04 26.60 -66.40
N LYS Q 287 -31.83 25.76 -65.76
CA LYS Q 287 -33.18 25.50 -66.24
C LYS Q 287 -34.04 26.75 -66.07
N VAL Q 288 -34.60 27.23 -67.18
CA VAL Q 288 -35.37 28.46 -67.19
C VAL Q 288 -36.45 28.34 -68.24
N ARG Q 289 -37.56 29.05 -68.01
CA ARG Q 289 -38.67 29.11 -68.95
C ARG Q 289 -38.79 30.53 -69.49
N ALA Q 290 -39.11 30.65 -70.77
CA ALA Q 290 -39.24 31.94 -71.43
C ALA Q 290 -40.61 32.04 -72.09
N LYS Q 291 -41.10 33.27 -72.21
CA LYS Q 291 -42.40 33.50 -72.81
C LYS Q 291 -42.36 33.30 -74.33
N ARG Q 292 -41.18 33.21 -74.91
CA ARG Q 292 -41.05 33.06 -76.36
C ARG Q 292 -39.65 32.54 -76.67
N SER Q 293 -39.38 32.38 -77.96
CA SER Q 293 -38.05 31.99 -78.41
C SER Q 293 -37.03 33.01 -77.94
N SER Q 294 -35.93 32.50 -77.38
CA SER Q 294 -34.86 33.34 -76.83
C SER Q 294 -33.55 32.95 -77.50
N LYS Q 295 -33.15 33.73 -78.51
CA LYS Q 295 -31.89 33.49 -79.19
C LYS Q 295 -30.72 33.87 -78.30
N MET Q 296 -29.55 33.34 -78.64
CA MET Q 296 -28.33 33.62 -77.90
C MET Q 296 -27.15 33.54 -78.85
N TYR Q 297 -26.00 34.00 -78.39
CA TYR Q 297 -24.79 34.03 -79.20
C TYR Q 297 -23.57 33.93 -78.31
N LEU Q 298 -22.45 33.57 -78.92
CA LEU Q 298 -21.15 33.52 -78.25
C LEU Q 298 -20.10 33.20 -79.30
N LYS Q 299 -18.86 33.11 -78.85
CA LYS Q 299 -17.74 32.72 -79.68
C LYS Q 299 -17.02 31.53 -79.05
N THR Q 300 -15.91 31.12 -79.66
CA THR Q 300 -15.22 29.93 -79.23
C THR Q 300 -13.82 29.90 -79.81
N ARG Q 301 -12.97 29.06 -79.21
CA ARG Q 301 -11.64 28.81 -79.73
C ARG Q 301 -11.74 27.81 -80.89
N SER Q 302 -10.60 27.27 -81.30
CA SER Q 302 -10.59 26.43 -82.49
C SER Q 302 -11.25 25.08 -82.24
N GLN Q 303 -10.62 24.21 -81.45
CA GLN Q 303 -11.23 22.91 -81.18
C GLN Q 303 -11.17 22.45 -79.73
N MET Q 304 -10.02 22.59 -79.07
CA MET Q 304 -9.84 21.79 -77.87
C MET Q 304 -10.52 22.37 -76.64
N PRO Q 305 -10.15 23.57 -76.14
CA PRO Q 305 -10.72 23.99 -74.86
C PRO Q 305 -12.01 24.76 -75.02
N TYR Q 306 -12.15 25.44 -76.16
CA TYR Q 306 -13.22 26.41 -76.33
C TYR Q 306 -13.18 27.40 -75.17
N LYS Q 307 -14.32 27.84 -74.68
CA LYS Q 307 -14.40 28.64 -73.45
C LYS Q 307 -13.57 29.93 -73.61
N VAL Q 308 -14.08 30.79 -74.48
CA VAL Q 308 -13.47 32.10 -74.71
C VAL Q 308 -14.20 33.13 -73.89
N PHE Q 309 -13.61 34.32 -73.78
CA PHE Q 309 -14.16 35.42 -73.01
C PHE Q 309 -14.88 36.40 -73.94
N HIS Q 310 -15.33 37.52 -73.36
CA HIS Q 310 -15.99 38.57 -74.12
C HIS Q 310 -15.75 39.90 -73.41
N TYR Q 311 -15.16 40.85 -74.11
CA TYR Q 311 -14.72 42.11 -73.52
C TYR Q 311 -15.11 43.29 -74.41
N GLN Q 312 -16.38 43.37 -74.79
CA GLN Q 312 -16.82 44.40 -75.72
C GLN Q 312 -16.36 45.78 -75.24
N VAL Q 313 -16.17 46.69 -76.21
CA VAL Q 313 -15.53 47.97 -75.95
C VAL Q 313 -16.36 49.11 -76.55
N LYS Q 314 -16.20 50.29 -75.97
CA LYS Q 314 -16.76 51.52 -76.51
C LYS Q 314 -15.65 52.56 -76.62
N ILE Q 315 -15.75 53.42 -77.63
CA ILE Q 315 -14.77 54.49 -77.87
C ILE Q 315 -15.53 55.81 -77.98
N HIS Q 316 -15.03 56.82 -77.26
CA HIS Q 316 -15.56 58.18 -77.36
C HIS Q 316 -14.65 59.01 -78.25
N PHE Q 317 -14.65 58.66 -79.54
CA PHE Q 317 -13.87 59.41 -80.51
C PHE Q 317 -14.25 60.89 -80.46
N SER Q 318 -13.24 61.75 -80.38
CA SER Q 318 -13.48 63.20 -80.35
C SER Q 318 -12.19 63.88 -80.83
N GLY Q 319 -12.20 64.32 -82.08
CA GLY Q 319 -11.04 64.97 -82.65
C GLY Q 319 -11.36 66.29 -83.30
N THR Q 320 -10.39 66.85 -84.04
CA THR Q 320 -10.54 68.14 -84.70
C THR Q 320 -10.89 68.00 -86.17
N GLU Q 321 -10.12 67.22 -86.92
CA GLU Q 321 -10.34 67.09 -88.35
C GLU Q 321 -11.61 66.27 -88.59
N SER Q 322 -12.50 66.77 -89.44
CA SER Q 322 -13.83 66.20 -89.61
C SER Q 322 -14.01 65.50 -90.96
N ASN Q 323 -12.95 64.92 -91.51
CA ASN Q 323 -13.06 64.14 -92.75
C ASN Q 323 -13.37 62.70 -92.38
N THR Q 324 -14.60 62.28 -92.65
CA THR Q 324 -15.03 60.94 -92.31
C THR Q 324 -14.31 59.90 -93.16
N TYR Q 325 -14.01 58.76 -92.53
CA TYR Q 325 -13.39 57.63 -93.21
C TYR Q 325 -14.21 56.38 -92.95
N THR Q 326 -14.03 55.39 -93.81
CA THR Q 326 -14.83 54.17 -93.77
C THR Q 326 -13.95 52.96 -94.04
N ASN Q 327 -14.40 51.81 -93.56
CA ASN Q 327 -13.74 50.53 -93.81
C ASN Q 327 -12.26 50.60 -93.45
N GLN Q 328 -12.01 50.83 -92.16
CA GLN Q 328 -10.66 50.89 -91.61
C GLN Q 328 -10.48 49.80 -90.57
N ALA Q 329 -9.25 49.32 -90.44
CA ALA Q 329 -8.92 48.23 -89.55
C ALA Q 329 -8.27 48.78 -88.29
N PHE Q 330 -8.83 48.43 -87.14
CA PHE Q 330 -8.29 48.81 -85.85
C PHE Q 330 -7.66 47.59 -85.19
N GLU Q 331 -6.45 47.76 -84.68
CA GLU Q 331 -5.75 46.71 -83.95
C GLU Q 331 -5.54 47.17 -82.53
N ILE Q 332 -5.87 46.31 -81.57
CA ILE Q 332 -5.69 46.61 -80.16
C ILE Q 332 -5.10 45.39 -79.47
N SER Q 333 -4.55 45.63 -78.29
CA SER Q 333 -4.00 44.57 -77.46
C SER Q 333 -4.16 44.97 -76.01
N LEU Q 334 -4.18 43.96 -75.13
CA LEU Q 334 -4.44 44.17 -73.72
C LEU Q 334 -3.52 43.30 -72.88
N TYR Q 335 -3.22 43.81 -71.69
CA TYR Q 335 -2.40 43.13 -70.70
C TYR Q 335 -3.12 43.13 -69.37
N GLY Q 336 -3.02 42.02 -68.63
CA GLY Q 336 -3.77 41.84 -67.41
C GLY Q 336 -2.93 41.43 -66.24
N THR Q 337 -3.45 40.49 -65.46
CA THR Q 337 -2.80 40.02 -64.24
C THR Q 337 -2.59 38.51 -64.23
N VAL Q 338 -2.94 37.81 -65.32
CA VAL Q 338 -2.71 36.37 -65.44
C VAL Q 338 -1.94 36.07 -66.72
N ALA Q 339 -2.43 36.57 -67.85
CA ALA Q 339 -1.74 36.46 -69.13
C ALA Q 339 -2.08 37.70 -69.95
N GLU Q 340 -1.73 37.68 -71.23
CA GLU Q 340 -1.95 38.84 -72.08
C GLU Q 340 -1.96 38.42 -73.54
N SER Q 341 -2.88 39.00 -74.31
CA SER Q 341 -2.87 38.88 -75.75
C SER Q 341 -2.00 39.98 -76.35
N GLU Q 342 -1.56 39.77 -77.59
CA GLU Q 342 -0.55 40.63 -78.20
C GLU Q 342 -1.04 41.38 -79.43
N ASN Q 343 -1.58 40.68 -80.42
CA ASN Q 343 -1.84 41.29 -81.72
C ASN Q 343 -3.23 40.92 -82.23
N ILE Q 344 -4.25 41.07 -81.40
CA ILE Q 344 -5.61 40.74 -81.81
C ILE Q 344 -6.18 41.90 -82.62
N PRO Q 345 -6.65 41.68 -83.84
CA PRO Q 345 -7.24 42.75 -84.64
C PRO Q 345 -8.76 42.80 -84.51
N PHE Q 346 -9.33 43.84 -85.12
CA PHE Q 346 -10.76 43.93 -85.29
C PHE Q 346 -11.06 45.03 -86.30
N THR Q 347 -12.33 45.12 -86.69
CA THR Q 347 -12.77 46.02 -87.75
C THR Q 347 -13.86 46.94 -87.24
N LEU Q 348 -13.87 48.15 -87.78
CA LEU Q 348 -14.86 49.16 -87.43
C LEU Q 348 -14.98 50.20 -88.54
N PRO Q 349 -15.94 50.05 -89.46
CA PRO Q 349 -16.08 51.03 -90.53
C PRO Q 349 -16.77 52.31 -90.05
N GLU Q 350 -17.06 53.20 -90.99
CA GLU Q 350 -17.90 54.39 -90.74
C GLU Q 350 -17.40 55.21 -89.56
N VAL Q 351 -16.08 55.33 -89.46
CA VAL Q 351 -15.47 56.11 -88.39
C VAL Q 351 -15.75 57.59 -88.62
N SER Q 352 -16.11 58.30 -87.57
CA SER Q 352 -16.42 59.72 -87.65
C SER Q 352 -15.83 60.43 -86.43
N THR Q 353 -16.28 61.66 -86.20
CA THR Q 353 -15.82 62.49 -85.10
C THR Q 353 -16.99 62.89 -84.21
N ASN Q 354 -16.66 63.31 -82.99
CA ASN Q 354 -17.65 63.73 -82.01
C ASN Q 354 -18.71 62.67 -81.80
N LYS Q 355 -18.39 61.41 -82.12
CA LYS Q 355 -19.32 60.31 -82.09
C LYS Q 355 -18.72 59.16 -81.32
N THR Q 356 -19.58 58.35 -80.71
CA THR Q 356 -19.16 57.19 -79.94
C THR Q 356 -19.48 55.92 -80.72
N TYR Q 357 -18.55 54.98 -80.65
CA TYR Q 357 -18.66 53.70 -81.35
C TYR Q 357 -18.49 52.57 -80.35
N SER Q 358 -18.72 51.35 -80.84
CA SER Q 358 -18.57 50.17 -80.00
C SER Q 358 -18.36 48.97 -80.91
N PHE Q 359 -17.84 47.89 -80.32
CA PHE Q 359 -17.62 46.67 -81.06
C PHE Q 359 -17.44 45.53 -80.07
N LEU Q 360 -17.38 44.32 -80.61
CA LEU Q 360 -17.19 43.12 -79.81
C LEU Q 360 -15.80 42.55 -80.05
N LEU Q 361 -15.12 42.22 -78.96
CA LEU Q 361 -13.81 41.59 -79.02
C LEU Q 361 -13.85 40.29 -78.23
N TYR Q 362 -13.05 39.32 -78.67
CA TYR Q 362 -12.91 38.06 -77.98
C TYR Q 362 -11.44 37.69 -77.87
N THR Q 363 -11.11 37.04 -76.76
CA THR Q 363 -9.78 36.49 -76.53
C THR Q 363 -9.93 35.05 -76.08
N GLU Q 364 -8.86 34.28 -76.27
CA GLU Q 364 -8.89 32.85 -76.01
C GLU Q 364 -7.93 32.46 -74.88
N VAL Q 365 -7.59 33.41 -74.01
CA VAL Q 365 -6.72 33.15 -72.88
C VAL Q 365 -7.26 33.91 -71.67
N ASP Q 366 -7.20 33.27 -70.50
CA ASP Q 366 -7.64 33.91 -69.28
C ASP Q 366 -6.71 35.07 -68.93
N ILE Q 367 -7.32 36.18 -68.51
CA ILE Q 367 -6.57 37.41 -68.25
C ILE Q 367 -6.88 37.93 -66.86
N GLY Q 368 -8.01 37.53 -66.30
CA GLY Q 368 -8.44 38.12 -65.04
C GLY Q 368 -8.68 39.61 -65.24
N GLU Q 369 -8.04 40.42 -64.39
CA GLU Q 369 -8.14 41.85 -64.52
C GLU Q 369 -7.31 42.34 -65.71
N LEU Q 370 -7.42 43.63 -66.00
CA LEU Q 370 -6.75 44.23 -67.15
C LEU Q 370 -6.23 45.60 -66.75
N LEU Q 371 -4.97 45.86 -67.07
CA LEU Q 371 -4.29 47.08 -66.62
C LEU Q 371 -4.17 48.11 -67.73
N MET Q 372 -3.54 47.76 -68.84
CA MET Q 372 -3.24 48.70 -69.90
C MET Q 372 -3.75 48.16 -71.23
N LEU Q 373 -3.77 49.05 -72.22
CA LEU Q 373 -4.39 48.73 -73.50
C LEU Q 373 -3.55 49.31 -74.63
N LYS Q 374 -3.69 48.69 -75.81
CA LYS Q 374 -3.02 49.13 -77.03
C LYS Q 374 -4.07 49.47 -78.08
N LEU Q 375 -3.82 50.52 -78.85
CA LEU Q 375 -4.80 51.02 -79.80
C LEU Q 375 -4.13 51.38 -81.12
N LYS Q 376 -3.29 50.48 -81.64
CA LYS Q 376 -2.62 50.73 -82.89
C LYS Q 376 -3.63 50.79 -84.03
N TRP Q 377 -3.31 51.60 -85.05
CA TRP Q 377 -4.13 51.76 -86.22
C TRP Q 377 -3.29 51.44 -87.45
N ILE Q 378 -3.69 50.39 -88.17
CA ILE Q 378 -2.83 49.77 -89.17
C ILE Q 378 -3.03 50.45 -90.51
N SER Q 379 -2.07 50.23 -91.41
CA SER Q 379 -2.10 50.81 -92.75
C SER Q 379 -1.40 49.86 -93.71
N ASP Q 380 -1.64 50.09 -95.00
CA ASP Q 380 -1.02 49.31 -96.08
C ASP Q 380 0.12 50.10 -96.74
N SER Q 381 0.67 51.09 -96.05
CA SER Q 381 1.77 51.90 -96.53
C SER Q 381 2.91 51.90 -95.51
N TYR Q 382 3.33 50.70 -95.09
CA TYR Q 382 4.31 50.55 -94.02
C TYR Q 382 5.54 51.42 -94.25
N PHE Q 383 6.03 51.46 -95.48
CA PHE Q 383 7.32 52.09 -95.75
C PHE Q 383 7.26 53.58 -95.43
N SER Q 384 8.43 54.21 -95.47
CA SER Q 384 8.58 55.59 -95.01
C SER Q 384 7.93 56.60 -95.97
N TRP Q 385 7.21 56.15 -97.01
CA TRP Q 385 6.45 57.08 -97.82
C TRP Q 385 5.44 57.85 -96.98
N SER Q 386 4.66 57.12 -96.17
CA SER Q 386 3.62 57.69 -95.33
C SER Q 386 4.04 57.77 -93.87
N ASN Q 387 5.32 58.05 -93.62
CA ASN Q 387 5.85 58.16 -92.28
C ASN Q 387 6.08 59.60 -91.84
N TRP Q 388 6.13 60.54 -92.76
CA TRP Q 388 6.31 61.95 -92.42
C TRP Q 388 5.09 62.81 -92.75
N TRP Q 389 4.64 62.82 -94.01
CA TRP Q 389 3.59 63.75 -94.40
C TRP Q 389 2.31 63.49 -93.61
N SER Q 390 1.58 64.56 -93.35
CA SER Q 390 0.44 64.50 -92.44
C SER Q 390 -0.58 63.47 -92.90
N SER Q 391 -0.72 62.41 -92.13
CA SER Q 391 -1.73 61.40 -92.35
C SER Q 391 -2.90 61.61 -91.40
N PRO Q 392 -4.09 61.13 -91.75
CA PRO Q 392 -5.27 61.39 -90.90
C PRO Q 392 -5.06 60.85 -89.49
N GLY Q 393 -5.56 61.62 -88.52
CA GLY Q 393 -5.41 61.26 -87.12
C GLY Q 393 -6.58 61.76 -86.32
N PHE Q 394 -6.73 61.20 -85.13
CA PHE Q 394 -7.82 61.56 -84.22
C PHE Q 394 -7.26 61.72 -82.81
N ASP Q 395 -8.14 62.06 -81.88
CA ASP Q 395 -7.79 62.17 -80.48
C ASP Q 395 -8.66 61.23 -79.66
N ILE Q 396 -8.09 60.68 -78.60
CA ILE Q 396 -8.75 59.69 -77.75
C ILE Q 396 -8.84 60.24 -76.34
N GLY Q 397 -10.03 60.13 -75.75
CA GLY Q 397 -10.25 60.54 -74.38
C GLY Q 397 -10.33 59.34 -73.46
N LYS Q 398 -11.54 58.94 -73.12
CA LYS Q 398 -11.76 57.80 -72.23
C LYS Q 398 -12.16 56.57 -73.02
N ILE Q 399 -12.11 55.42 -72.35
CA ILE Q 399 -12.51 54.14 -72.93
C ILE Q 399 -13.31 53.37 -71.89
N ARG Q 400 -14.38 52.72 -72.35
CA ARG Q 400 -15.38 52.16 -71.44
C ARG Q 400 -15.55 50.66 -71.65
N VAL Q 401 -14.44 49.92 -71.72
CA VAL Q 401 -14.54 48.48 -71.85
C VAL Q 401 -15.39 47.91 -70.73
N LYS Q 402 -16.06 46.79 -71.00
CA LYS Q 402 -16.93 46.14 -70.02
C LYS Q 402 -16.61 44.66 -70.01
N ALA Q 403 -16.20 44.16 -68.85
CA ALA Q 403 -15.92 42.74 -68.72
C ALA Q 403 -17.20 41.93 -68.81
N GLY Q 404 -17.14 40.82 -69.53
CA GLY Q 404 -18.32 40.01 -69.77
C GLY Q 404 -18.75 39.17 -68.60
N GLU Q 405 -17.93 38.19 -68.21
CA GLU Q 405 -18.34 37.26 -67.17
C GLU Q 405 -18.69 37.99 -65.88
N THR Q 406 -17.87 38.97 -65.51
CA THR Q 406 -18.14 39.82 -64.35
C THR Q 406 -18.39 41.23 -64.85
N GLN Q 407 -19.51 41.82 -64.45
CA GLN Q 407 -19.87 43.16 -64.88
C GLN Q 407 -18.95 44.17 -64.20
N LYS Q 408 -18.01 44.72 -64.97
CA LYS Q 408 -17.02 45.66 -64.45
C LYS Q 408 -16.91 46.80 -65.45
N LYS Q 409 -17.54 47.94 -65.14
CA LYS Q 409 -17.47 49.12 -65.98
C LYS Q 409 -16.16 49.87 -65.72
N VAL Q 410 -15.05 49.16 -65.93
CA VAL Q 410 -13.74 49.78 -65.76
C VAL Q 410 -13.58 50.89 -66.77
N ILE Q 411 -13.17 52.06 -66.30
CA ILE Q 411 -13.06 53.25 -67.11
C ILE Q 411 -11.58 53.43 -67.47
N PHE Q 412 -11.22 53.01 -68.67
CA PHE Q 412 -9.90 53.35 -69.18
C PHE Q 412 -9.83 54.83 -69.51
N CYS Q 413 -8.59 55.31 -69.69
CA CYS Q 413 -8.31 56.72 -69.43
C CYS Q 413 -7.04 57.11 -70.16
N SER Q 414 -7.17 57.95 -71.17
CA SER Q 414 -6.00 58.41 -71.90
C SER Q 414 -5.12 59.26 -70.98
N ARG Q 415 -3.85 59.35 -71.36
CA ARG Q 415 -2.91 60.12 -70.56
C ARG Q 415 -3.17 61.61 -70.78
N GLU Q 416 -2.39 62.44 -70.09
CA GLU Q 416 -2.65 63.88 -70.10
C GLU Q 416 -2.74 64.44 -71.52
N LYS Q 417 -1.73 64.15 -72.35
CA LYS Q 417 -1.74 64.68 -73.71
C LYS Q 417 -1.17 63.71 -74.74
N MET Q 418 -0.77 62.52 -74.32
CA MET Q 418 0.12 61.69 -75.12
C MET Q 418 -0.68 60.63 -75.90
N SER Q 419 -1.68 61.09 -76.65
CA SER Q 419 -2.50 60.13 -77.38
C SER Q 419 -2.50 60.29 -78.90
N TYR Q 420 -3.10 61.38 -79.38
CA TYR Q 420 -3.13 61.75 -80.80
C TYR Q 420 -3.05 60.53 -81.72
N LEU Q 421 -3.99 59.60 -81.62
CA LEU Q 421 -3.92 58.42 -82.46
C LEU Q 421 -3.83 58.81 -83.93
N GLN Q 422 -2.90 58.19 -84.65
CA GLN Q 422 -2.66 58.51 -86.05
C GLN Q 422 -2.41 57.23 -86.83
N LYS Q 423 -2.73 57.26 -88.12
CA LYS Q 423 -2.48 56.11 -88.98
C LYS Q 423 -0.99 55.84 -89.08
N GLY Q 424 -0.64 54.56 -89.17
CA GLY Q 424 0.76 54.19 -89.32
C GLY Q 424 1.63 54.73 -88.21
N LYS Q 425 1.15 54.64 -86.98
CA LYS Q 425 1.84 55.20 -85.84
C LYS Q 425 1.80 54.22 -84.68
N SER Q 426 2.66 54.46 -83.70
CA SER Q 426 2.69 53.61 -82.51
C SER Q 426 1.34 53.70 -81.81
N PRO Q 427 0.90 52.63 -81.16
CA PRO Q 427 -0.38 52.66 -80.46
C PRO Q 427 -0.37 53.72 -79.37
N VAL Q 428 -1.53 53.87 -78.73
CA VAL Q 428 -1.71 54.80 -77.62
C VAL Q 428 -1.98 54.00 -76.36
N ILE Q 429 -1.18 54.26 -75.33
CA ILE Q 429 -1.31 53.53 -74.08
C ILE Q 429 -2.50 54.06 -73.28
N PHE Q 430 -3.07 53.18 -72.45
CA PHE Q 430 -4.14 53.56 -71.53
C PHE Q 430 -3.96 52.78 -70.24
N VAL Q 431 -4.61 53.26 -69.18
CA VAL Q 431 -4.44 52.70 -67.85
C VAL Q 431 -5.77 52.77 -67.10
N LYS Q 432 -5.82 52.08 -65.96
CA LYS Q 432 -6.97 52.15 -65.07
C LYS Q 432 -6.99 53.51 -64.38
N CYS Q 433 -8.19 54.02 -64.11
CA CYS Q 433 -8.36 55.44 -63.85
C CYS Q 433 -9.70 55.67 -63.17
N HIS Q 434 -9.89 56.92 -62.73
CA HIS Q 434 -11.17 57.34 -62.18
C HIS Q 434 -11.50 56.62 -60.88
N ASP R 1 30.21 76.51 -117.89
CA ASP R 1 28.87 76.29 -117.39
C ASP R 1 28.60 74.81 -117.21
N PHE R 2 29.64 74.07 -116.85
CA PHE R 2 29.54 72.62 -116.64
C PHE R 2 30.30 72.22 -115.38
N ARG R 3 30.16 73.02 -114.33
CA ARG R 3 30.82 72.77 -113.06
C ARG R 3 29.85 72.49 -111.92
N ASP R 4 28.55 72.59 -112.17
CA ASP R 4 27.52 72.31 -111.16
C ASP R 4 26.78 71.02 -111.48
N ILE R 5 27.51 70.05 -112.04
CA ILE R 5 26.88 68.81 -112.49
C ILE R 5 26.51 67.94 -111.29
N GLU R 6 27.51 67.51 -110.52
CA GLU R 6 27.30 66.76 -109.28
C GLU R 6 26.41 65.54 -109.51
N SER R 7 26.42 65.02 -110.74
CA SER R 7 25.67 63.81 -111.07
C SER R 7 26.40 63.14 -112.23
N LYS R 8 27.19 62.12 -111.91
CA LYS R 8 28.02 61.48 -112.91
C LYS R 8 27.19 60.55 -113.79
N PHE R 9 27.41 60.63 -115.09
CA PHE R 9 26.76 59.80 -116.09
C PHE R 9 27.69 58.63 -116.40
N ALA R 10 27.21 57.42 -116.16
CA ALA R 10 28.00 56.23 -116.42
C ALA R 10 27.63 55.63 -117.77
N LEU R 11 28.42 54.66 -118.22
CA LEU R 11 28.20 54.00 -119.51
C LEU R 11 28.70 52.57 -119.38
N ARG R 12 27.77 51.66 -119.09
CA ARG R 12 28.11 50.26 -118.95
C ARG R 12 28.15 49.58 -120.32
N THR R 13 28.57 48.33 -120.32
CA THR R 13 28.64 47.51 -121.52
C THR R 13 28.17 46.10 -121.21
N PRO R 14 27.82 45.32 -122.24
CA PRO R 14 27.29 43.97 -121.98
C PRO R 14 28.21 43.12 -121.12
N GLU R 15 29.52 43.28 -121.25
CA GLU R 15 30.45 42.48 -120.46
C GLU R 15 30.48 42.93 -119.00
N ASP R 16 30.02 44.15 -118.72
CA ASP R 16 30.00 44.70 -117.36
C ASP R 16 28.68 45.43 -117.14
N THR R 17 27.72 44.73 -116.52
CA THR R 17 26.40 45.30 -116.25
C THR R 17 26.19 45.57 -114.77
N ALA R 18 27.28 45.58 -114.01
CA ALA R 18 27.20 45.75 -112.56
C ALA R 18 27.89 47.02 -112.08
N GLU R 19 29.15 47.21 -112.48
CA GLU R 19 29.96 48.31 -111.97
C GLU R 19 30.13 49.38 -113.05
N ASP R 20 29.94 50.63 -112.66
CA ASP R 20 30.17 51.74 -113.57
C ASP R 20 31.66 51.91 -113.82
N THR R 21 32.05 51.86 -115.09
CA THR R 21 33.46 51.92 -115.48
C THR R 21 33.85 53.28 -116.06
N CYS R 22 32.94 53.92 -116.78
CA CYS R 22 33.23 55.17 -117.47
C CYS R 22 32.59 56.34 -116.73
N HIS R 23 32.93 57.55 -117.18
CA HIS R 23 32.34 58.76 -116.61
C HIS R 23 32.30 59.82 -117.72
N LEU R 24 31.14 59.92 -118.37
CA LEU R 24 30.95 60.87 -119.47
C LEU R 24 30.75 62.26 -118.90
N ILE R 25 31.85 62.91 -118.55
CA ILE R 25 31.76 64.24 -117.93
C ILE R 25 31.26 65.24 -118.97
N PRO R 26 30.19 65.99 -118.70
CA PRO R 26 29.73 66.98 -119.67
C PRO R 26 30.80 68.02 -119.95
N GLY R 27 30.82 68.50 -121.19
CA GLY R 27 31.78 69.50 -121.61
C GLY R 27 33.13 68.92 -121.96
N VAL R 28 33.63 67.99 -121.13
CA VAL R 28 34.91 67.36 -121.37
C VAL R 28 34.68 66.26 -122.41
N THR R 29 34.99 66.57 -123.66
CA THR R 29 34.73 65.64 -124.75
C THR R 29 35.60 64.40 -124.67
N GLU R 30 36.62 64.42 -123.84
CA GLU R 30 37.58 63.31 -123.82
C GLU R 30 36.91 62.00 -123.48
N SER R 31 35.87 62.04 -122.64
CA SER R 31 35.24 60.81 -122.17
C SER R 31 34.58 60.07 -123.32
N VAL R 32 34.01 60.81 -124.28
CA VAL R 32 33.33 60.17 -125.40
C VAL R 32 34.31 59.30 -126.19
N ALA R 33 35.50 59.83 -126.45
CA ALA R 33 36.51 59.05 -127.15
C ALA R 33 37.07 57.96 -126.25
N ASN R 34 37.17 58.23 -124.94
CA ASN R 34 37.70 57.23 -124.02
C ASN R 34 36.84 55.98 -124.02
N CYS R 35 35.53 56.14 -124.01
CA CYS R 35 34.60 55.02 -123.97
C CYS R 35 33.77 55.01 -125.24
N HIS R 36 33.78 53.88 -125.94
CA HIS R 36 33.15 53.79 -127.25
C HIS R 36 31.68 54.18 -127.17
N PHE R 37 31.24 54.98 -128.16
CA PHE R 37 29.88 55.51 -128.19
C PHE R 37 29.45 55.58 -129.65
N ASN R 38 28.71 54.57 -130.09
CA ASN R 38 28.26 54.51 -131.47
C ASN R 38 27.25 55.62 -131.71
N HIS R 39 27.70 56.70 -132.36
CA HIS R 39 26.86 57.86 -132.59
C HIS R 39 25.74 57.61 -133.58
N SER R 40 25.77 56.47 -134.27
CA SER R 40 24.72 56.15 -135.23
C SER R 40 23.55 55.43 -134.57
N SER R 41 23.82 54.59 -133.58
CA SER R 41 22.79 53.74 -133.02
C SER R 41 22.00 54.48 -131.94
N LYS R 42 20.96 53.81 -131.47
CA LYS R 42 20.08 54.34 -130.44
C LYS R 42 20.77 54.25 -129.09
N THR R 43 20.38 55.14 -128.17
CA THR R 43 21.02 55.21 -126.86
C THR R 43 19.98 55.48 -125.78
N PHE R 44 19.84 54.54 -124.85
CA PHE R 44 18.89 54.68 -123.76
C PHE R 44 19.51 55.44 -122.60
N VAL R 45 18.65 55.90 -121.69
CA VAL R 45 19.07 56.59 -120.49
C VAL R 45 18.22 56.12 -119.32
N VAL R 46 18.83 55.35 -118.43
CA VAL R 46 18.14 54.82 -117.27
C VAL R 46 18.27 55.81 -116.12
N ILE R 47 17.16 56.13 -115.48
CA ILE R 47 17.12 57.05 -114.35
C ILE R 47 16.45 56.31 -113.21
N HIS R 48 17.24 55.76 -112.29
CA HIS R 48 16.67 55.11 -111.13
C HIS R 48 16.13 56.15 -110.16
N GLY R 49 15.67 55.67 -109.01
CA GLY R 49 14.99 56.52 -108.07
C GLY R 49 15.50 56.42 -106.65
N TRP R 50 14.66 56.84 -105.70
CA TRP R 50 15.08 56.94 -104.32
C TRP R 50 15.49 55.58 -103.78
N THR R 51 16.56 55.57 -102.98
CA THR R 51 17.04 54.34 -102.36
C THR R 51 17.50 54.64 -100.95
N VAL R 52 16.96 53.89 -99.99
CA VAL R 52 17.39 54.04 -98.60
C VAL R 52 18.87 53.71 -98.47
N THR R 53 19.35 52.73 -99.23
CA THR R 53 20.76 52.37 -99.18
C THR R 53 21.57 53.36 -100.00
N GLY R 54 22.87 53.10 -100.08
CA GLY R 54 23.77 53.97 -100.83
C GLY R 54 24.29 53.31 -102.08
N MET R 55 23.42 52.56 -102.77
CA MET R 55 23.82 51.85 -103.97
C MET R 55 22.61 51.63 -104.85
N TYR R 56 22.88 51.26 -106.10
CA TYR R 56 21.82 51.01 -107.06
C TYR R 56 20.94 49.85 -106.60
N GLU R 57 19.65 49.95 -106.90
CA GLU R 57 18.75 48.86 -106.59
C GLU R 57 19.15 47.60 -107.36
N SER R 58 18.49 46.49 -107.02
CA SER R 58 18.87 45.19 -107.54
C SER R 58 18.37 44.93 -108.97
N TRP R 59 17.56 45.83 -109.53
CA TRP R 59 16.95 45.59 -110.83
C TRP R 59 17.73 46.20 -111.99
N VAL R 60 18.57 47.18 -111.72
CA VAL R 60 19.31 47.85 -112.79
C VAL R 60 20.15 46.87 -113.61
N PRO R 61 20.92 45.97 -113.00
CA PRO R 61 21.73 45.05 -113.81
C PRO R 61 20.90 44.21 -114.77
N LYS R 62 19.80 43.64 -114.27
CA LYS R 62 18.95 42.83 -115.14
C LYS R 62 18.36 43.68 -116.25
N LEU R 63 17.90 44.89 -115.92
CA LEU R 63 17.32 45.76 -116.93
C LEU R 63 18.33 46.04 -118.04
N VAL R 64 19.55 46.42 -117.67
CA VAL R 64 20.52 46.81 -118.67
C VAL R 64 20.96 45.60 -119.49
N ALA R 65 21.09 44.44 -118.83
CA ALA R 65 21.46 43.23 -119.57
C ALA R 65 20.40 42.90 -120.61
N ALA R 66 19.12 42.99 -120.22
CA ALA R 66 18.06 42.70 -121.17
C ALA R 66 18.01 43.74 -122.28
N LEU R 67 18.33 45.00 -121.94
CA LEU R 67 18.34 46.05 -122.95
C LEU R 67 19.39 45.75 -124.01
N TYR R 68 20.58 45.35 -123.59
CA TYR R 68 21.60 44.96 -124.56
C TYR R 68 21.18 43.73 -125.34
N LYS R 69 20.56 42.76 -124.67
CA LYS R 69 20.08 41.57 -125.37
C LYS R 69 19.12 41.95 -126.49
N ARG R 70 18.22 42.88 -126.21
CA ARG R 70 17.22 43.27 -127.20
C ARG R 70 17.83 44.10 -128.32
N GLU R 71 18.67 45.08 -127.98
CA GLU R 71 19.22 46.02 -128.96
C GLU R 71 20.73 46.11 -128.78
N PRO R 72 21.47 45.16 -129.33
CA PRO R 72 22.93 45.23 -129.25
C PRO R 72 23.49 46.41 -130.03
N ASP R 73 24.76 46.69 -129.79
CA ASP R 73 25.45 47.81 -130.44
C ASP R 73 24.70 49.11 -130.22
N SER R 74 24.18 49.28 -129.01
CA SER R 74 23.47 50.49 -128.63
C SER R 74 23.93 50.93 -127.26
N ASN R 75 24.23 52.22 -127.13
CA ASN R 75 24.82 52.72 -125.90
C ASN R 75 23.78 52.80 -124.79
N VAL R 76 24.27 52.73 -123.56
CA VAL R 76 23.43 52.83 -122.37
C VAL R 76 24.10 53.80 -121.41
N ILE R 77 23.29 54.68 -120.82
CA ILE R 77 23.78 55.68 -119.88
C ILE R 77 23.04 55.49 -118.56
N VAL R 78 23.78 55.58 -117.47
CA VAL R 78 23.21 55.50 -116.13
C VAL R 78 23.61 56.75 -115.37
N VAL R 79 22.76 57.15 -114.44
CA VAL R 79 22.96 58.34 -113.65
C VAL R 79 23.35 57.96 -112.23
N ASP R 80 23.71 58.97 -111.44
CA ASP R 80 24.29 58.75 -110.11
C ASP R 80 23.51 59.51 -109.05
N TRP R 81 22.19 59.29 -109.02
CA TRP R 81 21.33 59.86 -107.99
C TRP R 81 21.98 59.86 -106.62
N LEU R 82 22.80 58.84 -106.36
CA LEU R 82 23.46 58.71 -105.07
C LEU R 82 24.16 60.02 -104.70
N SER R 83 24.29 60.25 -103.40
CA SER R 83 24.82 61.47 -102.79
C SER R 83 23.77 62.56 -102.70
N ARG R 84 22.66 62.44 -103.40
CA ARG R 84 21.55 63.39 -103.34
C ARG R 84 20.24 62.72 -102.99
N ALA R 85 20.01 61.49 -103.45
CA ALA R 85 18.77 60.80 -103.16
C ALA R 85 18.75 60.25 -101.74
N GLN R 86 19.92 59.94 -101.17
CA GLN R 86 19.96 59.40 -99.82
C GLN R 86 19.32 60.36 -98.82
N GLN R 87 19.25 61.63 -99.17
CA GLN R 87 18.69 62.63 -98.26
C GLN R 87 17.20 62.36 -98.05
N HIS R 88 16.60 63.17 -97.19
CA HIS R 88 15.17 63.04 -96.92
C HIS R 88 14.38 63.02 -98.22
N TYR R 89 13.31 62.23 -98.22
CA TYR R 89 12.55 62.02 -99.46
C TYR R 89 12.05 63.32 -100.05
N PRO R 90 11.43 64.23 -99.30
CA PRO R 90 11.08 65.54 -99.88
C PRO R 90 12.27 66.26 -100.48
N VAL R 91 13.45 66.12 -99.88
CA VAL R 91 14.64 66.75 -100.46
C VAL R 91 14.90 66.21 -101.85
N SER R 92 14.67 64.92 -102.06
CA SER R 92 14.79 64.35 -103.40
C SER R 92 13.73 64.92 -104.32
N ALA R 93 12.52 65.12 -103.80
CA ALA R 93 11.47 65.74 -104.60
C ALA R 93 11.90 67.11 -105.08
N GLY R 94 12.55 67.87 -104.21
CA GLY R 94 13.08 69.16 -104.64
C GLY R 94 14.22 69.03 -105.63
N TYR R 95 15.13 68.09 -105.38
CA TYR R 95 16.32 67.90 -106.21
C TYR R 95 15.98 67.31 -107.57
N THR R 96 14.75 66.84 -107.76
CA THR R 96 14.35 66.41 -109.09
C THR R 96 14.57 67.51 -110.11
N LYS R 97 14.31 68.76 -109.72
CA LYS R 97 14.50 69.88 -110.64
C LYS R 97 15.97 70.03 -111.02
N LEU R 98 16.86 69.91 -110.02
CA LEU R 98 18.28 70.03 -110.30
C LEU R 98 18.76 68.93 -111.24
N VAL R 99 18.32 67.68 -110.98
CA VAL R 99 18.75 66.58 -111.83
C VAL R 99 18.19 66.73 -113.24
N GLY R 100 16.96 67.24 -113.34
CA GLY R 100 16.39 67.47 -114.66
C GLY R 100 17.15 68.53 -115.43
N GLN R 101 17.49 69.61 -114.76
CA GLN R 101 18.32 70.64 -115.40
C GLN R 101 19.65 70.05 -115.82
N ASP R 102 20.24 69.21 -114.98
CA ASP R 102 21.52 68.60 -115.30
C ASP R 102 21.42 67.73 -116.54
N VAL R 103 20.38 66.91 -116.61
CA VAL R 103 20.20 66.01 -117.75
C VAL R 103 19.94 66.83 -119.02
N ALA R 104 19.16 67.90 -118.90
CA ALA R 104 18.90 68.76 -120.05
C ALA R 104 20.20 69.37 -120.54
N LYS R 105 21.05 69.82 -119.62
CA LYS R 105 22.33 70.39 -120.02
C LYS R 105 23.19 69.32 -120.69
N PHE R 106 23.18 68.11 -120.16
CA PHE R 106 23.93 67.01 -120.77
C PHE R 106 23.49 66.81 -122.21
N MET R 107 22.19 66.68 -122.43
CA MET R 107 21.67 66.39 -123.76
C MET R 107 21.92 67.55 -124.71
N ASN R 108 21.78 68.78 -124.22
CA ASN R 108 22.05 69.95 -125.05
C ASN R 108 23.52 70.00 -125.46
N TRP R 109 24.42 69.70 -124.52
CA TRP R 109 25.83 69.65 -124.84
C TRP R 109 26.12 68.59 -125.89
N MET R 110 25.47 67.43 -125.77
CA MET R 110 25.65 66.39 -126.76
C MET R 110 25.15 66.86 -128.13
N ALA R 111 23.97 67.47 -128.17
CA ALA R 111 23.41 67.94 -129.42
C ALA R 111 24.17 69.12 -130.01
N ASP R 112 24.99 69.79 -129.21
CA ASP R 112 25.82 70.88 -129.71
C ASP R 112 27.15 70.37 -130.23
N GLU R 113 27.88 69.59 -129.43
CA GLU R 113 29.19 69.11 -129.84
C GLU R 113 29.09 68.05 -130.92
N PHE R 114 28.22 67.06 -130.72
CA PHE R 114 28.11 65.93 -131.62
C PHE R 114 26.80 65.91 -132.40
N ASN R 115 25.92 66.87 -132.18
CA ASN R 115 24.62 66.95 -132.85
C ASN R 115 23.97 65.58 -132.99
N TYR R 116 24.05 64.79 -131.92
CA TYR R 116 23.42 63.47 -131.95
C TYR R 116 21.92 63.63 -132.11
N PRO R 117 21.28 62.89 -133.01
CA PRO R 117 19.84 63.05 -133.20
C PRO R 117 19.07 62.72 -131.93
N LEU R 118 18.23 63.67 -131.51
CA LEU R 118 17.45 63.48 -130.28
C LEU R 118 16.35 62.46 -130.45
N GLY R 119 16.10 62.01 -131.68
CA GLY R 119 15.01 61.09 -131.93
C GLY R 119 15.40 59.65 -131.72
N ASN R 120 16.51 59.41 -131.02
CA ASN R 120 17.02 58.07 -130.83
C ASN R 120 17.45 57.85 -129.38
N VAL R 121 16.71 58.43 -128.43
CA VAL R 121 17.05 58.34 -127.01
C VAL R 121 15.79 58.09 -126.21
N HIS R 122 15.87 57.19 -125.23
CA HIS R 122 14.80 56.94 -124.28
C HIS R 122 15.23 57.39 -122.90
N LEU R 123 14.35 58.09 -122.21
CA LEU R 123 14.59 58.48 -120.82
C LEU R 123 13.81 57.53 -119.91
N LEU R 124 14.31 56.30 -119.80
CA LEU R 124 13.68 55.32 -118.93
C LEU R 124 13.65 55.82 -117.51
N GLY R 125 12.46 56.09 -117.01
CA GLY R 125 12.28 56.66 -115.69
C GLY R 125 11.51 55.74 -114.77
N TYR R 126 12.04 55.59 -113.57
CA TYR R 126 11.42 54.80 -112.52
C TYR R 126 11.22 55.70 -111.31
N SER R 127 10.31 55.31 -110.43
CA SER R 127 10.08 56.00 -109.17
C SER R 127 10.15 57.50 -109.39
N LEU R 128 11.00 58.21 -108.65
CA LEU R 128 11.18 59.65 -108.88
C LEU R 128 11.83 59.91 -110.23
N GLY R 129 12.50 58.90 -110.79
CA GLY R 129 13.24 59.11 -112.03
C GLY R 129 12.32 59.48 -113.18
N ALA R 130 11.11 58.93 -113.18
CA ALA R 130 10.17 59.27 -114.25
C ALA R 130 9.83 60.76 -114.22
N HIS R 131 9.54 61.29 -113.04
CA HIS R 131 9.26 62.72 -112.94
C HIS R 131 10.50 63.53 -113.26
N ALA R 132 11.68 63.02 -112.90
CA ALA R 132 12.92 63.71 -113.22
C ALA R 132 13.08 63.86 -114.72
N ALA R 133 12.87 62.77 -115.45
CA ALA R 133 12.97 62.83 -116.90
C ALA R 133 11.89 63.75 -117.47
N GLY R 134 10.68 63.68 -116.93
CA GLY R 134 9.60 64.51 -117.44
C GLY R 134 9.92 65.99 -117.33
N ILE R 135 10.39 66.41 -116.15
CA ILE R 135 10.85 67.78 -116.01
C ILE R 135 12.05 68.01 -116.93
N ALA R 136 12.79 66.96 -117.23
CA ALA R 136 13.84 67.04 -118.22
C ALA R 136 13.24 66.94 -119.62
N GLY R 137 14.07 67.13 -120.63
CA GLY R 137 13.60 67.11 -122.01
C GLY R 137 12.85 68.36 -122.36
N SER R 138 11.88 68.74 -121.52
CA SER R 138 11.14 69.98 -121.73
C SER R 138 12.07 71.16 -121.91
N LEU R 139 13.19 71.17 -121.18
CA LEU R 139 14.18 72.21 -121.37
C LEU R 139 14.99 72.01 -122.64
N THR R 140 15.04 70.77 -123.13
CA THR R 140 15.77 70.50 -124.37
C THR R 140 15.11 71.21 -125.54
N ASN R 141 15.93 71.67 -126.47
CA ASN R 141 15.42 72.42 -127.62
C ASN R 141 14.79 71.51 -128.67
N LYS R 142 15.30 70.30 -128.85
CA LYS R 142 14.87 69.42 -129.93
C LYS R 142 13.97 68.28 -129.44
N LYS R 143 13.40 68.39 -128.25
CA LYS R 143 12.47 67.39 -127.75
C LYS R 143 13.10 66.01 -127.69
N VAL R 144 12.32 65.02 -127.27
CA VAL R 144 12.80 63.65 -127.10
C VAL R 144 11.77 62.69 -127.66
N ASN R 145 12.24 61.62 -128.29
CA ASN R 145 11.35 60.64 -128.90
C ASN R 145 10.49 59.94 -127.85
N ARG R 146 11.11 59.17 -126.96
CA ARG R 146 10.41 58.37 -125.98
C ARG R 146 10.88 58.71 -124.57
N ILE R 147 9.93 58.79 -123.64
CA ILE R 147 10.23 59.12 -122.25
C ILE R 147 9.59 58.08 -121.35
N THR R 148 9.44 56.85 -121.86
CA THR R 148 8.75 55.80 -121.14
C THR R 148 9.23 55.69 -119.70
N GLY R 149 8.32 55.91 -118.76
CA GLY R 149 8.63 55.82 -117.35
C GLY R 149 8.07 54.55 -116.72
N LEU R 150 8.31 54.42 -115.43
CA LEU R 150 7.87 53.24 -114.67
C LEU R 150 7.41 53.68 -113.29
N ASP R 151 6.13 53.49 -113.01
CA ASP R 151 5.58 53.74 -111.69
C ASP R 151 5.92 55.16 -111.25
N PRO R 152 5.39 56.18 -111.93
CA PRO R 152 5.67 57.56 -111.53
C PRO R 152 5.24 57.81 -110.10
N ALA R 153 6.05 58.59 -109.38
CA ALA R 153 5.76 58.91 -108.00
C ALA R 153 4.53 59.79 -107.90
N GLY R 154 3.75 59.55 -106.85
CA GLY R 154 2.52 60.29 -106.63
C GLY R 154 2.69 61.49 -105.72
N PRO R 155 3.32 61.31 -104.56
CA PRO R 155 3.40 62.40 -103.59
C PRO R 155 4.09 63.63 -104.17
N ASN R 156 3.59 64.80 -103.78
CA ASN R 156 4.16 66.09 -104.17
C ASN R 156 4.18 66.26 -105.69
N PHE R 157 3.39 65.46 -106.41
CA PHE R 157 3.25 65.62 -107.85
C PHE R 157 1.80 65.67 -108.30
N GLU R 158 0.89 65.06 -107.54
CA GLU R 158 -0.52 65.31 -107.79
C GLU R 158 -0.85 66.76 -107.46
N TYR R 159 -1.89 67.27 -108.10
CA TYR R 159 -2.27 68.68 -107.96
C TYR R 159 -1.11 69.57 -108.39
N ALA R 160 -0.46 69.21 -109.49
CA ALA R 160 0.69 69.93 -110.02
C ALA R 160 0.46 70.25 -111.49
N GLU R 161 1.51 70.72 -112.16
CA GLU R 161 1.45 71.10 -113.56
C GLU R 161 2.63 70.48 -114.31
N ALA R 162 2.62 70.65 -115.63
CA ALA R 162 3.66 70.08 -116.47
C ALA R 162 5.07 70.46 -116.06
N PRO R 163 5.38 71.73 -115.76
CA PRO R 163 6.77 72.05 -115.41
C PRO R 163 7.26 71.30 -114.19
N SER R 164 6.38 71.00 -113.24
CA SER R 164 6.77 70.35 -112.00
C SER R 164 6.53 68.85 -111.99
N ARG R 165 6.02 68.29 -113.08
CA ARG R 165 5.78 66.85 -113.13
C ARG R 165 5.76 66.40 -114.57
N LEU R 166 5.84 65.08 -114.75
CA LEU R 166 5.82 64.51 -116.09
C LEU R 166 4.54 64.92 -116.82
N SER R 167 4.69 65.31 -118.07
CA SER R 167 3.57 65.78 -118.88
C SER R 167 3.66 65.16 -120.26
N PRO R 168 2.53 65.03 -120.96
CA PRO R 168 2.58 64.47 -122.32
C PRO R 168 3.41 65.30 -123.27
N ASP R 169 3.47 66.61 -123.07
CA ASP R 169 4.24 67.48 -123.96
C ASP R 169 5.72 67.44 -123.67
N ASP R 170 6.14 66.78 -122.59
CA ASP R 170 7.56 66.70 -122.26
C ASP R 170 8.36 65.96 -123.32
N ALA R 171 7.71 65.21 -124.19
CA ALA R 171 8.40 64.43 -125.20
C ALA R 171 7.43 64.09 -126.32
N ASP R 172 7.98 63.57 -127.42
CA ASP R 172 7.15 63.22 -128.57
C ASP R 172 6.14 62.14 -128.21
N PHE R 173 6.59 61.11 -127.51
CA PHE R 173 5.73 60.01 -127.09
C PHE R 173 6.06 59.66 -125.65
N VAL R 174 5.07 59.12 -124.95
CA VAL R 174 5.22 58.80 -123.53
C VAL R 174 4.27 57.68 -123.18
N ASP R 175 4.68 56.86 -122.22
CA ASP R 175 3.83 55.81 -121.67
C ASP R 175 4.31 55.48 -120.27
N VAL R 176 3.35 55.17 -119.39
CA VAL R 176 3.63 54.90 -117.99
C VAL R 176 2.96 53.59 -117.60
N LEU R 177 3.49 52.98 -116.56
CA LEU R 177 3.02 51.69 -116.05
C LEU R 177 2.50 51.92 -114.63
N HIS R 178 1.22 52.26 -114.52
CA HIS R 178 0.61 52.48 -113.21
C HIS R 178 0.41 51.15 -112.50
N THR R 179 1.44 50.68 -111.81
CA THR R 179 1.45 49.37 -111.20
C THR R 179 0.97 49.38 -109.75
N PHE R 180 0.62 50.54 -109.21
CA PHE R 180 0.19 50.61 -107.82
C PHE R 180 -0.53 51.93 -107.59
N THR R 181 -1.79 51.86 -107.15
CA THR R 181 -2.57 53.06 -106.90
C THR R 181 -3.46 52.95 -105.66
N ARG R 182 -3.35 51.86 -104.90
CA ARG R 182 -4.24 51.69 -103.76
C ARG R 182 -4.01 52.78 -102.73
N GLY R 183 -5.10 53.33 -102.23
CA GLY R 183 -5.07 54.38 -101.22
C GLY R 183 -5.90 55.58 -101.65
N SER R 184 -5.97 56.55 -100.74
CA SER R 184 -6.74 57.74 -101.00
C SER R 184 -6.08 58.57 -102.11
N PRO R 185 -6.85 59.36 -102.85
CA PRO R 185 -6.25 60.24 -103.86
C PRO R 185 -5.26 61.20 -103.23
N GLY R 186 -4.16 61.42 -103.94
CA GLY R 186 -3.14 62.35 -103.50
C GLY R 186 -2.23 61.83 -102.41
N ARG R 187 -2.46 60.61 -101.91
CA ARG R 187 -1.61 60.04 -100.88
C ARG R 187 -1.05 58.67 -101.26
N SER R 188 -1.62 57.98 -102.24
CA SER R 188 -1.02 56.76 -102.73
C SER R 188 0.31 57.07 -103.40
N ILE R 189 1.28 56.18 -103.19
CA ILE R 189 2.61 56.41 -103.75
C ILE R 189 2.54 56.57 -105.26
N GLY R 190 1.74 55.74 -105.91
CA GLY R 190 1.65 55.76 -107.36
C GLY R 190 0.57 56.73 -107.84
N ILE R 191 0.99 57.72 -108.63
CA ILE R 191 0.04 58.67 -109.18
C ILE R 191 -1.02 57.91 -109.98
N GLN R 192 -2.27 58.31 -109.79
CA GLN R 192 -3.39 57.71 -110.49
C GLN R 192 -3.90 58.54 -111.64
N LYS R 193 -3.66 59.84 -111.62
CA LYS R 193 -4.09 60.69 -112.72
C LYS R 193 -3.31 60.32 -113.98
N PRO R 194 -3.98 60.06 -115.10
CA PRO R 194 -3.25 59.72 -116.32
C PRO R 194 -2.37 60.88 -116.76
N VAL R 195 -1.19 60.55 -117.30
CA VAL R 195 -0.18 61.55 -117.62
C VAL R 195 0.17 61.51 -119.09
N GLY R 196 0.52 60.33 -119.61
CA GLY R 196 1.00 60.22 -120.96
C GLY R 196 -0.12 60.09 -121.98
N HIS R 197 0.29 60.01 -123.24
CA HIS R 197 -0.67 59.79 -124.31
C HIS R 197 -1.41 58.48 -124.11
N VAL R 198 -0.70 57.44 -123.68
CA VAL R 198 -1.28 56.14 -123.36
C VAL R 198 -0.73 55.72 -122.01
N ASP R 199 -1.61 55.22 -121.15
CA ASP R 199 -1.24 54.75 -119.82
C ASP R 199 -1.73 53.33 -119.62
N ILE R 200 -1.01 52.58 -118.79
CA ILE R 200 -1.28 51.17 -118.58
C ILE R 200 -1.52 50.95 -117.09
N TYR R 201 -2.60 50.24 -116.76
CA TYR R 201 -3.02 50.01 -115.38
C TYR R 201 -3.19 48.51 -115.17
N PRO R 202 -2.10 47.76 -115.11
CA PRO R 202 -2.22 46.31 -114.95
C PRO R 202 -2.93 45.95 -113.65
N ASN R 203 -3.81 44.96 -113.74
CA ASN R 203 -4.58 44.47 -112.60
C ASN R 203 -5.45 45.53 -111.97
N GLY R 204 -5.56 46.70 -112.61
CA GLY R 204 -6.27 47.83 -112.05
C GLY R 204 -5.46 48.69 -111.12
N GLY R 205 -4.22 48.30 -110.82
CA GLY R 205 -3.35 49.06 -109.97
C GLY R 205 -3.58 48.86 -108.49
N THR R 206 -4.57 48.07 -108.09
CA THR R 206 -4.84 47.87 -106.68
C THR R 206 -3.67 47.19 -105.98
N PHE R 207 -3.11 46.17 -106.63
CA PHE R 207 -2.00 45.40 -106.06
C PHE R 207 -1.52 44.44 -107.14
N GLN R 208 -0.58 43.56 -106.77
CA GLN R 208 -0.09 42.53 -107.66
C GLN R 208 -0.09 41.18 -106.97
N PRO R 209 -0.18 40.09 -107.74
CA PRO R 209 -0.36 38.77 -107.11
C PRO R 209 0.93 38.17 -106.59
N GLY R 210 2.05 38.48 -107.23
CA GLY R 210 3.30 37.83 -106.89
C GLY R 210 3.88 38.28 -105.57
N CYS R 211 3.08 38.17 -104.52
CA CYS R 211 3.51 38.58 -103.17
C CYS R 211 2.45 38.11 -102.18
N ASN R 212 2.64 38.47 -100.92
CA ASN R 212 1.78 38.00 -99.83
C ASN R 212 1.60 39.16 -98.87
N ILE R 213 1.10 38.86 -97.67
CA ILE R 213 0.91 39.90 -96.66
C ILE R 213 2.22 40.63 -96.40
N GLY R 214 3.31 39.89 -96.26
CA GLY R 214 4.62 40.49 -96.10
C GLY R 214 5.02 40.69 -94.66
N GLU R 215 4.93 41.93 -94.18
CA GLU R 215 5.40 42.27 -92.85
C GLU R 215 4.54 41.60 -91.79
N ALA R 216 5.10 40.60 -91.11
CA ALA R 216 4.38 39.93 -90.04
C ALA R 216 4.27 40.82 -88.81
N LEU R 217 5.36 41.47 -88.43
CA LEU R 217 5.36 42.36 -87.27
C LEU R 217 6.44 43.41 -87.47
N ARG R 218 6.32 44.50 -86.71
CA ARG R 218 7.25 45.62 -86.87
C ARG R 218 8.68 45.20 -86.55
N VAL R 219 8.86 44.43 -85.47
CA VAL R 219 10.20 44.06 -85.02
C VAL R 219 10.58 42.66 -85.50
N ILE R 220 9.67 41.70 -85.42
CA ILE R 220 9.99 40.33 -85.79
C ILE R 220 10.33 40.24 -87.27
N ALA R 221 9.51 40.88 -88.12
CA ALA R 221 9.75 40.88 -89.55
C ALA R 221 10.76 41.96 -89.90
N GLU R 222 10.91 42.25 -91.19
CA GLU R 222 11.90 43.21 -91.69
C GLU R 222 11.18 44.22 -92.57
N ARG R 223 10.70 45.30 -91.95
CA ARG R 223 9.97 46.33 -92.69
C ARG R 223 10.82 46.83 -93.85
N GLY R 224 11.94 47.47 -93.52
CA GLY R 224 12.93 47.84 -94.52
C GLY R 224 14.26 47.17 -94.22
N LEU R 225 14.22 46.14 -93.38
CA LEU R 225 15.42 45.43 -92.97
C LEU R 225 15.77 44.32 -93.95
N GLY R 226 15.82 44.67 -95.23
CA GLY R 226 16.00 43.65 -96.25
C GLY R 226 14.95 42.58 -96.12
N ASP R 227 15.34 41.33 -96.40
CA ASP R 227 14.49 40.18 -96.21
C ASP R 227 13.10 40.40 -96.82
N VAL R 228 12.12 40.75 -95.99
CA VAL R 228 10.75 40.91 -96.47
C VAL R 228 10.47 42.33 -96.94
N ASP R 229 11.47 43.21 -96.97
CA ASP R 229 11.27 44.53 -97.54
C ASP R 229 10.92 44.43 -99.03
N GLN R 230 11.60 43.54 -99.75
CA GLN R 230 11.27 43.33 -101.15
C GLN R 230 9.83 42.84 -101.31
N LEU R 231 9.42 41.92 -100.45
CA LEU R 231 8.03 41.46 -100.48
C LEU R 231 7.07 42.60 -100.22
N VAL R 232 7.41 43.49 -99.30
CA VAL R 232 6.58 44.68 -99.08
C VAL R 232 6.51 45.51 -100.36
N LYS R 233 7.62 45.62 -101.08
CA LYS R 233 7.63 46.26 -102.39
C LYS R 233 7.14 45.26 -103.45
N CYS R 234 5.86 44.95 -103.33
CA CYS R 234 5.26 43.91 -104.15
C CYS R 234 5.12 44.37 -105.61
N SER R 235 4.67 45.61 -105.81
CA SER R 235 4.28 46.09 -107.12
C SER R 235 5.23 47.15 -107.67
N HIS R 236 5.88 47.91 -106.80
CA HIS R 236 6.70 49.02 -107.24
C HIS R 236 7.80 48.56 -108.19
N GLU R 237 8.28 47.33 -108.02
CA GLU R 237 9.24 46.74 -108.94
C GLU R 237 8.58 45.88 -110.01
N ARG R 238 7.30 45.57 -109.85
CA ARG R 238 6.61 44.81 -110.87
C ARG R 238 6.57 45.55 -112.18
N SER R 239 6.58 46.88 -112.15
CA SER R 239 6.65 47.66 -113.38
C SER R 239 7.90 47.30 -114.17
N VAL R 240 9.06 47.37 -113.51
CA VAL R 240 10.31 47.12 -114.21
C VAL R 240 10.42 45.66 -114.61
N HIS R 241 9.91 44.76 -113.76
CA HIS R 241 9.94 43.34 -114.14
C HIS R 241 9.08 43.09 -115.36
N LEU R 242 7.91 43.73 -115.43
CA LEU R 242 7.07 43.61 -116.61
C LEU R 242 7.77 44.14 -117.85
N PHE R 243 8.42 45.30 -117.71
CA PHE R 243 9.10 45.90 -118.85
C PHE R 243 10.22 45.00 -119.35
N ILE R 244 11.00 44.44 -118.43
CA ILE R 244 12.12 43.59 -118.84
C ILE R 244 11.61 42.30 -119.46
N ASP R 245 10.51 41.76 -118.92
CA ASP R 245 9.93 40.55 -119.50
C ASP R 245 9.45 40.81 -120.92
N SER R 246 8.77 41.94 -121.13
CA SER R 246 8.33 42.29 -122.48
C SER R 246 9.51 42.48 -123.40
N LEU R 247 10.57 43.14 -122.92
CA LEU R 247 11.75 43.36 -123.73
C LEU R 247 12.38 42.04 -124.15
N LEU R 248 12.47 41.10 -123.22
CA LEU R 248 13.08 39.81 -123.52
C LEU R 248 12.22 39.01 -124.49
N ASN R 249 10.90 38.99 -124.27
CA ASN R 249 9.99 38.24 -125.13
C ASN R 249 9.39 39.17 -126.18
N GLU R 250 10.20 39.50 -127.17
CA GLU R 250 9.76 40.37 -128.24
C GLU R 250 8.79 39.69 -129.19
N GLU R 251 8.87 38.36 -129.31
CA GLU R 251 8.09 37.66 -130.32
C GLU R 251 6.59 37.72 -130.01
N ASN R 252 6.20 37.60 -128.74
CA ASN R 252 4.79 37.51 -128.35
C ASN R 252 4.50 38.53 -127.26
N PRO R 253 4.42 39.80 -127.63
CA PRO R 253 4.09 40.83 -126.64
C PRO R 253 2.69 40.65 -126.08
N SER R 254 2.53 41.02 -124.82
CA SER R 254 1.22 41.05 -124.20
C SER R 254 0.41 42.22 -124.77
N LYS R 255 -0.88 41.97 -125.01
CA LYS R 255 -1.75 42.96 -125.64
C LYS R 255 -2.66 43.56 -124.57
N ALA R 256 -2.24 44.68 -124.01
CA ALA R 256 -3.09 45.42 -123.09
C ALA R 256 -4.24 46.07 -123.86
N TYR R 257 -5.38 46.19 -123.19
CA TYR R 257 -6.61 46.62 -123.82
C TYR R 257 -7.02 48.01 -123.35
N ARG R 258 -7.72 48.72 -124.22
CA ARG R 258 -8.19 50.07 -123.95
C ARG R 258 -9.67 50.03 -123.59
N CYS R 259 -10.04 50.81 -122.57
CA CYS R 259 -11.39 50.75 -122.04
C CYS R 259 -11.76 52.11 -121.48
N ASN R 260 -12.83 52.13 -120.68
CA ASN R 260 -13.32 53.35 -120.05
C ASN R 260 -13.06 53.38 -118.56
N SER R 261 -13.13 52.25 -117.89
CA SER R 261 -12.92 52.21 -116.44
C SER R 261 -12.56 50.78 -116.03
N LYS R 262 -11.99 50.66 -114.84
CA LYS R 262 -11.57 49.36 -114.35
C LYS R 262 -12.77 48.43 -114.17
N GLU R 263 -13.88 48.96 -113.66
CA GLU R 263 -15.07 48.13 -113.49
C GLU R 263 -15.61 47.69 -114.85
N ALA R 264 -15.60 48.60 -115.82
CA ALA R 264 -16.06 48.23 -117.16
C ALA R 264 -15.20 47.12 -117.74
N PHE R 265 -13.89 47.22 -117.56
CA PHE R 265 -13.00 46.17 -118.04
C PHE R 265 -13.26 44.85 -117.32
N GLU R 266 -13.48 44.90 -116.01
CA GLU R 266 -13.77 43.68 -115.26
C GLU R 266 -15.05 43.04 -115.78
N LYS R 267 -16.06 43.85 -116.10
CA LYS R 267 -17.28 43.31 -116.68
C LYS R 267 -16.99 42.66 -118.03
N GLY R 268 -16.17 43.31 -118.85
CA GLY R 268 -15.74 42.74 -120.10
C GLY R 268 -16.52 43.19 -121.31
N LEU R 269 -16.93 44.46 -121.36
CA LEU R 269 -17.68 44.99 -122.49
C LEU R 269 -16.82 45.88 -123.38
N CYS R 270 -15.53 45.99 -123.09
CA CYS R 270 -14.67 46.99 -123.71
C CYS R 270 -13.34 46.37 -124.14
N LEU R 271 -13.41 45.24 -124.85
CA LEU R 271 -12.23 44.55 -125.33
C LEU R 271 -12.01 44.69 -126.83
N SER R 272 -13.07 44.64 -127.63
CA SER R 272 -12.92 44.73 -129.07
C SER R 272 -12.22 46.03 -129.43
N CYS R 273 -11.21 45.93 -130.30
CA CYS R 273 -10.44 47.09 -130.74
C CYS R 273 -10.39 47.05 -132.27
N ARG R 274 -11.43 47.59 -132.90
CA ARG R 274 -11.43 47.76 -134.35
C ARG R 274 -10.61 48.98 -134.75
N LYS R 275 -10.70 50.03 -133.96
CA LYS R 275 -9.94 51.26 -134.21
C LYS R 275 -8.57 51.13 -133.56
N ASN R 276 -7.82 52.23 -133.49
CA ASN R 276 -6.48 52.22 -132.91
C ASN R 276 -6.59 52.12 -131.39
N ARG R 277 -6.93 50.93 -130.92
CA ARG R 277 -7.02 50.62 -129.51
C ARG R 277 -6.26 49.34 -129.23
N CYS R 278 -6.25 48.95 -127.95
CA CYS R 278 -5.65 47.69 -127.52
C CYS R 278 -4.22 47.54 -128.02
N ASN R 279 -3.47 48.64 -127.98
CA ASN R 279 -2.10 48.60 -128.47
C ASN R 279 -1.23 47.75 -127.54
N ASN R 280 -0.07 47.38 -128.07
CA ASN R 280 0.87 46.54 -127.33
C ASN R 280 1.40 47.28 -126.12
N MET R 281 2.09 46.57 -125.23
CA MET R 281 2.71 47.17 -124.05
C MET R 281 4.18 46.76 -124.02
N GLY R 282 5.04 47.70 -123.66
CA GLY R 282 6.47 47.46 -123.62
C GLY R 282 7.21 48.18 -124.72
N TYR R 283 8.36 47.62 -125.09
CA TYR R 283 9.19 48.24 -126.13
C TYR R 283 8.47 48.27 -127.47
N GLU R 284 7.78 47.19 -127.81
CA GLU R 284 7.10 47.09 -129.09
C GLU R 284 5.77 47.81 -129.12
N ILE R 285 5.52 48.71 -128.15
CA ILE R 285 4.32 49.52 -128.18
C ILE R 285 4.25 50.28 -129.49
N ASN R 286 3.02 50.45 -129.99
CA ASN R 286 2.80 51.21 -131.21
C ASN R 286 2.67 52.69 -130.89
N LYS R 287 3.51 53.51 -131.51
CA LYS R 287 3.48 54.95 -131.27
C LYS R 287 2.19 55.53 -131.83
N VAL R 288 1.42 56.18 -130.95
CA VAL R 288 0.11 56.70 -131.32
C VAL R 288 -0.14 57.96 -130.50
N ARG R 289 -0.93 58.87 -131.07
CA ARG R 289 -1.33 60.09 -130.39
C ARG R 289 -2.84 60.05 -130.15
N ALA R 290 -3.26 60.57 -129.00
CA ALA R 290 -4.66 60.58 -128.61
C ALA R 290 -5.07 62.00 -128.27
N LYS R 291 -6.36 62.29 -128.47
CA LYS R 291 -6.89 63.61 -128.19
C LYS R 291 -7.00 63.87 -126.68
N ARG R 292 -6.86 62.84 -125.86
CA ARG R 292 -6.98 62.99 -124.42
C ARG R 292 -6.35 61.79 -123.75
N SER R 293 -6.42 61.76 -122.42
CA SER R 293 -5.95 60.62 -121.66
C SER R 293 -6.69 59.37 -122.08
N SER R 294 -5.94 58.30 -122.30
CA SER R 294 -6.49 57.02 -122.76
C SER R 294 -6.08 55.93 -121.78
N LYS R 295 -6.97 55.59 -120.86
CA LYS R 295 -6.70 54.53 -119.90
C LYS R 295 -6.73 53.17 -120.60
N MET R 296 -6.12 52.18 -119.94
CA MET R 296 -6.06 50.83 -120.45
C MET R 296 -6.01 49.87 -119.28
N TYR R 297 -6.21 48.59 -119.57
CA TYR R 297 -6.24 47.56 -118.55
C TYR R 297 -5.79 46.24 -119.14
N LEU R 298 -5.41 45.32 -118.26
CA LEU R 298 -5.05 43.95 -118.64
C LEU R 298 -4.80 43.17 -117.36
N LYS R 299 -4.44 41.90 -117.53
CA LYS R 299 -4.08 41.03 -116.43
C LYS R 299 -2.70 40.44 -116.68
N THR R 300 -2.28 39.54 -115.80
CA THR R 300 -0.92 39.00 -115.88
C THR R 300 -0.83 37.74 -115.03
N ARG R 301 0.23 36.97 -115.29
CA ARG R 301 0.55 35.82 -114.48
C ARG R 301 1.27 36.28 -113.20
N SER R 302 1.87 35.34 -112.47
CA SER R 302 2.45 35.69 -111.19
C SER R 302 3.71 36.52 -111.33
N GLN R 303 4.80 35.92 -111.82
CA GLN R 303 6.02 36.70 -111.98
C GLN R 303 6.79 36.47 -113.29
N MET R 304 6.94 35.22 -113.72
CA MET R 304 7.99 34.97 -114.69
C MET R 304 7.58 35.33 -116.12
N PRO R 305 6.57 34.67 -116.72
CA PRO R 305 6.33 34.92 -118.15
C PRO R 305 5.38 36.07 -118.39
N TYR R 306 4.46 36.29 -117.44
CA TYR R 306 3.34 37.18 -117.66
C TYR R 306 2.63 36.76 -118.94
N LYS R 307 2.13 37.71 -119.73
CA LYS R 307 1.60 37.43 -121.06
C LYS R 307 0.43 36.43 -120.95
N VAL R 308 -0.64 36.92 -120.38
CA VAL R 308 -1.87 36.15 -120.24
C VAL R 308 -2.82 36.53 -121.37
N PHE R 309 -3.86 35.73 -121.55
CA PHE R 309 -4.85 35.94 -122.59
C PHE R 309 -6.09 36.62 -122.02
N HIS R 310 -7.12 36.76 -122.85
CA HIS R 310 -8.39 37.35 -122.45
C HIS R 310 -9.50 36.77 -123.31
N TYR R 311 -10.49 36.14 -122.67
CA TYR R 311 -11.52 35.39 -123.36
C TYR R 311 -12.90 35.71 -122.79
N GLN R 312 -13.23 37.00 -122.69
CA GLN R 312 -14.49 37.40 -122.06
C GLN R 312 -15.66 36.64 -122.66
N VAL R 313 -16.71 36.46 -121.86
CA VAL R 313 -17.81 35.57 -122.19
C VAL R 313 -19.13 36.28 -121.97
N LYS R 314 -20.15 35.82 -122.71
CA LYS R 314 -21.53 36.23 -122.52
C LYS R 314 -22.41 34.99 -122.36
N ILE R 315 -23.46 35.12 -121.56
CA ILE R 315 -24.40 34.03 -121.31
C ILE R 315 -25.81 34.53 -121.58
N HIS R 316 -26.58 33.76 -122.35
CA HIS R 316 -27.99 34.05 -122.59
C HIS R 316 -28.85 33.17 -121.70
N PHE R 317 -28.77 33.47 -120.40
CA PHE R 317 -29.58 32.75 -119.43
C PHE R 317 -31.06 32.85 -119.80
N SER R 318 -31.74 31.70 -119.82
CA SER R 318 -33.17 31.67 -120.15
C SER R 318 -33.75 30.39 -119.54
N GLY R 319 -34.44 30.54 -118.42
CA GLY R 319 -35.01 29.39 -117.74
C GLY R 319 -36.47 29.58 -117.40
N THR R 320 -37.02 28.67 -116.59
CA THR R 320 -38.42 28.71 -116.21
C THR R 320 -38.64 29.33 -114.84
N GLU R 321 -37.92 28.84 -113.83
CA GLU R 321 -38.11 29.33 -112.47
C GLU R 321 -37.54 30.74 -112.36
N SER R 322 -38.33 31.66 -111.79
CA SER R 322 -38.00 33.08 -111.81
C SER R 322 -37.62 33.61 -110.43
N ASN R 323 -37.01 32.79 -109.58
CA ASN R 323 -36.52 33.23 -108.28
C ASN R 323 -35.10 33.73 -108.45
N THR R 324 -34.92 35.04 -108.36
CA THR R 324 -33.60 35.64 -108.55
C THR R 324 -32.67 35.27 -107.40
N TYR R 325 -31.41 35.06 -107.75
CA TYR R 325 -30.36 34.78 -106.77
C TYR R 325 -29.20 35.75 -106.98
N THR R 326 -28.39 35.90 -105.94
CA THR R 326 -27.31 36.88 -105.95
C THR R 326 -26.08 36.28 -105.28
N ASN R 327 -24.92 36.84 -105.65
CA ASN R 327 -23.64 36.46 -105.05
C ASN R 327 -23.42 34.96 -105.12
N GLN R 328 -23.36 34.46 -106.34
CA GLN R 328 -23.12 33.05 -106.60
C GLN R 328 -21.83 32.89 -107.39
N ALA R 329 -21.18 31.75 -107.18
CA ALA R 329 -19.88 31.47 -107.79
C ALA R 329 -20.07 30.52 -108.97
N PHE R 330 -19.58 30.94 -110.13
CA PHE R 330 -19.60 30.11 -111.33
C PHE R 330 -18.20 29.61 -111.63
N GLU R 331 -18.09 28.31 -111.90
CA GLU R 331 -16.83 27.69 -112.27
C GLU R 331 -16.97 27.17 -113.69
N ILE R 332 -15.98 27.47 -114.53
CA ILE R 332 -15.95 27.01 -115.91
C ILE R 332 -14.56 26.52 -116.24
N SER R 333 -14.47 25.73 -117.31
CA SER R 333 -13.20 25.25 -117.82
C SER R 333 -13.31 25.09 -119.32
N LEU R 334 -12.17 25.13 -119.99
CA LEU R 334 -12.12 25.10 -121.44
C LEU R 334 -10.99 24.22 -121.93
N TYR R 335 -11.19 23.63 -123.10
CA TYR R 335 -10.22 22.79 -123.76
C TYR R 335 -10.04 23.26 -125.19
N GLY R 336 -8.81 23.23 -125.69
CA GLY R 336 -8.50 23.78 -126.99
C GLY R 336 -7.74 22.82 -127.88
N THR R 337 -6.74 23.36 -128.58
CA THR R 337 -5.95 22.61 -129.53
C THR R 337 -4.46 22.66 -129.25
N VAL R 338 -4.05 23.31 -128.15
CA VAL R 338 -2.65 23.36 -127.73
C VAL R 338 -2.51 22.89 -126.29
N ALA R 339 -3.29 23.47 -125.39
CA ALA R 339 -3.35 23.04 -124.00
C ALA R 339 -4.76 23.30 -123.49
N GLU R 340 -4.95 23.19 -122.18
CA GLU R 340 -6.28 23.35 -121.60
C GLU R 340 -6.17 23.68 -120.12
N SER R 341 -7.01 24.60 -119.68
CA SER R 341 -7.19 24.87 -118.26
C SER R 341 -8.25 23.93 -117.69
N GLU R 342 -8.24 23.76 -116.37
CA GLU R 342 -9.05 22.73 -115.73
C GLU R 342 -10.10 23.28 -114.78
N ASN R 343 -9.69 24.11 -113.80
CA ASN R 343 -10.59 24.48 -112.71
C ASN R 343 -10.52 25.97 -112.43
N ILE R 344 -10.64 26.79 -113.47
CA ILE R 344 -10.59 28.23 -113.30
C ILE R 344 -11.96 28.73 -112.83
N PRO R 345 -12.05 29.42 -111.70
CA PRO R 345 -13.34 29.94 -111.24
C PRO R 345 -13.58 31.38 -111.68
N PHE R 346 -14.79 31.86 -111.38
CA PHE R 346 -15.11 33.28 -111.53
C PHE R 346 -16.41 33.55 -110.81
N THR R 347 -16.76 34.82 -110.70
CA THR R 347 -17.91 35.27 -109.93
C THR R 347 -18.86 36.09 -110.79
N LEU R 348 -20.14 35.98 -110.48
CA LEU R 348 -21.19 36.69 -111.20
C LEU R 348 -22.43 36.82 -110.33
N PRO R 349 -22.60 37.93 -109.62
CA PRO R 349 -23.80 38.09 -108.78
C PRO R 349 -25.03 38.45 -109.59
N GLU R 350 -26.12 38.73 -108.91
CA GLU R 350 -27.33 39.29 -109.52
C GLU R 350 -27.82 38.46 -110.69
N VAL R 351 -27.75 37.14 -110.55
CA VAL R 351 -28.20 36.23 -111.59
C VAL R 351 -29.72 36.28 -111.67
N SER R 352 -30.24 36.32 -112.89
CA SER R 352 -31.68 36.39 -113.11
C SER R 352 -32.05 35.49 -114.29
N THR R 353 -33.25 35.67 -114.82
CA THR R 353 -33.76 34.88 -115.93
C THR R 353 -34.14 35.79 -117.09
N ASN R 354 -34.25 35.19 -118.27
CA ASN R 354 -34.60 35.90 -119.50
C ASN R 354 -33.67 37.09 -119.73
N LYS R 355 -32.48 37.04 -119.13
CA LYS R 355 -31.54 38.14 -119.17
C LYS R 355 -30.17 37.63 -119.59
N THR R 356 -29.40 38.50 -120.22
CA THR R 356 -28.06 38.17 -120.67
C THR R 356 -27.02 38.82 -119.76
N TYR R 357 -25.96 38.08 -119.48
CA TYR R 357 -24.89 38.53 -118.61
C TYR R 357 -23.56 38.39 -119.34
N SER R 358 -22.51 38.91 -118.71
CA SER R 358 -21.18 38.83 -119.29
C SER R 358 -20.16 38.99 -118.16
N PHE R 359 -18.94 38.58 -118.43
CA PHE R 359 -17.86 38.70 -117.46
C PHE R 359 -16.54 38.56 -118.19
N LEU R 360 -15.47 38.80 -117.45
CA LEU R 360 -14.11 38.70 -117.97
C LEU R 360 -13.41 37.49 -117.37
N LEU R 361 -12.78 36.70 -118.22
CA LEU R 361 -11.99 35.55 -117.80
C LEU R 361 -10.58 35.68 -118.34
N TYR R 362 -9.62 35.16 -117.58
CA TYR R 362 -8.24 35.12 -118.00
C TYR R 362 -7.65 33.74 -117.75
N THR R 363 -6.75 33.34 -118.64
CA THR R 363 -5.99 32.11 -118.49
C THR R 363 -4.52 32.42 -118.72
N GLU R 364 -3.67 31.56 -118.18
CA GLU R 364 -2.23 31.79 -118.19
C GLU R 364 -1.49 30.74 -119.02
N VAL R 365 -2.19 30.09 -119.95
CA VAL R 365 -1.59 29.09 -120.82
C VAL R 365 -2.15 29.28 -122.23
N ASP R 366 -1.28 29.13 -123.23
CA ASP R 366 -1.72 29.24 -124.61
C ASP R 366 -2.65 28.08 -124.96
N ILE R 367 -3.72 28.39 -125.68
CA ILE R 367 -4.76 27.42 -125.99
C ILE R 367 -5.03 27.37 -127.48
N GLY R 368 -4.69 28.45 -128.19
CA GLY R 368 -5.06 28.54 -129.58
C GLY R 368 -6.57 28.55 -129.70
N GLU R 369 -7.10 27.65 -130.52
CA GLU R 369 -8.54 27.52 -130.67
C GLU R 369 -9.13 26.82 -129.44
N LEU R 370 -10.46 26.75 -129.40
CA LEU R 370 -11.17 26.19 -128.26
C LEU R 370 -12.35 25.39 -128.77
N LEU R 371 -12.49 24.16 -128.25
CA LEU R 371 -13.48 23.22 -128.75
C LEU R 371 -14.69 23.12 -127.84
N MET R 372 -14.49 22.75 -126.59
CA MET R 372 -15.58 22.48 -125.66
C MET R 372 -15.40 23.31 -124.39
N LEU R 373 -16.46 23.34 -123.58
CA LEU R 373 -16.50 24.22 -122.43
C LEU R 373 -17.17 23.50 -121.26
N LYS R 374 -16.82 23.94 -120.05
CA LYS R 374 -17.40 23.43 -118.82
C LYS R 374 -18.09 24.57 -118.08
N LEU R 375 -19.23 24.28 -117.46
CA LEU R 375 -20.04 25.31 -116.83
C LEU R 375 -20.56 24.82 -115.48
N LYS R 376 -19.67 24.25 -114.67
CA LYS R 376 -20.08 23.77 -113.36
C LYS R 376 -20.51 24.93 -112.47
N TRP R 377 -21.45 24.66 -111.58
CA TRP R 377 -21.97 25.64 -110.63
C TRP R 377 -21.77 25.09 -109.23
N ILE R 378 -20.97 25.78 -108.43
CA ILE R 378 -20.45 25.22 -107.19
C ILE R 378 -21.41 25.53 -106.05
N SER R 379 -21.24 24.80 -104.94
CA SER R 379 -22.07 24.95 -103.77
C SER R 379 -21.25 24.61 -102.53
N ASP R 380 -21.76 25.03 -101.37
CA ASP R 380 -21.15 24.75 -100.08
C ASP R 380 -21.88 23.63 -99.34
N SER R 381 -22.62 22.80 -100.07
CA SER R 381 -23.36 21.66 -99.52
C SER R 381 -22.99 20.38 -100.27
N TYR R 382 -21.69 20.11 -100.38
CA TYR R 382 -21.19 19.00 -101.20
C TYR R 382 -21.90 17.70 -100.87
N PHE R 383 -22.13 17.44 -99.60
CA PHE R 383 -22.61 16.13 -99.18
C PHE R 383 -24.00 15.86 -99.75
N SER R 384 -24.46 14.62 -99.59
CA SER R 384 -25.68 14.17 -100.23
C SER R 384 -26.94 14.78 -99.62
N TRP R 385 -26.81 15.73 -98.69
CA TRP R 385 -27.98 16.44 -98.22
C TRP R 385 -28.70 17.14 -99.37
N SER R 386 -27.94 17.89 -100.18
CA SER R 386 -28.47 18.66 -101.29
C SER R 386 -28.18 17.98 -102.63
N ASN R 387 -28.24 16.65 -102.66
CA ASN R 387 -28.00 15.89 -103.87
C ASN R 387 -29.27 15.32 -104.49
N TRP R 388 -30.36 15.27 -103.75
CA TRP R 388 -31.65 14.80 -104.28
C TRP R 388 -32.71 15.88 -104.36
N TRP R 389 -33.03 16.53 -103.25
CA TRP R 389 -34.16 17.45 -103.24
C TRP R 389 -33.93 18.60 -104.21
N SER R 390 -35.01 19.08 -104.80
CA SER R 390 -34.93 20.04 -105.89
C SER R 390 -34.17 21.29 -105.48
N SER R 391 -33.00 21.48 -106.07
CA SER R 391 -32.20 22.67 -105.89
C SER R 391 -32.38 23.61 -107.08
N PRO R 392 -32.15 24.90 -106.90
CA PRO R 392 -32.39 25.84 -108.00
C PRO R 392 -31.57 25.50 -109.23
N GLY R 393 -32.18 25.68 -110.40
CA GLY R 393 -31.52 25.36 -111.65
C GLY R 393 -32.01 26.27 -112.75
N PHE R 394 -31.26 26.31 -113.84
CA PHE R 394 -31.58 27.14 -114.99
C PHE R 394 -31.37 26.32 -116.26
N ASP R 395 -31.63 26.96 -117.40
CA ASP R 395 -31.40 26.36 -118.70
C ASP R 395 -30.44 27.23 -119.50
N ILE R 396 -29.62 26.58 -120.32
CA ILE R 396 -28.58 27.25 -121.09
C ILE R 396 -28.84 27.00 -122.57
N GLY R 397 -28.79 28.07 -123.36
CA GLY R 397 -28.93 27.98 -124.80
C GLY R 397 -27.60 28.10 -125.50
N LYS R 398 -27.30 29.29 -126.00
CA LYS R 398 -26.05 29.55 -126.71
C LYS R 398 -25.07 30.30 -125.81
N ILE R 399 -23.82 30.32 -126.25
CA ILE R 399 -22.76 31.04 -125.55
C ILE R 399 -21.91 31.77 -126.58
N ARG R 400 -21.52 33.00 -126.25
CA ARG R 400 -20.93 33.92 -127.23
C ARG R 400 -19.55 34.38 -126.81
N VAL R 401 -18.68 33.44 -126.40
CA VAL R 401 -17.32 33.82 -126.03
C VAL R 401 -16.67 34.54 -127.20
N LYS R 402 -15.73 35.43 -126.88
CA LYS R 402 -15.03 36.22 -127.88
C LYS R 402 -13.55 36.17 -127.57
N ALA R 403 -12.76 35.67 -128.52
CA ALA R 403 -11.32 35.61 -128.34
C ALA R 403 -10.74 37.02 -128.37
N GLY R 404 -9.80 37.28 -127.49
CA GLY R 404 -9.23 38.60 -127.34
C GLY R 404 -8.24 38.97 -128.43
N GLU R 405 -7.10 38.27 -128.47
CA GLU R 405 -6.04 38.65 -129.39
C GLU R 405 -6.53 38.64 -130.83
N THR R 406 -7.29 37.62 -131.19
CA THR R 406 -7.93 37.53 -132.50
C THR R 406 -9.44 37.60 -132.31
N GLN R 407 -10.06 38.52 -133.03
CA GLN R 407 -11.51 38.71 -132.93
C GLN R 407 -12.22 37.53 -133.56
N LYS R 408 -12.78 36.65 -132.72
CA LYS R 408 -13.45 35.44 -133.19
C LYS R 408 -14.75 35.30 -132.40
N LYS R 409 -15.86 35.67 -133.02
CA LYS R 409 -17.18 35.53 -132.39
C LYS R 409 -17.67 34.08 -132.51
N VAL R 410 -16.87 33.17 -131.96
CA VAL R 410 -17.25 31.76 -131.97
C VAL R 410 -18.51 31.58 -131.15
N ILE R 411 -19.48 30.89 -131.72
CA ILE R 411 -20.80 30.72 -131.11
C ILE R 411 -20.83 29.32 -130.50
N PHE R 412 -20.62 29.24 -129.20
CA PHE R 412 -20.86 28.00 -128.50
C PHE R 412 -22.36 27.72 -128.43
N CYS R 413 -22.70 26.48 -128.08
CA CYS R 413 -23.95 25.90 -128.52
C CYS R 413 -24.30 24.74 -127.62
N SER R 414 -25.36 24.89 -126.82
CA SER R 414 -25.79 23.81 -125.96
C SER R 414 -26.29 22.64 -126.80
N ARG R 415 -26.27 21.45 -126.21
CA ARG R 415 -26.73 20.27 -126.91
C ARG R 415 -28.26 20.30 -127.01
N GLU R 416 -28.82 19.28 -127.66
CA GLU R 416 -30.24 19.28 -127.95
C GLU R 416 -31.08 19.52 -126.69
N LYS R 417 -30.84 18.74 -125.64
CA LYS R 417 -31.62 18.89 -124.42
C LYS R 417 -30.81 18.68 -123.15
N MET R 418 -29.51 18.43 -123.27
CA MET R 418 -28.75 17.86 -122.17
C MET R 418 -28.00 18.94 -121.40
N SER R 419 -28.73 19.96 -120.95
CA SER R 419 -28.06 21.06 -120.26
C SER R 419 -28.53 21.29 -118.83
N TYR R 420 -29.76 21.76 -118.66
CA TYR R 420 -30.41 21.98 -117.37
C TYR R 420 -29.41 22.27 -116.26
N LEU R 421 -28.62 23.33 -116.38
CA LEU R 421 -27.63 23.61 -115.36
C LEU R 421 -28.29 23.71 -114.00
N GLN R 422 -27.70 23.03 -113.01
CA GLN R 422 -28.26 22.99 -111.66
C GLN R 422 -27.15 23.10 -110.64
N LYS R 423 -27.47 23.64 -109.47
CA LYS R 423 -26.51 23.75 -108.38
C LYS R 423 -26.05 22.37 -107.94
N GLY R 424 -24.78 22.26 -107.56
CA GLY R 424 -24.27 21.00 -107.07
C GLY R 424 -24.45 19.87 -108.06
N LYS R 425 -24.16 20.13 -109.32
CA LYS R 425 -24.38 19.17 -110.38
C LYS R 425 -23.21 19.18 -111.34
N SER R 426 -23.11 18.13 -112.15
CA SER R 426 -22.06 18.06 -113.14
C SER R 426 -22.19 19.23 -114.10
N PRO R 427 -21.07 19.73 -114.64
CA PRO R 427 -21.15 20.84 -115.59
C PRO R 427 -21.95 20.46 -116.81
N VAL R 428 -22.13 21.45 -117.69
CA VAL R 428 -22.84 21.26 -118.95
C VAL R 428 -21.84 21.45 -120.09
N ILE R 429 -21.78 20.46 -120.97
CA ILE R 429 -20.84 20.49 -122.07
C ILE R 429 -21.35 21.42 -123.17
N PHE R 430 -20.42 21.97 -123.94
CA PHE R 430 -20.74 22.78 -125.10
C PHE R 430 -19.70 22.52 -126.18
N VAL R 431 -20.04 22.88 -127.41
CA VAL R 431 -19.21 22.59 -128.57
C VAL R 431 -19.31 23.74 -129.56
N LYS R 432 -18.42 23.71 -130.56
CA LYS R 432 -18.47 24.66 -131.67
C LYS R 432 -19.65 24.32 -132.57
N CYS R 433 -20.25 25.35 -133.15
CA CYS R 433 -21.60 25.21 -133.69
C CYS R 433 -21.87 26.36 -134.66
N HIS R 434 -23.02 26.26 -135.34
CA HIS R 434 -23.50 27.33 -136.19
C HIS R 434 -22.58 27.54 -137.39
#